data_9C1L
#
_entry.id   9C1L
#
_cell.length_a   1.00
_cell.length_b   1.00
_cell.length_c   1.00
_cell.angle_alpha   90.00
_cell.angle_beta   90.00
_cell.angle_gamma   90.00
#
_symmetry.space_group_name_H-M   'P 1'
#
loop_
_entity.id
_entity.type
_entity.pdbx_description
1 polymer 'Inner capsid protein VP2'
2 polymer 'RNA-directed RNA polymerase'
#
loop_
_entity_poly.entity_id
_entity_poly.type
_entity_poly.pdbx_seq_one_letter_code
_entity_poly.pdbx_strand_id
1 'polypeptide(L)'
;MAYRKRGARRETNLKQDDRMQEKEENKNVNTNSENKNATKPQLSEKVLSQKEEVITDNQEEIKIADEVKKSNKEESKQLL
EVLKTKEEHQKEVQYEILQKTIPTFEPKESILKKLEDIKPEQVKKQTKLFRIFEPRQLPVYRANGEKELRNRWYWKLKRD
TLPDGDYDVREYFLNLYDQVLTEMPDYLLLKDMAVENKNSRDAGKVVDSETAAICDAIFQDEETEGVVRRFIAEMRQRVQ
ADRNVVNYPSILHPIDHAFNEYFLQHQLVEPLNNDIIFNYIPERIRNDVNYILNMDRNLPSTARYIRPNLLQDRLNLHDN
FESLWDTITTSNYILARSVVPDLKELVSTEAQIQKMSQDLQLEALTIQSETQFLTGINSQAANDCFKTLIAAMLSQRTMS
LDFVTTNYMSLISGMWLLTVVPNDMFIRESLVACQLAIINTIIYPAFGMQRMHYRNGDPQTPFQIAEQQIQNFQVANWLH
FVNNNQFRQVVIDGVLNQVLNDNIRNGHVVNQLMEALMQLSRQQFPTMPVDYKRSIQRGILLLSNRLGQLVDLTRLLAYN
YETLMACITMNMQHVQTLTTEKLQLTSVTSLCMLIGNATVIPSPQTLFHYYNVNVNFHSNYNERINDAVAIITAANRLNL
YQKKMKSIVEDFLKRLQIFDISRVPDDQMYRLRDRLRLLPVEIRRLDIFNLILMNMEQIERASDKIAQGVIIAYRDMQLE
RDEMYGYVNIARNLDGFQQINLEELMRTGDYAQITNMLLNNQPVALVGALPFITDSSVISLVAKLDATVFAQIVKLRKVD
TLKPILYKINSDSNDFYLVANYDWVPTSTTKVYKQIPQQFDFRASMHMLTSNLTFTVYSDLLAFVSADTVEPINAVAFDN
MRIMNEL
;
A,B,C,D,E,F,G,H,I,J
2 'polypeptide(L)'
;MGKYNLILSEYLSFIYNSQSAVQIPIYYSSNSELENRCIEFHSKCLENSKNGLSLKKLFVEYSDVIENATLLSILSYSYD
KYNAVERKLVKYAKGKPLEADLTVNELDYENNKITSELFPTAEEYTDLLMDPAILTSLSSNLNAVMFWLEKHENDVAEKL
KIYKRRLDLFTIVASTVNKYGVPRHNAKYRYEYEVMKDKPYYLVTWANSSIEMLMSVFSHEDYLIARELIVLSYSNRSTL
AKLVSSPMSILVALVDINGTFITNEELELEFSNKYVRAIVPDQTFDELKQMLDNMRKAGLTDIPKMIQDWLVDCSIEKFP
LMAKIYSWSFHVGFRKQKMLDAALDQLKTEYTEDVDDEMYREYTMLIRDEVVKMLEEPVKHDDHLLQDSELAGLLSMSSA
SNGESRQLKFGRKTIFSTKKNMHVMDDMANGRYTPGIIPPVNVDKPIPLGRRDVPGRRTRIIFILPYEYFIAQHAVVEKM
LIYAKHTREYAEFYSQSNQLLSYGDVTRFLSNNSMVLYTDVSQWDSSQHNTQPFRKGIIMGLDMLANMTNDARVIQTLNL
YKQTQINLMDSYVQIPDGNVIKKIQYGAVASGEKQTKAANSIANLALIKTVLSRISNKYSFATKIIRVDGDDNYAVLQFN
TEVTKQMVQDVSNDVRETYARMNTKVKALVSTVGIEIAKRYIAGGKIFFRAGINLLNNEKKGQSTQWDQAAVLYSNYIVN
RLRGFETDREFILTKIMQMTSVAITGSLRLFPSERVLTTNSTFKVFDSEDFIIEYGTTDDEVYIQRAFMSLSSQKSGIAD
EIAASSTFKNYVSRLSEQLLFSKNNIVSRGIALTEKAKLNSYAPISLEKRRAQISALLTMLQKPVTFKSSKITINDILRD
IKPFFTVNEAHLPIQYQKFMPTLPDNVQYIIQCIGSRTYQIEDDGSKSAISRLISKYSVYKPSIEELYKVISLHENEIQL
YLISLGIPKIDADTYVGSKIYSQDKYRILESYVYNLLSINYGCYQLFDFNSPDLEKLIRIPFKGKIPAVTFILHLYAKLE
VINHAIKNGSWISLFCNYPKSEMIKLWKKMWNITSLRSPYTNANFFQD
;
P
#
# COMPACT_ATOMS: atom_id res chain seq x y z
N GLU A 106 -45.10 -21.26 2.21
CA GLU A 106 -45.79 -19.97 2.12
C GLU A 106 -44.93 -18.88 2.76
N PRO A 107 -45.27 -17.62 2.51
CA PRO A 107 -44.58 -16.53 3.20
C PRO A 107 -44.80 -16.63 4.70
N LYS A 108 -43.77 -16.25 5.46
CA LYS A 108 -43.86 -16.31 6.92
C LYS A 108 -44.91 -15.36 7.45
N GLU A 109 -45.13 -14.24 6.76
CA GLU A 109 -46.15 -13.29 7.19
C GLU A 109 -47.54 -13.89 7.15
N SER A 110 -47.83 -14.70 6.12
CA SER A 110 -49.12 -15.36 6.03
C SER A 110 -49.30 -16.34 7.18
N ILE A 111 -48.24 -17.08 7.53
CA ILE A 111 -48.33 -18.02 8.65
C ILE A 111 -48.57 -17.27 9.95
N LEU A 112 -47.87 -16.16 10.15
CA LEU A 112 -48.09 -15.37 11.36
C LEU A 112 -49.51 -14.83 11.42
N LYS A 113 -50.03 -14.36 10.28
CA LYS A 113 -51.40 -13.87 10.24
C LYS A 113 -52.40 -14.96 10.57
N LYS A 114 -52.17 -16.17 10.04
CA LYS A 114 -53.03 -17.30 10.38
C LYS A 114 -52.99 -17.59 11.87
N LEU A 115 -51.80 -17.60 12.46
CA LEU A 115 -51.69 -17.94 13.88
C LEU A 115 -52.30 -16.87 14.78
N GLU A 116 -52.16 -15.60 14.43
CA GLU A 116 -52.65 -14.52 15.25
C GLU A 116 -54.11 -14.17 14.97
N ASP A 117 -54.75 -14.84 14.00
CA ASP A 117 -56.17 -14.68 13.74
C ASP A 117 -57.03 -15.70 14.47
N ILE A 118 -56.43 -16.62 15.23
CA ILE A 118 -57.19 -17.65 15.93
C ILE A 118 -57.85 -17.01 17.14
N LYS A 119 -59.16 -17.15 17.25
CA LYS A 119 -59.91 -16.64 18.37
C LYS A 119 -59.93 -17.65 19.51
N PRO A 120 -60.23 -17.22 20.74
CA PRO A 120 -60.18 -18.16 21.86
C PRO A 120 -61.06 -19.39 21.68
N GLU A 121 -62.36 -19.19 21.55
CA GLU A 121 -63.30 -20.28 21.31
C GLU A 121 -64.68 -19.67 21.12
N GLN A 122 -65.46 -20.22 20.21
CA GLN A 122 -66.81 -19.72 20.00
C GLN A 122 -67.66 -20.03 21.23
N VAL A 123 -68.24 -18.98 21.81
CA VAL A 123 -69.06 -19.11 23.02
C VAL A 123 -70.50 -19.23 22.58
N LYS A 124 -71.14 -20.35 22.96
CA LYS A 124 -72.51 -20.63 22.56
C LYS A 124 -73.47 -20.28 23.69
N LYS A 125 -74.51 -19.54 23.35
CA LYS A 125 -75.61 -19.24 24.26
C LYS A 125 -76.89 -19.89 23.72
N GLN A 126 -77.68 -20.48 24.61
CA GLN A 126 -78.95 -21.06 24.24
C GLN A 126 -80.02 -19.97 24.25
N THR A 127 -80.71 -19.82 23.12
CA THR A 127 -81.80 -18.86 23.00
C THR A 127 -83.17 -19.51 23.14
N LYS A 128 -83.29 -20.79 22.79
CA LYS A 128 -84.53 -21.52 22.94
C LYS A 128 -84.23 -22.93 23.40
N LEU A 129 -85.17 -23.53 24.13
CA LEU A 129 -85.00 -24.89 24.60
C LEU A 129 -84.91 -25.86 23.43
N PHE A 130 -83.93 -26.76 23.48
CA PHE A 130 -83.84 -27.82 22.49
C PHE A 130 -85.09 -28.70 22.58
N ARG A 131 -85.68 -28.99 21.42
CA ARG A 131 -86.93 -29.75 21.38
C ARG A 131 -86.90 -30.70 20.19
N ILE A 132 -87.10 -31.98 20.48
CA ILE A 132 -87.35 -32.97 19.43
C ILE A 132 -88.84 -33.24 19.25
N PHE A 133 -89.66 -32.94 20.25
CA PHE A 133 -91.08 -33.28 20.24
C PHE A 133 -91.91 -32.03 20.46
N GLU A 134 -93.17 -32.13 20.04
CA GLU A 134 -94.18 -31.11 20.27
C GLU A 134 -95.52 -31.78 20.56
N PRO A 135 -96.39 -31.14 21.33
CA PRO A 135 -97.76 -31.64 21.43
C PRO A 135 -98.55 -31.38 20.17
N ARG A 136 -99.45 -32.30 19.85
CA ARG A 136 -100.29 -32.18 18.67
C ARG A 136 -101.65 -32.75 18.99
N GLN A 137 -102.71 -32.02 18.63
CA GLN A 137 -104.07 -32.44 18.90
C GLN A 137 -104.56 -33.33 17.76
N LEU A 138 -105.06 -34.52 18.11
CA LEU A 138 -105.53 -35.50 17.15
C LEU A 138 -106.91 -35.98 17.56
N PRO A 139 -107.75 -36.34 16.59
CA PRO A 139 -109.03 -36.96 16.95
C PRO A 139 -108.83 -38.37 17.49
N VAL A 140 -109.65 -38.74 18.46
CA VAL A 140 -109.61 -40.06 19.06
C VAL A 140 -110.92 -40.77 18.77
N TYR A 141 -110.89 -42.09 18.87
CA TYR A 141 -112.01 -42.93 18.50
C TYR A 141 -112.31 -43.92 19.59
N ARG A 142 -113.58 -44.28 19.71
CA ARG A 142 -114.02 -45.24 20.72
C ARG A 142 -113.53 -46.64 20.38
N ALA A 143 -113.77 -47.57 21.31
CA ALA A 143 -113.34 -48.95 21.11
C ALA A 143 -114.01 -49.59 19.90
N ASN A 144 -115.17 -49.08 19.49
CA ASN A 144 -115.87 -49.57 18.32
C ASN A 144 -115.46 -48.82 17.05
N GLY A 145 -114.52 -47.89 17.14
CA GLY A 145 -114.07 -47.13 15.99
C GLY A 145 -114.79 -45.83 15.74
N GLU A 146 -115.81 -45.51 16.54
CA GLU A 146 -116.55 -44.27 16.36
C GLU A 146 -115.78 -43.10 16.94
N LYS A 147 -115.78 -41.98 16.22
CA LYS A 147 -115.05 -40.80 16.65
C LYS A 147 -115.68 -40.20 17.89
N GLU A 148 -114.84 -39.76 18.81
CA GLU A 148 -115.28 -39.03 19.99
C GLU A 148 -115.38 -37.54 19.67
N LEU A 149 -116.17 -36.83 20.47
CA LEU A 149 -116.31 -35.40 20.30
C LEU A 149 -115.08 -34.64 20.81
N ARG A 150 -114.27 -35.27 21.66
CA ARG A 150 -113.12 -34.63 22.27
C ARG A 150 -111.85 -35.17 21.64
N ASN A 151 -110.94 -34.27 21.29
CA ASN A 151 -109.64 -34.66 20.78
C ASN A 151 -108.68 -34.95 21.93
N ARG A 152 -107.45 -35.33 21.58
CA ARG A 152 -106.44 -35.64 22.58
C ARG A 152 -105.10 -35.12 22.09
N TRP A 153 -104.26 -34.69 23.03
CA TRP A 153 -102.92 -34.22 22.71
C TRP A 153 -101.93 -35.37 22.82
N TYR A 154 -101.10 -35.53 21.79
CA TYR A 154 -100.11 -36.58 21.73
C TYR A 154 -98.76 -35.97 21.40
N TRP A 155 -97.69 -36.66 21.81
CA TRP A 155 -96.34 -36.22 21.49
C TRP A 155 -95.98 -36.65 20.08
N LYS A 156 -95.48 -35.71 19.28
CA LYS A 156 -95.10 -35.97 17.91
C LYS A 156 -93.75 -35.34 17.64
N LEU A 157 -93.06 -35.83 16.61
CA LEU A 157 -91.79 -35.24 16.24
C LEU A 157 -92.00 -33.86 15.63
N LYS A 158 -91.24 -32.87 16.12
CA LYS A 158 -91.34 -31.53 15.57
C LYS A 158 -90.96 -31.51 14.10
N ARG A 159 -89.87 -32.18 13.75
CA ARG A 159 -89.41 -32.30 12.36
C ARG A 159 -89.27 -33.80 12.08
N ASP A 160 -90.35 -34.39 11.58
CA ASP A 160 -90.38 -35.83 11.27
C ASP A 160 -89.78 -36.02 9.88
N THR A 161 -88.49 -36.34 9.84
CA THR A 161 -87.73 -36.47 8.61
C THR A 161 -86.82 -37.70 8.66
N LEU A 162 -87.23 -38.72 9.40
CA LEU A 162 -86.42 -39.91 9.51
C LEU A 162 -86.48 -40.71 8.21
N PRO A 163 -85.35 -41.20 7.71
CA PRO A 163 -85.31 -41.84 6.39
C PRO A 163 -85.67 -43.33 6.46
N ASP A 164 -85.68 -43.94 5.27
CA ASP A 164 -85.93 -45.37 5.13
C ASP A 164 -84.63 -46.14 5.22
N GLY A 165 -84.69 -47.30 5.85
CA GLY A 165 -83.50 -48.13 6.02
C GLY A 165 -82.85 -47.90 7.36
N ASP A 166 -82.51 -48.99 8.06
CA ASP A 166 -81.91 -48.86 9.39
C ASP A 166 -80.58 -48.14 9.33
N TYR A 167 -79.77 -48.42 8.31
CA TYR A 167 -78.48 -47.73 8.18
C TYR A 167 -78.70 -46.23 8.04
N ASP A 168 -79.67 -45.83 7.21
CA ASP A 168 -79.96 -44.41 7.06
C ASP A 168 -80.50 -43.81 8.35
N VAL A 169 -81.18 -44.61 9.17
CA VAL A 169 -81.65 -44.11 10.46
C VAL A 169 -80.47 -43.86 11.40
N ARG A 170 -79.48 -44.74 11.40
CA ARG A 170 -78.29 -44.50 12.20
C ARG A 170 -77.53 -43.28 11.69
N GLU A 171 -77.49 -43.09 10.37
CA GLU A 171 -76.92 -41.86 9.82
C GLU A 171 -77.69 -40.64 10.30
N TYR A 172 -79.01 -40.73 10.32
CA TYR A 172 -79.84 -39.63 10.81
C TYR A 172 -79.50 -39.32 12.26
N PHE A 173 -79.26 -40.34 13.07
CA PHE A 173 -78.97 -40.09 14.47
C PHE A 173 -77.55 -39.58 14.68
N LEU A 174 -76.61 -39.93 13.81
CA LEU A 174 -75.31 -39.26 13.85
C LEU A 174 -75.46 -37.78 13.50
N ASN A 175 -76.30 -37.47 12.52
CA ASN A 175 -76.57 -36.07 12.19
C ASN A 175 -77.24 -35.36 13.37
N LEU A 176 -78.14 -36.04 14.06
CA LEU A 176 -78.79 -35.47 15.24
C LEU A 176 -77.78 -35.22 16.35
N TYR A 177 -76.82 -36.13 16.52
CA TYR A 177 -75.76 -35.91 17.49
C TYR A 177 -74.95 -34.67 17.13
N ASP A 178 -74.63 -34.51 15.86
CA ASP A 178 -73.95 -33.30 15.42
C ASP A 178 -74.77 -32.05 15.74
N GLN A 179 -76.09 -32.10 15.48
CA GLN A 179 -76.95 -30.95 15.75
C GLN A 179 -76.97 -30.63 17.24
N VAL A 180 -77.10 -31.65 18.08
CA VAL A 180 -77.16 -31.42 19.53
C VAL A 180 -75.85 -30.83 20.01
N LEU A 181 -74.71 -31.36 19.53
CA LEU A 181 -73.43 -30.79 19.91
C LEU A 181 -73.33 -29.34 19.46
N THR A 182 -73.92 -29.00 18.30
CA THR A 182 -73.93 -27.61 17.87
C THR A 182 -74.79 -26.75 18.78
N GLU A 183 -75.90 -27.30 19.28
CA GLU A 183 -76.82 -26.57 20.14
C GLU A 183 -76.43 -26.61 21.62
N MET A 184 -75.42 -27.37 21.99
CA MET A 184 -75.01 -27.44 23.39
C MET A 184 -74.38 -26.12 23.79
N PRO A 185 -74.90 -25.41 24.80
CA PRO A 185 -74.38 -24.09 25.14
C PRO A 185 -73.22 -24.15 26.13
N ASP A 186 -72.40 -23.10 26.08
CA ASP A 186 -71.35 -22.95 27.07
C ASP A 186 -71.90 -22.47 28.41
N TYR A 187 -72.91 -21.61 28.38
CA TYR A 187 -73.60 -21.19 29.58
C TYR A 187 -75.04 -20.86 29.22
N LEU A 188 -75.85 -20.59 30.24
CA LEU A 188 -77.29 -20.46 30.05
C LEU A 188 -77.88 -19.59 31.14
N LEU A 189 -78.58 -18.54 30.73
CA LEU A 189 -79.39 -17.72 31.63
C LEU A 189 -80.82 -17.80 31.15
N LEU A 190 -81.70 -18.36 31.98
CA LEU A 190 -83.07 -18.61 31.57
C LEU A 190 -83.94 -17.36 31.55
N LYS A 191 -83.48 -16.27 32.17
CA LYS A 191 -84.23 -15.02 32.07
C LYS A 191 -84.29 -14.53 30.64
N ASP A 192 -83.30 -14.90 29.82
CA ASP A 192 -83.33 -14.51 28.41
C ASP A 192 -84.40 -15.27 27.64
N MET A 193 -84.65 -16.53 28.01
CA MET A 193 -85.69 -17.32 27.37
C MET A 193 -87.08 -17.02 27.93
N ALA A 194 -87.17 -16.29 29.03
CA ALA A 194 -88.44 -16.13 29.72
C ALA A 194 -89.41 -15.29 28.90
N VAL A 195 -90.67 -15.73 28.87
CA VAL A 195 -91.75 -15.00 28.22
C VAL A 195 -92.93 -14.97 29.17
N GLU A 196 -93.84 -14.03 28.92
CA GLU A 196 -95.02 -13.89 29.76
C GLU A 196 -95.99 -15.04 29.53
N ASN A 197 -96.47 -15.62 30.64
CA ASN A 197 -97.56 -16.58 30.59
C ASN A 197 -98.86 -15.81 30.79
N LYS A 198 -99.63 -15.66 29.70
CA LYS A 198 -100.80 -14.77 29.72
C LYS A 198 -101.90 -15.28 30.65
N ASN A 199 -101.92 -16.58 30.96
CA ASN A 199 -102.94 -17.15 31.82
C ASN A 199 -102.45 -17.39 33.24
N SER A 200 -101.30 -16.83 33.60
CA SER A 200 -100.78 -17.00 34.94
C SER A 200 -101.54 -16.10 35.92
N ARG A 201 -101.88 -16.65 37.09
CA ARG A 201 -102.55 -15.86 38.11
C ARG A 201 -101.70 -14.69 38.54
N ASP A 202 -100.40 -14.91 38.73
CA ASP A 202 -99.46 -13.89 39.16
C ASP A 202 -98.81 -13.16 38.00
N ALA A 203 -99.25 -13.42 36.77
CA ALA A 203 -98.62 -12.83 35.58
C ALA A 203 -97.15 -13.19 35.51
N GLY A 204 -96.84 -14.46 35.79
CA GLY A 204 -95.47 -14.93 35.83
C GLY A 204 -94.94 -15.26 34.45
N LYS A 205 -93.73 -15.80 34.45
CA LYS A 205 -92.99 -16.10 33.23
C LYS A 205 -92.74 -17.60 33.11
N VAL A 206 -92.50 -18.04 31.88
CA VAL A 206 -92.14 -19.42 31.58
C VAL A 206 -91.05 -19.40 30.52
N VAL A 207 -90.39 -20.55 30.35
CA VAL A 207 -89.39 -20.74 29.30
C VAL A 207 -89.74 -22.02 28.54
N ASP A 208 -89.54 -22.03 27.22
CA ASP A 208 -89.23 -20.89 26.34
C ASP A 208 -90.54 -20.37 25.75
N SER A 209 -90.46 -19.54 24.71
CA SER A 209 -91.66 -19.05 24.05
C SER A 209 -92.53 -20.20 23.55
N GLU A 210 -91.92 -21.32 23.18
CA GLU A 210 -92.69 -22.47 22.70
C GLU A 210 -93.52 -23.07 23.83
N THR A 211 -92.99 -23.05 25.06
CA THR A 211 -93.78 -23.46 26.22
C THR A 211 -95.00 -22.57 26.38
N ALA A 212 -94.82 -21.25 26.23
CA ALA A 212 -95.95 -20.33 26.33
C ALA A 212 -96.97 -20.61 25.24
N ALA A 213 -96.51 -20.93 24.03
CA ALA A 213 -97.43 -21.28 22.95
C ALA A 213 -98.25 -22.51 23.33
N ILE A 214 -97.60 -23.54 23.86
CA ILE A 214 -98.33 -24.73 24.29
C ILE A 214 -99.33 -24.38 25.39
N CYS A 215 -98.90 -23.55 26.35
CA CYS A 215 -99.78 -23.17 27.46
C CYS A 215 -101.02 -22.46 26.95
N ASP A 216 -100.83 -21.51 26.03
CA ASP A 216 -101.97 -20.78 25.48
C ASP A 216 -102.89 -21.70 24.71
N ALA A 217 -102.33 -22.59 23.89
CA ALA A 217 -103.15 -23.51 23.11
C ALA A 217 -103.97 -24.41 24.02
N ILE A 218 -103.37 -24.92 25.08
CA ILE A 218 -104.07 -25.82 25.98
C ILE A 218 -105.14 -25.07 26.77
N PHE A 219 -104.79 -23.90 27.29
CA PHE A 219 -105.74 -23.15 28.12
C PHE A 219 -106.94 -22.70 27.31
N GLN A 220 -106.71 -22.20 26.10
CA GLN A 220 -107.82 -21.70 25.30
C GLN A 220 -108.71 -22.82 24.77
N ASP A 221 -108.19 -24.04 24.70
CA ASP A 221 -108.98 -25.15 24.16
C ASP A 221 -110.17 -25.44 25.07
N GLU A 222 -111.34 -25.61 24.46
CA GLU A 222 -112.55 -25.91 25.22
C GLU A 222 -112.55 -27.32 25.80
N GLU A 223 -111.80 -28.25 25.20
CA GLU A 223 -111.78 -29.62 25.65
C GLU A 223 -110.78 -29.85 26.78
N THR A 224 -110.29 -28.79 27.41
CA THR A 224 -109.28 -28.91 28.45
C THR A 224 -109.95 -29.09 29.80
N GLU A 225 -109.49 -30.09 30.56
CA GLU A 225 -109.98 -30.28 31.92
C GLU A 225 -109.63 -29.06 32.77
N GLY A 226 -110.54 -28.70 33.67
CA GLY A 226 -110.33 -27.53 34.48
C GLY A 226 -109.12 -27.63 35.38
N VAL A 227 -108.72 -28.86 35.73
CA VAL A 227 -107.52 -29.03 36.54
C VAL A 227 -106.28 -28.59 35.77
N VAL A 228 -106.25 -28.84 34.46
CA VAL A 228 -105.13 -28.41 33.65
C VAL A 228 -105.07 -26.89 33.59
N ARG A 229 -106.23 -26.23 33.48
CA ARG A 229 -106.26 -24.78 33.48
C ARG A 229 -105.81 -24.22 34.83
N ARG A 230 -106.22 -24.85 35.92
CA ARG A 230 -105.73 -24.47 37.24
C ARG A 230 -104.20 -24.56 37.28
N PHE A 231 -103.67 -25.68 36.80
CA PHE A 231 -102.22 -25.88 36.80
C PHE A 231 -101.52 -24.82 35.98
N ILE A 232 -102.05 -24.49 34.80
CA ILE A 232 -101.45 -23.46 33.97
C ILE A 232 -101.50 -22.11 34.69
N ALA A 233 -102.59 -21.85 35.41
CA ALA A 233 -102.69 -20.61 36.16
C ALA A 233 -101.65 -20.55 37.27
N GLU A 234 -101.28 -21.69 37.84
CA GLU A 234 -100.29 -21.70 38.91
C GLU A 234 -98.85 -21.67 38.40
N MET A 235 -98.63 -21.70 37.09
CA MET A 235 -97.27 -21.74 36.55
C MET A 235 -96.64 -20.36 36.60
N ARG A 236 -95.56 -20.22 37.35
CA ARG A 236 -94.84 -18.96 37.45
C ARG A 236 -93.40 -19.24 37.88
N GLN A 237 -92.54 -18.26 37.65
CA GLN A 237 -91.13 -18.37 37.99
C GLN A 237 -90.88 -17.92 39.42
N ARG A 238 -89.82 -18.47 40.02
CA ARG A 238 -89.41 -18.12 41.38
C ARG A 238 -87.96 -17.65 41.34
N VAL A 239 -87.72 -16.46 41.87
CA VAL A 239 -86.39 -15.85 41.89
C VAL A 239 -85.86 -15.93 43.31
N GLN A 240 -84.65 -16.46 43.46
CA GLN A 240 -83.91 -16.46 44.72
C GLN A 240 -82.67 -15.58 44.49
N ALA A 241 -82.83 -14.28 44.71
CA ALA A 241 -81.73 -13.36 44.50
C ALA A 241 -80.60 -13.57 45.50
N ASP A 242 -80.91 -14.16 46.66
CA ASP A 242 -79.85 -14.47 47.62
C ASP A 242 -78.84 -15.44 47.02
N ARG A 243 -79.32 -16.49 46.38
CA ARG A 243 -78.45 -17.49 45.76
C ARG A 243 -78.15 -17.18 44.30
N ASN A 244 -78.69 -16.07 43.76
CA ASN A 244 -78.55 -15.76 42.34
C ASN A 244 -79.10 -16.90 41.49
N VAL A 245 -80.30 -17.34 41.83
CA VAL A 245 -80.93 -18.48 41.17
C VAL A 245 -82.32 -18.07 40.70
N VAL A 246 -82.80 -18.74 39.65
CA VAL A 246 -84.15 -18.53 39.18
C VAL A 246 -84.66 -19.84 38.59
N ASN A 247 -85.93 -20.14 38.88
CA ASN A 247 -86.61 -21.33 38.38
C ASN A 247 -87.78 -20.88 37.50
N TYR A 248 -87.88 -21.48 36.31
CA TYR A 248 -88.96 -21.19 35.39
C TYR A 248 -89.72 -22.46 35.03
N PRO A 249 -91.05 -22.41 34.94
CA PRO A 249 -91.78 -23.57 34.44
C PRO A 249 -91.55 -23.77 32.94
N SER A 250 -91.47 -25.03 32.52
CA SER A 250 -91.29 -25.36 31.12
C SER A 250 -92.05 -26.64 30.80
N ILE A 251 -92.59 -26.70 29.60
CA ILE A 251 -93.30 -27.88 29.11
C ILE A 251 -92.35 -28.57 28.14
N LEU A 252 -91.91 -29.77 28.50
CA LEU A 252 -90.89 -30.48 27.72
C LEU A 252 -91.21 -31.96 27.69
N HIS A 253 -90.95 -32.58 26.54
CA HIS A 253 -90.95 -34.02 26.45
C HIS A 253 -89.82 -34.58 27.32
N PRO A 254 -89.99 -35.79 27.87
CA PRO A 254 -88.93 -36.33 28.74
C PRO A 254 -87.55 -36.33 28.11
N ILE A 255 -87.44 -36.67 26.83
CA ILE A 255 -86.14 -36.60 26.15
C ILE A 255 -85.68 -35.16 26.03
N ASP A 256 -86.59 -34.26 25.65
CA ASP A 256 -86.27 -32.85 25.59
C ASP A 256 -85.84 -32.34 26.95
N HIS A 257 -86.56 -32.75 27.99
CA HIS A 257 -86.17 -32.37 29.34
C HIS A 257 -84.79 -32.88 29.70
N ALA A 258 -84.48 -34.12 29.33
CA ALA A 258 -83.16 -34.67 29.64
C ALA A 258 -82.07 -33.87 28.96
N PHE A 259 -82.24 -33.55 27.68
CA PHE A 259 -81.22 -32.79 26.97
C PHE A 259 -81.04 -31.40 27.56
N ASN A 260 -82.16 -30.70 27.80
CA ASN A 260 -82.07 -29.34 28.32
C ASN A 260 -81.54 -29.32 29.75
N GLU A 261 -81.88 -30.33 30.55
CA GLU A 261 -81.35 -30.44 31.90
C GLU A 261 -79.86 -30.68 31.88
N TYR A 262 -79.38 -31.53 30.95
CA TYR A 262 -77.94 -31.70 30.84
C TYR A 262 -77.26 -30.39 30.46
N PHE A 263 -77.84 -29.66 29.51
CA PHE A 263 -77.29 -28.36 29.14
C PHE A 263 -77.22 -27.44 30.35
N LEU A 264 -78.29 -27.38 31.14
CA LEU A 264 -78.34 -26.48 32.28
C LEU A 264 -77.31 -26.86 33.34
N GLN A 265 -77.17 -28.16 33.62
CA GLN A 265 -76.34 -28.62 34.72
C GLN A 265 -74.88 -28.82 34.34
N HIS A 266 -74.53 -28.72 33.06
CA HIS A 266 -73.15 -28.95 32.61
C HIS A 266 -72.64 -27.78 31.79
N GLN A 267 -72.82 -26.57 32.32
CA GLN A 267 -72.27 -25.38 31.69
C GLN A 267 -70.77 -25.28 31.94
N LEU A 268 -70.11 -24.45 31.14
CA LEU A 268 -68.65 -24.37 31.11
C LEU A 268 -68.10 -23.13 31.82
N VAL A 269 -68.95 -22.30 32.41
CA VAL A 269 -68.52 -21.05 33.01
C VAL A 269 -68.18 -21.29 34.48
N GLU A 270 -67.14 -20.62 34.96
CA GLU A 270 -66.69 -20.70 36.33
C GLU A 270 -66.58 -19.30 36.92
N PRO A 271 -66.68 -19.15 38.24
CA PRO A 271 -66.55 -17.82 38.85
C PRO A 271 -65.20 -17.20 38.53
N LEU A 272 -65.22 -15.87 38.34
CA LEU A 272 -64.04 -15.11 38.00
C LEU A 272 -63.83 -14.02 39.03
N ASN A 273 -62.57 -13.82 39.42
CA ASN A 273 -62.22 -12.75 40.35
C ASN A 273 -60.80 -12.30 40.05
N ASN A 274 -60.32 -11.32 40.81
CA ASN A 274 -59.00 -10.76 40.55
C ASN A 274 -57.91 -11.80 40.78
N ASP A 275 -58.08 -12.65 41.79
CA ASP A 275 -57.08 -13.68 42.06
C ASP A 275 -56.96 -14.65 40.90
N ILE A 276 -58.09 -15.05 40.31
CA ILE A 276 -58.06 -15.94 39.16
C ILE A 276 -57.38 -15.26 37.98
N ILE A 277 -57.68 -13.99 37.74
CA ILE A 277 -57.06 -13.27 36.64
C ILE A 277 -55.55 -13.22 36.84
N PHE A 278 -55.11 -12.93 38.06
CA PHE A 278 -53.68 -12.84 38.32
C PHE A 278 -53.00 -14.20 38.17
N ASN A 279 -53.64 -15.26 38.65
CA ASN A 279 -53.05 -16.59 38.53
C ASN A 279 -53.10 -17.12 37.11
N TYR A 280 -53.93 -16.51 36.24
CA TYR A 280 -53.95 -16.91 34.84
C TYR A 280 -52.62 -16.59 34.16
N ILE A 281 -51.88 -15.61 34.68
CA ILE A 281 -50.56 -15.30 34.13
C ILE A 281 -49.62 -16.45 34.45
N PRO A 282 -48.68 -16.82 33.56
CA PRO A 282 -47.76 -17.90 33.89
C PRO A 282 -46.97 -17.60 35.15
N GLU A 283 -46.73 -18.66 35.94
CA GLU A 283 -46.11 -18.49 37.25
C GLU A 283 -44.72 -17.87 37.14
N ARG A 284 -43.97 -18.21 36.08
CA ARG A 284 -42.62 -17.69 35.95
C ARG A 284 -42.61 -16.21 35.62
N ILE A 285 -43.64 -15.71 34.92
CA ILE A 285 -43.73 -14.28 34.66
C ILE A 285 -44.05 -13.53 35.95
N ARG A 286 -44.95 -14.07 36.77
CA ARG A 286 -45.26 -13.46 38.06
C ARG A 286 -44.05 -13.48 38.98
N ASN A 287 -43.29 -14.58 38.97
CA ASN A 287 -42.13 -14.70 39.84
C ASN A 287 -41.02 -13.73 39.43
N ASP A 288 -40.95 -13.37 38.16
CA ASP A 288 -39.90 -12.49 37.69
C ASP A 288 -40.01 -11.13 38.37
N VAL A 289 -38.86 -10.63 38.86
CA VAL A 289 -38.82 -9.33 39.53
C VAL A 289 -38.66 -8.19 38.54
N ASN A 290 -38.52 -8.48 37.25
CA ASN A 290 -38.35 -7.46 36.23
C ASN A 290 -39.67 -6.93 35.70
N TYR A 291 -40.79 -7.45 36.18
CA TYR A 291 -42.10 -7.04 35.70
C TYR A 291 -42.98 -6.66 36.89
N ILE A 292 -43.68 -5.54 36.74
CA ILE A 292 -44.63 -5.04 37.73
C ILE A 292 -46.02 -5.21 37.14
N LEU A 293 -46.88 -5.92 37.85
CA LEU A 293 -48.24 -6.21 37.40
C LEU A 293 -49.23 -5.47 38.29
N ASN A 294 -50.31 -4.97 37.68
CA ASN A 294 -51.25 -4.11 38.37
C ASN A 294 -52.64 -4.31 37.79
N MET A 295 -53.64 -3.95 38.59
CA MET A 295 -55.03 -3.99 38.17
C MET A 295 -55.73 -2.74 38.68
N ASP A 296 -56.80 -2.34 37.99
CA ASP A 296 -57.59 -1.18 38.37
C ASP A 296 -59.07 -1.51 38.51
N ARG A 297 -59.42 -2.80 38.58
CA ARG A 297 -60.80 -3.22 38.71
C ARG A 297 -60.92 -4.32 39.75
N ASN A 298 -62.04 -4.32 40.45
CA ASN A 298 -62.44 -5.40 41.33
C ASN A 298 -63.57 -6.16 40.66
N LEU A 299 -63.28 -7.35 40.16
CA LEU A 299 -64.28 -8.11 39.43
C LEU A 299 -65.43 -8.47 40.37
N PRO A 300 -66.68 -8.38 39.91
CA PRO A 300 -67.80 -8.69 40.80
C PRO A 300 -67.89 -10.18 41.09
N SER A 301 -68.56 -10.50 42.19
CA SER A 301 -68.76 -11.90 42.56
C SER A 301 -69.59 -12.65 41.53
N THR A 302 -70.31 -11.94 40.66
CA THR A 302 -71.15 -12.53 39.64
C THR A 302 -70.48 -12.58 38.27
N ALA A 303 -69.16 -12.44 38.23
CA ALA A 303 -68.40 -12.52 36.98
C ALA A 303 -68.01 -13.95 36.69
N ARG A 304 -67.95 -14.28 35.40
CA ARG A 304 -67.71 -15.65 34.94
C ARG A 304 -66.66 -15.64 33.84
N TYR A 305 -66.02 -16.81 33.67
CA TYR A 305 -65.07 -16.99 32.58
C TYR A 305 -65.05 -18.48 32.20
N ILE A 306 -64.47 -18.75 31.03
CA ILE A 306 -64.39 -20.11 30.50
C ILE A 306 -62.92 -20.48 30.39
N ARG A 307 -62.56 -21.59 31.04
CA ARG A 307 -61.18 -22.04 31.00
C ARG A 307 -60.86 -22.68 29.65
N PRO A 308 -59.72 -22.33 29.03
CA PRO A 308 -59.31 -23.08 27.83
C PRO A 308 -58.90 -24.49 28.17
N ASN A 309 -59.06 -25.38 27.19
CA ASN A 309 -58.70 -26.79 27.33
C ASN A 309 -57.23 -26.93 26.96
N LEU A 310 -56.35 -26.74 27.93
CA LEU A 310 -54.91 -26.85 27.72
C LEU A 310 -54.39 -28.24 28.05
N LEU A 311 -55.02 -29.28 27.49
CA LEU A 311 -54.50 -30.62 27.62
C LEU A 311 -53.31 -30.80 26.68
N GLN A 312 -52.31 -31.55 27.12
CA GLN A 312 -51.14 -31.76 26.29
C GLN A 312 -51.48 -32.66 25.11
N ASP A 313 -50.60 -32.64 24.12
CA ASP A 313 -50.87 -33.29 22.84
C ASP A 313 -51.19 -34.76 23.04
N ARG A 314 -52.43 -35.13 22.73
CA ARG A 314 -52.87 -36.52 22.80
C ARG A 314 -52.56 -37.29 21.53
N LEU A 315 -52.40 -36.62 20.39
CA LEU A 315 -52.04 -37.28 19.15
C LEU A 315 -50.55 -37.55 19.04
N ASN A 316 -49.72 -36.86 19.84
CA ASN A 316 -48.28 -37.03 19.81
C ASN A 316 -47.75 -36.88 18.40
N LEU A 317 -48.09 -35.76 17.77
CA LEU A 317 -47.69 -35.53 16.39
C LEU A 317 -46.18 -35.40 16.24
N HIS A 318 -45.46 -35.14 17.33
CA HIS A 318 -44.00 -35.16 17.30
C HIS A 318 -43.45 -36.54 17.03
N ASP A 319 -44.26 -37.60 17.12
CA ASP A 319 -43.84 -38.97 16.91
C ASP A 319 -44.50 -39.51 15.64
N ASN A 320 -43.73 -39.61 14.57
CA ASN A 320 -44.03 -40.29 13.32
C ASN A 320 -44.95 -39.50 12.39
N PHE A 321 -45.40 -38.30 12.77
CA PHE A 321 -46.08 -37.41 11.82
C PHE A 321 -45.13 -36.27 11.44
N GLU A 322 -44.09 -36.65 10.71
CA GLU A 322 -42.95 -35.74 10.52
C GLU A 322 -43.33 -34.49 9.73
N SER A 323 -44.18 -34.63 8.72
CA SER A 323 -44.58 -33.47 7.93
C SER A 323 -45.50 -32.54 8.73
N LEU A 324 -46.48 -33.11 9.43
CA LEU A 324 -47.35 -32.29 10.28
C LEU A 324 -46.53 -31.62 11.37
N TRP A 325 -45.60 -32.35 11.97
CA TRP A 325 -44.75 -31.76 13.01
C TRP A 325 -43.87 -30.66 12.43
N ASP A 326 -43.40 -30.84 11.20
CA ASP A 326 -42.63 -29.78 10.55
C ASP A 326 -43.47 -28.53 10.38
N THR A 327 -44.72 -28.68 9.97
CA THR A 327 -45.61 -27.53 9.86
C THR A 327 -45.83 -26.86 11.21
N ILE A 328 -46.07 -27.65 12.25
CA ILE A 328 -46.31 -27.11 13.59
C ILE A 328 -45.09 -26.35 14.08
N THR A 329 -43.91 -26.94 13.90
CA THR A 329 -42.69 -26.30 14.36
C THR A 329 -42.39 -25.05 13.57
N THR A 330 -42.72 -25.04 12.28
CA THR A 330 -42.56 -23.82 11.50
C THR A 330 -43.46 -22.70 12.02
N SER A 331 -44.71 -23.03 12.33
CA SER A 331 -45.61 -22.03 12.89
C SER A 331 -45.08 -21.50 14.22
N ASN A 332 -44.61 -22.41 15.08
CA ASN A 332 -44.05 -21.98 16.36
C ASN A 332 -42.83 -21.09 16.16
N TYR A 333 -41.99 -21.43 15.18
CA TYR A 333 -40.80 -20.64 14.90
C TYR A 333 -41.18 -19.24 14.44
N ILE A 334 -42.17 -19.13 13.56
CA ILE A 334 -42.60 -17.82 13.09
C ILE A 334 -43.16 -16.99 14.24
N LEU A 335 -43.97 -17.61 15.10
CA LEU A 335 -44.52 -16.87 16.23
C LEU A 335 -43.41 -16.39 17.18
N ALA A 336 -42.46 -17.28 17.47
CA ALA A 336 -41.35 -16.91 18.34
C ALA A 336 -40.55 -15.76 17.74
N ARG A 337 -40.28 -15.82 16.44
CA ARG A 337 -39.60 -14.70 15.78
C ARG A 337 -40.40 -13.42 15.94
N SER A 338 -41.72 -13.51 15.81
CA SER A 338 -42.56 -12.32 15.92
C SER A 338 -42.47 -11.71 17.31
N VAL A 339 -42.28 -12.53 18.35
CA VAL A 339 -42.30 -12.01 19.72
C VAL A 339 -40.91 -11.75 20.30
N VAL A 340 -39.85 -12.22 19.65
CA VAL A 340 -38.50 -12.01 20.19
C VAL A 340 -38.15 -10.53 20.10
N PRO A 341 -37.70 -9.88 21.17
CA PRO A 341 -37.41 -8.45 21.11
C PRO A 341 -36.26 -8.13 20.16
N ASP A 342 -36.26 -6.91 19.65
CA ASP A 342 -35.25 -6.46 18.71
C ASP A 342 -34.08 -5.82 19.44
N LEU A 343 -32.87 -6.15 19.01
CA LEU A 343 -31.68 -5.58 19.62
C LEU A 343 -31.62 -4.08 19.36
N LYS A 344 -31.14 -3.35 20.36
CA LYS A 344 -31.04 -1.89 20.28
C LYS A 344 -29.67 -1.44 20.77
N GLU A 345 -29.27 -0.26 20.32
CA GLU A 345 -27.97 0.31 20.67
C GLU A 345 -26.83 -0.63 20.30
N LEU A 346 -26.99 -1.31 19.17
CA LEU A 346 -25.88 -2.09 18.64
C LEU A 346 -24.73 -1.16 18.30
N VAL A 347 -23.50 -1.66 18.50
CA VAL A 347 -22.33 -0.86 18.15
C VAL A 347 -22.45 -0.47 16.69
N SER A 348 -22.11 0.77 16.38
CA SER A 348 -22.20 1.25 15.01
C SER A 348 -21.38 0.35 14.10
N THR A 349 -22.00 -0.10 13.01
CA THR A 349 -21.33 -1.05 12.13
C THR A 349 -20.07 -0.44 11.54
N GLU A 350 -20.13 0.83 11.13
CA GLU A 350 -18.95 1.48 10.57
C GLU A 350 -17.84 1.62 11.62
N ALA A 351 -18.20 2.05 12.83
CA ALA A 351 -17.19 2.21 13.88
C ALA A 351 -16.57 0.87 14.26
N GLN A 352 -17.39 -0.16 14.41
CA GLN A 352 -16.87 -1.46 14.76
C GLN A 352 -16.00 -2.03 13.65
N ILE A 353 -16.40 -1.82 12.39
CA ILE A 353 -15.59 -2.28 11.26
C ILE A 353 -14.25 -1.57 11.25
N GLN A 354 -14.24 -0.27 11.55
CA GLN A 354 -12.98 0.46 11.61
C GLN A 354 -12.09 -0.06 12.73
N LYS A 355 -12.68 -0.32 13.90
CA LYS A 355 -11.90 -0.85 15.00
C LYS A 355 -11.32 -2.23 14.66
N MET A 356 -12.13 -3.08 14.02
CA MET A 356 -11.65 -4.39 13.63
C MET A 356 -10.55 -4.28 12.60
N SER A 357 -10.64 -3.32 11.68
CA SER A 357 -9.58 -3.10 10.70
C SER A 357 -8.29 -2.68 11.40
N GLN A 358 -8.40 -1.81 12.40
CA GLN A 358 -7.21 -1.43 13.17
C GLN A 358 -6.59 -2.65 13.87
N ASP A 359 -7.43 -3.50 14.46
CA ASP A 359 -6.91 -4.68 15.13
C ASP A 359 -6.25 -5.64 14.15
N LEU A 360 -6.87 -5.83 12.98
CA LEU A 360 -6.33 -6.71 11.96
C LEU A 360 -5.19 -6.08 11.17
N GLN A 361 -4.94 -4.79 11.34
CA GLN A 361 -3.94 -4.07 10.56
C GLN A 361 -4.16 -4.30 9.06
N LEU A 362 -5.40 -4.09 8.63
CA LEU A 362 -5.77 -4.32 7.24
C LEU A 362 -5.10 -3.30 6.34
N GLU A 363 -4.83 -3.73 5.11
CA GLU A 363 -4.38 -2.81 4.08
C GLU A 363 -5.50 -1.82 3.75
N ALA A 364 -5.10 -0.61 3.37
CA ALA A 364 -6.07 0.44 3.10
C ALA A 364 -7.01 0.01 1.97
N LEU A 365 -8.28 0.41 2.11
CA LEU A 365 -9.33 0.21 1.11
C LEU A 365 -9.78 -1.24 0.97
N THR A 366 -9.25 -2.16 1.78
CA THR A 366 -9.62 -3.57 1.67
C THR A 366 -10.79 -3.94 2.58
N ILE A 367 -11.37 -2.98 3.30
CA ILE A 367 -12.52 -3.28 4.14
C ILE A 367 -13.67 -3.79 3.28
N GLN A 368 -13.91 -3.15 2.14
CA GLN A 368 -14.99 -3.59 1.26
C GLN A 368 -14.74 -5.00 0.74
N SER A 369 -13.50 -5.32 0.39
CA SER A 369 -13.17 -6.61 -0.20
C SER A 369 -12.80 -7.67 0.83
N GLU A 370 -12.73 -7.31 2.11
CA GLU A 370 -12.31 -8.27 3.13
C GLU A 370 -13.30 -9.42 3.22
N THR A 371 -12.76 -10.65 3.24
CA THR A 371 -13.59 -11.85 3.35
C THR A 371 -13.09 -12.83 4.40
N GLN A 372 -11.99 -12.54 5.09
CA GLN A 372 -11.50 -13.45 6.12
C GLN A 372 -12.06 -13.12 7.50
N PHE A 373 -12.36 -11.85 7.76
CA PHE A 373 -12.84 -11.44 9.08
C PHE A 373 -14.10 -10.59 9.04
N LEU A 374 -14.23 -9.68 8.07
CA LEU A 374 -15.20 -8.60 8.15
C LEU A 374 -16.44 -8.82 7.30
N THR A 375 -16.45 -9.80 6.41
CA THR A 375 -17.58 -10.00 5.52
C THR A 375 -18.84 -10.35 6.32
N GLY A 376 -19.96 -9.73 5.94
CA GLY A 376 -21.25 -10.09 6.49
C GLY A 376 -21.57 -9.49 7.84
N ILE A 377 -20.78 -8.55 8.33
CA ILE A 377 -21.00 -7.97 9.65
C ILE A 377 -21.87 -6.73 9.49
N ASN A 378 -23.10 -6.81 9.99
CA ASN A 378 -24.02 -5.68 9.98
C ASN A 378 -25.07 -5.91 11.04
N SER A 379 -25.81 -4.84 11.37
CA SER A 379 -26.80 -4.92 12.44
C SER A 379 -27.95 -5.85 12.06
N GLN A 380 -28.32 -5.86 10.78
CA GLN A 380 -29.40 -6.75 10.35
C GLN A 380 -29.05 -8.20 10.62
N ALA A 381 -27.83 -8.60 10.31
CA ALA A 381 -27.42 -9.98 10.56
C ALA A 381 -27.40 -10.29 12.05
N ALA A 382 -26.95 -9.36 12.87
CA ALA A 382 -26.94 -9.58 14.32
C ALA A 382 -28.35 -9.79 14.86
N ASN A 383 -29.28 -8.91 14.45
CA ASN A 383 -30.66 -9.05 14.90
C ASN A 383 -31.27 -10.36 14.40
N ASP A 384 -30.97 -10.73 13.15
CA ASP A 384 -31.48 -11.98 12.61
C ASP A 384 -30.93 -13.18 13.38
N CYS A 385 -29.65 -13.13 13.76
CA CYS A 385 -29.07 -14.22 14.54
C CYS A 385 -29.75 -14.34 15.89
N PHE A 386 -29.94 -13.21 16.57
CA PHE A 386 -30.63 -13.25 17.87
C PHE A 386 -32.01 -13.88 17.73
N LYS A 387 -32.79 -13.39 16.77
CA LYS A 387 -34.14 -13.91 16.56
C LYS A 387 -34.11 -15.40 16.21
N THR A 388 -33.21 -15.78 15.30
CA THR A 388 -33.16 -17.16 14.85
C THR A 388 -32.83 -18.10 15.99
N LEU A 389 -31.81 -17.76 16.79
CA LEU A 389 -31.43 -18.61 17.90
C LEU A 389 -32.57 -18.77 18.88
N ILE A 390 -33.14 -17.65 19.35
CA ILE A 390 -34.17 -17.76 20.38
C ILE A 390 -35.40 -18.47 19.82
N ALA A 391 -35.79 -18.14 18.59
CA ALA A 391 -37.00 -18.75 18.02
C ALA A 391 -36.81 -20.23 17.76
N ALA A 392 -35.63 -20.64 17.28
CA ALA A 392 -35.38 -22.06 17.04
C ALA A 392 -35.38 -22.84 18.35
N MET A 393 -34.76 -22.28 19.40
CA MET A 393 -34.79 -22.96 20.69
C MET A 393 -36.21 -23.02 21.24
N LEU A 394 -36.99 -21.96 21.08
CA LEU A 394 -38.34 -21.93 21.62
C LEU A 394 -39.24 -22.94 20.91
N SER A 395 -39.20 -22.94 19.58
CA SER A 395 -40.00 -23.86 18.79
C SER A 395 -39.36 -25.23 18.63
N GLN A 396 -38.13 -25.40 19.13
CA GLN A 396 -37.40 -26.66 19.00
C GLN A 396 -37.29 -27.06 17.53
N ARG A 397 -36.92 -26.09 16.70
CA ARG A 397 -36.74 -26.30 15.28
C ARG A 397 -35.25 -26.49 14.99
N THR A 398 -34.93 -27.52 14.22
CA THR A 398 -33.54 -27.78 13.89
C THR A 398 -32.95 -26.63 13.08
N MET A 399 -31.68 -26.34 13.33
CA MET A 399 -30.96 -25.27 12.66
C MET A 399 -29.88 -25.85 11.76
N SER A 400 -29.58 -25.11 10.70
CA SER A 400 -28.53 -25.49 9.76
C SER A 400 -27.50 -24.38 9.69
N LEU A 401 -26.23 -24.75 9.82
CA LEU A 401 -25.14 -23.79 9.84
C LEU A 401 -24.62 -23.56 8.44
N ASP A 402 -24.53 -22.30 8.04
CA ASP A 402 -23.97 -21.89 6.75
C ASP A 402 -22.75 -21.02 7.01
N PHE A 403 -21.62 -21.40 6.42
CA PHE A 403 -20.39 -20.66 6.63
C PHE A 403 -19.42 -20.96 5.50
N VAL A 404 -18.40 -20.12 5.39
CA VAL A 404 -17.30 -20.30 4.46
C VAL A 404 -16.05 -20.60 5.29
N THR A 405 -15.42 -21.73 4.99
CA THR A 405 -14.26 -22.16 5.79
C THR A 405 -13.12 -21.16 5.75
N THR A 406 -13.05 -20.33 4.71
CA THR A 406 -11.98 -19.34 4.62
C THR A 406 -12.17 -18.20 5.61
N ASN A 407 -13.35 -18.04 6.19
CA ASN A 407 -13.63 -16.98 7.15
C ASN A 407 -13.31 -17.49 8.55
N TYR A 408 -12.18 -17.03 9.11
CA TYR A 408 -11.78 -17.47 10.43
C TYR A 408 -12.72 -16.93 11.50
N MET A 409 -13.19 -15.70 11.33
CA MET A 409 -14.13 -15.12 12.28
C MET A 409 -15.39 -15.97 12.37
N SER A 410 -15.82 -16.54 11.25
CA SER A 410 -16.97 -17.45 11.28
C SER A 410 -16.67 -18.65 12.17
N LEU A 411 -15.46 -19.18 12.10
CA LEU A 411 -15.12 -20.34 12.92
C LEU A 411 -15.05 -19.99 14.40
N ILE A 412 -14.52 -18.83 14.74
CA ILE A 412 -14.46 -18.45 16.15
C ILE A 412 -15.86 -18.17 16.70
N SER A 413 -16.69 -17.48 15.93
CA SER A 413 -18.07 -17.29 16.33
C SER A 413 -18.80 -18.63 16.42
N GLY A 414 -18.46 -19.59 15.56
CA GLY A 414 -19.04 -20.91 15.69
C GLY A 414 -18.60 -21.62 16.95
N MET A 415 -17.35 -21.40 17.36
CA MET A 415 -16.91 -21.92 18.65
C MET A 415 -17.80 -21.38 19.77
N TRP A 416 -18.03 -20.06 19.77
CA TRP A 416 -18.92 -19.51 20.79
C TRP A 416 -20.32 -20.08 20.69
N LEU A 417 -20.84 -20.20 19.46
CA LEU A 417 -22.21 -20.67 19.27
C LEU A 417 -22.38 -22.10 19.77
N LEU A 418 -21.42 -22.98 19.44
CA LEU A 418 -21.48 -24.34 19.94
C LEU A 418 -21.26 -24.39 21.45
N THR A 419 -20.56 -23.41 22.01
CA THR A 419 -20.45 -23.33 23.46
C THR A 419 -21.81 -23.05 24.09
N VAL A 420 -22.57 -22.11 23.53
CA VAL A 420 -23.77 -21.65 24.22
C VAL A 420 -25.03 -22.43 23.81
N VAL A 421 -25.14 -22.85 22.56
CA VAL A 421 -26.33 -23.54 22.06
C VAL A 421 -26.09 -25.04 22.13
N PRO A 422 -27.00 -25.82 22.72
CA PRO A 422 -26.84 -27.28 22.69
C PRO A 422 -26.76 -27.79 21.25
N ASN A 423 -25.85 -28.73 21.02
CA ASN A 423 -25.54 -29.15 19.66
C ASN A 423 -26.63 -30.00 19.04
N ASP A 424 -27.59 -30.47 19.83
CA ASP A 424 -28.72 -31.19 19.27
C ASP A 424 -29.65 -30.28 18.48
N MET A 425 -29.49 -28.96 18.61
CA MET A 425 -30.32 -28.01 17.89
C MET A 425 -29.89 -27.85 16.42
N PHE A 426 -28.77 -28.45 16.03
CA PHE A 426 -28.23 -28.29 14.69
C PHE A 426 -28.30 -29.61 13.93
N ILE A 427 -28.66 -29.52 12.65
CA ILE A 427 -28.64 -30.71 11.80
C ILE A 427 -27.23 -31.29 11.81
N ARG A 428 -27.14 -32.62 11.79
CA ARG A 428 -25.88 -33.28 12.09
C ARG A 428 -24.80 -32.91 11.08
N GLU A 429 -25.13 -32.87 9.79
CA GLU A 429 -24.10 -32.63 8.78
C GLU A 429 -23.49 -31.24 8.91
N SER A 430 -24.32 -30.23 9.15
CA SER A 430 -23.79 -28.87 9.28
C SER A 430 -22.93 -28.73 10.54
N LEU A 431 -23.38 -29.32 11.65
CA LEU A 431 -22.58 -29.30 12.87
C LEU A 431 -21.25 -29.99 12.66
N VAL A 432 -21.27 -31.14 11.97
CA VAL A 432 -20.03 -31.87 11.71
C VAL A 432 -19.10 -31.04 10.86
N ALA A 433 -19.62 -30.38 9.82
CA ALA A 433 -18.79 -29.55 8.96
C ALA A 433 -18.17 -28.40 9.74
N CYS A 434 -18.98 -27.73 10.58
CA CYS A 434 -18.46 -26.62 11.37
C CYS A 434 -17.39 -27.08 12.33
N GLN A 435 -17.63 -28.19 13.03
CA GLN A 435 -16.64 -28.71 13.97
C GLN A 435 -15.36 -29.11 13.25
N LEU A 436 -15.48 -29.73 12.09
CA LEU A 436 -14.30 -30.13 11.34
C LEU A 436 -13.49 -28.91 10.90
N ALA A 437 -14.17 -27.87 10.43
CA ALA A 437 -13.46 -26.64 10.07
C ALA A 437 -12.75 -26.04 11.27
N ILE A 438 -13.42 -26.00 12.42
CA ILE A 438 -12.79 -25.45 13.62
C ILE A 438 -11.57 -26.27 14.01
N ILE A 439 -11.70 -27.61 13.98
CA ILE A 439 -10.61 -28.47 14.41
C ILE A 439 -9.42 -28.33 13.47
N ASN A 440 -9.67 -28.36 12.16
CA ASN A 440 -8.59 -28.38 11.19
C ASN A 440 -8.02 -27.01 10.90
N THR A 441 -8.68 -25.93 11.33
CA THR A 441 -8.21 -24.59 11.06
C THR A 441 -7.61 -23.91 12.29
N ILE A 442 -8.03 -24.29 13.50
CA ILE A 442 -7.70 -23.55 14.71
C ILE A 442 -6.97 -24.43 15.73
N ILE A 443 -7.53 -25.60 16.03
CA ILE A 443 -7.04 -26.38 17.17
C ILE A 443 -5.81 -27.20 16.77
N TYR A 444 -5.99 -28.12 15.84
CA TYR A 444 -4.90 -29.02 15.46
C TYR A 444 -3.70 -28.26 14.90
N PRO A 445 -3.86 -27.32 13.95
CA PRO A 445 -2.70 -26.54 13.53
C PRO A 445 -2.04 -25.78 14.67
N ALA A 446 -2.82 -25.30 15.63
CA ALA A 446 -2.23 -24.63 16.78
C ALA A 446 -1.32 -25.57 17.56
N PHE A 447 -1.78 -26.80 17.78
CA PHE A 447 -1.01 -27.76 18.55
C PHE A 447 -0.08 -28.61 17.70
N GLY A 448 0.03 -28.32 16.41
CA GLY A 448 0.94 -29.04 15.54
C GLY A 448 0.50 -30.44 15.20
N MET A 449 -0.76 -30.79 15.47
CA MET A 449 -1.24 -32.12 15.16
C MET A 449 -1.57 -32.24 13.68
N GLN A 450 -1.44 -33.45 13.15
CA GLN A 450 -1.76 -33.68 11.75
C GLN A 450 -3.25 -33.45 11.51
N ARG A 451 -3.57 -32.90 10.35
CA ARG A 451 -4.96 -32.59 10.03
C ARG A 451 -5.83 -33.82 10.18
N MET A 452 -6.98 -33.63 10.82
CA MET A 452 -7.89 -34.75 11.07
C MET A 452 -8.46 -35.25 9.75
N HIS A 453 -8.31 -36.54 9.49
CA HIS A 453 -8.97 -37.18 8.35
C HIS A 453 -10.27 -37.75 8.88
N TYR A 454 -11.33 -36.96 8.79
CA TYR A 454 -12.61 -37.30 9.39
C TYR A 454 -13.50 -37.97 8.34
N ARG A 455 -14.07 -39.12 8.71
CA ARG A 455 -14.91 -39.90 7.81
C ARG A 455 -16.34 -39.41 7.88
N ASN A 456 -16.96 -39.18 6.72
CA ASN A 456 -18.37 -38.86 6.67
C ASN A 456 -19.17 -40.05 7.16
N GLY A 457 -20.16 -39.79 8.02
CA GLY A 457 -20.91 -40.86 8.63
C GLY A 457 -20.27 -41.46 9.87
N ASP A 458 -19.19 -40.85 10.37
CA ASP A 458 -18.52 -41.37 11.55
C ASP A 458 -19.48 -41.31 12.75
N PRO A 459 -19.49 -42.32 13.62
CA PRO A 459 -20.36 -42.25 14.81
C PRO A 459 -20.01 -41.11 15.75
N GLN A 460 -18.79 -40.59 15.69
CA GLN A 460 -18.34 -39.51 16.55
C GLN A 460 -18.21 -38.21 15.76
N THR A 461 -18.52 -37.11 16.42
CA THR A 461 -18.31 -35.80 15.82
C THR A 461 -16.82 -35.46 15.86
N PRO A 462 -16.38 -34.50 15.05
CA PRO A 462 -14.96 -34.11 15.09
C PRO A 462 -14.49 -33.68 16.48
N PHE A 463 -15.34 -32.97 17.23
CA PHE A 463 -14.95 -32.55 18.57
C PHE A 463 -14.79 -33.74 19.50
N GLN A 464 -15.58 -34.79 19.32
CA GLN A 464 -15.46 -35.97 20.16
C GLN A 464 -14.12 -36.67 19.95
N ILE A 465 -13.64 -36.69 18.71
CA ILE A 465 -12.32 -37.25 18.42
C ILE A 465 -11.23 -36.33 18.96
N ALA A 466 -11.38 -35.02 18.73
CA ALA A 466 -10.37 -34.07 19.14
C ALA A 466 -10.20 -34.05 20.66
N GLU A 467 -11.30 -34.25 21.40
CA GLU A 467 -11.23 -34.26 22.85
C GLU A 467 -10.29 -35.37 23.33
N GLN A 468 -10.40 -36.55 22.74
CA GLN A 468 -9.48 -37.63 23.06
C GLN A 468 -8.06 -37.29 22.62
N GLN A 469 -7.91 -36.71 21.43
CA GLN A 469 -6.58 -36.50 20.86
C GLN A 469 -5.86 -35.28 21.41
N ILE A 470 -6.54 -34.37 22.12
CA ILE A 470 -5.95 -33.10 22.54
C ILE A 470 -5.46 -33.24 23.98
N GLN A 471 -4.22 -32.81 24.22
CA GLN A 471 -3.62 -32.90 25.54
C GLN A 471 -3.83 -31.65 26.38
N ASN A 472 -3.97 -30.49 25.74
CA ASN A 472 -4.20 -29.25 26.50
C ASN A 472 -5.49 -29.37 27.31
N PHE A 473 -5.41 -28.97 28.58
CA PHE A 473 -6.54 -29.17 29.47
C PHE A 473 -7.68 -28.20 29.18
N GLN A 474 -7.37 -26.93 28.91
CA GLN A 474 -8.43 -25.96 28.65
C GLN A 474 -9.17 -26.30 27.36
N VAL A 475 -8.43 -26.58 26.28
CA VAL A 475 -9.07 -26.90 25.02
C VAL A 475 -9.87 -28.20 25.15
N ALA A 476 -9.30 -29.21 25.79
CA ALA A 476 -9.99 -30.47 25.94
C ALA A 476 -11.24 -30.33 26.79
N ASN A 477 -11.17 -29.52 27.85
CA ASN A 477 -12.32 -29.29 28.71
C ASN A 477 -13.43 -28.57 27.95
N TRP A 478 -13.08 -27.55 27.16
CA TRP A 478 -14.09 -26.87 26.36
C TRP A 478 -14.70 -27.82 25.34
N LEU A 479 -13.87 -28.65 24.71
CA LEU A 479 -14.37 -29.62 23.74
C LEU A 479 -15.33 -30.60 24.41
N HIS A 480 -14.98 -31.08 25.61
CA HIS A 480 -15.85 -32.01 26.32
C HIS A 480 -17.19 -31.35 26.65
N PHE A 481 -17.15 -30.10 27.12
CA PHE A 481 -18.41 -29.42 27.44
C PHE A 481 -19.27 -29.27 26.20
N VAL A 482 -18.67 -28.87 25.07
CA VAL A 482 -19.44 -28.73 23.84
C VAL A 482 -20.02 -30.08 23.42
N ASN A 483 -19.25 -31.15 23.63
CA ASN A 483 -19.74 -32.48 23.28
C ASN A 483 -20.92 -32.89 24.14
N ASN A 484 -20.93 -32.51 25.41
CA ASN A 484 -21.94 -32.97 26.34
C ASN A 484 -22.95 -31.90 26.72
N ASN A 485 -22.87 -30.71 26.14
CA ASN A 485 -23.84 -29.67 26.44
C ASN A 485 -25.18 -30.02 25.80
N GLN A 486 -26.19 -30.26 26.64
CA GLN A 486 -27.50 -30.69 26.18
C GLN A 486 -28.58 -29.94 26.93
N PHE A 487 -29.77 -29.92 26.34
CA PHE A 487 -30.95 -29.43 27.03
C PHE A 487 -31.34 -30.38 28.15
N ARG A 488 -32.02 -29.84 29.15
CA ARG A 488 -32.62 -30.66 30.20
C ARG A 488 -34.13 -30.61 30.05
N GLN A 489 -34.75 -31.78 29.96
CA GLN A 489 -36.20 -31.88 29.87
C GLN A 489 -36.79 -31.74 31.26
N VAL A 490 -37.54 -30.67 31.50
CA VAL A 490 -38.14 -30.42 32.80
C VAL A 490 -39.60 -30.06 32.60
N VAL A 491 -40.48 -30.68 33.38
CA VAL A 491 -41.90 -30.32 33.37
C VAL A 491 -42.09 -29.19 34.37
N ILE A 492 -42.32 -27.98 33.87
CA ILE A 492 -42.50 -26.79 34.68
C ILE A 492 -43.94 -26.32 34.49
N ASP A 493 -44.66 -26.17 35.60
CA ASP A 493 -46.05 -25.70 35.58
C ASP A 493 -46.89 -26.55 34.63
N GLY A 494 -46.59 -27.84 34.59
CA GLY A 494 -47.34 -28.78 33.78
C GLY A 494 -47.00 -28.80 32.31
N VAL A 495 -46.01 -28.04 31.87
CA VAL A 495 -45.60 -28.00 30.48
C VAL A 495 -44.16 -28.49 30.39
N LEU A 496 -43.90 -29.39 29.45
CA LEU A 496 -42.54 -29.85 29.22
C LEU A 496 -41.73 -28.75 28.54
N ASN A 497 -40.54 -28.47 29.07
CA ASN A 497 -39.67 -27.42 28.57
C ASN A 497 -38.25 -27.93 28.46
N GLN A 498 -37.50 -27.30 27.57
CA GLN A 498 -36.08 -27.57 27.38
C GLN A 498 -35.30 -26.45 28.05
N VAL A 499 -34.55 -26.79 29.08
CA VAL A 499 -33.86 -25.82 29.92
C VAL A 499 -32.37 -25.86 29.62
N LEU A 500 -31.76 -24.69 29.50
CA LEU A 500 -30.32 -24.60 29.25
C LEU A 500 -29.54 -24.87 30.52
N ASN A 501 -28.27 -25.22 30.34
CA ASN A 501 -27.38 -25.44 31.48
C ASN A 501 -27.23 -24.16 32.27
N ASP A 502 -27.14 -24.29 33.60
CA ASP A 502 -27.04 -23.12 34.45
C ASP A 502 -25.78 -22.31 34.17
N ASN A 503 -24.72 -22.95 33.68
CA ASN A 503 -23.52 -22.21 33.33
C ASN A 503 -23.71 -21.43 32.05
N ILE A 504 -24.57 -21.89 31.15
CA ILE A 504 -24.94 -21.08 30.00
C ILE A 504 -25.81 -19.91 30.43
N ARG A 505 -26.72 -20.14 31.38
CA ARG A 505 -27.67 -19.11 31.76
C ARG A 505 -26.98 -17.91 32.40
N ASN A 506 -25.91 -18.14 33.15
CA ASN A 506 -25.15 -17.06 33.78
C ASN A 506 -23.94 -16.65 32.96
N GLY A 507 -23.78 -17.18 31.75
CA GLY A 507 -22.67 -16.80 30.90
C GLY A 507 -21.32 -17.27 31.36
N HIS A 508 -21.27 -18.23 32.29
CA HIS A 508 -19.99 -18.70 32.80
C HIS A 508 -19.22 -19.50 31.76
N VAL A 509 -19.94 -20.21 30.88
CA VAL A 509 -19.28 -21.00 29.84
C VAL A 509 -18.41 -20.10 28.97
N VAL A 510 -18.81 -18.84 28.80
CA VAL A 510 -18.04 -17.93 27.97
C VAL A 510 -16.62 -17.80 28.48
N ASN A 511 -16.42 -17.94 29.80
CA ASN A 511 -15.07 -17.95 30.34
C ASN A 511 -14.31 -19.20 29.90
N GLN A 512 -14.95 -20.37 30.04
CA GLN A 512 -14.31 -21.62 29.65
C GLN A 512 -13.82 -21.54 28.22
N LEU A 513 -14.71 -21.19 27.29
CA LEU A 513 -14.32 -20.99 25.90
C LEU A 513 -13.13 -20.05 25.81
N MET A 514 -13.24 -18.90 26.49
CA MET A 514 -12.16 -17.92 26.44
C MET A 514 -10.85 -18.55 26.87
N GLU A 515 -10.87 -19.32 27.95
CA GLU A 515 -9.64 -19.99 28.39
C GLU A 515 -9.05 -20.81 27.25
N ALA A 516 -9.88 -21.65 26.63
CA ALA A 516 -9.40 -22.43 25.49
C ALA A 516 -8.82 -21.51 24.43
N LEU A 517 -9.54 -20.46 24.08
CA LEU A 517 -9.04 -19.54 23.06
C LEU A 517 -7.69 -18.97 23.47
N MET A 518 -7.55 -18.59 24.74
CA MET A 518 -6.28 -18.05 25.19
C MET A 518 -5.18 -19.09 25.02
N GLN A 519 -5.46 -20.34 25.39
CA GLN A 519 -4.47 -21.38 25.22
C GLN A 519 -4.15 -21.60 23.76
N LEU A 520 -5.11 -21.35 22.87
CA LEU A 520 -4.82 -21.44 21.44
C LEU A 520 -3.97 -20.28 20.96
N SER A 521 -4.10 -19.11 21.61
CA SER A 521 -3.30 -17.96 21.20
C SER A 521 -1.85 -18.07 21.61
N ARG A 522 -1.54 -18.90 22.62
CA ARG A 522 -0.19 -19.07 23.10
C ARG A 522 0.58 -20.16 22.36
N GLN A 523 -0.08 -20.92 21.50
CA GLN A 523 0.58 -22.02 20.82
C GLN A 523 1.52 -21.52 19.74
N GLN A 524 2.41 -22.40 19.31
CA GLN A 524 3.48 -22.02 18.38
C GLN A 524 3.14 -22.29 16.92
N PHE A 525 2.21 -23.19 16.63
CA PHE A 525 1.86 -23.56 15.27
C PHE A 525 3.12 -24.06 14.54
N PRO A 526 3.71 -25.16 14.99
CA PRO A 526 5.03 -25.55 14.46
C PRO A 526 5.06 -25.77 12.97
N THR A 527 3.99 -26.31 12.39
CA THR A 527 3.97 -26.71 10.99
C THR A 527 3.46 -25.63 10.06
N MET A 528 3.03 -24.48 10.58
CA MET A 528 2.42 -23.44 9.77
C MET A 528 3.35 -22.24 9.64
N PRO A 529 3.22 -21.45 8.58
CA PRO A 529 3.93 -20.17 8.51
C PRO A 529 3.43 -19.21 9.57
N VAL A 530 4.29 -18.24 9.90
CA VAL A 530 4.00 -17.30 10.97
C VAL A 530 2.72 -16.53 10.68
N ASP A 531 2.44 -16.26 9.40
CA ASP A 531 1.22 -15.54 9.05
C ASP A 531 -0.03 -16.30 9.46
N TYR A 532 0.00 -17.63 9.42
CA TYR A 532 -1.15 -18.41 9.84
C TYR A 532 -1.44 -18.20 11.33
N LYS A 533 -0.40 -18.29 12.16
CA LYS A 533 -0.56 -18.01 13.58
C LYS A 533 -1.04 -16.59 13.79
N ARG A 534 -0.54 -15.64 12.99
CA ARG A 534 -0.98 -14.26 13.14
C ARG A 534 -2.47 -14.13 12.83
N SER A 535 -2.95 -14.81 11.79
CA SER A 535 -4.37 -14.73 11.44
C SER A 535 -5.24 -15.34 12.53
N ILE A 536 -4.84 -16.50 13.08
CA ILE A 536 -5.61 -17.11 14.15
C ILE A 536 -5.61 -16.22 15.38
N GLN A 537 -4.45 -15.65 15.72
CA GLN A 537 -4.37 -14.74 16.86
C GLN A 537 -5.23 -13.51 16.64
N ARG A 538 -5.27 -13.00 15.42
CA ARG A 538 -6.10 -11.84 15.12
C ARG A 538 -7.58 -12.16 15.30
N GLY A 539 -8.01 -13.32 14.82
CA GLY A 539 -9.41 -13.70 15.04
C GLY A 539 -9.74 -13.86 16.51
N ILE A 540 -8.86 -14.54 17.25
CA ILE A 540 -9.09 -14.72 18.68
C ILE A 540 -9.08 -13.39 19.39
N LEU A 541 -8.21 -12.47 18.97
CA LEU A 541 -8.15 -11.15 19.56
C LEU A 541 -9.44 -10.38 19.30
N LEU A 542 -9.98 -10.48 18.08
CA LEU A 542 -11.24 -9.82 17.80
C LEU A 542 -12.36 -10.36 18.68
N LEU A 543 -12.43 -11.68 18.85
CA LEU A 543 -13.47 -12.23 19.71
C LEU A 543 -13.25 -11.85 21.17
N SER A 544 -12.01 -11.87 21.65
CA SER A 544 -11.73 -11.69 23.06
C SER A 544 -11.63 -10.23 23.46
N ASN A 545 -11.63 -9.29 22.51
CA ASN A 545 -11.80 -7.89 22.86
C ASN A 545 -13.19 -7.60 23.38
N ARG A 546 -14.12 -8.54 23.25
CA ARG A 546 -15.51 -8.38 23.64
C ARG A 546 -15.94 -9.52 24.56
N LEU A 547 -15.07 -9.90 25.50
CA LEU A 547 -15.39 -11.00 26.40
C LEU A 547 -16.55 -10.64 27.32
N GLY A 548 -16.53 -9.44 27.90
CA GLY A 548 -17.64 -9.01 28.73
C GLY A 548 -18.94 -8.91 27.95
N GLN A 549 -18.87 -8.38 26.73
CA GLN A 549 -20.04 -8.32 25.88
C GLN A 549 -20.55 -9.71 25.54
N LEU A 550 -19.64 -10.67 25.37
CA LEU A 550 -20.05 -12.03 25.06
C LEU A 550 -20.75 -12.68 26.25
N VAL A 551 -20.24 -12.45 27.46
CA VAL A 551 -20.92 -12.95 28.65
C VAL A 551 -22.30 -12.31 28.75
N ASP A 552 -22.38 -11.01 28.54
CA ASP A 552 -23.66 -10.31 28.58
C ASP A 552 -24.62 -10.87 27.54
N LEU A 553 -24.13 -11.13 26.32
CA LEU A 553 -24.98 -11.63 25.25
C LEU A 553 -25.47 -13.03 25.55
N THR A 554 -24.62 -13.88 26.10
CA THR A 554 -25.06 -15.22 26.48
C THR A 554 -26.15 -15.15 27.55
N ARG A 555 -25.94 -14.31 28.56
CA ARG A 555 -26.95 -14.16 29.60
C ARG A 555 -28.25 -13.61 29.04
N LEU A 556 -28.16 -12.66 28.11
CA LEU A 556 -29.35 -12.07 27.50
C LEU A 556 -30.11 -13.09 26.67
N LEU A 557 -29.38 -13.87 25.87
CA LEU A 557 -30.02 -14.95 25.10
C LEU A 557 -30.75 -15.91 26.03
N ALA A 558 -30.07 -16.36 27.10
CA ALA A 558 -30.69 -17.30 28.01
C ALA A 558 -31.91 -16.71 28.69
N TYR A 559 -31.82 -15.45 29.13
CA TYR A 559 -32.92 -14.83 29.83
C TYR A 559 -34.13 -14.65 28.91
N ASN A 560 -33.90 -14.14 27.70
CA ASN A 560 -35.00 -14.00 26.76
C ASN A 560 -35.62 -15.34 26.43
N TYR A 561 -34.77 -16.37 26.25
CA TYR A 561 -35.27 -17.70 25.95
C TYR A 561 -36.19 -18.22 27.06
N GLU A 562 -35.73 -18.15 28.30
CA GLU A 562 -36.55 -18.68 29.39
C GLU A 562 -37.80 -17.84 29.63
N THR A 563 -37.69 -16.52 29.47
CA THR A 563 -38.86 -15.66 29.67
C THR A 563 -39.93 -15.95 28.63
N LEU A 564 -39.55 -16.13 27.37
CA LEU A 564 -40.52 -16.48 26.35
C LEU A 564 -40.95 -17.94 26.46
N MET A 565 -40.11 -18.78 27.08
CA MET A 565 -40.46 -20.18 27.29
C MET A 565 -41.54 -20.32 28.35
N ALA A 566 -41.57 -19.41 29.32
CA ALA A 566 -42.63 -19.41 30.30
C ALA A 566 -44.00 -19.23 29.66
N CYS A 567 -44.07 -18.68 28.45
CA CYS A 567 -45.32 -18.38 27.78
C CYS A 567 -45.80 -19.52 26.88
N ILE A 568 -45.06 -20.62 26.79
CA ILE A 568 -45.43 -21.74 25.94
C ILE A 568 -46.33 -22.68 26.73
N THR A 569 -47.44 -23.10 26.10
CA THR A 569 -48.42 -23.95 26.76
C THR A 569 -48.36 -25.40 26.30
N MET A 570 -47.76 -25.68 25.14
CA MET A 570 -47.64 -27.03 24.63
C MET A 570 -46.22 -27.55 24.86
N ASN A 571 -46.10 -28.87 25.03
CA ASN A 571 -44.84 -29.47 25.40
C ASN A 571 -43.76 -29.17 24.38
N MET A 572 -42.59 -28.76 24.86
CA MET A 572 -41.42 -28.53 24.01
C MET A 572 -40.76 -29.87 23.74
N GLN A 573 -41.17 -30.52 22.66
CA GLN A 573 -40.64 -31.82 22.28
C GLN A 573 -39.39 -31.63 21.43
N HIS A 574 -38.28 -32.19 21.89
CA HIS A 574 -37.01 -32.08 21.18
C HIS A 574 -36.89 -33.24 20.19
N VAL A 575 -37.15 -32.95 18.93
CA VAL A 575 -36.99 -33.94 17.86
C VAL A 575 -36.54 -33.19 16.61
N GLN A 576 -35.63 -33.80 15.86
CA GLN A 576 -35.16 -33.18 14.63
C GLN A 576 -36.31 -33.04 13.65
N THR A 577 -36.39 -31.88 13.01
CA THR A 577 -37.47 -31.57 12.09
C THR A 577 -37.09 -31.95 10.66
N LEU A 578 -38.11 -32.08 9.81
CA LEU A 578 -37.87 -32.45 8.42
C LEU A 578 -37.01 -31.39 7.73
N THR A 579 -37.38 -30.13 7.87
CA THR A 579 -36.62 -29.00 7.33
C THR A 579 -35.97 -28.23 8.47
N THR A 580 -35.02 -27.39 8.10
CA THR A 580 -34.23 -26.63 9.06
C THR A 580 -34.43 -25.14 8.83
N GLU A 581 -33.91 -24.35 9.76
CA GLU A 581 -33.76 -22.92 9.61
C GLU A 581 -32.28 -22.61 9.43
N LYS A 582 -31.94 -21.96 8.32
CA LYS A 582 -30.55 -21.71 7.98
C LYS A 582 -30.02 -20.56 8.84
N LEU A 583 -28.95 -20.83 9.57
CA LEU A 583 -28.26 -19.84 10.39
C LEU A 583 -26.87 -19.63 9.80
N GLN A 584 -26.58 -18.40 9.36
CA GLN A 584 -25.28 -18.08 8.82
C GLN A 584 -24.34 -17.68 9.95
N LEU A 585 -23.11 -18.20 9.90
CA LEU A 585 -22.13 -17.88 10.94
C LEU A 585 -21.69 -16.43 10.88
N THR A 586 -21.84 -15.78 9.72
CA THR A 586 -21.59 -14.34 9.66
C THR A 586 -22.59 -13.57 10.51
N SER A 587 -23.82 -14.07 10.60
CA SER A 587 -24.79 -13.46 11.51
C SER A 587 -24.36 -13.62 12.96
N VAL A 588 -23.80 -14.78 13.31
CA VAL A 588 -23.28 -14.98 14.67
C VAL A 588 -22.13 -14.02 14.92
N THR A 589 -21.25 -13.85 13.93
CA THR A 589 -20.14 -12.91 14.08
C THR A 589 -20.66 -11.49 14.27
N SER A 590 -21.69 -11.11 13.51
CA SER A 590 -22.26 -9.78 13.67
C SER A 590 -22.85 -9.60 15.06
N LEU A 591 -23.57 -10.61 15.55
CA LEU A 591 -24.14 -10.52 16.89
C LEU A 591 -23.05 -10.39 17.94
N CYS A 592 -21.95 -11.14 17.78
CA CYS A 592 -20.86 -11.06 18.75
C CYS A 592 -20.16 -9.71 18.69
N MET A 593 -19.98 -9.16 17.49
CA MET A 593 -19.18 -7.95 17.31
C MET A 593 -19.97 -6.66 17.49
N LEU A 594 -21.30 -6.71 17.45
CA LEU A 594 -22.11 -5.51 17.47
C LEU A 594 -23.02 -5.38 18.68
N ILE A 595 -23.16 -6.43 19.49
CA ILE A 595 -24.04 -6.35 20.65
C ILE A 595 -23.47 -5.33 21.63
N GLY A 596 -24.32 -4.40 22.06
CA GLY A 596 -23.94 -3.39 23.01
C GLY A 596 -24.24 -3.81 24.44
N ASN A 597 -24.35 -2.82 25.31
CA ASN A 597 -24.68 -3.04 26.72
C ASN A 597 -26.15 -2.77 27.01
N ALA A 598 -26.99 -2.76 25.98
CA ALA A 598 -28.41 -2.49 26.13
C ALA A 598 -29.14 -3.79 26.39
N THR A 599 -29.86 -3.85 27.51
CA THR A 599 -30.65 -5.02 27.87
C THR A 599 -32.01 -4.91 27.20
N VAL A 600 -32.32 -5.87 26.33
CA VAL A 600 -33.64 -5.99 25.71
C VAL A 600 -34.29 -7.23 26.28
N ILE A 601 -35.45 -7.06 26.91
CA ILE A 601 -36.21 -8.18 27.44
C ILE A 601 -37.63 -8.08 26.89
N PRO A 602 -38.34 -9.20 26.81
CA PRO A 602 -39.69 -9.15 26.24
C PRO A 602 -40.58 -8.20 27.02
N SER A 603 -41.36 -7.41 26.29
CA SER A 603 -42.30 -6.51 26.95
C SER A 603 -43.39 -7.34 27.62
N PRO A 604 -43.94 -6.87 28.73
CA PRO A 604 -45.01 -7.64 29.39
C PRO A 604 -46.20 -7.86 28.49
N GLN A 605 -46.56 -6.86 27.68
CA GLN A 605 -47.67 -7.02 26.75
C GLN A 605 -47.30 -7.99 25.63
N THR A 606 -46.03 -7.98 25.20
CA THR A 606 -45.58 -8.98 24.24
C THR A 606 -45.67 -10.38 24.82
N LEU A 607 -45.28 -10.56 26.08
CA LEU A 607 -45.40 -11.86 26.72
C LEU A 607 -46.86 -12.28 26.82
N PHE A 608 -47.74 -11.36 27.20
CA PHE A 608 -49.16 -11.68 27.30
C PHE A 608 -49.72 -12.06 25.93
N HIS A 609 -49.34 -11.34 24.88
CA HIS A 609 -49.82 -11.68 23.55
C HIS A 609 -49.31 -13.03 23.09
N TYR A 610 -48.03 -13.31 23.32
CA TYR A 610 -47.46 -14.61 22.96
C TYR A 610 -48.18 -15.74 23.70
N TYR A 611 -48.40 -15.55 24.99
CA TYR A 611 -49.10 -16.56 25.79
C TYR A 611 -50.52 -16.74 25.31
N ASN A 612 -51.21 -15.65 24.97
CA ASN A 612 -52.58 -15.75 24.49
C ASN A 612 -52.64 -16.47 23.15
N VAL A 613 -51.71 -16.18 22.24
CA VAL A 613 -51.69 -16.87 20.96
C VAL A 613 -51.45 -18.36 21.18
N ASN A 614 -50.51 -18.70 22.06
CA ASN A 614 -50.24 -20.10 22.35
C ASN A 614 -51.47 -20.77 22.96
N VAL A 615 -52.15 -20.08 23.88
CA VAL A 615 -53.34 -20.65 24.51
C VAL A 615 -54.44 -20.86 23.48
N ASN A 616 -54.64 -19.90 22.59
CA ASN A 616 -55.67 -20.04 21.58
C ASN A 616 -55.37 -21.20 20.65
N PHE A 617 -54.10 -21.32 20.22
CA PHE A 617 -53.74 -22.44 19.36
C PHE A 617 -53.93 -23.78 20.08
N HIS A 618 -53.50 -23.86 21.33
CA HIS A 618 -53.65 -25.10 22.10
C HIS A 618 -55.12 -25.46 22.29
N SER A 619 -55.94 -24.48 22.63
CA SER A 619 -57.36 -24.73 22.84
C SER A 619 -58.04 -25.15 21.55
N ASN A 620 -57.70 -24.50 20.43
CA ASN A 620 -58.25 -24.91 19.16
C ASN A 620 -57.84 -26.34 18.83
N TYR A 621 -56.57 -26.67 19.04
CA TYR A 621 -56.10 -28.03 18.82
C TYR A 621 -56.93 -29.03 19.62
N ASN A 622 -57.11 -28.76 20.91
CA ASN A 622 -57.82 -29.71 21.77
C ASN A 622 -59.30 -29.79 21.41
N GLU A 623 -59.93 -28.67 21.09
CA GLU A 623 -61.35 -28.69 20.76
C GLU A 623 -61.61 -29.42 19.45
N ARG A 624 -60.74 -29.22 18.46
CA ARG A 624 -60.91 -29.95 17.22
C ARG A 624 -60.60 -31.44 17.41
N ILE A 625 -59.64 -31.78 18.27
CA ILE A 625 -59.44 -33.17 18.63
C ILE A 625 -60.71 -33.76 19.23
N ASN A 626 -61.33 -33.01 20.13
CA ASN A 626 -62.55 -33.49 20.78
C ASN A 626 -63.67 -33.70 19.77
N ASP A 627 -63.83 -32.76 18.84
CA ASP A 627 -64.87 -32.90 17.83
C ASP A 627 -64.62 -34.14 16.97
N ALA A 628 -63.39 -34.31 16.48
CA ALA A 628 -63.08 -35.46 15.64
C ALA A 628 -63.27 -36.76 16.39
N VAL A 629 -62.80 -36.82 17.64
CA VAL A 629 -62.92 -38.04 18.42
C VAL A 629 -64.39 -38.37 18.66
N ALA A 630 -65.20 -37.37 19.01
CA ALA A 630 -66.61 -37.61 19.23
C ALA A 630 -67.28 -38.15 17.97
N ILE A 631 -67.01 -37.52 16.83
CA ILE A 631 -67.66 -37.98 15.60
C ILE A 631 -67.23 -39.40 15.25
N ILE A 632 -65.92 -39.68 15.35
CA ILE A 632 -65.42 -41.01 15.00
C ILE A 632 -66.02 -42.07 15.91
N THR A 633 -66.01 -41.80 17.22
CA THR A 633 -66.53 -42.78 18.17
C THR A 633 -68.02 -42.99 17.98
N ALA A 634 -68.76 -41.92 17.72
CA ALA A 634 -70.20 -42.06 17.49
C ALA A 634 -70.48 -42.86 16.24
N ALA A 635 -69.73 -42.61 15.16
CA ALA A 635 -69.92 -43.36 13.93
C ALA A 635 -69.60 -44.83 14.14
N ASN A 636 -68.57 -45.14 14.93
CA ASN A 636 -68.25 -46.52 15.23
C ASN A 636 -69.34 -47.18 16.06
N ARG A 637 -69.87 -46.46 17.06
CA ARG A 637 -70.90 -47.03 17.92
C ARG A 637 -72.25 -47.11 17.22
N LEU A 638 -72.46 -46.35 16.14
CA LEU A 638 -73.67 -46.42 15.34
C LEU A 638 -73.54 -47.38 14.18
N ASN A 639 -72.42 -48.10 14.07
CA ASN A 639 -72.24 -49.11 13.05
C ASN A 639 -72.45 -48.55 11.64
N LEU A 640 -71.73 -47.46 11.35
CA LEU A 640 -71.78 -46.85 10.02
C LEU A 640 -70.61 -47.38 9.20
N TYR A 641 -70.74 -48.66 8.83
CA TYR A 641 -69.67 -49.40 8.18
C TYR A 641 -69.40 -48.94 6.75
N GLN A 642 -70.33 -48.23 6.12
CA GLN A 642 -70.11 -47.68 4.78
C GLN A 642 -69.54 -46.28 4.81
N LYS A 643 -69.26 -45.73 6.00
CA LYS A 643 -68.78 -44.37 6.12
C LYS A 643 -67.25 -44.34 6.08
N LYS A 644 -66.70 -43.52 5.21
CA LYS A 644 -65.27 -43.27 5.15
C LYS A 644 -64.97 -42.03 5.98
N MET A 645 -64.09 -42.17 6.97
CA MET A 645 -63.84 -41.11 7.94
C MET A 645 -62.77 -40.13 7.49
N LYS A 646 -62.40 -40.15 6.21
CA LYS A 646 -61.40 -39.19 5.72
C LYS A 646 -61.91 -37.77 5.85
N SER A 647 -63.22 -37.57 5.64
CA SER A 647 -63.78 -36.22 5.71
C SER A 647 -63.63 -35.63 7.11
N ILE A 648 -63.79 -36.47 8.14
CA ILE A 648 -63.66 -35.99 9.51
C ILE A 648 -62.25 -35.46 9.76
N VAL A 649 -61.25 -36.22 9.32
CA VAL A 649 -59.86 -35.81 9.51
C VAL A 649 -59.54 -34.58 8.66
N GLU A 650 -60.10 -34.50 7.46
CA GLU A 650 -59.91 -33.32 6.64
C GLU A 650 -60.45 -32.08 7.33
N ASP A 651 -61.65 -32.19 7.90
CA ASP A 651 -62.22 -31.06 8.63
C ASP A 651 -61.36 -30.70 9.83
N PHE A 652 -60.87 -31.72 10.55
CA PHE A 652 -60.00 -31.49 11.70
C PHE A 652 -58.76 -30.70 11.30
N LEU A 653 -58.07 -31.17 10.24
CA LEU A 653 -56.84 -30.51 9.82
C LEU A 653 -57.12 -29.11 9.27
N LYS A 654 -58.24 -28.94 8.56
CA LYS A 654 -58.57 -27.63 8.04
C LYS A 654 -58.87 -26.65 9.16
N ARG A 655 -59.53 -27.12 10.23
CA ARG A 655 -59.81 -26.25 11.35
C ARG A 655 -58.59 -25.99 12.21
N LEU A 656 -57.56 -26.83 12.12
CA LEU A 656 -56.29 -26.50 12.78
C LEU A 656 -55.67 -25.25 12.18
N GLN A 657 -55.92 -24.98 10.90
CA GLN A 657 -55.66 -23.71 10.24
C GLN A 657 -54.18 -23.38 10.09
N ILE A 658 -53.29 -24.38 10.14
CA ILE A 658 -51.88 -24.16 9.86
C ILE A 658 -51.36 -25.19 8.86
N PHE A 659 -52.20 -26.15 8.49
CA PHE A 659 -51.84 -27.17 7.51
C PHE A 659 -52.59 -26.93 6.22
N ASP A 660 -51.89 -27.14 5.09
CA ASP A 660 -52.51 -27.14 3.78
C ASP A 660 -52.84 -28.59 3.42
N ILE A 661 -54.13 -28.93 3.47
CA ILE A 661 -54.53 -30.32 3.32
C ILE A 661 -54.21 -30.87 1.93
N SER A 662 -53.97 -29.99 0.95
CA SER A 662 -53.59 -30.46 -0.37
C SER A 662 -52.27 -31.22 -0.35
N ARG A 663 -51.45 -31.02 0.67
CA ARG A 663 -50.18 -31.71 0.82
C ARG A 663 -50.25 -32.89 1.78
N VAL A 664 -51.43 -33.20 2.32
CA VAL A 664 -51.61 -34.28 3.28
C VAL A 664 -52.23 -35.46 2.53
N PRO A 665 -51.52 -36.57 2.33
CA PRO A 665 -52.12 -37.72 1.66
C PRO A 665 -53.13 -38.44 2.56
N ASP A 666 -53.83 -39.39 1.97
CA ASP A 666 -54.94 -40.05 2.64
C ASP A 666 -54.45 -41.01 3.72
N ASP A 667 -53.30 -41.66 3.50
CA ASP A 667 -52.78 -42.58 4.49
C ASP A 667 -52.44 -41.86 5.79
N GLN A 668 -51.86 -40.66 5.69
CA GLN A 668 -51.59 -39.89 6.90
C GLN A 668 -52.87 -39.52 7.63
N MET A 669 -53.91 -39.16 6.88
CA MET A 669 -55.19 -38.83 7.50
C MET A 669 -55.79 -40.04 8.20
N TYR A 670 -55.63 -41.23 7.61
CA TYR A 670 -56.18 -42.42 8.25
C TYR A 670 -55.35 -42.84 9.46
N ARG A 671 -54.04 -42.56 9.44
CA ARG A 671 -53.24 -42.73 10.65
C ARG A 671 -53.71 -41.79 11.75
N LEU A 672 -54.03 -40.54 11.38
CA LEU A 672 -54.59 -39.61 12.35
C LEU A 672 -55.92 -40.13 12.89
N ARG A 673 -56.74 -40.71 12.01
CA ARG A 673 -58.00 -41.31 12.45
C ARG A 673 -57.74 -42.43 13.45
N ASP A 674 -56.76 -43.28 13.17
CA ASP A 674 -56.44 -44.38 14.07
C ASP A 674 -56.00 -43.86 15.43
N ARG A 675 -55.19 -42.80 15.44
CA ARG A 675 -54.73 -42.25 16.71
C ARG A 675 -55.87 -41.57 17.47
N LEU A 676 -56.76 -40.88 16.75
CA LEU A 676 -57.91 -40.26 17.39
C LEU A 676 -58.88 -41.30 17.95
N ARG A 677 -58.96 -42.46 17.29
CA ARG A 677 -59.93 -43.49 17.69
C ARG A 677 -59.60 -44.09 19.05
N LEU A 678 -58.36 -43.98 19.51
CA LEU A 678 -57.96 -44.53 20.80
C LEU A 678 -58.08 -43.53 21.93
N LEU A 679 -58.59 -42.33 21.67
CA LEU A 679 -58.71 -41.33 22.72
C LEU A 679 -60.11 -41.34 23.32
N PRO A 680 -60.26 -41.13 24.63
CA PRO A 680 -61.61 -41.08 25.20
C PRO A 680 -62.34 -39.84 24.75
N VAL A 681 -63.67 -39.94 24.73
CA VAL A 681 -64.51 -38.83 24.33
C VAL A 681 -64.67 -37.86 25.49
N GLU A 682 -64.79 -36.58 25.16
CA GLU A 682 -64.96 -35.56 26.19
C GLU A 682 -66.26 -35.80 26.95
N ILE A 683 -66.27 -35.39 28.22
CA ILE A 683 -67.34 -35.80 29.13
C ILE A 683 -68.69 -35.29 28.64
N ARG A 684 -68.76 -34.02 28.24
CA ARG A 684 -70.03 -33.45 27.79
C ARG A 684 -70.51 -34.12 26.51
N ARG A 685 -69.62 -34.25 25.53
CA ARG A 685 -69.99 -34.91 24.28
C ARG A 685 -70.35 -36.36 24.51
N LEU A 686 -69.60 -37.05 25.37
CA LEU A 686 -69.89 -38.46 25.66
C LEU A 686 -71.25 -38.62 26.30
N ASP A 687 -71.60 -37.73 27.23
CA ASP A 687 -72.90 -37.83 27.89
C ASP A 687 -74.03 -37.50 26.94
N ILE A 688 -73.83 -36.52 26.06
CA ILE A 688 -74.85 -36.22 25.04
C ILE A 688 -75.05 -37.44 24.14
N PHE A 689 -73.96 -38.08 23.72
CA PHE A 689 -74.09 -39.26 22.89
C PHE A 689 -74.75 -40.42 23.64
N ASN A 690 -74.49 -40.54 24.95
CA ASN A 690 -75.16 -41.55 25.74
C ASN A 690 -76.67 -41.31 25.77
N LEU A 691 -77.08 -40.05 25.96
CA LEU A 691 -78.49 -39.72 25.90
C LEU A 691 -79.09 -40.09 24.55
N ILE A 692 -78.38 -39.76 23.47
CA ILE A 692 -78.90 -40.06 22.13
C ILE A 692 -79.01 -41.56 21.92
N LEU A 693 -78.00 -42.32 22.35
CA LEU A 693 -78.07 -43.77 22.24
C LEU A 693 -79.25 -44.32 23.02
N MET A 694 -79.47 -43.80 24.23
CA MET A 694 -80.57 -44.28 25.05
C MET A 694 -81.91 -43.99 24.42
N ASN A 695 -82.07 -42.82 23.80
CA ASN A 695 -83.37 -42.34 23.36
C ASN A 695 -83.60 -42.45 21.85
N MET A 696 -82.66 -43.00 21.09
CA MET A 696 -82.83 -43.05 19.65
C MET A 696 -83.94 -44.00 19.23
N GLU A 697 -84.10 -45.13 19.94
CA GLU A 697 -85.22 -46.02 19.63
C GLU A 697 -86.55 -45.32 19.81
N GLN A 698 -86.69 -44.59 20.92
CA GLN A 698 -87.93 -43.86 21.19
C GLN A 698 -88.15 -42.77 20.14
N ILE A 699 -87.09 -42.06 19.76
CA ILE A 699 -87.21 -41.00 18.76
C ILE A 699 -87.63 -41.57 17.42
N GLU A 700 -87.00 -42.69 17.02
CA GLU A 700 -87.33 -43.31 15.74
C GLU A 700 -88.76 -43.83 15.73
N ARG A 701 -89.19 -44.48 16.82
CA ARG A 701 -90.53 -45.04 16.84
C ARG A 701 -91.61 -43.97 16.93
N ALA A 702 -91.25 -42.72 17.23
CA ALA A 702 -92.21 -41.63 17.19
C ALA A 702 -92.51 -41.17 15.77
N SER A 703 -91.69 -41.56 14.80
CA SER A 703 -91.88 -41.10 13.43
C SER A 703 -93.18 -41.64 12.85
N ASP A 704 -93.87 -40.78 12.09
CA ASP A 704 -95.03 -41.18 11.31
C ASP A 704 -94.68 -41.48 9.86
N LYS A 705 -93.42 -41.30 9.48
CA LYS A 705 -92.99 -41.52 8.10
C LYS A 705 -92.50 -42.94 7.86
N ILE A 706 -92.02 -43.63 8.90
CA ILE A 706 -91.47 -44.97 8.75
C ILE A 706 -92.11 -45.89 9.78
N ALA A 707 -92.11 -47.17 9.46
CA ALA A 707 -92.50 -48.24 10.37
C ALA A 707 -91.27 -49.08 10.69
N GLN A 708 -91.32 -49.74 11.84
CA GLN A 708 -90.19 -50.55 12.27
C GLN A 708 -90.15 -51.91 11.60
N GLY A 709 -91.24 -52.34 10.98
CA GLY A 709 -91.19 -53.56 10.20
C GLY A 709 -92.56 -53.93 9.69
N VAL A 710 -92.64 -55.12 9.10
CA VAL A 710 -93.91 -55.68 8.66
C VAL A 710 -93.93 -57.17 8.98
N ILE A 711 -94.98 -57.62 9.67
CA ILE A 711 -95.20 -59.02 9.98
C ILE A 711 -96.13 -59.58 8.90
N ILE A 712 -95.63 -60.53 8.13
CA ILE A 712 -96.42 -61.25 7.14
C ILE A 712 -96.79 -62.57 7.81
N ALA A 713 -97.97 -62.60 8.42
CA ALA A 713 -98.61 -63.82 8.84
C ALA A 713 -99.62 -64.23 7.77
N TYR A 714 -100.10 -65.46 7.87
CA TYR A 714 -101.08 -65.98 6.92
C TYR A 714 -102.30 -66.50 7.66
N ARG A 715 -102.65 -65.84 8.75
CA ARG A 715 -103.85 -66.12 9.52
C ARG A 715 -104.53 -64.79 9.83
N ASP A 716 -105.82 -64.87 10.14
CA ASP A 716 -106.62 -63.68 10.42
C ASP A 716 -106.30 -63.20 11.83
N MET A 717 -105.66 -62.05 11.93
CA MET A 717 -105.36 -61.41 13.21
C MET A 717 -106.21 -60.16 13.34
N GLN A 718 -106.93 -60.05 14.45
CA GLN A 718 -107.81 -58.91 14.66
C GLN A 718 -107.02 -57.62 14.70
N LEU A 719 -107.54 -56.59 14.04
CA LEU A 719 -106.93 -55.27 14.15
C LEU A 719 -107.04 -54.77 15.58
N GLU A 720 -105.99 -54.08 16.02
CA GLU A 720 -105.91 -53.59 17.39
C GLU A 720 -106.69 -52.30 17.55
N ARG A 721 -107.27 -52.14 18.74
CA ARG A 721 -107.97 -50.92 19.10
C ARG A 721 -106.98 -49.94 19.72
N ASP A 722 -106.83 -48.77 19.10
CA ASP A 722 -105.96 -47.73 19.62
C ASP A 722 -106.64 -46.39 19.36
N GLU A 723 -106.91 -45.64 20.44
CA GLU A 723 -107.86 -44.53 20.35
C GLU A 723 -107.49 -43.53 19.26
N MET A 724 -106.21 -43.36 18.97
CA MET A 724 -105.81 -42.40 17.95
C MET A 724 -105.89 -42.96 16.53
N TYR A 725 -106.27 -44.23 16.38
CA TYR A 725 -106.42 -44.86 15.08
C TYR A 725 -107.79 -45.47 14.83
N GLY A 726 -108.50 -45.86 15.88
CA GLY A 726 -109.60 -46.78 15.71
C GLY A 726 -109.07 -48.20 15.67
N TYR A 727 -109.43 -48.93 14.63
CA TYR A 727 -108.86 -50.24 14.35
C TYR A 727 -107.64 -50.06 13.46
N VAL A 728 -106.52 -50.65 13.87
CA VAL A 728 -105.26 -50.50 13.14
C VAL A 728 -104.49 -51.81 13.24
N ASN A 729 -103.94 -52.26 12.11
CA ASN A 729 -103.17 -53.50 12.06
C ASN A 729 -101.72 -53.26 12.48
N ILE A 730 -101.56 -52.79 13.71
CA ILE A 730 -100.25 -52.49 14.27
C ILE A 730 -99.80 -53.66 15.14
N ALA A 731 -98.52 -53.97 15.07
CA ALA A 731 -97.89 -54.96 15.95
C ALA A 731 -96.98 -54.22 16.92
N ARG A 732 -97.22 -54.41 18.21
CA ARG A 732 -96.38 -53.76 19.22
C ARG A 732 -95.02 -54.43 19.34
N ASN A 733 -94.91 -55.71 19.01
CA ASN A 733 -93.65 -56.42 19.09
C ASN A 733 -93.65 -57.54 18.07
N LEU A 734 -92.44 -58.00 17.74
CA LEU A 734 -92.25 -59.12 16.80
C LEU A 734 -92.11 -60.44 17.54
N ASP A 735 -93.06 -60.77 18.40
CA ASP A 735 -93.00 -61.99 19.18
C ASP A 735 -93.69 -63.12 18.43
N GLY A 736 -93.04 -64.29 18.39
CA GLY A 736 -93.60 -65.43 17.70
C GLY A 736 -93.46 -65.38 16.20
N PHE A 737 -92.45 -64.68 15.68
CA PHE A 737 -92.23 -64.56 14.25
C PHE A 737 -90.74 -64.58 13.96
N GLN A 738 -90.36 -65.34 12.95
CA GLN A 738 -88.98 -65.31 12.48
C GLN A 738 -88.71 -63.97 11.80
N GLN A 739 -87.53 -63.41 12.07
CA GLN A 739 -87.17 -62.07 11.63
C GLN A 739 -86.13 -62.14 10.52
N ILE A 740 -86.41 -61.44 9.42
CA ILE A 740 -85.44 -61.22 8.35
C ILE A 740 -85.01 -59.76 8.43
N ASN A 741 -83.72 -59.53 8.63
CA ASN A 741 -83.17 -58.19 8.69
C ASN A 741 -83.09 -57.62 7.28
N LEU A 742 -83.83 -56.55 7.02
CA LEU A 742 -83.84 -55.96 5.69
C LEU A 742 -82.53 -55.29 5.33
N GLU A 743 -81.86 -54.70 6.33
CA GLU A 743 -80.56 -54.08 6.06
C GLU A 743 -79.55 -55.11 5.59
N GLU A 744 -79.50 -56.27 6.27
CA GLU A 744 -78.59 -57.32 5.85
C GLU A 744 -78.96 -57.85 4.47
N LEU A 745 -80.26 -57.98 4.19
CA LEU A 745 -80.69 -58.45 2.89
C LEU A 745 -80.26 -57.49 1.78
N MET A 746 -80.41 -56.18 2.02
CA MET A 746 -79.99 -55.21 1.03
C MET A 746 -78.48 -55.16 0.87
N ARG A 747 -77.74 -55.36 1.97
CA ARG A 747 -76.29 -55.32 1.90
C ARG A 747 -75.73 -56.53 1.16
N THR A 748 -76.25 -57.72 1.45
CA THR A 748 -75.73 -58.94 0.86
C THR A 748 -76.36 -59.26 -0.49
N GLY A 749 -77.60 -58.86 -0.71
CA GLY A 749 -78.25 -59.10 -1.98
C GLY A 749 -78.72 -60.52 -2.21
N ASP A 750 -78.65 -61.37 -1.19
CA ASP A 750 -79.08 -62.76 -1.30
C ASP A 750 -80.56 -62.84 -0.91
N TYR A 751 -81.42 -63.05 -1.89
CA TYR A 751 -82.86 -63.08 -1.69
C TYR A 751 -83.41 -64.50 -1.68
N ALA A 752 -82.56 -65.50 -1.49
CA ALA A 752 -83.01 -66.89 -1.49
C ALA A 752 -83.96 -67.16 -0.34
N GLN A 753 -83.60 -66.72 0.87
CA GLN A 753 -84.41 -67.01 2.05
C GLN A 753 -85.77 -66.32 1.97
N ILE A 754 -85.77 -65.03 1.66
CA ILE A 754 -87.03 -64.28 1.63
C ILE A 754 -87.90 -64.78 0.48
N THR A 755 -87.29 -65.10 -0.66
CA THR A 755 -88.05 -65.65 -1.77
C THR A 755 -88.69 -66.98 -1.40
N ASN A 756 -87.93 -67.85 -0.74
CA ASN A 756 -88.46 -69.14 -0.32
C ASN A 756 -89.62 -68.95 0.67
N MET A 757 -89.46 -68.03 1.62
CA MET A 757 -90.51 -67.81 2.60
C MET A 757 -91.75 -67.20 1.97
N LEU A 758 -91.57 -66.33 0.98
CA LEU A 758 -92.73 -65.70 0.34
C LEU A 758 -93.45 -66.67 -0.58
N LEU A 759 -92.71 -67.54 -1.26
CA LEU A 759 -93.34 -68.51 -2.15
C LEU A 759 -94.04 -69.61 -1.37
N ASN A 760 -93.54 -69.96 -0.19
CA ASN A 760 -94.08 -71.04 0.61
C ASN A 760 -95.08 -70.56 1.65
N ASN A 761 -95.40 -69.26 1.68
CA ASN A 761 -96.37 -68.70 2.62
C ASN A 761 -95.96 -69.00 4.07
N GLN A 762 -94.67 -68.86 4.36
CA GLN A 762 -94.17 -69.11 5.70
C GLN A 762 -94.20 -67.82 6.51
N PRO A 763 -94.90 -67.76 7.65
CA PRO A 763 -94.99 -66.50 8.38
C PRO A 763 -93.62 -65.98 8.76
N VAL A 764 -93.43 -64.67 8.60
CA VAL A 764 -92.13 -64.03 8.81
C VAL A 764 -92.37 -62.59 9.27
N ALA A 765 -91.30 -61.93 9.69
CA ALA A 765 -91.31 -60.51 10.01
C ALA A 765 -90.12 -59.85 9.33
N LEU A 766 -90.37 -58.98 8.37
CA LEU A 766 -89.32 -58.21 7.72
C LEU A 766 -89.04 -56.98 8.57
N VAL A 767 -87.84 -56.90 9.13
CA VAL A 767 -87.50 -55.90 10.14
C VAL A 767 -86.61 -54.85 9.52
N GLY A 768 -86.97 -53.59 9.69
CA GLY A 768 -86.19 -52.48 9.18
C GLY A 768 -87.07 -51.29 8.93
N ALA A 769 -86.45 -50.11 8.99
CA ALA A 769 -87.18 -48.87 8.73
C ALA A 769 -87.77 -48.90 7.33
N LEU A 770 -89.10 -48.90 7.27
CA LEU A 770 -89.84 -48.99 6.02
C LEU A 770 -90.86 -47.87 5.95
N PRO A 771 -91.13 -47.35 4.75
CA PRO A 771 -92.31 -46.50 4.58
C PRO A 771 -93.56 -47.36 4.41
N PHE A 772 -94.70 -46.79 4.79
CA PHE A 772 -95.96 -47.52 4.72
C PHE A 772 -97.04 -46.62 4.14
N ILE A 773 -98.04 -47.26 3.54
CA ILE A 773 -99.21 -46.57 3.01
C ILE A 773 -100.32 -46.66 4.04
N THR A 774 -100.85 -45.52 4.45
CA THR A 774 -101.99 -45.47 5.37
C THR A 774 -103.27 -45.50 4.54
N ASP A 775 -103.98 -46.63 4.59
CA ASP A 775 -105.20 -46.83 3.83
C ASP A 775 -106.36 -46.97 4.82
N SER A 776 -107.32 -46.07 4.73
CA SER A 776 -108.46 -46.04 5.64
C SER A 776 -109.70 -46.70 5.07
N SER A 777 -109.58 -47.40 3.94
CA SER A 777 -110.73 -47.99 3.26
C SER A 777 -111.01 -49.37 3.84
N VAL A 778 -112.25 -49.58 4.29
CA VAL A 778 -112.65 -50.89 4.78
C VAL A 778 -112.71 -51.89 3.64
N ILE A 779 -113.14 -51.45 2.45
CA ILE A 779 -113.20 -52.34 1.30
C ILE A 779 -111.80 -52.81 0.93
N SER A 780 -110.81 -51.94 1.06
CA SER A 780 -109.43 -52.35 0.80
C SER A 780 -109.00 -53.44 1.77
N LEU A 781 -109.36 -53.31 3.04
CA LEU A 781 -109.02 -54.34 4.02
C LEU A 781 -109.73 -55.66 3.71
N VAL A 782 -111.01 -55.60 3.33
CA VAL A 782 -111.73 -56.82 2.99
C VAL A 782 -111.12 -57.47 1.76
N ALA A 783 -110.65 -56.65 0.82
CA ALA A 783 -109.99 -57.16 -0.38
C ALA A 783 -108.60 -57.71 -0.11
N LYS A 784 -108.05 -57.49 1.10
CA LYS A 784 -106.78 -58.08 1.50
C LYS A 784 -105.62 -57.53 0.66
N LEU A 785 -105.64 -56.21 0.45
CA LEU A 785 -104.60 -55.58 -0.35
C LEU A 785 -103.24 -55.60 0.35
N ASP A 786 -103.24 -55.58 1.69
CA ASP A 786 -101.98 -55.56 2.42
C ASP A 786 -101.14 -56.80 2.11
N ALA A 787 -101.79 -57.91 1.78
CA ALA A 787 -101.09 -59.14 1.47
C ALA A 787 -100.56 -59.19 0.04
N THR A 788 -100.84 -58.17 -0.77
CA THR A 788 -100.46 -58.18 -2.17
C THR A 788 -99.19 -57.38 -2.46
N VAL A 789 -98.53 -56.84 -1.43
CA VAL A 789 -97.44 -55.89 -1.62
C VAL A 789 -96.07 -56.53 -1.49
N PHE A 790 -96.00 -57.87 -1.45
CA PHE A 790 -94.73 -58.57 -1.26
C PHE A 790 -94.31 -59.38 -2.47
N ALA A 791 -95.17 -59.53 -3.48
CA ALA A 791 -94.78 -60.29 -4.67
C ALA A 791 -93.68 -59.59 -5.45
N GLN A 792 -93.64 -58.25 -5.40
CA GLN A 792 -92.59 -57.52 -6.11
C GLN A 792 -91.20 -57.85 -5.58
N ILE A 793 -91.09 -58.29 -4.32
CA ILE A 793 -89.79 -58.69 -3.80
C ILE A 793 -89.28 -59.91 -4.56
N VAL A 794 -90.15 -60.89 -4.80
CA VAL A 794 -89.76 -62.06 -5.58
C VAL A 794 -89.55 -61.67 -7.04
N LYS A 795 -90.38 -60.76 -7.56
CA LYS A 795 -90.28 -60.39 -8.96
C LYS A 795 -88.97 -59.70 -9.29
N LEU A 796 -88.57 -58.73 -8.46
CA LEU A 796 -87.43 -57.87 -8.75
C LEU A 796 -86.26 -58.06 -7.80
N ARG A 797 -86.43 -58.80 -6.71
CA ARG A 797 -85.36 -58.99 -5.72
C ARG A 797 -84.87 -57.65 -5.19
N LYS A 798 -85.81 -56.76 -4.87
CA LYS A 798 -85.52 -55.50 -4.22
C LYS A 798 -86.51 -55.32 -3.08
N VAL A 799 -86.02 -54.82 -1.94
CA VAL A 799 -86.86 -54.54 -0.79
C VAL A 799 -86.93 -53.06 -0.46
N ASP A 800 -86.15 -52.22 -1.14
CA ASP A 800 -86.26 -50.78 -0.93
C ASP A 800 -87.59 -50.23 -1.43
N THR A 801 -88.22 -50.88 -2.40
CA THR A 801 -89.54 -50.49 -2.88
C THR A 801 -90.66 -50.99 -1.98
N LEU A 802 -90.37 -51.91 -1.07
CA LEU A 802 -91.39 -52.46 -0.19
C LEU A 802 -92.06 -51.35 0.61
N LYS A 803 -93.40 -51.36 0.62
CA LYS A 803 -94.18 -50.34 1.30
C LYS A 803 -95.43 -51.00 1.89
N PRO A 804 -95.34 -51.52 3.11
CA PRO A 804 -96.50 -52.20 3.70
C PRO A 804 -97.68 -51.26 3.89
N ILE A 805 -98.87 -51.86 3.90
CA ILE A 805 -100.11 -51.11 4.07
C ILE A 805 -100.47 -51.06 5.56
N LEU A 806 -100.75 -49.87 6.06
CA LEU A 806 -101.25 -49.66 7.41
C LEU A 806 -102.72 -49.30 7.32
N TYR A 807 -103.58 -50.14 7.88
CA TYR A 807 -105.01 -49.88 7.89
C TYR A 807 -105.38 -49.01 9.08
N LYS A 808 -106.23 -48.02 8.83
CA LYS A 808 -106.71 -47.09 9.85
C LYS A 808 -108.23 -47.00 9.69
N ILE A 809 -108.94 -47.89 10.36
CA ILE A 809 -110.38 -48.07 10.17
C ILE A 809 -111.11 -47.42 11.33
N ASN A 810 -111.93 -46.43 11.03
CA ASN A 810 -112.73 -45.73 12.03
C ASN A 810 -113.87 -45.02 11.30
N SER A 811 -114.65 -44.23 12.05
CA SER A 811 -115.84 -43.62 11.48
C SER A 811 -115.53 -42.67 10.33
N ASP A 812 -114.29 -42.20 10.23
CA ASP A 812 -113.93 -41.35 9.11
C ASP A 812 -113.81 -42.11 7.80
N SER A 813 -113.75 -43.45 7.87
CA SER A 813 -113.71 -44.26 6.66
C SER A 813 -115.03 -44.16 5.92
N ASN A 814 -114.95 -44.21 4.59
CA ASN A 814 -116.15 -44.04 3.77
C ASN A 814 -117.14 -45.18 3.98
N ASP A 815 -116.65 -46.41 4.19
CA ASP A 815 -117.48 -47.59 4.31
C ASP A 815 -117.41 -48.17 5.72
N PHE A 816 -117.39 -47.29 6.72
CA PHE A 816 -117.32 -47.76 8.11
C PHE A 816 -118.62 -48.41 8.56
N TYR A 817 -119.71 -48.22 7.83
CA TYR A 817 -120.98 -48.84 8.22
C TYR A 817 -120.85 -50.35 8.34
N LEU A 818 -120.00 -50.97 7.51
CA LEU A 818 -119.76 -52.40 7.62
C LEU A 818 -119.35 -52.78 9.03
N VAL A 819 -118.45 -52.00 9.63
CA VAL A 819 -118.05 -52.27 11.01
C VAL A 819 -119.23 -52.08 11.95
N ALA A 820 -120.01 -51.03 11.74
CA ALA A 820 -121.09 -50.71 12.67
C ALA A 820 -122.27 -51.65 12.53
N ASN A 821 -122.64 -52.01 11.30
CA ASN A 821 -123.87 -52.71 11.02
C ASN A 821 -123.73 -54.23 11.01
N TYR A 822 -122.54 -54.76 11.32
CA TYR A 822 -122.34 -56.20 11.29
C TYR A 822 -121.60 -56.73 12.51
N ASP A 823 -121.50 -55.92 13.58
CA ASP A 823 -120.80 -56.28 14.81
C ASP A 823 -119.52 -57.07 14.50
N TRP A 824 -118.72 -56.51 13.60
CA TRP A 824 -117.58 -57.19 13.02
C TRP A 824 -116.31 -56.47 13.42
N VAL A 825 -115.36 -57.20 13.98
CA VAL A 825 -114.05 -56.67 14.34
C VAL A 825 -113.10 -56.94 13.19
N PRO A 826 -112.52 -55.92 12.56
CA PRO A 826 -111.70 -56.16 11.36
C PRO A 826 -110.48 -57.03 11.68
N THR A 827 -110.12 -57.86 10.70
CA THR A 827 -108.96 -58.73 10.79
C THR A 827 -108.10 -58.56 9.54
N SER A 828 -106.80 -58.81 9.69
CA SER A 828 -105.87 -58.71 8.58
C SER A 828 -104.82 -59.81 8.72
N THR A 829 -104.23 -60.19 7.59
CA THR A 829 -103.16 -61.19 7.58
C THR A 829 -101.78 -60.57 7.69
N THR A 830 -101.67 -59.24 7.58
CA THR A 830 -100.40 -58.54 7.69
C THR A 830 -100.51 -57.48 8.77
N LYS A 831 -99.39 -57.22 9.44
CA LYS A 831 -99.32 -56.22 10.50
C LYS A 831 -98.11 -55.32 10.25
N VAL A 832 -98.20 -54.09 10.75
CA VAL A 832 -97.11 -53.13 10.65
C VAL A 832 -96.46 -53.02 12.02
N TYR A 833 -95.21 -53.43 12.12
CA TYR A 833 -94.45 -53.29 13.36
C TYR A 833 -94.15 -51.82 13.56
N LYS A 834 -94.93 -51.20 14.44
CA LYS A 834 -94.90 -49.76 14.68
C LYS A 834 -95.46 -49.50 16.07
N GLN A 835 -95.07 -48.37 16.64
CA GLN A 835 -95.54 -47.95 17.96
C GLN A 835 -96.62 -46.89 17.83
N ILE A 836 -97.39 -46.74 18.90
CA ILE A 836 -98.46 -45.74 18.95
C ILE A 836 -97.94 -44.52 19.71
N PRO A 837 -98.40 -43.31 19.39
CA PRO A 837 -97.85 -42.12 20.06
C PRO A 837 -98.18 -42.09 21.54
N GLN A 838 -97.31 -41.44 22.29
CA GLN A 838 -97.53 -41.27 23.73
C GLN A 838 -98.41 -40.05 23.98
N GLN A 839 -99.36 -40.20 24.89
CA GLN A 839 -100.25 -39.10 25.23
C GLN A 839 -99.46 -37.98 25.89
N PHE A 840 -99.82 -36.75 25.56
CA PHE A 840 -99.21 -35.57 26.18
C PHE A 840 -100.01 -35.23 27.43
N ASP A 841 -99.41 -35.45 28.58
CA ASP A 841 -99.98 -35.05 29.87
C ASP A 841 -99.34 -33.74 30.28
N PHE A 842 -100.16 -32.70 30.41
CA PHE A 842 -99.62 -31.36 30.67
C PHE A 842 -98.91 -31.32 32.02
N ARG A 843 -99.53 -31.89 33.05
CA ARG A 843 -98.93 -31.84 34.39
C ARG A 843 -97.62 -32.61 34.44
N ALA A 844 -97.58 -33.79 33.82
CA ALA A 844 -96.37 -34.62 33.85
C ALA A 844 -95.24 -34.00 33.05
N SER A 845 -95.54 -33.07 32.13
CA SER A 845 -94.53 -32.46 31.28
C SER A 845 -94.00 -31.15 31.83
N MET A 846 -94.47 -30.71 32.99
CA MET A 846 -94.00 -29.46 33.58
C MET A 846 -92.75 -29.72 34.42
N HIS A 847 -91.68 -29.01 34.09
CA HIS A 847 -90.42 -29.09 34.82
C HIS A 847 -89.96 -27.69 35.15
N MET A 848 -89.47 -27.52 36.37
CA MET A 848 -88.94 -26.22 36.81
C MET A 848 -87.46 -26.19 36.48
N LEU A 849 -87.13 -25.55 35.37
CA LEU A 849 -85.73 -25.41 34.96
C LEU A 849 -85.07 -24.34 35.81
N THR A 850 -83.93 -24.67 36.40
CA THR A 850 -83.20 -23.78 37.28
C THR A 850 -81.92 -23.29 36.60
N SER A 851 -81.63 -22.01 36.77
CA SER A 851 -80.39 -21.44 36.27
C SER A 851 -79.97 -20.31 37.19
N ASN A 852 -78.82 -19.72 36.90
CA ASN A 852 -78.41 -18.52 37.61
C ASN A 852 -79.20 -17.34 37.10
N LEU A 853 -79.56 -16.43 38.00
CA LEU A 853 -80.36 -15.28 37.59
C LEU A 853 -79.61 -14.40 36.60
N THR A 854 -78.33 -14.15 36.85
CA THR A 854 -77.56 -13.32 35.94
C THR A 854 -76.08 -13.44 36.27
N PHE A 855 -75.25 -13.37 35.24
CA PHE A 855 -73.82 -13.18 35.42
C PHE A 855 -73.24 -12.63 34.12
N THR A 856 -72.01 -12.13 34.22
CA THR A 856 -71.29 -11.59 33.07
C THR A 856 -70.10 -12.49 32.78
N VAL A 857 -69.92 -12.82 31.50
CA VAL A 857 -68.85 -13.70 31.06
C VAL A 857 -67.77 -12.87 30.39
N TYR A 858 -66.52 -13.17 30.72
CA TYR A 858 -65.37 -12.44 30.21
C TYR A 858 -64.49 -13.38 29.40
N SER A 859 -63.75 -12.82 28.45
CA SER A 859 -62.95 -13.60 27.51
C SER A 859 -61.46 -13.40 27.70
N ASP A 860 -60.98 -12.16 27.65
CA ASP A 860 -59.55 -11.86 27.73
C ASP A 860 -59.25 -11.39 29.16
N LEU A 861 -58.78 -12.32 29.99
CA LEU A 861 -58.46 -11.97 31.38
C LEU A 861 -57.31 -10.98 31.45
N LEU A 862 -56.28 -11.18 30.62
CA LEU A 862 -55.11 -10.31 30.67
C LEU A 862 -55.41 -8.89 30.21
N ALA A 863 -56.58 -8.65 29.61
CA ALA A 863 -56.99 -7.27 29.34
C ALA A 863 -57.19 -6.48 30.62
N PHE A 864 -57.40 -7.16 31.75
CA PHE A 864 -57.56 -6.52 33.04
C PHE A 864 -56.22 -6.28 33.75
N VAL A 865 -55.12 -6.73 33.16
CA VAL A 865 -53.80 -6.64 33.79
C VAL A 865 -52.98 -5.60 33.04
N SER A 866 -52.51 -4.60 33.78
CA SER A 866 -51.58 -3.60 33.26
C SER A 866 -50.19 -3.96 33.77
N ALA A 867 -49.25 -4.13 32.85
CA ALA A 867 -47.93 -4.62 33.20
C ALA A 867 -46.85 -3.71 32.65
N ASP A 868 -45.81 -3.49 33.46
CA ASP A 868 -44.71 -2.62 33.12
C ASP A 868 -43.40 -3.35 33.40
N THR A 869 -42.32 -2.85 32.81
CA THR A 869 -40.98 -3.39 33.03
C THR A 869 -40.16 -2.39 33.84
N VAL A 870 -39.25 -2.94 34.65
CA VAL A 870 -38.27 -2.11 35.36
C VAL A 870 -37.29 -1.58 34.33
N GLU A 871 -36.46 -0.62 34.72
CA GLU A 871 -35.47 -0.08 33.80
C GLU A 871 -34.57 -1.21 33.32
N PRO A 872 -34.34 -1.34 32.01
CA PRO A 872 -33.55 -2.49 31.53
C PRO A 872 -32.15 -2.54 32.11
N ILE A 873 -31.59 -1.39 32.49
CA ILE A 873 -30.26 -1.37 33.09
C ILE A 873 -30.24 -2.18 34.38
N ASN A 874 -31.37 -2.25 35.08
CA ASN A 874 -31.47 -2.93 36.36
C ASN A 874 -32.20 -4.26 36.28
N ALA A 875 -32.54 -4.72 35.08
CA ALA A 875 -33.15 -6.04 34.94
C ALA A 875 -32.16 -7.11 35.35
N VAL A 876 -32.63 -8.09 36.12
CA VAL A 876 -31.78 -9.12 36.70
C VAL A 876 -32.12 -10.46 36.08
N ALA A 877 -31.19 -11.39 36.20
CA ALA A 877 -31.35 -12.75 35.71
C ALA A 877 -31.69 -13.68 36.87
N PHE A 878 -31.71 -14.99 36.59
CA PHE A 878 -32.11 -15.96 37.62
C PHE A 878 -31.17 -15.93 38.81
N ASP A 879 -29.91 -15.54 38.60
CA ASP A 879 -28.92 -15.52 39.67
C ASP A 879 -28.90 -14.20 40.43
N ASN A 880 -29.94 -13.38 40.27
CA ASN A 880 -30.16 -12.13 41.00
C ASN A 880 -29.21 -11.02 40.57
N MET A 881 -28.35 -11.25 39.58
CA MET A 881 -27.48 -10.22 39.05
C MET A 881 -28.04 -9.66 37.76
N ARG A 882 -27.60 -8.47 37.41
CA ARG A 882 -28.09 -7.82 36.19
C ARG A 882 -27.75 -8.66 34.98
N ILE A 883 -28.66 -8.67 34.01
CA ILE A 883 -28.45 -9.46 32.80
C ILE A 883 -27.20 -9.01 32.08
N MET A 884 -27.01 -7.69 31.96
CA MET A 884 -25.85 -7.11 31.31
C MET A 884 -25.15 -6.17 32.28
N ASN A 885 -23.84 -6.32 32.40
CA ASN A 885 -23.05 -5.56 33.38
C ASN A 885 -21.84 -4.88 32.75
N GLU A 886 -21.81 -4.74 31.43
CA GLU A 886 -20.63 -4.25 30.73
C GLU A 886 -20.65 -2.72 30.69
N LEU A 887 -19.60 -2.11 31.21
CA LEU A 887 -19.39 -0.66 31.10
C LEU A 887 -17.98 -0.30 31.59
N PRO B 107 -5.04 -37.98 -34.95
CA PRO B 107 -4.43 -39.32 -34.93
C PRO B 107 -4.85 -40.16 -33.73
N LYS B 108 -5.04 -39.51 -32.57
CA LYS B 108 -5.54 -40.22 -31.40
C LYS B 108 -6.92 -40.82 -31.71
N GLU B 109 -7.82 -40.02 -32.25
CA GLU B 109 -9.12 -40.53 -32.67
C GLU B 109 -8.97 -41.56 -33.78
N SER B 110 -7.98 -41.39 -34.65
CA SER B 110 -7.73 -42.39 -35.68
C SER B 110 -7.32 -43.73 -35.05
N ILE B 111 -6.45 -43.69 -34.05
CA ILE B 111 -6.04 -44.91 -33.36
C ILE B 111 -7.22 -45.56 -32.67
N LEU B 112 -8.05 -44.74 -32.01
CA LEU B 112 -9.21 -45.28 -31.33
C LEU B 112 -10.18 -45.92 -32.32
N LYS B 113 -10.37 -45.28 -33.48
CA LYS B 113 -11.25 -45.85 -34.50
C LYS B 113 -10.68 -47.17 -35.02
N LYS B 114 -9.36 -47.23 -35.22
CA LYS B 114 -8.74 -48.47 -35.69
C LYS B 114 -8.95 -49.60 -34.68
N LEU B 115 -8.80 -49.29 -33.39
CA LEU B 115 -8.88 -50.36 -32.39
C LEU B 115 -10.33 -50.76 -32.10
N GLU B 116 -11.22 -49.78 -31.94
CA GLU B 116 -12.59 -50.04 -31.53
C GLU B 116 -13.47 -50.56 -32.68
N ASP B 117 -13.03 -50.42 -33.93
CA ASP B 117 -13.79 -50.92 -35.06
C ASP B 117 -13.48 -52.37 -35.40
N ILE B 118 -12.61 -53.02 -34.62
CA ILE B 118 -12.30 -54.42 -34.85
C ILE B 118 -13.52 -55.24 -34.47
N LYS B 119 -14.22 -55.78 -35.46
CA LYS B 119 -15.38 -56.60 -35.19
C LYS B 119 -14.95 -57.93 -34.57
N PRO B 120 -15.85 -58.61 -33.85
CA PRO B 120 -15.44 -59.81 -33.11
C PRO B 120 -14.81 -60.88 -34.00
N GLU B 121 -15.58 -61.37 -34.96
CA GLU B 121 -15.12 -62.37 -35.91
C GLU B 121 -16.21 -62.62 -36.93
N GLN B 122 -15.85 -62.93 -38.17
CA GLN B 122 -16.82 -63.23 -39.21
C GLN B 122 -17.19 -64.71 -39.10
N VAL B 123 -18.39 -64.98 -38.61
CA VAL B 123 -18.84 -66.36 -38.46
C VAL B 123 -19.11 -66.95 -39.84
N LYS B 124 -18.69 -68.19 -40.05
CA LYS B 124 -18.81 -68.88 -41.32
C LYS B 124 -19.92 -69.91 -41.24
N LYS B 125 -20.79 -69.91 -42.25
CA LYS B 125 -21.87 -70.88 -42.38
C LYS B 125 -21.71 -71.60 -43.71
N GLN B 126 -21.74 -72.93 -43.68
CA GLN B 126 -21.63 -73.71 -44.89
C GLN B 126 -22.98 -73.71 -45.61
N THR B 127 -22.97 -73.31 -46.89
CA THR B 127 -24.17 -73.31 -47.70
C THR B 127 -24.24 -74.50 -48.64
N LYS B 128 -23.10 -75.11 -48.97
CA LYS B 128 -23.08 -76.31 -49.80
C LYS B 128 -21.89 -77.17 -49.39
N LEU B 129 -21.98 -78.45 -49.71
CA LEU B 129 -20.91 -79.37 -49.36
C LEU B 129 -19.66 -79.08 -50.18
N PHE B 130 -18.51 -79.14 -49.52
CA PHE B 130 -17.25 -78.94 -50.22
C PHE B 130 -16.93 -80.17 -51.06
N ARG B 131 -16.75 -79.96 -52.36
CA ARG B 131 -16.51 -81.04 -53.31
C ARG B 131 -15.29 -80.75 -54.15
N ILE B 132 -14.41 -81.74 -54.26
CA ILE B 132 -13.29 -81.69 -55.20
C ILE B 132 -13.57 -82.55 -56.42
N PHE B 133 -14.49 -83.51 -56.34
CA PHE B 133 -14.79 -84.45 -57.41
C PHE B 133 -16.27 -84.42 -57.73
N GLU B 134 -16.60 -84.88 -58.93
CA GLU B 134 -17.96 -85.06 -59.39
C GLU B 134 -18.04 -86.31 -60.25
N PRO B 135 -19.19 -86.98 -60.29
CA PRO B 135 -19.37 -88.05 -61.27
C PRO B 135 -19.43 -87.48 -62.69
N ARG B 136 -18.96 -88.28 -63.64
CA ARG B 136 -19.02 -87.92 -65.05
C ARG B 136 -19.17 -89.20 -65.87
N GLN B 137 -20.11 -89.18 -66.80
CA GLN B 137 -20.33 -90.34 -67.66
C GLN B 137 -19.35 -90.33 -68.82
N LEU B 138 -18.64 -91.44 -68.98
CA LEU B 138 -17.65 -91.62 -70.02
C LEU B 138 -17.98 -92.86 -70.82
N PRO B 139 -17.67 -92.88 -72.12
CA PRO B 139 -17.80 -94.13 -72.88
C PRO B 139 -16.78 -95.15 -72.41
N VAL B 140 -17.18 -96.41 -72.47
CA VAL B 140 -16.31 -97.53 -72.10
C VAL B 140 -16.11 -98.40 -73.33
N TYR B 141 -15.03 -99.17 -73.31
CA TYR B 141 -14.63 -99.98 -74.45
C TYR B 141 -14.29 -101.39 -73.98
N ARG B 142 -14.49 -102.36 -74.87
CA ARG B 142 -14.21 -103.74 -74.56
C ARG B 142 -12.69 -103.98 -74.54
N ALA B 143 -12.30 -105.21 -74.21
CA ALA B 143 -10.89 -105.53 -74.10
C ALA B 143 -10.17 -105.36 -75.43
N ASN B 144 -10.87 -105.55 -76.54
CA ASN B 144 -10.29 -105.39 -77.86
C ASN B 144 -10.41 -103.97 -78.39
N GLY B 145 -10.97 -103.04 -77.61
CA GLY B 145 -11.11 -101.66 -78.01
C GLY B 145 -12.45 -101.29 -78.61
N GLU B 146 -13.35 -102.26 -78.80
CA GLU B 146 -14.67 -101.95 -79.32
C GLU B 146 -15.48 -101.18 -78.29
N LYS B 147 -16.24 -100.20 -78.76
CA LYS B 147 -17.07 -99.42 -77.86
C LYS B 147 -18.26 -100.24 -77.39
N GLU B 148 -18.55 -100.16 -76.10
CA GLU B 148 -19.75 -100.76 -75.54
C GLU B 148 -20.94 -99.84 -75.73
N LEU B 149 -22.13 -100.42 -75.80
CA LEU B 149 -23.34 -99.62 -75.92
C LEU B 149 -23.63 -98.86 -74.64
N ARG B 150 -23.04 -99.25 -73.52
CA ARG B 150 -23.26 -98.63 -72.23
C ARG B 150 -22.10 -97.72 -71.87
N ASN B 151 -22.40 -96.63 -71.17
CA ASN B 151 -21.38 -95.75 -70.62
C ASN B 151 -21.12 -96.14 -69.17
N ARG B 152 -20.27 -95.36 -68.49
CA ARG B 152 -19.94 -95.66 -67.10
C ARG B 152 -19.55 -94.37 -66.41
N TRP B 153 -19.92 -94.24 -65.15
CA TRP B 153 -19.63 -93.03 -64.39
C TRP B 153 -18.30 -93.17 -63.67
N TYR B 154 -17.52 -92.09 -63.71
CA TYR B 154 -16.20 -92.04 -63.10
C TYR B 154 -16.06 -90.75 -62.30
N TRP B 155 -15.22 -90.80 -61.27
CA TRP B 155 -14.94 -89.62 -60.48
C TRP B 155 -13.92 -88.76 -61.21
N LYS B 156 -14.26 -87.48 -61.40
CA LYS B 156 -13.38 -86.53 -62.08
C LYS B 156 -13.34 -85.25 -61.27
N LEU B 157 -12.20 -84.57 -61.28
CA LEU B 157 -12.09 -83.30 -60.58
C LEU B 157 -13.12 -82.32 -61.11
N LYS B 158 -13.83 -81.65 -60.20
CA LYS B 158 -14.80 -80.64 -60.61
C LYS B 158 -14.13 -79.51 -61.38
N ARG B 159 -13.04 -78.99 -60.85
CA ARG B 159 -12.24 -77.95 -61.49
C ARG B 159 -10.84 -78.52 -61.69
N ASP B 160 -10.58 -79.00 -62.90
CA ASP B 160 -9.28 -79.57 -63.25
C ASP B 160 -8.41 -78.43 -63.75
N THR B 161 -7.58 -77.88 -62.86
CA THR B 161 -6.72 -76.75 -63.18
C THR B 161 -5.33 -76.94 -62.58
N LEU B 162 -4.90 -78.19 -62.42
CA LEU B 162 -3.60 -78.44 -61.85
C LEU B 162 -2.49 -78.04 -62.82
N PRO B 163 -1.46 -77.35 -62.37
CA PRO B 163 -0.43 -76.85 -63.28
C PRO B 163 0.63 -77.91 -63.57
N ASP B 164 1.59 -77.53 -64.40
CA ASP B 164 2.73 -78.38 -64.75
C ASP B 164 3.91 -78.05 -63.86
N GLY B 165 4.67 -79.08 -63.50
CA GLY B 165 5.79 -78.90 -62.60
C GLY B 165 5.43 -79.26 -61.17
N ASP B 166 6.31 -80.01 -60.49
CA ASP B 166 6.01 -80.45 -59.14
C ASP B 166 5.90 -79.28 -58.19
N TYR B 167 6.77 -78.28 -58.33
CA TYR B 167 6.69 -77.11 -57.46
C TYR B 167 5.35 -76.40 -57.64
N ASP B 168 4.90 -76.25 -58.89
CA ASP B 168 3.62 -75.61 -59.13
C ASP B 168 2.47 -76.44 -58.59
N VAL B 169 2.58 -77.77 -58.61
CA VAL B 169 1.54 -78.61 -58.03
C VAL B 169 1.49 -78.42 -56.52
N ARG B 170 2.65 -78.35 -55.86
CA ARG B 170 2.65 -78.12 -54.42
C ARG B 170 2.12 -76.74 -54.08
N GLU B 171 2.42 -75.74 -54.92
CA GLU B 171 1.82 -74.42 -54.73
C GLU B 171 0.31 -74.47 -54.90
N TYR B 172 -0.16 -75.24 -55.89
CA TYR B 172 -1.59 -75.43 -56.06
C TYR B 172 -2.21 -76.02 -54.80
N PHE B 173 -1.52 -76.96 -54.16
CA PHE B 173 -2.07 -77.59 -52.97
C PHE B 173 -2.01 -76.68 -51.75
N LEU B 174 -1.02 -75.79 -51.67
CA LEU B 174 -1.07 -74.74 -50.65
C LEU B 174 -2.28 -73.82 -50.88
N ASN B 175 -2.53 -73.47 -52.14
CA ASN B 175 -3.71 -72.69 -52.47
C ASN B 175 -4.99 -73.43 -52.08
N LEU B 176 -5.03 -74.74 -52.33
CA LEU B 176 -6.18 -75.54 -51.94
C LEU B 176 -6.35 -75.58 -50.43
N TYR B 177 -5.23 -75.63 -49.69
CA TYR B 177 -5.30 -75.55 -48.23
C TYR B 177 -5.92 -74.23 -47.79
N ASP B 178 -5.50 -73.14 -48.42
CA ASP B 178 -6.10 -71.84 -48.11
C ASP B 178 -7.59 -71.84 -48.42
N GLN B 179 -7.97 -72.42 -49.55
CA GLN B 179 -9.39 -72.48 -49.93
C GLN B 179 -10.19 -73.28 -48.92
N VAL B 180 -9.68 -74.43 -48.48
CA VAL B 180 -10.41 -75.27 -47.54
C VAL B 180 -10.52 -74.58 -46.19
N LEU B 181 -9.47 -73.88 -45.78
CA LEU B 181 -9.55 -73.10 -44.55
C LEU B 181 -10.60 -72.01 -44.65
N THR B 182 -10.70 -71.37 -45.83
CA THR B 182 -11.74 -70.37 -46.03
C THR B 182 -13.13 -71.00 -45.97
N GLU B 183 -13.29 -72.19 -46.55
CA GLU B 183 -14.59 -72.84 -46.57
C GLU B 183 -14.93 -73.56 -45.27
N MET B 184 -13.96 -73.74 -44.39
CA MET B 184 -14.23 -74.42 -43.12
C MET B 184 -15.22 -73.58 -42.31
N PRO B 185 -16.38 -74.10 -41.92
CA PRO B 185 -17.37 -73.30 -41.23
C PRO B 185 -17.23 -73.34 -39.71
N ASP B 186 -17.71 -72.28 -39.07
CA ASP B 186 -17.80 -72.29 -37.62
C ASP B 186 -18.85 -73.28 -37.14
N TYR B 187 -19.96 -73.37 -37.86
CA TYR B 187 -21.01 -74.34 -37.57
C TYR B 187 -21.78 -74.58 -38.86
N LEU B 188 -22.74 -75.49 -38.81
CA LEU B 188 -23.56 -75.74 -39.98
C LEU B 188 -24.81 -76.52 -39.57
N LEU B 189 -25.93 -76.19 -40.19
CA LEU B 189 -27.18 -76.93 -40.05
C LEU B 189 -27.53 -77.50 -41.42
N LEU B 190 -27.72 -78.81 -41.48
CA LEU B 190 -27.89 -79.47 -42.77
C LEU B 190 -29.27 -79.29 -43.35
N LYS B 191 -30.24 -78.80 -42.58
CA LYS B 191 -31.57 -78.55 -43.15
C LYS B 191 -31.56 -77.36 -44.10
N ASP B 192 -30.57 -76.48 -43.98
CA ASP B 192 -30.45 -75.38 -44.94
C ASP B 192 -29.98 -75.88 -46.30
N MET B 193 -29.13 -76.91 -46.32
CA MET B 193 -28.68 -77.51 -47.56
C MET B 193 -29.66 -78.54 -48.12
N ALA B 194 -30.64 -78.97 -47.33
CA ALA B 194 -31.52 -80.05 -47.74
C ALA B 194 -32.41 -79.62 -48.88
N VAL B 195 -32.49 -80.48 -49.90
CA VAL B 195 -33.34 -80.24 -51.06
C VAL B 195 -34.14 -81.52 -51.34
N GLU B 196 -35.23 -81.34 -52.09
CA GLU B 196 -36.10 -82.47 -52.40
C GLU B 196 -35.37 -83.47 -53.28
N ASN B 197 -35.55 -84.75 -52.96
CA ASN B 197 -35.14 -85.86 -53.82
C ASN B 197 -36.39 -86.30 -54.57
N LYS B 198 -36.50 -85.91 -55.84
CA LYS B 198 -37.74 -86.13 -56.59
C LYS B 198 -38.07 -87.60 -56.75
N ASN B 199 -37.07 -88.47 -56.73
CA ASN B 199 -37.27 -89.90 -56.93
C ASN B 199 -37.34 -90.67 -55.62
N SER B 200 -37.37 -89.98 -54.49
CA SER B 200 -37.49 -90.64 -53.20
C SER B 200 -38.88 -91.26 -53.05
N ARG B 201 -38.91 -92.47 -52.51
CA ARG B 201 -40.18 -93.14 -52.27
C ARG B 201 -41.05 -92.33 -51.31
N ASP B 202 -40.44 -91.82 -50.23
CA ASP B 202 -41.15 -91.05 -49.23
C ASP B 202 -41.13 -89.56 -49.51
N ALA B 203 -40.63 -89.14 -50.68
CA ALA B 203 -40.47 -87.72 -51.00
C ALA B 203 -39.60 -87.02 -49.96
N GLY B 204 -38.48 -87.66 -49.61
CA GLY B 204 -37.58 -87.13 -48.62
C GLY B 204 -36.65 -86.07 -49.19
N LYS B 205 -35.62 -85.75 -48.41
CA LYS B 205 -34.68 -84.69 -48.74
C LYS B 205 -33.26 -85.23 -48.68
N VAL B 206 -32.37 -84.59 -49.45
CA VAL B 206 -30.95 -84.92 -49.46
C VAL B 206 -30.16 -83.63 -49.42
N VAL B 207 -28.89 -83.75 -49.05
CA VAL B 207 -27.95 -82.63 -49.06
C VAL B 207 -26.75 -83.03 -49.94
N ASP B 208 -26.22 -82.10 -50.73
CA ASP B 208 -26.74 -80.76 -51.04
C ASP B 208 -27.53 -80.82 -52.34
N SER B 209 -27.85 -79.67 -52.92
CA SER B 209 -28.52 -79.65 -54.22
C SER B 209 -27.72 -80.37 -55.28
N GLU B 210 -26.39 -80.36 -55.16
CA GLU B 210 -25.55 -81.07 -56.13
C GLU B 210 -25.74 -82.58 -56.00
N THR B 211 -25.94 -83.06 -54.78
CA THR B 211 -26.28 -84.47 -54.59
C THR B 211 -27.61 -84.80 -55.26
N ALA B 212 -28.59 -83.91 -55.16
CA ALA B 212 -29.88 -84.14 -55.81
C ALA B 212 -29.71 -84.15 -57.32
N ALA B 213 -28.85 -83.28 -57.86
CA ALA B 213 -28.58 -83.30 -59.29
C ALA B 213 -28.00 -84.64 -59.71
N ILE B 214 -27.03 -85.16 -58.95
CA ILE B 214 -26.46 -86.46 -59.27
C ILE B 214 -27.54 -87.54 -59.19
N CYS B 215 -28.38 -87.48 -58.16
CA CYS B 215 -29.43 -88.48 -58.01
C CYS B 215 -30.36 -88.48 -59.21
N ASP B 216 -30.79 -87.29 -59.64
CA ASP B 216 -31.67 -87.20 -60.80
C ASP B 216 -30.99 -87.72 -62.06
N ALA B 217 -29.72 -87.35 -62.26
CA ALA B 217 -29.02 -87.80 -63.46
C ALA B 217 -28.88 -89.32 -63.48
N ILE B 218 -28.55 -89.92 -62.35
CA ILE B 218 -28.37 -91.37 -62.30
C ILE B 218 -29.71 -92.08 -62.44
N PHE B 219 -30.75 -91.56 -61.80
CA PHE B 219 -32.06 -92.20 -61.87
C PHE B 219 -32.62 -92.16 -63.29
N GLN B 220 -32.52 -91.01 -63.95
CA GLN B 220 -33.14 -90.87 -65.26
C GLN B 220 -32.35 -91.61 -66.34
N ASP B 221 -31.06 -91.82 -66.13
CA ASP B 221 -30.24 -92.48 -67.14
C ASP B 221 -30.78 -93.87 -67.42
N GLU B 222 -30.94 -94.20 -68.71
CA GLU B 222 -31.52 -95.48 -69.10
C GLU B 222 -30.60 -96.64 -68.81
N GLU B 223 -29.29 -96.41 -68.72
CA GLU B 223 -28.32 -97.47 -68.47
C GLU B 223 -28.14 -97.76 -66.99
N THR B 224 -28.83 -97.04 -66.11
CA THR B 224 -28.69 -97.27 -64.68
C THR B 224 -29.30 -98.62 -64.29
N GLU B 225 -28.66 -99.27 -63.33
CA GLU B 225 -29.18 -100.53 -62.82
C GLU B 225 -30.45 -100.31 -62.01
N GLY B 226 -31.31 -101.32 -62.00
CA GLY B 226 -32.50 -101.24 -61.18
C GLY B 226 -32.19 -101.17 -59.69
N VAL B 227 -31.11 -101.82 -59.26
CA VAL B 227 -30.73 -101.77 -57.85
C VAL B 227 -30.33 -100.36 -57.45
N VAL B 228 -29.63 -99.64 -58.34
CA VAL B 228 -29.25 -98.26 -58.04
C VAL B 228 -30.48 -97.38 -57.94
N ARG B 229 -31.46 -97.61 -58.80
CA ARG B 229 -32.71 -96.84 -58.72
C ARG B 229 -33.46 -97.15 -57.43
N ARG B 230 -33.49 -98.43 -57.03
CA ARG B 230 -34.08 -98.78 -55.75
C ARG B 230 -33.39 -98.06 -54.61
N PHE B 231 -32.05 -98.02 -54.66
CA PHE B 231 -31.29 -97.31 -53.63
C PHE B 231 -31.65 -95.83 -53.61
N ILE B 232 -31.74 -95.21 -54.79
CA ILE B 232 -32.09 -93.78 -54.83
C ILE B 232 -33.49 -93.56 -54.27
N ALA B 233 -34.41 -94.50 -54.52
CA ALA B 233 -35.75 -94.36 -54.00
C ALA B 233 -35.78 -94.45 -52.47
N GLU B 234 -34.78 -95.08 -51.87
CA GLU B 234 -34.72 -95.23 -50.42
C GLU B 234 -33.97 -94.09 -49.73
N MET B 235 -33.42 -93.14 -50.48
CA MET B 235 -32.62 -92.07 -49.92
C MET B 235 -33.54 -90.99 -49.34
N ARG B 236 -33.59 -90.91 -48.01
CA ARG B 236 -34.42 -89.93 -47.34
C ARG B 236 -33.79 -89.58 -46.00
N GLN B 237 -34.17 -88.42 -45.48
CA GLN B 237 -33.62 -87.92 -44.23
C GLN B 237 -34.36 -88.51 -43.03
N ARG B 238 -33.67 -88.57 -41.90
CA ARG B 238 -34.23 -89.05 -40.64
C ARG B 238 -34.03 -87.98 -39.58
N VAL B 239 -35.11 -87.60 -38.91
CA VAL B 239 -35.09 -86.55 -37.89
C VAL B 239 -35.30 -87.21 -36.53
N GLN B 240 -34.43 -86.87 -35.58
CA GLN B 240 -34.54 -87.29 -34.19
C GLN B 240 -34.73 -86.03 -33.37
N ALA B 241 -35.99 -85.64 -33.16
CA ALA B 241 -36.28 -84.40 -32.45
C ALA B 241 -35.91 -84.48 -30.98
N ASP B 242 -35.93 -85.69 -30.40
CA ASP B 242 -35.56 -85.83 -29.00
C ASP B 242 -34.11 -85.41 -28.77
N ARG B 243 -33.21 -85.81 -29.66
CA ARG B 243 -31.81 -85.45 -29.56
C ARG B 243 -31.48 -84.16 -30.32
N ASN B 244 -32.45 -83.57 -31.01
CA ASN B 244 -32.21 -82.41 -31.86
C ASN B 244 -31.14 -82.74 -32.89
N VAL B 245 -31.39 -83.80 -33.65
CA VAL B 245 -30.43 -84.32 -34.63
C VAL B 245 -31.17 -84.62 -35.92
N VAL B 246 -30.43 -84.56 -37.03
CA VAL B 246 -30.98 -84.92 -38.33
C VAL B 246 -29.86 -85.53 -39.17
N ASN B 247 -30.22 -86.59 -39.90
CA ASN B 247 -29.33 -87.25 -40.83
C ASN B 247 -29.89 -87.10 -42.24
N TYR B 248 -29.03 -86.74 -43.19
CA TYR B 248 -29.40 -86.59 -44.58
C TYR B 248 -28.51 -87.46 -45.47
N PRO B 249 -29.08 -88.11 -46.49
CA PRO B 249 -28.22 -88.77 -47.48
C PRO B 249 -27.47 -87.76 -48.32
N SER B 250 -26.22 -88.10 -48.64
CA SER B 250 -25.40 -87.28 -49.51
C SER B 250 -24.55 -88.20 -50.39
N ILE B 251 -24.25 -87.73 -51.60
CA ILE B 251 -23.38 -88.44 -52.52
C ILE B 251 -22.08 -87.65 -52.59
N LEU B 252 -20.99 -88.26 -52.12
CA LEU B 252 -19.71 -87.58 -52.00
C LEU B 252 -18.58 -88.53 -52.37
N HIS B 253 -17.53 -87.96 -52.95
CA HIS B 253 -16.29 -88.69 -53.12
C HIS B 253 -15.66 -88.94 -51.74
N PRO B 254 -14.93 -90.04 -51.57
CA PRO B 254 -14.35 -90.30 -50.24
C PRO B 254 -13.55 -89.14 -49.66
N ILE B 255 -12.80 -88.41 -50.50
CA ILE B 255 -12.08 -87.24 -50.01
C ILE B 255 -13.05 -86.13 -49.65
N ASP B 256 -14.05 -85.88 -50.50
CA ASP B 256 -15.08 -84.91 -50.17
C ASP B 256 -15.82 -85.29 -48.90
N HIS B 257 -16.12 -86.58 -48.76
CA HIS B 257 -16.78 -87.04 -47.54
C HIS B 257 -15.90 -86.81 -46.34
N ALA B 258 -14.60 -87.07 -46.46
CA ALA B 258 -13.70 -86.84 -45.33
C ALA B 258 -13.70 -85.37 -44.91
N PHE B 259 -13.59 -84.46 -45.89
CA PHE B 259 -13.56 -83.04 -45.56
C PHE B 259 -14.87 -82.58 -44.92
N ASN B 260 -16.00 -82.96 -45.52
CA ASN B 260 -17.28 -82.54 -44.98
C ASN B 260 -17.58 -83.18 -43.64
N GLU B 261 -17.15 -84.42 -43.44
CA GLU B 261 -17.29 -85.07 -42.15
C GLU B 261 -16.49 -84.36 -41.08
N TYR B 262 -15.27 -83.94 -41.41
CA TYR B 262 -14.49 -83.16 -40.45
C TYR B 262 -15.18 -81.86 -40.11
N PHE B 263 -15.70 -81.16 -41.13
CA PHE B 263 -16.44 -79.93 -40.87
C PHE B 263 -17.61 -80.19 -39.94
N LEU B 264 -18.36 -81.27 -40.19
CA LEU B 264 -19.54 -81.56 -39.37
C LEU B 264 -19.16 -81.88 -37.94
N GLN B 265 -18.09 -82.66 -37.74
CA GLN B 265 -17.74 -83.16 -36.42
C GLN B 265 -16.85 -82.23 -35.62
N HIS B 266 -16.37 -81.13 -36.22
CA HIS B 266 -15.49 -80.20 -35.53
C HIS B 266 -16.01 -78.78 -35.64
N GLN B 267 -17.28 -78.59 -35.33
CA GLN B 267 -17.87 -77.26 -35.31
C GLN B 267 -17.45 -76.51 -34.04
N LEU B 268 -17.56 -75.19 -34.09
CA LEU B 268 -17.07 -74.32 -33.03
C LEU B 268 -18.13 -73.93 -32.01
N VAL B 269 -19.42 -74.05 -32.35
CA VAL B 269 -20.47 -73.61 -31.45
C VAL B 269 -20.53 -74.49 -30.22
N GLU B 270 -20.84 -73.91 -29.07
CA GLU B 270 -21.03 -74.60 -27.82
C GLU B 270 -22.37 -74.18 -27.22
N PRO B 271 -22.93 -74.99 -26.32
CA PRO B 271 -24.22 -74.62 -25.71
C PRO B 271 -24.11 -73.29 -24.97
N LEU B 272 -25.17 -72.50 -25.07
CA LEU B 272 -25.27 -71.20 -24.43
C LEU B 272 -26.41 -71.23 -23.43
N ASN B 273 -26.17 -70.67 -22.24
CA ASN B 273 -27.21 -70.59 -21.21
C ASN B 273 -26.90 -69.40 -20.31
N ASN B 274 -27.86 -69.07 -19.46
CA ASN B 274 -27.73 -67.88 -18.61
C ASN B 274 -26.49 -67.98 -17.74
N ASP B 275 -26.15 -69.18 -17.29
CA ASP B 275 -24.94 -69.34 -16.47
C ASP B 275 -23.69 -68.96 -17.25
N ILE B 276 -23.60 -69.39 -18.51
CA ILE B 276 -22.43 -69.06 -19.32
C ILE B 276 -22.39 -67.56 -19.59
N ILE B 277 -23.54 -66.96 -19.88
CA ILE B 277 -23.59 -65.53 -20.15
C ILE B 277 -23.12 -64.75 -18.92
N PHE B 278 -23.57 -65.17 -17.74
CA PHE B 278 -23.15 -64.49 -16.52
C PHE B 278 -21.67 -64.69 -16.26
N ASN B 279 -21.15 -65.91 -16.46
CA ASN B 279 -19.74 -66.17 -16.23
C ASN B 279 -18.85 -65.51 -17.28
N TYR B 280 -19.42 -65.07 -18.39
CA TYR B 280 -18.63 -64.35 -19.38
C TYR B 280 -18.09 -63.04 -18.81
N ILE B 281 -18.80 -62.45 -17.88
CA ILE B 281 -18.34 -61.20 -17.25
C ILE B 281 -17.06 -61.47 -16.47
N PRO B 282 -16.09 -60.56 -16.44
CA PRO B 282 -14.89 -60.81 -15.63
C PRO B 282 -15.24 -61.06 -14.18
N GLU B 283 -14.49 -61.97 -13.56
CA GLU B 283 -14.84 -62.45 -12.22
C GLU B 283 -14.82 -61.33 -11.20
N ARG B 284 -13.84 -60.43 -11.29
CA ARG B 284 -13.75 -59.34 -10.33
C ARG B 284 -14.88 -58.32 -10.50
N ILE B 285 -15.40 -58.18 -11.71
CA ILE B 285 -16.57 -57.31 -11.90
C ILE B 285 -17.79 -57.92 -11.23
N ARG B 286 -17.93 -59.25 -11.31
CA ARG B 286 -19.05 -59.93 -10.67
C ARG B 286 -18.90 -59.93 -9.15
N ASN B 287 -17.68 -60.04 -8.65
CA ASN B 287 -17.46 -60.05 -7.21
C ASN B 287 -17.56 -58.66 -6.59
N ASP B 288 -17.60 -57.61 -7.39
CA ASP B 288 -17.67 -56.26 -6.85
C ASP B 288 -19.10 -55.97 -6.37
N VAL B 289 -19.21 -55.54 -5.12
CA VAL B 289 -20.52 -55.21 -4.56
C VAL B 289 -21.09 -53.91 -5.11
N ASN B 290 -20.28 -53.14 -5.83
CA ASN B 290 -20.72 -51.85 -6.35
C ASN B 290 -21.54 -51.96 -7.62
N TYR B 291 -21.69 -53.16 -8.17
CA TYR B 291 -22.40 -53.36 -9.42
C TYR B 291 -23.51 -54.40 -9.23
N ILE B 292 -24.67 -54.12 -9.81
CA ILE B 292 -25.81 -55.04 -9.80
C ILE B 292 -26.06 -55.46 -11.23
N LEU B 293 -25.99 -56.77 -11.48
CA LEU B 293 -26.21 -57.35 -12.79
C LEU B 293 -27.58 -58.00 -12.84
N ASN B 294 -28.22 -57.94 -14.01
CA ASN B 294 -29.59 -58.41 -14.17
C ASN B 294 -29.77 -59.00 -15.56
N MET B 295 -30.74 -59.89 -15.68
CA MET B 295 -31.12 -60.47 -16.96
C MET B 295 -32.63 -60.60 -17.00
N ASP B 296 -33.18 -60.51 -18.22
CA ASP B 296 -34.62 -60.62 -18.41
C ASP B 296 -34.98 -61.66 -19.46
N ARG B 297 -34.04 -62.54 -19.83
CA ARG B 297 -34.29 -63.56 -20.83
C ARG B 297 -33.72 -64.88 -20.33
N ASN B 298 -34.43 -65.96 -20.63
CA ASN B 298 -33.97 -67.32 -20.36
C ASN B 298 -33.55 -67.91 -21.70
N LEU B 299 -32.25 -68.02 -21.92
CA LEU B 299 -31.76 -68.48 -23.21
C LEU B 299 -32.16 -69.94 -23.41
N PRO B 300 -32.70 -70.32 -24.57
CA PRO B 300 -33.18 -71.68 -24.75
C PRO B 300 -32.06 -72.70 -24.76
N SER B 301 -32.43 -73.96 -24.55
CA SER B 301 -31.45 -75.04 -24.56
C SER B 301 -30.76 -75.18 -25.91
N THR B 302 -31.37 -74.65 -26.98
CA THR B 302 -30.79 -74.68 -28.31
C THR B 302 -29.93 -73.46 -28.61
N ALA B 303 -29.71 -72.59 -27.62
CA ALA B 303 -28.86 -71.42 -27.83
C ALA B 303 -27.40 -71.85 -27.98
N ARG B 304 -26.66 -71.14 -28.82
CA ARG B 304 -25.27 -71.45 -29.10
C ARG B 304 -24.45 -70.17 -29.14
N TYR B 305 -23.15 -70.33 -28.95
CA TYR B 305 -22.22 -69.21 -29.09
C TYR B 305 -20.83 -69.77 -29.39
N ILE B 306 -19.99 -68.93 -29.96
CA ILE B 306 -18.60 -69.26 -30.28
C ILE B 306 -17.72 -68.47 -29.31
N ARG B 307 -17.00 -69.18 -28.45
CA ARG B 307 -16.23 -68.48 -27.44
C ARG B 307 -14.92 -67.95 -28.03
N PRO B 308 -14.45 -66.78 -27.58
CA PRO B 308 -13.22 -66.23 -28.13
C PRO B 308 -12.00 -67.05 -27.75
N ASN B 309 -10.98 -67.00 -28.61
CA ASN B 309 -9.70 -67.66 -28.36
C ASN B 309 -8.81 -66.68 -27.64
N LEU B 310 -8.90 -66.66 -26.31
CA LEU B 310 -8.10 -65.75 -25.49
C LEU B 310 -6.82 -66.43 -24.99
N LEU B 311 -6.04 -67.02 -25.90
CA LEU B 311 -4.72 -67.48 -25.53
C LEU B 311 -3.79 -66.29 -25.35
N GLN B 312 -2.91 -66.39 -24.36
CA GLN B 312 -2.00 -65.28 -24.10
C GLN B 312 -0.95 -65.19 -25.21
N ASP B 313 -0.29 -64.04 -25.27
CA ASP B 313 0.65 -63.73 -26.34
C ASP B 313 1.64 -64.85 -26.57
N ARG B 314 1.57 -65.49 -27.72
CA ARG B 314 2.51 -66.54 -28.10
C ARG B 314 3.75 -65.98 -28.79
N LEU B 315 3.67 -64.76 -29.32
CA LEU B 315 4.81 -64.13 -29.97
C LEU B 315 5.68 -63.35 -29.00
N ASN B 316 5.16 -62.99 -27.83
CA ASN B 316 5.89 -62.22 -26.84
C ASN B 316 6.47 -60.94 -27.46
N LEU B 317 5.55 -60.17 -28.06
CA LEU B 317 5.95 -58.93 -28.72
C LEU B 317 6.53 -57.92 -27.74
N HIS B 318 6.27 -58.08 -26.45
CA HIS B 318 6.90 -57.24 -25.43
C HIS B 318 8.40 -57.50 -25.32
N ASP B 319 8.91 -58.56 -25.94
CA ASP B 319 10.33 -58.91 -25.90
C ASP B 319 10.94 -58.73 -27.29
N ASN B 320 11.73 -57.68 -27.45
CA ASN B 320 12.60 -57.39 -28.59
C ASN B 320 11.84 -56.90 -29.83
N PHE B 321 10.52 -56.78 -29.79
CA PHE B 321 9.78 -56.11 -30.86
C PHE B 321 9.31 -54.74 -30.37
N GLU B 322 10.30 -53.86 -30.18
CA GLU B 322 10.07 -52.62 -29.46
C GLU B 322 9.09 -51.70 -30.20
N SER B 323 9.21 -51.63 -31.53
CA SER B 323 8.31 -50.75 -32.29
C SER B 323 6.89 -51.29 -32.30
N LEU B 324 6.72 -52.59 -32.55
CA LEU B 324 5.40 -53.19 -32.51
C LEU B 324 4.79 -53.07 -31.12
N TRP B 325 5.60 -53.30 -30.09
CA TRP B 325 5.11 -53.16 -28.72
C TRP B 325 4.72 -51.73 -28.43
N ASP B 326 5.48 -50.76 -28.93
CA ASP B 326 5.13 -49.36 -28.75
C ASP B 326 3.77 -49.06 -29.38
N THR B 327 3.53 -49.58 -30.59
CA THR B 327 2.23 -49.38 -31.23
C THR B 327 1.11 -50.02 -30.41
N ILE B 328 1.33 -51.26 -29.94
CA ILE B 328 0.31 -51.96 -29.17
C ILE B 328 -0.01 -51.20 -27.89
N THR B 329 1.03 -50.76 -27.18
CA THR B 329 0.85 -50.06 -25.92
C THR B 329 0.21 -48.70 -26.13
N THR B 330 0.50 -48.03 -27.26
CA THR B 330 -0.17 -46.78 -27.56
C THR B 330 -1.65 -47.00 -27.81
N SER B 331 -2.00 -48.05 -28.56
CA SER B 331 -3.41 -48.35 -28.76
C SER B 331 -4.11 -48.64 -27.44
N ASN B 332 -3.46 -49.43 -26.58
CA ASN B 332 -4.02 -49.72 -25.26
C ASN B 332 -4.19 -48.45 -24.44
N TYR B 333 -3.22 -47.55 -24.50
CA TYR B 333 -3.30 -46.30 -23.76
C TYR B 333 -4.46 -45.45 -24.24
N ILE B 334 -4.65 -45.36 -25.55
CA ILE B 334 -5.74 -44.56 -26.09
C ILE B 334 -7.08 -45.15 -25.66
N LEU B 335 -7.22 -46.47 -25.73
CA LEU B 335 -8.47 -47.09 -25.31
C LEU B 335 -8.71 -46.86 -23.82
N ALA B 336 -7.68 -47.02 -23.00
CA ALA B 336 -7.82 -46.81 -21.57
C ALA B 336 -8.22 -45.37 -21.27
N ARG B 337 -7.64 -44.41 -21.98
CA ARG B 337 -8.07 -43.02 -21.82
C ARG B 337 -9.55 -42.88 -22.17
N SER B 338 -9.98 -43.52 -23.24
CA SER B 338 -11.37 -43.38 -23.65
C SER B 338 -12.33 -43.96 -22.61
N VAL B 339 -11.88 -44.95 -21.83
CA VAL B 339 -12.78 -45.60 -20.88
C VAL B 339 -12.63 -45.10 -19.45
N VAL B 340 -11.61 -44.32 -19.13
CA VAL B 340 -11.46 -43.83 -17.75
C VAL B 340 -12.56 -42.81 -17.46
N PRO B 341 -13.28 -42.92 -16.35
CA PRO B 341 -14.39 -41.99 -16.12
C PRO B 341 -13.93 -40.56 -15.94
N ASP B 342 -14.83 -39.63 -16.23
CA ASP B 342 -14.56 -38.21 -16.04
C ASP B 342 -14.93 -37.80 -14.62
N LEU B 343 -14.07 -36.99 -14.00
CA LEU B 343 -14.31 -36.55 -12.63
C LEU B 343 -15.53 -35.66 -12.57
N LYS B 344 -16.35 -35.87 -11.54
CA LYS B 344 -17.61 -35.17 -11.36
C LYS B 344 -17.53 -34.26 -10.14
N GLU B 345 -18.21 -33.12 -10.22
CA GLU B 345 -18.34 -32.20 -9.09
C GLU B 345 -16.98 -31.82 -8.52
N LEU B 346 -16.05 -31.48 -9.41
CA LEU B 346 -14.76 -30.98 -8.97
C LEU B 346 -14.93 -29.65 -8.25
N VAL B 347 -14.01 -29.38 -7.32
CA VAL B 347 -14.02 -28.08 -6.64
C VAL B 347 -13.86 -27.00 -7.69
N SER B 348 -14.62 -25.91 -7.53
CA SER B 348 -14.56 -24.81 -8.48
C SER B 348 -13.14 -24.29 -8.59
N THR B 349 -12.66 -24.15 -9.83
CA THR B 349 -11.30 -23.69 -10.04
C THR B 349 -11.11 -22.28 -9.49
N GLU B 350 -12.09 -21.41 -9.69
CA GLU B 350 -11.98 -20.04 -9.23
C GLU B 350 -11.97 -19.98 -7.70
N ALA B 351 -12.87 -20.70 -7.06
CA ALA B 351 -12.91 -20.72 -5.60
C ALA B 351 -11.63 -21.28 -5.02
N GLN B 352 -11.13 -22.37 -5.60
CA GLN B 352 -9.89 -22.96 -5.11
C GLN B 352 -8.71 -22.02 -5.31
N ILE B 353 -8.66 -21.32 -6.45
CA ILE B 353 -7.57 -20.38 -6.69
C ILE B 353 -7.63 -19.26 -5.67
N GLN B 354 -8.82 -18.74 -5.38
CA GLN B 354 -8.93 -17.68 -4.38
C GLN B 354 -8.51 -18.17 -3.01
N LYS B 355 -8.93 -19.38 -2.63
CA LYS B 355 -8.56 -19.94 -1.34
C LYS B 355 -7.05 -20.11 -1.23
N MET B 356 -6.43 -20.67 -2.28
CA MET B 356 -4.98 -20.84 -2.27
C MET B 356 -4.27 -19.51 -2.18
N SER B 357 -4.74 -18.51 -2.92
CA SER B 357 -4.11 -17.20 -2.87
C SER B 357 -4.22 -16.59 -1.49
N GLN B 358 -5.36 -16.79 -0.81
CA GLN B 358 -5.46 -16.37 0.58
C GLN B 358 -4.41 -17.06 1.42
N ASP B 359 -4.23 -18.36 1.20
CA ASP B 359 -3.26 -19.12 1.98
C ASP B 359 -1.81 -18.73 1.68
N LEU B 360 -1.55 -18.13 0.51
CA LEU B 360 -0.19 -17.87 0.07
C LEU B 360 0.31 -16.47 0.38
N GLN B 361 -0.58 -15.54 0.72
CA GLN B 361 -0.19 -14.16 1.04
C GLN B 361 0.66 -13.55 -0.07
N LEU B 362 0.06 -13.44 -1.26
CA LEU B 362 0.76 -12.88 -2.40
C LEU B 362 0.82 -11.36 -2.31
N GLU B 363 1.97 -10.80 -2.68
CA GLU B 363 2.19 -9.36 -2.68
C GLU B 363 2.54 -8.93 -4.10
N ALA B 364 1.82 -7.93 -4.62
CA ALA B 364 2.00 -7.54 -6.00
C ALA B 364 3.35 -6.88 -6.24
N LEU B 365 3.90 -6.23 -5.24
CA LEU B 365 5.16 -5.49 -5.38
C LEU B 365 6.38 -6.33 -5.04
N THR B 366 6.21 -7.62 -4.73
CA THR B 366 7.31 -8.51 -4.40
C THR B 366 7.31 -9.68 -5.39
N ILE B 367 8.49 -10.04 -5.87
CA ILE B 367 8.65 -11.22 -6.70
C ILE B 367 8.76 -12.43 -5.79
N GLN B 368 7.84 -13.39 -5.96
CA GLN B 368 7.70 -14.50 -5.04
C GLN B 368 7.65 -15.81 -5.79
N SER B 369 8.11 -16.87 -5.11
CA SER B 369 7.96 -18.22 -5.64
C SER B 369 6.51 -18.66 -5.62
N GLU B 370 5.76 -18.25 -4.60
CA GLU B 370 4.38 -18.72 -4.46
C GLU B 370 3.49 -18.27 -5.61
N THR B 371 3.90 -17.26 -6.38
CA THR B 371 3.09 -16.83 -7.50
C THR B 371 2.91 -17.93 -8.54
N GLN B 372 3.90 -18.83 -8.65
CA GLN B 372 3.81 -19.93 -9.60
C GLN B 372 2.99 -21.10 -9.08
N PHE B 373 2.67 -21.13 -7.79
CA PHE B 373 1.96 -22.29 -7.23
C PHE B 373 0.59 -22.44 -7.86
N LEU B 374 -0.01 -21.35 -8.32
CA LEU B 374 -1.33 -21.38 -8.94
C LEU B 374 -1.27 -21.64 -10.43
N THR B 375 -0.09 -21.88 -10.98
CA THR B 375 0.06 -22.05 -12.42
C THR B 375 -0.61 -23.34 -12.88
N GLY B 376 -1.41 -23.24 -13.93
CA GLY B 376 -1.97 -24.41 -14.58
C GLY B 376 -2.90 -25.23 -13.71
N ILE B 377 -3.75 -24.58 -12.91
CA ILE B 377 -4.74 -25.25 -12.09
C ILE B 377 -6.09 -25.07 -12.78
N ASN B 378 -6.59 -26.13 -13.39
CA ASN B 378 -7.90 -26.11 -14.03
C ASN B 378 -8.46 -27.52 -14.05
N SER B 379 -9.78 -27.61 -14.23
CA SER B 379 -10.45 -28.90 -14.22
C SER B 379 -10.03 -29.76 -15.40
N GLN B 380 -9.77 -29.14 -16.55
CA GLN B 380 -9.31 -29.90 -17.70
C GLN B 380 -7.99 -30.60 -17.40
N ALA B 381 -7.07 -29.89 -16.75
CA ALA B 381 -5.79 -30.50 -16.38
C ALA B 381 -5.98 -31.61 -15.35
N ALA B 382 -6.91 -31.44 -14.41
CA ALA B 382 -7.16 -32.49 -13.43
C ALA B 382 -7.68 -33.75 -14.09
N ASN B 383 -8.64 -33.60 -15.00
CA ASN B 383 -9.16 -34.76 -15.72
C ASN B 383 -8.07 -35.39 -16.57
N ASP B 384 -7.23 -34.56 -17.20
CA ASP B 384 -6.13 -35.08 -18.00
C ASP B 384 -5.18 -35.90 -17.15
N CYS B 385 -4.85 -35.42 -15.95
CA CYS B 385 -3.97 -36.17 -15.07
C CYS B 385 -4.58 -37.48 -14.64
N PHE B 386 -5.85 -37.46 -14.22
CA PHE B 386 -6.53 -38.69 -13.81
C PHE B 386 -6.50 -39.72 -14.93
N LYS B 387 -6.92 -39.30 -16.13
CA LYS B 387 -6.97 -40.21 -17.27
C LYS B 387 -5.58 -40.71 -17.63
N THR B 388 -4.59 -39.81 -17.64
CA THR B 388 -3.24 -40.20 -18.03
C THR B 388 -2.68 -41.24 -17.06
N LEU B 389 -2.82 -41.00 -15.76
CA LEU B 389 -2.28 -41.94 -14.79
C LEU B 389 -2.94 -43.30 -14.92
N ILE B 390 -4.28 -43.34 -14.91
CA ILE B 390 -4.95 -44.64 -14.94
C ILE B 390 -4.67 -45.35 -16.26
N ALA B 391 -4.71 -44.61 -17.37
CA ALA B 391 -4.51 -45.24 -18.68
C ALA B 391 -3.09 -45.73 -18.85
N ALA B 392 -2.10 -44.97 -18.37
CA ALA B 392 -0.72 -45.41 -18.48
C ALA B 392 -0.49 -46.66 -17.65
N MET B 393 -1.05 -46.71 -16.44
CA MET B 393 -0.91 -47.92 -15.64
C MET B 393 -1.63 -49.10 -16.29
N LEU B 394 -2.81 -48.87 -16.88
CA LEU B 394 -3.55 -49.95 -17.49
C LEU B 394 -2.82 -50.51 -18.71
N SER B 395 -2.33 -49.63 -19.58
CA SER B 395 -1.62 -50.04 -20.78
C SER B 395 -0.14 -50.29 -20.53
N GLN B 396 0.36 -50.00 -19.33
CA GLN B 396 1.78 -50.13 -19.02
C GLN B 396 2.63 -49.34 -20.00
N ARG B 397 2.20 -48.12 -20.30
CA ARG B 397 2.97 -47.21 -21.13
C ARG B 397 3.81 -46.30 -20.24
N THR B 398 5.09 -46.21 -20.53
CA THR B 398 5.98 -45.38 -19.73
C THR B 398 5.56 -43.92 -19.84
N MET B 399 5.62 -43.22 -18.70
CA MET B 399 5.27 -41.80 -18.63
C MET B 399 6.54 -40.97 -18.50
N SER B 400 6.42 -39.70 -18.90
CA SER B 400 7.50 -38.74 -18.77
C SER B 400 6.98 -37.53 -18.02
N LEU B 401 7.74 -37.09 -17.02
CA LEU B 401 7.36 -36.00 -16.13
C LEU B 401 7.83 -34.67 -16.72
N ASP B 402 6.90 -33.73 -16.87
CA ASP B 402 7.20 -32.38 -17.33
C ASP B 402 6.93 -31.42 -16.17
N PHE B 403 7.93 -30.63 -15.82
CA PHE B 403 7.77 -29.68 -14.73
C PHE B 403 8.82 -28.58 -14.86
N VAL B 404 8.57 -27.49 -14.15
CA VAL B 404 9.52 -26.38 -14.04
C VAL B 404 10.03 -26.36 -12.61
N THR B 405 11.35 -26.42 -12.44
CA THR B 405 11.93 -26.51 -11.11
C THR B 405 11.62 -25.29 -10.26
N THR B 406 11.28 -24.17 -10.87
CA THR B 406 10.95 -22.95 -10.13
C THR B 406 9.58 -23.02 -9.48
N ASN B 407 8.73 -23.96 -9.87
CA ASN B 407 7.41 -24.14 -9.27
C ASN B 407 7.53 -25.21 -8.18
N TYR B 408 7.60 -24.78 -6.93
CA TYR B 408 7.72 -25.72 -5.82
C TYR B 408 6.43 -26.48 -5.58
N MET B 409 5.28 -25.91 -5.95
CA MET B 409 4.03 -26.65 -5.86
C MET B 409 4.07 -27.90 -6.73
N SER B 410 4.70 -27.79 -7.90
CA SER B 410 4.85 -28.96 -8.76
C SER B 410 5.67 -30.04 -8.09
N LEU B 411 6.74 -29.65 -7.39
CA LEU B 411 7.56 -30.64 -6.67
C LEU B 411 6.78 -31.26 -5.52
N ILE B 412 6.01 -30.47 -4.79
CA ILE B 412 5.27 -30.99 -3.66
C ILE B 412 4.17 -31.94 -4.15
N SER B 413 3.58 -31.66 -5.31
CA SER B 413 2.63 -32.60 -5.90
C SER B 413 3.32 -33.83 -6.47
N GLY B 414 4.53 -33.67 -6.99
CA GLY B 414 5.29 -34.81 -7.46
C GLY B 414 5.68 -35.74 -6.34
N MET B 415 5.80 -35.21 -5.12
CA MET B 415 5.99 -36.08 -3.97
C MET B 415 4.83 -37.05 -3.83
N TRP B 416 3.60 -36.56 -3.90
CA TRP B 416 2.44 -37.44 -3.87
C TRP B 416 2.43 -38.38 -5.07
N LEU B 417 2.78 -37.87 -6.25
CA LEU B 417 2.79 -38.69 -7.45
C LEU B 417 3.73 -39.87 -7.29
N LEU B 418 4.95 -39.63 -6.84
CA LEU B 418 5.91 -40.70 -6.63
C LEU B 418 5.52 -41.59 -5.46
N THR B 419 4.75 -41.07 -4.50
CA THR B 419 4.23 -41.91 -3.44
C THR B 419 3.24 -42.93 -3.97
N VAL B 420 2.33 -42.51 -4.85
CA VAL B 420 1.21 -43.37 -5.23
C VAL B 420 1.50 -44.21 -6.47
N VAL B 421 2.26 -43.71 -7.43
CA VAL B 421 2.53 -44.41 -8.68
C VAL B 421 3.90 -45.08 -8.56
N PRO B 422 4.02 -46.37 -8.88
CA PRO B 422 5.35 -47.00 -8.86
C PRO B 422 6.30 -46.29 -9.82
N ASN B 423 7.56 -46.17 -9.39
CA ASN B 423 8.50 -45.31 -10.11
C ASN B 423 8.99 -45.93 -11.40
N ASP B 424 8.80 -47.23 -11.60
CA ASP B 424 9.14 -47.83 -12.88
C ASP B 424 8.19 -47.40 -13.99
N MET B 425 7.06 -46.78 -13.66
CA MET B 425 6.13 -46.26 -14.65
C MET B 425 6.64 -45.00 -15.32
N PHE B 426 7.73 -44.42 -14.84
CA PHE B 426 8.29 -43.18 -15.37
C PHE B 426 9.63 -43.46 -16.03
N ILE B 427 9.88 -42.78 -17.16
CA ILE B 427 11.19 -42.84 -17.78
C ILE B 427 12.23 -42.37 -16.78
N ARG B 428 13.40 -43.01 -16.81
CA ARG B 428 14.39 -42.82 -15.74
C ARG B 428 14.83 -41.37 -15.64
N GLU B 429 15.08 -40.71 -16.77
CA GLU B 429 15.63 -39.36 -16.72
C GLU B 429 14.65 -38.38 -16.07
N SER B 430 13.36 -38.47 -16.42
CA SER B 430 12.38 -37.55 -15.85
C SER B 430 12.18 -37.81 -14.36
N LEU B 431 12.12 -39.10 -13.98
CA LEU B 431 12.01 -39.42 -12.56
C LEU B 431 13.21 -38.91 -11.78
N VAL B 432 14.40 -39.08 -12.33
CA VAL B 432 15.61 -38.62 -11.67
C VAL B 432 15.61 -37.11 -11.53
N ALA B 433 15.18 -36.39 -12.58
CA ALA B 433 15.12 -34.94 -12.51
C ALA B 433 14.13 -34.48 -11.45
N CYS B 434 12.95 -35.10 -11.42
CA CYS B 434 11.94 -34.72 -10.42
C CYS B 434 12.44 -34.99 -9.01
N GLN B 435 13.05 -36.15 -8.79
CA GLN B 435 13.56 -36.49 -7.47
C GLN B 435 14.69 -35.55 -7.06
N LEU B 436 15.57 -35.21 -8.00
CA LEU B 436 16.66 -34.30 -7.68
C LEU B 436 16.12 -32.92 -7.31
N ALA B 437 15.11 -32.45 -8.04
CA ALA B 437 14.50 -31.17 -7.70
C ALA B 437 13.87 -31.22 -6.31
N ILE B 438 13.17 -32.32 -6.00
CA ILE B 438 12.55 -32.44 -4.68
C ILE B 438 13.62 -32.46 -3.59
N ILE B 439 14.70 -33.20 -3.80
CA ILE B 439 15.74 -33.30 -2.78
C ILE B 439 16.43 -31.96 -2.59
N ASN B 440 16.80 -31.29 -3.68
CA ASN B 440 17.60 -30.08 -3.60
C ASN B 440 16.78 -28.83 -3.32
N THR B 441 15.46 -28.91 -3.40
CA THR B 441 14.61 -27.76 -3.12
C THR B 441 13.86 -27.85 -1.81
N ILE B 442 13.54 -29.06 -1.33
CA ILE B 442 12.64 -29.26 -0.20
C ILE B 442 13.32 -29.97 0.95
N ILE B 443 14.02 -31.07 0.68
CA ILE B 443 14.47 -31.95 1.75
C ILE B 443 15.80 -31.47 2.33
N TYR B 444 16.85 -31.47 1.51
CA TYR B 444 18.16 -31.09 2.00
C TYR B 444 18.19 -29.66 2.53
N PRO B 445 17.67 -28.66 1.82
CA PRO B 445 17.59 -27.33 2.42
C PRO B 445 16.80 -27.29 3.72
N ALA B 446 15.75 -28.10 3.83
CA ALA B 446 15.01 -28.16 5.09
C ALA B 446 15.90 -28.63 6.23
N PHE B 447 16.69 -29.66 5.99
CA PHE B 447 17.54 -30.23 7.02
C PHE B 447 18.94 -29.60 7.05
N GLY B 448 19.18 -28.58 6.25
CA GLY B 448 20.45 -27.89 6.27
C GLY B 448 21.61 -28.67 5.67
N MET B 449 21.33 -29.69 4.88
CA MET B 449 22.37 -30.47 4.24
C MET B 449 22.88 -29.78 2.99
N GLN B 450 24.17 -29.96 2.72
CA GLN B 450 24.74 -29.41 1.50
C GLN B 450 24.04 -30.00 0.28
N ARG B 451 23.87 -29.18 -0.75
CA ARG B 451 23.13 -29.59 -1.93
C ARG B 451 23.74 -30.85 -2.53
N MET B 452 22.87 -31.78 -2.92
CA MET B 452 23.33 -33.03 -3.51
C MET B 452 23.95 -32.77 -4.86
N HIS B 453 25.21 -33.18 -5.03
CA HIS B 453 25.89 -33.14 -6.31
C HIS B 453 25.68 -34.51 -6.97
N TYR B 454 24.60 -34.62 -7.72
CA TYR B 454 24.15 -35.90 -8.27
C TYR B 454 24.74 -36.10 -9.65
N ARG B 455 25.44 -37.21 -9.84
CA ARG B 455 26.07 -37.52 -11.11
C ARG B 455 25.05 -38.11 -12.07
N ASN B 456 24.95 -37.54 -13.27
CA ASN B 456 24.07 -38.08 -14.29
C ASN B 456 24.55 -39.47 -14.70
N GLY B 457 23.64 -40.43 -14.71
CA GLY B 457 23.99 -41.82 -14.94
C GLY B 457 24.32 -42.59 -13.68
N ASP B 458 24.01 -42.05 -12.50
CA ASP B 458 24.26 -42.77 -11.26
C ASP B 458 23.43 -44.05 -11.24
N PRO B 459 23.97 -45.17 -10.77
CA PRO B 459 23.12 -46.36 -10.59
C PRO B 459 22.00 -46.15 -9.59
N GLN B 460 22.15 -45.20 -8.67
CA GLN B 460 21.15 -44.92 -7.66
C GLN B 460 20.37 -43.66 -8.02
N THR B 461 19.07 -43.68 -7.72
CA THR B 461 18.26 -42.48 -7.89
C THR B 461 18.58 -41.50 -6.77
N PRO B 462 18.25 -40.21 -6.95
CA PRO B 462 18.51 -39.24 -5.87
C PRO B 462 17.82 -39.61 -4.57
N PHE B 463 16.63 -40.18 -4.64
CA PHE B 463 15.90 -40.53 -3.41
C PHE B 463 16.60 -41.62 -2.63
N GLN B 464 17.29 -42.54 -3.31
CA GLN B 464 18.03 -43.57 -2.60
C GLN B 464 19.20 -42.99 -1.83
N ILE B 465 19.95 -42.08 -2.46
CA ILE B 465 21.04 -41.41 -1.76
C ILE B 465 20.50 -40.60 -0.59
N ALA B 466 19.39 -39.89 -0.80
CA ALA B 466 18.80 -39.11 0.28
C ALA B 466 18.37 -40.00 1.43
N GLU B 467 17.78 -41.15 1.12
CA GLU B 467 17.39 -42.10 2.15
C GLU B 467 18.61 -42.57 2.95
N GLN B 468 19.72 -42.83 2.26
CA GLN B 468 20.93 -43.18 2.98
C GLN B 468 21.46 -42.04 3.82
N GLN B 469 21.21 -40.79 3.43
CA GLN B 469 21.82 -39.63 4.09
C GLN B 469 20.91 -38.94 5.09
N ILE B 470 19.60 -39.09 4.98
CA ILE B 470 18.67 -38.33 5.81
C ILE B 470 18.49 -39.05 7.14
N GLN B 471 18.65 -38.31 8.24
CA GLN B 471 18.54 -38.89 9.57
C GLN B 471 17.12 -38.84 10.12
N ASN B 472 16.28 -37.95 9.62
CA ASN B 472 14.90 -37.88 10.10
C ASN B 472 14.16 -39.17 9.74
N PHE B 473 13.42 -39.71 10.71
CA PHE B 473 12.81 -41.02 10.51
C PHE B 473 11.66 -40.96 9.50
N GLN B 474 10.78 -39.97 9.61
CA GLN B 474 9.62 -39.93 8.73
C GLN B 474 10.03 -39.68 7.29
N VAL B 475 10.91 -38.71 7.07
CA VAL B 475 11.34 -38.41 5.70
C VAL B 475 12.08 -39.60 5.10
N ALA B 476 12.97 -40.21 5.89
CA ALA B 476 13.72 -41.36 5.39
C ALA B 476 12.79 -42.53 5.10
N ASN B 477 11.78 -42.75 5.95
CA ASN B 477 10.85 -43.84 5.72
C ASN B 477 10.04 -43.61 4.46
N TRP B 478 9.56 -42.39 4.23
CA TRP B 478 8.83 -42.09 3.00
C TRP B 478 9.73 -42.25 1.79
N LEU B 479 10.99 -41.80 1.89
CA LEU B 479 11.93 -41.98 0.79
C LEU B 479 12.16 -43.45 0.49
N HIS B 480 12.31 -44.26 1.53
CA HIS B 480 12.51 -45.70 1.33
C HIS B 480 11.30 -46.32 0.66
N PHE B 481 10.09 -45.95 1.09
CA PHE B 481 8.89 -46.48 0.45
C PHE B 481 8.84 -46.10 -1.03
N VAL B 482 9.13 -44.84 -1.34
CA VAL B 482 9.11 -44.41 -2.74
C VAL B 482 10.16 -45.16 -3.54
N ASN B 483 11.30 -45.46 -2.91
CA ASN B 483 12.34 -46.21 -3.60
C ASN B 483 11.93 -47.64 -3.87
N ASN B 484 11.16 -48.25 -2.96
CA ASN B 484 10.78 -49.65 -3.07
C ASN B 484 9.33 -49.85 -3.47
N ASN B 485 8.58 -48.80 -3.73
CA ASN B 485 7.22 -48.96 -4.22
C ASN B 485 7.26 -49.53 -5.63
N GLN B 486 6.64 -50.70 -5.81
CA GLN B 486 6.68 -51.41 -7.07
C GLN B 486 5.34 -52.08 -7.33
N PHE B 487 5.08 -52.40 -8.59
CA PHE B 487 3.94 -53.23 -8.93
C PHE B 487 4.20 -54.67 -8.51
N ARG B 488 3.13 -55.39 -8.20
CA ARG B 488 3.19 -56.82 -7.95
C ARG B 488 2.65 -57.53 -9.18
N GLN B 489 3.44 -58.44 -9.74
CA GLN B 489 3.01 -59.22 -10.90
C GLN B 489 2.19 -60.40 -10.39
N VAL B 490 0.89 -60.39 -10.66
CA VAL B 490 -0.02 -61.42 -10.16
C VAL B 490 -0.86 -61.91 -11.34
N VAL B 491 -0.93 -63.23 -11.50
CA VAL B 491 -1.81 -63.82 -12.50
C VAL B 491 -3.18 -64.00 -11.86
N ILE B 492 -4.14 -63.18 -12.29
CA ILE B 492 -5.52 -63.23 -11.80
C ILE B 492 -6.40 -63.65 -12.96
N ASP B 493 -7.19 -64.70 -12.74
CA ASP B 493 -8.13 -65.19 -13.73
C ASP B 493 -7.44 -65.49 -15.07
N GLY B 494 -6.20 -65.94 -15.00
CA GLY B 494 -5.46 -66.30 -16.19
C GLY B 494 -4.80 -65.15 -16.92
N VAL B 495 -4.86 -63.93 -16.37
CA VAL B 495 -4.27 -62.75 -16.99
C VAL B 495 -3.24 -62.17 -16.03
N LEU B 496 -2.04 -61.90 -16.54
CA LEU B 496 -1.02 -61.25 -15.75
C LEU B 496 -1.37 -59.78 -15.56
N ASN B 497 -1.36 -59.34 -14.30
CA ASN B 497 -1.74 -57.98 -13.93
C ASN B 497 -0.68 -57.38 -13.04
N GLN B 498 -0.60 -56.05 -13.10
CA GLN B 498 0.29 -55.26 -12.25
C GLN B 498 -0.57 -54.64 -11.15
N VAL B 499 -0.39 -55.11 -9.92
CA VAL B 499 -1.25 -54.77 -8.80
C VAL B 499 -0.52 -53.76 -7.91
N LEU B 500 -1.23 -52.71 -7.50
CA LEU B 500 -0.66 -51.72 -6.61
C LEU B 500 -0.54 -52.26 -5.19
N ASN B 501 0.36 -51.65 -4.43
CA ASN B 501 0.52 -52.04 -3.03
C ASN B 501 -0.75 -51.75 -2.25
N ASP B 502 -1.04 -52.62 -1.28
CA ASP B 502 -2.29 -52.50 -0.53
C ASP B 502 -2.37 -51.17 0.21
N ASN B 503 -1.24 -50.64 0.66
CA ASN B 503 -1.25 -49.36 1.34
C ASN B 503 -1.52 -48.20 0.39
N ILE B 504 -1.22 -48.38 -0.90
CA ILE B 504 -1.66 -47.40 -1.89
C ILE B 504 -3.16 -47.53 -2.13
N ARG B 505 -3.67 -48.76 -2.14
CA ARG B 505 -5.08 -48.96 -2.46
C ARG B 505 -5.99 -48.38 -1.38
N ASN B 506 -5.56 -48.41 -0.12
CA ASN B 506 -6.36 -47.86 0.97
C ASN B 506 -5.97 -46.43 1.36
N GLY B 507 -4.91 -45.89 0.77
CA GLY B 507 -4.55 -44.50 1.00
C GLY B 507 -3.71 -44.22 2.22
N HIS B 508 -3.10 -45.24 2.82
CA HIS B 508 -2.27 -45.01 4.00
C HIS B 508 -0.94 -44.36 3.64
N VAL B 509 -0.47 -44.59 2.41
CA VAL B 509 0.76 -43.95 1.96
C VAL B 509 0.61 -42.44 1.98
N VAL B 510 -0.62 -41.94 1.80
CA VAL B 510 -0.86 -40.51 1.92
C VAL B 510 -0.54 -40.05 3.34
N ASN B 511 -0.90 -40.86 4.33
CA ASN B 511 -0.56 -40.54 5.72
C ASN B 511 0.96 -40.55 5.92
N GLN B 512 1.65 -41.53 5.34
CA GLN B 512 3.10 -41.56 5.45
C GLN B 512 3.73 -40.30 4.85
N LEU B 513 3.27 -39.93 3.65
CA LEU B 513 3.78 -38.73 2.99
C LEU B 513 3.47 -37.48 3.81
N MET B 514 2.28 -37.42 4.41
CA MET B 514 1.93 -36.25 5.21
C MET B 514 2.77 -36.17 6.47
N GLU B 515 3.11 -37.32 7.06
CA GLU B 515 4.03 -37.30 8.19
C GLU B 515 5.38 -36.74 7.77
N ALA B 516 5.90 -37.20 6.62
CA ALA B 516 7.17 -36.67 6.14
C ALA B 516 7.09 -35.18 5.89
N LEU B 517 6.00 -34.71 5.29
CA LEU B 517 5.85 -33.30 4.97
C LEU B 517 5.74 -32.45 6.23
N MET B 518 5.01 -32.94 7.24
CA MET B 518 4.88 -32.20 8.49
C MET B 518 6.21 -32.16 9.23
N GLN B 519 7.04 -33.20 9.06
CA GLN B 519 8.38 -33.14 9.62
C GLN B 519 9.23 -32.12 8.89
N LEU B 520 9.11 -32.04 7.56
CA LEU B 520 9.86 -31.04 6.81
C LEU B 520 9.43 -29.63 7.20
N SER B 521 8.13 -29.41 7.40
CA SER B 521 7.64 -28.08 7.77
C SER B 521 8.16 -27.65 9.14
N ARG B 522 8.54 -28.61 9.98
CA ARG B 522 9.03 -28.30 11.31
C ARG B 522 10.51 -27.95 11.34
N GLN B 523 11.21 -28.06 10.21
CA GLN B 523 12.65 -27.86 10.19
C GLN B 523 12.98 -26.37 10.12
N GLN B 524 14.24 -26.06 10.38
CA GLN B 524 14.69 -24.68 10.50
C GLN B 524 15.17 -24.07 9.20
N PHE B 525 15.66 -24.89 8.27
CA PHE B 525 16.31 -24.38 7.07
C PHE B 525 17.45 -23.46 7.48
N PRO B 526 18.48 -23.99 8.16
CA PRO B 526 19.50 -23.11 8.74
C PRO B 526 20.24 -22.25 7.73
N THR B 527 20.42 -22.74 6.51
CA THR B 527 21.25 -22.08 5.51
C THR B 527 20.43 -21.33 4.47
N MET B 528 19.17 -21.02 4.77
CA MET B 528 18.30 -20.38 3.81
C MET B 528 17.69 -19.12 4.44
N PRO B 529 17.33 -18.13 3.63
CA PRO B 529 16.54 -17.01 4.16
C PRO B 529 15.16 -17.47 4.60
N VAL B 530 14.59 -16.73 5.55
CA VAL B 530 13.33 -17.16 6.16
C VAL B 530 12.21 -17.22 5.13
N ASP B 531 12.28 -16.38 4.09
CA ASP B 531 11.23 -16.40 3.07
C ASP B 531 11.24 -17.70 2.28
N TYR B 532 12.41 -18.34 2.14
CA TYR B 532 12.46 -19.64 1.47
C TYR B 532 11.72 -20.69 2.27
N LYS B 533 12.01 -20.78 3.56
CA LYS B 533 11.26 -21.68 4.44
C LYS B 533 9.78 -21.35 4.40
N ARG B 534 9.45 -20.06 4.33
CA ARG B 534 8.05 -19.66 4.27
C ARG B 534 7.38 -20.19 3.00
N SER B 535 8.06 -20.09 1.86
CA SER B 535 7.48 -20.58 0.61
C SER B 535 7.30 -22.09 0.64
N ILE B 536 8.30 -22.81 1.15
CA ILE B 536 8.16 -24.27 1.24
C ILE B 536 7.02 -24.64 2.18
N GLN B 537 6.91 -23.93 3.31
CA GLN B 537 5.84 -24.19 4.25
C GLN B 537 4.48 -23.90 3.63
N ARG B 538 4.39 -22.84 2.84
CA ARG B 538 3.12 -22.50 2.19
C ARG B 538 2.72 -23.56 1.18
N GLY B 539 3.68 -24.07 0.41
CA GLY B 539 3.36 -25.16 -0.50
C GLY B 539 2.92 -26.42 0.24
N ILE B 540 3.63 -26.76 1.31
CA ILE B 540 3.25 -27.93 2.12
C ILE B 540 1.87 -27.71 2.73
N LEU B 541 1.56 -26.48 3.11
CA LEU B 541 0.25 -26.17 3.67
C LEU B 541 -0.83 -26.32 2.62
N LEU B 542 -0.57 -25.89 1.40
CA LEU B 542 -1.53 -26.10 0.33
C LEU B 542 -1.81 -27.58 0.14
N LEU B 543 -0.76 -28.41 0.15
CA LEU B 543 -0.98 -29.85 0.00
C LEU B 543 -1.71 -30.44 1.20
N SER B 544 -1.35 -30.00 2.42
CA SER B 544 -1.85 -30.61 3.64
C SER B 544 -3.22 -30.12 4.06
N ASN B 545 -3.71 -29.02 3.50
CA ASN B 545 -5.09 -28.62 3.71
C ASN B 545 -6.07 -29.50 2.99
N ARG B 546 -5.58 -30.45 2.19
CA ARG B 546 -6.40 -31.40 1.44
C ARG B 546 -5.94 -32.82 1.71
N LEU B 547 -5.64 -33.13 2.97
CA LEU B 547 -5.15 -34.47 3.31
C LEU B 547 -6.22 -35.54 3.10
N GLY B 548 -7.43 -35.29 3.60
CA GLY B 548 -8.51 -36.24 3.39
C GLY B 548 -8.85 -36.37 1.91
N GLN B 549 -8.81 -35.26 1.18
CA GLN B 549 -9.04 -35.32 -0.26
C GLN B 549 -7.96 -36.12 -0.96
N LEU B 550 -6.72 -36.04 -0.48
CA LEU B 550 -5.64 -36.83 -1.07
C LEU B 550 -5.83 -38.32 -0.80
N VAL B 551 -6.25 -38.67 0.41
CA VAL B 551 -6.55 -40.06 0.71
C VAL B 551 -7.66 -40.56 -0.19
N ASP B 552 -8.72 -39.76 -0.32
CA ASP B 552 -9.84 -40.13 -1.18
C ASP B 552 -9.40 -40.28 -2.63
N LEU B 553 -8.55 -39.37 -3.11
CA LEU B 553 -8.08 -39.41 -4.48
C LEU B 553 -7.23 -40.64 -4.74
N THR B 554 -6.35 -40.98 -3.79
CA THR B 554 -5.54 -42.19 -3.95
C THR B 554 -6.43 -43.43 -4.00
N ARG B 555 -7.42 -43.51 -3.13
CA ARG B 555 -8.33 -44.65 -3.13
C ARG B 555 -9.13 -44.70 -4.44
N LEU B 556 -9.59 -43.55 -4.92
CA LEU B 556 -10.32 -43.50 -6.17
C LEU B 556 -9.46 -43.95 -7.34
N LEU B 557 -8.22 -43.46 -7.40
CA LEU B 557 -7.30 -43.87 -8.46
C LEU B 557 -7.09 -45.38 -8.43
N ALA B 558 -6.81 -45.93 -7.25
CA ALA B 558 -6.55 -47.36 -7.16
C ALA B 558 -7.77 -48.16 -7.54
N TYR B 559 -8.95 -47.75 -7.07
CA TYR B 559 -10.16 -48.50 -7.37
C TYR B 559 -10.48 -48.47 -8.85
N ASN B 560 -10.39 -47.30 -9.47
CA ASN B 560 -10.65 -47.21 -10.90
C ASN B 560 -9.64 -48.05 -11.69
N TYR B 561 -8.38 -47.99 -11.27
CA TYR B 561 -7.34 -48.78 -11.94
C TYR B 561 -7.66 -50.27 -11.88
N GLU B 562 -7.97 -50.80 -10.69
CA GLU B 562 -8.21 -52.23 -10.58
C GLU B 562 -9.51 -52.64 -11.24
N THR B 563 -10.54 -51.79 -11.18
CA THR B 563 -11.81 -52.11 -11.81
C THR B 563 -11.65 -52.19 -13.33
N LEU B 564 -10.90 -51.26 -13.92
CA LEU B 564 -10.66 -51.33 -15.36
C LEU B 564 -9.64 -52.42 -15.70
N MET B 565 -8.78 -52.77 -14.75
CA MET B 565 -7.82 -53.85 -14.95
C MET B 565 -8.52 -55.20 -15.02
N ALA B 566 -9.64 -55.34 -14.31
CA ALA B 566 -10.43 -56.56 -14.41
C ALA B 566 -10.90 -56.82 -15.83
N CYS B 567 -10.96 -55.79 -16.68
CA CYS B 567 -11.45 -55.91 -18.04
C CYS B 567 -10.34 -56.15 -19.06
N ILE B 568 -9.09 -56.27 -18.62
CA ILE B 568 -7.98 -56.52 -19.54
C ILE B 568 -7.85 -58.02 -19.76
N THR B 569 -7.68 -58.43 -21.02
CA THR B 569 -7.59 -59.84 -21.38
C THR B 569 -6.17 -60.29 -21.70
N MET B 570 -5.33 -59.42 -22.23
CA MET B 570 -3.94 -59.76 -22.53
C MET B 570 -3.05 -59.39 -21.36
N ASN B 571 -1.97 -60.16 -21.21
CA ASN B 571 -1.09 -60.01 -20.05
C ASN B 571 -0.52 -58.60 -19.98
N MET B 572 -0.58 -58.01 -18.80
CA MET B 572 0.00 -56.69 -18.55
C MET B 572 1.50 -56.86 -18.36
N GLN B 573 2.26 -56.61 -19.41
CA GLN B 573 3.71 -56.75 -19.39
C GLN B 573 4.35 -55.42 -19.03
N HIS B 574 5.14 -55.41 -17.97
CA HIS B 574 5.79 -54.20 -17.49
C HIS B 574 7.17 -54.10 -18.12
N VAL B 575 7.28 -53.29 -19.18
CA VAL B 575 8.55 -53.03 -19.83
C VAL B 575 8.51 -51.61 -20.37
N GLN B 576 9.63 -50.90 -20.21
CA GLN B 576 9.69 -49.52 -20.68
C GLN B 576 9.50 -49.46 -22.18
N THR B 577 8.67 -48.52 -22.63
CA THR B 577 8.32 -48.39 -24.03
C THR B 577 9.28 -47.43 -24.74
N LEU B 578 9.27 -47.51 -26.07
CA LEU B 578 10.14 -46.63 -26.86
C LEU B 578 9.79 -45.16 -26.62
N THR B 579 8.53 -44.81 -26.77
CA THR B 579 8.04 -43.46 -26.52
C THR B 579 7.21 -43.44 -25.26
N THR B 580 7.11 -42.26 -24.66
CA THR B 580 6.43 -42.06 -23.40
C THR B 580 5.18 -41.22 -23.60
N GLU B 581 4.38 -41.14 -22.54
CA GLU B 581 3.26 -40.21 -22.46
C GLU B 581 3.64 -39.11 -21.48
N LYS B 582 3.61 -37.87 -21.96
CA LYS B 582 4.02 -36.74 -21.14
C LYS B 582 2.97 -36.43 -20.10
N LEU B 583 3.41 -36.29 -18.84
CA LEU B 583 2.55 -35.91 -17.74
C LEU B 583 3.11 -34.66 -17.10
N GLN B 584 2.29 -33.61 -17.05
CA GLN B 584 2.69 -32.34 -16.44
C GLN B 584 2.39 -32.37 -14.95
N LEU B 585 3.37 -31.96 -14.14
CA LEU B 585 3.15 -31.91 -12.71
C LEU B 585 2.12 -30.86 -12.32
N THR B 586 1.93 -29.83 -13.15
CA THR B 586 0.84 -28.90 -12.91
C THR B 586 -0.52 -29.58 -13.03
N SER B 587 -0.64 -30.56 -13.91
CA SER B 587 -1.86 -31.36 -13.96
C SER B 587 -2.05 -32.16 -12.68
N VAL B 588 -0.95 -32.68 -12.11
CA VAL B 588 -1.04 -33.37 -10.82
C VAL B 588 -1.49 -32.40 -9.74
N THR B 589 -0.96 -31.18 -9.76
CA THR B 589 -1.39 -30.18 -8.79
C THR B 589 -2.87 -29.85 -8.96
N SER B 590 -3.33 -29.75 -10.20
CA SER B 590 -4.75 -29.50 -10.45
C SER B 590 -5.61 -30.62 -9.90
N LEU B 591 -5.19 -31.87 -10.14
CA LEU B 591 -5.96 -33.01 -9.64
C LEU B 591 -5.99 -33.01 -8.11
N CYS B 592 -4.87 -32.66 -7.48
CA CYS B 592 -4.83 -32.66 -6.02
C CYS B 592 -5.65 -31.51 -5.44
N MET B 593 -5.68 -30.37 -6.11
CA MET B 593 -6.33 -29.18 -5.58
C MET B 593 -7.81 -29.08 -5.92
N LEU B 594 -8.26 -29.76 -6.97
CA LEU B 594 -9.63 -29.62 -7.45
C LEU B 594 -10.49 -30.86 -7.21
N ILE B 595 -9.90 -31.97 -6.77
CA ILE B 595 -10.69 -33.17 -6.53
C ILE B 595 -11.65 -32.93 -5.37
N GLY B 596 -12.93 -33.23 -5.60
CA GLY B 596 -13.95 -33.09 -4.59
C GLY B 596 -14.21 -34.40 -3.86
N ASN B 597 -15.36 -34.45 -3.20
CA ASN B 597 -15.78 -35.64 -2.47
C ASN B 597 -16.65 -36.57 -3.31
N ALA B 598 -16.90 -36.23 -4.57
CA ALA B 598 -17.73 -37.06 -5.43
C ALA B 598 -16.93 -38.26 -5.91
N THR B 599 -17.54 -39.45 -5.81
CA THR B 599 -16.91 -40.68 -6.23
C THR B 599 -17.37 -41.03 -7.63
N VAL B 600 -16.42 -41.23 -8.54
CA VAL B 600 -16.69 -41.66 -9.90
C VAL B 600 -16.04 -43.02 -10.10
N ILE B 601 -16.83 -43.99 -10.55
CA ILE B 601 -16.32 -45.33 -10.84
C ILE B 601 -16.74 -45.70 -12.26
N PRO B 602 -16.03 -46.63 -12.89
CA PRO B 602 -16.38 -46.99 -14.26
C PRO B 602 -17.81 -47.50 -14.35
N SER B 603 -18.53 -47.01 -15.35
CA SER B 603 -19.90 -47.45 -15.55
C SER B 603 -19.91 -48.91 -16.00
N PRO B 604 -20.95 -49.67 -15.65
CA PRO B 604 -21.00 -51.06 -16.11
C PRO B 604 -20.99 -51.16 -17.63
N GLN B 605 -21.65 -50.21 -18.31
CA GLN B 605 -21.60 -50.18 -19.76
C GLN B 605 -20.21 -49.86 -20.25
N THR B 606 -19.52 -48.93 -19.58
CA THR B 606 -18.14 -48.63 -19.93
C THR B 606 -17.25 -49.84 -19.72
N LEU B 607 -17.42 -50.55 -18.60
CA LEU B 607 -16.62 -51.73 -18.33
C LEU B 607 -16.87 -52.80 -19.39
N PHE B 608 -18.14 -53.02 -19.75
CA PHE B 608 -18.46 -54.02 -20.76
C PHE B 608 -17.90 -53.64 -22.12
N HIS B 609 -17.97 -52.36 -22.49
CA HIS B 609 -17.40 -51.92 -23.75
C HIS B 609 -15.89 -52.12 -23.77
N TYR B 610 -15.22 -51.76 -22.68
CA TYR B 610 -13.77 -51.96 -22.60
C TYR B 610 -13.41 -53.44 -22.71
N TYR B 611 -14.13 -54.28 -21.97
CA TYR B 611 -13.87 -55.72 -22.00
C TYR B 611 -14.13 -56.28 -23.39
N ASN B 612 -15.19 -55.83 -24.05
CA ASN B 612 -15.50 -56.34 -25.39
C ASN B 612 -14.44 -55.92 -26.39
N VAL B 613 -13.97 -54.68 -26.32
CA VAL B 613 -12.92 -54.23 -27.23
C VAL B 613 -11.65 -55.04 -26.99
N ASN B 614 -11.30 -55.25 -25.73
CA ASN B 614 -10.10 -56.04 -25.41
C ASN B 614 -10.25 -57.47 -25.92
N VAL B 615 -11.43 -58.07 -25.73
CA VAL B 615 -11.66 -59.43 -26.18
C VAL B 615 -11.58 -59.51 -27.70
N ASN B 616 -12.17 -58.54 -28.39
CA ASN B 616 -12.12 -58.55 -29.85
C ASN B 616 -10.68 -58.44 -30.34
N PHE B 617 -9.90 -57.54 -29.75
CA PHE B 617 -8.50 -57.42 -30.16
C PHE B 617 -7.73 -58.71 -29.88
N HIS B 618 -7.92 -59.29 -28.70
CA HIS B 618 -7.21 -60.51 -28.35
C HIS B 618 -7.59 -61.66 -29.29
N SER B 619 -8.87 -61.80 -29.59
CA SER B 619 -9.33 -62.86 -30.47
C SER B 619 -8.82 -62.66 -31.88
N ASN B 620 -8.86 -61.43 -32.39
CA ASN B 620 -8.32 -61.18 -33.71
C ASN B 620 -6.83 -61.49 -33.76
N TYR B 621 -6.10 -61.09 -32.72
CA TYR B 621 -4.67 -61.36 -32.65
C TYR B 621 -4.41 -62.86 -32.72
N ASN B 622 -5.12 -63.63 -31.90
CA ASN B 622 -4.89 -65.07 -31.87
C ASN B 622 -5.30 -65.74 -33.18
N GLU B 623 -6.42 -65.32 -33.76
CA GLU B 623 -6.88 -65.91 -35.01
C GLU B 623 -5.91 -65.63 -36.15
N ARG B 624 -5.39 -64.41 -36.23
CA ARG B 624 -4.42 -64.10 -37.27
C ARG B 624 -3.10 -64.81 -37.02
N ILE B 625 -2.70 -64.98 -35.76
CA ILE B 625 -1.52 -65.80 -35.47
C ILE B 625 -1.73 -67.22 -35.97
N ASN B 626 -2.90 -67.78 -35.72
CA ASN B 626 -3.18 -69.14 -36.16
C ASN B 626 -3.15 -69.23 -37.68
N ASP B 627 -3.73 -68.25 -38.37
CA ASP B 627 -3.71 -68.25 -39.82
C ASP B 627 -2.29 -68.21 -40.36
N ALA B 628 -1.47 -67.29 -39.83
CA ALA B 628 -0.10 -67.17 -40.30
C ALA B 628 0.69 -68.44 -40.01
N VAL B 629 0.51 -69.01 -38.81
CA VAL B 629 1.25 -70.21 -38.44
C VAL B 629 0.86 -71.37 -39.35
N ALA B 630 -0.44 -71.53 -39.62
CA ALA B 630 -0.87 -72.60 -40.52
C ALA B 630 -0.28 -72.42 -41.89
N ILE B 631 -0.31 -71.20 -42.43
CA ILE B 631 0.22 -70.97 -43.77
C ILE B 631 1.71 -71.26 -43.82
N ILE B 632 2.46 -70.78 -42.82
CA ILE B 632 3.91 -70.98 -42.81
C ILE B 632 4.25 -72.46 -42.70
N THR B 633 3.57 -73.16 -41.78
CA THR B 633 3.85 -74.57 -41.59
C THR B 633 3.50 -75.37 -42.84
N ALA B 634 2.38 -75.05 -43.48
CA ALA B 634 2.00 -75.75 -44.71
C ALA B 634 3.02 -75.49 -45.81
N ALA B 635 3.48 -74.25 -45.94
CA ALA B 635 4.46 -73.94 -46.98
C ALA B 635 5.76 -74.70 -46.73
N ASN B 636 6.19 -74.78 -45.48
CA ASN B 636 7.39 -75.55 -45.16
C ASN B 636 7.19 -77.03 -45.45
N ARG B 637 6.04 -77.59 -45.08
CA ARG B 637 5.80 -79.01 -45.26
C ARG B 637 5.65 -79.37 -46.74
N LEU B 638 5.23 -78.44 -47.57
CA LEU B 638 5.11 -78.66 -49.00
C LEU B 638 6.40 -78.33 -49.75
N ASN B 639 7.47 -78.01 -49.04
CA ASN B 639 8.79 -77.77 -49.64
C ASN B 639 8.72 -76.70 -50.73
N LEU B 640 8.08 -75.58 -50.39
CA LEU B 640 8.03 -74.42 -51.29
C LEU B 640 9.23 -73.53 -51.03
N TYR B 641 10.39 -74.03 -51.45
CA TYR B 641 11.66 -73.40 -51.12
C TYR B 641 11.85 -72.05 -51.79
N GLN B 642 11.14 -71.78 -52.89
CA GLN B 642 11.24 -70.49 -53.56
C GLN B 642 10.28 -69.46 -52.99
N LYS B 643 9.44 -69.83 -52.03
CA LYS B 643 8.42 -68.93 -51.52
C LYS B 643 9.02 -67.98 -50.50
N LYS B 644 8.91 -66.68 -50.77
CA LYS B 644 9.27 -65.67 -49.79
C LYS B 644 8.06 -65.37 -48.92
N MET B 645 8.23 -65.51 -47.61
CA MET B 645 7.11 -65.47 -46.67
C MET B 645 6.84 -64.07 -46.12
N LYS B 646 7.49 -63.03 -46.65
CA LYS B 646 7.21 -61.69 -46.19
C LYS B 646 5.76 -61.31 -46.45
N SER B 647 5.15 -61.84 -47.50
CA SER B 647 3.75 -61.54 -47.79
C SER B 647 2.83 -62.06 -46.69
N ILE B 648 3.11 -63.26 -46.18
CA ILE B 648 2.28 -63.85 -45.14
C ILE B 648 2.31 -62.97 -43.88
N VAL B 649 3.51 -62.56 -43.47
CA VAL B 649 3.63 -61.72 -42.28
C VAL B 649 3.03 -60.35 -42.53
N GLU B 650 3.15 -59.82 -43.74
CA GLU B 650 2.54 -58.54 -44.05
C GLU B 650 1.02 -58.62 -43.92
N ASP B 651 0.43 -59.69 -44.44
CA ASP B 651 -1.02 -59.87 -44.29
C ASP B 651 -1.40 -60.02 -42.83
N PHE B 652 -0.60 -60.77 -42.07
CA PHE B 652 -0.86 -60.92 -40.63
C PHE B 652 -0.89 -59.56 -39.94
N LEU B 653 0.15 -58.76 -40.14
CA LEU B 653 0.24 -57.45 -39.48
C LEU B 653 -0.87 -56.51 -39.96
N LYS B 654 -1.19 -56.55 -41.26
CA LYS B 654 -2.25 -55.70 -41.77
C LYS B 654 -3.59 -56.07 -41.17
N ARG B 655 -3.87 -57.37 -41.03
CA ARG B 655 -5.11 -57.82 -40.43
C ARG B 655 -5.16 -57.54 -38.93
N LEU B 656 -4.01 -57.38 -38.29
CA LEU B 656 -4.02 -56.94 -36.89
C LEU B 656 -4.62 -55.54 -36.75
N GLN B 657 -4.55 -54.73 -37.81
CA GLN B 657 -5.29 -53.50 -38.03
C GLN B 657 -4.75 -52.30 -37.23
N ILE B 658 -3.78 -52.47 -36.34
CA ILE B 658 -3.25 -51.36 -35.57
C ILE B 658 -1.84 -50.97 -35.97
N PHE B 659 -1.21 -51.70 -36.88
CA PHE B 659 0.15 -51.43 -37.31
C PHE B 659 0.15 -50.81 -38.71
N ASP B 660 0.99 -49.82 -38.90
CA ASP B 660 1.24 -49.23 -40.23
C ASP B 660 2.43 -49.98 -40.83
N ILE B 661 2.14 -50.95 -41.70
CA ILE B 661 3.19 -51.84 -42.18
C ILE B 661 4.23 -51.11 -43.02
N SER B 662 3.93 -49.90 -43.47
CA SER B 662 4.94 -49.13 -44.20
C SER B 662 6.14 -48.82 -43.32
N ARG B 663 5.95 -48.76 -42.00
CA ARG B 663 7.03 -48.50 -41.06
C ARG B 663 7.66 -49.77 -40.51
N VAL B 664 7.20 -50.95 -40.95
CA VAL B 664 7.75 -52.22 -40.49
C VAL B 664 8.73 -52.71 -41.56
N PRO B 665 10.03 -52.77 -41.27
CA PRO B 665 10.98 -53.27 -42.28
C PRO B 665 10.86 -54.76 -42.46
N ASP B 666 11.56 -55.25 -43.49
CA ASP B 666 11.47 -56.67 -43.86
C ASP B 666 12.11 -57.55 -42.79
N ASP B 667 13.20 -57.10 -42.18
CA ASP B 667 13.87 -57.92 -41.17
C ASP B 667 12.95 -58.19 -39.98
N GLN B 668 12.19 -57.19 -39.56
CA GLN B 668 11.25 -57.39 -38.47
C GLN B 668 10.17 -58.40 -38.86
N MET B 669 9.71 -58.33 -40.12
CA MET B 669 8.71 -59.29 -40.58
C MET B 669 9.27 -60.70 -40.57
N TYR B 670 10.53 -60.87 -40.96
CA TYR B 670 11.12 -62.21 -40.96
C TYR B 670 11.39 -62.71 -39.54
N ARG B 671 11.69 -61.80 -38.61
CA ARG B 671 11.77 -62.19 -37.21
C ARG B 671 10.42 -62.68 -36.70
N LEU B 672 9.35 -61.98 -37.09
CA LEU B 672 8.00 -62.44 -36.75
C LEU B 672 7.72 -63.80 -37.37
N ARG B 673 8.18 -64.00 -38.61
CA ARG B 673 8.02 -65.30 -39.26
C ARG B 673 8.73 -66.39 -38.48
N ASP B 674 9.96 -66.11 -38.02
CA ASP B 674 10.69 -67.09 -37.23
C ASP B 674 9.97 -67.41 -35.93
N ARG B 675 9.42 -66.40 -35.27
CA ARG B 675 8.69 -66.65 -34.02
C ARG B 675 7.41 -67.45 -34.28
N LEU B 676 6.70 -67.15 -35.37
CA LEU B 676 5.51 -67.92 -35.72
C LEU B 676 5.85 -69.35 -36.08
N ARG B 677 7.01 -69.57 -36.72
CA ARG B 677 7.37 -70.89 -37.20
C ARG B 677 7.52 -71.91 -36.07
N LEU B 678 7.79 -71.46 -34.86
CA LEU B 678 7.96 -72.35 -33.72
C LEU B 678 6.67 -72.63 -32.98
N LEU B 679 5.57 -71.98 -33.36
CA LEU B 679 4.30 -72.22 -32.68
C LEU B 679 3.59 -73.43 -33.31
N PRO B 680 2.93 -74.28 -32.50
CA PRO B 680 2.14 -75.36 -33.08
C PRO B 680 0.93 -74.83 -33.82
N VAL B 681 0.50 -75.59 -34.82
CA VAL B 681 -0.65 -75.20 -35.64
C VAL B 681 -1.93 -75.52 -34.87
N GLU B 682 -2.97 -74.72 -35.12
CA GLU B 682 -4.25 -74.95 -34.48
C GLU B 682 -4.82 -76.29 -34.93
N ILE B 683 -5.57 -76.93 -34.03
CA ILE B 683 -5.94 -78.33 -34.23
C ILE B 683 -6.79 -78.50 -35.49
N ARG B 684 -7.77 -77.62 -35.69
CA ARG B 684 -8.61 -77.73 -36.88
C ARG B 684 -7.81 -77.51 -38.15
N ARG B 685 -7.01 -76.44 -38.18
CA ARG B 685 -6.18 -76.19 -39.35
C ARG B 685 -5.18 -77.30 -39.58
N LEU B 686 -4.58 -77.82 -38.49
CA LEU B 686 -3.63 -78.91 -38.61
C LEU B 686 -4.27 -80.16 -39.20
N ASP B 687 -5.48 -80.50 -38.74
CA ASP B 687 -6.15 -81.69 -39.25
C ASP B 687 -6.56 -81.51 -40.70
N ILE B 688 -7.01 -80.31 -41.07
CA ILE B 688 -7.33 -80.05 -42.47
C ILE B 688 -6.09 -80.21 -43.34
N PHE B 689 -4.95 -79.69 -42.88
CA PHE B 689 -3.72 -79.86 -43.64
C PHE B 689 -3.31 -81.33 -43.71
N ASN B 690 -3.55 -82.08 -42.64
CA ASN B 690 -3.24 -83.50 -42.67
C ASN B 690 -4.10 -84.22 -43.71
N LEU B 691 -5.38 -83.87 -43.78
CA LEU B 691 -6.25 -84.44 -44.80
C LEU B 691 -5.72 -84.12 -46.20
N ILE B 692 -5.34 -82.87 -46.42
CA ILE B 692 -4.84 -82.47 -47.73
C ILE B 692 -3.54 -83.18 -48.06
N LEU B 693 -2.64 -83.31 -47.09
CA LEU B 693 -1.40 -84.03 -47.32
C LEU B 693 -1.66 -85.49 -47.64
N MET B 694 -2.64 -86.09 -46.97
CA MET B 694 -2.99 -87.48 -47.22
C MET B 694 -3.51 -87.66 -48.64
N ASN B 695 -4.37 -86.74 -49.09
CA ASN B 695 -5.13 -86.95 -50.32
C ASN B 695 -4.61 -86.17 -51.52
N MET B 696 -3.50 -85.44 -51.38
CA MET B 696 -3.05 -84.59 -52.48
C MET B 696 -2.51 -85.42 -53.64
N GLU B 697 -1.84 -86.53 -53.34
CA GLU B 697 -1.37 -87.40 -54.42
C GLU B 697 -2.54 -87.94 -55.22
N GLN B 698 -3.59 -88.38 -54.54
CA GLN B 698 -4.77 -88.89 -55.24
C GLN B 698 -5.47 -87.78 -56.03
N ILE B 699 -5.54 -86.57 -55.46
CA ILE B 699 -6.18 -85.47 -56.16
C ILE B 699 -5.39 -85.11 -57.42
N GLU B 700 -4.06 -85.05 -57.31
CA GLU B 700 -3.24 -84.74 -58.47
C GLU B 700 -3.35 -85.82 -59.54
N ARG B 701 -3.31 -87.09 -59.14
CA ARG B 701 -3.36 -88.16 -60.12
C ARG B 701 -4.73 -88.30 -60.76
N ALA B 702 -5.76 -87.66 -60.21
CA ALA B 702 -7.07 -87.62 -60.83
C ALA B 702 -7.16 -86.58 -61.94
N SER B 703 -6.14 -85.76 -62.11
CA SER B 703 -6.18 -84.72 -63.13
C SER B 703 -6.09 -85.31 -64.52
N ASP B 704 -6.73 -84.63 -65.47
CA ASP B 704 -6.65 -84.97 -66.88
C ASP B 704 -5.76 -84.02 -67.67
N LYS B 705 -5.34 -82.92 -67.06
CA LYS B 705 -4.47 -81.95 -67.73
C LYS B 705 -3.01 -82.34 -67.67
N ILE B 706 -2.59 -83.09 -66.66
CA ILE B 706 -1.20 -83.43 -66.44
C ILE B 706 -1.06 -84.93 -66.23
N ALA B 707 0.15 -85.42 -66.50
CA ALA B 707 0.54 -86.78 -66.17
C ALA B 707 1.63 -86.72 -65.10
N GLN B 708 1.85 -87.85 -64.44
CA GLN B 708 2.87 -87.90 -63.40
C GLN B 708 4.26 -88.10 -63.95
N GLY B 709 4.38 -88.51 -65.21
CA GLY B 709 5.69 -88.58 -65.82
C GLY B 709 5.62 -89.29 -67.15
N VAL B 710 6.80 -89.62 -67.68
CA VAL B 710 6.91 -90.36 -68.93
C VAL B 710 8.05 -91.36 -68.82
N ILE B 711 7.76 -92.62 -69.10
CA ILE B 711 8.78 -93.66 -69.18
C ILE B 711 9.25 -93.75 -70.63
N ILE B 712 10.53 -93.50 -70.84
CA ILE B 712 11.15 -93.63 -72.15
C ILE B 712 11.89 -94.97 -72.11
N ALA B 713 11.22 -96.01 -72.55
CA ALA B 713 11.85 -97.29 -72.85
C ALA B 713 12.13 -97.37 -74.35
N TYR B 714 12.98 -98.31 -74.73
CA TYR B 714 13.35 -98.49 -76.12
C TYR B 714 13.07 -99.91 -76.56
N ARG B 715 12.11 -100.56 -75.92
CA ARG B 715 11.59 -101.85 -76.31
C ARG B 715 10.08 -101.74 -76.43
N ASP B 716 9.49 -102.57 -77.28
CA ASP B 716 8.06 -102.50 -77.50
C ASP B 716 7.31 -103.09 -76.31
N MET B 717 6.37 -102.31 -75.77
CA MET B 717 5.55 -102.72 -74.64
C MET B 717 4.08 -102.63 -75.04
N GLN B 718 3.35 -103.71 -74.80
CA GLN B 718 1.95 -103.74 -75.20
C GLN B 718 1.16 -102.68 -74.46
N LEU B 719 0.31 -101.97 -75.20
CA LEU B 719 -0.55 -100.96 -74.58
C LEU B 719 -1.50 -101.63 -73.60
N GLU B 720 -1.75 -100.95 -72.49
CA GLU B 720 -2.60 -101.50 -71.45
C GLU B 720 -4.07 -101.38 -71.84
N ARG B 721 -4.86 -102.34 -71.40
CA ARG B 721 -6.30 -102.35 -71.63
C ARG B 721 -6.99 -101.69 -70.44
N ASP B 722 -7.77 -100.64 -70.72
CA ASP B 722 -8.57 -99.99 -69.70
C ASP B 722 -9.92 -99.66 -70.31
N GLU B 723 -11.00 -99.88 -69.57
CA GLU B 723 -12.33 -99.74 -70.16
C GLU B 723 -12.59 -98.32 -70.62
N MET B 724 -12.05 -97.32 -69.93
CA MET B 724 -12.34 -95.93 -70.26
C MET B 724 -11.37 -95.34 -71.29
N TYR B 725 -10.46 -96.16 -71.84
CA TYR B 725 -9.49 -95.68 -72.81
C TYR B 725 -9.45 -96.54 -74.06
N GLY B 726 -9.76 -97.82 -73.92
CA GLY B 726 -9.37 -98.80 -74.91
C GLY B 726 -7.96 -99.26 -74.62
N TYR B 727 -7.11 -99.25 -75.65
CA TYR B 727 -5.68 -99.44 -75.47
C TYR B 727 -5.04 -98.10 -75.17
N VAL B 728 -4.16 -98.06 -74.19
CA VAL B 728 -3.52 -96.82 -73.76
C VAL B 728 -2.14 -97.13 -73.23
N ASN B 729 -1.17 -96.29 -73.62
CA ASN B 729 0.22 -96.47 -73.19
C ASN B 729 0.46 -95.80 -71.83
N ILE B 730 -0.31 -96.26 -70.84
CA ILE B 730 -0.24 -95.74 -69.48
C ILE B 730 0.61 -96.69 -68.64
N ALA B 731 1.39 -96.10 -67.73
CA ALA B 731 2.16 -96.86 -66.74
C ALA B 731 1.61 -96.56 -65.36
N ARG B 732 1.23 -97.61 -64.63
CA ARG B 732 0.70 -97.42 -63.29
C ARG B 732 1.80 -97.10 -62.30
N ASN B 733 3.02 -97.55 -62.56
CA ASN B 733 4.14 -97.34 -61.66
C ASN B 733 5.43 -97.29 -62.46
N LEU B 734 6.45 -96.71 -61.85
CA LEU B 734 7.79 -96.60 -62.45
C LEU B 734 8.69 -97.74 -61.98
N ASP B 735 8.23 -98.98 -62.12
CA ASP B 735 9.00 -100.11 -61.62
C ASP B 735 10.05 -100.54 -62.64
N GLY B 736 11.28 -100.72 -62.18
CA GLY B 736 12.34 -101.17 -63.05
C GLY B 736 12.86 -100.12 -64.00
N PHE B 737 12.73 -98.85 -63.65
CA PHE B 737 13.18 -97.75 -64.49
C PHE B 737 13.92 -96.74 -63.64
N GLN B 738 15.08 -96.29 -64.13
CA GLN B 738 15.80 -95.21 -63.47
C GLN B 738 15.04 -93.90 -63.66
N GLN B 739 14.93 -93.15 -62.57
CA GLN B 739 14.10 -91.94 -62.54
C GLN B 739 14.97 -90.71 -62.55
N ILE B 740 14.63 -89.76 -63.43
CA ILE B 740 15.22 -88.43 -63.45
C ILE B 740 14.13 -87.46 -62.99
N ASN B 741 14.43 -86.72 -61.92
CA ASN B 741 13.49 -85.74 -61.39
C ASN B 741 13.50 -84.49 -62.26
N LEU B 742 12.34 -84.16 -62.84
CA LEU B 742 12.27 -83.00 -63.72
C LEU B 742 12.35 -81.69 -62.94
N GLU B 743 11.82 -81.67 -61.71
CA GLU B 743 11.94 -80.47 -60.89
C GLU B 743 13.39 -80.16 -60.56
N GLU B 744 14.15 -81.17 -60.17
CA GLU B 744 15.57 -80.96 -59.90
C GLU B 744 16.32 -80.56 -61.15
N LEU B 745 15.97 -81.17 -62.29
CA LEU B 745 16.63 -80.81 -63.54
C LEU B 745 16.36 -79.35 -63.91
N MET B 746 15.12 -78.90 -63.72
CA MET B 746 14.79 -77.50 -63.99
C MET B 746 15.50 -76.56 -63.02
N ARG B 747 15.58 -76.95 -61.74
CA ARG B 747 16.20 -76.07 -60.76
C ARG B 747 17.70 -75.95 -60.99
N THR B 748 18.38 -77.08 -61.16
CA THR B 748 19.84 -77.06 -61.29
C THR B 748 20.27 -76.59 -62.68
N GLY B 749 19.52 -76.97 -63.72
CA GLY B 749 19.84 -76.57 -65.07
C GLY B 749 20.90 -77.41 -65.74
N ASP B 750 21.44 -78.43 -65.09
CA ASP B 750 22.46 -79.29 -65.66
C ASP B 750 21.78 -80.44 -66.39
N TYR B 751 21.91 -80.46 -67.72
CA TYR B 751 21.26 -81.45 -68.57
C TYR B 751 22.21 -82.54 -69.04
N ALA B 752 23.37 -82.67 -68.39
CA ALA B 752 24.34 -83.67 -68.83
C ALA B 752 23.80 -85.08 -68.72
N GLN B 753 23.18 -85.42 -67.58
CA GLN B 753 22.71 -86.78 -67.38
C GLN B 753 21.60 -87.13 -68.35
N ILE B 754 20.58 -86.27 -68.45
CA ILE B 754 19.45 -86.57 -69.32
C ILE B 754 19.89 -86.56 -70.78
N THR B 755 20.79 -85.65 -71.15
CA THR B 755 21.30 -85.64 -72.52
C THR B 755 22.05 -86.92 -72.84
N ASN B 756 22.90 -87.38 -71.92
CA ASN B 756 23.64 -88.62 -72.16
C ASN B 756 22.69 -89.80 -72.26
N MET B 757 21.66 -89.84 -71.41
CA MET B 757 20.72 -90.95 -71.45
C MET B 757 19.91 -90.95 -72.73
N LEU B 758 19.51 -89.77 -73.22
CA LEU B 758 18.72 -89.69 -74.44
C LEU B 758 19.56 -89.97 -75.68
N LEU B 759 20.83 -89.60 -75.66
CA LEU B 759 21.69 -89.87 -76.82
C LEU B 759 22.06 -91.34 -76.90
N ASN B 760 22.22 -92.01 -75.77
CA ASN B 760 22.61 -93.41 -75.72
C ASN B 760 21.44 -94.36 -75.67
N ASN B 761 20.21 -93.85 -75.74
CA ASN B 761 19.00 -94.67 -75.73
C ASN B 761 18.97 -95.56 -74.49
N GLN B 762 19.23 -94.95 -73.34
CA GLN B 762 19.19 -95.65 -72.06
C GLN B 762 17.79 -95.54 -71.47
N PRO B 763 17.09 -96.64 -71.21
CA PRO B 763 15.73 -96.52 -70.67
C PRO B 763 15.71 -95.73 -69.38
N VAL B 764 14.73 -94.83 -69.26
CA VAL B 764 14.65 -93.89 -68.14
C VAL B 764 13.19 -93.57 -67.88
N ALA B 765 12.94 -92.85 -66.79
CA ALA B 765 11.61 -92.33 -66.47
C ALA B 765 11.77 -90.89 -66.02
N LEU B 766 11.27 -89.95 -66.83
CA LEU B 766 11.26 -88.54 -66.45
C LEU B 766 10.04 -88.30 -65.57
N VAL B 767 10.28 -87.94 -64.31
CA VAL B 767 9.23 -87.86 -63.30
C VAL B 767 8.94 -86.39 -63.01
N GLY B 768 7.68 -86.03 -63.05
CA GLY B 768 7.23 -84.68 -62.75
C GLY B 768 5.94 -84.39 -63.47
N ALA B 769 5.16 -83.48 -62.88
CA ALA B 769 3.88 -83.09 -63.47
C ALA B 769 4.09 -82.55 -64.87
N LEU B 770 3.58 -83.26 -65.87
CA LEU B 770 3.81 -82.95 -67.26
C LEU B 770 2.49 -82.86 -68.02
N PRO B 771 2.35 -81.90 -68.93
CA PRO B 771 1.22 -81.97 -69.87
C PRO B 771 1.48 -83.03 -70.92
N PHE B 772 0.40 -83.53 -71.52
CA PHE B 772 0.53 -84.58 -72.51
C PHE B 772 -0.47 -84.35 -73.63
N ILE B 773 -0.15 -84.93 -74.80
CA ILE B 773 -1.00 -84.87 -75.97
C ILE B 773 -1.73 -86.20 -76.07
N THR B 774 -3.04 -86.15 -76.29
CA THR B 774 -3.85 -87.33 -76.51
C THR B 774 -3.96 -87.56 -78.01
N ASP B 775 -3.50 -88.72 -78.48
CA ASP B 775 -3.52 -89.07 -79.89
C ASP B 775 -4.32 -90.35 -80.05
N SER B 776 -5.45 -90.26 -80.75
CA SER B 776 -6.30 -91.41 -81.02
C SER B 776 -6.09 -91.98 -82.41
N SER B 777 -4.89 -91.80 -82.96
CA SER B 777 -4.57 -92.24 -84.31
C SER B 777 -3.70 -93.48 -84.24
N VAL B 778 -4.17 -94.56 -84.86
CA VAL B 778 -3.39 -95.80 -84.90
C VAL B 778 -2.15 -95.60 -85.75
N ILE B 779 -2.26 -94.81 -86.83
CA ILE B 779 -1.12 -94.57 -87.69
C ILE B 779 -0.03 -93.82 -86.94
N SER B 780 -0.40 -92.89 -86.07
CA SER B 780 0.58 -92.19 -85.27
C SER B 780 1.34 -93.14 -84.37
N LEU B 781 0.64 -94.09 -83.75
CA LEU B 781 1.31 -95.10 -82.93
C LEU B 781 2.22 -95.98 -83.77
N VAL B 782 1.76 -96.39 -84.95
CA VAL B 782 2.61 -97.17 -85.84
C VAL B 782 3.79 -96.33 -86.32
N ALA B 783 3.58 -95.03 -86.53
CA ALA B 783 4.67 -94.13 -86.90
C ALA B 783 5.66 -93.92 -85.77
N LYS B 784 5.32 -94.33 -84.54
CA LYS B 784 6.22 -94.22 -83.40
C LYS B 784 6.51 -92.76 -83.07
N LEU B 785 5.46 -91.93 -83.06
CA LEU B 785 5.65 -90.51 -82.83
C LEU B 785 5.94 -90.19 -81.37
N ASP B 786 5.47 -91.03 -80.44
CA ASP B 786 5.74 -90.78 -79.02
C ASP B 786 7.23 -90.75 -78.73
N ALA B 787 8.03 -91.46 -79.52
CA ALA B 787 9.47 -91.49 -79.32
C ALA B 787 10.19 -90.28 -79.90
N THR B 788 9.48 -89.40 -80.61
CA THR B 788 10.09 -88.29 -81.30
C THR B 788 9.94 -86.97 -80.56
N VAL B 789 9.50 -86.99 -79.30
CA VAL B 789 9.17 -85.77 -78.56
C VAL B 789 10.25 -85.43 -77.53
N PHE B 790 11.39 -86.11 -77.56
CA PHE B 790 12.42 -85.91 -76.55
C PHE B 790 13.71 -85.32 -77.08
N ALA B 791 13.94 -85.36 -78.41
CA ALA B 791 15.16 -84.81 -78.95
C ALA B 791 15.25 -83.30 -78.70
N GLN B 792 14.12 -82.64 -78.52
CA GLN B 792 14.13 -81.21 -78.23
C GLN B 792 14.76 -80.92 -76.87
N ILE B 793 14.76 -81.88 -75.96
CA ILE B 793 15.47 -81.71 -74.70
C ILE B 793 16.96 -81.54 -74.96
N VAL B 794 17.52 -82.41 -75.80
CA VAL B 794 18.94 -82.32 -76.14
C VAL B 794 19.21 -81.06 -76.95
N LYS B 795 18.29 -80.70 -77.85
CA LYS B 795 18.51 -79.53 -78.70
C LYS B 795 18.52 -78.24 -77.88
N LEU B 796 17.52 -78.04 -77.04
CA LEU B 796 17.30 -76.77 -76.37
C LEU B 796 17.62 -76.79 -74.88
N ARG B 797 17.85 -77.96 -74.29
CA ARG B 797 18.10 -78.09 -72.86
C ARG B 797 16.96 -77.47 -72.06
N LYS B 798 15.73 -77.78 -72.49
CA LYS B 798 14.52 -77.36 -71.80
C LYS B 798 13.61 -78.56 -71.64
N VAL B 799 12.97 -78.65 -70.47
CA VAL B 799 11.99 -79.70 -70.21
C VAL B 799 10.60 -79.14 -69.95
N ASP B 800 10.46 -77.83 -69.74
CA ASP B 800 9.13 -77.26 -69.57
C ASP B 800 8.30 -77.37 -70.84
N THR B 801 8.94 -77.52 -71.99
CA THR B 801 8.25 -77.73 -73.26
C THR B 801 7.93 -79.19 -73.52
N LEU B 802 8.38 -80.10 -72.67
CA LEU B 802 8.13 -81.52 -72.87
C LEU B 802 6.64 -81.82 -72.77
N LYS B 803 6.13 -82.59 -73.72
CA LYS B 803 4.71 -82.92 -73.77
C LYS B 803 4.56 -84.30 -74.41
N PRO B 804 4.69 -85.37 -73.63
CA PRO B 804 4.63 -86.72 -74.20
C PRO B 804 3.26 -87.06 -74.76
N ILE B 805 3.27 -88.01 -75.69
CA ILE B 805 2.05 -88.46 -76.37
C ILE B 805 1.39 -89.55 -75.54
N LEU B 806 0.08 -89.43 -75.35
CA LEU B 806 -0.74 -90.42 -74.67
C LEU B 806 -1.69 -91.04 -75.69
N TYR B 807 -1.38 -92.24 -76.13
CA TYR B 807 -2.21 -92.91 -77.13
C TYR B 807 -3.51 -93.41 -76.52
N LYS B 808 -4.59 -93.24 -77.27
CA LYS B 808 -5.94 -93.66 -76.85
C LYS B 808 -6.56 -94.37 -78.05
N ILE B 809 -6.32 -95.68 -78.15
CA ILE B 809 -6.74 -96.47 -79.30
C ILE B 809 -8.02 -97.21 -78.95
N ASN B 810 -9.08 -96.91 -79.68
CA ASN B 810 -10.35 -97.61 -79.52
C ASN B 810 -11.12 -97.50 -80.84
N SER B 811 -12.36 -97.99 -80.84
CA SER B 811 -13.15 -98.01 -82.06
C SER B 811 -13.43 -96.60 -82.57
N ASP B 812 -13.33 -95.57 -81.71
CA ASP B 812 -13.48 -94.21 -82.19
C ASP B 812 -12.32 -93.77 -83.06
N SER B 813 -11.18 -94.44 -82.97
CA SER B 813 -10.05 -94.12 -83.83
C SER B 813 -10.41 -94.37 -85.29
N ASN B 814 -9.91 -93.52 -86.18
CA ASN B 814 -10.25 -93.61 -87.59
C ASN B 814 -9.66 -94.85 -88.25
N ASP B 815 -8.59 -95.41 -87.69
CA ASP B 815 -7.90 -96.57 -88.28
C ASP B 815 -7.96 -97.76 -87.34
N PHE B 816 -9.01 -97.87 -86.53
CA PHE B 816 -9.12 -98.99 -85.60
C PHE B 816 -9.27 -100.31 -86.34
N TYR B 817 -9.66 -100.29 -87.62
CA TYR B 817 -9.74 -101.52 -88.39
C TYR B 817 -8.40 -102.22 -88.46
N LEU B 818 -7.29 -101.49 -88.30
CA LEU B 818 -5.99 -102.16 -88.23
C LEU B 818 -5.89 -103.03 -86.98
N VAL B 819 -6.39 -102.53 -85.85
CA VAL B 819 -6.42 -103.34 -84.64
C VAL B 819 -7.39 -104.51 -84.80
N ALA B 820 -8.55 -104.26 -85.41
CA ALA B 820 -9.58 -105.28 -85.47
C ALA B 820 -9.23 -106.40 -86.44
N ASN B 821 -8.73 -106.05 -87.63
CA ASN B 821 -8.58 -107.00 -88.72
C ASN B 821 -7.31 -107.84 -88.65
N TYR B 822 -6.35 -107.47 -87.82
CA TYR B 822 -5.08 -108.18 -87.72
C TYR B 822 -4.84 -108.78 -86.35
N ASP B 823 -5.87 -108.86 -85.50
CA ASP B 823 -5.77 -109.35 -84.12
C ASP B 823 -4.47 -108.88 -83.47
N TRP B 824 -4.20 -107.59 -83.63
CA TRP B 824 -2.94 -106.99 -83.25
C TRP B 824 -3.10 -106.21 -81.96
N VAL B 825 -2.25 -106.48 -80.99
CA VAL B 825 -2.23 -105.75 -79.72
C VAL B 825 -1.28 -104.57 -79.89
N PRO B 826 -1.74 -103.33 -79.80
CA PRO B 826 -0.85 -102.19 -79.99
C PRO B 826 0.29 -102.20 -78.98
N THR B 827 1.48 -101.79 -79.45
CA THR B 827 2.67 -101.71 -78.64
C THR B 827 3.31 -100.35 -78.83
N SER B 828 4.08 -99.93 -77.83
CA SER B 828 4.77 -98.65 -77.88
C SER B 828 6.05 -98.74 -77.07
N THR B 829 6.98 -97.82 -77.36
CA THR B 829 8.23 -97.73 -76.62
C THR B 829 8.18 -96.72 -75.49
N THR B 830 7.24 -95.78 -75.54
CA THR B 830 7.10 -94.76 -74.51
C THR B 830 5.77 -94.94 -73.81
N LYS B 831 5.76 -94.73 -72.50
CA LYS B 831 4.56 -94.84 -71.68
C LYS B 831 4.38 -93.55 -70.89
N VAL B 832 3.13 -93.26 -70.54
CA VAL B 832 2.81 -92.09 -69.73
C VAL B 832 2.52 -92.55 -68.31
N TYR B 833 3.35 -92.11 -67.36
CA TYR B 833 3.15 -92.41 -65.96
C TYR B 833 1.95 -91.60 -65.48
N LYS B 834 0.80 -92.28 -65.39
CA LYS B 834 -0.48 -91.65 -65.13
C LYS B 834 -1.41 -92.73 -64.57
N GLN B 835 -2.43 -92.29 -63.84
CA GLN B 835 -3.43 -93.18 -63.26
C GLN B 835 -4.71 -93.15 -64.08
N ILE B 836 -5.59 -94.11 -63.79
CA ILE B 836 -6.89 -94.18 -64.45
C ILE B 836 -7.95 -93.70 -63.46
N PRO B 837 -9.06 -93.13 -63.93
CA PRO B 837 -10.09 -92.67 -63.00
C PRO B 837 -10.74 -93.82 -62.24
N GLN B 838 -11.22 -93.51 -61.05
CA GLN B 838 -11.93 -94.48 -60.23
C GLN B 838 -13.40 -94.50 -60.60
N GLN B 839 -13.97 -95.70 -60.67
CA GLN B 839 -15.38 -95.84 -61.00
C GLN B 839 -16.24 -95.18 -59.94
N PHE B 840 -17.36 -94.61 -60.37
CA PHE B 840 -18.34 -94.03 -59.47
C PHE B 840 -19.34 -95.10 -59.09
N ASP B 841 -19.24 -95.59 -57.84
CA ASP B 841 -20.21 -96.53 -57.29
C ASP B 841 -21.23 -95.71 -56.49
N PHE B 842 -22.46 -95.67 -56.98
CA PHE B 842 -23.47 -94.82 -56.35
C PHE B 842 -23.76 -95.26 -54.92
N ARG B 843 -23.89 -96.57 -54.70
CA ARG B 843 -24.17 -97.08 -53.36
C ARG B 843 -23.03 -96.76 -52.40
N ALA B 844 -21.78 -96.93 -52.85
CA ALA B 844 -20.64 -96.69 -51.98
C ALA B 844 -20.48 -95.22 -51.64
N SER B 845 -20.94 -94.31 -52.51
CA SER B 845 -20.78 -92.88 -52.29
C SER B 845 -21.88 -92.29 -51.41
N MET B 846 -22.86 -93.07 -51.01
CA MET B 846 -23.93 -92.57 -50.17
C MET B 846 -23.47 -92.56 -48.72
N HIS B 847 -23.48 -91.38 -48.10
CA HIS B 847 -23.13 -91.21 -46.70
C HIS B 847 -24.24 -90.46 -46.00
N MET B 848 -24.55 -90.87 -44.77
CA MET B 848 -25.56 -90.19 -43.96
C MET B 848 -24.84 -89.13 -43.15
N LEU B 849 -24.96 -87.89 -43.58
CA LEU B 849 -24.37 -86.76 -42.86
C LEU B 849 -25.30 -86.34 -41.73
N THR B 850 -24.75 -86.27 -40.52
CA THR B 850 -25.53 -86.00 -39.32
C THR B 850 -25.16 -84.64 -38.76
N SER B 851 -26.16 -83.87 -38.35
CA SER B 851 -25.93 -82.58 -37.72
C SER B 851 -27.07 -82.32 -36.73
N ASN B 852 -27.01 -81.17 -36.07
CA ASN B 852 -28.11 -80.75 -35.23
C ASN B 852 -29.26 -80.26 -36.10
N LEU B 853 -30.48 -80.56 -35.69
CA LEU B 853 -31.64 -80.14 -36.46
C LEU B 853 -31.75 -78.62 -36.53
N THR B 854 -31.54 -77.94 -35.41
CA THR B 854 -31.62 -76.49 -35.40
C THR B 854 -31.03 -75.97 -34.11
N PHE B 855 -30.39 -74.80 -34.20
CA PHE B 855 -30.00 -74.03 -33.03
C PHE B 855 -29.88 -72.57 -33.44
N THR B 856 -29.68 -71.71 -32.46
CA THR B 856 -29.48 -70.29 -32.67
C THR B 856 -28.14 -69.89 -32.08
N VAL B 857 -27.39 -69.06 -32.82
CA VAL B 857 -26.06 -68.64 -32.44
C VAL B 857 -26.12 -67.16 -32.05
N TYR B 858 -25.56 -66.84 -30.89
CA TYR B 858 -25.54 -65.48 -30.37
C TYR B 858 -24.11 -64.99 -30.31
N SER B 859 -23.93 -63.69 -30.59
CA SER B 859 -22.60 -63.10 -30.70
C SER B 859 -22.18 -62.36 -29.43
N ASP B 860 -22.97 -61.37 -29.01
CA ASP B 860 -22.63 -60.54 -27.86
C ASP B 860 -23.39 -61.06 -26.64
N LEU B 861 -22.66 -61.67 -25.71
CA LEU B 861 -23.29 -62.21 -24.51
C LEU B 861 -23.68 -61.10 -23.54
N LEU B 862 -22.85 -60.06 -23.42
CA LEU B 862 -23.15 -58.96 -22.51
C LEU B 862 -24.35 -58.15 -22.96
N ALA B 863 -24.82 -58.35 -24.20
CA ALA B 863 -26.07 -57.74 -24.62
C ALA B 863 -27.23 -58.21 -23.78
N PHE B 864 -27.16 -59.45 -23.28
CA PHE B 864 -28.22 -60.02 -22.47
C PHE B 864 -28.10 -59.67 -21.00
N VAL B 865 -27.08 -58.90 -20.60
CA VAL B 865 -26.86 -58.49 -19.23
C VAL B 865 -27.07 -56.99 -19.12
N SER B 866 -27.97 -56.57 -18.23
CA SER B 866 -28.16 -55.17 -17.89
C SER B 866 -27.53 -54.94 -16.53
N ALA B 867 -26.54 -54.05 -16.48
CA ALA B 867 -25.78 -53.79 -15.28
C ALA B 867 -25.92 -52.33 -14.88
N ASP B 868 -26.08 -52.10 -13.58
CA ASP B 868 -26.16 -50.75 -13.02
C ASP B 868 -25.26 -50.66 -11.80
N THR B 869 -25.10 -49.43 -11.31
CA THR B 869 -24.20 -49.13 -10.21
C THR B 869 -24.99 -48.73 -8.96
N VAL B 870 -24.39 -48.99 -7.81
CA VAL B 870 -24.91 -48.49 -6.54
C VAL B 870 -24.64 -46.99 -6.50
N GLU B 871 -25.24 -46.29 -5.54
CA GLU B 871 -24.99 -44.86 -5.42
C GLU B 871 -23.50 -44.63 -5.14
N PRO B 872 -22.83 -43.74 -5.87
CA PRO B 872 -21.38 -43.59 -5.67
C PRO B 872 -21.00 -43.17 -4.26
N ILE B 873 -21.90 -42.53 -3.51
CA ILE B 873 -21.59 -42.16 -2.14
C ILE B 873 -21.31 -43.40 -1.31
N ASN B 874 -21.92 -44.53 -1.66
CA ASN B 874 -21.77 -45.78 -0.93
C ASN B 874 -20.92 -46.80 -1.70
N ALA B 875 -20.19 -46.36 -2.72
CA ALA B 875 -19.27 -47.25 -3.42
C ALA B 875 -18.09 -47.55 -2.50
N VAL B 876 -17.82 -48.84 -2.29
CA VAL B 876 -16.81 -49.27 -1.34
C VAL B 876 -15.59 -49.75 -2.11
N ALA B 877 -14.43 -49.70 -1.43
CA ALA B 877 -13.18 -50.16 -2.01
C ALA B 877 -12.91 -51.60 -1.56
N PHE B 878 -11.70 -52.09 -1.84
CA PHE B 878 -11.39 -53.49 -1.55
C PHE B 878 -11.44 -53.79 -0.05
N ASP B 879 -11.26 -52.77 0.79
CA ASP B 879 -11.26 -52.95 2.23
C ASP B 879 -12.64 -52.77 2.85
N ASN B 880 -13.70 -52.82 2.04
CA ASN B 880 -15.10 -52.73 2.45
C ASN B 880 -15.49 -51.33 2.91
N MET B 881 -14.57 -50.37 2.92
CA MET B 881 -14.87 -49.00 3.28
C MET B 881 -15.17 -48.18 2.03
N ARG B 882 -15.84 -47.06 2.22
CA ARG B 882 -16.19 -46.20 1.10
C ARG B 882 -14.92 -45.71 0.40
N ILE B 883 -14.99 -45.60 -0.93
CA ILE B 883 -13.84 -45.15 -1.70
C ILE B 883 -13.47 -43.73 -1.30
N MET B 884 -14.47 -42.86 -1.18
CA MET B 884 -14.29 -41.49 -0.73
C MET B 884 -15.12 -41.26 0.53
N ASN B 885 -14.51 -40.66 1.54
CA ASN B 885 -15.15 -40.48 2.84
C ASN B 885 -15.23 -39.03 3.29
N GLU B 886 -14.63 -38.08 2.58
CA GLU B 886 -14.70 -36.69 2.99
C GLU B 886 -16.13 -36.18 2.90
N LEU B 887 -16.46 -35.24 3.79
CA LEU B 887 -17.82 -34.71 3.87
C LEU B 887 -18.29 -34.16 2.52
N THR C 85 3.43 15.30 -12.12
CA THR C 85 4.50 16.27 -12.27
C THR C 85 5.61 15.99 -11.26
N LYS C 86 5.22 15.73 -10.01
CA LYS C 86 6.19 15.41 -8.98
C LYS C 86 6.99 14.18 -9.39
N GLU C 87 6.31 13.13 -9.86
CA GLU C 87 7.01 11.98 -10.42
C GLU C 87 7.81 12.38 -11.64
N GLU C 88 7.26 13.28 -12.46
CA GLU C 88 7.99 13.74 -13.64
C GLU C 88 9.26 14.48 -13.24
N HIS C 89 9.18 15.31 -12.20
CA HIS C 89 10.38 15.97 -11.69
C HIS C 89 11.39 14.95 -11.17
N GLN C 90 10.91 13.93 -10.46
CA GLN C 90 11.84 12.92 -9.95
C GLN C 90 12.50 12.13 -11.06
N LYS C 91 11.82 11.94 -12.20
CA LYS C 91 12.45 11.26 -13.32
C LYS C 91 13.70 11.99 -13.80
N GLU C 92 13.77 13.30 -13.59
CA GLU C 92 14.89 14.08 -14.10
C GLU C 92 16.23 13.61 -13.53
N VAL C 93 16.21 12.91 -12.40
CA VAL C 93 17.46 12.42 -11.83
C VAL C 93 18.10 11.39 -12.76
N GLN C 94 19.42 11.36 -12.78
CA GLN C 94 20.19 10.58 -13.74
C GLN C 94 20.68 9.26 -13.16
N TYR C 95 19.87 8.61 -12.33
CA TYR C 95 20.23 7.33 -11.72
C TYR C 95 19.64 6.18 -12.52
N GLU C 96 20.48 5.19 -12.83
CA GLU C 96 20.04 3.94 -13.45
C GLU C 96 20.30 2.81 -12.46
N ILE C 97 19.27 2.00 -12.22
CA ILE C 97 19.34 1.04 -11.12
C ILE C 97 20.39 -0.03 -11.39
N LEU C 98 20.41 -0.56 -12.61
CA LEU C 98 21.40 -1.56 -13.00
C LEU C 98 22.44 -0.87 -13.88
N GLN C 99 23.69 -0.94 -13.48
CA GLN C 99 24.75 -0.23 -14.19
C GLN C 99 25.07 -0.94 -15.50
N LYS C 100 25.30 -0.15 -16.55
CA LYS C 100 25.65 -0.70 -17.85
C LYS C 100 27.01 -1.38 -17.78
N THR C 101 27.11 -2.57 -18.35
CA THR C 101 28.36 -3.30 -18.46
C THR C 101 28.59 -3.65 -19.93
N ILE C 102 29.77 -3.33 -20.43
CA ILE C 102 30.15 -3.66 -21.80
C ILE C 102 31.21 -4.74 -21.75
N PRO C 103 31.38 -5.56 -22.78
CA PRO C 103 32.42 -6.58 -22.75
C PRO C 103 33.79 -5.96 -22.53
N THR C 104 34.59 -6.59 -21.66
CA THR C 104 35.90 -6.05 -21.32
C THR C 104 36.89 -6.24 -22.44
N PHE C 105 36.86 -7.40 -23.12
CA PHE C 105 37.79 -7.70 -24.18
C PHE C 105 37.37 -7.00 -25.46
N GLU C 106 38.24 -6.15 -26.00
CA GLU C 106 38.02 -5.58 -27.32
C GLU C 106 38.85 -6.34 -28.34
N PRO C 107 38.31 -6.63 -29.52
CA PRO C 107 39.06 -7.47 -30.48
C PRO C 107 40.39 -6.83 -30.86
N LYS C 108 41.42 -7.65 -30.90
CA LYS C 108 42.75 -7.25 -31.34
C LYS C 108 43.11 -8.13 -32.53
N GLU C 109 42.65 -7.73 -33.71
CA GLU C 109 42.81 -8.55 -34.91
C GLU C 109 44.14 -8.31 -35.59
N SER C 110 44.73 -7.13 -35.45
CA SER C 110 46.08 -6.91 -35.98
C SER C 110 47.08 -7.83 -35.32
N ILE C 111 47.02 -7.96 -34.01
CA ILE C 111 47.95 -8.82 -33.28
C ILE C 111 47.76 -10.27 -33.70
N LEU C 112 46.50 -10.72 -33.77
CA LEU C 112 46.22 -12.10 -34.15
C LEU C 112 46.69 -12.38 -35.57
N LYS C 113 46.46 -11.43 -36.48
CA LYS C 113 46.93 -11.61 -37.85
C LYS C 113 48.45 -11.67 -37.93
N LYS C 114 49.13 -10.80 -37.18
CA LYS C 114 50.59 -10.81 -37.19
C LYS C 114 51.13 -12.13 -36.66
N LEU C 115 50.52 -12.68 -35.61
CA LEU C 115 51.03 -13.92 -35.04
C LEU C 115 50.68 -15.11 -35.93
N GLU C 116 49.49 -15.13 -36.51
CA GLU C 116 49.06 -16.23 -37.35
C GLU C 116 49.55 -16.15 -38.79
N ASP C 117 50.10 -15.01 -39.20
CA ASP C 117 50.63 -14.87 -40.55
C ASP C 117 52.03 -15.45 -40.70
N ILE C 118 52.66 -15.88 -39.60
CA ILE C 118 53.99 -16.45 -39.69
C ILE C 118 53.90 -17.78 -40.43
N LYS C 119 54.72 -17.93 -41.47
CA LYS C 119 54.81 -19.20 -42.18
C LYS C 119 55.75 -20.14 -41.44
N PRO C 120 55.70 -21.44 -41.73
CA PRO C 120 56.57 -22.38 -41.02
C PRO C 120 58.04 -22.05 -41.17
N GLU C 121 58.53 -22.02 -42.40
CA GLU C 121 59.93 -21.67 -42.67
C GLU C 121 60.10 -21.61 -44.19
N GLN C 122 60.90 -20.67 -44.65
CA GLN C 122 61.16 -20.52 -46.08
C GLN C 122 62.16 -21.59 -46.49
N VAL C 123 61.65 -22.71 -46.99
CA VAL C 123 62.52 -23.81 -47.38
C VAL C 123 63.36 -23.39 -48.57
N LYS C 124 64.68 -23.57 -48.45
CA LYS C 124 65.61 -23.14 -49.48
C LYS C 124 66.05 -24.33 -50.32
N LYS C 125 66.03 -24.14 -51.64
CA LYS C 125 66.51 -25.12 -52.59
C LYS C 125 67.65 -24.54 -53.39
N GLN C 126 68.56 -25.42 -53.83
CA GLN C 126 69.72 -25.01 -54.59
C GLN C 126 69.46 -25.25 -56.08
N THR C 127 69.64 -24.20 -56.87
CA THR C 127 69.46 -24.28 -58.32
C THR C 127 70.78 -24.44 -59.07
N LYS C 128 71.88 -23.98 -58.50
CA LYS C 128 73.18 -24.13 -59.12
C LYS C 128 74.23 -24.24 -58.04
N LEU C 129 75.38 -24.81 -58.40
CA LEU C 129 76.48 -24.91 -57.45
C LEU C 129 77.02 -23.55 -57.10
N PHE C 130 77.27 -23.32 -55.82
CA PHE C 130 77.87 -22.07 -55.38
C PHE C 130 79.32 -22.02 -55.86
N ARG C 131 79.70 -20.89 -56.46
CA ARG C 131 81.03 -20.74 -57.03
C ARG C 131 81.58 -19.35 -56.73
N ILE C 132 82.83 -19.32 -56.26
CA ILE C 132 83.58 -18.08 -56.14
C ILE C 132 84.61 -17.93 -57.25
N PHE C 133 85.03 -19.03 -57.88
CA PHE C 133 86.08 -19.02 -58.88
C PHE C 133 85.55 -19.62 -60.19
N GLU C 134 86.21 -19.25 -61.29
CA GLU C 134 85.96 -19.83 -62.59
C GLU C 134 87.29 -19.97 -63.32
N PRO C 135 87.39 -20.92 -64.25
CA PRO C 135 88.58 -20.96 -65.12
C PRO C 135 88.58 -19.82 -66.12
N ARG C 136 89.77 -19.33 -66.44
CA ARG C 136 89.96 -18.27 -67.41
C ARG C 136 91.23 -18.54 -68.20
N GLN C 137 91.16 -18.38 -69.52
CA GLN C 137 92.30 -18.62 -70.38
C GLN C 137 93.14 -17.35 -70.46
N LEU C 138 94.41 -17.45 -70.10
CA LEU C 138 95.35 -16.35 -70.08
C LEU C 138 96.55 -16.65 -70.97
N PRO C 139 97.12 -15.65 -71.63
CA PRO C 139 98.37 -15.89 -72.36
C PRO C 139 99.52 -16.10 -71.40
N VAL C 140 100.41 -17.02 -71.76
CA VAL C 140 101.57 -17.35 -70.94
C VAL C 140 102.82 -16.88 -71.67
N TYR C 141 103.90 -16.70 -70.90
CA TYR C 141 105.13 -16.14 -71.41
C TYR C 141 106.31 -17.00 -70.96
N ARG C 142 107.34 -17.04 -71.80
CA ARG C 142 108.53 -17.80 -71.50
C ARG C 142 109.34 -17.08 -70.41
N ALA C 143 110.36 -17.79 -69.91
CA ALA C 143 111.18 -17.22 -68.84
C ALA C 143 111.85 -15.92 -69.28
N ASN C 144 112.10 -15.75 -70.57
CA ASN C 144 112.67 -14.52 -71.10
C ASN C 144 111.61 -13.47 -71.43
N GLY C 145 110.34 -13.77 -71.19
CA GLY C 145 109.27 -12.83 -71.44
C GLY C 145 108.57 -12.98 -72.78
N GLU C 146 109.07 -13.83 -73.67
CA GLU C 146 108.42 -14.04 -74.95
C GLU C 146 107.10 -14.76 -74.77
N LYS C 147 106.10 -14.35 -75.56
CA LYS C 147 104.79 -14.97 -75.47
C LYS C 147 104.83 -16.39 -76.03
N GLU C 148 104.30 -17.33 -75.26
CA GLU C 148 104.14 -18.70 -75.74
C GLU C 148 102.93 -18.78 -76.67
N LEU C 149 103.00 -19.72 -77.62
CA LEU C 149 101.87 -19.93 -78.51
C LEU C 149 100.65 -20.43 -77.76
N ARG C 150 100.85 -21.32 -76.79
CA ARG C 150 99.75 -21.85 -76.00
C ARG C 150 99.33 -20.85 -74.93
N ASN C 151 98.05 -20.92 -74.57
CA ASN C 151 97.52 -20.20 -73.42
C ASN C 151 97.53 -21.16 -72.23
N ARG C 152 96.93 -20.73 -71.12
CA ARG C 152 96.80 -21.61 -69.96
C ARG C 152 95.60 -21.17 -69.14
N TRP C 153 94.93 -22.13 -68.52
CA TRP C 153 93.74 -21.84 -67.73
C TRP C 153 94.13 -21.63 -66.27
N TYR C 154 93.59 -20.57 -65.68
CA TYR C 154 93.86 -20.20 -64.30
C TYR C 154 92.55 -19.97 -63.58
N TRP C 155 92.60 -20.07 -62.25
CA TRP C 155 91.43 -19.79 -61.42
C TRP C 155 91.35 -18.30 -61.15
N LYS C 156 90.18 -17.71 -61.45
CA LYS C 156 89.95 -16.29 -61.24
C LYS C 156 88.61 -16.11 -60.55
N LEU C 157 88.51 -15.11 -59.68
CA LEU C 157 87.25 -14.83 -59.03
C LEU C 157 86.17 -14.53 -60.06
N LYS C 158 85.00 -15.15 -59.88
CA LYS C 158 83.89 -14.90 -60.79
C LYS C 158 83.47 -13.45 -60.75
N ARG C 159 83.27 -12.91 -59.55
CA ARG C 159 82.93 -11.50 -59.34
C ARG C 159 84.05 -10.89 -58.50
N ASP C 160 85.08 -10.41 -59.17
CA ASP C 160 86.20 -9.74 -58.51
C ASP C 160 85.76 -8.34 -58.12
N THR C 161 85.33 -8.17 -56.87
CA THR C 161 84.81 -6.89 -56.40
C THR C 161 85.31 -6.57 -55.00
N LEU C 162 86.50 -7.03 -54.65
CA LEU C 162 87.03 -6.75 -53.33
C LEU C 162 87.45 -5.29 -53.22
N PRO C 163 87.19 -4.64 -52.07
CA PRO C 163 87.49 -3.21 -51.97
C PRO C 163 88.90 -2.92 -51.48
N ASP C 164 89.25 -1.63 -51.43
CA ASP C 164 90.52 -1.19 -50.87
C ASP C 164 90.39 -1.04 -49.36
N GLY C 165 91.47 -1.34 -48.65
CA GLY C 165 91.47 -1.27 -47.21
C GLY C 165 91.17 -2.59 -46.55
N ASP C 166 91.96 -2.96 -45.55
CA ASP C 166 91.79 -4.26 -44.90
C ASP C 166 90.45 -4.33 -44.18
N TYR C 167 90.04 -3.24 -43.54
CA TYR C 167 88.74 -3.23 -42.86
C TYR C 167 87.61 -3.46 -43.85
N ASP C 168 87.67 -2.79 -45.01
CA ASP C 168 86.64 -3.00 -46.02
C ASP C 168 86.68 -4.42 -46.57
N VAL C 169 87.86 -5.04 -46.64
CA VAL C 169 87.94 -6.42 -47.09
C VAL C 169 87.27 -7.35 -46.09
N ARG C 170 87.48 -7.10 -44.80
CA ARG C 170 86.81 -7.91 -43.78
C ARG C 170 85.29 -7.70 -43.83
N GLU C 171 84.85 -6.47 -44.10
CA GLU C 171 83.42 -6.23 -44.30
C GLU C 171 82.91 -6.99 -45.52
N TYR C 172 83.71 -7.03 -46.59
CA TYR C 172 83.36 -7.81 -47.77
C TYR C 172 83.19 -9.28 -47.42
N PHE C 173 84.05 -9.81 -46.56
CA PHE C 173 83.90 -11.22 -46.18
C PHE C 173 82.73 -11.45 -45.24
N LEU C 174 82.37 -10.47 -44.41
CA LEU C 174 81.11 -10.59 -43.67
C LEU C 174 79.92 -10.64 -44.63
N ASN C 175 79.93 -9.79 -45.66
CA ASN C 175 78.88 -9.82 -46.65
C ASN C 175 78.85 -11.16 -47.38
N LEU C 176 80.03 -11.70 -47.69
CA LEU C 176 80.10 -13.02 -48.32
C LEU C 176 79.54 -14.10 -47.40
N TYR C 177 79.79 -13.99 -46.09
CA TYR C 177 79.21 -14.93 -45.15
C TYR C 177 77.70 -14.86 -45.16
N ASP C 178 77.15 -13.66 -45.18
CA ASP C 178 75.70 -13.51 -45.30
C ASP C 178 75.19 -14.13 -46.60
N GLN C 179 75.92 -13.90 -47.69
CA GLN C 179 75.52 -14.45 -48.99
C GLN C 179 75.51 -15.98 -48.96
N VAL C 180 76.56 -16.58 -48.39
CA VAL C 180 76.66 -18.04 -48.35
C VAL C 180 75.58 -18.62 -47.47
N LEU C 181 75.27 -17.95 -46.36
CA LEU C 181 74.16 -18.40 -45.53
C LEU C 181 72.85 -18.34 -46.29
N THR C 182 72.67 -17.28 -47.10
CA THR C 182 71.46 -17.19 -47.92
C THR C 182 71.39 -18.32 -48.92
N GLU C 183 72.52 -18.66 -49.56
CA GLU C 183 72.53 -19.69 -50.59
C GLU C 183 72.60 -21.11 -50.04
N MET C 184 72.78 -21.28 -48.74
CA MET C 184 72.87 -22.62 -48.18
C MET C 184 71.49 -23.29 -48.24
N PRO C 185 71.35 -24.44 -48.89
CA PRO C 185 70.02 -25.04 -49.05
C PRO C 185 69.65 -25.97 -47.90
N ASP C 186 68.34 -26.15 -47.75
CA ASP C 186 67.82 -27.13 -46.80
C ASP C 186 67.98 -28.56 -47.31
N TYR C 187 67.86 -28.76 -48.62
CA TYR C 187 68.09 -30.06 -49.23
C TYR C 187 68.54 -29.83 -50.67
N LEU C 188 69.17 -30.87 -51.23
CA LEU C 188 69.71 -30.79 -52.58
C LEU C 188 69.43 -32.11 -53.29
N LEU C 189 68.83 -32.02 -54.47
CA LEU C 189 68.69 -33.14 -55.39
C LEU C 189 69.48 -32.80 -56.64
N LEU C 190 70.62 -33.46 -56.83
CA LEU C 190 71.55 -33.05 -57.87
C LEU C 190 70.99 -33.27 -59.26
N LYS C 191 70.03 -34.19 -59.43
CA LYS C 191 69.50 -34.45 -60.76
C LYS C 191 68.82 -33.21 -61.34
N ASP C 192 68.37 -32.29 -60.50
CA ASP C 192 67.78 -31.06 -61.00
C ASP C 192 68.83 -30.18 -61.68
N MET C 193 70.03 -30.12 -61.12
CA MET C 193 71.12 -29.38 -61.73
C MET C 193 71.79 -30.12 -62.87
N ALA C 194 71.52 -31.42 -63.02
CA ALA C 194 72.23 -32.21 -64.01
C ALA C 194 71.94 -31.73 -65.41
N VAL C 195 72.98 -31.59 -66.23
CA VAL C 195 72.87 -31.19 -67.61
C VAL C 195 73.66 -32.18 -68.47
N GLU C 196 73.47 -32.08 -69.77
CA GLU C 196 74.10 -32.99 -70.71
C GLU C 196 75.56 -32.58 -70.95
N ASN C 197 76.46 -33.56 -70.82
CA ASN C 197 77.85 -33.39 -71.24
C ASN C 197 77.93 -33.85 -72.69
N LYS C 198 77.98 -32.90 -73.62
CA LYS C 198 77.88 -33.23 -75.03
C LYS C 198 79.09 -33.99 -75.56
N ASN C 199 80.19 -34.04 -74.80
CA ASN C 199 81.39 -34.75 -75.22
C ASN C 199 81.59 -36.05 -74.44
N SER C 200 80.60 -36.49 -73.68
CA SER C 200 80.72 -37.72 -72.91
C SER C 200 80.58 -38.93 -73.83
N ARG C 201 81.39 -39.95 -73.58
CA ARG C 201 81.32 -41.17 -74.38
C ARG C 201 79.96 -41.83 -74.23
N ASP C 202 79.42 -41.87 -73.01
CA ASP C 202 78.15 -42.51 -72.73
C ASP C 202 76.97 -41.54 -72.82
N ALA C 203 77.20 -40.31 -73.25
CA ALA C 203 76.16 -39.28 -73.26
C ALA C 203 75.62 -39.06 -71.84
N GLY C 204 76.53 -38.99 -70.87
CA GLY C 204 76.15 -38.81 -69.48
C GLY C 204 75.88 -37.36 -69.14
N LYS C 205 75.59 -37.15 -67.86
CA LYS C 205 75.24 -35.83 -67.33
C LYS C 205 76.27 -35.38 -66.31
N VAL C 206 76.35 -34.06 -66.13
CA VAL C 206 77.20 -33.44 -65.13
C VAL C 206 76.41 -32.35 -64.43
N VAL C 207 76.92 -31.89 -63.30
CA VAL C 207 76.34 -30.79 -62.55
C VAL C 207 77.44 -29.76 -62.30
N ASP C 208 77.11 -28.46 -62.36
CA ASP C 208 75.86 -27.87 -62.88
C ASP C 208 76.08 -27.46 -64.35
N SER C 209 75.17 -26.65 -64.90
CA SER C 209 75.36 -26.15 -66.26
C SER C 209 76.67 -25.39 -66.43
N GLU C 210 77.17 -24.76 -65.37
CA GLU C 210 78.45 -24.07 -65.44
C GLU C 210 79.59 -25.06 -65.64
N THR C 211 79.51 -26.23 -65.00
CA THR C 211 80.48 -27.28 -65.26
C THR C 211 80.44 -27.72 -66.71
N ALA C 212 79.24 -27.84 -67.28
CA ALA C 212 79.12 -28.22 -68.68
C ALA C 212 79.73 -27.16 -69.59
N ALA C 213 79.53 -25.89 -69.25
CA ALA C 213 80.16 -24.82 -70.04
C ALA C 213 81.67 -24.93 -70.00
N ILE C 214 82.24 -25.16 -68.81
CA ILE C 214 83.69 -25.34 -68.71
C ILE C 214 84.14 -26.55 -69.52
N CYS C 215 83.39 -27.65 -69.43
CA CYS C 215 83.77 -28.86 -70.15
C CYS C 215 83.77 -28.63 -71.65
N ASP C 216 82.75 -27.95 -72.16
CA ASP C 216 82.70 -27.65 -73.59
C ASP C 216 83.85 -26.75 -74.00
N ALA C 217 84.13 -25.72 -73.20
CA ALA C 217 85.21 -24.79 -73.54
C ALA C 217 86.55 -25.51 -73.57
N ILE C 218 86.81 -26.38 -72.60
CA ILE C 218 88.07 -27.11 -72.57
C ILE C 218 88.16 -28.09 -73.73
N PHE C 219 87.09 -28.86 -73.96
CA PHE C 219 87.14 -29.89 -74.99
C PHE C 219 87.31 -29.28 -76.37
N GLN C 220 86.57 -28.20 -76.67
CA GLN C 220 86.64 -27.61 -77.99
C GLN C 220 87.93 -26.85 -78.23
N ASP C 221 88.64 -26.47 -77.17
CA ASP C 221 89.86 -25.69 -77.35
C ASP C 221 90.92 -26.51 -78.06
N GLU C 222 91.51 -25.91 -79.09
CA GLU C 222 92.52 -26.59 -79.89
C GLU C 222 93.79 -26.89 -79.10
N GLU C 223 94.05 -26.14 -78.03
CA GLU C 223 95.27 -26.30 -77.24
C GLU C 223 95.13 -27.32 -76.13
N THR C 224 93.94 -27.87 -75.93
CA THR C 224 93.74 -28.85 -74.86
C THR C 224 94.51 -30.12 -75.15
N GLU C 225 95.14 -30.67 -74.12
CA GLU C 225 95.83 -31.95 -74.25
C GLU C 225 94.81 -33.05 -74.47
N GLY C 226 95.21 -34.07 -75.24
CA GLY C 226 94.31 -35.17 -75.52
C GLY C 226 93.90 -35.92 -74.27
N VAL C 227 94.75 -35.94 -73.25
CA VAL C 227 94.42 -36.63 -72.01
C VAL C 227 93.24 -35.95 -71.32
N VAL C 228 93.18 -34.62 -71.39
CA VAL C 228 92.07 -33.90 -70.78
C VAL C 228 90.77 -34.19 -71.54
N ARG C 229 90.84 -34.28 -72.86
CA ARG C 229 89.67 -34.65 -73.63
C ARG C 229 89.21 -36.07 -73.29
N ARG C 230 90.17 -37.00 -73.15
CA ARG C 230 89.84 -38.34 -72.69
C ARG C 230 89.11 -38.29 -71.36
N PHE C 231 89.62 -37.49 -70.42
CA PHE C 231 88.99 -37.37 -69.11
C PHE C 231 87.57 -36.82 -69.23
N ILE C 232 87.38 -35.81 -70.07
CA ILE C 232 86.04 -35.24 -70.26
C ILE C 232 85.09 -36.27 -70.85
N ALA C 233 85.60 -37.14 -71.73
CA ALA C 233 84.73 -38.14 -72.36
C ALA C 233 84.18 -39.12 -71.34
N GLU C 234 84.90 -39.37 -70.25
CA GLU C 234 84.45 -40.32 -69.23
C GLU C 234 83.59 -39.69 -68.15
N MET C 235 83.37 -38.38 -68.20
CA MET C 235 82.62 -37.67 -67.17
C MET C 235 81.14 -37.98 -67.34
N ARG C 236 80.64 -38.92 -66.55
CA ARG C 236 79.23 -39.30 -66.57
C ARG C 236 78.77 -39.58 -65.15
N GLN C 237 77.45 -39.59 -64.97
CA GLN C 237 76.85 -39.82 -63.66
C GLN C 237 76.64 -41.31 -63.43
N ARG C 238 76.60 -41.69 -62.15
CA ARG C 238 76.32 -43.06 -61.74
C ARG C 238 75.11 -43.07 -60.81
N VAL C 239 74.18 -43.98 -61.08
CA VAL C 239 72.94 -44.08 -60.31
C VAL C 239 72.95 -45.40 -59.54
N GLN C 240 72.67 -45.32 -58.24
CA GLN C 240 72.45 -46.48 -57.39
C GLN C 240 71.00 -46.40 -56.92
N ALA C 241 70.11 -47.02 -57.70
CA ALA C 241 68.68 -46.94 -57.41
C ALA C 241 68.35 -47.61 -56.08
N ASP C 242 68.98 -48.76 -55.80
CA ASP C 242 68.70 -49.48 -54.57
C ASP C 242 69.00 -48.61 -53.35
N ARG C 243 70.11 -47.89 -53.36
CA ARG C 243 70.47 -47.01 -52.27
C ARG C 243 69.86 -45.62 -52.41
N ASN C 244 69.17 -45.33 -53.50
CA ASN C 244 68.60 -44.02 -53.76
C ASN C 244 69.71 -42.95 -53.74
N VAL C 245 70.74 -43.18 -54.55
CA VAL C 245 71.92 -42.32 -54.58
C VAL C 245 72.27 -42.02 -56.02
N VAL C 246 72.80 -40.84 -56.27
CA VAL C 246 73.31 -40.47 -57.59
C VAL C 246 74.59 -39.67 -57.40
N ASN C 247 75.60 -39.98 -58.22
CA ASN C 247 76.87 -39.26 -58.26
C ASN C 247 76.99 -38.56 -59.61
N TYR C 248 77.35 -37.28 -59.56
CA TYR C 248 77.49 -36.46 -60.76
C TYR C 248 78.89 -35.84 -60.79
N PRO C 249 79.58 -35.87 -61.93
CA PRO C 249 80.84 -35.11 -62.03
C PRO C 249 80.59 -33.61 -61.98
N SER C 250 81.56 -32.89 -61.42
CA SER C 250 81.49 -31.44 -61.36
C SER C 250 82.90 -30.88 -61.35
N ILE C 251 83.08 -29.75 -62.03
CA ILE C 251 84.32 -29.00 -62.02
C ILE C 251 84.16 -27.87 -61.01
N LEU C 252 84.97 -27.89 -59.97
CA LEU C 252 84.86 -26.93 -58.88
C LEU C 252 86.24 -26.56 -58.37
N HIS C 253 86.39 -25.30 -57.99
CA HIS C 253 87.59 -24.87 -57.28
C HIS C 253 87.59 -25.51 -55.89
N PRO C 254 88.77 -25.79 -55.33
CA PRO C 254 88.79 -26.46 -54.01
C PRO C 254 87.92 -25.80 -52.96
N ILE C 255 87.91 -24.47 -52.89
CA ILE C 255 87.03 -23.77 -51.95
C ILE C 255 85.56 -23.95 -52.36
N ASP C 256 85.28 -23.86 -53.67
CA ASP C 256 83.93 -24.10 -54.15
C ASP C 256 83.49 -25.52 -53.83
N HIS C 257 84.38 -26.49 -54.05
CA HIS C 257 84.06 -27.86 -53.71
C HIS C 257 83.80 -28.02 -52.22
N ALA C 258 84.60 -27.34 -51.39
CA ALA C 258 84.39 -27.43 -49.94
C ALA C 258 83.00 -26.92 -49.56
N PHE C 259 82.61 -25.76 -50.10
CA PHE C 259 81.30 -25.20 -49.76
C PHE C 259 80.17 -26.10 -50.25
N ASN C 260 80.26 -26.56 -51.50
CA ASN C 260 79.18 -27.39 -52.04
C ASN C 260 79.12 -28.74 -51.35
N GLU C 261 80.28 -29.29 -50.98
CA GLU C 261 80.33 -30.53 -50.22
C GLU C 261 79.66 -30.35 -48.86
N TYR C 262 79.92 -29.23 -48.19
CA TYR C 262 79.26 -28.98 -46.92
C TYR C 262 77.76 -28.88 -47.10
N PHE C 263 77.31 -28.18 -48.15
CA PHE C 263 75.88 -28.10 -48.41
C PHE C 263 75.28 -29.49 -48.62
N LEU C 264 75.97 -30.33 -49.39
CA LEU C 264 75.44 -31.65 -49.71
C LEU C 264 75.40 -32.56 -48.50
N GLN C 265 76.39 -32.48 -47.62
CA GLN C 265 76.52 -33.43 -46.52
C GLN C 265 75.82 -32.98 -45.23
N HIS C 266 75.20 -31.80 -45.23
CA HIS C 266 74.58 -31.27 -44.02
C HIS C 266 73.20 -30.71 -44.35
N GLN C 267 72.40 -31.50 -45.06
CA GLN C 267 71.04 -31.11 -45.39
C GLN C 267 70.12 -31.33 -44.20
N LEU C 268 69.00 -30.63 -44.19
CA LEU C 268 68.07 -30.61 -43.07
C LEU C 268 66.90 -31.57 -43.21
N VAL C 269 66.81 -32.30 -44.32
CA VAL C 269 65.68 -33.19 -44.55
C VAL C 269 65.95 -34.52 -43.86
N GLU C 270 64.96 -35.02 -43.13
CA GLU C 270 65.01 -36.30 -42.47
C GLU C 270 63.87 -37.18 -42.95
N PRO C 271 64.01 -38.51 -42.88
CA PRO C 271 62.96 -39.39 -43.37
C PRO C 271 61.64 -39.16 -42.65
N LEU C 272 60.55 -39.28 -43.40
CA LEU C 272 59.20 -39.07 -42.89
C LEU C 272 58.39 -40.34 -43.10
N ASN C 273 57.77 -40.82 -42.02
CA ASN C 273 56.88 -41.97 -42.10
C ASN C 273 55.66 -41.68 -41.24
N ASN C 274 54.70 -42.61 -41.24
CA ASN C 274 53.47 -42.41 -40.49
C ASN C 274 53.73 -42.29 -39.00
N ASP C 275 54.69 -43.04 -38.47
CA ASP C 275 55.01 -42.95 -37.06
C ASP C 275 55.49 -41.56 -36.69
N ILE C 276 56.33 -40.95 -37.54
CA ILE C 276 56.83 -39.61 -37.26
C ILE C 276 55.68 -38.60 -37.29
N ILE C 277 54.78 -38.71 -38.27
CA ILE C 277 53.66 -37.79 -38.35
C ILE C 277 52.78 -37.92 -37.11
N PHE C 278 52.52 -39.16 -36.69
CA PHE C 278 51.68 -39.36 -35.51
C PHE C 278 52.35 -38.80 -34.26
N ASN C 279 53.66 -39.03 -34.11
CA ASN C 279 54.37 -38.53 -32.94
C ASN C 279 54.62 -37.03 -32.99
N TYR C 280 54.40 -36.39 -34.15
CA TYR C 280 54.46 -34.93 -34.20
C TYR C 280 53.37 -34.31 -33.35
N ILE C 281 52.27 -35.02 -33.14
CA ILE C 281 51.20 -34.52 -32.27
C ILE C 281 51.72 -34.49 -30.84
N PRO C 282 51.34 -33.52 -30.01
CA PRO C 282 51.77 -33.55 -28.62
C PRO C 282 51.31 -34.81 -27.91
N GLU C 283 52.16 -35.28 -26.99
CA GLU C 283 51.93 -36.58 -26.36
C GLU C 283 50.60 -36.60 -25.61
N ARG C 284 50.22 -35.48 -24.98
CA ARG C 284 49.01 -35.47 -24.19
C ARG C 284 47.75 -35.51 -25.05
N ILE C 285 47.81 -34.94 -26.26
CA ILE C 285 46.67 -35.06 -27.16
C ILE C 285 46.45 -36.51 -27.57
N ARG C 286 47.53 -37.23 -27.87
CA ARG C 286 47.40 -38.64 -28.22
C ARG C 286 46.97 -39.48 -27.03
N ASN C 287 47.51 -39.18 -25.85
CA ASN C 287 47.15 -39.93 -24.64
C ASN C 287 45.73 -39.62 -24.18
N ASP C 288 45.08 -38.61 -24.74
CA ASP C 288 43.74 -38.23 -24.34
C ASP C 288 42.72 -39.15 -25.01
N VAL C 289 41.89 -39.80 -24.19
CA VAL C 289 40.88 -40.72 -24.71
C VAL C 289 39.73 -40.02 -25.40
N ASN C 290 39.64 -38.70 -25.30
CA ASN C 290 38.53 -37.96 -25.87
C ASN C 290 38.73 -37.62 -27.34
N TYR C 291 39.87 -37.99 -27.92
CA TYR C 291 40.17 -37.68 -29.30
C TYR C 291 40.55 -38.95 -30.05
N ILE C 292 40.04 -39.07 -31.27
CA ILE C 292 40.33 -40.19 -32.16
C ILE C 292 41.11 -39.65 -33.34
N LEU C 293 42.31 -40.18 -33.55
CA LEU C 293 43.21 -39.74 -34.60
C LEU C 293 43.26 -40.80 -35.68
N ASN C 294 43.22 -40.38 -36.94
CA ASN C 294 43.12 -41.29 -38.07
C ASN C 294 44.02 -40.82 -39.20
N MET C 295 44.39 -41.77 -40.07
CA MET C 295 45.18 -41.49 -41.25
C MET C 295 44.60 -42.27 -42.42
N ASP C 296 44.85 -41.76 -43.63
CA ASP C 296 44.41 -42.46 -44.83
C ASP C 296 45.52 -42.54 -45.88
N ARG C 297 46.77 -42.35 -45.48
CA ARG C 297 47.90 -42.40 -46.40
C ARG C 297 49.04 -43.17 -45.74
N ASN C 298 49.80 -43.87 -46.58
CA ASN C 298 51.05 -44.50 -46.17
C ASN C 298 52.17 -43.74 -46.86
N LEU C 299 52.86 -42.89 -46.12
CA LEU C 299 53.89 -42.07 -46.71
C LEU C 299 55.01 -42.97 -47.24
N PRO C 300 55.54 -42.70 -48.43
CA PRO C 300 56.58 -43.56 -48.99
C PRO C 300 57.86 -43.50 -48.19
N SER C 301 58.73 -44.48 -48.42
CA SER C 301 60.04 -44.51 -47.79
C SER C 301 60.92 -43.35 -48.24
N THR C 302 60.57 -42.67 -49.32
CA THR C 302 61.33 -41.53 -49.82
C THR C 302 60.74 -40.19 -49.39
N ALA C 303 59.76 -40.20 -48.49
CA ALA C 303 59.21 -38.96 -47.97
C ALA C 303 60.17 -38.33 -46.97
N ARG C 304 60.26 -37.00 -46.98
CA ARG C 304 61.16 -36.26 -46.11
C ARG C 304 60.42 -35.09 -45.48
N TYR C 305 60.95 -34.62 -44.37
CA TYR C 305 60.43 -33.43 -43.71
C TYR C 305 61.57 -32.71 -43.01
N ILE C 306 61.30 -31.50 -42.53
CA ILE C 306 62.27 -30.68 -41.83
C ILE C 306 61.73 -30.39 -40.44
N ARG C 307 62.53 -30.72 -39.42
CA ARG C 307 62.11 -30.51 -38.04
C ARG C 307 62.15 -29.02 -37.70
N PRO C 308 61.15 -28.48 -37.01
CA PRO C 308 61.29 -27.13 -36.47
C PRO C 308 62.31 -27.09 -35.34
N ASN C 309 62.93 -25.92 -35.16
CA ASN C 309 63.92 -25.71 -34.11
C ASN C 309 63.18 -25.23 -32.87
N LEU C 310 62.70 -26.17 -32.07
CA LEU C 310 61.94 -25.86 -30.86
C LEU C 310 62.82 -25.81 -29.63
N LEU C 311 63.92 -25.06 -29.68
CA LEU C 311 64.72 -24.81 -28.49
C LEU C 311 64.03 -23.80 -27.60
N GLN C 312 64.12 -24.00 -26.29
CA GLN C 312 63.47 -23.09 -25.36
C GLN C 312 64.20 -21.74 -25.36
N ASP C 313 63.55 -20.75 -24.76
CA ASP C 313 64.00 -19.37 -24.85
C ASP C 313 65.44 -19.21 -24.41
N ARG C 314 66.32 -18.86 -25.34
CA ARG C 314 67.72 -18.62 -25.03
C ARG C 314 68.00 -17.20 -24.58
N LEU C 315 67.14 -16.24 -24.96
CA LEU C 315 67.28 -14.87 -24.53
C LEU C 315 66.64 -14.61 -23.17
N ASN C 316 65.80 -15.51 -22.69
CA ASN C 316 65.14 -15.36 -21.39
C ASN C 316 64.43 -14.01 -21.30
N LEU C 317 63.62 -13.72 -22.33
CA LEU C 317 62.94 -12.44 -22.40
C LEU C 317 61.96 -12.24 -21.26
N HIS C 318 61.57 -13.31 -20.56
CA HIS C 318 60.77 -13.19 -19.36
C HIS C 318 61.53 -12.52 -18.22
N ASP C 319 62.85 -12.35 -18.35
CA ASP C 319 63.69 -11.79 -17.29
C ASP C 319 64.29 -10.49 -17.80
N ASN C 320 63.84 -9.38 -17.25
CA ASN C 320 64.37 -8.02 -17.39
C ASN C 320 64.01 -7.36 -18.71
N PHE C 321 63.39 -8.05 -19.67
CA PHE C 321 62.85 -7.42 -20.87
C PHE C 321 61.33 -7.26 -20.75
N GLU C 322 60.91 -6.41 -19.82
CA GLU C 322 59.50 -6.38 -19.43
C GLU C 322 58.60 -5.95 -20.58
N SER C 323 59.05 -5.00 -21.41
CA SER C 323 58.20 -4.54 -22.51
C SER C 323 58.10 -5.60 -23.59
N LEU C 324 59.22 -6.20 -23.98
CA LEU C 324 59.19 -7.27 -24.97
C LEU C 324 58.36 -8.45 -24.46
N TRP C 325 58.51 -8.79 -23.18
CA TRP C 325 57.72 -9.88 -22.62
C TRP C 325 56.24 -9.52 -22.58
N ASP C 326 55.93 -8.26 -22.32
CA ASP C 326 54.54 -7.83 -22.36
C ASP C 326 53.95 -8.01 -23.75
N THR C 327 54.71 -7.63 -24.78
CA THR C 327 54.24 -7.84 -26.15
C THR C 327 54.04 -9.33 -26.45
N ILE C 328 55.01 -10.16 -26.06
CA ILE C 328 54.92 -11.59 -26.33
C ILE C 328 53.70 -12.18 -25.63
N THR C 329 53.51 -11.81 -24.36
CA THR C 329 52.42 -12.38 -23.57
C THR C 329 51.07 -11.89 -24.07
N THR C 330 50.99 -10.64 -24.54
CA THR C 330 49.74 -10.17 -25.15
C THR C 330 49.43 -10.94 -26.42
N SER C 331 50.44 -11.19 -27.24
CA SER C 331 50.21 -12.00 -28.45
C SER C 331 49.74 -13.39 -28.09
N ASN C 332 50.38 -14.00 -27.09
CA ASN C 332 49.95 -15.33 -26.63
C ASN C 332 48.53 -15.30 -26.11
N TYR C 333 48.16 -14.25 -25.39
CA TYR C 333 46.81 -14.14 -24.84
C TYR C 333 45.78 -14.04 -25.94
N ILE C 334 46.05 -13.23 -26.97
CA ILE C 334 45.11 -13.12 -28.08
C ILE C 334 44.99 -14.45 -28.81
N LEU C 335 46.11 -15.12 -29.06
CA LEU C 335 46.04 -16.42 -29.73
C LEU C 335 45.26 -17.42 -28.89
N ALA C 336 45.48 -17.44 -27.58
CA ALA C 336 44.74 -18.35 -26.72
C ALA C 336 43.24 -18.04 -26.74
N ARG C 337 42.88 -16.76 -26.68
CA ARG C 337 41.47 -16.40 -26.74
C ARG C 337 40.84 -16.89 -28.03
N SER C 338 41.58 -16.81 -29.14
CA SER C 338 41.01 -17.26 -30.41
C SER C 338 40.71 -18.75 -30.44
N VAL C 339 41.27 -19.54 -29.53
CA VAL C 339 41.12 -20.99 -29.58
C VAL C 339 40.32 -21.57 -28.42
N VAL C 340 40.05 -20.79 -27.38
CA VAL C 340 39.21 -21.31 -26.28
C VAL C 340 37.80 -21.56 -26.80
N PRO C 341 37.24 -22.75 -26.63
CA PRO C 341 35.93 -23.02 -27.22
C PRO C 341 34.83 -22.16 -26.61
N ASP C 342 33.81 -21.90 -27.42
CA ASP C 342 32.64 -21.18 -26.93
C ASP C 342 31.76 -22.11 -26.11
N LEU C 343 31.04 -21.51 -25.16
CA LEU C 343 30.13 -22.28 -24.32
C LEU C 343 28.81 -22.48 -25.06
N LYS C 344 28.35 -23.73 -25.12
CA LYS C 344 27.14 -24.10 -25.82
C LYS C 344 26.04 -24.47 -24.82
N GLU C 345 24.80 -24.23 -25.23
CA GLU C 345 23.64 -24.63 -24.44
C GLU C 345 23.71 -24.08 -23.02
N LEU C 346 24.11 -22.83 -22.90
CA LEU C 346 24.07 -22.16 -21.61
C LEU C 346 22.63 -22.03 -21.13
N VAL C 347 22.45 -22.04 -19.82
CA VAL C 347 21.12 -21.85 -19.25
C VAL C 347 20.56 -20.55 -19.79
N SER C 348 19.28 -20.58 -20.16
CA SER C 348 18.65 -19.41 -20.76
C SER C 348 18.79 -18.21 -19.84
N THR C 349 19.29 -17.10 -20.39
CA THR C 349 19.52 -15.92 -19.57
C THR C 349 18.21 -15.41 -18.97
N GLU C 350 17.13 -15.45 -19.75
CA GLU C 350 15.83 -15.02 -19.23
C GLU C 350 15.39 -15.91 -18.08
N ALA C 351 15.47 -17.24 -18.25
CA ALA C 351 15.04 -18.15 -17.21
C ALA C 351 15.90 -18.01 -15.96
N GLN C 352 17.22 -17.89 -16.12
CA GLN C 352 18.09 -17.74 -14.97
C GLN C 352 17.85 -16.40 -14.27
N ILE C 353 17.62 -15.34 -15.02
CA ILE C 353 17.32 -14.04 -14.41
C ILE C 353 16.02 -14.13 -13.63
N GLN C 354 15.00 -14.78 -14.20
CA GLN C 354 13.74 -14.96 -13.47
C GLN C 354 13.97 -15.75 -12.19
N LYS C 355 14.75 -16.81 -12.25
CA LYS C 355 15.00 -17.63 -11.07
C LYS C 355 15.76 -16.84 -10.01
N MET C 356 16.74 -16.03 -10.43
CA MET C 356 17.47 -15.19 -9.48
C MET C 356 16.54 -14.17 -8.84
N SER C 357 15.65 -13.56 -9.62
CA SER C 357 14.70 -12.62 -9.06
C SER C 357 13.78 -13.31 -8.05
N GLN C 358 13.34 -14.52 -8.37
CA GLN C 358 12.45 -15.26 -7.48
C GLN C 358 13.16 -15.66 -6.20
N ASP C 359 14.45 -16.02 -6.29
CA ASP C 359 15.21 -16.37 -5.09
C ASP C 359 15.51 -15.15 -4.25
N LEU C 360 15.90 -14.04 -4.88
CA LEU C 360 16.24 -12.83 -4.16
C LEU C 360 15.02 -12.15 -3.54
N GLN C 361 13.84 -12.42 -4.08
CA GLN C 361 12.59 -11.83 -3.58
C GLN C 361 12.68 -10.31 -3.53
N LEU C 362 12.88 -9.74 -4.72
CA LEU C 362 13.06 -8.29 -4.83
C LEU C 362 11.76 -7.56 -4.53
N GLU C 363 11.83 -6.55 -3.66
CA GLU C 363 10.69 -5.77 -3.25
C GLU C 363 10.78 -4.39 -3.90
N ALA C 364 9.71 -4.01 -4.62
CA ALA C 364 9.74 -2.77 -5.37
C ALA C 364 9.85 -1.56 -4.44
N LEU C 365 9.16 -1.59 -3.30
CA LEU C 365 9.11 -0.44 -2.41
C LEU C 365 10.37 -0.27 -1.58
N THR C 366 11.26 -1.25 -1.56
CA THR C 366 12.46 -1.23 -0.73
C THR C 366 13.70 -1.13 -1.61
N ILE C 367 14.63 -0.28 -1.19
CA ILE C 367 15.96 -0.23 -1.82
C ILE C 367 16.80 -1.34 -1.21
N GLN C 368 17.31 -2.23 -2.06
CA GLN C 368 17.99 -3.43 -1.61
C GLN C 368 19.32 -3.58 -2.31
N SER C 369 20.26 -4.23 -1.62
CA SER C 369 21.52 -4.60 -2.24
C SER C 369 21.34 -5.77 -3.19
N GLU C 370 20.37 -6.64 -2.94
CA GLU C 370 20.15 -7.81 -3.78
C GLU C 370 19.85 -7.44 -5.22
N THR C 371 19.25 -6.27 -5.47
CA THR C 371 18.93 -5.87 -6.83
C THR C 371 20.19 -5.87 -7.70
N GLN C 372 21.26 -5.25 -7.20
CA GLN C 372 22.50 -5.18 -7.96
C GLN C 372 23.06 -6.56 -8.30
N PHE C 373 22.55 -7.61 -7.68
CA PHE C 373 23.02 -8.95 -8.00
C PHE C 373 22.75 -9.29 -9.46
N LEU C 374 21.75 -8.66 -10.07
CA LEU C 374 21.41 -8.96 -11.45
C LEU C 374 22.26 -8.22 -12.46
N THR C 375 23.21 -7.40 -12.02
CA THR C 375 23.99 -6.59 -12.94
C THR C 375 24.84 -7.47 -13.85
N GLY C 376 24.78 -7.19 -15.16
CA GLY C 376 25.70 -7.78 -16.11
C GLY C 376 25.63 -9.29 -16.21
N ILE C 377 24.44 -9.86 -16.18
CA ILE C 377 24.25 -11.30 -16.33
C ILE C 377 23.79 -11.56 -17.75
N ASN C 378 24.68 -12.11 -18.57
CA ASN C 378 24.36 -12.46 -19.94
C ASN C 378 25.34 -13.50 -20.44
N SER C 379 24.99 -14.15 -21.54
CA SER C 379 25.83 -15.22 -22.08
C SER C 379 27.13 -14.69 -22.66
N GLN C 380 27.11 -13.49 -23.25
CA GLN C 380 28.34 -12.91 -23.77
C GLN C 380 29.35 -12.70 -22.66
N ALA C 381 28.90 -12.22 -21.50
CA ALA C 381 29.79 -12.05 -20.37
C ALA C 381 30.33 -13.38 -19.86
N ALA C 382 29.49 -14.42 -19.87
CA ALA C 382 29.95 -15.74 -19.45
C ALA C 382 31.06 -16.25 -20.36
N ASN C 383 30.87 -16.14 -21.68
CA ASN C 383 31.90 -16.56 -22.62
C ASN C 383 33.14 -15.70 -22.48
N ASP C 384 32.97 -14.39 -22.24
CA ASP C 384 34.11 -13.52 -22.02
C ASP C 384 34.93 -13.98 -20.82
N CYS C 385 34.25 -14.31 -19.71
CA CYS C 385 34.96 -14.80 -18.53
C CYS C 385 35.69 -16.10 -18.84
N PHE C 386 35.02 -17.05 -19.49
CA PHE C 386 35.64 -18.33 -19.77
C PHE C 386 36.90 -18.16 -20.60
N LYS C 387 36.80 -17.41 -21.70
CA LYS C 387 37.95 -17.17 -22.56
C LYS C 387 39.04 -16.40 -21.83
N THR C 388 38.67 -15.37 -21.08
CA THR C 388 39.67 -14.58 -20.37
C THR C 388 40.46 -15.44 -19.40
N LEU C 389 39.76 -16.26 -18.60
CA LEU C 389 40.45 -17.09 -17.62
C LEU C 389 41.40 -18.08 -18.31
N ILE C 390 40.88 -18.84 -19.28
CA ILE C 390 41.74 -19.87 -19.87
C ILE C 390 42.89 -19.23 -20.63
N ALA C 391 42.62 -18.17 -21.39
CA ALA C 391 43.66 -17.52 -22.17
C ALA C 391 44.72 -16.89 -21.28
N ALA C 392 44.30 -16.25 -20.19
CA ALA C 392 45.28 -15.63 -19.29
C ALA C 392 46.15 -16.67 -18.62
N MET C 393 45.55 -17.80 -18.21
CA MET C 393 46.38 -18.87 -17.63
C MET C 393 47.33 -19.45 -18.68
N LEU C 394 46.85 -19.62 -19.92
CA LEU C 394 47.69 -20.20 -20.96
C LEU C 394 48.87 -19.29 -21.30
N SER C 395 48.60 -18.01 -21.50
CA SER C 395 49.64 -17.04 -21.82
C SER C 395 50.38 -16.56 -20.58
N GLN C 396 49.94 -16.94 -19.40
CA GLN C 396 50.54 -16.48 -18.14
C GLN C 396 50.57 -14.96 -18.10
N ARG C 397 49.46 -14.36 -18.53
CA ARG C 397 49.27 -12.92 -18.51
C ARG C 397 48.55 -12.53 -17.23
N THR C 398 49.06 -11.52 -16.55
CA THR C 398 48.45 -11.08 -15.31
C THR C 398 47.05 -10.51 -15.58
N MET C 399 46.14 -10.77 -14.65
CA MET C 399 44.75 -10.35 -14.76
C MET C 399 44.44 -9.29 -13.71
N SER C 400 43.52 -8.40 -14.05
CA SER C 400 43.03 -7.39 -13.14
C SER C 400 41.56 -7.66 -12.84
N LEU C 401 41.17 -7.46 -11.59
CA LEU C 401 39.81 -7.69 -11.15
C LEU C 401 39.05 -6.36 -11.19
N ASP C 402 37.94 -6.33 -11.92
CA ASP C 402 37.11 -5.15 -12.06
C ASP C 402 35.76 -5.46 -11.41
N PHE C 403 35.44 -4.78 -10.31
CA PHE C 403 34.22 -5.05 -9.58
C PHE C 403 33.82 -3.81 -8.81
N VAL C 404 32.56 -3.80 -8.38
CA VAL C 404 32.00 -2.75 -7.55
C VAL C 404 31.64 -3.37 -6.21
N THR C 405 32.12 -2.77 -5.11
CA THR C 405 31.92 -3.36 -3.80
C THR C 405 30.44 -3.40 -3.41
N THR C 406 29.63 -2.51 -3.98
CA THR C 406 28.20 -2.51 -3.68
C THR C 406 27.49 -3.74 -4.21
N ASN C 407 28.10 -4.49 -5.12
CA ASN C 407 27.53 -5.72 -5.66
C ASN C 407 28.13 -6.89 -4.88
N TYR C 408 27.36 -7.42 -3.93
CA TYR C 408 27.85 -8.52 -3.11
C TYR C 408 27.93 -9.82 -3.92
N MET C 409 27.11 -9.94 -4.96
CA MET C 409 27.19 -11.12 -5.82
C MET C 409 28.54 -11.19 -6.51
N SER C 410 29.09 -10.04 -6.91
CA SER C 410 30.43 -10.02 -7.46
C SER C 410 31.44 -10.59 -6.48
N LEU C 411 31.27 -10.32 -5.18
CA LEU C 411 32.20 -10.83 -4.19
C LEU C 411 32.00 -12.33 -3.96
N ILE C 412 30.74 -12.78 -3.94
CA ILE C 412 30.47 -14.20 -3.76
C ILE C 412 31.01 -14.99 -4.94
N SER C 413 30.97 -14.41 -6.14
CA SER C 413 31.57 -15.07 -7.31
C SER C 413 33.09 -14.98 -7.27
N GLY C 414 33.62 -13.85 -6.79
CA GLY C 414 35.06 -13.74 -6.63
C GLY C 414 35.61 -14.75 -5.64
N MET C 415 34.79 -15.19 -4.69
CA MET C 415 35.23 -16.25 -3.80
C MET C 415 35.55 -17.52 -4.60
N TRP C 416 34.65 -17.92 -5.50
CA TRP C 416 34.92 -19.06 -6.37
C TRP C 416 36.12 -18.80 -7.27
N LEU C 417 36.22 -17.58 -7.79
CA LEU C 417 37.32 -17.24 -8.68
C LEU C 417 38.67 -17.39 -7.98
N LEU C 418 38.79 -16.85 -6.77
CA LEU C 418 40.01 -17.00 -5.99
C LEU C 418 40.22 -18.42 -5.51
N THR C 419 39.16 -19.21 -5.39
CA THR C 419 39.30 -20.63 -5.06
C THR C 419 39.91 -21.42 -6.20
N VAL C 420 39.52 -21.17 -7.45
CA VAL C 420 39.92 -22.01 -8.56
C VAL C 420 41.16 -21.49 -9.29
N VAL C 421 41.37 -20.18 -9.36
CA VAL C 421 42.50 -19.59 -10.07
C VAL C 421 43.58 -19.25 -9.06
N PRO C 422 44.83 -19.67 -9.26
CA PRO C 422 45.89 -19.25 -8.33
C PRO C 422 45.99 -17.74 -8.25
N ASN C 423 46.21 -17.26 -7.03
CA ASN C 423 46.09 -15.83 -6.75
C ASN C 423 47.22 -15.00 -7.31
N ASP C 424 48.31 -15.63 -7.75
CA ASP C 424 49.39 -14.89 -8.40
C ASP C 424 49.05 -14.51 -9.84
N MET C 425 47.96 -15.04 -10.39
CA MET C 425 47.50 -14.63 -11.71
C MET C 425 46.89 -13.24 -11.70
N PHE C 426 46.67 -12.65 -10.53
CA PHE C 426 46.00 -11.36 -10.41
C PHE C 426 46.98 -10.32 -9.89
N ILE C 427 46.92 -9.12 -10.47
CA ILE C 427 47.70 -8.00 -9.96
C ILE C 427 47.37 -7.81 -8.49
N ARG C 428 48.39 -7.47 -7.69
CA ARG C 428 48.24 -7.53 -6.25
C ARG C 428 47.17 -6.58 -5.74
N GLU C 429 47.11 -5.36 -6.29
CA GLU C 429 46.15 -4.38 -5.77
C GLU C 429 44.71 -4.84 -6.00
N SER C 430 44.41 -5.38 -7.18
CA SER C 430 43.05 -5.84 -7.45
C SER C 430 42.69 -7.03 -6.58
N LEU C 431 43.62 -7.98 -6.43
CA LEU C 431 43.37 -9.13 -5.56
C LEU C 431 43.13 -8.68 -4.13
N VAL C 432 43.95 -7.74 -3.65
CA VAL C 432 43.82 -7.26 -2.29
C VAL C 432 42.49 -6.55 -2.08
N ALA C 433 42.07 -5.74 -3.05
CA ALA C 433 40.79 -5.07 -2.94
C ALA C 433 39.64 -6.07 -2.90
N CYS C 434 39.67 -7.07 -3.79
CA CYS C 434 38.60 -8.06 -3.81
C CYS C 434 38.56 -8.85 -2.51
N GLN C 435 39.73 -9.25 -2.00
CA GLN C 435 39.79 -10.01 -0.76
C GLN C 435 39.30 -9.17 0.42
N LEU C 436 39.68 -7.89 0.46
CA LEU C 436 39.22 -7.02 1.54
C LEU C 436 37.72 -6.84 1.49
N ALA C 437 37.15 -6.68 0.29
CA ALA C 437 35.70 -6.59 0.17
C ALA C 437 35.04 -7.87 0.66
N ILE C 438 35.59 -9.02 0.30
CA ILE C 438 35.01 -10.29 0.74
C ILE C 438 35.07 -10.41 2.26
N ILE C 439 36.21 -10.05 2.85
CA ILE C 439 36.38 -10.18 4.30
C ILE C 439 35.44 -9.24 5.04
N ASN C 440 35.39 -7.98 4.60
CA ASN C 440 34.65 -6.96 5.33
C ASN C 440 33.16 -6.96 5.04
N THR C 441 32.72 -7.66 3.98
CA THR C 441 31.31 -7.71 3.63
C THR C 441 30.65 -9.04 3.98
N ILE C 442 31.39 -10.14 4.01
CA ILE C 442 30.83 -11.48 4.08
C ILE C 442 31.31 -12.23 5.32
N ILE C 443 32.62 -12.20 5.59
CA ILE C 443 33.20 -13.10 6.59
C ILE C 443 33.14 -12.47 7.97
N TYR C 444 33.83 -11.35 8.16
CA TYR C 444 33.88 -10.72 9.48
C TYR C 444 32.50 -10.31 9.97
N PRO C 445 31.66 -9.64 9.18
CA PRO C 445 30.30 -9.37 9.65
C PRO C 445 29.53 -10.63 9.97
N ALA C 446 29.76 -11.72 9.24
CA ALA C 446 29.09 -12.97 9.56
C ALA C 446 29.47 -13.45 10.95
N PHE C 447 30.76 -13.40 11.28
CA PHE C 447 31.23 -13.88 12.57
C PHE C 447 31.25 -12.80 13.64
N GLY C 448 30.69 -11.62 13.37
CA GLY C 448 30.63 -10.59 14.38
C GLY C 448 31.95 -9.96 14.71
N MET C 449 32.93 -10.07 13.82
CA MET C 449 34.25 -9.49 14.06
C MET C 449 34.28 -8.04 13.60
N GLN C 450 35.11 -7.25 14.28
CA GLN C 450 35.27 -5.85 13.88
C GLN C 450 35.84 -5.77 12.48
N ARG C 451 35.37 -4.78 11.72
CA ARG C 451 35.81 -4.62 10.34
C ARG C 451 37.33 -4.52 10.29
N MET C 452 37.93 -5.27 9.36
CA MET C 452 39.37 -5.29 9.25
C MET C 452 39.88 -3.93 8.81
N HIS C 453 40.83 -3.38 9.56
CA HIS C 453 41.52 -2.14 9.20
C HIS C 453 42.80 -2.55 8.48
N TYR C 454 42.68 -2.80 7.18
CA TYR C 454 43.79 -3.30 6.38
C TYR C 454 44.61 -2.13 5.86
N ARG C 455 45.92 -2.22 6.00
CA ARG C 455 46.83 -1.19 5.53
C ARG C 455 47.25 -1.50 4.10
N ASN C 456 47.19 -0.48 3.24
CA ASN C 456 47.65 -0.65 1.87
C ASN C 456 49.16 -0.83 1.87
N GLY C 457 49.64 -1.86 1.18
CA GLY C 457 51.04 -2.22 1.22
C GLY C 457 51.39 -3.22 2.29
N ASP C 458 50.41 -3.80 2.98
CA ASP C 458 50.69 -4.79 4.01
C ASP C 458 51.36 -6.00 3.38
N PRO C 459 52.37 -6.59 4.03
CA PRO C 459 52.97 -7.80 3.45
C PRO C 459 52.00 -8.95 3.28
N GLN C 460 51.01 -9.05 4.16
CA GLN C 460 50.02 -10.12 4.10
C GLN C 460 48.77 -9.63 3.40
N THR C 461 48.13 -10.52 2.65
CA THR C 461 46.84 -10.22 2.04
C THR C 461 45.76 -10.26 3.10
N PRO C 462 44.59 -9.66 2.83
CA PRO C 462 43.50 -9.74 3.81
C PRO C 462 43.12 -11.15 4.18
N PHE C 463 43.16 -12.09 3.22
CA PHE C 463 42.81 -13.47 3.51
C PHE C 463 43.83 -14.10 4.44
N GLN C 464 45.10 -13.72 4.34
CA GLN C 464 46.11 -14.29 5.22
C GLN C 464 45.91 -13.83 6.67
N ILE C 465 45.46 -12.60 6.86
CA ILE C 465 45.13 -12.12 8.21
C ILE C 465 43.87 -12.80 8.72
N ALA C 466 42.85 -12.90 7.87
CA ALA C 466 41.60 -13.52 8.27
C ALA C 466 41.81 -14.98 8.65
N GLU C 467 42.69 -15.67 7.94
CA GLU C 467 42.99 -17.07 8.26
C GLU C 467 43.46 -17.23 9.68
N GLN C 468 44.30 -16.32 10.17
CA GLN C 468 44.73 -16.35 11.55
C GLN C 468 43.63 -15.90 12.51
N GLN C 469 42.78 -14.95 12.11
CA GLN C 469 41.79 -14.40 13.02
C GLN C 469 40.44 -15.11 13.00
N ILE C 470 40.19 -16.01 12.06
CA ILE C 470 38.91 -16.69 11.95
C ILE C 470 39.00 -18.03 12.68
N GLN C 471 38.11 -18.24 13.64
CA GLN C 471 38.10 -19.46 14.45
C GLN C 471 37.25 -20.57 13.84
N ASN C 472 36.46 -20.27 12.81
CA ASN C 472 35.68 -21.31 12.14
C ASN C 472 36.58 -22.16 11.27
N PHE C 473 36.51 -23.48 11.44
CA PHE C 473 37.44 -24.35 10.73
C PHE C 473 37.19 -24.35 9.23
N GLN C 474 35.93 -24.38 8.80
CA GLN C 474 35.65 -24.45 7.37
C GLN C 474 36.10 -23.18 6.67
N VAL C 475 35.71 -22.03 7.20
CA VAL C 475 36.08 -20.75 6.58
C VAL C 475 37.58 -20.57 6.61
N ALA C 476 38.20 -20.88 7.76
CA ALA C 476 39.65 -20.73 7.88
C ALA C 476 40.39 -21.68 6.94
N ASN C 477 39.88 -22.89 6.77
CA ASN C 477 40.54 -23.87 5.91
C ASN C 477 40.43 -23.46 4.44
N TRP C 478 39.25 -22.96 4.04
CA TRP C 478 39.11 -22.42 2.69
C TRP C 478 40.03 -21.22 2.49
N LEU C 479 40.13 -20.36 3.49
CA LEU C 479 41.02 -19.21 3.40
C LEU C 479 42.47 -19.65 3.24
N HIS C 480 42.87 -20.67 4.00
CA HIS C 480 44.23 -21.20 3.89
C HIS C 480 44.50 -21.74 2.49
N PHE C 481 43.53 -22.49 1.94
CA PHE C 481 43.71 -23.02 0.61
C PHE C 481 43.86 -21.90 -0.41
N VAL C 482 43.01 -20.87 -0.32
CA VAL C 482 43.10 -19.76 -1.25
C VAL C 482 44.44 -19.05 -1.10
N ASN C 483 44.94 -18.95 0.13
CA ASN C 483 46.23 -18.31 0.36
C ASN C 483 47.38 -19.09 -0.25
N ASN C 484 47.31 -20.42 -0.23
CA ASN C 484 48.40 -21.25 -0.72
C ASN C 484 48.14 -21.89 -2.07
N ASN C 485 46.98 -21.67 -2.68
CA ASN C 485 46.71 -22.20 -4.01
C ASN C 485 47.66 -21.57 -5.02
N GLN C 486 48.57 -22.39 -5.57
CA GLN C 486 49.60 -21.92 -6.48
C GLN C 486 49.68 -22.85 -7.69
N PHE C 487 50.19 -22.30 -8.79
CA PHE C 487 50.58 -23.14 -9.91
C PHE C 487 51.77 -24.01 -9.53
N ARG C 488 51.87 -25.15 -10.19
CA ARG C 488 53.02 -26.03 -10.04
C ARG C 488 53.82 -25.99 -11.34
N GLN C 489 55.09 -25.60 -11.23
CA GLN C 489 55.98 -25.57 -12.39
C GLN C 489 56.50 -26.97 -12.64
N VAL C 490 56.13 -27.56 -13.77
CA VAL C 490 56.57 -28.91 -14.09
C VAL C 490 56.91 -28.98 -15.58
N VAL C 491 58.02 -29.65 -15.90
CA VAL C 491 58.39 -29.84 -17.30
C VAL C 491 57.65 -31.07 -17.81
N ILE C 492 56.83 -30.87 -18.84
CA ILE C 492 56.07 -31.94 -19.47
C ILE C 492 56.43 -31.93 -20.96
N ASP C 493 56.83 -33.07 -21.48
CA ASP C 493 57.22 -33.20 -22.89
C ASP C 493 58.27 -32.17 -23.28
N GLY C 494 59.12 -31.79 -22.34
CA GLY C 494 60.19 -30.85 -22.60
C GLY C 494 59.81 -29.39 -22.51
N VAL C 495 58.57 -29.07 -22.15
CA VAL C 495 58.10 -27.70 -22.04
C VAL C 495 57.68 -27.44 -20.61
N LEU C 496 58.11 -26.31 -20.06
CA LEU C 496 57.67 -25.92 -18.73
C LEU C 496 56.19 -25.53 -18.76
N ASN C 497 55.42 -26.08 -17.83
CA ASN C 497 53.98 -25.86 -17.77
C ASN C 497 53.59 -25.49 -16.34
N GLN C 498 52.53 -24.70 -16.24
CA GLN C 498 51.94 -24.28 -14.98
C GLN C 498 50.68 -25.11 -14.77
N VAL C 499 50.73 -26.01 -13.79
CA VAL C 499 49.70 -27.02 -13.58
C VAL C 499 48.88 -26.66 -12.36
N LEU C 500 47.56 -26.81 -12.48
CA LEU C 500 46.64 -26.53 -11.38
C LEU C 500 46.69 -27.65 -10.34
N ASN C 501 46.27 -27.31 -9.13
CA ASN C 501 46.15 -28.30 -8.07
C ASN C 501 45.17 -29.39 -8.48
N ASP C 502 45.49 -30.63 -8.14
CA ASP C 502 44.65 -31.75 -8.56
C ASP C 502 43.24 -31.62 -8.00
N ASN C 503 43.10 -30.99 -6.84
CA ASN C 503 41.77 -30.75 -6.27
C ASN C 503 41.00 -29.71 -7.06
N ILE C 504 41.69 -28.83 -7.79
CA ILE C 504 41.00 -27.93 -8.70
C ILE C 504 40.61 -28.66 -9.98
N ARG C 505 41.49 -29.54 -10.47
CA ARG C 505 41.24 -30.22 -11.74
C ARG C 505 40.00 -31.10 -11.67
N ASN C 506 39.74 -31.71 -10.53
CA ASN C 506 38.56 -32.56 -10.35
C ASN C 506 37.39 -31.81 -9.73
N GLY C 507 37.52 -30.51 -9.49
CA GLY C 507 36.43 -29.72 -8.97
C GLY C 507 36.13 -29.93 -7.50
N HIS C 508 37.05 -30.54 -6.75
CA HIS C 508 36.79 -30.85 -5.35
C HIS C 508 36.94 -29.63 -4.45
N VAL C 509 37.63 -28.58 -4.91
CA VAL C 509 37.76 -27.37 -4.11
C VAL C 509 36.42 -26.64 -4.02
N VAL C 510 35.54 -26.88 -5.00
CA VAL C 510 34.23 -26.25 -4.96
C VAL C 510 33.46 -26.69 -3.72
N ASN C 511 33.63 -27.96 -3.33
CA ASN C 511 32.95 -28.46 -2.14
C ASN C 511 33.49 -27.78 -0.88
N GLN C 512 34.80 -27.54 -0.82
CA GLN C 512 35.36 -26.82 0.32
C GLN C 512 34.85 -25.39 0.39
N LEU C 513 34.78 -24.72 -0.76
CA LEU C 513 34.22 -23.38 -0.80
C LEU C 513 32.77 -23.38 -0.36
N MET C 514 32.00 -24.38 -0.79
CA MET C 514 30.60 -24.45 -0.40
C MET C 514 30.44 -24.78 1.07
N GLU C 515 31.35 -25.57 1.64
CA GLU C 515 31.33 -25.79 3.09
C GLU C 515 31.54 -24.48 3.83
N ALA C 516 32.51 -23.69 3.41
CA ALA C 516 32.73 -22.39 4.03
C ALA C 516 31.51 -21.49 3.87
N LEU C 517 30.90 -21.48 2.68
CA LEU C 517 29.74 -20.65 2.44
C LEU C 517 28.55 -21.07 3.30
N MET C 518 28.35 -22.38 3.44
CA MET C 518 27.25 -22.87 4.27
C MET C 518 27.48 -22.53 5.73
N GLN C 519 28.74 -22.56 6.18
CA GLN C 519 29.03 -22.12 7.53
C GLN C 519 28.73 -20.64 7.69
N LEU C 520 29.09 -19.83 6.69
CA LEU C 520 28.79 -18.40 6.75
C LEU C 520 27.28 -18.16 6.80
N SER C 521 26.51 -18.98 6.08
CA SER C 521 25.06 -18.79 6.07
C SER C 521 24.44 -19.09 7.43
N ARG C 522 25.08 -19.94 8.23
CA ARG C 522 24.55 -20.33 9.52
C ARG C 522 24.90 -19.36 10.64
N GLN C 523 25.69 -18.32 10.36
CA GLN C 523 26.08 -17.37 11.38
C GLN C 523 24.92 -16.42 11.70
N GLN C 524 25.09 -15.67 12.78
CA GLN C 524 24.04 -14.79 13.28
C GLN C 524 24.17 -13.34 12.81
N PHE C 525 25.37 -12.90 12.45
CA PHE C 525 25.62 -11.50 12.12
C PHE C 525 25.17 -10.61 13.28
N PRO C 526 25.78 -10.77 14.46
CA PRO C 526 25.19 -10.14 15.67
C PRO C 526 25.07 -8.62 15.59
N THR C 527 26.03 -7.95 14.98
CA THR C 527 26.06 -6.49 14.97
C THR C 527 25.35 -5.89 13.77
N MET C 528 24.85 -6.71 12.86
CA MET C 528 24.25 -6.20 11.64
C MET C 528 22.73 -6.26 11.72
N PRO C 529 22.02 -5.40 10.98
CA PRO C 529 20.58 -5.59 10.83
C PRO C 529 20.27 -6.92 10.15
N VAL C 530 19.12 -7.49 10.50
CA VAL C 530 18.77 -8.81 9.97
C VAL C 530 18.70 -8.79 8.46
N ASP C 531 18.33 -7.66 7.86
CA ASP C 531 18.28 -7.57 6.40
C ASP C 531 19.66 -7.75 5.78
N TYR C 532 20.72 -7.37 6.49
CA TYR C 532 22.07 -7.58 5.97
C TYR C 532 22.38 -9.06 5.88
N LYS C 533 22.12 -9.81 6.96
CA LYS C 533 22.32 -11.25 6.92
C LYS C 533 21.45 -11.88 5.85
N ARG C 534 20.23 -11.36 5.67
CA ARG C 534 19.36 -11.90 4.63
C ARG C 534 19.94 -11.68 3.24
N SER C 535 20.52 -10.50 3.00
CA SER C 535 21.13 -10.23 1.69
C SER C 535 22.32 -11.15 1.45
N ILE C 536 23.18 -11.33 2.46
CA ILE C 536 24.32 -12.21 2.29
C ILE C 536 23.86 -13.65 2.09
N GLN C 537 22.82 -14.06 2.82
CA GLN C 537 22.28 -15.41 2.64
C GLN C 537 21.73 -15.61 1.23
N ARG C 538 21.04 -14.61 0.70
CA ARG C 538 20.51 -14.71 -0.65
C ARG C 538 21.64 -14.79 -1.68
N GLY C 539 22.69 -13.99 -1.48
CA GLY C 539 23.84 -14.08 -2.37
C GLY C 539 24.49 -15.44 -2.33
N ILE C 540 24.67 -16.00 -1.12
CA ILE C 540 25.23 -17.34 -1.00
C ILE C 540 24.29 -18.37 -1.61
N LEU C 541 22.98 -18.16 -1.48
CA LEU C 541 22.00 -19.08 -2.02
C LEU C 541 22.08 -19.15 -3.53
N LEU C 542 22.26 -18.00 -4.19
CA LEU C 542 22.39 -18.01 -5.64
C LEU C 542 23.53 -18.92 -6.09
N LEU C 543 24.67 -18.86 -5.39
CA LEU C 543 25.81 -19.69 -5.77
C LEU C 543 25.56 -21.15 -5.38
N SER C 544 25.03 -21.39 -4.19
CA SER C 544 24.89 -22.76 -3.69
C SER C 544 23.79 -23.53 -4.40
N ASN C 545 22.85 -22.84 -5.04
CA ASN C 545 21.86 -23.53 -5.87
C ASN C 545 22.45 -24.08 -7.15
N ARG C 546 23.72 -23.80 -7.41
CA ARG C 546 24.43 -24.29 -8.59
C ARG C 546 25.73 -24.95 -8.20
N LEU C 547 25.71 -25.77 -7.14
CA LEU C 547 26.93 -26.40 -6.66
C LEU C 547 27.47 -27.41 -7.66
N GLY C 548 26.60 -28.28 -8.19
CA GLY C 548 27.04 -29.23 -9.19
C GLY C 548 27.51 -28.56 -10.46
N GLN C 549 26.81 -27.50 -10.86
CA GLN C 549 27.25 -26.73 -12.01
C GLN C 549 28.60 -26.09 -11.76
N LEU C 550 28.86 -25.63 -10.54
CA LEU C 550 30.17 -25.04 -10.23
C LEU C 550 31.27 -26.10 -10.28
N VAL C 551 31.01 -27.29 -9.75
CA VAL C 551 31.99 -28.37 -9.84
C VAL C 551 32.29 -28.69 -11.29
N ASP C 552 31.24 -28.83 -12.10
CA ASP C 552 31.42 -29.16 -13.51
C ASP C 552 32.13 -28.03 -14.24
N LEU C 553 31.83 -26.78 -13.89
CA LEU C 553 32.50 -25.64 -14.51
C LEU C 553 33.98 -25.61 -14.16
N THR C 554 34.32 -25.90 -12.91
CA THR C 554 35.73 -25.96 -12.53
C THR C 554 36.45 -27.05 -13.31
N ARG C 555 35.82 -28.23 -13.42
CA ARG C 555 36.44 -29.30 -14.19
C ARG C 555 36.55 -28.96 -15.66
N LEU C 556 35.54 -28.28 -16.22
CA LEU C 556 35.59 -27.86 -17.61
C LEU C 556 36.73 -26.87 -17.84
N LEU C 557 36.85 -25.87 -16.97
CA LEU C 557 37.92 -24.90 -17.09
C LEU C 557 39.27 -25.59 -17.02
N ALA C 558 39.45 -26.48 -16.04
CA ALA C 558 40.74 -27.16 -15.90
C ALA C 558 41.04 -28.04 -17.10
N TYR C 559 40.04 -28.76 -17.61
CA TYR C 559 40.28 -29.64 -18.74
C TYR C 559 40.67 -28.84 -19.98
N ASN C 560 39.93 -27.77 -20.28
CA ASN C 560 40.29 -26.96 -21.43
C ASN C 560 41.67 -26.35 -21.26
N TYR C 561 41.98 -25.88 -20.05
CA TYR C 561 43.28 -25.31 -19.79
C TYR C 561 44.40 -26.31 -20.08
N GLU C 562 44.27 -27.53 -19.56
CA GLU C 562 45.35 -28.51 -19.73
C GLU C 562 45.43 -29.00 -21.18
N THR C 563 44.27 -29.18 -21.83
CA THR C 563 44.28 -29.63 -23.22
C THR C 563 44.92 -28.60 -24.13
N LEU C 564 44.63 -27.31 -23.92
CA LEU C 564 45.28 -26.27 -24.71
C LEU C 564 46.73 -26.05 -24.28
N MET C 565 47.05 -26.37 -23.02
CA MET C 565 48.43 -26.31 -22.55
C MET C 565 49.30 -27.38 -23.19
N ALA C 566 48.70 -28.50 -23.57
CA ALA C 566 49.44 -29.51 -24.32
C ALA C 566 49.97 -28.98 -25.65
N CYS C 567 49.38 -27.92 -26.18
CA CYS C 567 49.75 -27.37 -27.47
C CYS C 567 50.69 -26.17 -27.37
N ILE C 568 51.21 -25.88 -26.20
CA ILE C 568 52.18 -24.81 -26.01
C ILE C 568 53.58 -25.39 -26.15
N THR C 569 54.41 -24.72 -26.95
CA THR C 569 55.76 -25.19 -27.24
C THR C 569 56.84 -24.45 -26.46
N MET C 570 56.60 -23.20 -26.10
CA MET C 570 57.57 -22.41 -25.34
C MET C 570 57.21 -22.44 -23.86
N ASN C 571 58.24 -22.35 -23.02
CA ASN C 571 58.05 -22.47 -21.59
C ASN C 571 57.06 -21.44 -21.07
N MET C 572 56.11 -21.92 -20.26
CA MET C 572 55.11 -21.05 -19.63
C MET C 572 55.77 -20.40 -18.42
N GLN C 573 56.42 -19.27 -18.65
CA GLN C 573 57.11 -18.56 -17.59
C GLN C 573 56.11 -17.75 -16.78
N HIS C 574 56.11 -17.94 -15.46
CA HIS C 574 55.20 -17.24 -14.57
C HIS C 574 55.89 -15.98 -14.05
N VAL C 575 55.41 -14.83 -14.49
CA VAL C 575 55.93 -13.55 -14.04
C VAL C 575 54.88 -12.49 -14.33
N GLN C 576 54.68 -11.59 -13.37
CA GLN C 576 53.70 -10.53 -13.54
C GLN C 576 54.09 -9.64 -14.71
N THR C 577 53.13 -9.32 -15.56
CA THR C 577 53.36 -8.54 -16.76
C THR C 577 53.18 -7.06 -16.48
N LEU C 578 53.72 -6.23 -17.38
CA LEU C 578 53.58 -4.79 -17.25
C LEU C 578 52.11 -4.37 -17.26
N THR C 579 51.36 -4.85 -18.26
CA THR C 579 49.93 -4.58 -18.36
C THR C 579 49.16 -5.87 -18.11
N THR C 580 47.92 -5.71 -17.68
CA THR C 580 47.09 -6.83 -17.26
C THR C 580 45.83 -6.90 -18.12
N GLU C 581 45.24 -8.09 -18.15
CA GLU C 581 43.96 -8.32 -18.82
C GLU C 581 42.87 -8.22 -17.75
N LYS C 582 42.15 -7.10 -17.75
CA LYS C 582 41.15 -6.89 -16.72
C LYS C 582 39.97 -7.85 -16.92
N LEU C 583 39.48 -8.39 -15.81
CA LEU C 583 38.37 -9.34 -15.79
C LEU C 583 37.28 -8.76 -14.89
N GLN C 584 36.05 -8.71 -15.40
CA GLN C 584 34.93 -8.22 -14.62
C GLN C 584 34.35 -9.36 -13.79
N LEU C 585 34.04 -9.05 -12.52
CA LEU C 585 33.44 -10.06 -11.66
C LEU C 585 31.98 -10.31 -12.01
N THR C 586 31.33 -9.36 -12.70
CA THR C 586 30.01 -9.64 -13.24
C THR C 586 30.07 -10.70 -14.32
N SER C 587 31.17 -10.75 -15.08
CA SER C 587 31.36 -11.83 -16.05
C SER C 587 31.51 -13.17 -15.35
N VAL C 588 32.21 -13.19 -14.21
CA VAL C 588 32.33 -14.41 -13.43
C VAL C 588 30.97 -14.83 -12.90
N THR C 589 30.17 -13.87 -12.44
CA THR C 589 28.82 -14.18 -11.99
C THR C 589 27.98 -14.74 -13.13
N SER C 590 28.12 -14.17 -14.32
CA SER C 590 27.39 -14.68 -15.48
C SER C 590 27.80 -16.12 -15.79
N LEU C 591 29.10 -16.40 -15.75
CA LEU C 591 29.57 -17.75 -16.03
C LEU C 591 29.04 -18.74 -14.99
N CYS C 592 29.05 -18.34 -13.72
CA CYS C 592 28.54 -19.23 -12.68
C CYS C 592 27.03 -19.45 -12.82
N MET C 593 26.29 -18.39 -13.13
CA MET C 593 24.84 -18.48 -13.17
C MET C 593 24.31 -19.17 -14.43
N LEU C 594 25.02 -19.04 -15.55
CA LEU C 594 24.50 -19.46 -16.83
C LEU C 594 25.11 -20.75 -17.37
N ILE C 595 26.20 -21.24 -16.78
CA ILE C 595 26.81 -22.46 -17.28
C ILE C 595 25.82 -23.61 -17.15
N GLY C 596 25.68 -24.38 -18.22
CA GLY C 596 24.79 -25.52 -18.27
C GLY C 596 25.52 -26.83 -18.05
N ASN C 597 24.96 -27.90 -18.61
CA ASN C 597 25.53 -29.24 -18.50
C ASN C 597 26.19 -29.69 -19.79
N ALA C 598 26.34 -28.80 -20.77
CA ALA C 598 26.94 -29.16 -22.04
C ALA C 598 28.46 -29.05 -21.94
N THR C 599 29.16 -30.13 -22.27
CA THR C 599 30.62 -30.12 -22.25
C THR C 599 31.13 -29.55 -23.57
N VAL C 600 32.06 -28.61 -23.47
CA VAL C 600 32.76 -28.07 -24.63
C VAL C 600 34.24 -28.27 -24.41
N ILE C 601 34.90 -28.91 -25.37
CA ILE C 601 36.34 -29.14 -25.30
C ILE C 601 36.96 -28.65 -26.61
N PRO C 602 38.26 -28.35 -26.60
CA PRO C 602 38.88 -27.85 -27.83
C PRO C 602 38.74 -28.85 -28.97
N SER C 603 38.40 -28.33 -30.14
CA SER C 603 38.29 -29.18 -31.31
C SER C 603 39.67 -29.69 -31.72
N PRO C 604 39.75 -30.88 -32.32
CA PRO C 604 41.04 -31.33 -32.82
C PRO C 604 41.64 -30.38 -33.85
N GLN C 605 40.78 -29.79 -34.69
CA GLN C 605 41.26 -28.79 -35.63
C GLN C 605 41.77 -27.55 -34.90
N THR C 606 41.06 -27.12 -33.86
CA THR C 606 41.50 -25.98 -33.08
C THR C 606 42.83 -26.28 -32.38
N LEU C 607 42.96 -27.46 -31.79
CA LEU C 607 44.21 -27.83 -31.14
C LEU C 607 45.36 -27.86 -32.12
N PHE C 608 45.14 -28.45 -33.31
CA PHE C 608 46.19 -28.50 -34.31
C PHE C 608 46.56 -27.11 -34.79
N HIS C 609 45.57 -26.24 -34.99
CA HIS C 609 45.86 -24.87 -35.42
C HIS C 609 46.67 -24.13 -34.36
N TYR C 610 46.28 -24.26 -33.10
CA TYR C 610 47.01 -23.61 -32.01
C TYR C 610 48.44 -24.13 -31.94
N TYR C 611 48.61 -25.46 -32.03
CA TYR C 611 49.94 -26.05 -31.98
C TYR C 611 50.79 -25.60 -33.16
N ASN C 612 50.20 -25.52 -34.36
CA ASN C 612 50.96 -25.09 -35.52
C ASN C 612 51.37 -23.63 -35.40
N VAL C 613 50.49 -22.77 -34.91
CA VAL C 613 50.84 -21.37 -34.73
C VAL C 613 51.97 -21.25 -33.71
N ASN C 614 51.88 -21.98 -32.60
CA ASN C 614 52.93 -21.95 -31.59
C ASN C 614 54.24 -22.45 -32.17
N VAL C 615 54.21 -23.53 -32.94
CA VAL C 615 55.43 -24.09 -33.52
C VAL C 615 56.03 -23.11 -34.51
N ASN C 616 55.20 -22.47 -35.33
CA ASN C 616 55.71 -21.50 -36.29
C ASN C 616 56.39 -20.34 -35.58
N PHE C 617 55.75 -19.80 -34.55
CA PHE C 617 56.35 -18.70 -33.80
C PHE C 617 57.65 -19.14 -33.14
N HIS C 618 57.66 -20.33 -32.53
CA HIS C 618 58.85 -20.81 -31.84
C HIS C 618 60.01 -21.03 -32.80
N SER C 619 59.74 -21.67 -33.93
CA SER C 619 60.77 -21.91 -34.92
C SER C 619 61.29 -20.62 -35.52
N ASN C 620 60.39 -19.67 -35.81
CA ASN C 620 60.83 -18.38 -36.31
C ASN C 620 61.72 -17.69 -35.29
N TYR C 621 61.32 -17.73 -34.01
CA TYR C 621 62.12 -17.12 -32.96
C TYR C 621 63.51 -17.72 -32.92
N ASN C 622 63.59 -19.05 -32.95
CA ASN C 622 64.90 -19.71 -32.86
C ASN C 622 65.75 -19.43 -34.10
N GLU C 623 65.16 -19.44 -35.29
CA GLU C 623 65.93 -19.19 -36.50
C GLU C 623 66.42 -17.75 -36.58
N ARG C 624 65.60 -16.80 -36.14
CA ARG C 624 66.07 -15.42 -36.11
C ARG C 624 67.15 -15.22 -35.06
N ILE C 625 67.05 -15.94 -33.93
CA ILE C 625 68.14 -15.93 -32.96
C ILE C 625 69.41 -16.44 -33.61
N ASN C 626 69.31 -17.55 -34.35
CA ASN C 626 70.49 -18.11 -35.00
C ASN C 626 71.10 -17.12 -35.98
N ASP C 627 70.25 -16.47 -36.79
CA ASP C 627 70.76 -15.48 -37.74
C ASP C 627 71.49 -14.35 -37.04
N ALA C 628 70.86 -13.77 -36.02
CA ALA C 628 71.48 -12.66 -35.31
C ALA C 628 72.77 -13.07 -34.63
N VAL C 629 72.77 -14.25 -33.98
CA VAL C 629 73.96 -14.72 -33.28
C VAL C 629 75.09 -14.96 -34.26
N ALA C 630 74.79 -15.58 -35.41
CA ALA C 630 75.82 -15.82 -36.41
C ALA C 630 76.41 -14.53 -36.91
N ILE C 631 75.57 -13.55 -37.23
CA ILE C 631 76.10 -12.28 -37.75
C ILE C 631 76.94 -11.58 -36.69
N ILE C 632 76.47 -11.56 -35.43
CA ILE C 632 77.19 -10.87 -34.38
C ILE C 632 78.54 -11.53 -34.14
N THR C 633 78.56 -12.86 -34.06
CA THR C 633 79.81 -13.57 -33.82
C THR C 633 80.76 -13.40 -34.99
N ALA C 634 80.25 -13.42 -36.22
CA ALA C 634 81.12 -13.20 -37.37
C ALA C 634 81.71 -11.80 -37.36
N ALA C 635 80.90 -10.80 -36.99
CA ALA C 635 81.41 -9.44 -36.92
C ALA C 635 82.49 -9.32 -35.86
N ASN C 636 82.31 -9.97 -34.71
CA ASN C 636 83.35 -9.96 -33.69
C ASN C 636 84.61 -10.66 -34.17
N ARG C 637 84.46 -11.81 -34.82
CA ARG C 637 85.62 -12.56 -35.29
C ARG C 637 86.38 -11.84 -36.39
N LEU C 638 85.66 -11.11 -37.23
CA LEU C 638 86.29 -10.34 -38.30
C LEU C 638 86.81 -8.99 -37.84
N ASN C 639 86.65 -8.66 -36.56
CA ASN C 639 87.20 -7.44 -35.97
C ASN C 639 86.69 -6.21 -36.72
N LEU C 640 85.37 -6.10 -36.79
CA LEU C 640 84.71 -4.95 -37.39
C LEU C 640 84.32 -3.96 -36.29
N TYR C 641 85.36 -3.32 -35.74
CA TYR C 641 85.17 -2.47 -34.56
C TYR C 641 84.26 -1.29 -34.86
N GLN C 642 84.36 -0.72 -36.07
CA GLN C 642 83.50 0.42 -36.41
C GLN C 642 82.04 0.03 -36.58
N LYS C 643 81.74 -1.27 -36.67
CA LYS C 643 80.37 -1.70 -36.92
C LYS C 643 79.50 -1.45 -35.70
N LYS C 644 78.34 -0.84 -35.92
CA LYS C 644 77.32 -0.69 -34.89
C LYS C 644 76.25 -1.73 -35.14
N MET C 645 76.00 -2.57 -34.14
CA MET C 645 75.16 -3.75 -34.30
C MET C 645 73.70 -3.48 -34.00
N LYS C 646 73.28 -2.21 -33.97
CA LYS C 646 71.87 -1.92 -33.76
C LYS C 646 71.03 -2.39 -34.94
N SER C 647 71.58 -2.35 -36.16
CA SER C 647 70.85 -2.81 -37.32
C SER C 647 70.54 -4.30 -37.23
N ILE C 648 71.48 -5.10 -36.74
CA ILE C 648 71.28 -6.54 -36.64
C ILE C 648 70.12 -6.84 -35.69
N VAL C 649 70.13 -6.23 -34.51
CA VAL C 649 69.07 -6.47 -33.55
C VAL C 649 67.74 -5.92 -34.05
N GLU C 650 67.78 -4.77 -34.73
CA GLU C 650 66.55 -4.20 -35.28
C GLU C 650 65.93 -5.14 -36.31
N ASP C 651 66.77 -5.72 -37.18
CA ASP C 651 66.27 -6.68 -38.15
C ASP C 651 65.74 -7.93 -37.46
N PHE C 652 66.44 -8.40 -36.42
CA PHE C 652 65.97 -9.56 -35.67
C PHE C 652 64.59 -9.31 -35.09
N LEU C 653 64.39 -8.17 -34.44
CA LEU C 653 63.09 -7.83 -33.89
C LEU C 653 62.04 -7.65 -34.96
N LYS C 654 62.39 -7.06 -36.10
CA LYS C 654 61.43 -6.92 -37.19
C LYS C 654 60.99 -8.28 -37.71
N ARG C 655 61.93 -9.21 -37.84
CA ARG C 655 61.59 -10.54 -38.34
C ARG C 655 60.84 -11.38 -37.32
N LEU C 656 60.90 -11.02 -36.03
CA LEU C 656 60.01 -11.67 -35.07
C LEU C 656 58.54 -11.35 -35.33
N GLN C 657 58.24 -10.22 -35.98
CA GLN C 657 56.95 -9.84 -36.56
C GLN C 657 55.90 -9.42 -35.53
N ILE C 658 56.15 -9.54 -34.23
CA ILE C 658 55.16 -9.18 -33.23
C ILE C 658 55.54 -7.94 -32.43
N PHE C 659 56.69 -7.33 -32.70
CA PHE C 659 57.16 -6.15 -31.99
C PHE C 659 57.10 -4.93 -32.89
N ASP C 660 56.81 -3.78 -32.30
CA ASP C 660 56.89 -2.49 -32.97
C ASP C 660 58.25 -1.90 -32.63
N ILE C 661 59.18 -1.97 -33.60
CA ILE C 661 60.55 -1.56 -33.33
C ILE C 661 60.63 -0.09 -32.95
N SER C 662 59.68 0.72 -33.41
CA SER C 662 59.67 2.12 -33.04
C SER C 662 59.54 2.30 -31.53
N ARG C 663 58.86 1.37 -30.85
CA ARG C 663 58.71 1.43 -29.41
C ARG C 663 59.88 0.85 -28.65
N VAL C 664 60.87 0.29 -29.35
CA VAL C 664 62.01 -0.38 -28.73
C VAL C 664 63.18 0.62 -28.73
N PRO C 665 63.64 1.08 -27.57
CA PRO C 665 64.80 1.97 -27.55
C PRO C 665 66.07 1.25 -27.96
N ASP C 666 67.08 2.05 -28.29
CA ASP C 666 68.34 1.49 -28.79
C ASP C 666 69.09 0.74 -27.69
N ASP C 667 68.99 1.23 -26.45
CA ASP C 667 69.66 0.56 -25.34
C ASP C 667 69.11 -0.84 -25.14
N GLN C 668 67.79 -1.02 -25.32
CA GLN C 668 67.21 -2.35 -25.21
C GLN C 668 67.71 -3.26 -26.32
N MET C 669 67.87 -2.72 -27.52
CA MET C 669 68.44 -3.51 -28.62
C MET C 669 69.88 -3.92 -28.30
N TYR C 670 70.65 -3.03 -27.67
CA TYR C 670 72.02 -3.39 -27.31
C TYR C 670 72.08 -4.38 -26.17
N ARG C 671 71.10 -4.35 -25.26
CA ARG C 671 70.99 -5.41 -24.26
C ARG C 671 70.68 -6.76 -24.92
N LEU C 672 69.79 -6.75 -25.92
CA LEU C 672 69.54 -7.96 -26.69
C LEU C 672 70.80 -8.43 -27.39
N ARG C 673 71.59 -7.49 -27.92
CA ARG C 673 72.86 -7.83 -28.54
C ARG C 673 73.79 -8.48 -27.53
N ASP C 674 73.84 -7.94 -26.32
CA ASP C 674 74.68 -8.53 -25.27
C ASP C 674 74.26 -9.95 -24.97
N ARG C 675 72.95 -10.21 -24.87
CA ARG C 675 72.49 -11.56 -24.61
C ARG C 675 72.77 -12.50 -25.78
N LEU C 676 72.58 -12.02 -27.01
CA LEU C 676 72.83 -12.85 -28.19
C LEU C 676 74.31 -13.19 -28.31
N ARG C 677 75.18 -12.27 -27.93
CA ARG C 677 76.62 -12.48 -28.05
C ARG C 677 77.09 -13.67 -27.23
N LEU C 678 76.38 -13.99 -26.16
CA LEU C 678 76.80 -15.06 -25.26
C LEU C 678 76.36 -16.44 -25.71
N LEU C 679 75.50 -16.54 -26.73
CA LEU C 679 75.03 -17.84 -27.17
C LEU C 679 76.01 -18.47 -28.16
N PRO C 680 76.12 -19.80 -28.18
CA PRO C 680 76.90 -20.45 -29.24
C PRO C 680 76.20 -20.33 -30.59
N VAL C 681 77.00 -20.42 -31.63
CA VAL C 681 76.48 -20.31 -33.00
C VAL C 681 75.98 -21.68 -33.44
N GLU C 682 74.97 -21.67 -34.32
CA GLU C 682 74.43 -22.90 -34.87
C GLU C 682 75.50 -23.63 -35.65
N ILE C 683 75.43 -24.97 -35.62
CA ILE C 683 76.52 -25.78 -36.14
C ILE C 683 76.75 -25.52 -37.63
N ARG C 684 75.66 -25.49 -38.41
CA ARG C 684 75.81 -25.27 -39.85
C ARG C 684 76.37 -23.88 -40.13
N ARG C 685 75.82 -22.86 -39.48
CA ARG C 685 76.30 -21.50 -39.67
C ARG C 685 77.74 -21.37 -39.19
N LEU C 686 78.06 -21.98 -38.04
CA LEU C 686 79.40 -21.88 -37.49
C LEU C 686 80.43 -22.53 -38.42
N ASP C 687 80.10 -23.70 -38.97
CA ASP C 687 81.04 -24.38 -39.86
C ASP C 687 81.17 -23.65 -41.19
N ILE C 688 80.09 -23.04 -41.68
CA ILE C 688 80.20 -22.21 -42.88
C ILE C 688 81.14 -21.04 -42.62
N PHE C 689 80.99 -20.39 -41.47
CA PHE C 689 81.90 -19.30 -41.12
C PHE C 689 83.32 -19.79 -40.94
N ASN C 690 83.49 -21.02 -40.44
CA ASN C 690 84.84 -21.58 -40.35
C ASN C 690 85.46 -21.76 -41.72
N LEU C 691 84.68 -22.26 -42.68
CA LEU C 691 85.17 -22.35 -44.05
C LEU C 691 85.60 -20.99 -44.58
N ILE C 692 84.75 -19.98 -44.36
CA ILE C 692 85.06 -18.65 -44.86
C ILE C 692 86.30 -18.10 -44.18
N LEU C 693 86.43 -18.27 -42.86
CA LEU C 693 87.61 -17.80 -42.16
C LEU C 693 88.87 -18.49 -42.67
N MET C 694 88.77 -19.79 -42.91
CA MET C 694 89.93 -20.54 -43.40
C MET C 694 90.36 -20.06 -44.78
N ASN C 695 89.40 -19.78 -45.66
CA ASN C 695 89.69 -19.53 -47.06
C ASN C 695 89.62 -18.07 -47.48
N MET C 696 89.39 -17.15 -46.54
CA MET C 696 89.23 -15.74 -46.91
C MET C 696 90.53 -15.15 -47.43
N GLU C 697 91.67 -15.52 -46.82
CA GLU C 697 92.94 -15.01 -47.30
C GLU C 697 93.21 -15.46 -48.73
N GLN C 698 92.91 -16.72 -49.03
CA GLN C 698 93.11 -17.24 -50.37
C GLN C 698 92.15 -16.59 -51.37
N ILE C 699 90.91 -16.34 -50.94
CA ILE C 699 89.96 -15.66 -51.82
C ILE C 699 90.41 -14.23 -52.09
N GLU C 700 90.86 -13.52 -51.06
CA GLU C 700 91.30 -12.15 -51.22
C GLU C 700 92.52 -12.06 -52.13
N ARG C 701 93.49 -12.95 -51.92
CA ARG C 701 94.71 -12.90 -52.73
C ARG C 701 94.48 -13.29 -54.17
N ALA C 702 93.32 -13.86 -54.50
CA ALA C 702 92.97 -14.15 -55.88
C ALA C 702 92.45 -12.92 -56.62
N SER C 703 92.15 -11.84 -55.90
CA SER C 703 91.62 -10.64 -56.54
C SER C 703 92.67 -10.00 -57.44
N ASP C 704 92.22 -9.52 -58.60
CA ASP C 704 93.05 -8.73 -59.50
C ASP C 704 92.89 -7.24 -59.30
N LYS C 705 91.99 -6.82 -58.42
CA LYS C 705 91.73 -5.40 -58.20
C LYS C 705 92.61 -4.82 -57.10
N ILE C 706 93.03 -5.63 -56.13
CA ILE C 706 93.79 -5.15 -54.98
C ILE C 706 95.05 -5.98 -54.85
N ALA C 707 96.05 -5.38 -54.21
CA ALA C 707 97.27 -6.06 -53.81
C ALA C 707 97.38 -6.04 -52.29
N GLN C 708 98.06 -7.04 -51.76
CA GLN C 708 98.19 -7.17 -50.31
C GLN C 708 99.16 -6.18 -49.71
N GLY C 709 99.95 -5.50 -50.53
CA GLY C 709 100.78 -4.43 -50.01
C GLY C 709 101.79 -3.96 -51.05
N VAL C 710 102.74 -3.17 -50.56
CA VAL C 710 103.84 -2.69 -51.41
C VAL C 710 105.11 -2.63 -50.59
N ILE C 711 106.16 -3.27 -51.09
CA ILE C 711 107.48 -3.25 -50.48
C ILE C 711 108.26 -2.12 -51.12
N ILE C 712 108.58 -1.10 -50.34
CA ILE C 712 109.40 0.02 -50.80
C ILE C 712 110.81 -0.27 -50.30
N ALA C 713 111.59 -0.93 -51.14
CA ALA C 713 113.03 -1.03 -50.93
C ALA C 713 113.73 0.08 -51.73
N TYR C 714 115.01 0.26 -51.43
CA TYR C 714 115.81 1.26 -52.11
C TYR C 714 117.05 0.62 -52.70
N ARG C 715 116.89 -0.63 -53.15
CA ARG C 715 117.90 -1.37 -53.87
C ARG C 715 117.22 -2.04 -55.06
N ASP C 716 117.96 -2.15 -56.17
CA ASP C 716 117.40 -2.75 -57.37
C ASP C 716 117.29 -4.26 -57.18
N MET C 717 116.08 -4.77 -57.32
CA MET C 717 115.80 -6.20 -57.21
C MET C 717 115.23 -6.69 -58.53
N GLN C 718 115.76 -7.80 -59.02
CA GLN C 718 115.32 -8.34 -60.30
C GLN C 718 113.84 -8.71 -60.24
N LEU C 719 113.12 -8.35 -61.29
CA LEU C 719 111.72 -8.71 -61.41
C LEU C 719 111.58 -10.24 -61.48
N GLU C 720 110.54 -10.75 -60.83
CA GLU C 720 110.30 -12.18 -60.83
C GLU C 720 109.77 -12.65 -62.19
N ARG C 721 110.05 -13.91 -62.51
CA ARG C 721 109.56 -14.55 -63.71
C ARG C 721 108.32 -15.35 -63.36
N ASP C 722 107.22 -15.09 -64.06
CA ASP C 722 106.00 -15.87 -63.93
C ASP C 722 105.41 -16.06 -65.31
N GLU C 723 104.84 -17.23 -65.55
CA GLU C 723 104.42 -17.56 -66.91
C GLU C 723 103.25 -16.67 -67.36
N MET C 724 102.37 -16.31 -66.44
CA MET C 724 101.19 -15.52 -66.78
C MET C 724 101.40 -14.02 -66.63
N TYR C 725 102.64 -13.58 -66.40
CA TYR C 725 102.94 -12.16 -66.28
C TYR C 725 104.11 -11.75 -67.16
N GLY C 726 105.02 -12.67 -67.41
CA GLY C 726 106.35 -12.34 -67.92
C GLY C 726 107.28 -11.98 -66.78
N TYR C 727 107.87 -10.80 -66.85
CA TYR C 727 108.60 -10.21 -65.74
C TYR C 727 107.65 -9.33 -64.96
N VAL C 728 107.66 -9.47 -63.63
CA VAL C 728 106.71 -8.75 -62.78
C VAL C 728 107.36 -8.52 -61.43
N ASN C 729 107.17 -7.30 -60.90
CA ASN C 729 107.75 -6.93 -59.61
C ASN C 729 106.84 -7.37 -58.46
N ILE C 730 106.67 -8.69 -58.36
CA ILE C 730 105.86 -9.30 -57.31
C ILE C 730 106.75 -9.69 -56.14
N ALA C 731 106.18 -9.59 -54.94
CA ALA C 731 106.76 -10.16 -53.74
C ALA C 731 105.76 -11.17 -53.18
N ARG C 732 106.19 -12.43 -53.08
CA ARG C 732 105.32 -13.46 -52.53
C ARG C 732 105.17 -13.33 -51.02
N ASN C 733 106.13 -12.69 -50.35
CA ASN C 733 106.09 -12.56 -48.90
C ASN C 733 106.83 -11.29 -48.50
N LEU C 734 106.50 -10.78 -47.33
CA LEU C 734 107.15 -9.60 -46.76
C LEU C 734 108.27 -10.00 -45.79
N ASP C 735 109.20 -10.84 -46.22
CA ASP C 735 110.29 -11.27 -45.36
C ASP C 735 111.48 -10.34 -45.52
N GLY C 736 112.05 -9.91 -44.40
CA GLY C 736 113.19 -9.01 -44.43
C GLY C 736 112.82 -7.55 -44.54
N PHE C 737 111.60 -7.18 -44.18
CA PHE C 737 111.15 -5.80 -44.28
C PHE C 737 110.29 -5.45 -43.08
N GLN C 738 110.51 -4.27 -42.51
CA GLN C 738 109.64 -3.76 -41.46
C GLN C 738 108.30 -3.37 -42.07
N GLN C 739 107.22 -3.78 -41.41
CA GLN C 739 105.88 -3.61 -41.94
C GLN C 739 105.16 -2.46 -41.24
N ILE C 740 104.50 -1.62 -42.02
CA ILE C 740 103.64 -0.55 -41.53
C ILE C 740 102.21 -0.91 -41.92
N ASN C 741 101.34 -1.07 -40.92
CA ASN C 741 99.95 -1.39 -41.16
C ASN C 741 99.22 -0.14 -41.65
N LEU C 742 98.67 -0.21 -42.86
CA LEU C 742 97.98 0.95 -43.41
C LEU C 742 96.61 1.15 -42.77
N GLU C 743 95.98 0.06 -42.32
CA GLU C 743 94.70 0.21 -41.61
C GLU C 743 94.90 0.96 -40.31
N GLU C 744 95.93 0.61 -39.54
CA GLU C 744 96.22 1.34 -38.31
C GLU C 744 96.58 2.79 -38.61
N LEU C 745 97.36 3.02 -39.66
CA LEU C 745 97.74 4.38 -40.00
C LEU C 745 96.52 5.23 -40.35
N MET C 746 95.59 4.66 -41.13
CA MET C 746 94.37 5.38 -41.46
C MET C 746 93.52 5.63 -40.22
N ARG C 747 93.44 4.63 -39.32
CA ARG C 747 92.61 4.79 -38.14
C ARG C 747 93.15 5.84 -37.20
N THR C 748 94.44 5.77 -36.86
CA THR C 748 95.03 6.71 -35.92
C THR C 748 95.37 8.04 -36.56
N GLY C 749 95.73 8.04 -37.84
CA GLY C 749 96.05 9.28 -38.54
C GLY C 749 97.40 9.87 -38.19
N ASP C 750 98.27 9.13 -37.51
CA ASP C 750 99.59 9.62 -37.15
C ASP C 750 100.58 9.16 -38.22
N TYR C 751 101.07 10.10 -39.01
CA TYR C 751 101.93 9.81 -40.14
C TYR C 751 103.40 10.10 -39.85
N ALA C 752 103.76 10.28 -38.59
CA ALA C 752 105.14 10.60 -38.26
C ALA C 752 106.09 9.48 -38.65
N GLN C 753 105.72 8.23 -38.35
CA GLN C 753 106.61 7.10 -38.64
C GLN C 753 106.79 6.93 -40.14
N ILE C 754 105.69 6.89 -40.89
CA ILE C 754 105.79 6.67 -42.33
C ILE C 754 106.47 7.86 -43.00
N THR C 755 106.20 9.08 -42.54
CA THR C 755 106.88 10.24 -43.11
C THR C 755 108.38 10.16 -42.85
N ASN C 756 108.78 9.78 -41.63
CA ASN C 756 110.19 9.67 -41.31
C ASN C 756 110.87 8.61 -42.17
N MET C 757 110.20 7.47 -42.35
CA MET C 757 110.79 6.40 -43.17
C MET C 757 110.88 6.80 -44.63
N LEU C 758 109.86 7.48 -45.16
CA LEU C 758 109.88 7.88 -46.56
C LEU C 758 110.94 8.95 -46.82
N LEU C 759 111.08 9.91 -45.91
CA LEU C 759 112.09 10.95 -46.11
C LEU C 759 113.50 10.39 -45.98
N ASN C 760 113.69 9.38 -45.14
CA ASN C 760 115.02 8.83 -44.88
C ASN C 760 115.36 7.65 -45.78
N ASN C 761 114.49 7.30 -46.73
CA ASN C 761 114.72 6.18 -47.64
C ASN C 761 115.00 4.89 -46.87
N GLN C 762 114.18 4.62 -45.87
CA GLN C 762 114.34 3.42 -45.05
C GLN C 762 113.45 2.31 -45.62
N PRO C 763 114.00 1.16 -46.01
CA PRO C 763 113.16 0.11 -46.60
C PRO C 763 112.01 -0.27 -45.68
N VAL C 764 110.82 -0.42 -46.28
CA VAL C 764 109.62 -0.66 -45.49
C VAL C 764 108.66 -1.46 -46.35
N ALA C 765 107.61 -1.98 -45.73
CA ALA C 765 106.53 -2.65 -46.43
C ALA C 765 105.20 -2.11 -45.93
N LEU C 766 104.49 -1.39 -46.79
CA LEU C 766 103.16 -0.89 -46.46
C LEU C 766 102.16 -2.01 -46.70
N VAL C 767 101.48 -2.45 -45.64
CA VAL C 767 100.64 -3.64 -45.67
C VAL C 767 99.18 -3.21 -45.59
N GLY C 768 98.39 -3.68 -46.54
CA GLY C 768 96.97 -3.37 -46.59
C GLY C 768 96.39 -3.55 -47.97
N ALA C 769 95.10 -3.84 -48.06
CA ALA C 769 94.46 -4.02 -49.36
C ALA C 769 94.57 -2.74 -50.17
N LEU C 770 95.37 -2.77 -51.24
CA LEU C 770 95.74 -1.60 -52.00
C LEU C 770 95.36 -1.77 -53.46
N PRO C 771 94.77 -0.77 -54.11
CA PRO C 771 94.68 -0.81 -55.57
C PRO C 771 96.04 -0.55 -56.20
N PHE C 772 96.23 -1.05 -57.41
CA PHE C 772 97.52 -0.93 -58.08
C PHE C 772 97.30 -0.66 -59.56
N ILE C 773 98.33 -0.10 -60.19
CA ILE C 773 98.34 0.16 -61.62
C ILE C 773 99.19 -0.90 -62.28
N THR C 774 98.68 -1.49 -63.36
CA THR C 774 99.44 -2.44 -64.16
C THR C 774 100.05 -1.67 -65.32
N ASP C 775 101.37 -1.47 -65.26
CA ASP C 775 102.11 -0.69 -66.24
C ASP C 775 103.02 -1.63 -67.02
N SER C 776 102.77 -1.78 -68.31
CA SER C 776 103.49 -2.71 -69.15
C SER C 776 104.65 -2.07 -69.90
N SER C 777 104.93 -0.80 -69.67
CA SER C 777 105.97 -0.10 -70.42
C SER C 777 107.34 -0.41 -69.82
N VAL C 778 108.26 -0.88 -70.66
CA VAL C 778 109.64 -1.09 -70.23
C VAL C 778 110.30 0.25 -69.95
N ILE C 779 109.99 1.26 -70.77
CA ILE C 779 110.59 2.57 -70.59
C ILE C 779 110.16 3.17 -69.25
N SER C 780 108.92 2.92 -68.84
CA SER C 780 108.46 3.40 -67.55
C SER C 780 109.23 2.75 -66.41
N LEU C 781 109.53 1.45 -66.53
CA LEU C 781 110.33 0.79 -65.51
C LEU C 781 111.75 1.34 -65.48
N VAL C 782 112.34 1.57 -66.67
CA VAL C 782 113.67 2.16 -66.70
C VAL C 782 113.65 3.58 -66.13
N ALA C 783 112.51 4.26 -66.22
CA ALA C 783 112.35 5.59 -65.64
C ALA C 783 112.16 5.55 -64.13
N LYS C 784 111.91 4.39 -63.55
CA LYS C 784 111.81 4.24 -62.10
C LYS C 784 110.61 5.01 -61.55
N LEU C 785 109.49 4.96 -62.26
CA LEU C 785 108.29 5.66 -61.84
C LEU C 785 107.58 4.98 -60.68
N ASP C 786 107.73 3.67 -60.51
CA ASP C 786 107.10 2.99 -59.38
C ASP C 786 107.57 3.53 -58.05
N ALA C 787 108.76 4.12 -57.99
CA ALA C 787 109.29 4.70 -56.77
C ALA C 787 108.85 6.13 -56.55
N THR C 788 108.04 6.69 -57.45
CA THR C 788 107.65 8.09 -57.37
C THR C 788 106.24 8.29 -56.84
N VAL C 789 105.62 7.26 -56.26
CA VAL C 789 104.21 7.30 -55.89
C VAL C 789 104.00 7.47 -54.39
N PHE C 790 105.05 7.61 -53.61
CA PHE C 790 104.95 7.69 -52.15
C PHE C 790 105.19 9.09 -51.61
N ALA C 791 105.60 10.04 -52.45
CA ALA C 791 105.81 11.40 -51.97
C ALA C 791 104.48 12.06 -51.60
N GLN C 792 103.39 11.67 -52.26
CA GLN C 792 102.08 12.22 -51.91
C GLN C 792 101.69 11.86 -50.49
N ILE C 793 102.20 10.74 -49.96
CA ILE C 793 101.93 10.39 -48.57
C ILE C 793 102.50 11.46 -47.64
N VAL C 794 103.75 11.86 -47.88
CA VAL C 794 104.35 12.91 -47.08
C VAL C 794 103.63 14.24 -47.31
N LYS C 795 103.31 14.56 -48.56
CA LYS C 795 102.72 15.85 -48.87
C LYS C 795 101.34 16.01 -48.23
N LEU C 796 100.49 15.01 -48.38
CA LEU C 796 99.08 15.12 -48.02
C LEU C 796 98.69 14.33 -46.78
N ARG C 797 99.56 13.44 -46.30
CA ARG C 797 99.27 12.60 -45.13
C ARG C 797 98.00 11.78 -45.37
N LYS C 798 97.94 11.12 -46.52
CA LYS C 798 96.87 10.20 -46.86
C LYS C 798 97.46 8.99 -47.55
N VAL C 799 96.92 7.82 -47.22
CA VAL C 799 97.33 6.58 -47.88
C VAL C 799 96.19 5.92 -48.64
N ASP C 800 94.96 6.42 -48.52
CA ASP C 800 93.87 5.86 -49.31
C ASP C 800 94.07 6.12 -50.80
N THR C 801 94.79 7.19 -51.16
CA THR C 801 95.10 7.48 -52.54
C THR C 801 96.32 6.73 -53.05
N LEU C 802 97.02 6.01 -52.18
CA LEU C 802 98.21 5.27 -52.59
C LEU C 802 97.84 4.20 -53.61
N LYS C 803 98.62 4.13 -54.69
CA LYS C 803 98.34 3.21 -55.80
C LYS C 803 99.65 2.81 -56.44
N PRO C 804 100.32 1.79 -55.90
CA PRO C 804 101.62 1.39 -56.44
C PRO C 804 101.53 0.83 -57.85
N ILE C 805 102.66 0.87 -58.54
CA ILE C 805 102.76 0.41 -59.92
C ILE C 805 103.19 -1.05 -59.92
N LEU C 806 102.46 -1.88 -60.66
CA LEU C 806 102.78 -3.29 -60.85
C LEU C 806 103.24 -3.46 -62.30
N TYR C 807 104.53 -3.74 -62.49
CA TYR C 807 105.07 -3.89 -63.84
C TYR C 807 104.74 -5.25 -64.42
N LYS C 808 104.41 -5.27 -65.70
CA LYS C 808 104.10 -6.49 -66.43
C LYS C 808 104.88 -6.42 -67.75
N ILE C 809 106.12 -6.91 -67.71
CA ILE C 809 107.05 -6.76 -68.83
C ILE C 809 107.12 -8.08 -69.56
N ASN C 810 106.67 -8.09 -70.81
CA ASN C 810 106.70 -9.28 -71.65
C ASN C 810 106.69 -8.81 -73.10
N SER C 811 106.60 -9.77 -74.03
CA SER C 811 106.67 -9.43 -75.45
C SER C 811 105.49 -8.59 -75.92
N ASP C 812 104.43 -8.48 -75.13
CA ASP C 812 103.33 -7.58 -75.46
C ASP C 812 103.67 -6.13 -75.16
N SER C 813 104.77 -5.86 -74.46
CA SER C 813 105.18 -4.49 -74.21
C SER C 813 105.74 -3.88 -75.48
N ASN C 814 105.50 -2.57 -75.65
CA ASN C 814 105.92 -1.89 -76.87
C ASN C 814 107.43 -1.90 -77.02
N ASP C 815 108.15 -1.69 -75.92
CA ASP C 815 109.61 -1.56 -75.94
C ASP C 815 110.30 -2.81 -75.42
N PHE C 816 109.74 -3.99 -75.68
CA PHE C 816 110.32 -5.23 -75.18
C PHE C 816 111.65 -5.58 -75.82
N TYR C 817 111.98 -4.98 -76.97
CA TYR C 817 113.26 -5.27 -77.61
C TYR C 817 114.43 -5.02 -76.66
N LEU C 818 114.31 -4.02 -75.78
CA LEU C 818 115.37 -3.75 -74.82
C LEU C 818 115.67 -4.97 -73.97
N VAL C 819 114.63 -5.70 -73.56
CA VAL C 819 114.86 -6.94 -72.83
C VAL C 819 115.55 -7.96 -73.71
N ALA C 820 115.11 -8.07 -74.97
CA ALA C 820 115.66 -9.09 -75.86
C ALA C 820 117.07 -8.73 -76.32
N ASN C 821 117.28 -7.48 -76.71
CA ASN C 821 118.50 -7.08 -77.38
C ASN C 821 119.68 -6.88 -76.43
N TYR C 822 119.45 -6.87 -75.12
CA TYR C 822 120.52 -6.63 -74.16
C TYR C 822 120.60 -7.70 -73.08
N ASP C 823 119.94 -8.84 -73.26
CA ASP C 823 119.94 -9.95 -72.31
C ASP C 823 119.88 -9.44 -70.87
N TRP C 824 119.00 -8.49 -70.63
CA TRP C 824 118.96 -7.73 -69.38
C TRP C 824 117.72 -8.11 -68.60
N VAL C 825 117.91 -8.55 -67.36
CA VAL C 825 116.81 -8.91 -66.49
C VAL C 825 116.28 -7.63 -65.85
N PRO C 826 115.00 -7.29 -66.01
CA PRO C 826 114.49 -6.05 -65.40
C PRO C 826 114.63 -6.08 -63.88
N THR C 827 114.94 -4.91 -63.32
CA THR C 827 115.05 -4.73 -61.88
C THR C 827 114.21 -3.52 -61.48
N SER C 828 113.77 -3.52 -60.22
CA SER C 828 112.98 -2.43 -59.68
C SER C 828 113.30 -2.27 -58.21
N THR C 829 113.10 -1.06 -57.71
CA THR C 829 113.29 -0.77 -56.29
C THR C 829 112.03 -0.97 -55.46
N THR C 830 110.89 -1.19 -56.09
CA THR C 830 109.63 -1.40 -55.40
C THR C 830 108.99 -2.70 -55.89
N LYS C 831 108.30 -3.37 -54.98
CA LYS C 831 107.59 -4.60 -55.29
C LYS C 831 106.15 -4.49 -54.81
N VAL C 832 105.27 -5.26 -55.43
CA VAL C 832 103.86 -5.30 -55.05
C VAL C 832 103.61 -6.62 -54.33
N TYR C 833 103.24 -6.55 -53.05
CA TYR C 833 102.92 -7.73 -52.27
C TYR C 833 101.59 -8.27 -52.77
N LYS C 834 101.68 -9.32 -53.59
CA LYS C 834 100.56 -9.93 -54.29
C LYS C 834 100.95 -11.37 -54.61
N GLN C 835 99.92 -12.18 -54.90
CA GLN C 835 100.12 -13.57 -55.27
C GLN C 835 99.83 -13.75 -56.76
N ILE C 836 100.25 -14.90 -57.28
CA ILE C 836 99.99 -15.24 -58.68
C ILE C 836 98.83 -16.22 -58.73
N PRO C 837 98.04 -16.24 -59.81
CA PRO C 837 96.89 -17.15 -59.86
C PRO C 837 97.34 -18.60 -59.90
N GLN C 838 96.45 -19.48 -59.42
CA GLN C 838 96.70 -20.92 -59.44
C GLN C 838 96.22 -21.51 -60.75
N GLN C 839 97.05 -22.36 -61.35
CA GLN C 839 96.69 -23.01 -62.60
C GLN C 839 95.44 -23.86 -62.43
N PHE C 840 94.60 -23.87 -63.45
CA PHE C 840 93.39 -24.69 -63.46
C PHE C 840 93.74 -26.05 -64.04
N ASP C 841 93.85 -27.06 -63.18
CA ASP C 841 94.05 -28.45 -63.59
C ASP C 841 92.68 -29.09 -63.71
N PHE C 842 92.28 -29.44 -64.93
CA PHE C 842 90.94 -29.98 -65.14
C PHE C 842 90.75 -31.29 -64.40
N ARG C 843 91.74 -32.18 -64.45
CA ARG C 843 91.63 -33.47 -63.78
C ARG C 843 91.51 -33.30 -62.28
N ALA C 844 92.32 -32.42 -61.69
CA ALA C 844 92.30 -32.23 -60.25
C ALA C 844 91.06 -31.49 -59.78
N SER C 845 90.33 -30.82 -60.67
CA SER C 845 89.15 -30.06 -60.30
C SER C 845 87.87 -30.86 -60.43
N MET C 846 87.95 -32.13 -60.82
CA MET C 846 86.76 -32.97 -61.00
C MET C 846 86.43 -33.66 -59.68
N HIS C 847 85.17 -33.53 -59.26
CA HIS C 847 84.69 -34.15 -58.05
C HIS C 847 83.35 -34.81 -58.33
N MET C 848 83.14 -35.99 -57.76
CA MET C 848 81.85 -36.67 -57.86
C MET C 848 80.98 -36.23 -56.70
N LEU C 849 80.02 -35.36 -56.98
CA LEU C 849 79.06 -34.91 -55.97
C LEU C 849 77.97 -35.95 -55.83
N THR C 850 77.75 -36.42 -54.61
CA THR C 850 76.79 -37.47 -54.32
C THR C 850 75.60 -36.89 -53.58
N SER C 851 74.41 -37.29 -54.01
CA SER C 851 73.19 -36.88 -53.32
C SER C 851 72.17 -38.00 -53.43
N ASN C 852 71.04 -37.80 -52.76
CA ASN C 852 69.91 -38.71 -52.94
C ASN C 852 69.31 -38.52 -54.32
N LEU C 853 69.00 -39.64 -54.98
CA LEU C 853 68.49 -39.56 -56.34
C LEU C 853 67.16 -38.82 -56.38
N THR C 854 66.26 -39.10 -55.44
CA THR C 854 64.97 -38.45 -55.43
C THR C 854 64.34 -38.58 -54.06
N PHE C 855 63.58 -37.55 -53.67
CA PHE C 855 62.68 -37.64 -52.53
C PHE C 855 61.70 -36.49 -52.62
N THR C 856 60.66 -36.56 -51.80
CA THR C 856 59.64 -35.53 -51.71
C THR C 856 59.63 -34.98 -50.28
N VAL C 857 59.57 -33.66 -50.16
CA VAL C 857 59.63 -32.97 -48.88
C VAL C 857 58.24 -32.45 -48.56
N TYR C 858 57.77 -32.73 -47.35
CA TYR C 858 56.44 -32.35 -46.90
C TYR C 858 56.53 -31.29 -45.81
N SER C 859 55.56 -30.37 -45.82
CA SER C 859 55.60 -29.19 -44.96
C SER C 859 54.74 -29.34 -43.71
N ASP C 860 53.46 -29.69 -43.87
CA ASP C 860 52.51 -29.74 -42.77
C ASP C 860 52.20 -31.20 -42.47
N LEU C 861 52.75 -31.72 -41.38
CA LEU C 861 52.52 -33.12 -41.02
C LEU C 861 51.08 -33.34 -40.57
N LEU C 862 50.53 -32.43 -39.77
CA LEU C 862 49.18 -32.60 -39.26
C LEU C 862 48.13 -32.60 -40.36
N ALA C 863 48.47 -32.14 -41.56
CA ALA C 863 47.55 -32.25 -42.69
C ALA C 863 47.23 -33.70 -43.00
N PHE C 864 48.12 -34.63 -42.65
CA PHE C 864 47.92 -36.05 -42.90
C PHE C 864 47.14 -36.73 -41.79
N VAL C 865 46.78 -36.01 -40.72
CA VAL C 865 46.06 -36.57 -39.59
C VAL C 865 44.67 -35.97 -39.58
N SER C 866 43.65 -36.82 -39.59
CA SER C 866 42.26 -36.42 -39.44
C SER C 866 41.83 -36.80 -38.03
N ALA C 867 41.51 -35.80 -37.22
CA ALA C 867 41.20 -36.01 -35.82
C ALA C 867 39.76 -35.59 -35.54
N ASP C 868 39.09 -36.38 -34.69
CA ASP C 868 37.73 -36.09 -34.29
C ASP C 868 37.63 -36.31 -32.78
N THR C 869 36.45 -36.03 -32.24
CA THR C 869 36.22 -36.08 -30.81
C THR C 869 35.11 -37.07 -30.50
N VAL C 870 35.17 -37.63 -29.30
CA VAL C 870 34.07 -38.44 -28.77
C VAL C 870 32.91 -37.49 -28.49
N GLU C 871 31.73 -38.04 -28.23
CA GLU C 871 30.59 -37.19 -27.92
C GLU C 871 30.91 -36.39 -26.66
N PRO C 872 30.66 -35.08 -26.65
CA PRO C 872 31.02 -34.29 -25.46
C PRO C 872 30.36 -34.78 -24.18
N ILE C 873 29.18 -35.39 -24.27
CA ILE C 873 28.51 -35.90 -23.08
C ILE C 873 29.38 -36.93 -22.37
N ASN C 874 30.15 -37.71 -23.13
CA ASN C 874 30.96 -38.80 -22.58
C ASN C 874 32.43 -38.45 -22.46
N ALA C 875 32.80 -37.20 -22.72
CA ALA C 875 34.19 -36.79 -22.54
C ALA C 875 34.59 -36.88 -21.07
N VAL C 876 35.76 -37.44 -20.82
CA VAL C 876 36.22 -37.70 -19.46
C VAL C 876 37.41 -36.81 -19.15
N ALA C 877 37.69 -36.66 -17.86
CA ALA C 877 38.79 -35.84 -17.36
C ALA C 877 39.96 -36.73 -16.96
N PHE C 878 40.97 -36.11 -16.34
CA PHE C 878 42.18 -36.83 -15.95
C PHE C 878 41.88 -37.96 -14.96
N ASP C 879 40.78 -37.88 -14.23
CA ASP C 879 40.42 -38.89 -13.24
C ASP C 879 39.50 -39.97 -13.80
N ASN C 880 39.32 -40.02 -15.12
CA ASN C 880 38.55 -41.03 -15.83
C ASN C 880 37.05 -40.83 -15.68
N MET C 881 36.60 -39.77 -15.01
CA MET C 881 35.18 -39.45 -14.88
C MET C 881 34.80 -38.36 -15.87
N ARG C 882 33.51 -38.29 -16.16
CA ARG C 882 33.02 -37.30 -17.11
C ARG C 882 33.32 -35.89 -16.61
N ILE C 883 33.71 -35.01 -17.53
CA ILE C 883 34.06 -33.64 -17.16
C ILE C 883 32.86 -32.93 -16.56
N MET C 884 31.70 -33.05 -17.21
CA MET C 884 30.45 -32.49 -16.72
C MET C 884 29.49 -33.62 -16.39
N ASN C 885 28.91 -33.56 -15.19
CA ASN C 885 28.15 -34.69 -14.65
C ASN C 885 26.73 -34.30 -14.27
N GLU C 886 26.46 -33.02 -14.00
CA GLU C 886 25.14 -32.62 -13.52
C GLU C 886 24.06 -33.01 -14.52
N LEU C 887 22.98 -33.61 -14.01
CA LEU C 887 21.87 -34.03 -14.83
C LEU C 887 21.27 -32.83 -15.58
N GLU D 61 17.00 3.19 -20.14
CA GLU D 61 16.29 1.94 -19.89
C GLU D 61 17.06 1.06 -18.92
N ILE D 62 16.39 0.03 -18.40
CA ILE D 62 17.02 -0.87 -17.45
C ILE D 62 18.09 -1.69 -18.16
N LYS D 63 19.29 -1.73 -17.57
CA LYS D 63 20.42 -2.45 -18.16
C LYS D 63 20.36 -3.91 -17.74
N ILE D 64 19.43 -4.63 -18.37
CA ILE D 64 19.27 -6.07 -18.20
C ILE D 64 19.31 -6.70 -19.58
N ALA D 65 19.41 -8.03 -19.61
CA ALA D 65 19.51 -8.74 -20.88
C ALA D 65 18.29 -8.45 -21.75
N ASP D 66 18.53 -8.34 -23.06
CA ASP D 66 17.44 -8.01 -23.98
C ASP D 66 16.34 -9.06 -23.96
N GLU D 67 16.70 -10.34 -23.74
CA GLU D 67 15.68 -11.39 -23.72
C GLU D 67 14.71 -11.22 -22.55
N VAL D 68 15.12 -10.53 -21.49
CA VAL D 68 14.21 -10.27 -20.38
C VAL D 68 13.34 -9.06 -20.70
N LYS D 69 13.92 -8.03 -21.31
CA LYS D 69 13.16 -6.84 -21.65
C LYS D 69 12.07 -7.14 -22.68
N LYS D 70 12.38 -7.97 -23.67
CA LYS D 70 11.44 -8.31 -24.73
C LYS D 70 10.54 -9.49 -24.39
N SER D 71 10.71 -10.09 -23.21
CA SER D 71 9.93 -11.26 -22.86
C SER D 71 8.47 -10.89 -22.59
N ASN D 72 7.56 -11.76 -23.04
CA ASN D 72 6.15 -11.66 -22.71
C ASN D 72 5.76 -12.50 -21.52
N LYS D 73 6.71 -13.25 -20.94
CA LYS D 73 6.39 -14.08 -19.78
C LYS D 73 6.19 -13.21 -18.55
N GLU D 74 5.25 -13.62 -17.70
CA GLU D 74 4.82 -12.76 -16.59
C GLU D 74 5.97 -12.50 -15.62
N GLU D 75 6.84 -13.49 -15.42
CA GLU D 75 7.94 -13.29 -14.48
C GLU D 75 8.84 -12.15 -14.93
N SER D 76 9.21 -12.14 -16.22
CA SER D 76 10.06 -11.07 -16.74
C SER D 76 9.36 -9.73 -16.67
N LYS D 77 8.07 -9.69 -17.00
CA LYS D 77 7.32 -8.43 -16.97
C LYS D 77 7.27 -7.87 -15.55
N GLN D 78 7.00 -8.72 -14.56
CA GLN D 78 6.96 -8.25 -13.19
C GLN D 78 8.35 -7.83 -12.72
N LEU D 79 9.40 -8.54 -13.17
CA LEU D 79 10.75 -8.12 -12.84
C LEU D 79 11.04 -6.73 -13.39
N LEU D 80 10.65 -6.46 -14.63
CA LEU D 80 10.87 -5.16 -15.21
C LEU D 80 10.10 -4.08 -14.46
N GLU D 81 8.85 -4.37 -14.10
CA GLU D 81 8.06 -3.39 -13.35
C GLU D 81 8.68 -3.12 -11.98
N VAL D 82 9.14 -4.16 -11.30
CA VAL D 82 9.77 -3.98 -9.99
C VAL D 82 11.04 -3.16 -10.13
N LEU D 83 11.83 -3.43 -11.16
CA LEU D 83 13.07 -2.68 -11.36
C LEU D 83 12.78 -1.21 -11.66
N LYS D 84 11.77 -0.94 -12.48
CA LYS D 84 11.39 0.45 -12.77
C LYS D 84 10.93 1.15 -11.50
N THR D 85 10.12 0.47 -10.69
CA THR D 85 9.66 1.06 -9.44
C THR D 85 10.83 1.34 -8.50
N LYS D 86 11.79 0.42 -8.43
CA LYS D 86 12.96 0.64 -7.59
C LYS D 86 13.78 1.83 -8.06
N GLU D 87 13.97 1.95 -9.37
CA GLU D 87 14.71 3.09 -9.91
C GLU D 87 13.99 4.39 -9.60
N GLU D 88 12.66 4.40 -9.76
CA GLU D 88 11.89 5.60 -9.43
C GLU D 88 12.01 5.93 -7.94
N HIS D 89 12.00 4.92 -7.09
CA HIS D 89 12.12 5.15 -5.65
C HIS D 89 13.48 5.76 -5.31
N GLN D 90 14.55 5.24 -5.90
CA GLN D 90 15.87 5.82 -5.64
C GLN D 90 15.95 7.25 -6.16
N LYS D 91 15.38 7.50 -7.34
CA LYS D 91 15.36 8.87 -7.86
C LYS D 91 14.58 9.79 -6.94
N GLU D 92 13.48 9.30 -6.38
CA GLU D 92 12.70 10.10 -5.44
C GLU D 92 13.51 10.42 -4.18
N VAL D 93 14.25 9.42 -3.69
CA VAL D 93 15.09 9.65 -2.51
C VAL D 93 16.13 10.73 -2.80
N GLN D 94 16.79 10.63 -3.96
CA GLN D 94 17.81 11.62 -4.31
C GLN D 94 17.19 12.99 -4.54
N TYR D 95 15.99 13.04 -5.12
CA TYR D 95 15.30 14.31 -5.31
C TYR D 95 14.98 14.96 -3.98
N GLU D 96 14.48 14.17 -3.02
CA GLU D 96 14.20 14.72 -1.69
C GLU D 96 15.49 15.19 -1.02
N ILE D 97 16.59 14.48 -1.22
CA ILE D 97 17.87 14.92 -0.68
C ILE D 97 18.26 16.26 -1.30
N LEU D 98 18.09 16.41 -2.61
CA LEU D 98 18.43 17.66 -3.27
C LEU D 98 17.58 18.81 -2.76
N GLN D 99 16.28 18.57 -2.54
CA GLN D 99 15.37 19.63 -2.19
C GLN D 99 15.71 20.30 -0.87
N LYS D 100 16.55 19.70 -0.04
CA LYS D 100 16.96 20.26 1.24
C LYS D 100 18.46 20.56 1.17
N THR D 101 18.79 21.74 0.66
CA THR D 101 20.17 22.18 0.50
C THR D 101 20.42 23.40 1.38
N ILE D 102 21.51 23.37 2.13
CA ILE D 102 21.82 24.42 3.10
C ILE D 102 23.25 24.91 2.90
N PRO D 103 23.48 25.96 2.12
CA PRO D 103 24.83 26.54 2.08
C PRO D 103 25.26 27.00 3.46
N THR D 104 26.54 26.78 3.76
CA THR D 104 27.06 26.98 5.11
C THR D 104 28.24 27.92 5.10
N PHE D 105 28.44 28.60 6.23
CA PHE D 105 29.59 29.48 6.45
C PHE D 105 29.49 30.77 5.64
N GLU D 106 29.82 31.90 6.27
CA GLU D 106 29.86 33.18 5.59
C GLU D 106 31.31 33.55 5.35
N PRO D 107 31.77 33.66 4.09
CA PRO D 107 33.17 34.03 3.86
C PRO D 107 33.49 35.41 4.41
N LYS D 108 34.34 35.46 5.43
CA LYS D 108 34.70 36.72 6.09
C LYS D 108 36.03 37.20 5.50
N GLU D 109 35.94 37.76 4.30
CA GLU D 109 37.15 38.22 3.61
C GLU D 109 37.68 39.52 4.20
N SER D 110 36.83 40.33 4.84
CA SER D 110 37.31 41.56 5.44
C SER D 110 38.31 41.27 6.56
N ILE D 111 38.00 40.31 7.42
CA ILE D 111 38.89 39.98 8.53
C ILE D 111 40.20 39.41 8.01
N LEU D 112 40.13 38.52 7.03
CA LEU D 112 41.34 37.94 6.46
C LEU D 112 42.19 39.01 5.80
N LYS D 113 41.55 39.96 5.10
CA LYS D 113 42.30 41.06 4.50
C LYS D 113 42.97 41.90 5.58
N LYS D 114 42.25 42.20 6.66
CA LYS D 114 42.84 42.99 7.73
C LYS D 114 44.06 42.31 8.33
N LEU D 115 43.97 41.00 8.55
CA LEU D 115 45.09 40.30 9.18
C LEU D 115 46.26 40.11 8.22
N GLU D 116 45.98 39.76 6.97
CA GLU D 116 47.01 39.48 5.99
C GLU D 116 47.62 40.74 5.39
N ASP D 117 46.97 41.89 5.57
CA ASP D 117 47.51 43.15 5.08
C ASP D 117 48.55 43.76 6.02
N ILE D 118 48.75 43.16 7.19
CA ILE D 118 49.78 43.65 8.11
C ILE D 118 51.14 43.38 7.49
N LYS D 119 51.99 44.42 7.46
CA LYS D 119 53.32 44.33 6.89
C LYS D 119 54.31 43.88 7.95
N PRO D 120 55.50 43.41 7.56
CA PRO D 120 56.47 42.95 8.56
C PRO D 120 56.86 44.03 9.55
N GLU D 121 57.45 45.12 9.05
CA GLU D 121 57.87 46.25 9.86
C GLU D 121 58.47 47.27 8.90
N GLN D 122 58.53 48.52 9.35
CA GLN D 122 59.15 49.59 8.58
C GLN D 122 60.63 49.66 8.95
N VAL D 123 61.50 49.32 8.01
CA VAL D 123 62.95 49.35 8.22
C VAL D 123 63.40 50.78 7.96
N LYS D 124 63.63 51.53 9.04
CA LYS D 124 64.03 52.92 8.92
C LYS D 124 65.52 53.05 8.65
N LYS D 125 65.87 54.00 7.79
CA LYS D 125 67.25 54.33 7.49
C LYS D 125 67.49 55.81 7.80
N GLN D 126 68.65 56.10 8.36
CA GLN D 126 69.02 57.47 8.68
C GLN D 126 69.69 58.10 7.47
N THR D 127 69.14 59.24 7.02
CA THR D 127 69.69 59.98 5.90
C THR D 127 70.61 61.12 6.31
N LYS D 128 70.43 61.64 7.52
CA LYS D 128 71.27 62.72 8.01
C LYS D 128 71.42 62.58 9.51
N LEU D 129 72.47 63.19 10.05
CA LEU D 129 72.71 63.15 11.48
C LEU D 129 71.64 63.94 12.22
N PHE D 130 71.13 63.37 13.31
CA PHE D 130 70.15 64.05 14.13
C PHE D 130 70.83 65.19 14.89
N ARG D 131 70.25 66.39 14.81
CA ARG D 131 70.86 67.58 15.37
C ARG D 131 69.82 68.41 16.09
N ILE D 132 70.13 68.79 17.33
CA ILE D 132 69.34 69.76 18.08
C ILE D 132 69.99 71.14 18.07
N PHE D 133 71.30 71.22 17.88
CA PHE D 133 72.05 72.47 17.92
C PHE D 133 72.79 72.68 16.61
N GLU D 134 73.11 73.94 16.35
CA GLU D 134 73.96 74.33 15.22
C GLU D 134 74.87 75.46 15.67
N PRO D 135 76.03 75.60 15.04
CA PRO D 135 76.85 76.81 15.29
C PRO D 135 76.19 78.05 14.69
N ARG D 136 76.41 79.18 15.36
CA ARG D 136 75.90 80.46 14.91
C ARG D 136 76.89 81.54 15.28
N GLN D 137 77.17 82.44 14.34
CA GLN D 137 78.09 83.53 14.56
C GLN D 137 77.36 84.70 15.20
N LEU D 138 77.94 85.24 16.27
CA LEU D 138 77.34 86.31 17.04
C LEU D 138 78.42 87.36 17.32
N PRO D 139 78.03 88.63 17.40
CA PRO D 139 79.00 89.65 17.81
C PRO D 139 79.31 89.56 19.29
N VAL D 140 80.58 89.72 19.63
CA VAL D 140 81.04 89.68 21.01
C VAL D 140 81.43 91.08 21.43
N TYR D 141 81.43 91.30 22.74
CA TYR D 141 81.68 92.62 23.31
C TYR D 141 82.72 92.51 24.41
N ARG D 142 83.43 93.61 24.63
CA ARG D 142 84.45 93.67 25.66
C ARG D 142 83.82 93.83 27.03
N ALA D 143 84.65 93.72 28.06
CA ALA D 143 84.16 93.80 29.43
C ALA D 143 83.49 95.14 29.71
N ASN D 144 83.87 96.18 28.99
CA ASN D 144 83.26 97.49 29.14
C ASN D 144 82.06 97.70 28.23
N GLY D 145 81.67 96.68 27.47
CA GLY D 145 80.53 96.76 26.59
C GLY D 145 80.85 97.16 25.16
N GLU D 146 82.09 97.54 24.87
CA GLU D 146 82.46 97.91 23.51
C GLU D 146 82.52 96.67 22.62
N LYS D 147 82.05 96.83 21.39
CA LYS D 147 81.98 95.71 20.46
C LYS D 147 83.37 95.36 19.93
N GLU D 148 83.72 94.09 19.99
CA GLU D 148 84.97 93.62 19.44
C GLU D 148 84.87 93.55 17.92
N LEU D 149 86.02 93.67 17.26
CA LEU D 149 86.05 93.58 15.80
C LEU D 149 85.82 92.15 15.32
N ARG D 150 86.06 91.16 16.17
CA ARG D 150 85.85 89.76 15.83
C ARG D 150 84.49 89.30 16.34
N ASN D 151 83.97 88.27 15.68
CA ASN D 151 82.75 87.59 16.11
C ASN D 151 83.13 86.34 16.87
N ARG D 152 82.11 85.55 17.24
CA ARG D 152 82.37 84.29 17.91
C ARG D 152 81.24 83.33 17.59
N TRP D 153 81.57 82.04 17.54
CA TRP D 153 80.61 81.01 17.22
C TRP D 153 80.08 80.38 18.51
N TYR D 154 78.77 80.21 18.57
CA TYR D 154 78.09 79.66 19.73
C TYR D 154 77.13 78.57 19.30
N TRP D 155 76.76 77.73 20.25
CA TRP D 155 75.77 76.68 19.98
C TRP D 155 74.37 77.24 20.21
N LYS D 156 73.51 77.08 19.21
CA LYS D 156 72.15 77.58 19.28
C LYS D 156 71.20 76.49 18.79
N LEU D 157 69.98 76.49 19.33
CA LEU D 157 68.99 75.53 18.88
C LEU D 157 68.69 75.72 17.41
N LYS D 158 68.68 74.63 16.64
CA LYS D 158 68.32 74.71 15.22
C LYS D 158 66.88 75.16 15.06
N ARG D 159 65.97 74.59 15.85
CA ARG D 159 64.57 74.98 15.88
C ARG D 159 64.26 75.41 17.31
N ASP D 160 64.40 76.72 17.58
CA ASP D 160 64.12 77.27 18.89
C ASP D 160 62.63 77.60 18.94
N THR D 161 61.85 76.65 19.48
CA THR D 161 60.39 76.80 19.53
C THR D 161 59.84 76.33 20.88
N LEU D 162 60.63 76.44 21.93
CA LEU D 162 60.18 75.96 23.24
C LEU D 162 59.06 76.87 23.75
N PRO D 163 58.01 76.28 24.37
CA PRO D 163 56.87 77.10 24.79
C PRO D 163 57.03 77.67 26.19
N ASP D 164 56.03 78.43 26.64
CA ASP D 164 56.01 79.02 27.97
C ASP D 164 55.29 78.09 28.94
N GLY D 165 55.74 78.09 30.19
CA GLY D 165 55.20 77.21 31.20
C GLY D 165 55.97 75.91 31.31
N ASP D 166 56.24 75.47 32.54
CA ASP D 166 57.00 74.25 32.74
C ASP D 166 56.27 73.04 32.16
N TYR D 167 54.94 72.99 32.35
CA TYR D 167 54.17 71.86 31.82
C TYR D 167 54.29 71.81 30.30
N ASP D 168 54.19 72.96 29.65
CA ASP D 168 54.33 72.97 28.19
C ASP D 168 55.73 72.58 27.76
N VAL D 169 56.75 72.91 28.55
CA VAL D 169 58.11 72.49 28.23
C VAL D 169 58.23 70.98 28.34
N ARG D 170 57.66 70.38 29.38
CA ARG D 170 57.68 68.93 29.50
C ARG D 170 56.92 68.27 28.35
N GLU D 171 55.81 68.87 27.93
CA GLU D 171 55.10 68.37 26.76
C GLU D 171 55.97 68.46 25.51
N TYR D 172 56.70 69.57 25.37
CA TYR D 172 57.63 69.72 24.25
C TYR D 172 58.66 68.61 24.27
N PHE D 173 59.13 68.23 25.46
CA PHE D 173 60.16 67.19 25.53
C PHE D 173 59.58 65.80 25.30
N LEU D 174 58.31 65.57 25.66
CA LEU D 174 57.66 64.33 25.24
C LEU D 174 57.54 64.27 23.72
N ASN D 175 57.18 65.39 23.10
CA ASN D 175 57.11 65.44 21.64
C ASN D 175 58.48 65.23 21.02
N LEU D 176 59.54 65.76 21.65
CA LEU D 176 60.89 65.53 21.18
C LEU D 176 61.28 64.06 21.31
N TYR D 177 60.85 63.42 22.40
CA TYR D 177 61.05 61.98 22.53
C TYR D 177 60.40 61.23 21.40
N ASP D 178 59.17 61.59 21.05
CA ASP D 178 58.50 60.97 19.92
C ASP D 178 59.28 61.20 18.63
N GLN D 179 59.78 62.42 18.43
CA GLN D 179 60.54 62.73 17.23
C GLN D 179 61.81 61.88 17.15
N VAL D 180 62.52 61.75 18.27
CA VAL D 180 63.76 60.98 18.28
C VAL D 180 63.46 59.51 18.00
N LEU D 181 62.41 58.97 18.63
CA LEU D 181 62.04 57.58 18.35
C LEU D 181 61.68 57.40 16.89
N THR D 182 61.04 58.40 16.29
CA THR D 182 60.74 58.33 14.86
C THR D 182 62.00 58.31 14.03
N GLU D 183 62.99 59.13 14.40
CA GLU D 183 64.23 59.22 13.63
C GLU D 183 65.29 58.21 14.06
N MET D 184 65.04 57.43 15.10
CA MET D 184 66.01 56.42 15.50
C MET D 184 66.05 55.33 14.43
N PRO D 185 67.18 55.08 13.77
CA PRO D 185 67.19 54.14 12.66
C PRO D 185 67.37 52.69 13.14
N ASP D 186 67.08 51.77 12.23
CA ASP D 186 67.31 50.35 12.49
C ASP D 186 68.71 49.93 12.08
N TYR D 187 69.31 50.62 11.12
CA TYR D 187 70.69 50.43 10.75
C TYR D 187 71.18 51.69 10.07
N LEU D 188 72.50 51.80 9.95
CA LEU D 188 73.11 53.02 9.42
C LEU D 188 74.36 52.66 8.62
N LEU D 189 74.50 53.30 7.46
CA LEU D 189 75.71 53.19 6.64
C LEU D 189 76.19 54.61 6.40
N LEU D 190 77.26 55.01 7.10
CA LEU D 190 77.68 56.40 7.08
C LEU D 190 78.15 56.85 5.71
N LYS D 191 78.52 55.92 4.82
CA LYS D 191 78.96 56.33 3.49
C LYS D 191 77.84 56.98 2.70
N ASP D 192 76.59 56.72 3.07
CA ASP D 192 75.47 57.36 2.39
C ASP D 192 75.33 58.83 2.80
N MET D 193 75.68 59.15 4.04
CA MET D 193 75.68 60.54 4.50
C MET D 193 76.93 61.30 4.10
N ALA D 194 77.98 60.60 3.69
CA ALA D 194 79.27 61.25 3.47
C ALA D 194 79.21 62.19 2.28
N VAL D 195 79.85 63.36 2.42
CA VAL D 195 79.97 64.33 1.36
C VAL D 195 81.41 64.83 1.33
N GLU D 196 81.76 65.48 0.23
CA GLU D 196 83.11 65.99 0.05
C GLU D 196 83.38 67.14 1.00
N ASN D 197 84.52 67.09 1.69
CA ASN D 197 85.05 68.22 2.43
C ASN D 197 85.97 68.98 1.47
N LYS D 198 85.52 70.14 1.00
CA LYS D 198 86.24 70.83 -0.07
C LYS D 198 87.62 71.28 0.37
N ASN D 199 87.81 71.55 1.65
CA ASN D 199 89.07 72.07 2.18
C ASN D 199 89.95 70.98 2.78
N SER D 200 89.58 69.71 2.60
CA SER D 200 90.42 68.62 3.07
C SER D 200 91.71 68.56 2.26
N ARG D 201 92.82 68.32 2.95
CA ARG D 201 94.10 68.17 2.25
C ARG D 201 94.07 66.99 1.29
N ASP D 202 93.46 65.87 1.72
CA ASP D 202 93.39 64.67 0.92
C ASP D 202 92.14 64.59 0.06
N ALA D 203 91.31 65.64 0.05
CA ALA D 203 90.03 65.61 -0.65
C ALA D 203 89.14 64.49 -0.10
N GLY D 204 89.10 64.39 1.22
CA GLY D 204 88.32 63.38 1.90
C GLY D 204 86.87 63.79 2.07
N LYS D 205 86.14 62.96 2.81
CA LYS D 205 84.72 63.15 3.02
C LYS D 205 84.40 63.25 4.51
N VAL D 206 83.25 63.88 4.80
CA VAL D 206 82.75 64.03 6.16
C VAL D 206 81.26 63.71 6.15
N VAL D 207 80.72 63.44 7.34
CA VAL D 207 79.30 63.20 7.54
C VAL D 207 78.80 64.19 8.57
N ASP D 208 77.60 64.76 8.40
CA ASP D 208 76.77 64.72 7.19
C ASP D 208 77.04 65.98 6.36
N SER D 209 76.17 66.27 5.39
CA SER D 209 76.32 67.49 4.60
C SER D 209 76.27 68.74 5.48
N GLU D 210 75.56 68.67 6.60
CA GLU D 210 75.50 69.82 7.51
C GLU D 210 76.86 70.06 8.15
N THR D 211 77.59 68.98 8.44
CA THR D 211 78.97 69.13 8.90
C THR D 211 79.82 69.82 7.84
N ALA D 212 79.64 69.45 6.58
CA ALA D 212 80.39 70.08 5.49
C ALA D 212 80.05 71.57 5.41
N ALA D 213 78.78 71.91 5.61
CA ALA D 213 78.40 73.33 5.61
C ALA D 213 79.11 74.07 6.74
N ILE D 214 79.14 73.49 7.94
CA ILE D 214 79.84 74.13 9.05
C ILE D 214 81.32 74.28 8.72
N CYS D 215 81.93 73.23 8.16
CA CYS D 215 83.35 73.27 7.85
C CYS D 215 83.65 74.38 6.85
N ASP D 216 82.84 74.49 5.80
CA ASP D 216 83.05 75.53 4.80
C ASP D 216 82.86 76.91 5.40
N ALA D 217 81.83 77.09 6.22
CA ALA D 217 81.60 78.40 6.84
C ALA D 217 82.77 78.80 7.72
N ILE D 218 83.30 77.86 8.52
CA ILE D 218 84.41 78.18 9.40
C ILE D 218 85.67 78.46 8.59
N PHE D 219 85.96 77.63 7.59
CA PHE D 219 87.18 77.78 6.83
C PHE D 219 87.20 79.08 6.04
N GLN D 220 86.06 79.45 5.43
CA GLN D 220 86.02 80.65 4.61
C GLN D 220 86.10 81.91 5.45
N ASP D 221 85.66 81.86 6.71
CA ASP D 221 85.65 83.04 7.55
C ASP D 221 87.07 83.56 7.75
N GLU D 222 87.22 84.88 7.62
CA GLU D 222 88.53 85.50 7.81
C GLU D 222 88.95 85.48 9.28
N GLU D 223 87.97 85.54 10.20
CA GLU D 223 88.27 85.58 11.62
C GLU D 223 88.74 84.24 12.17
N THR D 224 88.62 83.16 11.39
CA THR D 224 88.96 81.84 11.89
C THR D 224 90.45 81.73 12.15
N GLU D 225 90.80 81.12 13.29
CA GLU D 225 92.20 80.86 13.59
C GLU D 225 92.78 79.87 12.58
N GLY D 226 94.05 80.06 12.26
CA GLY D 226 94.70 79.18 11.31
C GLY D 226 94.79 77.74 11.79
N VAL D 227 94.83 77.55 13.11
CA VAL D 227 94.86 76.19 13.65
C VAL D 227 93.56 75.46 13.33
N VAL D 228 92.43 76.17 13.40
CA VAL D 228 91.15 75.56 13.05
C VAL D 228 91.14 75.19 11.57
N ARG D 229 91.74 76.04 10.73
CA ARG D 229 91.82 75.72 9.31
C ARG D 229 92.68 74.49 9.06
N ARG D 230 93.80 74.38 9.78
CA ARG D 230 94.61 73.16 9.70
C ARG D 230 93.78 71.94 10.08
N PHE D 231 93.03 72.05 11.17
CA PHE D 231 92.19 70.95 11.62
C PHE D 231 91.19 70.55 10.55
N ILE D 232 90.52 71.53 9.95
CA ILE D 232 89.57 71.24 8.88
C ILE D 232 90.28 70.56 7.71
N ALA D 233 91.51 70.99 7.43
CA ALA D 233 92.26 70.39 6.34
C ALA D 233 92.61 68.94 6.63
N GLU D 234 92.74 68.57 7.90
CA GLU D 234 93.09 67.20 8.28
C GLU D 234 91.89 66.30 8.44
N MET D 235 90.67 66.78 8.20
CA MET D 235 89.46 66.00 8.42
C MET D 235 89.17 65.14 7.19
N ARG D 236 89.47 63.84 7.30
CA ARG D 236 89.19 62.90 6.23
C ARG D 236 88.75 61.58 6.84
N GLN D 237 88.13 60.75 6.01
CA GLN D 237 87.61 59.45 6.45
C GLN D 237 88.71 58.39 6.41
N ARG D 238 88.52 57.35 7.22
CA ARG D 238 89.42 56.21 7.29
C ARG D 238 88.63 54.93 7.05
N VAL D 239 89.05 54.16 6.06
CA VAL D 239 88.37 52.93 5.67
C VAL D 239 89.24 51.75 6.09
N GLN D 240 88.60 50.76 6.74
CA GLN D 240 89.23 49.49 7.08
C GLN D 240 88.43 48.42 6.35
N ALA D 241 88.89 48.08 5.14
CA ALA D 241 88.16 47.14 4.30
C ALA D 241 88.09 45.75 4.92
N ASP D 242 89.18 45.31 5.53
CA ASP D 242 89.21 43.96 6.08
C ASP D 242 88.18 43.80 7.19
N ARG D 243 88.06 44.79 8.06
CA ARG D 243 87.04 44.76 9.11
C ARG D 243 85.68 45.25 8.63
N ASN D 244 85.58 45.76 7.41
CA ASN D 244 84.34 46.32 6.89
C ASN D 244 83.87 47.47 7.77
N VAL D 245 84.77 48.42 8.00
CA VAL D 245 84.50 49.55 8.89
C VAL D 245 84.90 50.84 8.17
N VAL D 246 84.23 51.93 8.53
CA VAL D 246 84.58 53.25 8.03
C VAL D 246 84.33 54.27 9.12
N ASN D 247 85.27 55.19 9.27
CA ASN D 247 85.18 56.30 10.21
C ASN D 247 85.13 57.61 9.42
N TYR D 248 84.16 58.46 9.75
CA TYR D 248 83.99 59.75 9.11
C TYR D 248 84.06 60.85 10.15
N PRO D 249 84.77 61.95 9.87
CA PRO D 249 84.68 63.11 10.77
C PRO D 249 83.30 63.73 10.73
N SER D 250 82.89 64.27 11.88
CA SER D 250 81.61 64.94 11.98
C SER D 250 81.72 66.05 13.02
N ILE D 251 80.97 67.12 12.81
CA ILE D 251 80.88 68.23 13.76
C ILE D 251 79.51 68.16 14.40
N LEU D 252 79.47 67.90 15.70
CA LEU D 252 78.23 67.69 16.42
C LEU D 252 78.31 68.33 17.80
N HIS D 253 77.16 68.80 18.28
CA HIS D 253 77.05 69.21 19.67
C HIS D 253 77.12 67.97 20.56
N PRO D 254 77.63 68.10 21.80
CA PRO D 254 77.74 66.90 22.65
C PRO D 254 76.45 66.10 22.78
N ILE D 255 75.30 66.77 22.90
CA ILE D 255 74.03 66.06 22.95
C ILE D 255 73.72 65.41 21.61
N ASP D 256 73.95 66.14 20.51
CA ASP D 256 73.77 65.55 19.19
C ASP D 256 74.70 64.37 19.00
N HIS D 257 75.95 64.52 19.46
CA HIS D 257 76.89 63.41 19.37
C HIS D 257 76.39 62.21 20.17
N ALA D 258 75.84 62.46 21.36
CA ALA D 258 75.34 61.35 22.16
C ALA D 258 74.21 60.61 21.45
N PHE D 259 73.27 61.36 20.88
CA PHE D 259 72.15 60.72 20.19
C PHE D 259 72.61 59.94 18.97
N ASN D 260 73.47 60.56 18.14
CA ASN D 260 73.93 59.88 16.94
C ASN D 260 74.82 58.69 17.27
N GLU D 261 75.62 58.79 18.32
CA GLU D 261 76.44 57.66 18.76
C GLU D 261 75.57 56.52 19.24
N TYR D 262 74.50 56.82 19.98
CA TYR D 262 73.59 55.76 20.38
C TYR D 262 72.94 55.11 19.17
N PHE D 263 72.56 55.92 18.17
CA PHE D 263 72.01 55.34 16.96
C PHE D 263 73.01 54.42 16.28
N LEU D 264 74.27 54.86 16.19
CA LEU D 264 75.29 54.07 15.51
C LEU D 264 75.55 52.76 16.24
N GLN D 265 75.59 52.79 17.57
CA GLN D 265 76.05 51.65 18.35
C GLN D 265 74.93 50.72 18.80
N HIS D 266 73.69 50.97 18.40
CA HIS D 266 72.55 50.15 18.83
C HIS D 266 71.64 49.86 17.64
N GLN D 267 72.23 49.41 16.54
CA GLN D 267 71.46 49.08 15.36
C GLN D 267 70.84 47.69 15.48
N LEU D 268 69.74 47.48 14.75
CA LEU D 268 68.95 46.27 14.87
C LEU D 268 69.30 45.20 13.84
N VAL D 269 70.28 45.44 12.98
CA VAL D 269 70.65 44.46 11.97
C VAL D 269 71.63 43.46 12.56
N GLU D 270 71.50 42.21 12.17
CA GLU D 270 72.36 41.12 12.58
C GLU D 270 72.84 40.37 11.35
N PRO D 271 73.99 39.71 11.44
CA PRO D 271 74.50 38.96 10.27
C PRO D 271 73.51 37.90 9.82
N LEU D 272 73.47 37.70 8.51
CA LEU D 272 72.58 36.74 7.88
C LEU D 272 73.40 35.76 7.05
N ASN D 273 73.04 34.48 7.15
CA ASN D 273 73.69 33.44 6.37
C ASN D 273 72.70 32.31 6.16
N ASN D 274 73.14 31.29 5.41
CA ASN D 274 72.23 30.21 5.05
C ASN D 274 71.74 29.45 6.27
N ASP D 275 72.61 29.25 7.26
CA ASP D 275 72.19 28.55 8.47
C ASP D 275 71.10 29.32 9.20
N ILE D 276 71.25 30.65 9.31
CA ILE D 276 70.23 31.46 9.98
C ILE D 276 68.91 31.39 9.24
N ILE D 277 68.95 31.50 7.90
CA ILE D 277 67.72 31.43 7.13
C ILE D 277 67.04 30.08 7.33
N PHE D 278 67.81 29.00 7.29
CA PHE D 278 67.23 27.68 7.46
C PHE D 278 66.64 27.52 8.86
N ASN D 279 67.35 27.98 9.89
CA ASN D 279 66.83 27.87 11.25
C ASN D 279 65.65 28.79 11.51
N TYR D 280 65.42 29.77 10.63
CA TYR D 280 64.23 30.59 10.75
C TYR D 280 62.96 29.77 10.62
N ILE D 281 63.01 28.67 9.87
CA ILE D 281 61.84 27.80 9.72
C ILE D 281 61.57 27.12 11.06
N PRO D 282 60.30 26.91 11.45
CA PRO D 282 60.04 26.23 12.73
C PRO D 282 60.65 24.85 12.76
N GLU D 283 61.11 24.46 13.96
CA GLU D 283 61.87 23.22 14.09
C GLU D 283 61.04 22.01 13.70
N ARG D 284 59.72 22.07 13.91
CA ARG D 284 58.88 20.92 13.58
C ARG D 284 58.68 20.77 12.08
N ILE D 285 58.68 21.88 11.34
CA ILE D 285 58.59 21.78 9.89
C ILE D 285 59.89 21.20 9.33
N ARG D 286 61.02 21.57 9.92
CA ARG D 286 62.31 21.03 9.48
C ARG D 286 62.47 19.56 9.87
N ASN D 287 61.92 19.16 11.01
CA ASN D 287 62.03 17.79 11.45
C ASN D 287 61.08 16.85 10.72
N ASP D 288 60.07 17.39 10.02
CA ASP D 288 59.11 16.55 9.33
C ASP D 288 59.75 15.95 8.08
N VAL D 289 59.73 14.62 7.98
CA VAL D 289 60.29 13.95 6.82
C VAL D 289 59.41 14.10 5.58
N ASN D 290 58.23 14.70 5.71
CA ASN D 290 57.34 14.88 4.59
C ASN D 290 57.66 16.12 3.76
N TYR D 291 58.61 16.95 4.20
CA TYR D 291 58.94 18.20 3.55
C TYR D 291 60.41 18.23 3.22
N ILE D 292 60.73 18.62 1.98
CA ILE D 292 62.11 18.73 1.51
C ILE D 292 62.37 20.20 1.21
N LEU D 293 63.42 20.75 1.82
CA LEU D 293 63.77 22.16 1.71
C LEU D 293 65.07 22.29 0.91
N ASN D 294 65.17 23.38 0.15
CA ASN D 294 66.30 23.61 -0.74
C ASN D 294 66.63 25.09 -0.78
N MET D 295 67.90 25.38 -1.05
CA MET D 295 68.37 26.74 -1.28
C MET D 295 69.30 26.74 -2.48
N ASP D 296 69.28 27.84 -3.23
CA ASP D 296 70.12 27.98 -4.41
C ASP D 296 70.98 29.24 -4.34
N ARG D 297 71.16 29.80 -3.14
CA ARG D 297 71.98 30.99 -2.95
C ARG D 297 72.84 30.81 -1.71
N ASN D 298 74.04 31.37 -1.76
CA ASN D 298 74.94 31.43 -0.61
C ASN D 298 75.03 32.90 -0.19
N LEU D 299 74.33 33.25 0.88
CA LEU D 299 74.25 34.64 1.28
C LEU D 299 75.64 35.13 1.70
N PRO D 300 76.05 36.33 1.29
CA PRO D 300 77.40 36.80 1.61
C PRO D 300 77.55 37.10 3.09
N SER D 301 78.81 37.23 3.51
CA SER D 301 79.11 37.60 4.89
C SER D 301 78.61 38.99 5.23
N THR D 302 78.31 39.82 4.23
CA THR D 302 77.79 41.15 4.45
C THR D 302 76.26 41.19 4.47
N ALA D 303 75.60 40.05 4.35
CA ALA D 303 74.15 40.02 4.43
C ALA D 303 73.68 40.31 5.84
N ARG D 304 72.57 41.04 5.95
CA ARG D 304 72.01 41.44 7.24
C ARG D 304 70.52 41.19 7.26
N TYR D 305 69.98 41.08 8.46
CA TYR D 305 68.53 40.97 8.63
C TYR D 305 68.15 41.46 10.01
N ILE D 306 66.86 41.74 10.18
CA ILE D 306 66.32 42.25 11.43
C ILE D 306 65.42 41.18 12.02
N ARG D 307 65.74 40.74 13.24
CA ARG D 307 64.96 39.70 13.88
C ARG D 307 63.61 40.25 14.34
N PRO D 308 62.50 39.56 14.07
CA PRO D 308 61.22 40.02 14.62
C PRO D 308 61.18 39.86 16.14
N ASN D 309 60.41 40.75 16.78
CA ASN D 309 60.25 40.72 18.23
C ASN D 309 59.09 39.80 18.57
N LEU D 310 59.38 38.52 18.69
CA LEU D 310 58.36 37.51 19.01
C LEU D 310 58.29 37.24 20.50
N LEU D 311 58.16 38.29 21.30
CA LEU D 311 57.87 38.10 22.72
C LEU D 311 56.43 37.66 22.89
N GLN D 312 56.21 36.77 23.85
CA GLN D 312 54.86 36.28 24.09
C GLN D 312 54.02 37.38 24.74
N ASP D 313 52.71 37.18 24.74
CA ASP D 313 51.76 38.21 25.14
C ASP D 313 52.10 38.74 26.53
N ARG D 314 52.50 40.00 26.58
CA ARG D 314 52.77 40.68 27.84
C ARG D 314 51.52 41.31 28.45
N LEU D 315 50.43 41.40 27.70
CA LEU D 315 49.19 41.97 28.18
C LEU D 315 48.19 40.91 28.64
N ASN D 316 48.41 39.64 28.27
CA ASN D 316 47.52 38.55 28.67
C ASN D 316 46.08 38.86 28.28
N LEU D 317 45.89 39.25 27.02
CA LEU D 317 44.55 39.60 26.54
C LEU D 317 43.58 38.45 26.65
N HIS D 318 44.08 37.21 26.72
CA HIS D 318 43.23 36.06 27.00
C HIS D 318 42.63 36.10 28.40
N ASP D 319 43.14 36.97 29.28
CA ASP D 319 42.69 37.08 30.66
C ASP D 319 42.01 38.43 30.87
N ASN D 320 40.68 38.40 30.98
CA ASN D 320 39.80 39.50 31.37
C ASN D 320 39.58 40.53 30.25
N PHE D 321 40.17 40.37 29.07
CA PHE D 321 39.80 41.19 27.91
C PHE D 321 39.03 40.33 26.91
N GLU D 322 37.80 39.98 27.30
CA GLU D 322 37.08 38.94 26.58
C GLU D 322 36.69 39.37 25.17
N SER D 323 36.32 40.65 24.99
CA SER D 323 35.93 41.11 23.66
C SER D 323 37.14 41.23 22.74
N LEU D 324 38.24 41.81 23.23
CA LEU D 324 39.44 41.89 22.43
C LEU D 324 39.96 40.50 22.10
N TRP D 325 39.92 39.59 23.07
CA TRP D 325 40.34 38.22 22.81
C TRP D 325 39.41 37.54 21.81
N ASP D 326 38.12 37.86 21.86
CA ASP D 326 37.19 37.34 20.85
C ASP D 326 37.59 37.80 19.46
N THR D 327 37.94 39.08 19.32
CA THR D 327 38.38 39.59 18.02
C THR D 327 39.66 38.91 17.57
N ILE D 328 40.63 38.75 18.47
CA ILE D 328 41.89 38.09 18.13
C ILE D 328 41.63 36.67 17.69
N THR D 329 40.79 35.95 18.42
CA THR D 329 40.51 34.55 18.11
C THR D 329 39.75 34.42 16.80
N THR D 330 38.86 35.36 16.51
CA THR D 330 38.16 35.33 15.22
C THR D 330 39.15 35.54 14.08
N SER D 331 40.07 36.48 14.23
CA SER D 331 41.07 36.70 13.19
C SER D 331 41.91 35.44 12.98
N ASN D 332 42.35 34.83 14.07
CA ASN D 332 43.16 33.62 13.99
C ASN D 332 42.38 32.49 13.33
N TYR D 333 41.08 32.38 13.66
CA TYR D 333 40.26 31.34 13.09
C TYR D 333 40.10 31.52 11.58
N ILE D 334 39.87 32.76 11.13
CA ILE D 334 39.74 32.99 9.70
C ILE D 334 41.05 32.67 8.98
N LEU D 335 42.18 33.07 9.56
CA LEU D 335 43.47 32.76 8.95
C LEU D 335 43.67 31.24 8.86
N ALA D 336 43.40 30.54 9.97
CA ALA D 336 43.57 29.09 9.98
C ALA D 336 42.68 28.43 8.93
N ARG D 337 41.43 28.88 8.83
CA ARG D 337 40.55 28.37 7.78
C ARG D 337 41.16 28.59 6.41
N SER D 338 41.77 29.76 6.20
CA SER D 338 42.38 30.05 4.91
C SER D 338 43.51 29.09 4.60
N VAL D 339 44.28 28.67 5.61
CA VAL D 339 45.47 27.86 5.36
C VAL D 339 45.21 26.35 5.46
N VAL D 340 44.04 25.94 5.94
CA VAL D 340 43.75 24.51 6.07
C VAL D 340 43.54 23.91 4.68
N PRO D 341 44.24 22.83 4.31
CA PRO D 341 44.15 22.33 2.94
C PRO D 341 42.78 21.77 2.61
N ASP D 342 42.47 21.78 1.32
CA ASP D 342 41.22 21.23 0.81
C ASP D 342 41.35 19.72 0.61
N LEU D 343 40.26 19.01 0.88
CA LEU D 343 40.24 17.57 0.70
C LEU D 343 40.20 17.22 -0.78
N LYS D 344 40.81 16.08 -1.13
CA LYS D 344 40.95 15.65 -2.51
C LYS D 344 40.34 14.28 -2.70
N GLU D 345 39.81 14.06 -3.91
CA GLU D 345 39.29 12.74 -4.32
C GLU D 345 38.32 12.19 -3.29
N LEU D 346 37.40 13.03 -2.86
CA LEU D 346 36.35 12.59 -1.95
C LEU D 346 35.42 11.62 -2.68
N VAL D 347 34.79 10.73 -1.89
CA VAL D 347 33.83 9.80 -2.46
C VAL D 347 32.70 10.58 -3.10
N SER D 348 32.26 10.13 -4.27
CA SER D 348 31.16 10.80 -4.97
C SER D 348 29.94 10.86 -4.09
N THR D 349 29.32 12.04 -4.01
CA THR D 349 28.18 12.21 -3.11
C THR D 349 27.01 11.36 -3.56
N GLU D 350 26.73 11.31 -4.87
CA GLU D 350 25.58 10.55 -5.34
C GLU D 350 25.79 9.05 -5.15
N ALA D 351 27.00 8.56 -5.46
CA ALA D 351 27.29 7.14 -5.26
C ALA D 351 27.21 6.77 -3.79
N GLN D 352 27.75 7.64 -2.92
CA GLN D 352 27.66 7.36 -1.49
C GLN D 352 26.22 7.38 -1.02
N ILE D 353 25.40 8.29 -1.54
CA ILE D 353 23.99 8.32 -1.16
C ILE D 353 23.28 7.05 -1.61
N GLN D 354 23.59 6.57 -2.81
CA GLN D 354 22.99 5.31 -3.27
C GLN D 354 23.41 4.15 -2.39
N LYS D 355 24.70 4.08 -2.04
CA LYS D 355 25.18 3.01 -1.18
C LYS D 355 24.52 3.06 0.19
N MET D 356 24.39 4.27 0.75
CA MET D 356 23.75 4.43 2.04
C MET D 356 22.27 4.05 1.98
N SER D 357 21.60 4.38 0.87
CA SER D 357 20.21 3.98 0.70
C SER D 357 20.08 2.47 0.67
N GLN D 358 20.98 1.79 -0.04
CA GLN D 358 20.94 0.33 -0.06
C GLN D 358 21.21 -0.26 1.32
N ASP D 359 22.17 0.31 2.05
CA ASP D 359 22.46 -0.18 3.40
C ASP D 359 21.28 0.04 4.34
N LEU D 360 20.65 1.20 4.28
CA LEU D 360 19.56 1.54 5.17
C LEU D 360 18.25 0.88 4.79
N GLN D 361 18.14 0.37 3.56
CA GLN D 361 16.92 -0.26 3.07
C GLN D 361 15.71 0.64 3.25
N LEU D 362 15.75 1.78 2.56
CA LEU D 362 14.69 2.76 2.66
C LEU D 362 13.41 2.24 2.03
N GLU D 363 12.29 2.49 2.71
CA GLU D 363 10.98 2.01 2.28
C GLU D 363 10.17 3.18 1.73
N ALA D 364 9.58 2.98 0.55
CA ALA D 364 8.89 4.07 -0.14
C ALA D 364 7.69 4.56 0.65
N LEU D 365 6.91 3.65 1.22
CA LEU D 365 5.63 3.98 1.84
C LEU D 365 5.66 3.84 3.35
N THR D 366 6.84 3.97 3.97
CA THR D 366 6.98 3.96 5.42
C THR D 366 7.81 5.15 5.86
N ILE D 367 7.39 5.82 6.92
CA ILE D 367 8.19 6.87 7.52
C ILE D 367 9.26 6.21 8.38
N GLN D 368 10.52 6.61 8.18
CA GLN D 368 11.64 5.99 8.86
C GLN D 368 12.62 7.06 9.30
N SER D 369 13.19 6.86 10.50
CA SER D 369 14.26 7.74 10.95
C SER D 369 15.47 7.66 10.03
N GLU D 370 15.73 6.48 9.45
CA GLU D 370 16.87 6.31 8.58
C GLU D 370 16.85 7.28 7.40
N THR D 371 15.65 7.71 7.00
CA THR D 371 15.54 8.64 5.88
C THR D 371 16.27 9.95 6.17
N GLN D 372 16.34 10.35 7.44
CA GLN D 372 17.05 11.56 7.80
C GLN D 372 18.56 11.38 7.86
N PHE D 373 19.04 10.13 7.83
CA PHE D 373 20.48 9.90 7.96
C PHE D 373 21.25 10.52 6.80
N LEU D 374 20.65 10.56 5.61
CA LEU D 374 21.31 11.07 4.43
C LEU D 374 21.26 12.59 4.32
N THR D 375 20.70 13.28 5.30
CA THR D 375 20.56 14.73 5.22
C THR D 375 21.92 15.41 5.31
N GLY D 376 22.10 16.42 4.46
CA GLY D 376 23.29 17.27 4.54
C GLY D 376 24.59 16.56 4.25
N ILE D 377 24.59 15.59 3.34
CA ILE D 377 25.79 14.84 2.97
C ILE D 377 26.26 15.40 1.63
N ASN D 378 27.33 16.19 1.66
CA ASN D 378 27.90 16.75 0.45
C ASN D 378 29.37 17.09 0.71
N SER D 379 30.12 17.24 -0.38
CA SER D 379 31.55 17.52 -0.26
C SER D 379 31.81 18.88 0.37
N GLN D 380 30.96 19.86 0.07
CA GLN D 380 31.11 21.17 0.68
C GLN D 380 31.03 21.08 2.20
N ALA D 381 30.07 20.29 2.70
CA ALA D 381 29.94 20.12 4.14
C ALA D 381 31.16 19.42 4.73
N ALA D 382 31.70 18.43 4.02
CA ALA D 382 32.89 17.73 4.51
C ALA D 382 34.07 18.68 4.62
N ASN D 383 34.31 19.49 3.59
CA ASN D 383 35.41 20.44 3.65
C ASN D 383 35.17 21.49 4.73
N ASP D 384 33.92 21.92 4.88
CA ASP D 384 33.59 22.88 5.92
C ASP D 384 33.89 22.31 7.30
N CYS D 385 33.53 21.04 7.53
CA CYS D 385 33.83 20.42 8.82
C CYS D 385 35.33 20.31 9.06
N PHE D 386 36.07 19.85 8.05
CA PHE D 386 37.51 19.71 8.19
C PHE D 386 38.15 21.06 8.57
N LYS D 387 37.82 22.09 7.79
CA LYS D 387 38.39 23.41 8.04
C LYS D 387 37.95 23.95 9.40
N THR D 388 36.67 23.79 9.75
CA THR D 388 36.18 24.31 11.02
C THR D 388 36.91 23.66 12.19
N LEU D 389 37.03 22.33 12.18
CA LEU D 389 37.69 21.65 13.28
C LEU D 389 39.13 22.09 13.41
N ILE D 390 39.89 22.03 12.31
CA ILE D 390 41.31 22.35 12.42
C ILE D 390 41.51 23.81 12.79
N ALA D 391 40.75 24.71 12.17
CA ALA D 391 40.90 26.13 12.45
C ALA D 391 40.51 26.47 13.89
N ALA D 392 39.42 25.88 14.38
CA ALA D 392 39.00 26.15 15.74
C ALA D 392 40.03 25.66 16.74
N MET D 393 40.58 24.47 16.52
CA MET D 393 41.64 23.99 17.41
C MET D 393 42.87 24.86 17.33
N LEU D 394 43.24 25.30 16.12
CA LEU D 394 44.45 26.12 15.97
C LEU D 394 44.29 27.46 16.66
N SER D 395 43.17 28.14 16.44
CA SER D 395 42.91 29.43 17.06
C SER D 395 42.33 29.31 18.46
N GLN D 396 42.02 28.09 18.91
CA GLN D 396 41.41 27.88 20.22
C GLN D 396 40.13 28.69 20.36
N ARG D 397 39.30 28.63 19.33
CA ARG D 397 37.99 29.27 19.34
C ARG D 397 36.94 28.25 19.72
N THR D 398 36.06 28.62 20.65
CA THR D 398 35.02 27.70 21.08
C THR D 398 34.05 27.41 19.93
N MET D 399 33.63 26.16 19.84
CA MET D 399 32.71 25.71 18.80
C MET D 399 31.35 25.42 19.41
N SER D 400 30.31 25.62 18.59
CA SER D 400 28.95 25.31 18.96
C SER D 400 28.42 24.22 18.04
N LEU D 401 27.73 23.24 18.63
CA LEU D 401 27.22 22.10 17.89
C LEU D 401 25.77 22.36 17.50
N ASP D 402 25.49 22.26 16.20
CA ASP D 402 24.14 22.39 15.67
C ASP D 402 23.71 21.03 15.15
N PHE D 403 22.57 20.54 15.64
CA PHE D 403 22.07 19.25 15.18
C PHE D 403 20.59 19.16 15.48
N VAL D 404 19.93 18.21 14.82
CA VAL D 404 18.54 17.87 15.07
C VAL D 404 18.51 16.51 15.73
N THR D 405 17.87 16.42 16.90
CA THR D 405 17.85 15.17 17.65
C THR D 405 17.12 14.08 16.87
N THR D 406 16.28 14.45 15.91
CA THR D 406 15.59 13.45 15.09
C THR D 406 16.54 12.68 14.19
N ASN D 407 17.68 13.26 13.83
CA ASN D 407 18.67 12.60 12.99
C ASN D 407 19.63 11.83 13.89
N TYR D 408 19.52 10.50 13.89
CA TYR D 408 20.38 9.68 14.72
C TYR D 408 21.78 9.56 14.13
N MET D 409 21.92 9.65 12.81
CA MET D 409 23.24 9.64 12.21
C MET D 409 24.06 10.84 12.69
N SER D 410 23.41 11.97 12.94
CA SER D 410 24.09 13.11 13.52
C SER D 410 24.67 12.77 14.88
N LEU D 411 23.91 12.05 15.71
CA LEU D 411 24.41 11.68 17.03
C LEU D 411 25.54 10.66 16.94
N ILE D 412 25.43 9.71 16.01
CA ILE D 412 26.46 8.70 15.86
C ILE D 412 27.76 9.34 15.36
N SER D 413 27.65 10.34 14.49
CA SER D 413 28.84 11.09 14.08
C SER D 413 29.37 11.98 15.20
N GLY D 414 28.47 12.53 16.02
CA GLY D 414 28.91 13.28 17.17
C GLY D 414 29.66 12.43 18.17
N MET D 415 29.37 11.14 18.20
CA MET D 415 30.17 10.24 19.04
C MET D 415 31.63 10.24 18.60
N TRP D 416 31.87 10.13 17.30
CA TRP D 416 33.24 10.21 16.80
C TRP D 416 33.83 11.59 17.05
N LEU D 417 33.04 12.64 16.86
CA LEU D 417 33.52 14.00 17.08
C LEU D 417 33.98 14.19 18.52
N LEU D 418 33.18 13.72 19.48
CA LEU D 418 33.55 13.83 20.89
C LEU D 418 34.72 12.92 21.21
N THR D 419 34.86 11.81 20.49
CA THR D 419 36.02 10.94 20.68
C THR D 419 37.31 11.65 20.29
N VAL D 420 37.30 12.36 19.16
CA VAL D 420 38.55 12.87 18.58
C VAL D 420 38.84 14.32 18.94
N VAL D 421 37.87 15.08 19.40
CA VAL D 421 38.05 16.49 19.75
C VAL D 421 37.86 16.63 21.26
N PRO D 422 38.80 17.25 21.97
CA PRO D 422 38.59 17.48 23.40
C PRO D 422 37.31 18.28 23.65
N ASN D 423 36.56 17.85 24.67
CA ASN D 423 35.21 18.38 24.87
C ASN D 423 35.23 19.83 25.32
N ASP D 424 36.34 20.33 25.85
CA ASP D 424 36.43 21.73 26.24
C ASP D 424 36.46 22.66 25.04
N MET D 425 36.65 22.14 23.83
CA MET D 425 36.58 22.95 22.62
C MET D 425 35.17 23.36 22.26
N PHE D 426 34.16 22.82 22.92
CA PHE D 426 32.77 23.11 22.63
C PHE D 426 32.13 23.89 23.77
N ILE D 427 31.22 24.80 23.41
CA ILE D 427 30.45 25.50 24.43
C ILE D 427 29.67 24.46 25.25
N ARG D 428 29.52 24.74 26.54
CA ARG D 428 29.01 23.74 27.46
C ARG D 428 27.59 23.30 27.08
N GLU D 429 26.72 24.25 26.74
CA GLU D 429 25.33 23.89 26.49
C GLU D 429 25.21 22.96 25.29
N SER D 430 25.96 23.22 24.22
CA SER D 430 25.87 22.38 23.03
C SER D 430 26.44 20.99 23.30
N LEU D 431 27.56 20.91 24.00
CA LEU D 431 28.13 19.61 24.36
C LEU D 431 27.16 18.82 25.22
N VAL D 432 26.54 19.48 26.20
CA VAL D 432 25.60 18.79 27.08
C VAL D 432 24.40 18.29 26.28
N ALA D 433 23.88 19.12 25.37
CA ALA D 433 22.73 18.69 24.58
C ALA D 433 23.08 17.51 23.69
N CYS D 434 24.23 17.57 23.02
CA CYS D 434 24.64 16.47 22.15
C CYS D 434 24.84 15.19 22.95
N GLN D 435 25.50 15.28 24.10
CA GLN D 435 25.72 14.11 24.93
C GLN D 435 24.41 13.55 25.46
N LEU D 436 23.48 14.42 25.86
CA LEU D 436 22.19 13.94 26.33
C LEU D 436 21.43 13.22 25.23
N ALA D 437 21.47 13.77 24.01
CA ALA D 437 20.82 13.10 22.88
C ALA D 437 21.46 11.74 22.61
N ILE D 438 22.79 11.67 22.67
CA ILE D 438 23.47 10.39 22.46
C ILE D 438 23.07 9.39 23.54
N ILE D 439 23.04 9.82 24.80
CA ILE D 439 22.73 8.92 25.89
C ILE D 439 21.29 8.43 25.81
N ASN D 440 20.35 9.33 25.53
CA ASN D 440 18.94 8.98 25.55
C ASN D 440 18.45 8.37 24.25
N THR D 441 19.23 8.42 23.18
CA THR D 441 18.83 7.87 21.90
C THR D 441 19.56 6.60 21.53
N ILE D 442 20.80 6.42 21.98
CA ILE D 442 21.66 5.34 21.51
C ILE D 442 22.07 4.42 22.65
N ILE D 443 22.52 4.99 23.77
CA ILE D 443 23.19 4.21 24.81
C ILE D 443 22.17 3.60 25.76
N TYR D 444 21.43 4.45 26.49
CA TYR D 444 20.49 3.94 27.48
C TYR D 444 19.41 3.07 26.87
N PRO D 445 18.75 3.46 25.77
CA PRO D 445 17.77 2.53 25.16
C PRO D 445 18.37 1.20 24.75
N ALA D 446 19.66 1.17 24.39
CA ALA D 446 20.29 -0.09 24.01
C ALA D 446 20.30 -1.07 25.18
N PHE D 447 20.60 -0.60 26.38
CA PHE D 447 20.72 -1.44 27.55
C PHE D 447 19.43 -1.52 28.38
N GLY D 448 18.35 -0.92 27.92
CA GLY D 448 17.12 -0.94 28.66
C GLY D 448 17.09 -0.03 29.86
N MET D 449 18.07 0.85 30.00
CA MET D 449 18.10 1.77 31.12
C MET D 449 17.04 2.84 30.96
N GLN D 450 16.46 3.25 32.09
CA GLN D 450 15.47 4.32 32.05
C GLN D 450 16.10 5.61 31.54
N ARG D 451 15.30 6.38 30.80
CA ARG D 451 15.80 7.61 30.20
C ARG D 451 16.38 8.52 31.28
N MET D 452 17.55 9.09 30.98
CA MET D 452 18.24 9.93 31.96
C MET D 452 17.51 11.26 32.09
N HIS D 453 17.04 11.56 33.30
CA HIS D 453 16.45 12.86 33.60
C HIS D 453 17.57 13.80 34.00
N TYR D 454 18.20 14.38 32.99
CA TYR D 454 19.34 15.27 33.19
C TYR D 454 18.85 16.68 33.49
N ARG D 455 19.41 17.28 34.54
CA ARG D 455 19.02 18.62 34.96
C ARG D 455 19.96 19.65 34.37
N ASN D 456 19.39 20.69 33.78
CA ASN D 456 20.19 21.79 33.24
C ASN D 456 20.97 22.46 34.37
N GLY D 457 22.27 22.68 34.13
CA GLY D 457 23.14 23.22 35.15
C GLY D 457 23.75 22.20 36.08
N ASP D 458 23.60 20.91 35.78
CA ASP D 458 24.22 19.88 36.61
C ASP D 458 25.75 20.00 36.52
N PRO D 459 26.47 19.83 37.63
CA PRO D 459 27.94 19.89 37.54
C PRO D 459 28.52 18.83 36.61
N GLN D 460 27.90 17.65 36.55
CA GLN D 460 28.36 16.57 35.70
C GLN D 460 27.69 16.65 34.33
N THR D 461 28.43 16.24 33.31
CA THR D 461 27.87 16.11 31.98
C THR D 461 27.08 14.80 31.88
N PRO D 462 26.19 14.69 30.89
CA PRO D 462 25.44 13.43 30.76
C PRO D 462 26.35 12.22 30.58
N PHE D 463 27.47 12.38 29.88
CA PHE D 463 28.38 11.25 29.68
C PHE D 463 29.02 10.79 30.99
N GLN D 464 29.26 11.71 31.92
CA GLN D 464 29.83 11.31 33.21
C GLN D 464 28.84 10.49 34.02
N ILE D 465 27.58 10.93 34.06
CA ILE D 465 26.55 10.15 34.75
C ILE D 465 26.39 8.78 34.08
N ALA D 466 26.37 8.76 32.75
CA ALA D 466 26.24 7.49 32.03
C ALA D 466 27.42 6.57 32.34
N GLU D 467 28.62 7.12 32.39
CA GLU D 467 29.80 6.33 32.74
C GLU D 467 29.65 5.71 34.11
N GLN D 468 29.17 6.50 35.07
CA GLN D 468 28.93 5.95 36.41
C GLN D 468 27.84 4.89 36.40
N GLN D 469 26.91 4.97 35.45
CA GLN D 469 25.74 4.10 35.45
C GLN D 469 25.83 2.92 34.49
N ILE D 470 26.63 3.00 33.44
CA ILE D 470 26.65 1.98 32.41
C ILE D 470 27.56 0.83 32.85
N GLN D 471 27.07 -0.40 32.74
CA GLN D 471 27.80 -1.57 33.20
C GLN D 471 28.67 -2.19 32.11
N ASN D 472 28.29 -2.04 30.84
CA ASN D 472 29.11 -2.57 29.76
C ASN D 472 30.49 -1.93 29.79
N PHE D 473 31.52 -2.76 29.65
CA PHE D 473 32.88 -2.26 29.85
C PHE D 473 33.33 -1.38 28.68
N GLN D 474 33.07 -1.80 27.45
CA GLN D 474 33.53 -1.01 26.31
C GLN D 474 32.83 0.35 26.25
N VAL D 475 31.52 0.37 26.44
CA VAL D 475 30.77 1.62 26.38
C VAL D 475 31.24 2.55 27.49
N ALA D 476 31.39 2.02 28.71
CA ALA D 476 31.82 2.84 29.84
C ALA D 476 33.25 3.33 29.65
N ASN D 477 34.11 2.50 29.07
CA ASN D 477 35.49 2.91 28.81
C ASN D 477 35.54 4.05 27.79
N TRP D 478 34.75 3.94 26.72
CA TRP D 478 34.71 5.03 25.75
C TRP D 478 34.14 6.30 26.37
N LEU D 479 33.10 6.15 27.20
CA LEU D 479 32.54 7.31 27.89
C LEU D 479 33.57 7.96 28.80
N HIS D 480 34.35 7.15 29.51
CA HIS D 480 35.39 7.69 30.39
C HIS D 480 36.44 8.44 29.58
N PHE D 481 36.87 7.88 28.45
CA PHE D 481 37.84 8.59 27.63
C PHE D 481 37.28 9.91 27.14
N VAL D 482 36.04 9.92 26.68
CA VAL D 482 35.44 11.17 26.21
C VAL D 482 35.37 12.18 27.34
N ASN D 483 35.07 11.71 28.55
CA ASN D 483 35.01 12.61 29.70
C ASN D 483 36.39 13.20 30.01
N ASN D 484 37.44 12.39 29.91
CA ASN D 484 38.78 12.81 30.30
C ASN D 484 39.68 13.15 29.12
N ASN D 485 39.14 13.24 27.91
CA ASN D 485 39.94 13.65 26.77
C ASN D 485 40.17 15.16 26.84
N GLN D 486 41.44 15.55 26.89
CA GLN D 486 41.80 16.96 27.07
C GLN D 486 43.05 17.27 26.27
N PHE D 487 43.23 18.55 25.98
CA PHE D 487 44.48 19.01 25.41
C PHE D 487 45.59 18.95 26.46
N ARG D 488 46.82 18.76 25.99
CA ARG D 488 48.00 18.89 26.83
C ARG D 488 48.66 20.21 26.52
N GLN D 489 48.85 21.04 27.55
CA GLN D 489 49.54 22.31 27.40
C GLN D 489 51.04 22.07 27.46
N VAL D 490 51.73 22.32 26.35
CA VAL D 490 53.17 22.10 26.28
C VAL D 490 53.83 23.28 25.60
N VAL D 491 54.94 23.74 26.15
CA VAL D 491 55.74 24.80 25.52
C VAL D 491 56.71 24.10 24.56
N ILE D 492 56.41 24.21 23.28
CA ILE D 492 57.25 23.63 22.22
C ILE D 492 57.92 24.79 21.50
N ASP D 493 59.25 24.76 21.45
CA ASP D 493 60.04 25.77 20.74
C ASP D 493 59.65 27.18 21.20
N GLY D 494 59.36 27.32 22.49
CA GLY D 494 59.06 28.61 23.07
C GLY D 494 57.64 29.08 22.92
N VAL D 495 56.76 28.29 22.32
CA VAL D 495 55.36 28.65 22.10
C VAL D 495 54.49 27.66 22.85
N LEU D 496 53.54 28.17 23.63
CA LEU D 496 52.57 27.31 24.29
C LEU D 496 51.61 26.75 23.25
N ASN D 497 51.40 25.43 23.31
CA ASN D 497 50.61 24.71 22.32
C ASN D 497 49.71 23.71 23.01
N GLN D 498 48.57 23.46 22.38
CA GLN D 498 47.59 22.48 22.85
C GLN D 498 47.72 21.24 21.99
N VAL D 499 48.15 20.14 22.62
CA VAL D 499 48.52 18.91 21.91
C VAL D 499 47.45 17.86 22.15
N LEU D 500 47.09 17.14 21.10
CA LEU D 500 46.09 16.09 21.19
C LEU D 500 46.69 14.84 21.81
N ASN D 501 45.81 13.99 22.34
CA ASN D 501 46.24 12.71 22.88
C ASN D 501 46.87 11.86 21.78
N ASP D 502 47.91 11.11 22.15
CA ASP D 502 48.62 10.31 21.17
C ASP D 502 47.70 9.28 20.54
N ASN D 503 46.73 8.77 21.31
CA ASN D 503 45.76 7.84 20.75
C ASN D 503 44.89 8.52 19.69
N ILE D 504 44.56 9.79 19.88
CA ILE D 504 43.89 10.54 18.83
C ILE D 504 44.83 10.71 17.64
N ARG D 505 46.09 11.00 17.90
CA ARG D 505 47.03 11.28 16.83
C ARG D 505 47.21 10.07 15.92
N ASN D 506 47.30 8.87 16.49
CA ASN D 506 47.46 7.67 15.69
C ASN D 506 46.13 7.01 15.30
N GLY D 507 45.02 7.46 15.87
CA GLY D 507 43.71 6.96 15.47
C GLY D 507 43.21 5.75 16.23
N HIS D 508 43.78 5.44 17.40
CA HIS D 508 43.35 4.28 18.16
C HIS D 508 42.03 4.54 18.89
N VAL D 509 41.76 5.80 19.22
CA VAL D 509 40.48 6.15 19.83
C VAL D 509 39.34 5.74 18.92
N VAL D 510 39.57 5.72 17.61
CA VAL D 510 38.56 5.22 16.69
C VAL D 510 38.28 3.74 16.96
N ASN D 511 39.32 2.96 17.23
CA ASN D 511 39.11 1.57 17.59
C ASN D 511 38.31 1.44 18.87
N GLN D 512 38.62 2.27 19.87
CA GLN D 512 37.86 2.22 21.12
C GLN D 512 36.39 2.57 20.88
N LEU D 513 36.13 3.62 20.10
CA LEU D 513 34.76 4.01 19.78
C LEU D 513 34.04 2.90 19.04
N MET D 514 34.73 2.25 18.10
CA MET D 514 34.10 1.17 17.35
C MET D 514 33.80 -0.02 18.24
N GLU D 515 34.66 -0.30 19.21
CA GLU D 515 34.36 -1.35 20.19
C GLU D 515 33.07 -1.03 20.93
N ALA D 516 32.95 0.21 21.40
CA ALA D 516 31.71 0.61 22.08
C ALA D 516 30.50 0.49 21.16
N LEU D 517 30.65 0.90 19.90
CA LEU D 517 29.52 0.87 18.97
C LEU D 517 29.10 -0.56 18.66
N MET D 518 30.07 -1.48 18.51
CA MET D 518 29.72 -2.88 18.30
C MET D 518 29.01 -3.46 19.51
N GLN D 519 29.46 -3.08 20.71
CA GLN D 519 28.74 -3.53 21.90
C GLN D 519 27.31 -3.01 21.91
N LEU D 520 27.10 -1.75 21.54
CA LEU D 520 25.75 -1.22 21.44
C LEU D 520 24.93 -1.98 20.41
N SER D 521 25.53 -2.30 19.27
CA SER D 521 24.82 -3.04 18.24
C SER D 521 24.42 -4.44 18.73
N ARG D 522 25.21 -5.04 19.61
CA ARG D 522 24.89 -6.36 20.12
C ARG D 522 23.78 -6.36 21.16
N GLN D 523 23.35 -5.20 21.64
CA GLN D 523 22.36 -5.14 22.70
C GLN D 523 20.97 -5.45 22.15
N GLN D 524 20.01 -5.60 23.08
CA GLN D 524 18.68 -6.09 22.76
C GLN D 524 17.64 -4.98 22.63
N PHE D 525 17.85 -3.83 23.26
CA PHE D 525 16.85 -2.77 23.30
C PHE D 525 15.52 -3.30 23.84
N PRO D 526 15.50 -3.82 25.07
CA PRO D 526 14.31 -4.54 25.54
C PRO D 526 13.04 -3.73 25.53
N THR D 527 13.12 -2.44 25.86
CA THR D 527 11.94 -1.60 26.02
C THR D 527 11.53 -0.87 24.76
N MET D 528 12.26 -1.06 23.66
CA MET D 528 12.00 -0.32 22.43
C MET D 528 11.37 -1.22 21.37
N PRO D 529 10.62 -0.66 20.43
CA PRO D 529 10.19 -1.47 19.27
C PRO D 529 11.38 -1.93 18.46
N VAL D 530 11.22 -3.07 17.78
CA VAL D 530 12.33 -3.66 17.05
C VAL D 530 12.83 -2.71 15.97
N ASP D 531 11.92 -1.95 15.36
CA ASP D 531 12.33 -0.99 14.33
C ASP D 531 13.30 0.06 14.89
N TYR D 532 13.16 0.40 16.17
CA TYR D 532 14.07 1.38 16.77
C TYR D 532 15.49 0.82 16.84
N LYS D 533 15.62 -0.40 17.37
CA LYS D 533 16.91 -1.08 17.37
C LYS D 533 17.46 -1.20 15.97
N ARG D 534 16.59 -1.48 15.00
CA ARG D 534 17.03 -1.60 13.61
C ARG D 534 17.60 -0.27 13.10
N SER D 535 16.94 0.84 13.41
CA SER D 535 17.43 2.14 12.98
C SER D 535 18.79 2.46 13.61
N ILE D 536 18.92 2.21 14.92
CA ILE D 536 20.20 2.47 15.57
C ILE D 536 21.29 1.58 14.99
N GLN D 537 20.96 0.32 14.73
CA GLN D 537 21.92 -0.61 14.14
C GLN D 537 22.34 -0.15 12.75
N ARG D 538 21.39 0.38 11.97
CA ARG D 538 21.72 0.85 10.63
C ARG D 538 22.63 2.07 10.67
N GLY D 539 22.38 2.99 11.61
CA GLY D 539 23.29 4.10 11.78
C GLY D 539 24.69 3.66 12.18
N ILE D 540 24.76 2.75 13.16
CA ILE D 540 26.06 2.23 13.58
C ILE D 540 26.74 1.52 12.43
N LEU D 541 25.97 0.84 11.58
CA LEU D 541 26.52 0.17 10.42
C LEU D 541 27.08 1.17 9.42
N LEU D 542 26.37 2.27 9.20
CA LEU D 542 26.91 3.32 8.34
C LEU D 542 28.27 3.80 8.86
N LEU D 543 28.36 4.01 10.17
CA LEU D 543 29.64 4.48 10.72
C LEU D 543 30.71 3.39 10.64
N SER D 544 30.35 2.14 10.90
CA SER D 544 31.32 1.06 11.02
C SER D 544 31.75 0.48 9.68
N ASN D 545 31.02 0.76 8.60
CA ASN D 545 31.46 0.35 7.28
C ASN D 545 32.63 1.18 6.78
N ARG D 546 33.05 2.19 7.53
CA ARG D 546 34.15 3.07 7.17
C ARG D 546 35.11 3.20 8.35
N LEU D 547 35.43 2.08 8.99
CA LEU D 547 36.31 2.11 10.16
C LEU D 547 37.73 2.54 9.77
N GLY D 548 38.26 1.96 8.69
CA GLY D 548 39.58 2.37 8.23
C GLY D 548 39.60 3.81 7.78
N GLN D 549 38.54 4.24 7.11
CA GLN D 549 38.44 5.64 6.70
C GLN D 549 38.39 6.56 7.91
N LEU D 550 37.71 6.14 8.98
CA LEU D 550 37.64 6.95 10.19
C LEU D 550 39.00 7.04 10.85
N VAL D 551 39.75 5.94 10.90
CA VAL D 551 41.10 5.98 11.44
C VAL D 551 41.96 6.93 10.63
N ASP D 552 41.88 6.83 9.31
CA ASP D 552 42.66 7.70 8.44
C ASP D 552 42.26 9.16 8.61
N LEU D 553 40.96 9.43 8.76
CA LEU D 553 40.49 10.79 8.95
C LEU D 553 41.00 11.37 10.28
N THR D 554 40.96 10.56 11.33
CA THR D 554 41.48 11.02 12.62
C THR D 554 42.96 11.35 12.52
N ARG D 555 43.73 10.47 11.88
CA ARG D 555 45.16 10.71 11.73
C ARG D 555 45.42 11.94 10.87
N LEU D 556 44.65 12.11 9.80
CA LEU D 556 44.82 13.26 8.91
C LEU D 556 44.51 14.55 9.63
N LEU D 557 43.42 14.58 10.40
CA LEU D 557 43.08 15.76 11.17
C LEU D 557 44.19 16.10 12.17
N ALA D 558 44.66 15.08 12.90
CA ALA D 558 45.71 15.33 13.87
C ALA D 558 46.98 15.83 13.22
N TYR D 559 47.37 15.23 12.09
CA TYR D 559 48.60 15.64 11.42
C TYR D 559 48.49 17.06 10.89
N ASN D 560 47.37 17.38 10.24
CA ASN D 560 47.21 18.74 9.73
C ASN D 560 47.21 19.74 10.87
N TYR D 561 46.54 19.41 11.97
CA TYR D 561 46.50 20.29 13.12
C TYR D 561 47.90 20.55 13.67
N GLU D 562 48.69 19.50 13.86
CA GLU D 562 50.02 19.71 14.45
C GLU D 562 50.96 20.41 13.48
N THR D 563 50.84 20.10 12.19
CA THR D 563 51.69 20.77 11.20
C THR D 563 51.40 22.26 11.14
N LEU D 564 50.12 22.63 11.15
CA LEU D 564 49.78 24.05 11.15
C LEU D 564 50.02 24.70 12.51
N MET D 565 50.03 23.91 13.58
CA MET D 565 50.33 24.42 14.91
C MET D 565 51.82 24.72 15.07
N ALA D 566 52.66 24.01 14.32
CA ALA D 566 54.08 24.35 14.29
C ALA D 566 54.32 25.76 13.77
N CYS D 567 53.37 26.34 13.03
CA CYS D 567 53.50 27.66 12.44
C CYS D 567 52.91 28.77 13.30
N ILE D 568 52.43 28.46 14.50
CA ILE D 568 51.86 29.46 15.40
C ILE D 568 52.97 30.02 16.27
N THR D 569 53.04 31.35 16.36
CA THR D 569 54.08 32.04 17.11
C THR D 569 53.61 32.54 18.47
N MET D 570 52.34 32.87 18.60
CA MET D 570 51.79 33.32 19.87
C MET D 570 51.20 32.15 20.64
N ASN D 571 51.26 32.25 21.97
CA ASN D 571 50.82 31.15 22.84
C ASN D 571 49.39 30.76 22.52
N MET D 572 49.16 29.45 22.40
CA MET D 572 47.82 28.92 22.19
C MET D 572 47.12 28.86 23.54
N GLN D 573 46.44 29.94 23.88
CA GLN D 573 45.77 30.06 25.17
C GLN D 573 44.37 29.50 25.06
N HIS D 574 44.08 28.45 25.82
CA HIS D 574 42.78 27.81 25.79
C HIS D 574 41.88 28.50 26.81
N VAL D 575 40.85 29.19 26.33
CA VAL D 575 39.88 29.86 27.18
C VAL D 575 38.62 30.08 26.37
N GLN D 576 37.47 29.77 26.96
CA GLN D 576 36.21 29.89 26.24
C GLN D 576 36.02 31.31 25.71
N THR D 577 35.62 31.41 24.46
CA THR D 577 35.47 32.71 23.80
C THR D 577 34.06 33.25 24.01
N LEU D 578 33.92 34.56 23.82
CA LEU D 578 32.62 35.20 23.96
C LEU D 578 31.63 34.63 22.96
N THR D 579 32.01 34.58 21.69
CA THR D 579 31.22 33.98 20.64
C THR D 579 31.87 32.68 20.18
N THR D 580 31.08 31.85 19.52
CA THR D 580 31.50 30.53 19.10
C THR D 580 31.33 30.38 17.59
N GLU D 581 32.06 29.43 17.04
CA GLU D 581 31.93 29.05 15.63
C GLU D 581 31.00 27.85 15.55
N LYS D 582 29.91 28.00 14.80
CA LYS D 582 28.91 26.94 14.73
C LYS D 582 29.41 25.79 13.88
N LEU D 583 29.24 24.57 14.39
CA LEU D 583 29.57 23.34 13.67
C LEU D 583 28.30 22.50 13.56
N GLN D 584 27.97 22.08 12.35
CA GLN D 584 26.81 21.25 12.09
C GLN D 584 27.22 19.79 12.08
N LEU D 585 26.50 18.95 12.82
CA LEU D 585 26.84 17.54 12.88
C LEU D 585 26.58 16.83 11.56
N THR D 586 25.70 17.38 10.71
CA THR D 586 25.57 16.84 9.37
C THR D 586 26.86 17.02 8.58
N SER D 587 27.60 18.10 8.85
CA SER D 587 28.92 18.27 8.23
C SER D 587 29.89 17.21 8.72
N VAL D 588 29.82 16.85 10.00
CA VAL D 588 30.65 15.76 10.52
C VAL D 588 30.28 14.45 9.83
N THR D 589 28.99 14.20 9.65
CA THR D 589 28.56 13.00 8.92
C THR D 589 29.08 13.02 7.49
N SER D 590 29.03 14.18 6.84
CA SER D 590 29.54 14.29 5.47
C SER D 590 31.02 13.98 5.42
N LEU D 591 31.79 14.52 6.36
CA LEU D 591 33.23 14.24 6.40
C LEU D 591 33.49 12.76 6.64
N CYS D 592 32.72 12.13 7.52
CA CYS D 592 32.93 10.71 7.79
C CYS D 592 32.55 9.84 6.60
N MET D 593 31.48 10.22 5.89
CA MET D 593 30.97 9.39 4.81
C MET D 593 31.66 9.61 3.47
N LEU D 594 32.26 10.79 3.26
CA LEU D 594 32.83 11.14 1.96
C LEU D 594 34.35 11.14 1.93
N ILE D 595 35.02 11.08 3.08
CA ILE D 595 36.47 11.09 3.08
C ILE D 595 36.98 9.86 2.34
N GLY D 596 37.94 10.08 1.44
CA GLY D 596 38.58 9.03 0.68
C GLY D 596 39.91 8.63 1.26
N ASN D 597 40.77 8.09 0.39
CA ASN D 597 42.10 7.66 0.78
C ASN D 597 43.18 8.66 0.38
N ALA D 598 42.80 9.84 -0.09
CA ALA D 598 43.75 10.83 -0.57
C ALA D 598 44.26 11.64 0.60
N THR D 599 45.53 11.47 0.96
CA THR D 599 46.12 12.28 2.01
C THR D 599 46.39 13.67 1.50
N VAL D 600 45.95 14.67 2.26
CA VAL D 600 46.20 16.08 1.97
C VAL D 600 46.92 16.68 3.16
N ILE D 601 48.09 17.25 2.92
CA ILE D 601 48.87 17.87 3.99
C ILE D 601 49.09 19.33 3.58
N PRO D 602 49.34 20.21 4.54
CA PRO D 602 49.56 21.62 4.19
C PRO D 602 50.76 21.77 3.27
N SER D 603 50.60 22.62 2.26
CA SER D 603 51.69 22.87 1.33
C SER D 603 52.83 23.58 2.04
N PRO D 604 54.08 23.32 1.66
CA PRO D 604 55.18 24.08 2.27
C PRO D 604 55.03 25.58 2.09
N GLN D 605 54.51 26.00 0.94
CA GLN D 605 54.28 27.42 0.71
C GLN D 605 53.14 27.93 1.57
N THR D 606 52.10 27.13 1.75
CA THR D 606 51.02 27.50 2.64
C THR D 606 51.51 27.60 4.09
N LEU D 607 52.35 26.66 4.51
CA LEU D 607 52.93 26.73 5.84
C LEU D 607 53.77 27.98 6.01
N PHE D 608 54.59 28.31 5.02
CA PHE D 608 55.41 29.51 5.09
C PHE D 608 54.54 30.76 5.14
N HIS D 609 53.47 30.80 4.36
CA HIS D 609 52.57 31.96 4.38
C HIS D 609 51.91 32.10 5.74
N TYR D 610 51.41 31.00 6.30
CA TYR D 610 50.79 31.04 7.62
C TYR D 610 51.78 31.51 8.67
N TYR D 611 53.00 30.98 8.64
CA TYR D 611 54.02 31.37 9.59
C TYR D 611 54.38 32.84 9.44
N ASN D 612 54.47 33.33 8.21
CA ASN D 612 54.82 34.72 7.98
C ASN D 612 53.72 35.66 8.47
N VAL D 613 52.46 35.30 8.24
CA VAL D 613 51.36 36.13 8.74
C VAL D 613 51.38 36.15 10.27
N ASN D 614 51.59 34.98 10.89
CA ASN D 614 51.66 34.94 12.34
C ASN D 614 52.81 35.78 12.86
N VAL D 615 53.98 35.69 12.22
CA VAL D 615 55.13 36.46 12.66
C VAL D 615 54.87 37.95 12.51
N ASN D 616 54.27 38.35 11.39
CA ASN D 616 53.97 39.76 11.18
C ASN D 616 53.03 40.28 12.26
N PHE D 617 51.98 39.52 12.56
CA PHE D 617 51.06 39.95 13.60
C PHE D 617 51.74 40.04 14.96
N HIS D 618 52.54 39.02 15.30
CA HIS D 618 53.23 39.02 16.59
C HIS D 618 54.19 40.20 16.71
N SER D 619 54.96 40.46 15.65
CA SER D 619 55.92 41.56 15.68
C SER D 619 55.23 42.90 15.76
N ASN D 620 54.16 43.09 14.98
CA ASN D 620 53.42 44.34 15.06
C ASN D 620 52.84 44.54 16.45
N TYR D 621 52.28 43.47 17.03
CA TYR D 621 51.74 43.54 18.38
C TYR D 621 52.82 43.98 19.38
N ASN D 622 53.98 43.33 19.32
CA ASN D 622 55.04 43.66 20.26
C ASN D 622 55.57 45.07 20.06
N GLU D 623 55.74 45.50 18.81
CA GLU D 623 56.26 46.83 18.53
C GLU D 623 55.29 47.91 18.98
N ARG D 624 53.99 47.71 18.75
CA ARG D 624 53.01 48.68 19.22
C ARG D 624 52.95 48.70 20.74
N ILE D 625 53.08 47.54 21.38
CA ILE D 625 53.17 47.50 22.84
C ILE D 625 54.36 48.33 23.29
N ASN D 626 55.50 48.17 22.63
CA ASN D 626 56.70 48.90 23.02
C ASN D 626 56.49 50.40 22.87
N ASP D 627 55.89 50.82 21.77
CA ASP D 627 55.63 52.26 21.56
C ASP D 627 54.70 52.79 22.64
N ALA D 628 53.60 52.08 22.92
CA ALA D 628 52.65 52.56 23.91
C ALA D 628 53.29 52.63 25.29
N VAL D 629 54.05 51.60 25.67
CA VAL D 629 54.69 51.58 26.97
C VAL D 629 55.70 52.71 27.09
N ALA D 630 56.47 52.95 26.03
CA ALA D 630 57.45 54.02 26.06
C ALA D 630 56.78 55.36 26.26
N ILE D 631 55.71 55.62 25.51
CA ILE D 631 55.03 56.91 25.64
C ILE D 631 54.42 57.06 27.02
N ILE D 632 53.78 56.01 27.53
CA ILE D 632 53.12 56.10 28.84
C ILE D 632 54.15 56.34 29.94
N THR D 633 55.26 55.59 29.90
CA THR D 633 56.30 55.76 30.91
C THR D 633 56.92 57.15 30.82
N ALA D 634 57.16 57.64 29.60
CA ALA D 634 57.73 58.98 29.45
C ALA D 634 56.79 60.05 29.98
N ALA D 635 55.49 59.90 29.70
CA ALA D 635 54.51 60.86 30.21
C ALA D 635 54.47 60.85 31.72
N ASN D 636 54.56 59.67 32.33
CA ASN D 636 54.59 59.61 33.79
C ASN D 636 55.87 60.23 34.34
N ARG D 637 57.02 59.95 33.72
CA ARG D 637 58.28 60.50 34.20
C ARG D 637 58.31 62.02 34.06
N LEU D 638 57.63 62.56 33.06
CA LEU D 638 57.64 64.00 32.81
C LEU D 638 56.54 64.74 33.57
N ASN D 639 55.79 64.05 34.42
CA ASN D 639 54.79 64.70 35.28
C ASN D 639 53.74 65.42 34.45
N LEU D 640 53.27 64.78 33.39
CA LEU D 640 52.20 65.33 32.56
C LEU D 640 50.85 64.89 33.14
N TYR D 641 50.56 65.44 34.33
CA TYR D 641 49.37 65.02 35.07
C TYR D 641 48.10 65.37 34.32
N GLN D 642 48.06 66.52 33.66
CA GLN D 642 46.85 66.93 32.93
C GLN D 642 46.58 66.07 31.72
N LYS D 643 47.53 65.23 31.30
CA LYS D 643 47.38 64.47 30.07
C LYS D 643 46.51 63.24 30.30
N LYS D 644 45.49 63.08 29.47
CA LYS D 644 44.71 61.86 29.42
C LYS D 644 45.33 60.92 28.40
N MET D 645 45.55 59.67 28.80
CA MET D 645 46.30 58.71 28.01
C MET D 645 45.42 57.87 27.10
N LYS D 646 44.12 58.17 27.02
CA LYS D 646 43.23 57.36 26.18
C LYS D 646 43.66 57.39 24.72
N SER D 647 44.21 58.52 24.26
CA SER D 647 44.63 58.62 22.86
C SER D 647 45.75 57.64 22.55
N ILE D 648 46.68 57.45 23.50
CA ILE D 648 47.78 56.53 23.29
C ILE D 648 47.25 55.11 23.05
N VAL D 649 46.35 54.66 23.91
CA VAL D 649 45.81 53.30 23.79
C VAL D 649 44.93 53.20 22.55
N GLU D 650 44.20 54.27 22.22
CA GLU D 650 43.38 54.24 21.02
C GLU D 650 44.23 54.07 19.77
N ASP D 651 45.35 54.80 19.69
CA ASP D 651 46.26 54.64 18.56
C ASP D 651 46.93 53.27 18.57
N PHE D 652 47.24 52.76 19.76
CA PHE D 652 47.81 51.42 19.87
C PHE D 652 46.87 50.37 19.29
N LEU D 653 45.59 50.42 19.68
CA LEU D 653 44.61 49.48 19.16
C LEU D 653 44.37 49.69 17.67
N LYS D 654 44.39 50.94 17.21
CA LYS D 654 44.24 51.21 15.79
C LYS D 654 45.36 50.56 15.00
N ARG D 655 46.59 50.67 15.51
CA ARG D 655 47.74 50.11 14.81
C ARG D 655 47.79 48.59 14.91
N LEU D 656 47.15 47.99 15.91
CA LEU D 656 47.03 46.53 15.91
C LEU D 656 46.23 46.03 14.71
N GLN D 657 45.42 46.88 14.10
CA GLN D 657 44.83 46.72 12.76
C GLN D 657 43.71 45.70 12.68
N ILE D 658 43.40 44.98 13.75
CA ILE D 658 42.33 43.98 13.73
C ILE D 658 41.15 44.36 14.61
N PHE D 659 41.25 45.43 15.39
CA PHE D 659 40.18 45.85 16.28
C PHE D 659 39.42 47.04 15.70
N ASP D 660 38.13 47.10 16.00
CA ASP D 660 37.29 48.24 15.65
C ASP D 660 37.20 49.12 16.90
N ILE D 661 38.00 50.18 16.92
CA ILE D 661 38.10 51.01 18.13
C ILE D 661 36.78 51.69 18.46
N SER D 662 35.87 51.79 17.50
CA SER D 662 34.55 52.36 17.75
C SER D 662 33.73 51.51 18.72
N ARG D 663 34.12 50.26 18.95
CA ARG D 663 33.39 49.36 19.85
C ARG D 663 34.19 49.04 21.11
N VAL D 664 35.21 49.83 21.42
CA VAL D 664 36.01 49.68 22.62
C VAL D 664 35.68 50.85 23.55
N PRO D 665 35.04 50.62 24.70
CA PRO D 665 34.77 51.73 25.62
C PRO D 665 36.04 52.26 26.25
N ASP D 666 35.92 53.45 26.84
CA ASP D 666 37.07 54.11 27.45
C ASP D 666 37.63 53.31 28.62
N ASP D 667 36.76 52.62 29.36
CA ASP D 667 37.22 51.87 30.52
C ASP D 667 38.15 50.74 30.11
N GLN D 668 37.84 50.06 28.99
CA GLN D 668 38.71 48.99 28.51
C GLN D 668 40.05 49.55 28.06
N MET D 669 40.04 50.72 27.42
CA MET D 669 41.29 51.36 27.03
C MET D 669 42.13 51.73 28.24
N TYR D 670 41.49 52.18 29.31
CA TYR D 670 42.25 52.54 30.50
C TYR D 670 42.74 51.31 31.26
N ARG D 671 42.01 50.21 31.20
CA ARG D 671 42.53 48.95 31.72
C ARG D 671 43.75 48.50 30.93
N LEU D 672 43.70 48.65 29.60
CA LEU D 672 44.87 48.37 28.79
C LEU D 672 46.03 49.28 29.17
N ARG D 673 45.74 50.55 29.43
CA ARG D 673 46.78 51.47 29.88
C ARG D 673 47.40 51.00 31.20
N ASP D 674 46.56 50.55 32.13
CA ASP D 674 47.07 50.07 33.41
C ASP D 674 47.97 48.86 33.22
N ARG D 675 47.57 47.92 32.35
CA ARG D 675 48.40 46.75 32.10
C ARG D 675 49.70 47.12 31.41
N LEU D 676 49.66 48.06 30.46
CA LEU D 676 50.87 48.49 29.78
C LEU D 676 51.81 49.22 30.72
N ARG D 677 51.27 49.97 31.67
CA ARG D 677 52.07 50.79 32.57
C ARG D 677 53.00 49.97 33.43
N LEU D 678 52.70 48.69 33.65
CA LEU D 678 53.53 47.84 34.49
C LEU D 678 54.65 47.15 33.73
N LEU D 679 54.72 47.32 32.42
CA LEU D 679 55.73 46.61 31.65
C LEU D 679 57.02 47.42 31.57
N PRO D 680 58.19 46.77 31.58
CA PRO D 680 59.43 47.50 31.36
C PRO D 680 59.51 48.06 29.95
N VAL D 681 60.19 49.19 29.82
CA VAL D 681 60.36 49.83 28.52
C VAL D 681 61.45 49.12 27.75
N GLU D 682 61.32 49.11 26.43
CA GLU D 682 62.33 48.49 25.58
C GLU D 682 63.67 49.20 25.76
N ILE D 683 64.75 48.43 25.60
CA ILE D 683 66.07 48.92 25.99
C ILE D 683 66.44 50.16 25.18
N ARG D 684 66.23 50.12 23.87
CA ARG D 684 66.62 51.26 23.03
C ARG D 684 65.77 52.49 23.34
N ARG D 685 64.46 52.31 23.42
CA ARG D 685 63.58 53.44 23.77
C ARG D 685 63.89 53.96 25.17
N LEU D 686 64.16 53.06 26.11
CA LEU D 686 64.47 53.48 27.47
C LEU D 686 65.75 54.29 27.51
N ASP D 687 66.77 53.87 26.78
CA ASP D 687 68.03 54.61 26.78
C ASP D 687 67.88 55.95 26.07
N ILE D 688 67.11 56.00 25.00
CA ILE D 688 66.86 57.28 24.33
C ILE D 688 66.16 58.23 25.28
N PHE D 689 65.16 57.75 26.01
CA PHE D 689 64.49 58.60 26.99
C PHE D 689 65.43 59.00 28.11
N ASN D 690 66.34 58.12 28.51
CA ASN D 690 67.32 58.48 29.53
C ASN D 690 68.19 59.62 29.05
N LEU D 691 68.65 59.56 27.80
CA LEU D 691 69.43 60.66 27.24
C LEU D 691 68.62 61.96 27.23
N ILE D 692 67.35 61.87 26.82
CA ILE D 692 66.53 63.08 26.74
C ILE D 692 66.32 63.66 28.13
N LEU D 693 66.04 62.82 29.13
CA LEU D 693 65.86 63.32 30.48
C LEU D 693 67.15 63.92 31.02
N MET D 694 68.29 63.32 30.66
CA MET D 694 69.58 63.82 31.10
C MET D 694 69.84 65.21 30.54
N ASN D 695 69.48 65.43 29.27
CA ASN D 695 69.89 66.63 28.56
C ASN D 695 68.78 67.66 28.36
N MET D 696 67.58 67.42 28.89
CA MET D 696 66.47 68.33 28.61
C MET D 696 66.65 69.66 29.31
N GLU D 697 67.23 69.68 30.50
CA GLU D 697 67.48 70.95 31.19
C GLU D 697 68.42 71.81 30.35
N GLN D 698 69.49 71.20 29.84
CA GLN D 698 70.45 71.93 29.02
C GLN D 698 69.83 72.37 27.70
N ILE D 699 68.97 71.53 27.11
CA ILE D 699 68.33 71.88 25.86
C ILE D 699 67.38 73.06 26.05
N GLU D 700 66.59 73.03 27.12
CA GLU D 700 65.65 74.11 27.38
C GLU D 700 66.37 75.40 27.72
N ARG D 701 67.45 75.31 28.51
CA ARG D 701 68.16 76.53 28.89
C ARG D 701 68.90 77.17 27.71
N ALA D 702 69.01 76.48 26.58
CA ALA D 702 69.62 77.06 25.39
C ALA D 702 68.67 77.91 24.58
N SER D 703 67.37 77.92 24.92
CA SER D 703 66.39 78.65 24.12
C SER D 703 66.58 80.15 24.25
N ASP D 704 66.41 80.86 23.13
CA ASP D 704 66.37 82.31 23.12
C ASP D 704 64.97 82.86 23.33
N LYS D 705 63.95 82.02 23.34
CA LYS D 705 62.57 82.48 23.44
C LYS D 705 62.07 82.56 24.87
N ILE D 706 62.55 81.66 25.75
CA ILE D 706 62.05 81.59 27.12
C ILE D 706 63.22 81.74 28.08
N ALA D 707 62.87 82.08 29.32
CA ALA D 707 63.82 82.15 30.42
C ALA D 707 63.31 81.26 31.54
N GLN D 708 64.22 80.88 32.43
CA GLN D 708 63.88 79.96 33.51
C GLN D 708 63.22 80.65 34.69
N GLY D 709 63.10 81.97 34.67
CA GLY D 709 62.45 82.68 35.75
C GLY D 709 62.94 84.12 35.80
N VAL D 710 62.46 84.81 36.83
CA VAL D 710 62.85 86.19 37.06
C VAL D 710 63.04 86.40 38.55
N ILE D 711 64.20 86.92 38.94
CA ILE D 711 64.46 87.31 40.32
C ILE D 711 64.07 88.77 40.48
N ILE D 712 63.08 89.02 41.33
CA ILE D 712 62.67 90.37 41.71
C ILE D 712 63.34 90.64 43.05
N ALA D 713 64.51 91.27 43.00
CA ALA D 713 65.13 91.87 44.17
C ALA D 713 64.78 93.36 44.20
N TYR D 714 65.08 93.99 45.32
CA TYR D 714 64.79 95.40 45.51
C TYR D 714 66.04 96.14 45.96
N ARG D 715 67.18 95.69 45.44
CA ARG D 715 68.46 96.36 45.64
C ARG D 715 69.19 96.42 44.30
N ASP D 716 70.04 97.42 44.15
CA ASP D 716 70.80 97.58 42.92
C ASP D 716 71.82 96.46 42.80
N MET D 717 71.76 95.72 41.71
CA MET D 717 72.70 94.64 41.42
C MET D 717 73.36 94.90 40.08
N GLN D 718 74.69 94.90 40.07
CA GLN D 718 75.42 95.20 38.85
C GLN D 718 75.10 94.18 37.77
N LEU D 719 74.88 94.67 36.55
CA LEU D 719 74.64 93.79 35.42
C LEU D 719 75.88 92.94 35.16
N GLU D 720 75.65 91.67 34.84
CA GLU D 720 76.75 90.76 34.59
C GLU D 720 77.38 91.03 33.23
N ARG D 721 78.68 90.74 33.13
CA ARG D 721 79.42 90.87 31.89
C ARG D 721 79.45 89.52 31.18
N ASP D 722 79.00 89.51 29.92
CA ASP D 722 79.00 88.28 29.13
C ASP D 722 79.22 88.67 27.68
N GLU D 723 80.31 88.18 27.08
CA GLU D 723 80.80 88.74 25.82
C GLU D 723 79.73 88.78 24.75
N MET D 724 78.80 87.82 24.73
CA MET D 724 77.77 87.79 23.70
C MET D 724 76.59 88.70 24.02
N TYR D 725 76.61 89.40 25.16
CA TYR D 725 75.56 90.34 25.52
C TYR D 725 76.07 91.73 25.88
N GLY D 726 77.33 91.87 26.26
CA GLY D 726 77.77 93.08 26.94
C GLY D 726 77.39 92.99 28.40
N TYR D 727 76.73 94.04 28.90
CA TYR D 727 76.12 94.02 30.22
C TYR D 727 74.71 93.46 30.10
N VAL D 728 74.38 92.49 30.95
CA VAL D 728 73.10 91.82 30.88
C VAL D 728 72.69 91.42 32.28
N ASN D 729 71.42 91.65 32.62
CA ASN D 729 70.89 91.32 33.94
C ASN D 729 70.45 89.86 34.00
N ILE D 730 71.42 88.97 33.78
CA ILE D 730 71.20 87.53 33.77
C ILE D 730 71.62 86.96 35.11
N ALA D 731 70.83 86.05 35.64
CA ALA D 731 71.16 85.32 36.87
C ALA D 731 71.51 83.89 36.50
N ARG D 732 72.69 83.44 36.90
CA ARG D 732 73.10 82.06 36.65
C ARG D 732 72.43 81.07 37.58
N ASN D 733 71.95 81.52 38.74
CA ASN D 733 71.31 80.63 39.70
C ASN D 733 70.37 81.47 40.56
N LEU D 734 69.50 80.76 41.29
CA LEU D 734 68.51 81.39 42.16
C LEU D 734 68.92 81.36 43.62
N ASP D 735 70.22 81.26 43.91
CA ASP D 735 70.68 81.20 45.29
C ASP D 735 70.34 82.49 46.02
N GLY D 736 69.87 82.35 47.26
CA GLY D 736 69.59 83.50 48.10
C GLY D 736 68.22 84.12 47.93
N PHE D 737 67.31 83.46 47.21
CA PHE D 737 65.98 84.01 46.96
C PHE D 737 64.94 82.92 47.19
N GLN D 738 63.83 83.31 47.82
CA GLN D 738 62.71 82.40 47.96
C GLN D 738 62.04 82.22 46.60
N GLN D 739 61.72 80.98 46.26
CA GLN D 739 61.23 80.63 44.93
C GLN D 739 59.73 80.41 44.97
N ILE D 740 59.02 81.08 44.08
CA ILE D 740 57.61 80.84 43.84
C ILE D 740 57.49 80.10 42.50
N ASN D 741 57.01 78.87 42.55
CA ASN D 741 56.82 78.07 41.34
C ASN D 741 55.60 78.58 40.58
N LEU D 742 55.82 79.05 39.35
CA LEU D 742 54.72 79.63 38.58
C LEU D 742 53.78 78.56 38.05
N GLU D 743 54.27 77.34 37.84
CA GLU D 743 53.38 76.26 37.42
C GLU D 743 52.38 75.93 38.52
N GLU D 744 52.85 75.83 39.77
CA GLU D 744 51.94 75.58 40.88
C GLU D 744 50.97 76.74 41.07
N LEU D 745 51.44 77.96 40.88
CA LEU D 745 50.56 79.12 41.00
C LEU D 745 49.48 79.10 39.92
N MET D 746 49.83 78.73 38.69
CA MET D 746 48.85 78.66 37.62
C MET D 746 47.89 77.50 37.82
N ARG D 747 48.34 76.40 38.43
CA ARG D 747 47.46 75.27 38.69
C ARG D 747 46.48 75.59 39.80
N THR D 748 46.98 76.02 40.96
CA THR D 748 46.11 76.24 42.10
C THR D 748 45.31 77.53 41.98
N GLY D 749 45.90 78.56 41.39
CA GLY D 749 45.21 79.82 41.22
C GLY D 749 45.18 80.72 42.44
N ASP D 750 45.88 80.35 43.51
CA ASP D 750 45.93 81.15 44.72
C ASP D 750 47.07 82.15 44.61
N TYR D 751 46.72 83.44 44.52
CA TYR D 751 47.71 84.51 44.34
C TYR D 751 47.94 85.29 45.63
N ALA D 752 47.51 84.77 46.78
CA ALA D 752 47.67 85.49 48.03
C ALA D 752 49.14 85.68 48.37
N GLN D 753 49.94 84.62 48.24
CA GLN D 753 51.35 84.70 48.64
C GLN D 753 52.11 85.64 47.71
N ILE D 754 51.95 85.47 46.39
CA ILE D 754 52.68 86.31 45.45
C ILE D 754 52.19 87.75 45.54
N THR D 755 50.88 87.94 45.75
CA THR D 755 50.36 89.30 45.90
C THR D 755 50.95 89.97 47.14
N ASN D 756 51.00 89.25 48.26
CA ASN D 756 51.58 89.82 49.47
C ASN D 756 53.06 90.13 49.28
N MET D 757 53.80 89.25 48.61
CA MET D 757 55.22 89.50 48.39
C MET D 757 55.43 90.72 47.48
N LEU D 758 54.64 90.83 46.41
CA LEU D 758 54.80 91.96 45.49
C LEU D 758 54.40 93.27 46.15
N LEU D 759 53.34 93.26 46.95
CA LEU D 759 52.90 94.49 47.62
C LEU D 759 53.93 94.95 48.65
N ASN D 760 54.53 94.00 49.37
CA ASN D 760 55.45 94.32 50.45
C ASN D 760 56.90 94.44 49.98
N ASN D 761 57.16 94.34 48.68
CA ASN D 761 58.50 94.46 48.13
C ASN D 761 59.45 93.45 48.78
N GLN D 762 58.97 92.22 48.92
CA GLN D 762 59.79 91.15 49.48
C GLN D 762 60.56 90.47 48.35
N PRO D 763 61.89 90.40 48.41
CA PRO D 763 62.63 89.77 47.31
C PRO D 763 62.18 88.34 47.08
N VAL D 764 62.05 87.98 45.80
CA VAL D 764 61.48 86.70 45.41
C VAL D 764 62.11 86.28 44.08
N ALA D 765 61.90 85.02 43.71
CA ALA D 765 62.28 84.50 42.40
C ALA D 765 61.09 83.73 41.85
N LEU D 766 60.47 84.25 40.79
CA LEU D 766 59.38 83.56 40.12
C LEU D 766 59.98 82.58 39.12
N VAL D 767 59.74 81.29 39.33
CA VAL D 767 60.43 80.22 38.61
C VAL D 767 59.45 79.57 37.65
N GLY D 768 59.87 79.44 36.40
CA GLY D 768 59.08 78.82 35.37
C GLY D 768 59.46 79.37 34.01
N ALA D 769 59.17 78.58 32.97
CA ALA D 769 59.46 78.99 31.61
C ALA D 769 58.71 80.27 31.28
N LEU D 770 59.45 81.36 31.06
CA LEU D 770 58.86 82.68 30.89
C LEU D 770 59.39 83.29 29.60
N PRO D 771 58.53 83.86 28.75
CA PRO D 771 59.04 84.72 27.68
C PRO D 771 59.51 86.06 28.24
N PHE D 772 60.47 86.67 27.55
CA PHE D 772 61.08 87.90 28.03
C PHE D 772 61.28 88.87 26.88
N ILE D 773 61.40 90.14 27.23
CA ILE D 773 61.65 91.21 26.28
C ILE D 773 63.13 91.58 26.36
N THR D 774 63.79 91.62 25.21
CA THR D 774 65.19 92.03 25.14
C THR D 774 65.22 93.53 24.84
N ASP D 775 65.65 94.31 25.83
CA ASP D 775 65.71 95.76 25.72
C ASP D 775 67.16 96.21 25.75
N SER D 776 67.58 96.90 24.69
CA SER D 776 68.96 97.36 24.56
C SER D 776 69.13 98.83 24.94
N SER D 777 68.08 99.49 25.41
CA SER D 777 68.15 100.91 25.72
C SER D 777 68.73 101.13 27.11
N VAL D 778 69.76 101.98 27.19
CA VAL D 778 70.33 102.34 28.48
C VAL D 778 69.37 103.21 29.27
N ILE D 779 68.64 104.09 28.59
CA ILE D 779 67.70 104.97 29.26
C ILE D 779 66.59 104.15 29.91
N SER D 780 66.12 103.11 29.22
CA SER D 780 65.10 102.24 29.79
C SER D 780 65.60 101.57 31.06
N LEU D 781 66.86 101.16 31.07
CA LEU D 781 67.44 100.59 32.29
C LEU D 781 67.50 101.64 33.39
N VAL D 782 67.91 102.86 33.06
CA VAL D 782 67.94 103.93 34.05
C VAL D 782 66.53 104.25 34.53
N ALA D 783 65.53 104.17 33.65
CA ALA D 783 64.15 104.38 34.03
C ALA D 783 63.60 103.27 34.91
N LYS D 784 64.32 102.15 35.05
CA LYS D 784 63.92 101.04 35.91
C LYS D 784 62.60 100.43 35.45
N LEU D 785 62.51 100.19 34.14
CA LEU D 785 61.28 99.63 33.59
C LEU D 785 61.14 98.16 33.90
N ASP D 786 62.25 97.43 34.06
CA ASP D 786 62.17 96.02 34.40
C ASP D 786 61.45 95.77 35.72
N ALA D 787 61.40 96.78 36.60
CA ALA D 787 60.73 96.66 37.88
C ALA D 787 59.26 97.06 37.82
N THR D 788 58.76 97.38 36.62
CA THR D 788 57.38 97.84 36.46
C THR D 788 56.50 96.82 35.76
N VAL D 789 56.93 95.56 35.66
CA VAL D 789 56.22 94.55 34.88
C VAL D 789 55.48 93.55 35.76
N PHE D 790 55.44 93.75 37.08
CA PHE D 790 54.86 92.79 38.00
C PHE D 790 53.58 93.27 38.67
N ALA D 791 53.24 94.55 38.52
CA ALA D 791 51.99 95.04 39.09
C ALA D 791 50.78 94.42 38.40
N GLN D 792 50.95 93.99 37.14
CA GLN D 792 49.84 93.33 36.45
C GLN D 792 49.47 92.01 37.11
N ILE D 793 50.42 91.35 37.77
CA ILE D 793 50.11 90.12 38.48
C ILE D 793 49.11 90.40 39.60
N VAL D 794 49.35 91.46 40.36
CA VAL D 794 48.41 91.82 41.43
C VAL D 794 47.10 92.32 40.84
N LYS D 795 47.17 93.10 39.76
CA LYS D 795 45.97 93.69 39.19
C LYS D 795 45.02 92.62 38.64
N LEU D 796 45.56 91.64 37.91
CA LEU D 796 44.75 90.68 37.18
C LEU D 796 44.84 89.26 37.73
N ARG D 797 45.78 88.99 38.63
CA ARG D 797 45.97 87.64 39.18
C ARG D 797 46.25 86.64 38.06
N LYS D 798 47.16 87.01 37.18
CA LYS D 798 47.63 86.15 36.11
C LYS D 798 49.15 86.25 36.03
N VAL D 799 49.79 85.15 35.64
CA VAL D 799 51.24 85.13 35.46
C VAL D 799 51.58 84.65 34.05
N ASP D 800 50.59 84.08 33.35
CA ASP D 800 50.84 83.64 31.97
C ASP D 800 51.21 84.81 31.08
N THR D 801 50.76 86.02 31.41
CA THR D 801 51.09 87.22 30.66
C THR D 801 52.38 87.88 31.13
N LEU D 802 53.03 87.33 32.16
CA LEU D 802 54.27 87.89 32.67
C LEU D 802 55.36 87.82 31.62
N LYS D 803 56.13 88.90 31.50
CA LYS D 803 57.18 89.01 30.48
C LYS D 803 58.29 89.90 31.01
N PRO D 804 59.23 89.34 31.77
CA PRO D 804 60.28 90.17 32.36
C PRO D 804 61.20 90.76 31.29
N ILE D 805 61.81 91.87 31.65
CA ILE D 805 62.70 92.61 30.75
C ILE D 805 64.11 92.09 30.90
N LEU D 806 64.74 91.77 29.76
CA LEU D 806 66.14 91.39 29.70
C LEU D 806 66.91 92.56 29.08
N TYR D 807 67.88 93.09 29.83
CA TYR D 807 68.68 94.20 29.35
C TYR D 807 69.93 93.70 28.65
N LYS D 808 70.26 94.35 27.53
CA LYS D 808 71.43 94.01 26.71
C LYS D 808 72.12 95.32 26.37
N ILE D 809 73.03 95.75 27.24
CA ILE D 809 73.70 97.03 27.11
C ILE D 809 75.08 96.82 26.53
N ASN D 810 75.36 97.49 25.41
CA ASN D 810 76.65 97.41 24.74
C ASN D 810 76.71 98.56 23.74
N SER D 811 77.81 98.62 22.98
CA SER D 811 78.03 99.74 22.08
C SER D 811 76.98 99.83 20.98
N ASP D 812 76.20 98.77 20.75
CA ASP D 812 75.08 98.84 19.82
C ASP D 812 73.89 99.58 20.41
N SER D 813 73.87 99.79 21.73
CA SER D 813 72.84 100.61 22.34
C SER D 813 73.00 102.07 21.92
N ASN D 814 71.87 102.73 21.68
CA ASN D 814 71.91 104.11 21.20
C ASN D 814 72.55 105.04 22.23
N ASP D 815 72.22 104.86 23.51
CA ASP D 815 72.70 105.73 24.57
C ASP D 815 73.90 105.15 25.32
N PHE D 816 74.70 104.33 24.64
CA PHE D 816 75.82 103.67 25.30
C PHE D 816 76.87 104.64 25.82
N TYR D 817 76.89 105.89 25.33
CA TYR D 817 77.89 106.84 25.81
C TYR D 817 77.78 107.04 27.31
N LEU D 818 76.58 106.94 27.87
CA LEU D 818 76.41 107.05 29.31
C LEU D 818 77.27 106.01 30.03
N VAL D 819 77.32 104.79 29.51
CA VAL D 819 78.20 103.78 30.08
C VAL D 819 79.66 104.18 29.91
N ALA D 820 80.01 104.68 28.73
CA ALA D 820 81.41 104.96 28.43
C ALA D 820 81.89 106.24 29.09
N ASN D 821 81.05 107.28 29.13
CA ASN D 821 81.48 108.60 29.56
C ASN D 821 81.45 108.81 31.06
N TYR D 822 80.95 107.83 31.83
CA TYR D 822 80.81 108.00 33.28
C TYR D 822 81.38 106.83 34.06
N ASP D 823 82.23 106.02 33.44
CA ASP D 823 82.83 104.84 34.05
C ASP D 823 81.82 104.11 34.93
N TRP D 824 80.63 103.92 34.37
CA TRP D 824 79.46 103.47 35.11
C TRP D 824 79.18 102.00 34.78
N VAL D 825 79.07 101.19 35.82
CA VAL D 825 78.66 99.79 35.68
C VAL D 825 77.14 99.75 35.82
N PRO D 826 76.40 99.35 34.79
CA PRO D 826 74.94 99.35 34.91
C PRO D 826 74.46 98.44 36.02
N THR D 827 73.39 98.87 36.69
CA THR D 827 72.77 98.12 37.77
C THR D 827 71.28 98.00 37.51
N SER D 828 70.68 96.97 38.08
CA SER D 828 69.24 96.73 37.92
C SER D 828 68.72 96.09 39.19
N THR D 829 67.41 96.26 39.41
CA THR D 829 66.74 95.64 40.55
C THR D 829 66.15 94.29 40.23
N THR D 830 66.15 93.87 38.97
CA THR D 830 65.57 92.60 38.56
C THR D 830 66.57 91.86 37.67
N LYS D 831 66.57 90.54 37.79
CA LYS D 831 67.44 89.69 36.97
C LYS D 831 66.60 88.64 36.28
N VAL D 832 67.06 88.20 35.12
CA VAL D 832 66.40 87.14 34.35
C VAL D 832 67.19 85.87 34.56
N TYR D 833 66.55 84.87 35.16
CA TYR D 833 67.19 83.58 35.38
C TYR D 833 67.38 82.90 34.02
N LYS D 834 68.61 82.91 33.53
CA LYS D 834 68.90 82.50 32.16
C LYS D 834 70.35 82.08 32.09
N GLN D 835 70.63 81.15 31.18
CA GLN D 835 71.99 80.70 30.92
C GLN D 835 72.51 81.35 29.65
N ILE D 836 73.84 81.43 29.54
CA ILE D 836 74.47 82.02 28.37
C ILE D 836 74.87 80.90 27.42
N PRO D 837 74.86 81.13 26.11
CA PRO D 837 75.17 80.05 25.18
C PRO D 837 76.61 79.57 25.32
N GLN D 838 76.80 78.29 25.04
CA GLN D 838 78.13 77.69 25.07
C GLN D 838 78.88 77.99 23.78
N GLN D 839 80.15 78.35 23.92
CA GLN D 839 80.97 78.65 22.75
C GLN D 839 81.12 77.41 21.88
N PHE D 840 81.14 77.63 20.57
CA PHE D 840 81.39 76.55 19.62
C PHE D 840 82.89 76.36 19.49
N ASP D 841 83.38 75.20 19.93
CA ASP D 841 84.78 74.83 19.80
C ASP D 841 84.88 73.80 18.68
N PHE D 842 85.47 74.19 17.55
CA PHE D 842 85.47 73.33 16.38
C PHE D 842 86.23 72.04 16.65
N ARG D 843 87.40 72.12 17.29
CA ARG D 843 88.18 70.92 17.54
C ARG D 843 87.46 69.98 18.50
N ALA D 844 86.92 70.52 19.59
CA ALA D 844 86.23 69.69 20.57
C ALA D 844 84.95 69.08 20.01
N SER D 845 84.36 69.69 18.99
CA SER D 845 83.13 69.21 18.40
C SER D 845 83.35 68.19 17.30
N MET D 846 84.59 67.84 16.99
CA MET D 846 84.88 66.86 15.95
C MET D 846 84.90 65.47 16.55
N HIS D 847 84.03 64.60 16.03
CA HIS D 847 83.94 63.21 16.46
C HIS D 847 84.04 62.31 15.24
N MET D 848 84.74 61.19 15.40
CA MET D 848 84.88 60.22 14.32
C MET D 848 83.76 59.21 14.47
N LEU D 849 82.72 59.34 13.64
CA LEU D 849 81.62 58.40 13.66
C LEU D 849 82.01 57.14 12.89
N THR D 850 81.83 55.99 13.52
CA THR D 850 82.23 54.71 12.96
C THR D 850 81.00 53.89 12.60
N SER D 851 81.06 53.20 11.47
CA SER D 851 79.99 52.31 11.06
C SER D 851 80.56 51.24 10.15
N ASN D 852 79.70 50.33 9.72
CA ASN D 852 80.10 49.35 8.71
C ASN D 852 80.21 50.03 7.36
N LEU D 853 81.21 49.62 6.57
CA LEU D 853 81.41 50.23 5.27
C LEU D 853 80.22 49.99 4.36
N THR D 854 79.71 48.76 4.34
CA THR D 854 78.54 48.46 3.53
C THR D 854 78.03 47.07 3.89
N PHE D 855 76.71 46.92 3.91
CA PHE D 855 76.08 45.62 4.01
C PHE D 855 74.73 45.69 3.31
N THR D 856 74.09 44.53 3.16
CA THR D 856 72.80 44.41 2.52
C THR D 856 71.81 43.81 3.52
N VAL D 857 70.62 44.40 3.59
CA VAL D 857 69.58 43.96 4.52
C VAL D 857 68.51 43.22 3.73
N TYR D 858 68.09 42.08 4.25
CA TYR D 858 67.07 41.24 3.62
C TYR D 858 65.86 41.15 4.53
N SER D 859 64.68 41.06 3.92
CA SER D 859 63.41 41.12 4.65
C SER D 859 62.79 39.75 4.85
N ASP D 860 62.56 39.01 3.76
CA ASP D 860 61.88 37.72 3.81
C ASP D 860 62.92 36.62 3.66
N LEU D 861 63.25 35.97 4.77
CA LEU D 861 64.23 34.88 4.73
C LEU D 861 63.68 33.68 3.96
N LEU D 862 62.40 33.37 4.16
CA LEU D 862 61.82 32.21 3.48
C LEU D 862 61.75 32.39 1.97
N ALA D 863 61.97 33.61 1.47
CA ALA D 863 62.12 33.79 0.04
C ALA D 863 63.27 32.96 -0.52
N PHE D 864 64.31 32.74 0.29
CA PHE D 864 65.48 31.99 -0.15
C PHE D 864 65.33 30.49 0.01
N VAL D 865 64.20 30.03 0.54
CA VAL D 865 63.95 28.60 0.76
C VAL D 865 62.87 28.16 -0.21
N SER D 866 63.18 27.16 -1.03
CA SER D 866 62.20 26.51 -1.88
C SER D 866 61.88 25.15 -1.28
N ALA D 867 60.61 24.92 -0.95
CA ALA D 867 60.19 23.73 -0.24
C ALA D 867 59.16 22.98 -1.06
N ASP D 868 59.27 21.65 -1.05
CA ASP D 868 58.29 20.78 -1.68
C ASP D 868 57.91 19.68 -0.70
N THR D 869 56.87 18.93 -1.06
CA THR D 869 56.37 17.84 -0.24
C THR D 869 56.59 16.51 -0.94
N VAL D 870 56.71 15.46 -0.13
CA VAL D 870 56.84 14.10 -0.66
C VAL D 870 55.50 13.72 -1.26
N GLU D 871 55.47 12.60 -1.98
CA GLU D 871 54.22 12.11 -2.54
C GLU D 871 53.22 11.90 -1.39
N PRO D 872 52.00 12.47 -1.48
CA PRO D 872 51.07 12.33 -0.35
C PRO D 872 50.75 10.89 0.00
N ILE D 873 50.83 9.96 -0.96
CA ILE D 873 50.57 8.56 -0.66
C ILE D 873 51.58 8.02 0.34
N ASN D 874 52.76 8.64 0.41
CA ASN D 874 53.84 8.20 1.28
C ASN D 874 54.09 9.17 2.44
N ALA D 875 53.17 10.09 2.70
CA ALA D 875 53.32 11.02 3.81
C ALA D 875 53.08 10.28 5.12
N VAL D 876 54.03 10.40 6.04
CA VAL D 876 53.99 9.66 7.29
C VAL D 876 53.56 10.59 8.41
N ALA D 877 53.11 10.00 9.51
CA ALA D 877 52.71 10.72 10.71
C ALA D 877 53.83 10.62 11.75
N PHE D 878 53.54 11.09 12.97
CA PHE D 878 54.55 11.10 14.02
C PHE D 878 55.02 9.70 14.38
N ASP D 879 54.22 8.67 14.11
CA ASP D 879 54.56 7.30 14.45
C ASP D 879 55.24 6.56 13.30
N ASN D 880 55.73 7.30 12.30
CA ASN D 880 56.47 6.76 11.16
C ASN D 880 55.61 5.93 10.22
N MET D 881 54.29 5.91 10.42
CA MET D 881 53.37 5.24 9.52
C MET D 881 52.65 6.25 8.65
N ARG D 882 52.20 5.77 7.50
CA ARG D 882 51.48 6.64 6.57
C ARG D 882 50.23 7.20 7.23
N ILE D 883 49.94 8.48 6.93
CA ILE D 883 48.81 9.14 7.56
C ILE D 883 47.52 8.42 7.21
N MET D 884 47.35 8.08 5.94
CA MET D 884 46.19 7.34 5.46
C MET D 884 46.66 6.02 4.86
N ASN D 885 45.97 4.94 5.19
CA ASN D 885 46.38 3.61 4.78
C ASN D 885 45.30 2.79 4.09
N GLU D 886 44.06 3.26 4.04
CA GLU D 886 43.00 2.50 3.38
C GLU D 886 43.32 2.34 1.90
N LEU D 887 42.92 1.21 1.33
CA LEU D 887 43.19 0.91 -0.07
C LEU D 887 42.73 2.04 -0.98
N VAL E 93 -43.05 55.48 -5.24
CA VAL E 93 -43.30 54.28 -4.45
C VAL E 93 -43.91 54.63 -3.10
N GLN E 94 -45.21 54.40 -2.98
CA GLN E 94 -45.93 54.63 -1.74
C GLN E 94 -45.92 53.38 -0.88
N TYR E 95 -45.83 53.57 0.43
CA TYR E 95 -45.74 52.47 1.38
C TYR E 95 -47.02 52.35 2.19
N GLU E 96 -47.34 51.13 2.58
CA GLU E 96 -48.44 50.84 3.49
C GLU E 96 -47.88 50.06 4.68
N ILE E 97 -48.17 50.52 5.89
CA ILE E 97 -47.66 49.91 7.11
C ILE E 97 -48.80 49.18 7.78
N LEU E 98 -48.66 47.86 7.92
CA LEU E 98 -49.63 47.02 8.61
C LEU E 98 -48.99 46.57 9.92
N GLN E 99 -49.52 47.06 11.03
CA GLN E 99 -49.02 46.70 12.35
C GLN E 99 -49.90 45.63 12.97
N LYS E 100 -49.29 44.80 13.82
CA LYS E 100 -49.99 43.76 14.54
C LYS E 100 -49.58 43.80 16.00
N THR E 101 -50.49 43.35 16.86
CA THR E 101 -50.24 43.29 18.30
C THR E 101 -49.57 41.96 18.62
N ILE E 102 -48.31 42.01 19.03
CA ILE E 102 -47.57 40.84 19.48
C ILE E 102 -47.56 40.85 21.00
N PRO E 103 -48.18 39.87 21.67
CA PRO E 103 -48.17 39.87 23.14
C PRO E 103 -46.75 39.88 23.68
N THR E 104 -46.55 40.65 24.74
CA THR E 104 -45.24 40.81 25.35
C THR E 104 -45.02 39.66 26.33
N PHE E 105 -44.06 38.79 26.01
CA PHE E 105 -43.62 37.78 26.95
C PHE E 105 -42.37 38.29 27.66
N GLU E 106 -42.42 38.31 28.99
CA GLU E 106 -41.33 38.82 29.82
C GLU E 106 -40.81 37.67 30.67
N PRO E 107 -39.78 36.96 30.22
CA PRO E 107 -39.19 35.92 31.07
C PRO E 107 -38.66 36.52 32.37
N LYS E 108 -38.86 35.79 33.46
CA LYS E 108 -38.29 36.21 34.73
C LYS E 108 -36.80 35.89 34.74
N GLU E 109 -35.98 36.90 35.02
CA GLU E 109 -34.54 36.72 34.95
C GLU E 109 -33.79 37.83 35.66
N SER E 110 -32.82 37.45 36.49
CA SER E 110 -31.88 38.40 37.07
C SER E 110 -30.68 38.57 36.15
N ILE E 111 -29.86 39.56 36.46
CA ILE E 111 -28.64 39.84 35.70
C ILE E 111 -27.48 39.25 36.49
N LEU E 112 -26.82 38.25 35.91
CA LEU E 112 -25.78 37.49 36.59
C LEU E 112 -24.41 37.99 36.14
N LYS E 113 -23.52 38.19 37.11
CA LYS E 113 -22.17 38.67 36.87
C LYS E 113 -21.19 37.53 37.07
N LYS E 114 -20.01 37.68 36.47
CA LYS E 114 -18.88 36.84 36.80
C LYS E 114 -18.21 37.37 38.07
N LEU E 115 -17.45 36.49 38.72
CA LEU E 115 -16.83 36.88 39.99
C LEU E 115 -15.93 38.09 39.82
N GLU E 116 -15.22 38.18 38.69
CA GLU E 116 -14.36 39.32 38.44
C GLU E 116 -15.15 40.60 38.20
N ASP E 117 -16.42 40.49 37.82
CA ASP E 117 -17.24 41.65 37.50
C ASP E 117 -18.00 42.20 38.70
N ILE E 118 -17.92 41.55 39.86
CA ILE E 118 -18.69 41.98 41.03
C ILE E 118 -17.98 43.15 41.68
N LYS E 119 -18.62 44.32 41.64
CA LYS E 119 -18.02 45.52 42.21
C LYS E 119 -18.11 45.48 43.74
N PRO E 120 -17.04 45.82 44.46
CA PRO E 120 -17.16 45.91 45.91
C PRO E 120 -18.19 46.95 46.32
N GLU E 121 -18.95 46.64 47.37
CA GLU E 121 -19.98 47.56 47.83
C GLU E 121 -19.35 48.84 48.35
N GLN E 122 -20.01 49.97 48.10
CA GLN E 122 -19.46 51.26 48.45
C GLN E 122 -19.37 51.43 49.96
N VAL E 123 -18.40 52.21 50.39
CA VAL E 123 -18.21 52.49 51.82
C VAL E 123 -19.24 53.51 52.26
N LYS E 124 -19.86 53.23 53.41
CA LYS E 124 -20.94 54.07 53.92
C LYS E 124 -20.37 55.28 54.63
N LYS E 125 -20.87 56.47 54.29
CA LYS E 125 -20.48 57.71 54.92
C LYS E 125 -21.73 58.46 55.37
N GLN E 126 -21.73 58.90 56.63
CA GLN E 126 -22.85 59.64 57.18
C GLN E 126 -22.65 61.13 56.95
N THR E 127 -23.67 61.77 56.38
CA THR E 127 -23.64 63.21 56.12
C THR E 127 -24.41 64.02 57.14
N LYS E 128 -25.42 63.45 57.79
CA LYS E 128 -26.18 64.14 58.81
C LYS E 128 -26.46 63.19 59.95
N LEU E 129 -26.74 63.76 61.12
CA LEU E 129 -27.06 62.96 62.29
C LEU E 129 -28.44 62.32 62.11
N PHE E 130 -28.53 61.02 62.39
CA PHE E 130 -29.81 60.35 62.36
C PHE E 130 -30.74 60.94 63.41
N ARG E 131 -31.99 61.22 63.01
CA ARG E 131 -32.94 61.86 63.89
C ARG E 131 -34.32 61.24 63.70
N ILE E 132 -34.99 60.95 64.81
CA ILE E 132 -36.37 60.48 64.80
C ILE E 132 -37.26 61.57 65.36
N PHE E 133 -36.69 62.41 66.23
CA PHE E 133 -37.43 63.47 66.90
C PHE E 133 -36.86 64.83 66.52
N GLU E 134 -37.67 65.86 66.71
CA GLU E 134 -37.26 67.24 66.55
C GLU E 134 -38.02 68.09 67.55
N PRO E 135 -37.49 69.24 67.94
CA PRO E 135 -38.23 70.14 68.83
C PRO E 135 -39.28 70.93 68.05
N ARG E 136 -40.47 71.06 68.63
CA ARG E 136 -41.57 71.80 68.03
C ARG E 136 -42.23 72.65 69.10
N GLN E 137 -42.62 73.86 68.73
CA GLN E 137 -43.24 74.80 69.66
C GLN E 137 -44.76 74.61 69.66
N LEU E 138 -45.33 74.49 70.85
CA LEU E 138 -46.75 74.31 71.03
C LEU E 138 -47.28 75.32 72.04
N PRO E 139 -48.54 75.72 71.93
CA PRO E 139 -49.14 76.54 72.99
C PRO E 139 -49.45 75.71 74.21
N VAL E 140 -49.18 76.28 75.38
CA VAL E 140 -49.44 75.63 76.66
C VAL E 140 -50.56 76.37 77.37
N TYR E 141 -51.23 75.66 78.27
CA TYR E 141 -52.43 76.17 78.93
C TYR E 141 -52.31 75.99 80.43
N ARG E 142 -52.96 76.88 81.17
CA ARG E 142 -52.94 76.82 82.62
C ARG E 142 -53.75 75.63 83.11
N ALA E 143 -53.76 75.44 84.44
CA ALA E 143 -54.46 74.31 85.02
C ALA E 143 -55.95 74.38 84.76
N ASN E 144 -56.50 75.58 84.61
CA ASN E 144 -57.92 75.76 84.32
C ASN E 144 -58.23 75.76 82.82
N GLY E 145 -57.24 75.51 81.98
CA GLY E 145 -57.43 75.51 80.54
C GLY E 145 -57.18 76.84 79.86
N GLU E 146 -56.87 77.89 80.61
CA GLU E 146 -56.54 79.17 80.01
C GLU E 146 -55.20 79.09 79.30
N LYS E 147 -55.13 79.70 78.12
CA LYS E 147 -53.88 79.69 77.36
C LYS E 147 -52.87 80.63 77.99
N GLU E 148 -51.64 80.15 78.16
CA GLU E 148 -50.57 80.97 78.68
C GLU E 148 -49.99 81.85 77.58
N LEU E 149 -49.31 82.92 77.99
CA LEU E 149 -48.72 83.83 77.02
C LEU E 149 -47.58 83.17 76.25
N ARG E 150 -46.75 82.39 76.93
CA ARG E 150 -45.58 81.80 76.32
C ARG E 150 -45.85 80.37 75.85
N ASN E 151 -45.18 79.99 74.77
CA ASN E 151 -45.27 78.64 74.24
C ASN E 151 -44.26 77.75 74.94
N ARG E 152 -44.17 76.50 74.50
CA ARG E 152 -43.22 75.56 75.08
C ARG E 152 -42.77 74.60 73.99
N TRP E 153 -41.51 74.17 74.09
CA TRP E 153 -40.93 73.25 73.12
C TRP E 153 -41.10 71.82 73.59
N TYR E 154 -41.45 70.94 72.65
CA TYR E 154 -41.67 69.53 72.93
C TYR E 154 -40.99 68.70 71.87
N TRP E 155 -40.72 67.44 72.21
CA TRP E 155 -40.17 66.50 71.26
C TRP E 155 -41.28 65.87 70.45
N LYS E 156 -41.20 65.98 69.13
CA LYS E 156 -42.19 65.40 68.23
C LYS E 156 -41.48 64.62 67.14
N LEU E 157 -42.12 63.55 66.67
CA LEU E 157 -41.55 62.75 65.60
C LEU E 157 -41.36 63.61 64.35
N LYS E 158 -40.17 63.52 63.75
CA LYS E 158 -39.92 64.23 62.50
C LYS E 158 -40.83 63.71 61.39
N ARG E 159 -40.97 62.39 61.28
CA ARG E 159 -41.83 61.74 60.31
C ARG E 159 -42.89 60.95 61.08
N ASP E 160 -44.05 61.58 61.30
CA ASP E 160 -45.16 60.92 61.99
C ASP E 160 -46.00 60.19 60.94
N THR E 161 -45.48 59.05 60.51
CA THR E 161 -46.13 58.19 59.51
C THR E 161 -46.29 56.78 60.07
N LEU E 162 -46.74 56.69 61.32
CA LEU E 162 -46.77 55.43 62.05
C LEU E 162 -48.14 54.80 61.92
N PRO E 163 -48.28 53.59 61.34
CA PRO E 163 -49.61 53.10 60.96
C PRO E 163 -50.48 52.70 62.13
N ASP E 164 -51.70 52.26 61.82
CA ASP E 164 -52.66 51.76 62.78
C ASP E 164 -52.59 50.24 62.84
N GLY E 165 -52.90 49.70 64.01
CA GLY E 165 -52.78 48.27 64.22
C GLY E 165 -51.42 47.90 64.77
N ASP E 166 -51.39 47.04 65.80
CA ASP E 166 -50.13 46.69 66.43
C ASP E 166 -49.21 45.94 65.48
N TYR E 167 -49.77 45.05 64.67
CA TYR E 167 -48.94 44.32 63.70
C TYR E 167 -48.30 45.27 62.71
N ASP E 168 -49.06 46.24 62.22
CA ASP E 168 -48.49 47.23 61.32
C ASP E 168 -47.45 48.10 62.02
N VAL E 169 -47.62 48.34 63.33
CA VAL E 169 -46.61 49.08 64.07
C VAL E 169 -45.31 48.29 64.13
N ARG E 170 -45.40 46.99 64.39
CA ARG E 170 -44.19 46.16 64.41
C ARG E 170 -43.54 46.09 63.04
N GLU E 171 -44.36 46.04 61.98
CA GLU E 171 -43.81 46.09 60.63
C GLU E 171 -43.12 47.44 60.38
N TYR E 172 -43.72 48.52 60.86
CA TYR E 172 -43.09 49.83 60.76
C TYR E 172 -41.74 49.84 61.44
N PHE E 173 -41.63 49.19 62.59
CA PHE E 173 -40.36 49.18 63.30
C PHE E 173 -39.34 48.25 62.64
N LEU E 174 -39.79 47.19 61.97
CA LEU E 174 -38.87 46.42 61.14
C LEU E 174 -38.32 47.28 60.00
N ASN E 175 -39.20 48.07 59.37
CA ASN E 175 -38.74 48.97 58.31
C ASN E 175 -37.79 50.03 58.86
N LEU E 176 -38.05 50.50 60.08
CA LEU E 176 -37.14 51.45 60.73
C LEU E 176 -35.79 50.81 61.00
N TYR E 177 -35.80 49.53 61.39
CA TYR E 177 -34.54 48.81 61.56
C TYR E 177 -33.77 48.75 60.26
N ASP E 178 -34.46 48.45 59.16
CA ASP E 178 -33.80 48.45 57.85
C ASP E 178 -33.23 49.83 57.53
N GLN E 179 -34.00 50.88 57.80
CA GLN E 179 -33.52 52.24 57.54
C GLN E 179 -32.27 52.55 58.35
N VAL E 180 -32.27 52.20 59.63
CA VAL E 180 -31.13 52.52 60.49
C VAL E 180 -29.91 51.71 60.05
N LEU E 181 -30.10 50.46 59.64
CA LEU E 181 -29.00 49.68 59.12
C LEU E 181 -28.43 50.33 57.85
N THR E 182 -29.32 50.83 56.99
CA THR E 182 -28.85 51.51 55.79
C THR E 182 -28.08 52.78 56.12
N GLU E 183 -28.55 53.52 57.12
CA GLU E 183 -27.92 54.80 57.47
C GLU E 183 -26.68 54.62 58.35
N MET E 184 -26.48 53.45 58.94
CA MET E 184 -25.33 53.25 59.81
C MET E 184 -24.06 53.32 58.98
N PRO E 185 -23.14 54.23 59.27
CA PRO E 185 -21.96 54.41 58.40
C PRO E 185 -20.85 53.41 58.73
N ASP E 186 -19.86 53.40 57.86
CA ASP E 186 -18.64 52.64 58.12
C ASP E 186 -17.61 53.45 58.89
N TYR E 187 -17.59 54.77 58.68
CA TYR E 187 -16.71 55.66 59.41
C TYR E 187 -17.33 57.05 59.44
N LEU E 188 -16.81 57.89 60.32
CA LEU E 188 -17.43 59.17 60.60
C LEU E 188 -16.36 60.22 60.88
N LEU E 189 -16.45 61.35 60.19
CA LEU E 189 -15.67 62.55 60.50
C LEU E 189 -16.65 63.68 60.73
N LEU E 190 -16.73 64.16 61.98
CA LEU E 190 -17.78 65.11 62.34
C LEU E 190 -17.57 66.49 61.74
N LYS E 191 -16.34 66.83 61.33
CA LYS E 191 -16.11 68.14 60.74
C LYS E 191 -16.85 68.32 59.43
N ASP E 192 -17.22 67.22 58.77
CA ASP E 192 -18.01 67.33 57.55
C ASP E 192 -19.41 67.88 57.85
N MET E 193 -20.00 67.46 58.96
CA MET E 193 -21.32 67.94 59.36
C MET E 193 -21.28 69.28 60.08
N ALA E 194 -20.10 69.71 60.51
CA ALA E 194 -20.02 70.90 61.36
C ALA E 194 -20.44 72.15 60.60
N VAL E 195 -21.25 72.99 61.25
CA VAL E 195 -21.70 74.25 60.70
C VAL E 195 -21.49 75.35 61.74
N GLU E 196 -21.48 76.58 61.26
CA GLU E 196 -21.27 77.72 62.14
C GLU E 196 -22.47 77.92 63.05
N ASN E 197 -22.21 78.06 64.34
CA ASN E 197 -23.23 78.49 65.31
C ASN E 197 -23.14 80.01 65.38
N LYS E 198 -24.10 80.68 64.72
CA LYS E 198 -24.01 82.13 64.57
C LYS E 198 -24.16 82.88 65.89
N ASN E 199 -24.61 82.22 66.94
CA ASN E 199 -24.78 82.84 68.25
C ASN E 199 -23.72 82.41 69.24
N SER E 200 -22.71 81.66 68.81
CA SER E 200 -21.63 81.26 69.69
C SER E 200 -20.77 82.46 70.05
N ARG E 201 -20.33 82.51 71.31
CA ARG E 201 -19.46 83.60 71.74
C ARG E 201 -18.16 83.61 70.94
N ASP E 202 -17.57 82.44 70.71
CA ASP E 202 -16.32 82.33 70.00
C ASP E 202 -16.51 82.07 68.50
N ALA E 203 -17.74 82.16 68.01
CA ALA E 203 -18.04 81.85 66.61
C ALA E 203 -17.61 80.43 66.26
N GLY E 204 -17.92 79.49 67.15
CA GLY E 204 -17.57 78.10 66.96
C GLY E 204 -18.56 77.37 66.08
N LYS E 205 -18.38 76.06 65.99
CA LYS E 205 -19.14 75.21 65.11
C LYS E 205 -19.88 74.14 65.91
N VAL E 206 -20.99 73.67 65.34
CA VAL E 206 -21.79 72.60 65.93
C VAL E 206 -22.16 71.61 64.82
N VAL E 207 -22.53 70.41 65.23
CA VAL E 207 -23.00 69.37 64.33
C VAL E 207 -24.40 68.95 64.76
N ASP E 208 -25.31 68.67 63.83
CA ASP E 208 -25.22 68.95 62.38
C ASP E 208 -25.91 70.28 62.09
N SER E 209 -26.18 70.55 60.81
CA SER E 209 -26.88 71.79 60.45
C SER E 209 -28.25 71.88 61.12
N GLU E 210 -28.89 70.75 61.39
CA GLU E 210 -30.19 70.78 62.03
C GLU E 210 -30.07 71.23 63.49
N THR E 211 -28.96 70.87 64.14
CA THR E 211 -28.66 71.43 65.46
C THR E 211 -28.55 72.94 65.39
N ALA E 212 -27.88 73.46 64.35
CA ALA E 212 -27.77 74.92 64.20
C ALA E 212 -29.13 75.55 63.97
N ALA E 213 -30.00 74.89 63.22
CA ALA E 213 -31.36 75.40 63.04
C ALA E 213 -32.09 75.50 64.37
N ILE E 214 -31.99 74.44 65.19
CA ILE E 214 -32.63 74.49 66.51
C ILE E 214 -32.02 75.60 67.35
N CYS E 215 -30.69 75.74 67.32
CA CYS E 215 -30.04 76.76 68.12
C CYS E 215 -30.51 78.15 67.74
N ASP E 216 -30.61 78.42 66.44
CA ASP E 216 -31.09 79.72 65.99
C ASP E 216 -32.54 79.93 66.42
N ALA E 217 -33.38 78.92 66.24
CA ALA E 217 -34.79 79.06 66.60
C ALA E 217 -34.96 79.37 68.09
N ILE E 218 -34.18 78.68 68.93
CA ILE E 218 -34.28 78.91 70.37
C ILE E 218 -33.72 80.27 70.74
N PHE E 219 -32.57 80.64 70.17
CA PHE E 219 -31.93 81.90 70.55
C PHE E 219 -32.79 83.10 70.15
N GLN E 220 -33.35 83.07 68.94
CA GLN E 220 -34.11 84.21 68.46
C GLN E 220 -35.50 84.31 69.08
N ASP E 221 -36.02 83.21 69.64
CA ASP E 221 -37.34 83.24 70.24
C ASP E 221 -37.36 84.17 71.45
N GLU E 222 -38.40 85.00 71.54
CA GLU E 222 -38.49 85.94 72.65
C GLU E 222 -38.77 85.23 73.96
N GLU E 223 -39.52 84.13 73.91
CA GLU E 223 -39.87 83.40 75.13
C GLU E 223 -38.70 82.63 75.72
N THR E 224 -37.57 82.54 75.02
CA THR E 224 -36.44 81.78 75.52
C THR E 224 -35.84 82.47 76.75
N GLU E 225 -35.48 81.66 77.74
CA GLU E 225 -34.84 82.18 78.94
C GLU E 225 -33.38 82.52 78.67
N GLY E 226 -32.90 83.55 79.37
CA GLY E 226 -31.54 84.02 79.15
C GLY E 226 -30.49 82.98 79.49
N VAL E 227 -30.82 82.04 80.38
CA VAL E 227 -29.88 80.97 80.69
C VAL E 227 -29.67 80.08 79.47
N VAL E 228 -30.74 79.80 78.73
CA VAL E 228 -30.61 79.01 77.51
C VAL E 228 -29.79 79.76 76.48
N ARG E 229 -29.95 81.08 76.41
CA ARG E 229 -29.15 81.86 75.47
C ARG E 229 -27.68 81.86 75.86
N ARG E 230 -27.38 81.97 77.15
CA ARG E 230 -26.00 81.80 77.60
C ARG E 230 -25.46 80.44 77.19
N PHE E 231 -26.25 79.39 77.40
CA PHE E 231 -25.82 78.04 77.06
C PHE E 231 -25.51 77.92 75.58
N ILE E 232 -26.37 78.49 74.72
CA ILE E 232 -26.12 78.47 73.29
C ILE E 232 -24.86 79.26 72.96
N ALA E 233 -24.65 80.39 73.64
CA ALA E 233 -23.44 81.18 73.42
C ALA E 233 -22.18 80.42 73.82
N GLU E 234 -22.28 79.45 74.73
CA GLU E 234 -21.13 78.67 75.15
C GLU E 234 -20.92 77.40 74.33
N MET E 235 -21.72 77.18 73.29
CA MET E 235 -21.64 75.96 72.49
C MET E 235 -20.59 76.12 71.41
N ARG E 236 -19.44 75.46 71.57
CA ARG E 236 -18.36 75.51 70.60
C ARG E 236 -17.66 74.16 70.55
N GLN E 237 -16.84 73.97 69.52
CA GLN E 237 -16.12 72.73 69.32
C GLN E 237 -14.75 72.79 69.99
N ARG E 238 -14.23 71.60 70.32
CA ARG E 238 -12.91 71.46 70.92
C ARG E 238 -12.07 70.52 70.07
N VAL E 239 -10.90 70.98 69.65
CA VAL E 239 -9.98 70.19 68.83
C VAL E 239 -8.79 69.78 69.68
N GLN E 240 -8.37 68.52 69.54
CA GLN E 240 -7.18 67.97 70.17
C GLN E 240 -6.35 67.38 69.05
N ALA E 241 -5.43 68.20 68.50
CA ALA E 241 -4.64 67.77 67.35
C ALA E 241 -3.72 66.61 67.71
N ASP E 242 -3.14 66.64 68.91
CA ASP E 242 -2.24 65.57 69.31
C ASP E 242 -2.97 64.23 69.35
N ARG E 243 -4.19 64.21 69.88
CA ARG E 243 -5.00 63.00 69.90
C ARG E 243 -5.74 62.77 68.59
N ASN E 244 -5.74 63.75 67.68
CA ASN E 244 -6.52 63.67 66.45
C ASN E 244 -7.99 63.45 66.78
N VAL E 245 -8.52 64.30 67.66
CA VAL E 245 -9.89 64.18 68.14
C VAL E 245 -10.57 65.54 68.03
N VAL E 246 -11.88 65.51 67.80
CA VAL E 246 -12.68 66.72 67.79
C VAL E 246 -14.01 66.42 68.46
N ASN E 247 -14.45 67.35 69.32
CA ASN E 247 -15.74 67.29 69.99
C ASN E 247 -16.59 68.44 69.48
N TYR E 248 -17.84 68.14 69.12
CA TYR E 248 -18.78 69.12 68.63
C TYR E 248 -20.06 69.10 69.47
N PRO E 249 -20.61 70.26 69.82
CA PRO E 249 -21.94 70.26 70.45
C PRO E 249 -23.00 69.82 69.47
N SER E 250 -24.03 69.14 70.00
CA SER E 250 -25.14 68.70 69.18
C SER E 250 -26.40 68.66 70.04
N ILE E 251 -27.53 69.02 69.42
CA ILE E 251 -28.83 68.93 70.07
C ILE E 251 -29.51 67.69 69.51
N LEU E 252 -29.75 66.71 70.38
CA LEU E 252 -30.30 65.42 69.96
C LEU E 252 -31.27 64.90 71.01
N HIS E 253 -32.32 64.25 70.54
CA HIS E 253 -33.20 63.51 71.44
C HIS E 253 -32.41 62.34 72.05
N PRO E 254 -32.74 61.90 73.26
CA PRO E 254 -31.98 60.80 73.86
C PRO E 254 -31.87 59.56 72.98
N ILE E 255 -32.93 59.19 72.26
CA ILE E 255 -32.86 58.06 71.34
C ILE E 255 -31.99 58.41 70.14
N ASP E 256 -32.15 59.63 69.62
CA ASP E 256 -31.28 60.09 68.53
C ASP E 256 -29.83 60.09 68.97
N HIS E 257 -29.57 60.58 70.19
CA HIS E 257 -28.21 60.56 70.71
C HIS E 257 -27.70 59.14 70.84
N ALA E 258 -28.55 58.21 71.30
CA ALA E 258 -28.12 56.83 71.43
C ALA E 258 -27.68 56.26 70.08
N PHE E 259 -28.50 56.45 69.05
CA PHE E 259 -28.16 55.92 67.74
C PHE E 259 -26.90 56.56 67.18
N ASN E 260 -26.81 57.89 67.23
CA ASN E 260 -25.66 58.58 66.67
C ASN E 260 -24.38 58.25 67.44
N GLU E 261 -24.48 58.14 68.76
CA GLU E 261 -23.33 57.77 69.58
C GLU E 261 -22.87 56.36 69.28
N TYR E 262 -23.81 55.43 69.06
CA TYR E 262 -23.40 54.09 68.65
C TYR E 262 -22.67 54.13 67.31
N PHE E 263 -23.20 54.90 66.35
CA PHE E 263 -22.52 55.03 65.07
C PHE E 263 -21.10 55.56 65.27
N LEU E 264 -20.95 56.61 66.09
CA LEU E 264 -19.65 57.21 66.28
C LEU E 264 -18.67 56.24 66.94
N GLN E 265 -19.12 55.50 67.94
CA GLN E 265 -18.24 54.67 68.74
C GLN E 265 -18.07 53.25 68.20
N HIS E 266 -18.74 52.90 67.11
CA HIS E 266 -18.64 51.56 66.52
C HIS E 266 -18.37 51.65 65.03
N GLN E 267 -17.39 52.46 64.65
CA GLN E 267 -16.99 52.59 63.26
C GLN E 267 -16.14 51.38 62.83
N LEU E 268 -16.08 51.16 61.52
CA LEU E 268 -15.42 49.99 60.97
C LEU E 268 -13.98 50.25 60.54
N VAL E 269 -13.59 51.50 60.32
CA VAL E 269 -12.22 51.78 59.89
C VAL E 269 -11.25 51.47 61.02
N GLU E 270 -10.00 51.26 60.64
CA GLU E 270 -8.94 50.97 61.59
C GLU E 270 -7.61 51.40 60.99
N PRO E 271 -6.57 51.59 61.81
CA PRO E 271 -5.32 52.15 61.29
C PRO E 271 -4.72 51.28 60.19
N LEU E 272 -4.10 51.95 59.22
CA LEU E 272 -3.45 51.31 58.09
C LEU E 272 -2.00 51.78 58.01
N ASN E 273 -1.09 50.85 57.72
CA ASN E 273 0.31 51.16 57.55
C ASN E 273 0.92 50.15 56.59
N ASN E 274 2.20 50.35 56.29
CA ASN E 274 2.88 49.48 55.32
C ASN E 274 2.91 48.04 55.80
N ASP E 275 3.13 47.84 57.11
CA ASP E 275 3.13 46.49 57.66
C ASP E 275 1.78 45.82 57.44
N ILE E 276 0.69 46.54 57.69
CA ILE E 276 -0.63 45.98 57.47
C ILE E 276 -0.84 45.67 55.98
N ILE E 277 -0.37 46.57 55.11
CA ILE E 277 -0.55 46.36 53.68
C ILE E 277 0.16 45.09 53.22
N PHE E 278 1.39 44.88 53.69
CA PHE E 278 2.09 43.66 53.31
C PHE E 278 1.45 42.42 53.94
N ASN E 279 1.03 42.51 55.21
CA ASN E 279 0.37 41.38 55.83
C ASN E 279 -0.93 41.04 55.13
N TYR E 280 -1.53 42.01 54.42
CA TYR E 280 -2.74 41.73 53.66
C TYR E 280 -2.47 40.75 52.53
N ILE E 281 -1.24 40.71 52.03
CA ILE E 281 -0.88 39.74 50.99
C ILE E 281 -0.94 38.35 51.59
N PRO E 282 -1.35 37.32 50.85
CA PRO E 282 -1.33 35.96 51.41
C PRO E 282 0.08 35.56 51.83
N GLU E 283 0.15 34.79 52.92
CA GLU E 283 1.44 34.47 53.51
C GLU E 283 2.29 33.64 52.54
N ARG E 284 1.69 32.67 51.86
CA ARG E 284 2.47 31.81 50.97
C ARG E 284 3.05 32.59 49.80
N ILE E 285 2.37 33.66 49.36
CA ILE E 285 2.94 34.50 48.31
C ILE E 285 4.13 35.29 48.85
N ARG E 286 4.00 35.82 50.07
CA ARG E 286 5.11 36.54 50.67
C ARG E 286 6.28 35.61 50.96
N ASN E 287 5.99 34.38 51.39
CA ASN E 287 7.04 33.41 51.70
C ASN E 287 7.68 32.84 50.44
N ASP E 288 7.08 33.05 49.27
CA ASP E 288 7.63 32.50 48.03
C ASP E 288 8.87 33.29 47.61
N VAL E 289 9.95 32.57 47.29
CA VAL E 289 11.17 33.23 46.85
C VAL E 289 11.12 33.66 45.39
N ASN E 290 10.09 33.25 44.65
CA ASN E 290 9.97 33.59 43.24
C ASN E 290 9.34 34.95 43.01
N TYR E 291 8.97 35.66 44.07
CA TYR E 291 8.28 36.94 43.96
C TYR E 291 9.00 37.98 44.80
N ILE E 292 9.14 39.18 44.25
CA ILE E 292 9.75 40.31 44.92
C ILE E 292 8.70 41.40 45.08
N LEU E 293 8.47 41.82 46.31
CA LEU E 293 7.43 42.79 46.64
C LEU E 293 8.08 44.11 47.03
N ASN E 294 7.52 45.21 46.55
CA ASN E 294 8.10 46.52 46.75
C ASN E 294 7.00 47.53 47.05
N MET E 295 7.37 48.61 47.73
CA MET E 295 6.48 49.73 47.97
C MET E 295 7.28 51.01 47.81
N ASP E 296 6.59 52.08 47.40
CA ASP E 296 7.21 53.38 47.22
C ASP E 296 6.46 54.48 47.96
N ARG E 297 5.67 54.12 48.96
CA ARG E 297 4.94 55.08 49.77
C ARG E 297 5.02 54.70 51.23
N ASN E 298 5.01 55.70 52.10
CA ASN E 298 4.91 55.52 53.54
C ASN E 298 3.52 56.02 53.94
N LEU E 299 2.62 55.09 54.22
CA LEU E 299 1.26 55.48 54.55
C LEU E 299 1.25 56.25 55.86
N PRO E 300 0.58 57.41 55.93
CA PRO E 300 0.63 58.22 57.15
C PRO E 300 -0.04 57.52 58.32
N SER E 301 0.27 58.01 59.52
CA SER E 301 -0.37 57.48 60.72
C SER E 301 -1.86 57.73 60.71
N THR E 302 -2.31 58.74 59.98
CA THR E 302 -3.72 59.09 59.91
C THR E 302 -4.47 58.35 58.80
N ALA E 303 -3.88 57.30 58.24
CA ALA E 303 -4.52 56.50 57.20
C ALA E 303 -5.35 55.38 57.83
N ARG E 304 -6.43 55.01 57.16
CA ARG E 304 -7.37 54.03 57.66
C ARG E 304 -7.78 53.07 56.55
N TYR E 305 -8.28 51.91 56.96
CA TYR E 305 -8.84 50.93 56.03
C TYR E 305 -9.89 50.11 56.76
N ILE E 306 -10.73 49.45 55.97
CA ILE E 306 -11.78 48.58 56.49
C ILE E 306 -11.44 47.15 56.11
N ARG E 307 -11.37 46.27 57.11
CA ARG E 307 -11.01 44.89 56.86
C ARG E 307 -12.17 44.16 56.18
N PRO E 308 -11.89 43.26 55.24
CA PRO E 308 -12.96 42.39 54.73
C PRO E 308 -13.38 41.37 55.77
N ASN E 309 -14.65 40.96 55.71
CA ASN E 309 -15.21 39.99 56.63
C ASN E 309 -15.06 38.61 56.01
N LEU E 310 -13.88 38.02 56.20
CA LEU E 310 -13.55 36.71 55.61
C LEU E 310 -13.85 35.56 56.57
N LEU E 311 -15.07 35.53 57.11
CA LEU E 311 -15.50 34.35 57.85
C LEU E 311 -15.81 33.22 56.89
N GLN E 312 -15.48 32.00 57.28
CA GLN E 312 -15.75 30.87 56.42
C GLN E 312 -17.24 30.61 56.35
N ASP E 313 -17.64 29.84 55.33
CA ASP E 313 -19.05 29.68 55.00
C ASP E 313 -19.86 29.20 56.20
N ARG E 314 -20.75 30.06 56.68
CA ARG E 314 -21.63 29.72 57.79
C ARG E 314 -22.86 28.94 57.34
N LEU E 315 -23.18 28.94 56.04
CA LEU E 315 -24.34 28.22 55.52
C LEU E 315 -24.00 26.82 55.03
N ASN E 316 -22.72 26.52 54.80
CA ASN E 316 -22.31 25.20 54.34
C ASN E 316 -23.06 24.80 53.07
N LEU E 317 -23.04 25.68 52.08
CA LEU E 317 -23.74 25.41 50.83
C LEU E 317 -23.14 24.21 50.09
N HIS E 318 -21.92 23.81 50.45
CA HIS E 318 -21.37 22.56 49.94
C HIS E 318 -22.09 21.33 50.49
N ASP E 319 -22.95 21.50 51.49
CA ASP E 319 -23.67 20.39 52.13
C ASP E 319 -25.16 20.55 51.87
N ASN E 320 -25.71 19.72 50.98
CA ASN E 320 -27.12 19.55 50.67
C ASN E 320 -27.70 20.69 49.83
N PHE E 321 -26.93 21.71 49.46
CA PHE E 321 -27.38 22.70 48.49
C PHE E 321 -26.65 22.48 47.16
N GLU E 322 -27.00 21.37 46.51
CA GLU E 322 -26.22 20.89 45.38
C GLU E 322 -26.30 21.84 44.19
N SER E 323 -27.48 22.42 43.92
CA SER E 323 -27.61 23.34 42.80
C SER E 323 -26.86 24.64 43.07
N LEU E 324 -27.04 25.21 44.26
CA LEU E 324 -26.32 26.43 44.60
C LEU E 324 -24.82 26.19 44.62
N TRP E 325 -24.39 25.03 45.14
CA TRP E 325 -22.98 24.69 45.14
C TRP E 325 -22.46 24.51 43.72
N ASP E 326 -23.28 23.95 42.83
CA ASP E 326 -22.87 23.81 41.44
C ASP E 326 -22.66 25.19 40.80
N THR E 327 -23.56 26.12 41.08
CA THR E 327 -23.39 27.48 40.57
C THR E 327 -22.12 28.12 41.13
N ILE E 328 -21.90 27.97 42.44
CA ILE E 328 -20.72 28.57 43.07
C ILE E 328 -19.45 27.99 42.49
N THR E 329 -19.41 26.67 42.32
CA THR E 329 -18.22 26.01 41.82
C THR E 329 -17.98 26.31 40.34
N THR E 330 -19.05 26.48 39.56
CA THR E 330 -18.88 26.90 38.17
C THR E 330 -18.32 28.31 38.10
N SER E 331 -18.82 29.21 38.94
CA SER E 331 -18.25 30.56 38.97
C SER E 331 -16.79 30.52 39.37
N ASN E 332 -16.45 29.72 40.38
CA ASN E 332 -15.05 29.60 40.80
C ASN E 332 -14.19 29.03 39.68
N TYR E 333 -14.71 28.03 38.95
CA TYR E 333 -13.97 27.43 37.85
C TYR E 333 -13.71 28.43 36.74
N ILE E 334 -14.72 29.22 36.38
CA ILE E 334 -14.53 30.23 35.35
C ILE E 334 -13.52 31.26 35.79
N LEU E 335 -13.60 31.69 37.06
CA LEU E 335 -12.62 32.65 37.57
C LEU E 335 -11.20 32.07 37.54
N ALA E 336 -11.06 30.81 37.94
CA ALA E 336 -9.74 30.19 37.96
C ALA E 336 -9.17 30.01 36.56
N ARG E 337 -10.02 29.69 35.58
CA ARG E 337 -9.54 29.55 34.22
C ARG E 337 -8.84 30.82 33.72
N SER E 338 -9.26 31.99 34.22
CA SER E 338 -8.72 33.25 33.76
C SER E 338 -7.37 33.59 34.39
N VAL E 339 -6.99 32.91 35.47
CA VAL E 339 -5.74 33.23 36.17
C VAL E 339 -4.68 32.16 35.98
N VAL E 340 -5.00 31.03 35.37
CA VAL E 340 -3.99 30.01 35.08
C VAL E 340 -3.13 30.55 33.95
N PRO E 341 -1.81 30.70 34.14
CA PRO E 341 -1.00 31.31 33.09
C PRO E 341 -0.98 30.46 31.82
N ASP E 342 -0.86 31.15 30.69
CA ASP E 342 -0.78 30.47 29.41
C ASP E 342 0.62 29.89 29.20
N LEU E 343 0.68 28.65 28.73
CA LEU E 343 1.96 28.00 28.48
C LEU E 343 2.68 28.72 27.35
N LYS E 344 3.93 29.08 27.59
CA LYS E 344 4.74 29.82 26.63
C LYS E 344 5.84 28.93 26.06
N GLU E 345 6.21 29.22 24.81
CA GLU E 345 7.31 28.53 24.15
C GLU E 345 7.15 27.02 24.19
N LEU E 346 5.97 26.57 23.79
CA LEU E 346 5.74 25.14 23.64
C LEU E 346 6.55 24.60 22.46
N VAL E 347 6.80 23.29 22.50
CA VAL E 347 7.45 22.65 21.37
C VAL E 347 6.59 22.85 20.12
N SER E 348 7.25 23.14 19.00
CA SER E 348 6.53 23.36 17.76
C SER E 348 5.70 22.13 17.42
N THR E 349 4.43 22.34 17.11
CA THR E 349 3.55 21.21 16.80
C THR E 349 4.03 20.48 15.55
N GLU E 350 4.54 21.22 14.57
CA GLU E 350 5.04 20.60 13.35
C GLU E 350 6.22 19.69 13.65
N ALA E 351 7.21 20.21 14.39
CA ALA E 351 8.41 19.42 14.68
C ALA E 351 8.06 18.20 15.53
N GLN E 352 7.23 18.39 16.56
CA GLN E 352 6.87 17.27 17.41
C GLN E 352 6.07 16.22 16.64
N ILE E 353 5.17 16.65 15.77
CA ILE E 353 4.37 15.71 15.00
C ILE E 353 5.25 14.95 14.02
N GLN E 354 6.23 15.62 13.41
CA GLN E 354 7.17 14.93 12.54
C GLN E 354 7.99 13.90 13.33
N LYS E 355 8.45 14.29 14.52
CA LYS E 355 9.21 13.36 15.34
C LYS E 355 8.37 12.15 15.73
N MET E 356 7.11 12.38 16.09
CA MET E 356 6.22 11.27 16.44
C MET E 356 5.97 10.38 15.23
N SER E 357 5.82 10.97 14.05
CA SER E 357 5.65 10.17 12.84
C SER E 357 6.86 9.30 12.59
N GLN E 358 8.06 9.84 12.77
CA GLN E 358 9.27 9.04 12.60
C GLN E 358 9.33 7.91 13.63
N ASP E 359 9.00 8.22 14.88
CA ASP E 359 9.08 7.21 15.93
C ASP E 359 8.06 6.09 15.72
N LEU E 360 6.85 6.45 15.29
CA LEU E 360 5.79 5.47 15.10
C LEU E 360 5.96 4.65 13.82
N GLN E 361 6.78 5.12 12.89
CA GLN E 361 7.01 4.43 11.62
C GLN E 361 5.69 4.15 10.92
N LEU E 362 4.92 5.21 10.69
CA LEU E 362 3.60 5.07 10.10
C LEU E 362 3.72 4.58 8.66
N GLU E 363 2.87 3.62 8.31
CA GLU E 363 2.83 3.04 6.97
C GLU E 363 1.55 3.48 6.27
N ALA E 364 1.70 3.96 5.04
CA ALA E 364 0.54 4.45 4.30
C ALA E 364 -0.38 3.31 3.89
N LEU E 365 0.20 2.14 3.58
CA LEU E 365 -0.59 1.03 3.06
C LEU E 365 -1.50 0.43 4.12
N THR E 366 -1.05 0.41 5.37
CA THR E 366 -1.72 -0.32 6.43
C THR E 366 -2.59 0.59 7.27
N ILE E 367 -3.69 0.05 7.77
CA ILE E 367 -4.49 0.70 8.80
C ILE E 367 -3.87 0.35 10.14
N GLN E 368 -3.49 1.36 10.91
CA GLN E 368 -2.75 1.16 12.15
C GLN E 368 -3.41 1.91 13.29
N SER E 369 -3.23 1.40 14.51
CA SER E 369 -3.65 2.12 15.69
C SER E 369 -2.76 3.34 15.94
N GLU E 370 -1.49 3.26 15.56
CA GLU E 370 -0.57 4.37 15.80
C GLU E 370 -0.99 5.63 15.06
N THR E 371 -1.73 5.48 13.95
CA THR E 371 -2.16 6.65 13.19
C THR E 371 -3.03 7.56 14.03
N GLN E 372 -3.81 6.99 14.94
CA GLN E 372 -4.66 7.82 15.81
C GLN E 372 -3.86 8.51 16.90
N PHE E 373 -2.62 8.10 17.14
CA PHE E 373 -1.84 8.70 18.22
C PHE E 373 -1.65 10.19 18.02
N LEU E 374 -1.60 10.64 16.77
CA LEU E 374 -1.37 12.04 16.46
C LEU E 374 -2.65 12.87 16.48
N THR E 375 -3.81 12.26 16.71
CA THR E 375 -5.07 12.98 16.63
C THR E 375 -5.16 14.04 17.72
N GLY E 376 -5.56 15.23 17.32
CA GLY E 376 -5.87 16.29 18.28
C GLY E 376 -4.70 16.77 19.10
N ILE E 377 -3.50 16.82 18.51
CA ILE E 377 -2.32 17.34 19.18
C ILE E 377 -2.05 18.74 18.64
N ASN E 378 -2.26 19.74 19.49
CA ASN E 378 -2.01 21.13 19.12
C ASN E 378 -1.79 21.93 20.39
N SER E 379 -1.20 23.12 20.22
CA SER E 379 -0.88 23.95 21.38
C SER E 379 -2.14 24.46 22.07
N GLN E 380 -3.20 24.73 21.30
CA GLN E 380 -4.46 25.15 21.90
C GLN E 380 -5.00 24.08 22.83
N ALA E 381 -4.93 22.81 22.41
CA ALA E 381 -5.39 21.72 23.26
C ALA E 381 -4.52 21.59 24.51
N ALA E 382 -3.22 21.79 24.39
CA ALA E 382 -2.34 21.73 25.54
C ALA E 382 -2.69 22.80 26.56
N ASN E 383 -2.89 24.04 26.08
CA ASN E 383 -3.28 25.12 26.99
C ASN E 383 -4.64 24.86 27.61
N ASP E 384 -5.57 24.30 26.82
CA ASP E 384 -6.88 23.97 27.36
C ASP E 384 -6.77 22.94 28.47
N CYS E 385 -5.93 21.92 28.28
CA CYS E 385 -5.76 20.90 29.32
C CYS E 385 -5.16 21.52 30.58
N PHE E 386 -4.11 22.33 30.43
CA PHE E 386 -3.49 22.98 31.58
C PHE E 386 -4.52 23.79 32.36
N LYS E 387 -5.25 24.66 31.66
CA LYS E 387 -6.24 25.51 32.31
C LYS E 387 -7.33 24.67 32.97
N THR E 388 -7.84 23.66 32.28
CA THR E 388 -8.91 22.84 32.81
C THR E 388 -8.46 22.15 34.09
N LEU E 389 -7.29 21.52 34.08
CA LEU E 389 -6.84 20.80 35.25
C LEU E 389 -6.65 21.73 36.43
N ILE E 390 -5.92 22.83 36.25
CA ILE E 390 -5.64 23.69 37.39
C ILE E 390 -6.91 24.35 37.89
N ALA E 391 -7.77 24.81 36.97
CA ALA E 391 -9.00 25.48 37.39
C ALA E 391 -9.95 24.51 38.10
N ALA E 392 -10.04 23.27 37.62
CA ALA E 392 -10.90 22.30 38.27
C ALA E 392 -10.39 21.95 39.67
N MET E 393 -9.07 21.79 39.81
CA MET E 393 -8.53 21.54 41.14
C MET E 393 -8.75 22.73 42.06
N LEU E 394 -8.60 23.95 41.54
CA LEU E 394 -8.77 25.14 42.37
C LEU E 394 -10.21 25.28 42.83
N SER E 395 -11.16 25.19 41.91
CA SER E 395 -12.57 25.31 42.25
C SER E 395 -13.15 24.01 42.80
N GLN E 396 -12.39 22.92 42.78
CA GLN E 396 -12.88 21.61 43.21
C GLN E 396 -14.14 21.25 42.44
N ARG E 397 -14.14 21.56 41.14
CA ARG E 397 -15.19 21.15 40.24
C ARG E 397 -14.85 19.78 39.68
N THR E 398 -15.83 18.88 39.67
CA THR E 398 -15.58 17.53 39.18
C THR E 398 -15.35 17.56 37.67
N MET E 399 -14.46 16.70 37.21
CA MET E 399 -14.12 16.58 35.80
C MET E 399 -14.67 15.28 35.24
N SER E 400 -14.85 15.27 33.92
CA SER E 400 -15.27 14.09 33.19
C SER E 400 -14.26 13.80 32.09
N LEU E 401 -13.90 12.53 31.93
CA LEU E 401 -12.90 12.12 30.97
C LEU E 401 -13.59 11.78 29.66
N ASP E 402 -13.15 12.43 28.58
CA ASP E 402 -13.67 12.19 27.24
C ASP E 402 -12.54 11.65 26.38
N PHE E 403 -12.72 10.44 25.86
CA PHE E 403 -11.67 9.81 25.06
C PHE E 403 -12.31 8.79 24.13
N VAL E 404 -11.54 8.41 23.11
CA VAL E 404 -11.92 7.35 22.18
C VAL E 404 -11.05 6.14 22.50
N THR E 405 -11.70 5.02 22.80
CA THR E 405 -10.96 3.83 23.22
C THR E 405 -10.00 3.34 22.15
N THR E 406 -10.26 3.65 20.88
CA THR E 406 -9.37 3.23 19.81
C THR E 406 -8.03 3.95 19.81
N ASN E 407 -7.90 5.06 20.54
CA ASN E 407 -6.67 5.81 20.64
C ASN E 407 -5.93 5.36 21.89
N TYR E 408 -4.85 4.61 21.70
CA TYR E 408 -4.06 4.10 22.82
C TYR E 408 -3.19 5.18 23.44
N MET E 409 -2.70 6.12 22.62
CA MET E 409 -1.94 7.24 23.17
C MET E 409 -2.77 8.02 24.16
N SER E 410 -4.08 8.14 23.91
CA SER E 410 -4.97 8.74 24.90
C SER E 410 -4.94 7.95 26.19
N LEU E 411 -4.86 6.62 26.10
CA LEU E 411 -4.82 5.81 27.31
C LEU E 411 -3.53 5.98 28.08
N ILE E 412 -2.40 6.14 27.38
CA ILE E 412 -1.14 6.37 28.08
C ILE E 412 -1.12 7.75 28.72
N SER E 413 -1.62 8.76 28.01
CA SER E 413 -1.79 10.07 28.62
C SER E 413 -2.72 10.01 29.82
N GLY E 414 -3.76 9.17 29.74
CA GLY E 414 -4.62 8.96 30.89
C GLY E 414 -3.93 8.29 32.05
N MET E 415 -3.01 7.38 31.76
CA MET E 415 -2.18 6.82 32.83
C MET E 415 -1.43 7.93 33.55
N TRP E 416 -0.79 8.82 32.79
CA TRP E 416 -0.09 9.93 33.44
C TRP E 416 -1.06 10.82 34.22
N LEU E 417 -2.22 11.12 33.63
CA LEU E 417 -3.19 12.01 34.27
C LEU E 417 -3.70 11.42 35.57
N LEU E 418 -4.01 10.11 35.58
CA LEU E 418 -4.46 9.47 36.80
C LEU E 418 -3.33 9.36 37.82
N THR E 419 -2.07 9.31 37.34
CA THR E 419 -0.95 9.33 38.26
C THR E 419 -0.85 10.67 38.99
N VAL E 420 -1.01 11.77 38.26
CA VAL E 420 -0.75 13.07 38.86
C VAL E 420 -2.00 13.68 39.53
N VAL E 421 -3.17 13.52 38.93
CA VAL E 421 -4.41 14.12 39.44
C VAL E 421 -5.11 13.10 40.32
N PRO E 422 -5.48 13.44 41.56
CA PRO E 422 -6.24 12.48 42.37
C PRO E 422 -7.53 12.06 41.68
N ASN E 423 -7.81 10.76 41.75
CA ASN E 423 -8.91 10.20 40.98
C ASN E 423 -10.27 10.66 41.47
N ASP E 424 -10.36 11.19 42.68
CA ASP E 424 -11.62 11.71 43.19
C ASP E 424 -12.06 12.98 42.46
N MET E 425 -11.17 13.60 41.68
CA MET E 425 -11.52 14.77 40.89
C MET E 425 -12.28 14.43 39.62
N PHE E 426 -12.42 13.16 39.30
CA PHE E 426 -13.12 12.72 38.10
C PHE E 426 -14.41 12.01 38.50
N ILE E 427 -15.47 12.22 37.70
CA ILE E 427 -16.71 11.50 37.92
C ILE E 427 -16.45 10.01 37.79
N ARG E 428 -17.12 9.22 38.63
CA ARG E 428 -16.76 7.81 38.77
C ARG E 428 -16.90 7.06 37.46
N GLU E 429 -17.97 7.32 36.70
CA GLU E 429 -18.20 6.54 35.48
C GLU E 429 -17.07 6.73 34.48
N SER E 430 -16.67 7.98 34.26
CA SER E 430 -15.59 8.23 33.31
C SER E 430 -14.26 7.69 33.82
N LEU E 431 -14.02 7.79 35.12
CA LEU E 431 -12.79 7.25 35.70
C LEU E 431 -12.71 5.75 35.49
N VAL E 432 -13.79 5.03 35.81
CA VAL E 432 -13.75 3.58 35.66
C VAL E 432 -13.67 3.20 34.19
N ALA E 433 -14.32 3.95 33.31
CA ALA E 433 -14.22 3.65 31.88
C ALA E 433 -12.78 3.79 31.39
N CYS E 434 -12.13 4.90 31.76
CA CYS E 434 -10.75 5.11 31.35
C CYS E 434 -9.83 4.05 31.95
N GLN E 435 -10.04 3.71 33.22
CA GLN E 435 -9.21 2.69 33.86
C GLN E 435 -9.41 1.33 33.22
N LEU E 436 -10.66 0.99 32.88
CA LEU E 436 -10.92 -0.29 32.23
C LEU E 436 -10.27 -0.35 30.86
N ALA E 437 -10.35 0.75 30.10
CA ALA E 437 -9.67 0.79 28.82
C ALA E 437 -8.17 0.60 28.99
N ILE E 438 -7.58 1.30 29.96
CA ILE E 438 -6.14 1.17 30.20
C ILE E 438 -5.79 -0.27 30.54
N ILE E 439 -6.52 -0.86 31.49
CA ILE E 439 -6.26 -2.24 31.89
C ILE E 439 -6.33 -3.15 30.68
N ASN E 440 -7.52 -3.25 30.07
CA ASN E 440 -7.79 -4.23 29.03
C ASN E 440 -7.04 -3.96 27.74
N THR E 441 -6.43 -2.79 27.58
CA THR E 441 -5.66 -2.51 26.36
C THR E 441 -4.16 -2.62 26.57
N ILE E 442 -3.64 -2.34 27.75
CA ILE E 442 -2.21 -2.19 27.97
C ILE E 442 -1.70 -3.19 29.02
N ILE E 443 -2.41 -3.30 30.15
CA ILE E 443 -1.84 -3.95 31.32
C ILE E 443 -2.04 -5.46 31.22
N TYR E 444 -3.30 -5.89 31.21
CA TYR E 444 -3.59 -7.33 31.14
C TYR E 444 -3.04 -7.97 29.88
N PRO E 445 -3.25 -7.41 28.68
CA PRO E 445 -2.67 -8.06 27.49
C PRO E 445 -1.16 -8.16 27.53
N ALA E 446 -0.47 -7.21 28.17
CA ALA E 446 0.98 -7.30 28.26
C ALA E 446 1.41 -8.55 29.01
N PHE E 447 0.73 -8.86 30.11
CA PHE E 447 1.07 -10.00 30.94
C PHE E 447 0.35 -11.28 30.53
N GLY E 448 -0.43 -11.25 29.46
CA GLY E 448 -1.14 -12.43 29.04
C GLY E 448 -2.35 -12.77 29.87
N MET E 449 -2.77 -11.88 30.77
CA MET E 449 -3.92 -12.15 31.60
C MET E 449 -5.20 -12.02 30.78
N GLN E 450 -6.18 -12.85 31.11
CA GLN E 450 -7.47 -12.79 30.43
C GLN E 450 -8.10 -11.42 30.65
N ARG E 451 -8.78 -10.92 29.62
CA ARG E 451 -9.40 -9.61 29.68
C ARG E 451 -10.34 -9.53 30.89
N MET E 452 -10.24 -8.43 31.62
CA MET E 452 -11.06 -8.25 32.80
C MET E 452 -12.53 -8.14 32.41
N HIS E 453 -13.39 -8.91 33.09
CA HIS E 453 -14.83 -8.80 32.92
C HIS E 453 -15.34 -7.93 34.05
N TYR E 454 -15.19 -6.62 33.87
CA TYR E 454 -15.58 -5.66 34.89
C TYR E 454 -17.08 -5.39 34.82
N ARG E 455 -17.71 -5.33 35.99
CA ARG E 455 -19.15 -5.14 36.10
C ARG E 455 -19.46 -3.68 36.39
N ASN E 456 -20.41 -3.13 35.63
CA ASN E 456 -20.89 -1.78 35.90
C ASN E 456 -21.51 -1.73 37.30
N GLY E 457 -21.13 -0.72 38.07
CA GLY E 457 -21.56 -0.60 39.44
C GLY E 457 -20.73 -1.39 40.44
N ASP E 458 -19.62 -1.97 40.01
CA ASP E 458 -18.77 -2.72 40.93
C ASP E 458 -18.25 -1.80 42.02
N PRO E 459 -18.20 -2.25 43.28
CA PRO E 459 -17.66 -1.38 44.34
C PRO E 459 -16.21 -0.99 44.11
N GLN E 460 -15.42 -1.86 43.49
CA GLN E 460 -14.01 -1.57 43.22
C GLN E 460 -13.83 -1.03 41.82
N THR E 461 -12.86 -0.13 41.67
CA THR E 461 -12.51 0.35 40.35
C THR E 461 -11.71 -0.71 39.61
N PRO E 462 -11.62 -0.62 38.28
CA PRO E 462 -10.80 -1.61 37.55
C PRO E 462 -9.37 -1.65 38.03
N PHE E 463 -8.78 -0.51 38.36
CA PHE E 463 -7.41 -0.49 38.84
C PHE E 463 -7.28 -1.19 40.18
N GLN E 464 -8.32 -1.10 41.03
CA GLN E 464 -8.24 -1.75 42.33
C GLN E 464 -8.25 -3.27 42.19
N ILE E 465 -8.98 -3.79 41.20
CA ILE E 465 -8.96 -5.21 40.92
C ILE E 465 -7.62 -5.61 40.30
N ALA E 466 -7.13 -4.80 39.36
CA ALA E 466 -5.87 -5.12 38.69
C ALA E 466 -4.71 -5.14 39.69
N GLU E 467 -4.75 -4.24 40.67
CA GLU E 467 -3.69 -4.21 41.68
C GLU E 467 -3.60 -5.54 42.41
N GLN E 468 -4.75 -6.11 42.78
CA GLN E 468 -4.76 -7.41 43.42
C GLN E 468 -4.34 -8.52 42.46
N GLN E 469 -4.71 -8.40 41.18
CA GLN E 469 -4.45 -9.46 40.23
C GLN E 469 -3.08 -9.37 39.56
N ILE E 470 -2.49 -8.19 39.46
CA ILE E 470 -1.23 -8.02 38.76
C ILE E 470 -0.09 -8.43 39.68
N GLN E 471 0.83 -9.24 39.16
CA GLN E 471 1.94 -9.75 39.95
C GLN E 471 3.22 -8.93 39.79
N ASN E 472 3.40 -8.27 38.65
CA ASN E 472 4.58 -7.42 38.47
C ASN E 472 4.60 -6.34 39.54
N PHE E 473 5.74 -6.17 40.19
CA PHE E 473 5.79 -5.28 41.35
C PHE E 473 5.67 -3.83 40.95
N GLN E 474 6.34 -3.41 39.88
CA GLN E 474 6.29 -2.00 39.49
C GLN E 474 4.88 -1.59 39.05
N VAL E 475 4.25 -2.40 38.21
CA VAL E 475 2.91 -2.08 37.74
C VAL E 475 1.92 -2.09 38.90
N ALA E 476 2.04 -3.08 39.79
CA ALA E 476 1.13 -3.16 40.92
C ALA E 476 1.34 -1.99 41.88
N ASN E 477 2.59 -1.56 42.05
CA ASN E 477 2.88 -0.41 42.90
C ASN E 477 2.29 0.86 42.33
N TRP E 478 2.44 1.06 41.02
CA TRP E 478 1.83 2.23 40.39
C TRP E 478 0.31 2.19 40.49
N LEU E 479 -0.28 1.00 40.31
CA LEU E 479 -1.73 0.85 40.44
C LEU E 479 -2.17 1.19 41.85
N HIS E 480 -1.44 0.71 42.86
CA HIS E 480 -1.80 1.01 44.24
C HIS E 480 -1.71 2.51 44.51
N PHE E 481 -0.67 3.17 44.01
CA PHE E 481 -0.56 4.61 44.22
C PHE E 481 -1.72 5.35 43.56
N VAL E 482 -2.07 4.96 42.34
CA VAL E 482 -3.18 5.62 41.65
C VAL E 482 -4.47 5.39 42.42
N ASN E 483 -4.65 4.19 42.97
CA ASN E 483 -5.85 3.90 43.75
C ASN E 483 -5.92 4.74 45.00
N ASN E 484 -4.80 4.95 45.68
CA ASN E 484 -4.77 5.63 46.96
C ASN E 484 -4.33 7.09 46.87
N ASN E 485 -4.01 7.59 45.68
CA ASN E 485 -3.67 8.99 45.55
C ASN E 485 -4.89 9.85 45.86
N GLN E 486 -4.74 10.75 46.83
CA GLN E 486 -5.86 11.55 47.31
C GLN E 486 -5.35 12.91 47.73
N PHE E 487 -6.27 13.88 47.74
CA PHE E 487 -5.96 15.18 48.30
C PHE E 487 -5.84 15.10 49.82
N ARG E 488 -4.99 15.94 50.38
CA ARG E 488 -4.90 16.11 51.82
C ARG E 488 -5.63 17.39 52.20
N GLN E 489 -6.61 17.27 53.09
CA GLN E 489 -7.35 18.43 53.56
C GLN E 489 -6.55 19.08 54.69
N VAL E 490 -6.05 20.29 54.46
CA VAL E 490 -5.21 20.98 55.42
C VAL E 490 -5.69 22.42 55.54
N VAL E 491 -5.74 22.92 56.76
CA VAL E 491 -6.06 24.33 57.00
C VAL E 491 -4.76 25.12 56.99
N ILE E 492 -4.59 25.97 55.98
CA ILE E 492 -3.43 26.82 55.82
C ILE E 492 -3.91 28.27 55.89
N ASP E 493 -3.30 29.06 56.77
CA ASP E 493 -3.67 30.45 56.95
C ASP E 493 -5.18 30.60 57.19
N GLY E 494 -5.77 29.63 57.88
CA GLY E 494 -7.17 29.68 58.22
C GLY E 494 -8.12 29.24 57.13
N VAL E 495 -7.62 28.83 55.97
CA VAL E 495 -8.44 28.41 54.85
C VAL E 495 -8.23 26.93 54.62
N LEU E 496 -9.31 26.19 54.44
CA LEU E 496 -9.20 24.78 54.08
C LEU E 496 -8.76 24.63 52.63
N ASN E 497 -7.71 23.86 52.42
CA ASN E 497 -7.11 23.67 51.11
C ASN E 497 -6.92 22.19 50.86
N GLN E 498 -6.92 21.84 49.57
CA GLN E 498 -6.65 20.49 49.12
C GLN E 498 -5.23 20.44 48.59
N VAL E 499 -4.40 19.61 49.21
CA VAL E 499 -2.96 19.60 48.98
C VAL E 499 -2.57 18.32 48.26
N LEU E 500 -1.74 18.46 47.24
CA LEU E 500 -1.25 17.31 46.49
C LEU E 500 -0.15 16.59 47.26
N ASN E 501 -0.04 15.29 47.02
CA ASN E 501 1.02 14.50 47.63
C ASN E 501 2.38 15.06 47.23
N ASP E 502 3.31 15.07 48.19
CA ASP E 502 4.62 15.68 47.95
C ASP E 502 5.34 15.03 46.79
N ASN E 503 5.12 13.73 46.55
CA ASN E 503 5.75 13.08 45.42
C ASN E 503 5.18 13.58 44.10
N ILE E 504 3.91 14.00 44.09
CA ILE E 504 3.36 14.66 42.91
C ILE E 504 3.98 16.05 42.75
N ARG E 505 4.18 16.75 43.86
CA ARG E 505 4.65 18.14 43.77
C ARG E 505 6.05 18.24 43.20
N ASN E 506 6.92 17.27 43.48
CA ASN E 506 8.27 17.26 42.95
C ASN E 506 8.42 16.37 41.72
N GLY E 507 7.33 15.81 41.22
CA GLY E 507 7.37 15.00 40.02
C GLY E 507 7.97 13.63 40.19
N HIS E 508 8.05 13.11 41.42
CA HIS E 508 8.62 11.79 41.64
C HIS E 508 7.68 10.66 41.25
N VAL E 509 6.37 10.92 41.24
CA VAL E 509 5.41 9.90 40.82
C VAL E 509 5.60 9.56 39.35
N VAL E 510 6.13 10.51 38.57
CA VAL E 510 6.38 10.25 37.16
C VAL E 510 7.38 9.13 37.00
N ASN E 511 8.35 9.03 37.91
CA ASN E 511 9.32 7.93 37.84
C ASN E 511 8.66 6.58 38.10
N GLN E 512 7.72 6.52 39.05
CA GLN E 512 7.00 5.28 39.29
C GLN E 512 6.16 4.90 38.08
N LEU E 513 5.47 5.87 37.49
CA LEU E 513 4.72 5.62 36.26
C LEU E 513 5.64 5.11 35.16
N MET E 514 6.83 5.70 35.04
CA MET E 514 7.74 5.31 33.97
C MET E 514 8.31 3.91 34.22
N GLU E 515 8.57 3.56 35.48
CA GLU E 515 9.00 2.20 35.78
C GLU E 515 7.92 1.20 35.41
N ALA E 516 6.67 1.49 35.73
CA ALA E 516 5.57 0.61 35.32
C ALA E 516 5.49 0.51 33.81
N LEU E 517 5.65 1.63 33.11
CA LEU E 517 5.56 1.63 31.65
C LEU E 517 6.69 0.82 31.02
N MET E 518 7.90 0.94 31.57
CA MET E 518 9.02 0.15 31.06
C MET E 518 8.80 -1.33 31.32
N GLN E 519 8.25 -1.68 32.48
CA GLN E 519 7.93 -3.07 32.73
C GLN E 519 6.90 -3.59 31.72
N LEU E 520 5.89 -2.78 31.42
CA LEU E 520 4.93 -3.16 30.40
C LEU E 520 5.60 -3.32 29.03
N SER E 521 6.55 -2.44 28.71
CA SER E 521 7.26 -2.55 27.44
C SER E 521 8.05 -3.85 27.35
N ARG E 522 8.67 -4.27 28.45
CA ARG E 522 9.48 -5.48 28.45
C ARG E 522 8.64 -6.75 28.30
N GLN E 523 7.32 -6.66 28.43
CA GLN E 523 6.49 -7.86 28.40
C GLN E 523 6.41 -8.43 26.98
N GLN E 524 5.87 -9.64 26.89
CA GLN E 524 5.84 -10.39 25.65
C GLN E 524 4.50 -10.32 24.92
N PHE E 525 3.40 -10.02 25.62
CA PHE E 525 2.08 -10.04 25.04
C PHE E 525 1.81 -11.41 24.41
N PRO E 526 1.80 -12.47 25.22
CA PRO E 526 1.79 -13.83 24.64
C PRO E 526 0.62 -14.11 23.73
N THR E 527 -0.57 -13.59 24.05
CA THR E 527 -1.78 -13.91 23.30
C THR E 527 -2.08 -12.93 22.19
N MET E 528 -1.29 -11.87 22.03
CA MET E 528 -1.56 -10.84 21.05
C MET E 528 -0.70 -11.03 19.82
N PRO E 529 -1.13 -10.50 18.67
CA PRO E 529 -0.21 -10.41 17.52
C PRO E 529 0.93 -9.45 17.82
N VAL E 530 2.06 -9.69 17.16
CA VAL E 530 3.25 -8.87 17.41
C VAL E 530 2.99 -7.41 17.07
N ASP E 531 2.10 -7.14 16.11
CA ASP E 531 1.79 -5.76 15.77
C ASP E 531 1.09 -5.03 16.91
N TYR E 532 0.29 -5.75 17.71
CA TYR E 532 -0.37 -5.13 18.86
C TYR E 532 0.66 -4.71 19.91
N LYS E 533 1.59 -5.62 20.23
CA LYS E 533 2.67 -5.27 21.14
C LYS E 533 3.49 -4.12 20.57
N ARG E 534 3.67 -4.09 19.25
CA ARG E 534 4.38 -2.98 18.62
C ARG E 534 3.67 -1.67 18.85
N SER E 535 2.35 -1.65 18.68
CA SER E 535 1.59 -0.41 18.88
C SER E 535 1.67 0.05 20.33
N ILE E 536 1.51 -0.86 21.28
CA ILE E 536 1.60 -0.49 22.69
C ILE E 536 3.00 0.03 23.00
N GLN E 537 4.03 -0.64 22.49
CA GLN E 537 5.40 -0.20 22.71
C GLN E 537 5.63 1.18 22.12
N ARG E 538 5.08 1.44 20.94
CA ARG E 538 5.26 2.73 20.30
C ARG E 538 4.57 3.85 21.09
N GLY E 539 3.38 3.58 21.63
CA GLY E 539 2.75 4.57 22.49
C GLY E 539 3.54 4.83 23.76
N ILE E 540 4.00 3.75 24.40
CA ILE E 540 4.82 3.91 25.61
C ILE E 540 6.10 4.66 25.27
N LEU E 541 6.64 4.44 24.08
CA LEU E 541 7.85 5.14 23.66
C LEU E 541 7.57 6.62 23.45
N LEU E 542 6.42 6.96 22.86
CA LEU E 542 6.05 8.36 22.74
C LEU E 542 6.01 9.01 24.11
N LEU E 543 5.40 8.34 25.09
CA LEU E 543 5.34 8.94 26.43
C LEU E 543 6.70 9.01 27.09
N SER E 544 7.53 7.97 26.93
CA SER E 544 8.79 7.87 27.65
C SER E 544 9.93 8.63 27.00
N ASN E 545 9.78 9.06 25.75
CA ASN E 545 10.74 9.96 25.13
C ASN E 545 10.77 11.32 25.82
N ARG E 546 9.76 11.62 26.64
CA ARG E 546 9.60 12.90 27.29
C ARG E 546 9.47 12.72 28.80
N LEU E 547 10.30 11.84 29.37
CA LEU E 547 10.22 11.60 30.81
C LEU E 547 10.59 12.85 31.61
N GLY E 548 11.68 13.51 31.24
CA GLY E 548 12.05 14.73 31.94
C GLY E 548 11.04 15.83 31.74
N GLN E 549 10.49 15.94 30.53
CA GLN E 549 9.43 16.92 30.29
C GLN E 549 8.20 16.62 31.13
N LEU E 550 7.88 15.34 31.33
CA LEU E 550 6.74 14.99 32.17
C LEU E 550 7.00 15.32 33.63
N VAL E 551 8.22 15.09 34.11
CA VAL E 551 8.56 15.48 35.47
C VAL E 551 8.42 16.99 35.62
N ASP E 552 8.96 17.75 34.66
CA ASP E 552 8.87 19.20 34.71
C ASP E 552 7.42 19.65 34.65
N LEU E 553 6.60 19.00 33.81
CA LEU E 553 5.20 19.37 33.69
C LEU E 553 4.43 19.09 34.97
N THR E 554 4.70 17.96 35.61
CA THR E 554 4.04 17.67 36.89
C THR E 554 4.43 18.70 37.94
N ARG E 555 5.72 19.04 38.00
CA ARG E 555 6.16 20.05 38.95
C ARG E 555 5.53 21.40 38.66
N LEU E 556 5.42 21.76 37.38
CA LEU E 556 4.82 23.03 36.99
C LEU E 556 3.33 23.07 37.36
N LEU E 557 2.62 21.98 37.07
CA LEU E 557 1.21 21.89 37.44
C LEU E 557 1.03 22.05 38.93
N ALA E 558 1.81 21.32 39.72
CA ALA E 558 1.68 21.38 41.17
C ALA E 558 2.02 22.77 41.69
N TYR E 559 3.08 23.39 41.17
CA TYR E 559 3.49 24.69 41.67
C TYR E 559 2.43 25.73 41.34
N ASN E 560 1.92 25.74 40.11
CA ASN E 560 0.90 26.70 39.74
C ASN E 560 -0.36 26.48 40.58
N TYR E 561 -0.71 25.21 40.80
CA TYR E 561 -1.88 24.91 41.64
C TYR E 561 -1.72 25.49 43.03
N GLU E 562 -0.60 25.23 43.70
CA GLU E 562 -0.46 25.70 45.07
C GLU E 562 -0.29 27.21 45.13
N THR E 563 0.39 27.81 44.15
CA THR E 563 0.55 29.26 44.15
C THR E 563 -0.79 29.96 43.97
N LEU E 564 -1.63 29.45 43.07
CA LEU E 564 -2.96 30.04 42.91
C LEU E 564 -3.89 29.66 44.04
N MET E 565 -3.61 28.55 44.74
CA MET E 565 -4.42 28.15 45.88
C MET E 565 -4.12 29.02 47.09
N ALA E 566 -2.92 29.60 47.15
CA ALA E 566 -2.62 30.58 48.18
C ALA E 566 -3.55 31.78 48.12
N CYS E 567 -4.18 32.03 46.97
CA CYS E 567 -5.05 33.19 46.78
C CYS E 567 -6.52 32.87 47.03
N ILE E 568 -6.86 31.67 47.46
CA ILE E 568 -8.23 31.30 47.74
C ILE E 568 -8.54 31.64 49.21
N THR E 569 -9.66 32.33 49.44
CA THR E 569 -10.04 32.75 50.77
C THR E 569 -11.15 31.92 51.38
N MET E 570 -11.92 31.19 50.58
CA MET E 570 -13.00 30.35 51.07
C MET E 570 -12.55 28.89 51.09
N ASN E 571 -13.06 28.14 52.06
CA ASN E 571 -12.65 26.76 52.25
C ASN E 571 -12.87 25.95 50.98
N MET E 572 -11.83 25.22 50.57
CA MET E 572 -11.91 24.33 49.41
C MET E 572 -12.58 23.05 49.82
N GLN E 573 -13.88 22.95 49.55
CA GLN E 573 -14.67 21.79 49.96
C GLN E 573 -14.64 20.75 48.85
N HIS E 574 -14.11 19.56 49.17
CA HIS E 574 -14.01 18.48 48.20
C HIS E 574 -15.31 17.69 48.22
N VAL E 575 -16.13 17.88 47.19
CA VAL E 575 -17.39 17.16 47.05
C VAL E 575 -17.78 17.15 45.58
N GLN E 576 -18.20 16.01 45.07
CA GLN E 576 -18.53 15.90 43.66
C GLN E 576 -19.69 16.82 43.33
N THR E 577 -19.56 17.57 42.24
CA THR E 577 -20.54 18.56 41.84
C THR E 577 -21.61 17.92 40.95
N LEU E 578 -22.74 18.62 40.82
CA LEU E 578 -23.84 18.10 40.01
C LEU E 578 -23.39 17.90 38.57
N THR E 579 -22.81 18.92 37.96
CA THR E 579 -22.27 18.85 36.62
C THR E 579 -20.75 18.83 36.67
N THR E 580 -20.15 18.33 35.61
CA THR E 580 -18.71 18.17 35.51
C THR E 580 -18.15 19.05 34.41
N GLU E 581 -16.83 19.15 34.38
CA GLU E 581 -16.10 19.81 33.31
C GLU E 581 -15.44 18.74 32.44
N LYS E 582 -15.75 18.76 31.15
CA LYS E 582 -15.25 17.74 30.24
C LYS E 582 -13.79 18.01 29.92
N LEU E 583 -12.97 16.97 30.03
CA LEU E 583 -11.54 17.04 29.75
C LEU E 583 -11.21 15.97 28.72
N GLN E 584 -10.90 16.40 27.50
CA GLN E 584 -10.51 15.48 26.45
C GLN E 584 -9.11 14.95 26.72
N LEU E 585 -8.94 13.64 26.57
CA LEU E 585 -7.63 13.04 26.81
C LEU E 585 -6.65 13.37 25.68
N THR E 586 -7.14 13.72 24.50
CA THR E 586 -6.25 14.21 23.46
C THR E 586 -5.60 15.53 23.87
N SER E 587 -6.31 16.35 24.65
CA SER E 587 -5.71 17.55 25.21
C SER E 587 -4.59 17.20 26.18
N VAL E 588 -4.79 16.14 26.98
CA VAL E 588 -3.73 15.69 27.87
C VAL E 588 -2.53 15.22 27.06
N THR E 589 -2.77 14.50 25.96
CA THR E 589 -1.68 14.08 25.10
C THR E 589 -0.95 15.28 24.51
N SER E 590 -1.69 16.31 24.10
CA SER E 590 -1.07 17.51 23.57
C SER E 590 -0.20 18.19 24.63
N LEU E 591 -0.69 18.28 25.86
CA LEU E 591 0.09 18.87 26.93
C LEU E 591 1.35 18.07 27.20
N CYS E 592 1.25 16.74 27.15
CA CYS E 592 2.42 15.90 27.40
C CYS E 592 3.43 15.99 26.26
N MET E 593 2.95 16.11 25.02
CA MET E 593 3.82 16.06 23.85
C MET E 593 4.41 17.41 23.48
N LEU E 594 3.77 18.52 23.84
CA LEU E 594 4.18 19.84 23.41
C LEU E 594 4.77 20.69 24.52
N ILE E 595 4.80 20.22 25.77
CA ILE E 595 5.37 21.01 26.83
C ILE E 595 6.87 21.14 26.62
N GLY E 596 7.36 22.37 26.71
CA GLY E 596 8.78 22.67 26.54
C GLY E 596 9.49 22.82 27.87
N ASN E 597 10.62 23.51 27.82
CA ASN E 597 11.41 23.80 29.01
C ASN E 597 11.08 25.14 29.64
N ALA E 598 10.15 25.91 29.05
CA ALA E 598 9.82 27.22 29.58
C ALA E 598 8.93 27.09 30.81
N THR E 599 9.33 27.75 31.89
CA THR E 599 8.55 27.77 33.12
C THR E 599 7.63 28.97 33.12
N VAL E 600 6.35 28.73 33.34
CA VAL E 600 5.35 29.79 33.46
C VAL E 600 4.74 29.69 34.84
N ILE E 601 4.74 30.79 35.57
CA ILE E 601 4.14 30.83 36.91
C ILE E 601 3.19 32.03 36.96
N PRO E 602 2.21 31.99 37.86
CA PRO E 602 1.23 33.09 37.90
C PRO E 602 1.90 34.42 38.12
N SER E 603 1.45 35.43 37.39
CA SER E 603 2.00 36.76 37.54
C SER E 603 1.61 37.33 38.90
N PRO E 604 2.47 38.16 39.51
CA PRO E 604 2.07 38.77 40.78
C PRO E 604 0.80 39.59 40.65
N GLN E 605 0.64 40.28 39.51
CA GLN E 605 -0.60 41.01 39.26
C GLN E 605 -1.78 40.06 39.11
N THR E 606 -1.56 38.92 38.45
CA THR E 606 -2.62 37.93 38.34
C THR E 606 -2.97 37.35 39.71
N LEU E 607 -1.96 37.07 40.54
CA LEU E 607 -2.23 36.57 41.87
C LEU E 607 -3.02 37.58 42.69
N PHE E 608 -2.63 38.86 42.62
CA PHE E 608 -3.33 39.89 43.36
C PHE E 608 -4.76 40.06 42.86
N HIS E 609 -4.96 39.98 41.53
CA HIS E 609 -6.31 40.08 40.99
C HIS E 609 -7.18 38.92 41.45
N TYR E 610 -6.64 37.71 41.40
CA TYR E 610 -7.39 36.53 41.85
C TYR E 610 -7.74 36.66 43.32
N TYR E 611 -6.77 37.07 44.14
CA TYR E 611 -7.01 37.23 45.57
C TYR E 611 -8.05 38.31 45.83
N ASN E 612 -7.99 39.42 45.10
CA ASN E 612 -8.95 40.50 45.29
C ASN E 612 -10.35 40.07 44.90
N VAL E 613 -10.49 39.33 43.80
CA VAL E 613 -11.81 38.85 43.41
C VAL E 613 -12.36 37.90 44.46
N ASN E 614 -11.51 36.97 44.93
CA ASN E 614 -11.95 36.03 45.97
C ASN E 614 -12.35 36.77 47.24
N VAL E 615 -11.57 37.78 47.64
CA VAL E 615 -11.88 38.54 48.85
C VAL E 615 -13.18 39.30 48.68
N ASN E 616 -13.39 39.90 47.51
CA ASN E 616 -14.64 40.63 47.27
C ASN E 616 -15.83 39.70 47.36
N PHE E 617 -15.74 38.53 46.72
CA PHE E 617 -16.86 37.59 46.79
C PHE E 617 -17.11 37.12 48.22
N HIS E 618 -16.04 36.78 48.94
CA HIS E 618 -16.20 36.31 50.31
C HIS E 618 -16.81 37.39 51.20
N SER E 619 -16.32 38.62 51.09
CA SER E 619 -16.85 39.71 51.91
C SER E 619 -18.30 40.00 51.58
N ASN E 620 -18.65 40.02 50.29
CA ASN E 620 -20.04 40.25 49.93
C ASN E 620 -20.92 39.12 50.44
N TYR E 621 -20.45 37.88 50.34
CA TYR E 621 -21.20 36.74 50.85
C TYR E 621 -21.46 36.89 52.35
N ASN E 622 -20.42 37.22 53.11
CA ASN E 622 -20.58 37.36 54.55
C ASN E 622 -21.49 38.52 54.91
N GLU E 623 -21.36 39.64 54.21
CA GLU E 623 -22.19 40.81 54.52
C GLU E 623 -23.65 40.55 54.19
N ARG E 624 -23.93 39.87 53.08
CA ARG E 624 -25.31 39.54 52.75
C ARG E 624 -25.89 38.51 53.72
N ILE E 625 -25.05 37.57 54.18
CA ILE E 625 -25.49 36.66 55.24
C ILE E 625 -25.87 37.46 56.48
N ASN E 626 -25.04 38.44 56.84
CA ASN E 626 -25.32 39.24 58.02
C ASN E 626 -26.64 40.00 57.86
N ASP E 627 -26.85 40.59 56.69
CA ASP E 627 -28.10 41.33 56.46
C ASP E 627 -29.30 40.41 56.58
N ALA E 628 -29.23 39.25 55.92
CA ALA E 628 -30.36 38.32 55.95
C ALA E 628 -30.62 37.83 57.36
N VAL E 629 -29.57 37.48 58.10
CA VAL E 629 -29.74 36.96 59.46
C VAL E 629 -30.34 38.04 60.35
N ALA E 630 -29.84 39.27 60.23
CA ALA E 630 -30.37 40.36 61.05
C ALA E 630 -31.85 40.58 60.76
N ILE E 631 -32.22 40.61 59.48
CA ILE E 631 -33.62 40.85 59.14
C ILE E 631 -34.51 39.71 59.64
N ILE E 632 -34.06 38.46 59.45
CA ILE E 632 -34.86 37.32 59.88
C ILE E 632 -35.04 37.34 61.39
N THR E 633 -33.95 37.57 62.13
CA THR E 633 -34.04 37.60 63.58
C THR E 633 -34.94 38.74 64.06
N ALA E 634 -34.81 39.92 63.44
CA ALA E 634 -35.65 41.04 63.83
C ALA E 634 -37.12 40.75 63.57
N ALA E 635 -37.42 40.14 62.43
CA ALA E 635 -38.81 39.79 62.14
C ALA E 635 -39.35 38.78 63.14
N ASN E 636 -38.53 37.80 63.53
CA ASN E 636 -38.96 36.84 64.54
C ASN E 636 -39.19 37.50 65.88
N ARG E 637 -38.28 38.39 66.29
CA ARG E 637 -38.41 39.04 67.60
C ARG E 637 -39.51 40.09 67.61
N LEU E 638 -39.91 40.59 66.45
CA LEU E 638 -41.03 41.53 66.36
C LEU E 638 -42.37 40.83 66.20
N ASN E 639 -42.40 39.51 66.21
CA ASN E 639 -43.64 38.74 66.14
C ASN E 639 -44.42 39.07 64.85
N LEU E 640 -43.71 39.01 63.73
CA LEU E 640 -44.32 39.22 62.41
C LEU E 640 -44.67 37.86 61.84
N TYR E 641 -45.75 37.28 62.36
CA TYR E 641 -46.13 35.91 62.03
C TYR E 641 -46.75 35.78 60.64
N GLN E 642 -47.24 36.87 60.06
CA GLN E 642 -47.80 36.84 58.72
C GLN E 642 -46.76 37.10 57.64
N LYS E 643 -45.51 37.34 58.02
CA LYS E 643 -44.48 37.67 57.06
C LYS E 643 -43.91 36.41 56.43
N LYS E 644 -43.94 36.34 55.10
CA LYS E 644 -43.32 35.26 54.36
C LYS E 644 -41.90 35.68 54.00
N MET E 645 -40.92 34.95 54.50
CA MET E 645 -39.53 35.36 54.42
C MET E 645 -38.86 34.96 53.11
N LYS E 646 -39.62 34.43 52.15
CA LYS E 646 -39.03 34.10 50.85
C LYS E 646 -38.41 35.34 50.22
N SER E 647 -38.99 36.51 50.44
CA SER E 647 -38.47 37.73 49.85
C SER E 647 -37.07 38.05 50.38
N ILE E 648 -36.84 37.83 51.66
CA ILE E 648 -35.54 38.15 52.26
C ILE E 648 -34.45 37.27 51.66
N VAL E 649 -34.70 35.96 51.59
CA VAL E 649 -33.71 35.05 51.03
C VAL E 649 -33.54 35.31 49.54
N GLU E 650 -34.61 35.67 48.85
CA GLU E 650 -34.51 36.01 47.43
C GLU E 650 -33.60 37.21 47.24
N ASP E 651 -33.76 38.25 48.07
CA ASP E 651 -32.90 39.42 47.99
C ASP E 651 -31.46 39.05 48.31
N PHE E 652 -31.25 38.20 49.31
CA PHE E 652 -29.91 37.76 49.67
C PHE E 652 -29.22 37.08 48.49
N LEU E 653 -29.92 36.13 47.86
CA LEU E 653 -29.35 35.43 46.72
C LEU E 653 -29.13 36.37 45.54
N LYS E 654 -30.05 37.32 45.33
CA LYS E 654 -29.87 38.29 44.26
C LYS E 654 -28.61 39.10 44.47
N ARG E 655 -28.37 39.56 45.70
CA ARG E 655 -27.18 40.35 45.98
C ARG E 655 -25.92 39.51 45.93
N LEU E 656 -26.02 38.18 46.07
CA LEU E 656 -24.84 37.35 45.82
C LEU E 656 -24.40 37.42 44.37
N GLN E 657 -25.33 37.70 43.44
CA GLN E 657 -25.11 38.11 42.06
C GLN E 657 -24.69 37.00 41.10
N ILE E 658 -24.59 35.75 41.54
CA ILE E 658 -24.20 34.65 40.66
C ILE E 658 -25.29 33.60 40.49
N PHE E 659 -26.41 33.74 41.19
CA PHE E 659 -27.48 32.76 41.16
C PHE E 659 -28.66 33.29 40.36
N ASP E 660 -29.24 32.41 39.54
CA ASP E 660 -30.45 32.72 38.79
C ASP E 660 -31.63 32.47 39.72
N ILE E 661 -31.96 33.48 40.53
CA ILE E 661 -32.93 33.29 41.60
C ILE E 661 -34.30 32.89 41.05
N SER E 662 -34.61 33.29 39.82
CA SER E 662 -35.91 32.99 39.26
C SER E 662 -36.12 31.50 39.04
N ARG E 663 -35.04 30.72 38.93
CA ARG E 663 -35.13 29.27 38.79
C ARG E 663 -34.82 28.54 40.08
N VAL E 664 -34.73 29.25 41.20
CA VAL E 664 -34.50 28.63 42.51
C VAL E 664 -35.86 28.37 43.15
N PRO E 665 -36.22 27.12 43.42
CA PRO E 665 -37.53 26.85 44.00
C PRO E 665 -37.65 27.37 45.42
N ASP E 666 -38.90 27.60 45.83
CA ASP E 666 -39.17 28.19 47.14
C ASP E 666 -38.71 27.29 48.27
N ASP E 667 -38.75 25.97 48.08
CA ASP E 667 -38.29 25.06 49.12
C ASP E 667 -36.82 25.29 49.45
N GLN E 668 -35.98 25.47 48.43
CA GLN E 668 -34.57 25.72 48.67
C GLN E 668 -34.36 27.04 49.41
N MET E 669 -35.12 28.06 49.04
CA MET E 669 -34.99 29.35 49.72
C MET E 669 -35.41 29.25 51.18
N TYR E 670 -36.44 28.46 51.47
CA TYR E 670 -36.86 28.34 52.87
C TYR E 670 -35.89 27.46 53.66
N ARG E 671 -35.24 26.50 53.01
CA ARG E 671 -34.15 25.79 53.67
C ARG E 671 -33.00 26.73 53.98
N LEU E 672 -32.68 27.64 53.06
CA LEU E 672 -31.68 28.66 53.33
C LEU E 672 -32.10 29.55 54.49
N ARG E 673 -33.38 29.90 54.56
CA ARG E 673 -33.90 30.66 55.69
C ARG E 673 -33.69 29.90 56.99
N ASP E 674 -33.98 28.60 56.98
CA ASP E 674 -33.81 27.79 58.18
C ASP E 674 -32.35 27.79 58.64
N ARG E 675 -31.42 27.65 57.69
CA ARG E 675 -30.01 27.67 58.05
C ARG E 675 -29.58 29.05 58.56
N LEU E 676 -30.06 30.12 57.92
CA LEU E 676 -29.72 31.47 58.34
C LEU E 676 -30.25 31.75 59.74
N ARG E 677 -31.43 31.22 60.06
CA ARG E 677 -32.07 31.48 61.35
C ARG E 677 -31.23 30.99 62.52
N LEU E 678 -30.33 30.03 62.31
CA LEU E 678 -29.51 29.49 63.37
C LEU E 678 -28.21 30.26 63.58
N LEU E 679 -27.94 31.28 62.76
CA LEU E 679 -26.70 32.02 62.91
C LEU E 679 -26.89 33.20 63.86
N PRO E 680 -25.91 33.52 64.70
CA PRO E 680 -26.01 34.71 65.53
C PRO E 680 -25.94 35.98 64.69
N VAL E 681 -26.60 37.03 65.18
CA VAL E 681 -26.63 38.30 64.47
C VAL E 681 -25.34 39.05 64.73
N GLU E 682 -24.83 39.72 63.70
CA GLU E 682 -23.59 40.47 63.81
C GLU E 682 -23.72 41.53 64.91
N ILE E 683 -22.58 41.89 65.50
CA ILE E 683 -22.59 42.67 66.74
C ILE E 683 -23.25 44.03 66.52
N ARG E 684 -22.88 44.72 65.44
CA ARG E 684 -23.41 46.07 65.21
C ARG E 684 -24.89 46.02 64.91
N ARG E 685 -25.31 45.12 64.02
CA ARG E 685 -26.73 44.99 63.70
C ARG E 685 -27.51 44.56 64.94
N LEU E 686 -26.96 43.65 65.73
CA LEU E 686 -27.64 43.19 66.94
C LEU E 686 -27.83 44.34 67.92
N ASP E 687 -26.80 45.16 68.11
CA ASP E 687 -26.91 46.28 69.04
C ASP E 687 -27.88 47.33 68.53
N ILE E 688 -27.89 47.59 67.22
CA ILE E 688 -28.85 48.53 66.67
C ILE E 688 -30.27 48.03 66.90
N PHE E 689 -30.50 46.72 66.67
CA PHE E 689 -31.83 46.18 66.92
C PHE E 689 -32.18 46.22 68.41
N ASN E 690 -31.19 46.04 69.28
CA ASN E 690 -31.47 46.15 70.70
C ASN E 690 -31.90 47.56 71.08
N LEU E 691 -31.25 48.57 70.51
CA LEU E 691 -31.69 49.94 70.73
C LEU E 691 -33.11 50.16 70.22
N ILE E 692 -33.41 49.63 69.04
CA ILE E 692 -34.75 49.80 68.48
C ILE E 692 -35.78 49.09 69.36
N LEU E 693 -35.48 47.89 69.81
CA LEU E 693 -36.40 47.17 70.68
C LEU E 693 -36.63 47.94 71.97
N MET E 694 -35.57 48.52 72.54
CA MET E 694 -35.70 49.25 73.79
C MET E 694 -36.56 50.49 73.62
N ASN E 695 -36.39 51.20 72.50
CA ASN E 695 -36.99 52.52 72.33
C ASN E 695 -38.23 52.54 71.44
N MET E 696 -38.68 51.39 70.93
CA MET E 696 -39.78 51.40 69.98
C MET E 696 -41.10 51.77 70.64
N GLU E 697 -41.32 51.33 71.88
CA GLU E 697 -42.56 51.69 72.57
C GLU E 697 -42.64 53.20 72.77
N GLN E 698 -41.53 53.82 73.19
CA GLN E 698 -41.51 55.27 73.35
C GLN E 698 -41.69 55.99 72.02
N ILE E 699 -41.05 55.49 70.97
CA ILE E 699 -41.20 56.11 69.65
C ILE E 699 -42.66 56.04 69.19
N GLU E 700 -43.30 54.88 69.39
CA GLU E 700 -44.69 54.73 68.99
C GLU E 700 -45.60 55.63 69.82
N ARG E 701 -45.35 55.73 71.12
CA ARG E 701 -46.17 56.59 71.96
C ARG E 701 -45.91 58.06 71.71
N ALA E 702 -44.83 58.40 71.03
CA ALA E 702 -44.61 59.78 70.62
C ALA E 702 -45.47 60.20 69.44
N SER E 703 -46.04 59.24 68.71
CA SER E 703 -46.81 59.56 67.51
C SER E 703 -48.11 60.27 67.87
N ASP E 704 -48.45 61.31 67.11
CA ASP E 704 -49.72 61.99 67.24
C ASP E 704 -50.80 61.41 66.35
N LYS E 705 -50.44 60.53 65.41
CA LYS E 705 -51.44 59.95 64.51
C LYS E 705 -52.27 58.88 65.19
N ILE E 706 -51.67 58.13 66.12
CA ILE E 706 -52.32 56.97 66.70
C ILE E 706 -52.28 57.07 68.22
N ALA E 707 -53.23 56.39 68.85
CA ALA E 707 -53.26 56.17 70.29
C ALA E 707 -53.06 54.68 70.55
N GLN E 708 -52.76 54.34 71.80
CA GLN E 708 -52.46 52.96 72.16
C GLN E 708 -53.70 52.20 72.60
N GLY E 709 -54.87 52.82 72.59
CA GLY E 709 -56.08 52.13 72.96
C GLY E 709 -57.13 53.13 73.43
N VAL E 710 -58.25 52.57 73.87
CA VAL E 710 -59.36 53.37 74.38
C VAL E 710 -60.01 52.63 75.54
N ILE E 711 -60.13 53.30 76.68
CA ILE E 711 -60.84 52.78 77.83
C ILE E 711 -62.29 53.22 77.75
N ILE E 712 -63.19 52.25 77.59
CA ILE E 712 -64.63 52.49 77.65
C ILE E 712 -65.04 52.18 79.08
N ALA E 713 -65.07 53.21 79.91
CA ALA E 713 -65.72 53.16 81.21
C ALA E 713 -67.11 53.76 81.09
N TYR E 714 -67.94 53.48 82.09
CA TYR E 714 -69.32 53.94 82.11
C TYR E 714 -69.57 54.73 83.38
N ARG E 715 -68.64 55.61 83.70
CA ARG E 715 -68.75 56.49 84.85
C ARG E 715 -68.03 57.78 84.52
N ASP E 716 -68.41 58.85 85.20
CA ASP E 716 -67.81 60.15 84.95
C ASP E 716 -66.39 60.16 85.49
N MET E 717 -65.43 60.45 84.62
CA MET E 717 -64.01 60.53 84.97
C MET E 717 -63.50 61.89 84.54
N GLN E 718 -62.94 62.64 85.49
CA GLN E 718 -62.49 63.99 85.19
C GLN E 718 -61.37 63.97 84.16
N LEU E 719 -61.42 64.90 83.22
CA LEU E 719 -60.37 65.03 82.23
C LEU E 719 -59.07 65.46 82.89
N GLU E 720 -57.96 64.90 82.43
CA GLU E 720 -56.66 65.21 82.99
C GLU E 720 -56.20 66.60 82.58
N ARG E 721 -55.50 67.27 83.50
CA ARG E 721 -54.88 68.56 83.23
C ARG E 721 -53.49 68.33 82.68
N ASP E 722 -53.23 68.83 81.48
CA ASP E 722 -51.91 68.78 80.89
C ASP E 722 -51.63 70.11 80.22
N GLU E 723 -50.39 70.59 80.32
CA GLU E 723 -50.12 71.94 79.88
C GLU E 723 -50.30 72.11 78.38
N MET E 724 -49.95 71.09 77.59
CA MET E 724 -50.01 71.20 76.14
C MET E 724 -51.35 70.78 75.55
N TYR E 725 -52.34 70.48 76.38
CA TYR E 725 -53.67 70.09 75.90
C TYR E 725 -54.77 70.93 76.53
N GLY E 726 -54.58 71.32 77.78
CA GLY E 726 -55.68 71.80 78.60
C GLY E 726 -56.29 70.66 79.38
N TYR E 727 -57.60 70.47 79.24
CA TYR E 727 -58.27 69.29 79.75
C TYR E 727 -58.34 68.26 78.64
N VAL E 728 -57.83 67.07 78.89
CA VAL E 728 -57.76 66.02 77.89
C VAL E 728 -58.14 64.69 78.53
N ASN E 729 -58.98 63.92 77.84
CA ASN E 729 -59.42 62.61 78.33
C ASN E 729 -58.39 61.54 77.94
N ILE E 730 -57.18 61.70 78.49
CA ILE E 730 -56.07 60.80 78.25
C ILE E 730 -55.89 59.89 79.44
N ALA E 731 -55.58 58.62 79.17
CA ALA E 731 -55.21 57.66 80.19
C ALA E 731 -53.72 57.37 80.05
N ARG E 732 -52.96 57.61 81.13
CA ARG E 732 -51.54 57.31 81.09
C ARG E 732 -51.29 55.80 81.11
N ASN E 733 -52.16 55.05 81.79
CA ASN E 733 -52.03 53.61 81.92
C ASN E 733 -53.41 52.99 81.84
N LEU E 734 -53.46 51.66 81.69
CA LEU E 734 -54.70 50.92 81.62
C LEU E 734 -55.04 50.21 82.92
N ASP E 735 -54.50 50.68 84.04
CA ASP E 735 -54.72 50.01 85.32
C ASP E 735 -56.21 50.04 85.68
N GLY E 736 -56.71 48.90 86.13
CA GLY E 736 -58.07 48.81 86.63
C GLY E 736 -59.13 48.51 85.60
N PHE E 737 -58.75 48.08 84.39
CA PHE E 737 -59.70 47.79 83.33
C PHE E 737 -59.33 46.50 82.63
N GLN E 738 -60.33 45.70 82.30
CA GLN E 738 -60.11 44.51 81.51
C GLN E 738 -59.71 44.90 80.09
N GLN E 739 -58.72 44.21 79.55
CA GLN E 739 -58.12 44.54 78.26
C GLN E 739 -58.57 43.56 77.20
N ILE E 740 -59.05 44.10 76.08
CA ILE E 740 -59.36 43.32 74.88
C ILE E 740 -58.31 43.70 73.83
N ASN E 741 -57.53 42.72 73.39
CA ASN E 741 -56.50 42.94 72.40
C ASN E 741 -57.13 43.05 71.02
N LEU E 742 -56.98 44.21 70.38
CA LEU E 742 -57.59 44.42 69.07
C LEU E 742 -56.89 43.63 67.97
N GLU E 743 -55.57 43.41 68.10
CA GLU E 743 -54.88 42.60 67.11
C GLU E 743 -55.40 41.17 67.12
N GLU E 744 -55.58 40.58 68.31
CA GLU E 744 -56.14 39.24 68.40
C GLU E 744 -57.58 39.21 67.91
N LEU E 745 -58.35 40.25 68.22
CA LEU E 745 -59.73 40.33 67.77
C LEU E 745 -59.80 40.35 66.25
N MET E 746 -58.91 41.12 65.61
CA MET E 746 -58.90 41.19 64.16
C MET E 746 -58.40 39.89 63.54
N ARG E 747 -57.44 39.23 64.18
CA ARG E 747 -56.91 37.98 63.63
C ARG E 747 -57.96 36.88 63.70
N THR E 748 -58.58 36.69 64.86
CA THR E 748 -59.53 35.59 65.03
C THR E 748 -60.93 35.94 64.55
N GLY E 749 -61.23 37.23 64.35
CA GLY E 749 -62.54 37.60 63.84
C GLY E 749 -63.70 37.22 64.73
N ASP E 750 -63.45 36.94 66.00
CA ASP E 750 -64.49 36.54 66.95
C ASP E 750 -64.85 37.74 67.82
N TYR E 751 -66.03 38.30 67.59
CA TYR E 751 -66.48 39.50 68.28
C TYR E 751 -67.46 39.20 69.40
N ALA E 752 -67.57 37.94 69.82
CA ALA E 752 -68.53 37.58 70.85
C ALA E 752 -68.25 38.30 72.16
N GLN E 753 -66.99 38.28 72.62
CA GLN E 753 -66.67 38.89 73.90
C GLN E 753 -66.87 40.40 73.85
N ILE E 754 -66.35 41.06 72.83
CA ILE E 754 -66.46 42.51 72.75
C ILE E 754 -67.90 42.93 72.55
N THR E 755 -68.66 42.19 71.74
CA THR E 755 -70.06 42.50 71.54
C THR E 755 -70.84 42.36 72.85
N ASN E 756 -70.58 41.29 73.61
CA ASN E 756 -71.25 41.12 74.88
C ASN E 756 -70.90 42.23 75.85
N MET E 757 -69.62 42.62 75.91
CA MET E 757 -69.21 43.67 76.84
C MET E 757 -69.77 45.02 76.44
N LEU E 758 -69.93 45.27 75.14
CA LEU E 758 -70.50 46.53 74.69
C LEU E 758 -72.01 46.59 74.94
N LEU E 759 -72.71 45.47 74.70
CA LEU E 759 -74.14 45.45 74.93
C LEU E 759 -74.48 45.58 76.40
N ASN E 760 -73.66 44.98 77.27
CA ASN E 760 -73.90 44.99 78.70
C ASN E 760 -73.27 46.18 79.41
N ASN E 761 -72.62 47.09 78.67
CA ASN E 761 -72.00 48.27 79.25
C ASN E 761 -70.98 47.89 80.33
N GLN E 762 -70.20 46.86 80.05
CA GLN E 762 -69.18 46.39 80.97
C GLN E 762 -67.88 47.14 80.70
N PRO E 763 -67.30 47.82 81.70
CA PRO E 763 -66.09 48.60 81.42
C PRO E 763 -64.99 47.73 80.83
N VAL E 764 -64.29 48.28 79.84
CA VAL E 764 -63.28 47.54 79.09
C VAL E 764 -62.22 48.51 78.60
N ALA E 765 -61.12 47.97 78.09
CA ALA E 765 -60.06 48.75 77.47
C ALA E 765 -59.66 48.05 76.18
N LEU E 766 -60.01 48.62 75.04
CA LEU E 766 -59.59 48.10 73.75
C LEU E 766 -58.15 48.54 73.49
N VAL E 767 -57.24 47.58 73.40
CA VAL E 767 -55.81 47.86 73.35
C VAL E 767 -55.32 47.57 71.94
N GLY E 768 -54.64 48.55 71.35
CA GLY E 768 -54.11 48.43 70.02
C GLY E 768 -53.94 49.78 69.38
N ALA E 769 -53.01 49.85 68.44
CA ALA E 769 -52.76 51.10 67.74
C ALA E 769 -54.00 51.53 66.96
N LEU E 770 -54.57 52.66 67.34
CA LEU E 770 -55.81 53.16 66.77
C LEU E 770 -55.64 54.60 66.31
N PRO E 771 -56.37 55.00 65.26
CA PRO E 771 -56.51 56.43 65.00
C PRO E 771 -57.59 57.02 65.89
N PHE E 772 -57.48 58.33 66.12
CA PHE E 772 -58.43 59.02 66.98
C PHE E 772 -58.78 60.38 66.38
N ILE E 773 -59.95 60.87 66.74
CA ILE E 773 -60.44 62.18 66.32
C ILE E 773 -60.24 63.15 67.46
N THR E 774 -59.50 64.24 67.19
CA THR E 774 -59.31 65.29 68.17
C THR E 774 -60.48 66.27 68.09
N ASP E 775 -61.12 66.52 69.22
CA ASP E 775 -62.31 67.35 69.29
C ASP E 775 -62.15 68.38 70.40
N SER E 776 -62.18 69.66 70.02
CA SER E 776 -62.06 70.76 70.98
C SER E 776 -63.41 71.30 71.42
N SER E 777 -64.50 70.76 70.91
CA SER E 777 -65.83 71.29 71.21
C SER E 777 -66.26 70.86 72.61
N VAL E 778 -66.57 71.84 73.46
CA VAL E 778 -67.07 71.54 74.79
C VAL E 778 -68.47 70.95 74.73
N ILE E 779 -69.29 71.43 73.80
CA ILE E 779 -70.64 70.91 73.66
C ILE E 779 -70.60 69.44 73.25
N SER E 780 -69.63 69.07 72.41
CA SER E 780 -69.48 67.65 72.05
C SER E 780 -69.18 66.80 73.28
N LEU E 781 -68.33 67.30 74.17
CA LEU E 781 -68.07 66.58 75.41
C LEU E 781 -69.31 66.49 76.28
N VAL E 782 -70.07 67.58 76.37
CA VAL E 782 -71.32 67.55 77.14
C VAL E 782 -72.30 66.58 76.50
N ALA E 783 -72.33 66.54 75.17
CA ALA E 783 -73.21 65.62 74.45
C ALA E 783 -72.77 64.17 74.58
N LYS E 784 -71.57 63.91 75.11
CA LYS E 784 -71.08 62.55 75.30
C LYS E 784 -70.87 61.84 73.97
N LEU E 785 -70.27 62.58 73.02
CA LEU E 785 -70.04 62.05 71.69
C LEU E 785 -69.07 60.87 71.72
N ASP E 786 -68.05 60.94 72.58
CA ASP E 786 -67.02 59.90 72.61
C ASP E 786 -67.60 58.53 72.91
N ALA E 787 -68.73 58.48 73.62
CA ALA E 787 -69.32 57.22 74.00
C ALA E 787 -70.19 56.61 72.90
N THR E 788 -70.33 57.29 71.75
CA THR E 788 -71.19 56.84 70.67
C THR E 788 -70.41 56.18 69.54
N VAL E 789 -69.11 55.96 69.71
CA VAL E 789 -68.25 55.52 68.62
C VAL E 789 -67.93 54.02 68.71
N PHE E 790 -68.79 53.25 69.39
CA PHE E 790 -68.55 51.83 69.59
C PHE E 790 -69.68 50.93 69.12
N ALA E 791 -70.87 51.48 68.87
CA ALA E 791 -71.99 50.65 68.40
C ALA E 791 -71.71 50.06 67.03
N GLN E 792 -70.89 50.73 66.23
CA GLN E 792 -70.56 50.19 64.91
C GLN E 792 -69.79 48.88 65.02
N ILE E 793 -69.07 48.69 66.13
CA ILE E 793 -68.38 47.41 66.34
C ILE E 793 -69.39 46.28 66.43
N VAL E 794 -70.46 46.48 67.20
CA VAL E 794 -71.50 45.45 67.29
C VAL E 794 -72.25 45.32 65.97
N LYS E 795 -72.50 46.44 65.31
CA LYS E 795 -73.29 46.41 64.07
C LYS E 795 -72.57 45.66 62.97
N LEU E 796 -71.28 45.93 62.78
CA LEU E 796 -70.54 45.43 61.63
C LEU E 796 -69.47 44.39 61.96
N ARG E 797 -69.19 44.15 63.24
CA ARG E 797 -68.13 43.24 63.64
C ARG E 797 -66.80 43.63 62.98
N LYS E 798 -66.47 44.91 63.08
CA LYS E 798 -65.23 45.46 62.56
C LYS E 798 -64.66 46.42 63.59
N VAL E 799 -63.35 46.41 63.75
CA VAL E 799 -62.64 47.37 64.58
C VAL E 799 -61.63 48.20 63.79
N ASP E 800 -61.55 48.00 62.47
CA ASP E 800 -60.69 48.84 61.66
C ASP E 800 -61.17 50.28 61.65
N THR E 801 -62.49 50.48 61.56
CA THR E 801 -63.07 51.81 61.50
C THR E 801 -63.15 52.49 62.86
N LEU E 802 -62.85 51.78 63.94
CA LEU E 802 -62.90 52.40 65.26
C LEU E 802 -61.97 53.59 65.33
N LYS E 803 -62.49 54.71 65.84
CA LYS E 803 -61.73 55.96 65.92
C LYS E 803 -62.19 56.72 67.15
N PRO E 804 -61.63 56.41 68.33
CA PRO E 804 -62.08 57.09 69.55
C PRO E 804 -61.82 58.59 69.50
N ILE E 805 -62.63 59.32 70.27
CA ILE E 805 -62.56 60.77 70.31
C ILE E 805 -61.58 61.20 71.41
N LEU E 806 -60.66 62.09 71.06
CA LEU E 806 -59.73 62.68 72.01
C LEU E 806 -60.16 64.13 72.24
N TYR E 807 -60.62 64.43 73.44
CA TYR E 807 -61.07 65.78 73.76
C TYR E 807 -59.89 66.66 74.14
N LYS E 808 -59.88 67.88 73.61
CA LYS E 808 -58.84 68.86 73.86
C LYS E 808 -59.54 70.16 74.24
N ILE E 809 -59.86 70.30 75.52
CA ILE E 809 -60.70 71.39 76.01
C ILE E 809 -59.79 72.44 76.63
N ASN E 810 -59.76 73.63 76.03
CA ASN E 810 -58.97 74.73 76.55
C ASN E 810 -59.58 76.03 76.03
N SER E 811 -58.91 77.15 76.29
CA SER E 811 -59.45 78.46 75.95
C SER E 811 -59.61 78.67 74.46
N ASP E 812 -59.01 77.82 73.62
CA ASP E 812 -59.22 77.91 72.19
C ASP E 812 -60.55 77.31 71.77
N SER E 813 -61.21 76.56 72.65
CA SER E 813 -62.53 76.04 72.34
C SER E 813 -63.55 77.17 72.25
N ASN E 814 -64.51 77.02 71.34
CA ASN E 814 -65.50 78.07 71.12
C ASN E 814 -66.36 78.29 72.35
N ASP E 815 -66.78 77.21 73.01
CA ASP E 815 -67.66 77.28 74.16
C ASP E 815 -66.92 77.06 75.48
N PHE E 816 -65.67 77.54 75.56
CA PHE E 816 -64.87 77.35 76.76
C PHE E 816 -65.43 78.08 77.97
N TYR E 817 -66.25 79.12 77.76
CA TYR E 817 -66.79 79.88 78.87
C TYR E 817 -67.53 78.97 79.86
N LEU E 818 -68.14 77.90 79.36
CA LEU E 818 -68.84 76.97 80.24
C LEU E 818 -67.88 76.40 81.29
N VAL E 819 -66.68 76.03 80.86
CA VAL E 819 -65.67 75.60 81.82
C VAL E 819 -65.30 76.74 82.76
N ALA E 820 -65.14 77.95 82.22
CA ALA E 820 -64.64 79.06 83.00
C ALA E 820 -65.69 79.64 83.95
N ASN E 821 -66.97 79.62 83.55
CA ASN E 821 -68.02 80.32 84.28
C ASN E 821 -68.78 79.44 85.26
N TYR E 822 -68.43 78.15 85.38
CA TYR E 822 -69.17 77.24 86.25
C TYR E 822 -68.25 76.43 87.15
N ASP E 823 -67.01 76.87 87.35
CA ASP E 823 -66.01 76.16 88.15
C ASP E 823 -66.08 74.66 87.88
N TRP E 824 -66.24 74.29 86.62
CA TRP E 824 -66.58 72.94 86.21
C TRP E 824 -65.35 72.26 85.63
N VAL E 825 -64.99 71.10 86.17
CA VAL E 825 -63.93 70.27 85.63
C VAL E 825 -64.57 69.28 84.66
N PRO E 826 -64.22 69.29 83.37
CA PRO E 826 -64.89 68.39 82.43
C PRO E 826 -64.68 66.93 82.79
N THR E 827 -65.72 66.13 82.55
CA THR E 827 -65.69 64.70 82.80
C THR E 827 -66.12 63.96 81.54
N SER E 828 -65.65 62.72 81.41
CA SER E 828 -66.03 61.89 80.28
C SER E 828 -66.09 60.44 80.74
N THR E 829 -66.83 59.63 79.99
CA THR E 829 -66.92 58.20 80.27
C THR E 829 -65.87 57.39 79.52
N THR E 830 -65.33 57.92 78.43
CA THR E 830 -64.32 57.26 77.62
C THR E 830 -63.01 58.02 77.74
N LYS E 831 -61.91 57.27 77.81
CA LYS E 831 -60.56 57.85 77.85
C LYS E 831 -59.74 57.26 76.72
N VAL E 832 -58.77 58.03 76.23
CA VAL E 832 -57.90 57.61 75.15
C VAL E 832 -56.55 57.28 75.74
N TYR E 833 -56.15 56.01 75.63
CA TYR E 833 -54.88 55.53 76.16
C TYR E 833 -53.76 56.14 75.32
N LYS E 834 -53.11 57.17 75.85
CA LYS E 834 -52.10 57.90 75.11
C LYS E 834 -51.15 58.55 76.10
N GLN E 835 -49.95 58.86 75.62
CA GLN E 835 -48.93 59.54 76.40
C GLN E 835 -48.82 60.99 75.97
N ILE E 836 -48.40 61.83 76.90
CA ILE E 836 -48.20 63.26 76.61
C ILE E 836 -46.76 63.43 76.11
N PRO E 837 -46.49 64.40 75.24
CA PRO E 837 -45.13 64.58 74.75
C PRO E 837 -44.19 65.04 75.85
N GLN E 838 -42.91 64.71 75.68
CA GLN E 838 -41.88 65.14 76.60
C GLN E 838 -41.40 66.55 76.26
N GLN E 839 -41.23 67.37 77.28
CA GLN E 839 -40.72 68.72 77.06
C GLN E 839 -39.31 68.67 76.48
N PHE E 840 -38.98 69.67 75.68
CA PHE E 840 -37.64 69.79 75.12
C PHE E 840 -36.81 70.66 76.06
N ASP E 841 -35.86 70.03 76.75
CA ASP E 841 -34.93 70.74 77.61
C ASP E 841 -33.64 70.96 76.81
N PHE E 842 -33.34 72.23 76.51
CA PHE E 842 -32.22 72.51 75.63
C PHE E 842 -30.90 72.07 76.25
N ARG E 843 -30.69 72.38 77.53
CA ARG E 843 -29.43 72.02 78.18
C ARG E 843 -29.25 70.52 78.27
N ALA E 844 -30.32 69.79 78.57
CA ALA E 844 -30.23 68.35 78.66
C ALA E 844 -29.95 67.72 77.30
N SER E 845 -30.46 68.32 76.22
CA SER E 845 -30.32 67.75 74.89
C SER E 845 -28.97 68.03 74.26
N MET E 846 -28.11 68.81 74.91
CA MET E 846 -26.78 69.08 74.37
C MET E 846 -25.84 67.94 74.71
N HIS E 847 -25.22 67.37 73.68
CA HIS E 847 -24.26 66.30 73.83
C HIS E 847 -23.01 66.62 73.03
N MET E 848 -21.85 66.30 73.58
CA MET E 848 -20.58 66.53 72.90
C MET E 848 -20.25 65.27 72.11
N LEU E 849 -20.50 65.31 70.81
CA LEU E 849 -20.16 64.18 69.95
C LEU E 849 -18.68 64.23 69.60
N THR E 850 -18.00 63.11 69.81
CA THR E 850 -16.56 63.02 69.61
C THR E 850 -16.25 62.15 68.41
N SER E 851 -15.28 62.57 67.61
CA SER E 851 -14.82 61.77 66.49
C SER E 851 -13.34 62.07 66.26
N ASN E 852 -12.75 61.37 65.30
CA ASN E 852 -11.41 61.71 64.86
C ASN E 852 -11.46 62.96 63.99
N LEU E 853 -10.49 63.85 64.18
CA LEU E 853 -10.51 65.12 63.46
C LEU E 853 -10.42 64.89 61.96
N THR E 854 -9.48 64.06 61.51
CA THR E 854 -9.34 63.81 60.09
C THR E 854 -8.56 62.53 59.88
N PHE E 855 -8.99 61.73 58.91
CA PHE E 855 -8.21 60.62 58.41
C PHE E 855 -8.63 60.35 56.97
N THR E 856 -7.83 59.56 56.28
CA THR E 856 -8.11 59.17 54.90
C THR E 856 -8.25 57.66 54.84
N VAL E 857 -9.28 57.19 54.15
CA VAL E 857 -9.58 55.76 54.03
C VAL E 857 -9.10 55.27 52.68
N TYR E 858 -8.62 54.04 52.63
CA TYR E 858 -8.10 53.42 51.42
C TYR E 858 -8.83 52.11 51.18
N SER E 859 -9.09 51.81 49.91
CA SER E 859 -9.87 50.64 49.51
C SER E 859 -8.99 49.46 49.10
N ASP E 860 -8.14 49.67 48.09
CA ASP E 860 -7.30 48.61 47.56
C ASP E 860 -5.90 48.75 48.17
N LEU E 861 -5.57 47.85 49.09
CA LEU E 861 -4.25 47.88 49.72
C LEU E 861 -3.17 47.39 48.78
N LEU E 862 -3.47 46.37 47.97
CA LEU E 862 -2.48 45.84 47.04
C LEU E 862 -2.12 46.83 45.95
N ALA E 863 -2.89 47.91 45.80
CA ALA E 863 -2.50 48.97 44.87
C ALA E 863 -1.18 49.60 45.27
N PHE E 864 -0.88 49.64 46.56
CA PHE E 864 0.36 50.23 47.04
C PHE E 864 1.55 49.29 46.98
N VAL E 865 1.35 48.04 46.56
CA VAL E 865 2.41 47.05 46.45
C VAL E 865 2.66 46.78 44.97
N SER E 866 3.91 46.95 44.55
CA SER E 866 4.34 46.59 43.21
C SER E 866 5.16 45.31 43.31
N ALA E 867 4.71 44.27 42.62
CA ALA E 867 5.33 42.95 42.72
C ALA E 867 5.87 42.53 41.36
N ASP E 868 6.97 41.79 41.39
CA ASP E 868 7.58 41.26 40.18
C ASP E 868 8.04 39.84 40.43
N THR E 869 8.38 39.14 39.35
CA THR E 869 8.78 37.75 39.40
C THR E 869 10.23 37.61 38.97
N VAL E 870 10.91 36.63 39.56
CA VAL E 870 12.28 36.31 39.18
C VAL E 870 12.25 35.71 37.78
N GLU E 871 13.41 35.58 37.16
CA GLU E 871 13.47 34.97 35.84
C GLU E 871 12.90 33.55 35.92
N PRO E 872 11.94 33.20 35.06
CA PRO E 872 11.33 31.86 35.18
C PRO E 872 12.33 30.72 35.04
N ILE E 873 13.47 30.95 34.39
CA ILE E 873 14.49 29.91 34.31
C ILE E 873 14.98 29.53 35.70
N ASN E 874 14.87 30.45 36.66
CA ASN E 874 15.36 30.24 38.02
C ASN E 874 14.22 30.19 39.04
N ALA E 875 12.98 30.01 38.59
CA ALA E 875 11.87 29.83 39.51
C ALA E 875 11.96 28.46 40.16
N VAL E 876 11.88 28.42 41.49
CA VAL E 876 12.08 27.19 42.25
C VAL E 876 10.75 26.75 42.84
N ALA E 877 10.64 25.45 43.06
CA ALA E 877 9.46 24.84 43.66
C ALA E 877 9.65 24.75 45.17
N PHE E 878 8.77 24.01 45.85
CA PHE E 878 8.84 23.91 47.30
C PHE E 878 10.11 23.22 47.76
N ASP E 879 10.65 22.31 46.95
CA ASP E 879 11.82 21.53 47.32
C ASP E 879 13.13 22.25 47.03
N ASN E 880 13.10 23.57 46.84
CA ASN E 880 14.26 24.42 46.65
C ASN E 880 14.96 24.20 45.32
N MET E 881 14.38 23.40 44.42
CA MET E 881 14.94 23.17 43.09
C MET E 881 14.07 23.84 42.04
N ARG E 882 14.67 24.07 40.87
CA ARG E 882 13.94 24.71 39.78
C ARG E 882 12.73 23.88 39.39
N ILE E 883 11.64 24.57 39.07
CA ILE E 883 10.40 23.88 38.71
C ILE E 883 10.60 23.02 37.48
N MET E 884 11.25 23.58 36.46
CA MET E 884 11.59 22.85 35.24
C MET E 884 13.11 22.89 35.06
N ASN E 885 13.70 21.72 34.85
CA ASN E 885 15.14 21.58 34.76
C ASN E 885 15.63 21.02 33.44
N GLU E 886 14.73 20.58 32.56
CA GLU E 886 15.14 20.01 31.30
C GLU E 886 15.82 21.06 30.42
N LEU E 887 16.73 20.61 29.57
CA LEU E 887 17.44 21.50 28.65
C LEU E 887 16.46 22.22 27.73
N LEU F 83 -21.79 -44.08 -27.39
CA LEU F 83 -21.62 -45.18 -26.44
C LEU F 83 -22.91 -45.96 -26.26
N LYS F 84 -24.00 -45.23 -26.02
CA LYS F 84 -25.28 -45.88 -25.77
C LYS F 84 -25.85 -46.50 -27.05
N THR F 85 -25.63 -45.85 -28.20
CA THR F 85 -26.22 -46.32 -29.44
C THR F 85 -25.71 -47.71 -29.81
N LYS F 86 -24.40 -47.94 -29.69
CA LYS F 86 -23.84 -49.24 -30.03
C LYS F 86 -24.41 -50.33 -29.13
N GLU F 87 -24.48 -50.06 -27.83
CA GLU F 87 -25.02 -51.04 -26.90
C GLU F 87 -26.48 -51.34 -27.23
N GLU F 88 -27.27 -50.30 -27.51
CA GLU F 88 -28.68 -50.51 -27.84
C GLU F 88 -28.83 -51.33 -29.11
N HIS F 89 -28.01 -51.03 -30.13
CA HIS F 89 -28.10 -51.78 -31.38
C HIS F 89 -27.72 -53.25 -31.18
N GLN F 90 -26.65 -53.50 -30.43
CA GLN F 90 -26.26 -54.88 -30.16
C GLN F 90 -27.36 -55.62 -29.41
N LYS F 91 -27.94 -54.97 -28.40
CA LYS F 91 -29.01 -55.59 -27.62
C LYS F 91 -30.21 -55.89 -28.51
N GLU F 92 -30.58 -54.94 -29.37
CA GLU F 92 -31.71 -55.16 -30.27
C GLU F 92 -31.44 -56.32 -31.21
N VAL F 93 -30.21 -56.42 -31.74
CA VAL F 93 -29.89 -57.50 -32.67
C VAL F 93 -30.01 -58.85 -31.97
N GLN F 94 -29.44 -58.96 -30.77
CA GLN F 94 -29.49 -60.25 -30.06
C GLN F 94 -30.92 -60.60 -29.66
N TYR F 95 -31.69 -59.62 -29.17
CA TYR F 95 -33.07 -59.89 -28.80
C TYR F 95 -33.92 -60.22 -30.01
N GLU F 96 -33.63 -59.64 -31.17
CA GLU F 96 -34.32 -60.04 -32.40
C GLU F 96 -33.98 -61.48 -32.76
N ILE F 97 -32.71 -61.85 -32.64
CA ILE F 97 -32.31 -63.22 -32.92
C ILE F 97 -33.10 -64.18 -32.05
N LEU F 98 -33.26 -63.85 -30.77
CA LEU F 98 -34.04 -64.70 -29.87
C LEU F 98 -35.52 -64.69 -30.23
N GLN F 99 -36.07 -63.51 -30.53
CA GLN F 99 -37.51 -63.39 -30.74
C GLN F 99 -37.95 -64.06 -32.03
N LYS F 100 -37.09 -64.13 -33.03
CA LYS F 100 -37.46 -64.78 -34.29
C LYS F 100 -37.76 -66.26 -34.09
N THR F 101 -37.36 -66.85 -32.98
CA THR F 101 -37.66 -68.24 -32.69
C THR F 101 -38.93 -68.43 -31.87
N ILE F 102 -39.57 -67.35 -31.46
CA ILE F 102 -40.77 -67.41 -30.63
C ILE F 102 -41.97 -67.06 -31.52
N PRO F 103 -42.97 -67.97 -31.70
CA PRO F 103 -44.11 -67.71 -32.59
C PRO F 103 -45.18 -66.82 -31.97
N THR F 104 -44.76 -65.73 -31.35
CA THR F 104 -45.68 -64.74 -30.80
C THR F 104 -45.84 -63.60 -31.79
N PHE F 105 -47.08 -63.12 -31.93
CA PHE F 105 -47.35 -62.03 -32.86
C PHE F 105 -46.79 -60.74 -32.28
N GLU F 106 -45.99 -60.02 -33.09
CA GLU F 106 -45.21 -58.91 -32.56
C GLU F 106 -46.07 -57.83 -31.91
N PRO F 107 -47.17 -57.38 -32.52
CA PRO F 107 -48.07 -56.48 -31.78
C PRO F 107 -48.89 -57.26 -30.76
N LYS F 108 -48.33 -57.45 -29.57
CA LYS F 108 -48.92 -58.34 -28.58
C LYS F 108 -50.39 -58.04 -28.34
N GLU F 109 -50.79 -56.76 -28.36
CA GLU F 109 -52.18 -56.42 -28.11
C GLU F 109 -53.11 -57.11 -29.10
N SER F 110 -52.69 -57.23 -30.36
CA SER F 110 -53.52 -57.91 -31.35
C SER F 110 -53.89 -59.31 -30.91
N ILE F 111 -53.02 -59.98 -30.15
CA ILE F 111 -53.32 -61.32 -29.68
C ILE F 111 -54.68 -61.35 -29.00
N LEU F 112 -54.99 -60.33 -28.20
CA LEU F 112 -56.28 -60.30 -27.50
C LEU F 112 -57.42 -60.52 -28.48
N LYS F 113 -57.44 -59.75 -29.57
CA LYS F 113 -58.50 -59.92 -30.56
C LYS F 113 -58.52 -61.35 -31.08
N LYS F 114 -57.34 -61.88 -31.45
CA LYS F 114 -57.27 -63.23 -31.99
C LYS F 114 -57.75 -64.24 -30.96
N LEU F 115 -57.61 -63.93 -29.67
CA LEU F 115 -58.09 -64.84 -28.64
C LEU F 115 -59.60 -64.75 -28.50
N GLU F 116 -60.17 -63.55 -28.67
CA GLU F 116 -61.60 -63.39 -28.49
C GLU F 116 -62.40 -63.70 -29.74
N ASP F 117 -61.72 -63.95 -30.87
CA ASP F 117 -62.40 -64.39 -32.08
C ASP F 117 -62.61 -65.90 -32.11
N ILE F 118 -62.03 -66.65 -31.18
CA ILE F 118 -62.23 -68.09 -31.11
C ILE F 118 -63.65 -68.33 -30.61
N LYS F 119 -64.54 -68.71 -31.51
CA LYS F 119 -65.92 -69.00 -31.17
C LYS F 119 -66.05 -70.44 -30.68
N PRO F 120 -67.15 -70.77 -30.01
CA PRO F 120 -67.38 -72.17 -29.63
C PRO F 120 -67.39 -73.07 -30.86
N GLU F 121 -67.35 -74.37 -30.61
CA GLU F 121 -67.38 -75.32 -31.71
C GLU F 121 -68.64 -75.12 -32.53
N GLN F 122 -68.48 -75.03 -33.85
CA GLN F 122 -69.63 -74.78 -34.72
C GLN F 122 -70.59 -75.95 -34.67
N VAL F 123 -71.89 -75.64 -34.59
CA VAL F 123 -72.93 -76.65 -34.51
C VAL F 123 -73.39 -76.94 -35.93
N LYS F 124 -73.06 -78.13 -36.43
CA LYS F 124 -73.43 -78.53 -37.78
C LYS F 124 -74.77 -79.25 -37.77
N LYS F 125 -75.62 -78.90 -38.73
CA LYS F 125 -76.91 -79.55 -38.92
C LYS F 125 -76.96 -80.15 -40.32
N GLN F 126 -77.49 -81.36 -40.41
CA GLN F 126 -77.60 -82.06 -41.68
C GLN F 126 -78.88 -81.63 -42.40
N THR F 127 -78.73 -81.21 -43.65
CA THR F 127 -79.87 -80.82 -44.47
C THR F 127 -80.37 -81.94 -45.38
N LYS F 128 -79.50 -82.89 -45.74
CA LYS F 128 -79.91 -84.04 -46.51
C LYS F 128 -79.07 -85.24 -46.08
N LEU F 129 -79.58 -86.43 -46.36
CA LEU F 129 -78.86 -87.65 -46.00
C LEU F 129 -77.57 -87.76 -46.78
N PHE F 130 -76.51 -88.19 -46.10
CA PHE F 130 -75.23 -88.40 -46.76
C PHE F 130 -75.32 -89.59 -47.68
N ARG F 131 -74.88 -89.41 -48.93
CA ARG F 131 -74.95 -90.46 -49.94
C ARG F 131 -73.67 -90.50 -50.73
N ILE F 132 -73.13 -91.71 -50.91
CA ILE F 132 -72.06 -91.95 -51.87
C ILE F 132 -72.58 -92.66 -53.12
N PHE F 133 -73.71 -93.35 -53.03
CA PHE F 133 -74.25 -94.15 -54.11
C PHE F 133 -75.64 -93.65 -54.47
N GLU F 134 -76.05 -93.95 -55.70
CA GLU F 134 -77.40 -93.72 -56.17
C GLU F 134 -77.83 -94.90 -57.02
N PRO F 135 -79.12 -95.22 -57.07
CA PRO F 135 -79.60 -96.20 -58.04
C PRO F 135 -79.63 -95.60 -59.44
N ARG F 136 -79.29 -96.41 -60.42
CA ARG F 136 -79.25 -96.00 -61.81
C ARG F 136 -79.68 -97.16 -62.69
N GLN F 137 -80.43 -96.86 -63.73
CA GLN F 137 -80.88 -97.88 -64.67
C GLN F 137 -79.86 -98.03 -65.79
N LEU F 138 -79.42 -99.26 -66.02
CA LEU F 138 -78.39 -99.57 -67.00
C LEU F 138 -78.90 -100.65 -67.95
N PRO F 139 -78.45 -100.64 -69.20
CA PRO F 139 -78.86 -101.69 -70.13
C PRO F 139 -78.19 -103.01 -69.79
N VAL F 140 -78.94 -104.09 -69.94
CA VAL F 140 -78.44 -105.44 -69.72
C VAL F 140 -78.48 -106.19 -71.04
N TYR F 141 -77.72 -107.27 -71.10
CA TYR F 141 -77.53 -108.03 -72.33
C TYR F 141 -77.72 -109.51 -72.07
N ARG F 142 -78.30 -110.21 -73.05
CA ARG F 142 -78.43 -111.65 -72.96
C ARG F 142 -77.07 -112.32 -73.13
N ALA F 143 -77.03 -113.61 -72.81
CA ALA F 143 -75.76 -114.34 -72.88
C ALA F 143 -75.19 -114.33 -74.29
N ASN F 144 -76.04 -114.20 -75.31
CA ASN F 144 -75.56 -114.11 -76.67
C ASN F 144 -75.09 -112.72 -77.05
N GLY F 145 -75.15 -111.77 -76.13
CA GLY F 145 -74.73 -110.41 -76.40
C GLY F 145 -75.81 -109.48 -76.90
N GLU F 146 -77.05 -109.95 -76.96
CA GLU F 146 -78.16 -109.14 -77.45
C GLU F 146 -78.71 -108.30 -76.30
N LYS F 147 -78.88 -107.00 -76.54
CA LYS F 147 -79.42 -106.11 -75.52
C LYS F 147 -80.88 -106.46 -75.26
N GLU F 148 -81.25 -106.46 -73.98
CA GLU F 148 -82.61 -106.79 -73.58
C GLU F 148 -83.51 -105.57 -73.72
N LEU F 149 -84.82 -105.82 -73.59
CA LEU F 149 -85.80 -104.75 -73.73
C LEU F 149 -86.00 -103.95 -72.45
N ARG F 150 -85.44 -104.40 -71.32
CA ARG F 150 -85.61 -103.74 -70.04
C ARG F 150 -84.26 -103.40 -69.45
N ASN F 151 -84.16 -102.22 -68.83
CA ASN F 151 -82.99 -101.84 -68.08
C ASN F 151 -83.05 -102.49 -66.69
N ARG F 152 -81.97 -102.37 -65.93
CA ARG F 152 -81.92 -102.91 -64.59
C ARG F 152 -81.27 -101.91 -63.65
N TRP F 153 -81.69 -101.93 -62.39
CA TRP F 153 -81.22 -100.97 -61.40
C TRP F 153 -79.94 -101.47 -60.75
N TYR F 154 -78.95 -100.58 -60.65
CA TYR F 154 -77.67 -100.88 -60.04
C TYR F 154 -77.22 -99.70 -59.20
N TRP F 155 -76.36 -99.96 -58.23
CA TRP F 155 -75.79 -98.92 -57.39
C TRP F 155 -74.55 -98.35 -58.07
N LYS F 156 -74.52 -97.02 -58.24
CA LYS F 156 -73.41 -96.35 -58.88
C LYS F 156 -73.00 -95.14 -58.05
N LEU F 157 -71.71 -94.82 -58.08
CA LEU F 157 -71.23 -93.65 -57.37
C LEU F 157 -71.91 -92.40 -57.91
N LYS F 158 -72.42 -91.56 -57.00
CA LYS F 158 -73.02 -90.29 -57.43
C LYS F 158 -71.98 -89.40 -58.09
N ARG F 159 -70.78 -89.33 -57.52
CA ARG F 159 -69.66 -88.58 -58.08
C ARG F 159 -68.51 -89.57 -58.29
N ASP F 160 -68.34 -90.03 -59.52
CA ASP F 160 -67.26 -90.95 -59.86
C ASP F 160 -66.04 -90.13 -60.25
N THR F 161 -65.16 -89.90 -59.27
CA THR F 161 -63.99 -89.05 -59.42
C THR F 161 -62.77 -89.70 -58.80
N LEU F 162 -62.61 -91.01 -59.03
CA LEU F 162 -61.49 -91.70 -58.41
C LEU F 162 -60.27 -91.65 -59.32
N PRO F 163 -59.08 -91.34 -58.79
CA PRO F 163 -57.89 -91.23 -59.64
C PRO F 163 -57.22 -92.57 -59.91
N ASP F 164 -56.34 -92.55 -60.90
CA ASP F 164 -55.54 -93.72 -61.23
C ASP F 164 -54.33 -93.81 -60.29
N GLY F 165 -53.92 -95.05 -60.02
CA GLY F 165 -52.82 -95.30 -59.11
C GLY F 165 -53.29 -95.57 -57.70
N ASP F 166 -52.75 -96.62 -57.08
CA ASP F 166 -53.21 -97.01 -55.75
C ASP F 166 -52.96 -95.91 -54.74
N TYR F 167 -51.78 -95.29 -54.79
CA TYR F 167 -51.46 -94.23 -53.83
C TYR F 167 -52.43 -93.07 -53.98
N ASP F 168 -52.77 -92.71 -55.22
CA ASP F 168 -53.72 -91.63 -55.44
C ASP F 168 -55.12 -92.02 -54.96
N VAL F 169 -55.49 -93.29 -55.08
CA VAL F 169 -56.79 -93.74 -54.56
C VAL F 169 -56.83 -93.61 -53.04
N ARG F 170 -55.75 -94.02 -52.37
CA ARG F 170 -55.72 -93.90 -50.92
C ARG F 170 -55.69 -92.44 -50.48
N GLU F 171 -55.01 -91.58 -51.23
CA GLU F 171 -55.06 -90.15 -50.94
C GLU F 171 -56.46 -89.59 -51.13
N TYR F 172 -57.16 -90.07 -52.16
CA TYR F 172 -58.55 -89.70 -52.37
C TYR F 172 -59.41 -90.10 -51.18
N PHE F 173 -59.14 -91.28 -50.62
CA PHE F 173 -59.94 -91.73 -49.48
C PHE F 173 -59.57 -90.96 -48.20
N LEU F 174 -58.33 -90.53 -48.06
CA LEU F 174 -58.00 -89.61 -46.98
C LEU F 174 -58.75 -88.30 -47.13
N ASN F 175 -58.82 -87.79 -48.35
CA ASN F 175 -59.59 -86.58 -48.61
C ASN F 175 -61.07 -86.80 -48.29
N LEU F 176 -61.60 -87.98 -48.63
CA LEU F 176 -62.97 -88.31 -48.28
C LEU F 176 -63.17 -88.32 -46.77
N TYR F 177 -62.20 -88.87 -46.04
CA TYR F 177 -62.25 -88.86 -44.58
C TYR F 177 -62.31 -87.42 -44.06
N ASP F 178 -61.46 -86.55 -44.60
CA ASP F 178 -61.49 -85.15 -44.19
C ASP F 178 -62.84 -84.50 -44.51
N GLN F 179 -63.38 -84.79 -45.68
CA GLN F 179 -64.68 -84.24 -46.06
C GLN F 179 -65.77 -84.69 -45.09
N VAL F 180 -65.79 -85.99 -44.77
CA VAL F 180 -66.81 -86.50 -43.88
C VAL F 180 -66.66 -85.86 -42.50
N LEU F 181 -65.44 -85.75 -42.01
CA LEU F 181 -65.24 -85.13 -40.69
C LEU F 181 -65.69 -83.68 -40.69
N THR F 182 -65.35 -82.92 -41.72
CA THR F 182 -65.75 -81.51 -41.77
C THR F 182 -67.26 -81.35 -41.89
N GLU F 183 -67.91 -82.20 -42.70
CA GLU F 183 -69.35 -82.13 -42.91
C GLU F 183 -70.13 -82.98 -41.92
N MET F 184 -69.46 -83.61 -40.96
CA MET F 184 -70.13 -84.48 -40.01
C MET F 184 -71.13 -83.66 -39.20
N PRO F 185 -72.41 -84.02 -39.16
CA PRO F 185 -73.37 -83.24 -38.37
C PRO F 185 -73.17 -83.42 -36.89
N ASP F 186 -73.55 -82.38 -36.13
CA ASP F 186 -73.57 -82.47 -34.68
C ASP F 186 -74.90 -83.01 -34.16
N TYR F 187 -75.96 -82.86 -34.94
CA TYR F 187 -77.26 -83.39 -34.60
C TYR F 187 -78.09 -83.46 -35.88
N LEU F 188 -79.15 -84.27 -35.82
CA LEU F 188 -80.07 -84.42 -36.94
C LEU F 188 -81.50 -84.36 -36.45
N LEU F 189 -82.36 -83.69 -37.21
CA LEU F 189 -83.80 -83.69 -37.00
C LEU F 189 -84.42 -84.10 -38.33
N LEU F 190 -84.81 -85.37 -38.44
CA LEU F 190 -85.23 -85.91 -39.73
C LEU F 190 -86.50 -85.27 -40.26
N LYS F 191 -87.29 -84.62 -39.41
CA LYS F 191 -88.52 -83.99 -39.90
C LYS F 191 -88.22 -82.89 -40.90
N ASP F 192 -87.08 -82.21 -40.75
CA ASP F 192 -86.72 -81.14 -41.68
C ASP F 192 -86.51 -81.68 -43.08
N MET F 193 -85.94 -82.87 -43.20
CA MET F 193 -85.64 -83.48 -44.49
C MET F 193 -86.77 -84.36 -45.00
N ALA F 194 -87.88 -84.48 -44.25
CA ALA F 194 -88.98 -85.32 -44.67
C ALA F 194 -89.78 -84.63 -45.77
N VAL F 195 -90.16 -85.40 -46.79
CA VAL F 195 -90.94 -84.89 -47.90
C VAL F 195 -92.10 -85.85 -48.16
N GLU F 196 -93.13 -85.33 -48.84
CA GLU F 196 -94.30 -86.13 -49.13
C GLU F 196 -93.97 -87.26 -50.09
N ASN F 197 -94.48 -88.44 -49.79
CA ASN F 197 -94.36 -89.61 -50.66
C ASN F 197 -95.52 -89.58 -51.65
N LYS F 198 -95.20 -89.40 -52.93
CA LYS F 198 -96.24 -89.14 -53.93
C LYS F 198 -97.23 -90.29 -54.02
N ASN F 199 -96.73 -91.52 -53.98
CA ASN F 199 -97.58 -92.69 -54.16
C ASN F 199 -98.17 -93.20 -52.85
N SER F 200 -97.94 -92.51 -51.74
CA SER F 200 -98.49 -92.94 -50.46
C SER F 200 -100.00 -92.75 -50.45
N ARG F 201 -100.72 -93.78 -50.01
CA ARG F 201 -102.17 -93.72 -49.84
C ARG F 201 -102.57 -93.33 -48.42
N ASP F 202 -101.60 -93.10 -47.52
CA ASP F 202 -101.87 -92.76 -46.13
C ASP F 202 -101.18 -91.46 -45.72
N ALA F 203 -100.94 -90.56 -46.67
CA ALA F 203 -100.23 -89.31 -46.39
C ALA F 203 -98.85 -89.59 -45.80
N GLY F 204 -98.15 -90.56 -46.39
CA GLY F 204 -96.83 -90.92 -45.92
C GLY F 204 -95.76 -89.93 -46.35
N LYS F 205 -94.70 -89.86 -45.54
CA LYS F 205 -93.55 -89.02 -45.82
C LYS F 205 -92.29 -89.86 -45.76
N VAL F 206 -91.26 -89.43 -46.47
CA VAL F 206 -89.98 -90.12 -46.50
C VAL F 206 -88.87 -89.09 -46.35
N VAL F 207 -87.72 -89.55 -45.86
CA VAL F 207 -86.48 -88.77 -45.83
C VAL F 207 -85.48 -89.49 -46.72
N ASP F 208 -84.87 -88.79 -47.69
CA ASP F 208 -85.01 -87.36 -48.04
C ASP F 208 -85.57 -87.28 -49.45
N SER F 209 -85.55 -86.09 -50.06
CA SER F 209 -86.10 -85.94 -51.40
C SER F 209 -85.51 -86.95 -52.39
N GLU F 210 -84.24 -87.33 -52.21
CA GLU F 210 -83.67 -88.38 -53.04
C GLU F 210 -84.40 -89.70 -52.84
N THR F 211 -84.78 -90.01 -51.59
CA THR F 211 -85.59 -91.20 -51.35
C THR F 211 -86.91 -91.11 -52.08
N ALA F 212 -87.53 -89.92 -52.11
CA ALA F 212 -88.78 -89.77 -52.84
C ALA F 212 -88.59 -90.03 -54.32
N ALA F 213 -87.51 -89.52 -54.90
CA ALA F 213 -87.24 -89.77 -56.31
C ALA F 213 -87.04 -91.26 -56.58
N ILE F 214 -86.26 -91.93 -55.72
CA ILE F 214 -86.03 -93.36 -55.90
C ILE F 214 -87.34 -94.13 -55.77
N CYS F 215 -88.15 -93.76 -54.79
CA CYS F 215 -89.43 -94.45 -54.58
C CYS F 215 -90.34 -94.29 -55.77
N ASP F 216 -90.40 -93.08 -56.34
CA ASP F 216 -91.22 -92.87 -57.53
C ASP F 216 -90.69 -93.70 -58.70
N ALA F 217 -89.37 -93.73 -58.88
CA ALA F 217 -88.80 -94.49 -59.98
C ALA F 217 -89.11 -95.97 -59.85
N ILE F 218 -89.01 -96.51 -58.63
CA ILE F 218 -89.32 -97.92 -58.41
C ILE F 218 -90.81 -98.16 -58.58
N PHE F 219 -91.64 -97.23 -58.13
CA PHE F 219 -93.09 -97.39 -58.25
C PHE F 219 -93.52 -97.46 -59.70
N GLN F 220 -92.95 -96.60 -60.55
CA GLN F 220 -93.36 -96.56 -61.95
C GLN F 220 -92.71 -97.64 -62.80
N ASP F 221 -91.71 -98.34 -62.30
CA ASP F 221 -91.04 -99.37 -63.09
C ASP F 221 -91.93 -100.59 -63.23
N GLU F 222 -91.88 -101.20 -64.42
CA GLU F 222 -92.72 -102.36 -64.71
C GLU F 222 -92.15 -103.67 -64.17
N GLU F 223 -90.87 -103.70 -63.81
CA GLU F 223 -90.26 -104.91 -63.28
C GLU F 223 -90.28 -104.96 -61.76
N THR F 224 -90.83 -103.94 -61.10
CA THR F 224 -90.95 -103.97 -59.66
C THR F 224 -91.97 -105.01 -59.23
N GLU F 225 -91.65 -105.75 -58.17
CA GLU F 225 -92.60 -106.71 -57.64
C GLU F 225 -93.83 -105.99 -57.11
N GLY F 226 -94.98 -106.66 -57.21
CA GLY F 226 -96.20 -106.07 -56.69
C GLY F 226 -96.14 -105.81 -55.20
N VAL F 227 -95.45 -106.67 -54.46
CA VAL F 227 -95.33 -106.48 -53.02
C VAL F 227 -94.54 -105.22 -52.71
N VAL F 228 -93.46 -104.97 -53.45
CA VAL F 228 -92.67 -103.76 -53.24
C VAL F 228 -93.49 -102.52 -53.59
N ARG F 229 -94.26 -102.59 -54.68
CA ARG F 229 -95.11 -101.46 -55.05
C ARG F 229 -96.14 -101.17 -53.96
N ARG F 230 -96.78 -102.21 -53.44
CA ARG F 230 -97.76 -102.03 -52.39
C ARG F 230 -97.12 -101.48 -51.12
N PHE F 231 -95.91 -101.94 -50.79
CA PHE F 231 -95.22 -101.42 -49.62
C PHE F 231 -94.88 -99.94 -49.78
N ILE F 232 -94.39 -99.55 -50.95
CA ILE F 232 -94.11 -98.14 -51.19
C ILE F 232 -95.39 -97.33 -51.05
N ALA F 233 -96.51 -97.88 -51.54
CA ALA F 233 -97.79 -97.19 -51.40
C ALA F 233 -98.28 -97.16 -49.96
N GLU F 234 -97.81 -98.07 -49.11
CA GLU F 234 -98.34 -98.21 -47.75
C GLU F 234 -97.35 -97.87 -46.66
N MET F 235 -96.04 -97.84 -46.95
CA MET F 235 -95.06 -97.57 -45.90
C MET F 235 -95.31 -96.20 -45.28
N ARG F 236 -95.21 -96.15 -43.96
CA ARG F 236 -95.63 -94.98 -43.18
C ARG F 236 -94.51 -94.53 -42.27
N GLN F 237 -94.48 -93.22 -42.00
CA GLN F 237 -93.65 -92.68 -40.94
C GLN F 237 -94.42 -92.72 -39.61
N ARG F 238 -93.71 -92.50 -38.51
CA ARG F 238 -94.33 -92.45 -37.20
C ARG F 238 -93.74 -91.28 -36.43
N VAL F 239 -94.56 -90.28 -36.15
CA VAL F 239 -94.17 -89.09 -35.40
C VAL F 239 -94.84 -89.17 -34.04
N GLN F 240 -94.05 -89.35 -32.99
CA GLN F 240 -94.56 -89.40 -31.61
C GLN F 240 -94.10 -88.12 -30.92
N ALA F 241 -95.01 -87.14 -30.86
CA ALA F 241 -94.68 -85.87 -30.22
C ALA F 241 -94.50 -86.03 -28.72
N ASP F 242 -95.28 -86.91 -28.09
CA ASP F 242 -95.16 -87.09 -26.65
C ASP F 242 -93.77 -87.60 -26.27
N ARG F 243 -93.25 -88.56 -27.03
CA ARG F 243 -91.90 -89.07 -26.82
C ARG F 243 -90.83 -88.22 -27.49
N ASN F 244 -91.21 -87.26 -28.33
CA ASN F 244 -90.25 -86.45 -29.08
C ASN F 244 -89.39 -87.34 -29.98
N VAL F 245 -90.05 -88.15 -30.80
CA VAL F 245 -89.39 -89.09 -31.68
C VAL F 245 -90.04 -89.06 -33.05
N VAL F 246 -89.25 -89.34 -34.08
CA VAL F 246 -89.74 -89.46 -35.45
C VAL F 246 -89.02 -90.62 -36.11
N ASN F 247 -89.76 -91.42 -36.87
CA ASN F 247 -89.22 -92.48 -37.70
C ASN F 247 -89.71 -92.29 -39.12
N TYR F 248 -88.79 -92.28 -40.08
CA TYR F 248 -89.14 -92.07 -41.47
C TYR F 248 -88.57 -93.17 -42.35
N PRO F 249 -89.29 -93.62 -43.37
CA PRO F 249 -88.68 -94.52 -44.35
C PRO F 249 -87.62 -93.81 -45.19
N SER F 250 -86.58 -94.56 -45.55
CA SER F 250 -85.49 -94.04 -46.36
C SER F 250 -84.98 -95.16 -47.25
N ILE F 251 -84.42 -94.76 -48.40
CA ILE F 251 -83.75 -95.67 -49.31
C ILE F 251 -82.29 -95.27 -49.34
N LEU F 252 -81.41 -96.20 -48.98
CA LEU F 252 -79.99 -95.89 -48.86
C LEU F 252 -79.17 -97.11 -49.23
N HIS F 253 -78.02 -96.87 -49.85
CA HIS F 253 -77.03 -97.92 -50.01
C HIS F 253 -76.51 -98.31 -48.64
N PRO F 254 -76.11 -99.58 -48.44
CA PRO F 254 -75.67 -99.98 -47.10
C PRO F 254 -74.56 -99.11 -46.52
N ILE F 255 -73.64 -98.60 -47.34
CA ILE F 255 -72.60 -97.71 -46.84
C ILE F 255 -73.20 -96.36 -46.46
N ASP F 256 -74.08 -95.84 -47.30
CA ASP F 256 -74.77 -94.59 -46.97
C ASP F 256 -75.59 -94.75 -45.70
N HIS F 257 -76.27 -95.89 -45.56
CA HIS F 257 -77.02 -96.15 -44.34
C HIS F 257 -76.10 -96.23 -43.15
N ALA F 258 -74.92 -96.83 -43.31
CA ALA F 258 -73.97 -96.90 -42.21
C ALA F 258 -73.58 -95.51 -41.74
N PHE F 259 -73.26 -94.62 -42.69
CA PHE F 259 -72.86 -93.27 -42.32
C PHE F 259 -74.00 -92.51 -41.66
N ASN F 260 -75.19 -92.55 -42.26
CA ASN F 260 -76.32 -91.81 -41.71
C ASN F 260 -76.73 -92.36 -40.35
N GLU F 261 -76.72 -93.67 -40.19
CA GLU F 261 -77.03 -94.29 -38.90
C GLU F 261 -76.02 -93.89 -37.84
N TYR F 262 -74.73 -93.85 -38.20
CA TYR F 262 -73.74 -93.40 -37.24
C TYR F 262 -74.00 -91.97 -36.83
N PHE F 263 -74.32 -91.10 -37.79
CA PHE F 263 -74.63 -89.72 -37.45
C PHE F 263 -75.84 -89.64 -36.52
N LEU F 264 -76.88 -90.40 -36.81
CA LEU F 264 -78.08 -90.37 -35.99
C LEU F 264 -77.83 -90.90 -34.58
N GLN F 265 -77.04 -91.96 -34.45
CA GLN F 265 -76.87 -92.65 -33.19
C GLN F 265 -75.84 -92.01 -32.28
N HIS F 266 -75.01 -91.11 -32.80
CA HIS F 266 -73.88 -90.56 -32.06
C HIS F 266 -73.86 -89.04 -32.15
N GLN F 267 -75.02 -88.43 -31.93
CA GLN F 267 -75.12 -86.97 -31.93
C GLN F 267 -74.46 -86.39 -30.69
N LEU F 268 -73.91 -85.19 -30.84
CA LEU F 268 -73.17 -84.54 -29.77
C LEU F 268 -74.04 -83.70 -28.84
N VAL F 269 -75.32 -83.52 -29.17
CA VAL F 269 -76.20 -82.74 -28.32
C VAL F 269 -76.62 -83.55 -27.12
N GLU F 270 -76.80 -82.88 -25.99
CA GLU F 270 -77.21 -83.50 -24.74
C GLU F 270 -78.23 -82.61 -24.06
N PRO F 271 -79.10 -83.18 -23.22
CA PRO F 271 -80.11 -82.37 -22.55
C PRO F 271 -79.48 -81.26 -21.71
N LEU F 272 -80.15 -80.12 -21.69
CA LEU F 272 -79.70 -78.94 -20.95
C LEU F 272 -80.78 -78.53 -19.96
N ASN F 273 -80.39 -78.34 -18.71
CA ASN F 273 -81.29 -77.89 -17.67
C ASN F 273 -80.57 -76.87 -16.80
N ASN F 274 -81.32 -76.25 -15.89
CA ASN F 274 -80.74 -75.24 -15.02
C ASN F 274 -79.62 -75.81 -14.15
N ASP F 275 -79.72 -77.09 -13.79
CA ASP F 275 -78.66 -77.71 -12.99
C ASP F 275 -77.34 -77.74 -13.75
N ILE F 276 -77.39 -78.06 -15.05
CA ILE F 276 -76.17 -78.11 -15.85
C ILE F 276 -75.55 -76.72 -15.95
N ILE F 277 -76.38 -75.70 -16.17
CA ILE F 277 -75.86 -74.34 -16.27
C ILE F 277 -75.25 -73.92 -14.93
N PHE F 278 -75.93 -74.24 -13.83
CA PHE F 278 -75.42 -73.86 -12.52
C PHE F 278 -74.08 -74.53 -12.24
N ASN F 279 -73.95 -75.81 -12.58
CA ASN F 279 -72.67 -76.48 -12.41
C ASN F 279 -71.62 -75.96 -13.39
N TYR F 280 -72.06 -75.40 -14.52
CA TYR F 280 -71.11 -74.84 -15.48
C TYR F 280 -70.38 -73.63 -14.90
N ILE F 281 -71.00 -72.91 -13.99
CA ILE F 281 -70.34 -71.78 -13.34
C ILE F 281 -69.21 -72.32 -12.46
N PRO F 282 -68.04 -71.70 -12.42
CA PRO F 282 -66.98 -72.18 -11.53
C PRO F 282 -67.45 -72.22 -10.08
N GLU F 283 -67.05 -73.28 -9.37
CA GLU F 283 -67.56 -73.51 -8.04
C GLU F 283 -67.16 -72.38 -7.08
N ARG F 284 -65.91 -71.93 -7.17
CA ARG F 284 -65.45 -70.88 -6.27
C ARG F 284 -66.18 -69.56 -6.50
N ILE F 285 -66.76 -69.36 -7.68
CA ILE F 285 -67.57 -68.17 -7.90
C ILE F 285 -68.98 -68.38 -7.37
N ARG F 286 -69.48 -69.62 -7.35
CA ARG F 286 -70.78 -69.89 -6.79
C ARG F 286 -70.77 -69.81 -5.27
N ASN F 287 -69.62 -70.04 -4.65
CA ASN F 287 -69.47 -69.96 -3.20
C ASN F 287 -69.05 -68.58 -2.74
N ASP F 288 -68.76 -67.66 -3.66
CA ASP F 288 -68.36 -66.32 -3.28
C ASP F 288 -69.59 -65.48 -2.98
N VAL F 289 -69.64 -64.92 -1.76
CA VAL F 289 -70.80 -64.13 -1.35
C VAL F 289 -70.86 -62.77 -2.00
N ASN F 290 -69.79 -62.35 -2.68
CA ASN F 290 -69.80 -61.06 -3.37
C ASN F 290 -70.57 -61.11 -4.67
N TYR F 291 -70.85 -62.30 -5.20
CA TYR F 291 -71.57 -62.48 -6.44
C TYR F 291 -72.89 -63.21 -6.15
N ILE F 292 -73.99 -62.59 -6.58
CA ILE F 292 -75.32 -63.19 -6.44
C ILE F 292 -75.72 -63.72 -7.81
N LEU F 293 -75.90 -65.04 -7.88
CA LEU F 293 -76.24 -65.73 -9.12
C LEU F 293 -77.66 -66.26 -9.02
N ASN F 294 -78.46 -65.98 -10.04
CA ASN F 294 -79.85 -66.40 -10.08
C ASN F 294 -80.16 -67.04 -11.43
N MET F 295 -81.15 -67.92 -11.44
CA MET F 295 -81.60 -68.60 -12.65
C MET F 295 -83.01 -68.11 -12.94
N ASP F 296 -83.09 -67.00 -13.69
CA ASP F 296 -84.35 -66.37 -14.02
C ASP F 296 -84.84 -66.76 -15.41
N ARG F 297 -84.45 -67.94 -15.90
CA ARG F 297 -84.84 -68.43 -17.20
C ARG F 297 -85.36 -69.85 -17.05
N ASN F 298 -86.39 -70.19 -17.83
CA ASN F 298 -86.96 -71.53 -17.84
C ASN F 298 -86.44 -72.26 -19.07
N LEU F 299 -85.82 -73.41 -18.85
CA LEU F 299 -85.31 -74.22 -19.95
C LEU F 299 -86.32 -75.30 -20.31
N PRO F 300 -86.81 -75.36 -21.53
CA PRO F 300 -87.71 -76.46 -21.90
C PRO F 300 -86.99 -77.79 -21.91
N SER F 301 -87.77 -78.86 -21.74
CA SER F 301 -87.20 -80.20 -21.76
C SER F 301 -86.53 -80.51 -23.09
N THR F 302 -86.86 -79.76 -24.14
CA THR F 302 -86.24 -79.93 -25.45
C THR F 302 -84.97 -79.12 -25.61
N ALA F 303 -84.52 -78.43 -24.57
CA ALA F 303 -83.26 -77.70 -24.64
C ALA F 303 -82.09 -78.66 -24.76
N ARG F 304 -81.13 -78.31 -25.62
CA ARG F 304 -79.94 -79.11 -25.84
C ARG F 304 -78.70 -78.22 -25.80
N TYR F 305 -77.55 -78.86 -25.60
CA TYR F 305 -76.28 -78.15 -25.65
C TYR F 305 -75.19 -79.16 -25.95
N ILE F 306 -74.03 -78.65 -26.36
CA ILE F 306 -72.86 -79.47 -26.68
C ILE F 306 -71.78 -79.14 -25.66
N ARG F 307 -71.31 -80.15 -24.95
CA ARG F 307 -70.28 -79.94 -23.94
C ARG F 307 -68.95 -79.59 -24.61
N PRO F 308 -68.22 -78.61 -24.08
CA PRO F 308 -66.85 -78.39 -24.57
C PRO F 308 -65.93 -79.50 -24.11
N ASN F 309 -64.88 -79.73 -24.89
CA ASN F 309 -63.89 -80.77 -24.58
C ASN F 309 -62.80 -80.13 -23.74
N LEU F 310 -63.03 -80.06 -22.43
CA LEU F 310 -62.08 -79.46 -21.50
C LEU F 310 -61.13 -80.51 -20.93
N LEU F 311 -60.53 -81.29 -21.82
CA LEU F 311 -59.50 -82.23 -21.44
C LEU F 311 -58.18 -81.50 -21.27
N GLN F 312 -57.43 -81.85 -20.23
CA GLN F 312 -56.18 -81.18 -19.97
C GLN F 312 -55.14 -81.56 -21.03
N ASP F 313 -54.06 -80.78 -21.07
CA ASP F 313 -53.09 -80.87 -22.15
C ASP F 313 -52.54 -82.27 -22.32
N ARG F 314 -52.82 -82.87 -23.48
CA ARG F 314 -52.26 -84.16 -23.83
C ARG F 314 -50.87 -84.03 -24.45
N LEU F 315 -50.55 -82.87 -25.01
CA LEU F 315 -49.25 -82.65 -25.62
C LEU F 315 -48.19 -82.18 -24.63
N ASN F 316 -48.60 -81.72 -23.45
CA ASN F 316 -47.68 -81.27 -22.41
C ASN F 316 -46.74 -80.19 -22.95
N LEU F 317 -47.33 -79.14 -23.52
CA LEU F 317 -46.53 -78.09 -24.14
C LEU F 317 -45.68 -77.34 -23.12
N HIS F 318 -46.02 -77.43 -21.84
CA HIS F 318 -45.17 -76.86 -20.79
C HIS F 318 -43.85 -77.60 -20.65
N ASP F 319 -43.71 -78.78 -21.25
CA ASP F 319 -42.50 -79.59 -21.15
C ASP F 319 -41.83 -79.66 -22.52
N ASN F 320 -40.69 -78.97 -22.65
CA ASN F 320 -39.81 -79.08 -23.81
C ASN F 320 -40.36 -78.40 -25.06
N PHE F 321 -41.27 -77.43 -24.90
CA PHE F 321 -41.67 -76.54 -26.00
C PHE F 321 -41.49 -75.13 -25.46
N GLU F 322 -40.26 -74.61 -25.53
CA GLU F 322 -39.99 -73.31 -24.94
C GLU F 322 -40.66 -72.18 -25.71
N SER F 323 -40.60 -72.24 -27.05
CA SER F 323 -41.17 -71.17 -27.86
C SER F 323 -42.69 -71.21 -27.84
N LEU F 324 -43.27 -72.41 -28.01
CA LEU F 324 -44.72 -72.52 -27.96
C LEU F 324 -45.25 -72.14 -26.59
N TRP F 325 -44.56 -72.55 -25.53
CA TRP F 325 -45.00 -72.20 -24.19
C TRP F 325 -44.85 -70.70 -23.94
N ASP F 326 -43.80 -70.09 -24.46
CA ASP F 326 -43.67 -68.64 -24.38
C ASP F 326 -44.85 -67.96 -25.04
N THR F 327 -45.23 -68.44 -26.23
CA THR F 327 -46.38 -67.85 -26.92
C THR F 327 -47.67 -68.06 -26.13
N ILE F 328 -47.86 -69.24 -25.58
CA ILE F 328 -49.09 -69.53 -24.83
C ILE F 328 -49.17 -68.64 -23.59
N THR F 329 -48.07 -68.50 -22.86
CA THR F 329 -48.08 -67.66 -21.66
C THR F 329 -48.27 -66.20 -22.03
N THR F 330 -47.68 -65.74 -23.14
CA THR F 330 -47.89 -64.36 -23.55
C THR F 330 -49.35 -64.12 -23.91
N SER F 331 -49.97 -65.06 -24.61
CA SER F 331 -51.38 -64.92 -24.94
C SER F 331 -52.25 -64.91 -23.69
N ASN F 332 -51.96 -65.79 -22.74
CA ASN F 332 -52.72 -65.82 -21.50
C ASN F 332 -52.54 -64.51 -20.72
N TYR F 333 -51.31 -63.99 -20.71
CA TYR F 333 -51.04 -62.73 -20.03
C TYR F 333 -51.81 -61.58 -20.66
N ILE F 334 -51.83 -61.51 -21.99
CA ILE F 334 -52.58 -60.46 -22.67
C ILE F 334 -54.06 -60.59 -22.38
N LEU F 335 -54.58 -61.82 -22.39
CA LEU F 335 -55.99 -62.02 -22.07
C LEU F 335 -56.30 -61.59 -20.65
N ALA F 336 -55.43 -61.94 -19.70
CA ALA F 336 -55.67 -61.60 -18.31
C ALA F 336 -55.61 -60.10 -18.08
N ARG F 337 -54.72 -59.41 -18.79
CA ARG F 337 -54.61 -57.96 -18.63
C ARG F 337 -55.93 -57.26 -18.91
N SER F 338 -56.73 -57.81 -19.83
CA SER F 338 -57.98 -57.18 -20.22
C SER F 338 -59.09 -57.35 -19.19
N VAL F 339 -58.94 -58.30 -18.26
CA VAL F 339 -60.01 -58.63 -17.30
C VAL F 339 -59.67 -58.20 -15.89
N VAL F 340 -58.45 -57.76 -15.62
CA VAL F 340 -58.13 -57.25 -14.29
C VAL F 340 -58.80 -55.90 -14.09
N PRO F 341 -59.51 -55.65 -13.00
CA PRO F 341 -60.23 -54.38 -12.86
C PRO F 341 -59.28 -53.20 -12.74
N ASP F 342 -59.80 -52.02 -13.08
CA ASP F 342 -59.05 -50.79 -12.94
C ASP F 342 -59.22 -50.22 -11.54
N LEU F 343 -58.13 -49.73 -10.97
CA LEU F 343 -58.17 -49.15 -9.64
C LEU F 343 -58.96 -47.84 -9.65
N LYS F 344 -59.62 -47.56 -8.53
CA LYS F 344 -60.48 -46.39 -8.40
C LYS F 344 -60.06 -45.58 -7.17
N GLU F 345 -60.35 -44.27 -7.23
CA GLU F 345 -60.15 -43.37 -6.09
C GLU F 345 -58.73 -43.48 -5.54
N LEU F 346 -57.76 -43.50 -6.44
CA LEU F 346 -56.37 -43.53 -6.02
C LEU F 346 -56.00 -42.23 -5.33
N VAL F 347 -55.00 -42.31 -4.44
CA VAL F 347 -54.54 -41.12 -3.75
C VAL F 347 -54.05 -40.11 -4.78
N SER F 348 -54.27 -38.82 -4.49
CA SER F 348 -53.84 -37.77 -5.39
C SER F 348 -52.35 -37.87 -5.65
N THR F 349 -51.97 -37.90 -6.93
CA THR F 349 -50.55 -38.00 -7.27
C THR F 349 -49.80 -36.76 -6.81
N GLU F 350 -50.41 -35.58 -6.94
CA GLU F 350 -49.74 -34.36 -6.53
C GLU F 350 -49.42 -34.39 -5.04
N ALA F 351 -50.41 -34.71 -4.21
CA ALA F 351 -50.20 -34.72 -2.77
C ALA F 351 -49.15 -35.75 -2.36
N GLN F 352 -49.26 -36.97 -2.91
CA GLN F 352 -48.31 -38.02 -2.56
C GLN F 352 -46.91 -37.67 -3.01
N ILE F 353 -46.77 -37.12 -4.21
CA ILE F 353 -45.44 -36.74 -4.71
C ILE F 353 -44.83 -35.65 -3.84
N GLN F 354 -45.63 -34.65 -3.47
CA GLN F 354 -45.12 -33.61 -2.57
C GLN F 354 -44.72 -34.19 -1.23
N LYS F 355 -45.52 -35.10 -0.69
CA LYS F 355 -45.20 -35.73 0.59
C LYS F 355 -43.88 -36.48 0.50
N MET F 356 -43.71 -37.27 -0.56
CA MET F 356 -42.48 -38.04 -0.73
C MET F 356 -41.28 -37.13 -0.91
N SER F 357 -41.42 -36.06 -1.70
CA SER F 357 -40.31 -35.14 -1.90
C SER F 357 -39.92 -34.46 -0.59
N GLN F 358 -40.92 -34.04 0.19
CA GLN F 358 -40.62 -33.41 1.47
C GLN F 358 -39.96 -34.39 2.43
N ASP F 359 -40.41 -35.65 2.43
CA ASP F 359 -39.86 -36.62 3.36
C ASP F 359 -38.48 -37.10 2.97
N LEU F 360 -38.16 -37.11 1.67
CA LEU F 360 -36.90 -37.66 1.21
C LEU F 360 -35.77 -36.64 1.18
N GLN F 361 -36.07 -35.35 1.08
CA GLN F 361 -35.05 -34.30 1.05
C GLN F 361 -34.02 -34.59 -0.04
N LEU F 362 -34.53 -34.93 -1.23
CA LEU F 362 -33.66 -35.39 -2.31
C LEU F 362 -32.66 -34.32 -2.73
N GLU F 363 -33.13 -33.08 -2.86
CA GLU F 363 -32.26 -31.99 -3.30
C GLU F 363 -31.11 -31.79 -2.34
N ALA F 364 -31.36 -31.95 -1.04
CA ALA F 364 -30.33 -31.73 -0.03
C ALA F 364 -29.21 -32.76 -0.07
N LEU F 365 -29.38 -33.85 -0.82
CA LEU F 365 -28.38 -34.90 -0.90
C LEU F 365 -27.43 -34.64 -2.07
N THR F 366 -26.34 -35.41 -2.10
CA THR F 366 -25.35 -35.33 -3.16
C THR F 366 -25.59 -36.36 -4.27
N ILE F 367 -26.85 -36.70 -4.52
CA ILE F 367 -27.18 -37.72 -5.51
C ILE F 367 -27.20 -37.09 -6.89
N GLN F 368 -26.68 -37.82 -7.88
CA GLN F 368 -26.71 -37.34 -9.26
C GLN F 368 -28.06 -37.51 -9.93
N SER F 369 -28.93 -38.35 -9.37
CA SER F 369 -30.26 -38.60 -9.92
C SER F 369 -31.29 -37.98 -8.96
N GLU F 370 -31.55 -36.68 -9.16
CA GLU F 370 -32.51 -35.95 -8.34
C GLU F 370 -33.85 -35.77 -9.03
N THR F 371 -33.84 -35.55 -10.35
CA THR F 371 -35.10 -35.40 -11.09
C THR F 371 -35.76 -36.76 -11.32
N GLN F 372 -34.96 -37.79 -11.59
CA GLN F 372 -35.50 -39.10 -11.94
C GLN F 372 -35.94 -39.92 -10.74
N PHE F 373 -35.62 -39.48 -9.51
CA PHE F 373 -35.89 -40.32 -8.34
C PHE F 373 -37.37 -40.58 -8.17
N LEU F 374 -38.20 -39.55 -8.34
CA LEU F 374 -39.65 -39.66 -8.17
C LEU F 374 -40.38 -39.71 -9.50
N THR F 375 -39.68 -39.86 -10.62
CA THR F 375 -40.32 -39.99 -11.91
C THR F 375 -40.86 -41.39 -12.10
N GLY F 376 -42.08 -41.48 -12.64
CA GLY F 376 -42.76 -42.74 -12.82
C GLY F 376 -43.80 -43.06 -11.78
N ILE F 377 -44.06 -42.15 -10.84
CA ILE F 377 -45.07 -42.33 -9.80
C ILE F 377 -46.33 -41.63 -10.29
N ASN F 378 -47.27 -42.40 -10.83
CA ASN F 378 -48.52 -41.86 -11.34
C ASN F 378 -49.60 -42.93 -11.28
N SER F 379 -50.85 -42.50 -11.42
CA SER F 379 -51.97 -43.43 -11.37
C SER F 379 -51.91 -44.44 -12.50
N GLN F 380 -51.47 -44.00 -13.69
CA GLN F 380 -51.35 -44.92 -14.82
C GLN F 380 -50.35 -46.02 -14.51
N ALA F 381 -49.22 -45.67 -13.90
CA ALA F 381 -48.23 -46.68 -13.52
C ALA F 381 -48.78 -47.62 -12.47
N ALA F 382 -49.57 -47.11 -11.52
CA ALA F 382 -50.17 -47.97 -10.51
C ALA F 382 -51.14 -48.96 -11.13
N ASN F 383 -51.98 -48.51 -12.06
CA ASN F 383 -52.89 -49.42 -12.74
C ASN F 383 -52.13 -50.45 -13.55
N ASP F 384 -51.06 -50.01 -14.23
CA ASP F 384 -50.24 -50.94 -15.01
C ASP F 384 -49.61 -51.98 -14.11
N CYS F 385 -49.13 -51.59 -12.94
CA CYS F 385 -48.55 -52.55 -12.01
C CYS F 385 -49.59 -53.56 -11.54
N PHE F 386 -50.78 -53.08 -11.16
CA PHE F 386 -51.84 -53.97 -10.71
C PHE F 386 -52.16 -55.01 -11.79
N LYS F 387 -52.41 -54.53 -13.01
CA LYS F 387 -52.73 -55.44 -14.11
C LYS F 387 -51.58 -56.39 -14.39
N THR F 388 -50.35 -55.88 -14.42
CA THR F 388 -49.20 -56.73 -14.74
C THR F 388 -49.06 -57.84 -13.72
N LEU F 389 -49.15 -57.51 -12.43
CA LEU F 389 -48.97 -58.52 -11.40
C LEU F 389 -50.06 -59.59 -11.50
N ILE F 390 -51.33 -59.18 -11.53
CA ILE F 390 -52.38 -60.18 -11.53
C ILE F 390 -52.34 -61.01 -12.80
N ALA F 391 -52.11 -60.37 -13.95
CA ALA F 391 -52.10 -61.09 -15.22
C ALA F 391 -50.92 -62.05 -15.30
N ALA F 392 -49.75 -61.63 -14.82
CA ALA F 392 -48.59 -62.52 -14.84
C ALA F 392 -48.81 -63.72 -13.95
N MET F 393 -49.41 -63.52 -12.77
CA MET F 393 -49.70 -64.64 -11.90
C MET F 393 -50.73 -65.58 -12.55
N LEU F 394 -51.75 -65.01 -13.19
CA LEU F 394 -52.78 -65.84 -13.82
C LEU F 394 -52.22 -66.66 -14.97
N SER F 395 -51.41 -66.03 -15.82
CA SER F 395 -50.84 -66.69 -16.98
C SER F 395 -49.58 -67.48 -16.65
N GLN F 396 -49.07 -67.36 -15.43
CA GLN F 396 -47.82 -68.01 -15.05
C GLN F 396 -46.69 -67.61 -16.00
N ARG F 397 -46.65 -66.33 -16.34
CA ARG F 397 -45.63 -65.78 -17.21
C ARG F 397 -44.55 -65.12 -16.36
N THR F 398 -43.30 -65.48 -16.62
CA THR F 398 -42.20 -64.96 -15.82
C THR F 398 -42.07 -63.45 -15.99
N MET F 399 -41.72 -62.77 -14.91
CA MET F 399 -41.53 -61.33 -14.90
C MET F 399 -40.06 -61.01 -14.66
N SER F 400 -39.58 -59.97 -15.32
CA SER F 400 -38.26 -59.41 -15.06
C SER F 400 -38.44 -58.08 -14.32
N LEU F 401 -37.46 -57.77 -13.46
CA LEU F 401 -37.51 -56.58 -12.63
C LEU F 401 -36.58 -55.52 -13.20
N ASP F 402 -37.12 -54.33 -13.43
CA ASP F 402 -36.36 -53.20 -13.94
C ASP F 402 -36.32 -52.13 -12.87
N PHE F 403 -35.12 -51.76 -12.45
CA PHE F 403 -34.96 -50.75 -11.42
C PHE F 403 -33.59 -50.13 -11.52
N VAL F 404 -33.44 -48.97 -10.89
CA VAL F 404 -32.16 -48.31 -10.72
C VAL F 404 -31.74 -48.52 -9.27
N THR F 405 -30.56 -49.10 -9.06
CA THR F 405 -30.11 -49.38 -7.70
C THR F 405 -30.03 -48.12 -6.86
N THR F 406 -29.72 -46.97 -7.50
CA THR F 406 -29.63 -45.72 -6.76
C THR F 406 -30.98 -45.31 -6.19
N ASN F 407 -32.06 -45.70 -6.84
CA ASN F 407 -33.42 -45.37 -6.38
C ASN F 407 -33.80 -46.35 -5.28
N TYR F 408 -33.53 -45.97 -4.03
CA TYR F 408 -33.82 -46.85 -2.91
C TYR F 408 -35.32 -46.92 -2.62
N MET F 409 -36.10 -45.93 -3.06
CA MET F 409 -37.55 -46.03 -2.93
C MET F 409 -38.08 -47.20 -3.75
N SER F 410 -37.53 -47.39 -4.95
CA SER F 410 -37.91 -48.54 -5.76
C SER F 410 -37.59 -49.85 -5.04
N LEU F 411 -36.44 -49.93 -4.39
CA LEU F 411 -36.09 -51.13 -3.64
C LEU F 411 -37.02 -51.34 -2.45
N ILE F 412 -37.40 -50.25 -1.77
CA ILE F 412 -38.30 -50.37 -0.64
C ILE F 412 -39.65 -50.89 -1.09
N SER F 413 -40.13 -50.42 -2.23
CA SER F 413 -41.37 -50.97 -2.80
C SER F 413 -41.17 -52.42 -3.25
N GLY F 414 -39.98 -52.74 -3.76
CA GLY F 414 -39.69 -54.12 -4.13
C GLY F 414 -39.71 -55.05 -2.95
N MET F 415 -39.46 -54.52 -1.75
CA MET F 415 -39.60 -55.34 -0.55
C MET F 415 -41.04 -55.83 -0.41
N TRP F 416 -42.01 -54.93 -0.57
CA TRP F 416 -43.41 -55.33 -0.56
C TRP F 416 -43.72 -56.29 -1.71
N LEU F 417 -43.16 -55.99 -2.89
CA LEU F 417 -43.42 -56.85 -4.05
C LEU F 417 -42.96 -58.27 -3.80
N LEU F 418 -41.76 -58.44 -3.24
CA LEU F 418 -41.26 -59.77 -2.92
C LEU F 418 -42.02 -60.38 -1.75
N THR F 419 -42.58 -59.55 -0.88
CA THR F 419 -43.40 -60.07 0.20
C THR F 419 -44.67 -60.72 -0.33
N VAL F 420 -45.36 -60.08 -1.27
CA VAL F 420 -46.68 -60.51 -1.69
C VAL F 420 -46.63 -61.41 -2.91
N VAL F 421 -45.77 -61.12 -3.88
CA VAL F 421 -45.71 -61.90 -5.11
C VAL F 421 -44.75 -63.07 -4.92
N PRO F 422 -45.14 -64.31 -5.24
CA PRO F 422 -44.21 -65.43 -5.07
C PRO F 422 -42.93 -65.21 -5.86
N ASN F 423 -41.80 -65.57 -5.25
CA ASN F 423 -40.50 -65.30 -5.85
C ASN F 423 -40.22 -66.19 -7.04
N ASP F 424 -40.98 -67.28 -7.21
CA ASP F 424 -40.82 -68.12 -8.39
C ASP F 424 -41.49 -67.50 -9.62
N MET F 425 -42.22 -66.40 -9.46
CA MET F 425 -42.80 -65.69 -10.59
C MET F 425 -41.81 -64.76 -11.28
N PHE F 426 -40.60 -64.63 -10.75
CA PHE F 426 -39.58 -63.76 -11.32
C PHE F 426 -38.43 -64.59 -11.86
N ILE F 427 -37.87 -64.15 -12.99
CA ILE F 427 -36.66 -64.80 -13.51
C ILE F 427 -35.57 -64.72 -12.45
N ARG F 428 -34.77 -65.78 -12.36
CA ARG F 428 -33.82 -65.92 -11.26
C ARG F 428 -32.88 -64.72 -11.20
N GLU F 429 -32.41 -64.25 -12.35
CA GLU F 429 -31.48 -63.13 -12.35
C GLU F 429 -32.12 -61.87 -11.79
N SER F 430 -33.36 -61.59 -12.18
CA SER F 430 -34.04 -60.39 -11.68
C SER F 430 -34.29 -60.47 -10.18
N LEU F 431 -34.76 -61.62 -9.71
CA LEU F 431 -34.98 -61.79 -8.28
C LEU F 431 -33.68 -61.63 -7.51
N VAL F 432 -32.60 -62.24 -8.01
CA VAL F 432 -31.31 -62.13 -7.34
C VAL F 432 -30.83 -60.69 -7.32
N ALA F 433 -30.96 -59.98 -8.44
CA ALA F 433 -30.51 -58.60 -8.50
C ALA F 433 -31.30 -57.73 -7.53
N CYS F 434 -32.63 -57.87 -7.51
CA CYS F 434 -33.44 -57.07 -6.61
C CYS F 434 -33.10 -57.36 -5.16
N GLN F 435 -33.00 -58.64 -4.81
CA GLN F 435 -32.70 -59.00 -3.43
C GLN F 435 -31.31 -58.52 -3.03
N LEU F 436 -30.34 -58.62 -3.93
CA LEU F 436 -28.98 -58.19 -3.61
C LEU F 436 -28.89 -56.68 -3.47
N ALA F 437 -29.62 -55.94 -4.31
CA ALA F 437 -29.68 -54.49 -4.15
C ALA F 437 -30.31 -54.12 -2.82
N ILE F 438 -31.39 -54.81 -2.43
CA ILE F 438 -32.02 -54.54 -1.14
C ILE F 438 -31.06 -54.86 0.00
N ILE F 439 -30.33 -55.97 -0.11
CA ILE F 439 -29.42 -56.39 0.96
C ILE F 439 -28.26 -55.40 1.09
N ASN F 440 -27.63 -55.07 -0.03
CA ASN F 440 -26.40 -54.27 -0.01
C ASN F 440 -26.65 -52.78 0.04
N THR F 441 -27.89 -52.33 -0.11
CA THR F 441 -28.22 -50.91 -0.02
C THR F 441 -28.97 -50.53 1.23
N ILE F 442 -29.74 -51.46 1.81
CA ILE F 442 -30.63 -51.13 2.92
C ILE F 442 -30.35 -52.02 4.12
N ILE F 443 -30.50 -53.33 3.95
CA ILE F 443 -30.61 -54.22 5.11
C ILE F 443 -29.26 -54.41 5.79
N TYR F 444 -28.28 -54.92 5.05
CA TYR F 444 -26.95 -55.11 5.65
C TYR F 444 -26.34 -53.80 6.11
N PRO F 445 -26.37 -52.72 5.32
CA PRO F 445 -25.88 -51.43 5.85
C PRO F 445 -26.60 -50.99 7.11
N ALA F 446 -27.90 -51.31 7.25
CA ALA F 446 -28.64 -50.91 8.44
C ALA F 446 -28.04 -51.54 9.69
N PHE F 447 -27.65 -52.81 9.61
CA PHE F 447 -27.15 -53.56 10.75
C PHE F 447 -25.62 -53.50 10.86
N GLY F 448 -24.96 -52.69 10.03
CA GLY F 448 -23.52 -52.62 10.07
C GLY F 448 -22.85 -53.91 9.67
N MET F 449 -23.44 -54.63 8.73
CA MET F 449 -22.91 -55.89 8.24
C MET F 449 -22.10 -55.66 6.97
N GLN F 450 -21.01 -56.41 6.82
CA GLN F 450 -20.23 -56.32 5.60
C GLN F 450 -21.09 -56.71 4.41
N ARG F 451 -21.00 -55.92 3.34
CA ARG F 451 -21.85 -56.11 2.18
C ARG F 451 -21.66 -57.51 1.60
N MET F 452 -22.77 -58.14 1.25
CA MET F 452 -22.74 -59.53 0.80
C MET F 452 -22.02 -59.64 -0.54
N HIS F 453 -21.08 -60.59 -0.61
CA HIS F 453 -20.40 -60.91 -1.87
C HIS F 453 -21.09 -62.12 -2.51
N TYR F 454 -22.26 -61.85 -3.08
CA TYR F 454 -23.04 -62.91 -3.67
C TYR F 454 -22.39 -63.42 -4.94
N ARG F 455 -22.51 -64.74 -5.17
CA ARG F 455 -21.95 -65.41 -6.33
C ARG F 455 -23.10 -65.97 -7.16
N ASN F 456 -23.17 -65.56 -8.42
CA ASN F 456 -24.25 -66.01 -9.28
C ASN F 456 -24.17 -67.52 -9.49
N GLY F 457 -25.34 -68.17 -9.51
CA GLY F 457 -25.41 -69.61 -9.53
C GLY F 457 -25.47 -70.26 -8.16
N ASP F 458 -25.35 -69.48 -7.10
CA ASP F 458 -25.46 -70.03 -5.76
C ASP F 458 -26.84 -70.65 -5.57
N PRO F 459 -26.95 -71.86 -5.04
CA PRO F 459 -28.30 -72.42 -4.79
C PRO F 459 -29.12 -71.59 -3.83
N GLN F 460 -28.49 -70.73 -3.03
CA GLN F 460 -29.19 -69.84 -2.12
C GLN F 460 -29.30 -68.46 -2.75
N THR F 461 -30.48 -67.85 -2.63
CA THR F 461 -30.64 -66.46 -3.02
C THR F 461 -30.05 -65.55 -1.96
N PRO F 462 -29.82 -64.27 -2.29
CA PRO F 462 -29.28 -63.36 -1.27
C PRO F 462 -30.13 -63.30 0.00
N PHE F 463 -31.45 -63.33 -0.14
CA PHE F 463 -32.32 -63.31 1.04
C PHE F 463 -32.20 -64.59 1.85
N GLN F 464 -31.95 -65.72 1.20
CA GLN F 464 -31.77 -66.97 1.93
C GLN F 464 -30.50 -66.91 2.79
N ILE F 465 -29.45 -66.28 2.28
CA ILE F 465 -28.24 -66.11 3.07
C ILE F 465 -28.47 -65.09 4.19
N ALA F 466 -29.14 -63.99 3.86
CA ALA F 466 -29.36 -62.93 4.85
C ALA F 466 -30.25 -63.42 5.98
N GLU F 467 -31.16 -64.35 5.72
CA GLU F 467 -32.00 -64.88 6.78
C GLU F 467 -31.17 -65.58 7.83
N GLN F 468 -30.16 -66.33 7.41
CA GLN F 468 -29.27 -66.98 8.36
C GLN F 468 -28.30 -66.01 9.00
N GLN F 469 -27.85 -64.99 8.27
CA GLN F 469 -26.81 -64.09 8.77
C GLN F 469 -27.35 -62.91 9.57
N ILE F 470 -28.66 -62.71 9.62
CA ILE F 470 -29.27 -61.60 10.35
C ILE F 470 -29.93 -62.15 11.61
N GLN F 471 -29.59 -61.58 12.76
CA GLN F 471 -30.09 -62.05 14.04
C GLN F 471 -31.40 -61.39 14.45
N ASN F 472 -31.65 -60.17 14.01
CA ASN F 472 -32.88 -59.47 14.39
C ASN F 472 -34.09 -60.29 13.95
N PHE F 473 -35.06 -60.41 14.84
CA PHE F 473 -36.20 -61.30 14.59
C PHE F 473 -37.17 -60.72 13.58
N GLN F 474 -37.37 -59.40 13.57
CA GLN F 474 -38.33 -58.83 12.63
C GLN F 474 -37.87 -59.03 11.19
N VAL F 475 -36.63 -58.60 10.90
CA VAL F 475 -36.12 -58.71 9.54
C VAL F 475 -35.89 -60.17 9.17
N ALA F 476 -35.42 -60.98 10.13
CA ALA F 476 -35.21 -62.39 9.85
C ALA F 476 -36.50 -63.11 9.53
N ASN F 477 -37.58 -62.81 10.28
CA ASN F 477 -38.87 -63.44 10.01
C ASN F 477 -39.42 -62.98 8.66
N TRP F 478 -39.28 -61.70 8.33
CA TRP F 478 -39.72 -61.25 7.02
C TRP F 478 -38.94 -61.93 5.91
N LEU F 479 -37.62 -62.05 6.07
CA LEU F 479 -36.80 -62.74 5.07
C LEU F 479 -37.21 -64.20 4.95
N HIS F 480 -37.49 -64.86 6.07
CA HIS F 480 -37.90 -66.25 6.04
C HIS F 480 -39.20 -66.41 5.25
N PHE F 481 -40.16 -65.53 5.49
CA PHE F 481 -41.40 -65.60 4.72
C PHE F 481 -41.15 -65.37 3.24
N VAL F 482 -40.33 -64.36 2.91
CA VAL F 482 -40.09 -64.04 1.52
C VAL F 482 -39.39 -65.20 0.82
N ASN F 483 -38.58 -65.96 1.56
CA ASN F 483 -37.84 -67.06 0.96
C ASN F 483 -38.73 -68.24 0.62
N ASN F 484 -39.85 -68.40 1.34
CA ASN F 484 -40.68 -69.59 1.25
C ASN F 484 -42.08 -69.29 0.73
N ASN F 485 -42.31 -68.10 0.19
CA ASN F 485 -43.64 -67.74 -0.31
C ASN F 485 -43.80 -68.09 -1.78
N GLN F 486 -43.45 -69.31 -2.14
CA GLN F 486 -43.66 -69.77 -3.50
C GLN F 486 -45.10 -70.26 -3.66
N PHE F 487 -45.52 -70.38 -4.91
CA PHE F 487 -46.87 -70.86 -5.19
C PHE F 487 -47.05 -72.28 -4.68
N ARG F 488 -48.25 -72.57 -4.21
CA ARG F 488 -48.64 -73.93 -3.85
C ARG F 488 -49.49 -74.51 -4.97
N GLN F 489 -49.26 -75.78 -5.28
CA GLN F 489 -49.95 -76.44 -6.38
C GLN F 489 -51.11 -77.25 -5.82
N VAL F 490 -52.33 -76.91 -6.23
CA VAL F 490 -53.51 -77.64 -5.78
C VAL F 490 -54.43 -77.85 -6.98
N VAL F 491 -54.97 -79.06 -7.10
CA VAL F 491 -55.89 -79.38 -8.18
C VAL F 491 -57.31 -79.16 -7.68
N ILE F 492 -58.01 -78.22 -8.31
CA ILE F 492 -59.39 -77.87 -7.97
C ILE F 492 -60.24 -78.08 -9.21
N ASP F 493 -61.31 -78.85 -9.06
CA ASP F 493 -62.24 -79.13 -10.16
C ASP F 493 -61.52 -79.69 -11.38
N GLY F 494 -60.46 -80.46 -11.14
CA GLY F 494 -59.70 -81.07 -12.22
C GLY F 494 -58.68 -80.17 -12.88
N VAL F 495 -58.52 -78.93 -12.41
CA VAL F 495 -57.58 -77.98 -12.99
C VAL F 495 -56.50 -77.71 -11.96
N LEU F 496 -55.24 -77.83 -12.37
CA LEU F 496 -54.13 -77.43 -11.53
C LEU F 496 -54.14 -75.92 -11.35
N ASN F 497 -53.93 -75.47 -10.11
CA ASN F 497 -53.96 -74.06 -9.76
C ASN F 497 -52.77 -73.72 -8.89
N GLN F 498 -52.19 -72.56 -9.16
CA GLN F 498 -51.10 -72.01 -8.37
C GLN F 498 -51.71 -71.02 -7.39
N VAL F 499 -51.75 -71.39 -6.12
CA VAL F 499 -52.45 -70.65 -5.09
C VAL F 499 -51.44 -70.04 -4.14
N LEU F 500 -51.88 -68.98 -3.46
CA LEU F 500 -51.01 -68.18 -2.61
C LEU F 500 -51.03 -68.68 -1.18
N ASN F 501 -50.03 -68.25 -0.42
CA ASN F 501 -50.02 -68.50 1.02
C ASN F 501 -51.20 -67.79 1.67
N ASP F 502 -51.78 -68.43 2.68
CA ASP F 502 -52.94 -67.85 3.35
C ASP F 502 -52.63 -66.50 3.97
N ASN F 503 -51.38 -66.29 4.38
CA ASN F 503 -51.02 -65.00 4.97
C ASN F 503 -51.01 -63.89 3.93
N ILE F 504 -50.75 -64.22 2.67
CA ILE F 504 -50.88 -63.22 1.61
C ILE F 504 -52.35 -62.91 1.36
N ARG F 505 -53.20 -63.94 1.37
CA ARG F 505 -54.61 -63.73 0.99
C ARG F 505 -55.31 -62.77 1.95
N ASN F 506 -55.07 -62.92 3.25
CA ASN F 506 -55.64 -62.02 4.23
C ASN F 506 -54.78 -60.78 4.47
N GLY F 507 -53.62 -60.69 3.83
CA GLY F 507 -52.78 -59.53 3.94
C GLY F 507 -52.04 -59.38 5.24
N HIS F 508 -51.99 -60.43 6.07
CA HIS F 508 -51.41 -60.30 7.39
C HIS F 508 -49.89 -60.22 7.33
N VAL F 509 -49.26 -60.81 6.31
CA VAL F 509 -47.81 -60.78 6.23
C VAL F 509 -47.30 -59.37 6.00
N VAL F 510 -48.16 -58.47 5.54
CA VAL F 510 -47.76 -57.07 5.41
C VAL F 510 -47.43 -56.49 6.77
N ASN F 511 -48.06 -57.01 7.82
CA ASN F 511 -47.71 -56.58 9.18
C ASN F 511 -46.27 -56.96 9.52
N GLN F 512 -45.87 -58.19 9.16
CA GLN F 512 -44.49 -58.59 9.41
C GLN F 512 -43.52 -57.78 8.58
N LEU F 513 -43.88 -57.48 7.33
CA LEU F 513 -43.05 -56.61 6.51
C LEU F 513 -42.90 -55.24 7.16
N MET F 514 -44.01 -54.69 7.66
CA MET F 514 -43.98 -53.39 8.32
C MET F 514 -43.11 -53.43 9.57
N GLU F 515 -43.18 -54.51 10.34
CA GLU F 515 -42.34 -54.66 11.51
C GLU F 515 -40.86 -54.67 11.10
N ALA F 516 -40.53 -55.43 10.05
CA ALA F 516 -39.15 -55.52 9.60
C ALA F 516 -38.62 -54.15 9.17
N LEU F 517 -39.39 -53.41 8.39
CA LEU F 517 -38.84 -52.15 7.90
C LEU F 517 -38.98 -51.03 8.93
N MET F 518 -39.86 -51.16 9.93
CA MET F 518 -39.77 -50.28 11.08
C MET F 518 -38.46 -50.50 11.84
N GLN F 519 -38.08 -51.77 12.01
CA GLN F 519 -36.78 -52.06 12.60
C GLN F 519 -35.67 -51.44 11.78
N LEU F 520 -35.72 -51.61 10.45
CA LEU F 520 -34.73 -50.98 9.59
C LEU F 520 -34.70 -49.47 9.77
N SER F 521 -35.87 -48.85 9.93
CA SER F 521 -35.94 -47.42 10.17
C SER F 521 -35.25 -47.02 11.47
N ARG F 522 -35.36 -47.84 12.52
CA ARG F 522 -34.72 -47.54 13.79
C ARG F 522 -33.24 -47.88 13.82
N GLN F 523 -32.71 -48.51 12.78
CA GLN F 523 -31.31 -48.89 12.77
C GLN F 523 -30.41 -47.67 12.63
N GLN F 524 -29.13 -47.87 12.93
CA GLN F 524 -28.17 -46.77 12.99
C GLN F 524 -27.46 -46.53 11.67
N PHE F 525 -27.27 -47.57 10.84
CA PHE F 525 -26.43 -47.45 9.65
C PHE F 525 -25.08 -46.90 10.08
N PRO F 526 -24.25 -47.69 10.75
CA PRO F 526 -23.08 -47.14 11.45
C PRO F 526 -22.23 -46.16 10.64
N THR F 527 -21.73 -46.58 9.48
CA THR F 527 -20.75 -45.78 8.74
C THR F 527 -21.38 -44.99 7.59
N MET F 528 -22.70 -44.91 7.53
CA MET F 528 -23.34 -44.23 6.42
C MET F 528 -23.38 -42.72 6.69
N PRO F 529 -23.23 -41.89 5.66
CA PRO F 529 -23.47 -40.45 5.84
C PRO F 529 -24.89 -40.21 6.34
N VAL F 530 -25.01 -39.24 7.25
CA VAL F 530 -26.24 -39.11 8.03
C VAL F 530 -27.40 -38.58 7.19
N ASP F 531 -27.13 -37.70 6.21
CA ASP F 531 -28.22 -37.21 5.39
C ASP F 531 -28.79 -38.32 4.50
N TYR F 532 -27.92 -39.12 3.90
CA TYR F 532 -28.39 -40.26 3.12
C TYR F 532 -29.10 -41.27 4.00
N LYS F 533 -28.59 -41.50 5.20
CA LYS F 533 -29.26 -42.39 6.15
C LYS F 533 -30.66 -41.88 6.48
N ARG F 534 -30.79 -40.57 6.71
CA ARG F 534 -32.09 -39.99 7.02
C ARG F 534 -33.04 -40.16 5.84
N SER F 535 -32.56 -39.96 4.63
CA SER F 535 -33.40 -40.14 3.46
C SER F 535 -33.87 -41.59 3.34
N ILE F 536 -32.96 -42.54 3.56
CA ILE F 536 -33.33 -43.95 3.49
C ILE F 536 -34.38 -44.27 4.55
N GLN F 537 -34.16 -43.80 5.77
CA GLN F 537 -35.07 -44.08 6.86
C GLN F 537 -36.44 -43.46 6.61
N ARG F 538 -36.47 -42.25 6.05
CA ARG F 538 -37.73 -41.59 5.78
C ARG F 538 -38.49 -42.25 4.63
N GLY F 539 -37.78 -42.78 3.63
CA GLY F 539 -38.45 -43.57 2.61
C GLY F 539 -38.99 -44.89 3.17
N ILE F 540 -38.21 -45.54 4.02
CA ILE F 540 -38.69 -46.74 4.69
C ILE F 540 -39.95 -46.42 5.47
N LEU F 541 -39.98 -45.26 6.15
CA LEU F 541 -41.18 -44.86 6.87
C LEU F 541 -42.31 -44.50 5.93
N LEU F 542 -42.00 -43.94 4.76
CA LEU F 542 -43.05 -43.68 3.78
C LEU F 542 -43.78 -44.96 3.43
N LEU F 543 -43.04 -46.05 3.21
CA LEU F 543 -43.69 -47.32 2.96
C LEU F 543 -44.37 -47.87 4.22
N SER F 544 -43.72 -47.71 5.38
CA SER F 544 -44.22 -48.30 6.61
C SER F 544 -45.55 -47.72 7.03
N ASN F 545 -45.70 -46.40 6.94
CA ASN F 545 -46.87 -45.71 7.44
C ASN F 545 -48.10 -45.97 6.59
N ARG F 546 -47.95 -46.64 5.45
CA ARG F 546 -49.08 -47.10 4.65
C ARG F 546 -49.40 -48.56 4.94
N LEU F 547 -49.28 -48.98 6.21
CA LEU F 547 -49.51 -50.38 6.55
C LEU F 547 -50.95 -50.79 6.22
N GLY F 548 -51.92 -49.98 6.60
CA GLY F 548 -53.31 -50.33 6.32
C GLY F 548 -53.60 -50.36 4.85
N GLN F 549 -53.10 -49.37 4.10
CA GLN F 549 -53.32 -49.34 2.67
C GLN F 549 -52.66 -50.53 1.99
N LEU F 550 -51.48 -50.94 2.48
CA LEU F 550 -50.78 -52.07 1.88
C LEU F 550 -51.47 -53.38 2.21
N VAL F 551 -52.02 -53.51 3.42
CA VAL F 551 -52.80 -54.69 3.75
C VAL F 551 -54.03 -54.77 2.85
N ASP F 552 -54.71 -53.64 2.66
CA ASP F 552 -55.87 -53.62 1.77
C ASP F 552 -55.46 -53.97 0.34
N LEU F 553 -54.33 -53.44 -0.12
CA LEU F 553 -53.86 -53.73 -1.47
C LEU F 553 -53.53 -55.20 -1.64
N THR F 554 -52.87 -55.80 -0.65
CA THR F 554 -52.53 -57.21 -0.74
C THR F 554 -53.79 -58.07 -0.75
N ARG F 555 -54.76 -57.74 0.10
CA ARG F 555 -56.01 -58.51 0.11
C ARG F 555 -56.75 -58.35 -1.22
N LEU F 556 -56.77 -57.13 -1.77
CA LEU F 556 -57.43 -56.90 -3.05
C LEU F 556 -56.73 -57.67 -4.17
N LEU F 557 -55.40 -57.62 -4.21
CA LEU F 557 -54.65 -58.33 -5.22
C LEU F 557 -54.92 -59.83 -5.15
N ALA F 558 -54.86 -60.39 -3.94
CA ALA F 558 -55.08 -61.82 -3.78
C ALA F 558 -56.50 -62.20 -4.15
N TYR F 559 -57.48 -61.41 -3.73
CA TYR F 559 -58.87 -61.73 -4.05
C TYR F 559 -59.11 -61.69 -5.55
N ASN F 560 -58.61 -60.65 -6.22
CA ASN F 560 -58.79 -60.56 -7.66
C ASN F 560 -58.11 -61.72 -8.37
N TYR F 561 -56.90 -62.07 -7.93
CA TYR F 561 -56.21 -63.20 -8.53
C TYR F 561 -57.00 -64.49 -8.37
N GLU F 562 -57.52 -64.74 -7.17
CA GLU F 562 -58.27 -65.97 -6.95
C GLU F 562 -59.57 -65.99 -7.75
N THR F 563 -60.27 -64.87 -7.80
CA THR F 563 -61.53 -64.81 -8.54
C THR F 563 -61.29 -65.05 -10.03
N LEU F 564 -60.22 -64.47 -10.59
CA LEU F 564 -59.93 -64.69 -12.00
C LEU F 564 -59.35 -66.08 -12.25
N MET F 565 -58.65 -66.65 -11.26
CA MET F 565 -58.12 -68.00 -11.40
C MET F 565 -59.24 -69.03 -11.38
N ALA F 566 -60.34 -68.71 -10.71
CA ALA F 566 -61.52 -69.59 -10.77
C ALA F 566 -62.02 -69.77 -12.19
N CYS F 567 -61.71 -68.84 -13.09
CA CYS F 567 -62.16 -68.88 -14.48
C CYS F 567 -61.16 -69.53 -15.42
N ILE F 568 -60.05 -70.05 -14.90
CA ILE F 568 -59.05 -70.72 -15.73
C ILE F 568 -59.42 -72.20 -15.83
N THR F 569 -59.44 -72.72 -17.05
CA THR F 569 -59.81 -74.11 -17.30
C THR F 569 -58.63 -75.02 -17.63
N MET F 570 -57.48 -74.45 -17.98
CA MET F 570 -56.29 -75.22 -18.30
C MET F 570 -55.32 -75.17 -17.13
N ASN F 571 -54.57 -76.26 -16.94
CA ASN F 571 -53.67 -76.37 -15.81
C ASN F 571 -52.68 -75.22 -15.79
N MET F 572 -52.52 -74.60 -14.63
CA MET F 572 -51.62 -73.46 -14.46
C MET F 572 -50.21 -74.00 -14.23
N GLN F 573 -49.57 -74.40 -15.32
CA GLN F 573 -48.22 -74.90 -15.25
C GLN F 573 -47.23 -73.77 -15.06
N HIS F 574 -46.27 -73.97 -14.17
CA HIS F 574 -45.25 -72.96 -13.87
C HIS F 574 -43.96 -73.34 -14.57
N VAL F 575 -43.57 -72.57 -15.58
CA VAL F 575 -42.33 -72.77 -16.32
C VAL F 575 -41.67 -71.41 -16.49
N GLN F 576 -40.35 -71.38 -16.33
CA GLN F 576 -39.59 -70.17 -16.60
C GLN F 576 -39.59 -69.93 -18.11
N THR F 577 -40.23 -68.84 -18.54
CA THR F 577 -40.41 -68.58 -19.96
C THR F 577 -39.16 -67.98 -20.57
N LEU F 578 -39.05 -68.10 -21.90
CA LEU F 578 -37.90 -67.56 -22.61
C LEU F 578 -37.82 -66.06 -22.44
N THR F 579 -38.92 -65.36 -22.74
CA THR F 579 -39.02 -63.92 -22.58
C THR F 579 -39.95 -63.63 -21.41
N THR F 580 -39.64 -62.58 -20.67
CA THR F 580 -40.37 -62.20 -19.48
C THR F 580 -41.22 -60.96 -19.76
N GLU F 581 -42.02 -60.58 -18.78
CA GLU F 581 -42.73 -59.31 -18.78
C GLU F 581 -41.98 -58.36 -17.87
N LYS F 582 -41.48 -57.26 -18.44
CA LYS F 582 -40.74 -56.28 -17.66
C LYS F 582 -41.66 -55.57 -16.69
N LEU F 583 -41.25 -55.50 -15.43
CA LEU F 583 -42.02 -54.85 -14.37
C LEU F 583 -41.13 -53.79 -13.73
N GLN F 584 -41.44 -52.53 -13.98
CA GLN F 584 -40.69 -51.44 -13.39
C GLN F 584 -41.03 -51.33 -11.91
N LEU F 585 -39.99 -51.21 -11.07
CA LEU F 585 -40.24 -51.01 -9.65
C LEU F 585 -40.82 -49.64 -9.36
N THR F 586 -40.70 -48.70 -10.30
CA THR F 586 -41.38 -47.42 -10.15
C THR F 586 -42.89 -47.59 -10.22
N SER F 587 -43.38 -48.51 -11.06
CA SER F 587 -44.80 -48.82 -11.07
C SER F 587 -45.24 -49.49 -9.77
N VAL F 588 -44.37 -50.32 -9.18
CA VAL F 588 -44.67 -50.87 -7.87
C VAL F 588 -44.75 -49.77 -6.83
N THR F 589 -43.84 -48.80 -6.90
CA THR F 589 -43.92 -47.66 -6.00
C THR F 589 -45.22 -46.90 -6.20
N SER F 590 -45.62 -46.70 -7.45
CA SER F 590 -46.90 -46.07 -7.75
C SER F 590 -48.04 -46.79 -7.05
N LEU F 591 -48.10 -48.11 -7.26
CA LEU F 591 -49.20 -48.89 -6.67
C LEU F 591 -49.18 -48.82 -5.16
N CYS F 592 -48.00 -48.92 -4.55
CA CYS F 592 -47.91 -48.93 -3.10
C CYS F 592 -48.29 -47.58 -2.51
N MET F 593 -47.84 -46.49 -3.13
CA MET F 593 -48.01 -45.15 -2.57
C MET F 593 -49.29 -44.45 -3.00
N LEU F 594 -50.03 -45.01 -3.97
CA LEU F 594 -51.22 -44.36 -4.49
C LEU F 594 -52.49 -45.17 -4.27
N ILE F 595 -52.40 -46.44 -3.87
CA ILE F 595 -53.60 -47.23 -3.64
C ILE F 595 -54.37 -46.64 -2.49
N GLY F 596 -55.68 -46.46 -2.69
CA GLY F 596 -56.55 -45.94 -1.65
C GLY F 596 -57.29 -47.04 -0.92
N ASN F 597 -58.61 -46.88 -0.77
CA ASN F 597 -59.45 -47.87 -0.10
C ASN F 597 -60.71 -48.17 -0.90
N ALA F 598 -60.68 -47.96 -2.21
CA ALA F 598 -61.82 -48.27 -3.08
C ALA F 598 -61.66 -49.70 -3.59
N THR F 599 -62.50 -50.60 -3.10
CA THR F 599 -62.45 -51.98 -3.53
C THR F 599 -62.93 -52.10 -4.96
N VAL F 600 -62.17 -52.80 -5.79
CA VAL F 600 -62.56 -53.13 -7.16
C VAL F 600 -62.38 -54.62 -7.36
N ILE F 601 -63.47 -55.29 -7.73
CA ILE F 601 -63.44 -56.72 -7.99
C ILE F 601 -63.94 -56.96 -9.41
N PRO F 602 -63.62 -58.10 -10.00
CA PRO F 602 -64.07 -58.35 -11.38
C PRO F 602 -65.59 -58.33 -11.46
N SER F 603 -66.09 -57.74 -12.53
CA SER F 603 -67.53 -57.75 -12.75
C SER F 603 -68.00 -59.18 -13.04
N PRO F 604 -69.24 -59.52 -12.66
CA PRO F 604 -69.73 -60.87 -13.01
C PRO F 604 -69.71 -61.12 -14.50
N GLN F 605 -70.04 -60.11 -15.31
CA GLN F 605 -69.95 -60.26 -16.75
C GLN F 605 -68.50 -60.39 -17.19
N THR F 606 -67.59 -59.66 -16.54
CA THR F 606 -66.18 -59.81 -16.85
C THR F 606 -65.68 -61.21 -16.53
N LEU F 607 -66.08 -61.75 -15.37
CA LEU F 607 -65.70 -63.12 -15.03
C LEU F 607 -66.26 -64.11 -16.04
N PHE F 608 -67.52 -63.94 -16.41
CA PHE F 608 -68.14 -64.86 -17.36
C PHE F 608 -67.46 -64.77 -18.72
N HIS F 609 -67.11 -63.57 -19.16
CA HIS F 609 -66.42 -63.41 -20.43
C HIS F 609 -65.04 -64.05 -20.40
N TYR F 610 -64.30 -63.85 -19.31
CA TYR F 610 -62.98 -64.48 -19.18
C TYR F 610 -63.11 -65.99 -19.19
N TYR F 611 -64.08 -66.52 -18.46
CA TYR F 611 -64.30 -67.96 -18.42
C TYR F 611 -64.68 -68.50 -19.80
N ASN F 612 -65.53 -67.77 -20.52
CA ASN F 612 -65.95 -68.21 -21.84
C ASN F 612 -64.79 -68.19 -22.82
N VAL F 613 -63.94 -67.17 -22.77
CA VAL F 613 -62.77 -67.13 -23.64
C VAL F 613 -61.85 -68.29 -23.32
N ASN F 614 -61.62 -68.56 -22.03
CA ASN F 614 -60.75 -69.68 -21.65
C ASN F 614 -61.34 -71.00 -22.12
N VAL F 615 -62.65 -71.19 -21.95
CA VAL F 615 -63.30 -72.43 -22.37
C VAL F 615 -63.22 -72.59 -23.88
N ASN F 616 -63.44 -71.50 -24.62
CA ASN F 616 -63.34 -71.57 -26.07
C ASN F 616 -61.95 -71.94 -26.51
N PHE F 617 -60.93 -71.32 -25.90
CA PHE F 617 -59.56 -71.64 -26.27
C PHE F 617 -59.23 -73.09 -25.95
N HIS F 618 -59.64 -73.57 -24.77
CA HIS F 618 -59.35 -74.94 -24.38
C HIS F 618 -60.05 -75.94 -25.29
N SER F 619 -61.32 -75.69 -25.59
CA SER F 619 -62.07 -76.60 -26.46
C SER F 619 -61.51 -76.60 -27.87
N ASN F 620 -61.15 -75.43 -28.39
CA ASN F 620 -60.52 -75.38 -29.70
C ASN F 620 -59.20 -76.12 -29.70
N TYR F 621 -58.40 -75.95 -28.64
CA TYR F 621 -57.15 -76.69 -28.53
C TYR F 621 -57.39 -78.19 -28.61
N ASN F 622 -58.34 -78.70 -27.83
CA ASN F 622 -58.59 -80.13 -27.82
C ASN F 622 -59.15 -80.61 -29.15
N GLU F 623 -60.06 -79.85 -29.76
CA GLU F 623 -60.66 -80.26 -31.03
C GLU F 623 -59.63 -80.28 -32.15
N ARG F 624 -58.74 -79.28 -32.18
CA ARG F 624 -57.69 -79.29 -33.19
C ARG F 624 -56.67 -80.38 -32.94
N ILE F 625 -56.39 -80.71 -31.68
CA ILE F 625 -55.56 -81.88 -31.38
C ILE F 625 -56.22 -83.12 -31.95
N ASN F 626 -57.52 -83.26 -31.72
CA ASN F 626 -58.23 -84.43 -32.22
C ASN F 626 -58.18 -84.50 -33.74
N ASP F 627 -58.38 -83.37 -34.41
CA ASP F 627 -58.34 -83.36 -35.87
C ASP F 627 -56.95 -83.73 -36.38
N ALA F 628 -55.90 -83.15 -35.79
CA ALA F 628 -54.55 -83.46 -36.22
C ALA F 628 -54.23 -84.93 -36.01
N VAL F 629 -54.58 -85.47 -34.84
CA VAL F 629 -54.30 -86.86 -34.56
C VAL F 629 -55.07 -87.76 -35.52
N ALA F 630 -56.34 -87.42 -35.79
CA ALA F 630 -57.14 -88.23 -36.70
C ALA F 630 -56.52 -88.25 -38.09
N ILE F 631 -56.13 -87.09 -38.61
CA ILE F 631 -55.57 -87.06 -39.96
C ILE F 631 -54.23 -87.79 -40.00
N ILE F 632 -53.39 -87.61 -38.99
CA ILE F 632 -52.09 -88.29 -38.97
C ILE F 632 -52.28 -89.80 -38.93
N THR F 633 -53.17 -90.27 -38.05
CA THR F 633 -53.41 -91.69 -37.93
C THR F 633 -54.02 -92.27 -39.21
N ALA F 634 -54.94 -91.54 -39.83
CA ALA F 634 -55.53 -92.00 -41.08
C ALA F 634 -54.49 -92.10 -42.17
N ALA F 635 -53.62 -91.10 -42.28
CA ALA F 635 -52.57 -91.14 -43.29
C ALA F 635 -51.62 -92.29 -43.05
N ASN F 636 -51.29 -92.58 -41.79
CA ASN F 636 -50.42 -93.71 -41.50
C ASN F 636 -51.10 -95.03 -41.83
N ARG F 637 -52.36 -95.19 -41.41
CA ARG F 637 -53.07 -96.45 -41.64
C ARG F 637 -53.47 -96.61 -43.09
N LEU F 638 -53.58 -95.50 -43.83
CA LEU F 638 -53.79 -95.56 -45.27
C LEU F 638 -52.50 -95.75 -46.04
N ASN F 639 -51.36 -95.81 -45.34
CA ASN F 639 -50.06 -96.05 -45.98
C ASN F 639 -49.71 -94.93 -46.95
N LEU F 640 -50.02 -93.69 -46.55
CA LEU F 640 -49.69 -92.52 -47.35
C LEU F 640 -48.30 -92.02 -46.96
N TYR F 641 -47.32 -92.79 -47.39
CA TYR F 641 -45.94 -92.58 -46.95
C TYR F 641 -45.34 -91.26 -47.44
N GLN F 642 -45.89 -90.67 -48.49
CA GLN F 642 -45.41 -89.38 -48.96
C GLN F 642 -46.09 -88.20 -48.29
N LYS F 643 -47.07 -88.45 -47.43
CA LYS F 643 -47.73 -87.36 -46.71
C LYS F 643 -46.76 -86.74 -45.71
N LYS F 644 -46.67 -85.41 -45.73
CA LYS F 644 -45.81 -84.68 -44.81
C LYS F 644 -46.63 -84.27 -43.59
N MET F 645 -46.32 -84.86 -42.43
CA MET F 645 -47.01 -84.49 -41.21
C MET F 645 -46.69 -83.07 -40.78
N LYS F 646 -45.63 -82.47 -41.33
CA LYS F 646 -45.31 -81.08 -41.02
C LYS F 646 -46.46 -80.16 -41.44
N SER F 647 -47.06 -80.43 -42.59
CA SER F 647 -48.20 -79.63 -43.03
C SER F 647 -49.37 -79.77 -42.06
N ILE F 648 -49.62 -80.99 -41.56
CA ILE F 648 -50.70 -81.20 -40.61
C ILE F 648 -50.43 -80.43 -39.32
N VAL F 649 -49.20 -80.49 -38.83
CA VAL F 649 -48.87 -79.78 -37.59
C VAL F 649 -48.96 -78.28 -37.79
N GLU F 650 -48.55 -77.79 -38.96
CA GLU F 650 -48.66 -76.36 -39.24
C GLU F 650 -50.11 -75.92 -39.29
N ASP F 651 -50.97 -76.71 -39.92
CA ASP F 651 -52.40 -76.37 -39.93
C ASP F 651 -52.98 -76.38 -38.52
N PHE F 652 -52.55 -77.36 -37.70
CA PHE F 652 -52.98 -77.42 -36.31
C PHE F 652 -52.59 -76.15 -35.56
N LEU F 653 -51.32 -75.75 -35.68
CA LEU F 653 -50.86 -74.55 -34.99
C LEU F 653 -51.57 -73.30 -35.50
N LYS F 654 -51.80 -73.22 -36.81
CA LYS F 654 -52.53 -72.08 -37.36
C LYS F 654 -53.94 -72.02 -36.82
N ARG F 655 -54.60 -73.18 -36.72
CA ARG F 655 -55.96 -73.21 -36.16
C ARG F 655 -55.97 -72.91 -34.67
N LEU F 656 -54.84 -73.03 -33.98
CA LEU F 656 -54.79 -72.60 -32.58
C LEU F 656 -54.86 -71.08 -32.43
N GLN F 657 -54.66 -70.32 -33.51
CA GLN F 657 -54.95 -68.90 -33.66
C GLN F 657 -53.95 -67.98 -32.95
N ILE F 658 -53.02 -68.51 -32.16
CA ILE F 658 -52.12 -67.67 -31.37
C ILE F 658 -50.66 -67.81 -31.77
N PHE F 659 -50.34 -68.71 -32.70
CA PHE F 659 -48.96 -68.97 -33.10
C PHE F 659 -48.69 -68.41 -34.49
N ASP F 660 -47.60 -67.66 -34.61
CA ASP F 660 -47.05 -67.27 -35.91
C ASP F 660 -46.13 -68.40 -36.34
N ILE F 661 -46.65 -69.31 -37.17
CA ILE F 661 -45.95 -70.56 -37.46
C ILE F 661 -44.61 -70.33 -38.12
N SER F 662 -44.41 -69.19 -38.77
CA SER F 662 -43.14 -68.91 -39.42
C SER F 662 -41.98 -68.87 -38.43
N ARG F 663 -42.25 -68.68 -37.14
CA ARG F 663 -41.22 -68.53 -36.13
C ARG F 663 -41.16 -69.72 -35.17
N VAL F 664 -41.77 -70.85 -35.54
CA VAL F 664 -41.73 -72.06 -34.72
C VAL F 664 -40.46 -72.82 -35.07
N PRO F 665 -39.58 -73.11 -34.11
CA PRO F 665 -38.39 -73.90 -34.43
C PRO F 665 -38.75 -75.27 -34.96
N ASP F 666 -37.90 -75.78 -35.86
CA ASP F 666 -38.20 -77.04 -36.53
C ASP F 666 -38.12 -78.21 -35.55
N ASP F 667 -37.20 -78.16 -34.59
CA ASP F 667 -37.11 -79.24 -33.62
C ASP F 667 -38.40 -79.36 -32.82
N GLN F 668 -38.99 -78.22 -32.47
CA GLN F 668 -40.28 -78.26 -31.78
C GLN F 668 -41.40 -78.72 -32.71
N MET F 669 -41.31 -78.41 -34.00
CA MET F 669 -42.29 -78.93 -34.94
C MET F 669 -42.26 -80.45 -34.98
N TYR F 670 -41.07 -81.03 -35.05
CA TYR F 670 -40.96 -82.49 -35.11
C TYR F 670 -41.30 -83.12 -33.77
N ARG F 671 -40.99 -82.45 -32.67
CA ARG F 671 -41.43 -82.94 -31.36
C ARG F 671 -42.95 -82.96 -31.26
N LEU F 672 -43.60 -81.91 -31.77
CA LEU F 672 -45.05 -81.88 -31.79
C LEU F 672 -45.60 -82.99 -32.67
N ARG F 673 -44.95 -83.25 -33.80
CA ARG F 673 -45.36 -84.36 -34.65
C ARG F 673 -45.31 -85.69 -33.89
N ASP F 674 -44.20 -85.92 -33.18
CA ASP F 674 -44.05 -87.17 -32.43
C ASP F 674 -45.12 -87.29 -31.35
N ARG F 675 -45.32 -86.23 -30.58
CA ARG F 675 -46.29 -86.28 -29.49
C ARG F 675 -47.70 -86.49 -30.03
N LEU F 676 -48.05 -85.81 -31.12
CA LEU F 676 -49.36 -86.03 -31.73
C LEU F 676 -49.51 -87.46 -32.21
N ARG F 677 -48.43 -88.02 -32.78
CA ARG F 677 -48.48 -89.42 -33.22
C ARG F 677 -48.76 -90.35 -32.05
N LEU F 678 -48.18 -90.07 -30.89
CA LEU F 678 -48.36 -90.96 -29.75
C LEU F 678 -49.78 -90.95 -29.17
N LEU F 679 -50.59 -89.94 -29.49
CA LEU F 679 -51.91 -89.85 -28.88
C LEU F 679 -52.89 -90.79 -29.57
N PRO F 680 -53.89 -91.30 -28.85
CA PRO F 680 -54.92 -92.11 -29.48
C PRO F 680 -56.03 -91.26 -30.08
N VAL F 681 -56.70 -91.82 -31.07
CA VAL F 681 -57.70 -91.09 -31.85
C VAL F 681 -59.01 -91.01 -31.09
N GLU F 682 -59.72 -89.91 -31.28
CA GLU F 682 -61.03 -89.72 -30.67
C GLU F 682 -62.02 -90.73 -31.22
N ILE F 683 -63.01 -91.08 -30.40
CA ILE F 683 -63.89 -92.20 -30.72
C ILE F 683 -64.70 -91.92 -31.97
N ARG F 684 -65.26 -90.72 -32.09
CA ARG F 684 -66.11 -90.41 -33.24
C ARG F 684 -65.31 -90.43 -34.54
N ARG F 685 -64.18 -89.75 -34.56
CA ARG F 685 -63.36 -89.70 -35.76
C ARG F 685 -62.81 -91.08 -36.09
N LEU F 686 -62.42 -91.85 -35.07
CA LEU F 686 -61.92 -93.19 -35.32
C LEU F 686 -63.00 -94.10 -35.88
N ASP F 687 -64.24 -93.98 -35.40
CA ASP F 687 -65.33 -94.77 -35.95
C ASP F 687 -65.60 -94.40 -37.39
N ILE F 688 -65.58 -93.10 -37.71
CA ILE F 688 -65.78 -92.68 -39.09
C ILE F 688 -64.67 -93.23 -39.98
N PHE F 689 -63.42 -93.18 -39.49
CA PHE F 689 -62.32 -93.73 -40.27
C PHE F 689 -62.47 -95.23 -40.46
N ASN F 690 -62.95 -95.94 -39.43
CA ASN F 690 -63.16 -97.37 -39.57
C ASN F 690 -64.21 -97.66 -40.64
N LEU F 691 -65.29 -96.88 -40.65
CA LEU F 691 -66.31 -97.03 -41.69
C LEU F 691 -65.69 -96.84 -43.07
N ILE F 692 -64.94 -95.75 -43.24
CA ILE F 692 -64.36 -95.46 -44.55
C ILE F 692 -63.37 -96.55 -44.94
N LEU F 693 -62.55 -97.00 -44.00
CA LEU F 693 -61.54 -98.01 -44.31
C LEU F 693 -62.18 -99.33 -44.71
N MET F 694 -63.25 -99.73 -44.02
CA MET F 694 -63.88 -101.01 -44.34
C MET F 694 -64.66 -100.92 -45.65
N ASN F 695 -65.14 -99.75 -46.02
CA ASN F 695 -65.87 -99.59 -47.28
C ASN F 695 -65.00 -99.08 -48.43
N MET F 696 -63.70 -98.89 -48.18
CA MET F 696 -62.78 -98.43 -49.22
C MET F 696 -62.84 -99.30 -50.46
N GLU F 697 -62.68 -100.61 -50.28
CA GLU F 697 -62.57 -101.51 -51.43
C GLU F 697 -63.85 -101.52 -52.25
N GLN F 698 -65.00 -101.55 -51.58
CA GLN F 698 -66.27 -101.53 -52.30
C GLN F 698 -66.48 -100.21 -53.02
N ILE F 699 -66.15 -99.09 -52.38
CA ILE F 699 -66.31 -97.80 -53.03
C ILE F 699 -65.40 -97.70 -54.25
N GLU F 700 -64.15 -98.17 -54.13
CA GLU F 700 -63.22 -98.09 -55.24
C GLU F 700 -63.66 -98.99 -56.39
N ARG F 701 -64.13 -100.20 -56.09
CA ARG F 701 -64.51 -101.11 -57.15
C ARG F 701 -65.84 -100.74 -57.80
N ALA F 702 -66.57 -99.79 -57.23
CA ALA F 702 -67.77 -99.27 -57.88
C ALA F 702 -67.47 -98.22 -58.93
N SER F 703 -66.22 -97.76 -59.02
CA SER F 703 -65.86 -96.73 -59.98
C SER F 703 -65.92 -97.27 -61.41
N ASP F 704 -66.40 -96.44 -62.32
CA ASP F 704 -66.39 -96.74 -63.74
C ASP F 704 -65.15 -96.21 -64.45
N LYS F 705 -64.27 -95.49 -63.74
CA LYS F 705 -63.11 -94.87 -64.35
C LYS F 705 -61.83 -95.69 -64.20
N ILE F 706 -61.75 -96.53 -63.18
CA ILE F 706 -60.54 -97.31 -62.92
C ILE F 706 -60.90 -98.79 -62.82
N ALA F 707 -59.94 -99.63 -63.19
CA ALA F 707 -60.00 -101.07 -62.98
C ALA F 707 -59.01 -101.46 -61.89
N GLN F 708 -59.25 -102.61 -61.28
CA GLN F 708 -58.43 -103.06 -60.17
C GLN F 708 -57.16 -103.78 -60.62
N GLY F 709 -57.04 -104.12 -61.90
CA GLY F 709 -55.79 -104.66 -62.40
C GLY F 709 -55.94 -105.11 -63.83
N VAL F 710 -54.89 -105.79 -64.31
CA VAL F 710 -54.91 -106.36 -65.66
C VAL F 710 -54.01 -107.59 -65.67
N ILE F 711 -54.57 -108.71 -66.12
CA ILE F 711 -53.83 -109.95 -66.30
C ILE F 711 -53.40 -110.06 -67.75
N ILE F 712 -52.09 -110.23 -67.97
CA ILE F 712 -51.55 -110.56 -69.27
C ILE F 712 -51.27 -112.06 -69.25
N ALA F 713 -52.13 -112.82 -69.90
CA ALA F 713 -51.97 -114.27 -70.06
C ALA F 713 -51.84 -114.55 -71.54
N TYR F 714 -50.65 -114.97 -71.97
CA TYR F 714 -50.36 -115.11 -73.39
C TYR F 714 -51.01 -116.33 -74.01
N ARG F 715 -51.92 -116.99 -73.30
CA ARG F 715 -52.81 -117.98 -73.86
C ARG F 715 -54.15 -117.33 -74.19
N ASP F 716 -54.86 -117.91 -75.17
CA ASP F 716 -56.16 -117.39 -75.55
C ASP F 716 -57.20 -117.78 -74.51
N MET F 717 -57.87 -116.79 -73.95
CA MET F 717 -58.89 -116.99 -72.93
C MET F 717 -60.22 -116.50 -73.46
N GLN F 718 -61.25 -117.33 -73.32
CA GLN F 718 -62.57 -116.97 -73.82
C GLN F 718 -63.10 -115.76 -73.09
N LEU F 719 -63.72 -114.85 -73.84
CA LEU F 719 -64.34 -113.68 -73.24
C LEU F 719 -65.52 -114.10 -72.38
N GLU F 720 -65.60 -113.54 -71.17
CA GLU F 720 -66.69 -113.85 -70.27
C GLU F 720 -68.00 -113.26 -70.77
N ARG F 721 -69.09 -113.90 -70.40
CA ARG F 721 -70.44 -113.44 -70.75
C ARG F 721 -71.05 -112.79 -69.52
N ASP F 722 -71.16 -111.46 -69.55
CA ASP F 722 -71.62 -110.69 -68.42
C ASP F 722 -72.89 -109.92 -68.79
N GLU F 723 -73.82 -109.84 -67.84
CA GLU F 723 -75.08 -109.16 -68.10
C GLU F 723 -74.90 -107.66 -68.30
N MET F 724 -73.75 -107.11 -67.93
CA MET F 724 -73.48 -105.68 -68.02
C MET F 724 -72.74 -105.30 -69.29
N TYR F 725 -72.13 -106.25 -69.99
CA TYR F 725 -71.29 -105.95 -71.13
C TYR F 725 -71.68 -106.71 -72.39
N GLY F 726 -72.15 -107.95 -72.24
CA GLY F 726 -72.20 -108.88 -73.35
C GLY F 726 -71.00 -109.80 -73.25
N TYR F 727 -70.09 -109.72 -74.21
CA TYR F 727 -68.79 -110.34 -74.08
C TYR F 727 -67.81 -109.32 -73.49
N VAL F 728 -66.96 -109.78 -72.58
CA VAL F 728 -66.02 -108.90 -71.90
C VAL F 728 -64.84 -109.68 -71.36
N ASN F 729 -63.63 -109.18 -71.58
CA ASN F 729 -62.42 -109.79 -71.05
C ASN F 729 -62.19 -109.35 -69.61
N ILE F 730 -63.13 -109.74 -68.75
CA ILE F 730 -63.12 -109.36 -67.35
C ILE F 730 -62.58 -110.52 -66.52
N ALA F 731 -61.66 -110.21 -65.62
CA ALA F 731 -61.13 -111.18 -64.67
C ALA F 731 -61.87 -111.04 -63.34
N ARG F 732 -62.45 -112.13 -62.86
CA ARG F 732 -63.13 -112.10 -61.57
C ARG F 732 -62.15 -112.07 -60.43
N ASN F 733 -60.96 -112.65 -60.62
CA ASN F 733 -59.93 -112.66 -59.58
C ASN F 733 -58.58 -112.82 -60.27
N LEU F 734 -57.52 -112.64 -59.48
CA LEU F 734 -56.15 -112.76 -59.94
C LEU F 734 -55.55 -114.13 -59.61
N ASP F 735 -56.38 -115.16 -59.48
CA ASP F 735 -55.88 -116.47 -59.11
C ASP F 735 -55.02 -117.07 -60.22
N GLY F 736 -53.91 -117.68 -59.84
CA GLY F 736 -53.07 -118.38 -60.77
C GLY F 736 -52.15 -117.51 -61.60
N PHE F 737 -51.86 -116.29 -61.14
CA PHE F 737 -50.97 -115.38 -61.85
C PHE F 737 -50.05 -114.70 -60.87
N GLN F 738 -48.78 -114.54 -61.25
CA GLN F 738 -47.85 -113.76 -60.46
C GLN F 738 -48.29 -112.30 -60.48
N GLN F 739 -48.31 -111.68 -59.31
CA GLN F 739 -48.82 -110.32 -59.15
C GLN F 739 -47.66 -109.35 -59.01
N ILE F 740 -47.62 -108.33 -59.86
CA ILE F 740 -46.68 -107.24 -59.76
C ILE F 740 -47.46 -106.00 -59.34
N ASN F 741 -47.13 -105.46 -58.17
CA ASN F 741 -47.77 -104.26 -57.67
C ASN F 741 -47.24 -103.06 -58.43
N LEU F 742 -48.13 -102.35 -59.14
CA LEU F 742 -47.70 -101.24 -59.96
C LEU F 742 -47.22 -100.06 -59.11
N GLU F 743 -47.81 -99.87 -57.93
CA GLU F 743 -47.32 -98.81 -57.04
C GLU F 743 -45.89 -99.06 -56.61
N GLU F 744 -45.58 -100.30 -56.22
CA GLU F 744 -44.21 -100.64 -55.85
C GLU F 744 -43.26 -100.50 -57.02
N LEU F 745 -43.70 -100.92 -58.21
CA LEU F 745 -42.87 -100.76 -59.40
C LEU F 745 -42.57 -99.30 -59.68
N MET F 746 -43.57 -98.44 -59.55
CA MET F 746 -43.37 -97.00 -59.75
C MET F 746 -42.39 -96.45 -58.72
N ARG F 747 -42.60 -96.79 -57.44
CA ARG F 747 -41.78 -96.19 -56.39
C ARG F 747 -40.34 -96.66 -56.47
N THR F 748 -40.11 -97.94 -56.75
CA THR F 748 -38.73 -98.44 -56.80
C THR F 748 -38.01 -97.98 -58.04
N GLY F 749 -38.69 -97.94 -59.19
CA GLY F 749 -38.04 -97.62 -60.44
C GLY F 749 -37.33 -98.78 -61.10
N ASP F 750 -37.30 -99.95 -60.45
CA ASP F 750 -36.64 -101.13 -60.99
C ASP F 750 -37.63 -101.86 -61.89
N TYR F 751 -37.37 -101.85 -63.20
CA TYR F 751 -38.23 -102.47 -64.19
C TYR F 751 -37.61 -103.74 -64.76
N ALA F 752 -36.65 -104.33 -64.05
CA ALA F 752 -35.98 -105.53 -64.56
C ALA F 752 -36.94 -106.71 -64.63
N GLN F 753 -37.69 -106.95 -63.55
CA GLN F 753 -38.59 -108.11 -63.53
C GLN F 753 -39.72 -107.96 -64.53
N ILE F 754 -40.36 -106.79 -64.55
CA ILE F 754 -41.45 -106.56 -65.48
C ILE F 754 -40.95 -106.62 -66.91
N THR F 755 -39.77 -106.02 -67.18
CA THR F 755 -39.21 -106.06 -68.53
C THR F 755 -38.91 -107.49 -68.94
N ASN F 756 -38.31 -108.28 -68.06
CA ASN F 756 -37.99 -109.66 -68.39
C ASN F 756 -39.25 -110.46 -68.66
N MET F 757 -40.30 -110.25 -67.87
CA MET F 757 -41.54 -110.99 -68.08
C MET F 757 -42.23 -110.58 -69.37
N LEU F 758 -42.20 -109.28 -69.70
CA LEU F 758 -42.87 -108.82 -70.91
C LEU F 758 -42.11 -109.27 -72.16
N LEU F 759 -40.78 -109.24 -72.12
CA LEU F 759 -40.00 -109.68 -73.27
C LEU F 759 -40.14 -111.18 -73.50
N ASN F 760 -40.17 -111.96 -72.43
CA ASN F 760 -40.22 -113.41 -72.52
C ASN F 760 -41.63 -113.96 -72.53
N ASN F 761 -42.65 -113.10 -72.51
CA ASN F 761 -44.04 -113.52 -72.61
C ASN F 761 -44.41 -114.45 -71.45
N GLN F 762 -44.08 -114.01 -70.23
CA GLN F 762 -44.39 -114.75 -69.03
C GLN F 762 -45.70 -114.24 -68.45
N PRO F 763 -46.74 -115.07 -68.28
CA PRO F 763 -48.00 -114.55 -67.78
C PRO F 763 -47.85 -113.86 -66.44
N VAL F 764 -48.57 -112.74 -66.27
CA VAL F 764 -48.41 -111.90 -65.09
C VAL F 764 -49.73 -111.17 -64.84
N ALA F 765 -49.86 -110.60 -63.65
CA ALA F 765 -51.00 -109.76 -63.29
C ALA F 765 -50.48 -108.45 -62.71
N LEU F 766 -50.65 -107.36 -63.45
CA LEU F 766 -50.32 -106.03 -62.96
C LEU F 766 -51.45 -105.52 -62.10
N VAL F 767 -51.16 -105.19 -60.84
CA VAL F 767 -52.17 -104.88 -59.85
C VAL F 767 -52.08 -103.41 -59.48
N GLY F 768 -53.19 -102.71 -59.54
CA GLY F 768 -53.27 -101.32 -59.16
C GLY F 768 -54.39 -100.62 -59.90
N ALA F 769 -54.80 -99.49 -59.35
CA ALA F 769 -55.85 -98.69 -59.98
C ALA F 769 -55.37 -98.20 -61.33
N LEU F 770 -56.09 -98.58 -62.38
CA LEU F 770 -55.69 -98.31 -63.75
C LEU F 770 -56.86 -97.76 -64.55
N PRO F 771 -56.66 -96.72 -65.36
CA PRO F 771 -57.68 -96.37 -66.35
C PRO F 771 -57.70 -97.40 -67.46
N PHE F 772 -58.86 -97.60 -68.06
CA PHE F 772 -59.02 -98.57 -69.12
C PHE F 772 -59.82 -97.97 -70.26
N ILE F 773 -59.59 -98.50 -71.45
CA ILE F 773 -60.30 -98.08 -72.65
C ILE F 773 -61.39 -99.11 -72.91
N THR F 774 -62.64 -98.67 -72.95
CA THR F 774 -63.74 -99.54 -73.30
C THR F 774 -63.84 -99.62 -74.82
N ASP F 775 -63.58 -100.80 -75.37
CA ASP F 775 -63.57 -101.03 -76.81
C ASP F 775 -64.78 -101.87 -77.18
N SER F 776 -65.64 -101.32 -78.05
CA SER F 776 -66.83 -102.01 -78.51
C SER F 776 -66.66 -102.62 -79.90
N SER F 777 -65.47 -102.52 -80.48
CA SER F 777 -65.23 -103.01 -81.83
C SER F 777 -64.78 -104.46 -81.80
N VAL F 778 -65.49 -105.32 -82.54
CA VAL F 778 -65.08 -106.71 -82.66
C VAL F 778 -63.78 -106.82 -83.43
N ILE F 779 -63.58 -105.94 -84.42
CA ILE F 779 -62.35 -105.97 -85.20
C ILE F 779 -61.15 -105.65 -84.32
N SER F 780 -61.33 -104.78 -83.33
CA SER F 780 -60.25 -104.52 -82.38
C SER F 780 -59.88 -105.78 -81.62
N LEU F 781 -60.87 -106.58 -81.22
CA LEU F 781 -60.58 -107.86 -80.60
C LEU F 781 -59.84 -108.78 -81.56
N VAL F 782 -60.28 -108.84 -82.81
CA VAL F 782 -59.61 -109.68 -83.79
C VAL F 782 -58.20 -109.17 -84.06
N ALA F 783 -58.01 -107.85 -84.04
CA ALA F 783 -56.69 -107.26 -84.23
C ALA F 783 -55.78 -107.45 -83.02
N LYS F 784 -56.33 -107.88 -81.88
CA LYS F 784 -55.53 -108.16 -80.68
C LYS F 784 -54.86 -106.89 -80.15
N LEU F 785 -55.63 -105.81 -80.11
CA LEU F 785 -55.06 -104.52 -79.68
C LEU F 785 -54.80 -104.49 -78.19
N ASP F 786 -55.57 -105.23 -77.40
CA ASP F 786 -55.38 -105.24 -75.95
C ASP F 786 -53.98 -105.70 -75.57
N ALA F 787 -53.33 -106.50 -76.41
CA ALA F 787 -51.99 -107.00 -76.14
C ALA F 787 -50.89 -106.01 -76.52
N THR F 788 -51.25 -104.86 -77.08
CA THR F 788 -50.28 -103.90 -77.59
C THR F 788 -50.01 -102.75 -76.63
N VAL F 789 -50.53 -102.81 -75.39
CA VAL F 789 -50.54 -101.66 -74.50
C VAL F 789 -49.49 -101.74 -73.40
N PHE F 790 -48.59 -102.71 -73.46
CA PHE F 790 -47.60 -102.91 -72.40
C PHE F 790 -46.17 -102.65 -72.83
N ALA F 791 -45.90 -102.49 -74.13
CA ALA F 791 -44.54 -102.21 -74.58
C ALA F 791 -44.07 -100.86 -74.09
N GLN F 792 -44.98 -99.90 -73.93
CA GLN F 792 -44.61 -98.58 -73.44
C GLN F 792 -44.06 -98.64 -72.03
N ILE F 793 -44.45 -99.64 -71.25
CA ILE F 793 -43.86 -99.82 -69.91
C ILE F 793 -42.36 -100.04 -70.04
N VAL F 794 -41.96 -100.92 -70.96
CA VAL F 794 -40.54 -101.16 -71.19
C VAL F 794 -39.88 -99.92 -71.78
N LYS F 795 -40.56 -99.27 -72.72
CA LYS F 795 -39.96 -98.13 -73.42
C LYS F 795 -39.64 -96.99 -72.45
N LEU F 796 -40.61 -96.63 -71.60
CA LEU F 796 -40.49 -95.45 -70.77
C LEU F 796 -40.17 -95.74 -69.31
N ARG F 797 -40.29 -96.99 -68.87
CA ARG F 797 -40.17 -97.33 -67.45
C ARG F 797 -41.15 -96.49 -66.63
N LYS F 798 -42.38 -96.38 -67.14
CA LYS F 798 -43.47 -95.70 -66.47
C LYS F 798 -44.70 -96.60 -66.47
N VAL F 799 -45.51 -96.47 -65.43
CA VAL F 799 -46.78 -97.20 -65.33
C VAL F 799 -47.98 -96.26 -65.22
N ASP F 800 -47.76 -94.95 -65.21
CA ASP F 800 -48.85 -94.00 -65.11
C ASP F 800 -49.61 -93.83 -66.43
N THR F 801 -49.04 -94.27 -67.55
CA THR F 801 -49.69 -94.19 -68.84
C THR F 801 -50.23 -95.54 -69.31
N LEU F 802 -50.34 -96.52 -68.42
CA LEU F 802 -50.84 -97.84 -68.78
C LEU F 802 -52.37 -97.80 -68.81
N LYS F 803 -52.94 -98.04 -69.98
CA LYS F 803 -54.40 -98.00 -70.19
C LYS F 803 -54.83 -99.28 -70.90
N PRO F 804 -55.07 -100.36 -70.16
CA PRO F 804 -55.49 -101.60 -70.81
C PRO F 804 -56.86 -101.48 -71.46
N ILE F 805 -57.09 -102.35 -72.43
CA ILE F 805 -58.33 -102.35 -73.21
C ILE F 805 -59.33 -103.28 -72.56
N LEU F 806 -60.55 -102.81 -72.36
CA LEU F 806 -61.66 -103.61 -71.85
C LEU F 806 -62.67 -103.75 -72.98
N TYR F 807 -62.74 -104.95 -73.56
CA TYR F 807 -63.66 -105.19 -74.67
C TYR F 807 -65.08 -105.29 -74.16
N LYS F 808 -66.00 -104.60 -74.82
CA LYS F 808 -67.42 -104.62 -74.48
C LYS F 808 -68.19 -104.90 -75.77
N ILE F 809 -68.34 -106.18 -76.11
CA ILE F 809 -68.92 -106.61 -77.36
C ILE F 809 -70.36 -107.04 -77.10
N ASN F 810 -71.30 -106.37 -77.76
CA ASN F 810 -72.71 -106.70 -77.65
C ASN F 810 -73.41 -106.23 -78.91
N SER F 811 -74.74 -106.35 -78.96
CA SER F 811 -75.48 -106.01 -80.16
C SER F 811 -75.34 -104.54 -80.53
N ASP F 812 -74.96 -103.68 -79.58
CA ASP F 812 -74.75 -102.26 -79.89
C ASP F 812 -73.43 -102.00 -80.59
N SER F 813 -72.55 -103.00 -80.69
CA SER F 813 -71.32 -102.86 -81.45
C SER F 813 -71.64 -102.76 -82.94
N ASN F 814 -70.84 -101.95 -83.64
CA ASN F 814 -71.08 -101.74 -85.06
C ASN F 814 -70.82 -102.99 -85.88
N ASP F 815 -69.95 -103.88 -85.40
CA ASP F 815 -69.57 -105.08 -86.13
C ASP F 815 -69.91 -106.35 -85.34
N PHE F 816 -71.01 -106.31 -84.57
CA PHE F 816 -71.42 -107.48 -83.82
C PHE F 816 -71.83 -108.63 -84.73
N TYR F 817 -72.12 -108.36 -86.01
CA TYR F 817 -72.48 -109.42 -86.94
C TYR F 817 -71.36 -110.45 -87.06
N LEU F 818 -70.10 -110.03 -86.89
CA LEU F 818 -69.00 -110.98 -86.95
C LEU F 818 -69.11 -112.02 -85.84
N VAL F 819 -69.47 -111.58 -84.63
CA VAL F 819 -69.72 -112.52 -83.55
C VAL F 819 -70.96 -113.35 -83.86
N ALA F 820 -72.02 -112.71 -84.32
CA ALA F 820 -73.30 -113.40 -84.47
C ALA F 820 -73.30 -114.35 -85.66
N ASN F 821 -72.70 -113.94 -86.79
CA ASN F 821 -72.87 -114.64 -88.05
C ASN F 821 -71.75 -115.63 -88.35
N TYR F 822 -70.83 -115.86 -87.42
CA TYR F 822 -69.73 -116.78 -87.63
C TYR F 822 -69.58 -117.69 -86.43
N ASP F 823 -69.01 -118.88 -86.68
CA ASP F 823 -68.81 -119.88 -85.64
C ASP F 823 -67.39 -119.71 -85.10
N TRP F 824 -67.26 -119.03 -83.97
CA TRP F 824 -65.97 -118.82 -83.33
C TRP F 824 -66.23 -118.37 -81.90
N VAL F 825 -65.18 -118.42 -81.08
CA VAL F 825 -65.25 -118.03 -79.68
C VAL F 825 -64.42 -116.76 -79.50
N PRO F 826 -65.03 -115.61 -79.23
CA PRO F 826 -64.23 -114.40 -78.96
C PRO F 826 -63.31 -114.61 -77.77
N THR F 827 -62.01 -114.43 -78.01
CA THR F 827 -60.98 -114.63 -77.00
C THR F 827 -60.04 -113.44 -77.00
N SER F 828 -59.33 -113.29 -75.88
CA SER F 828 -58.27 -112.29 -75.77
C SER F 828 -57.18 -112.86 -74.87
N THR F 829 -55.97 -112.31 -75.02
CA THR F 829 -54.84 -112.70 -74.20
C THR F 829 -54.71 -111.87 -72.94
N THR F 830 -55.54 -110.86 -72.76
CA THR F 830 -55.52 -110.03 -71.56
C THR F 830 -56.91 -109.93 -70.99
N LYS F 831 -56.97 -109.84 -69.66
CA LYS F 831 -58.23 -109.61 -68.95
C LYS F 831 -58.05 -108.42 -68.02
N VAL F 832 -59.14 -107.72 -67.76
CA VAL F 832 -59.13 -106.55 -66.89
C VAL F 832 -59.77 -106.95 -65.56
N TYR F 833 -58.98 -106.87 -64.49
CA TYR F 833 -59.47 -107.17 -63.15
C TYR F 833 -60.36 -106.04 -62.69
N LYS F 834 -61.67 -106.23 -62.86
CA LYS F 834 -62.70 -105.27 -62.49
C LYS F 834 -63.85 -106.04 -61.86
N GLN F 835 -64.64 -105.33 -61.05
CA GLN F 835 -65.80 -105.90 -60.39
C GLN F 835 -67.08 -105.48 -61.11
N ILE F 836 -68.16 -106.19 -60.80
CA ILE F 836 -69.45 -105.96 -61.43
C ILE F 836 -70.29 -105.09 -60.50
N PRO F 837 -71.09 -104.14 -61.01
CA PRO F 837 -71.89 -103.31 -60.11
C PRO F 837 -72.90 -104.14 -59.31
N GLN F 838 -73.23 -103.63 -58.13
CA GLN F 838 -74.18 -104.27 -57.23
C GLN F 838 -75.60 -103.92 -57.67
N GLN F 839 -76.44 -104.94 -57.81
CA GLN F 839 -77.83 -104.71 -58.15
C GLN F 839 -78.54 -103.96 -57.03
N PHE F 840 -79.50 -103.13 -57.40
CA PHE F 840 -80.33 -102.47 -56.40
C PHE F 840 -81.35 -103.46 -55.85
N ASP F 841 -81.39 -103.58 -54.53
CA ASP F 841 -82.36 -104.42 -53.83
C ASP F 841 -83.18 -103.53 -52.91
N PHE F 842 -84.49 -103.51 -53.12
CA PHE F 842 -85.34 -102.65 -52.30
C PHE F 842 -85.32 -103.09 -50.84
N ARG F 843 -85.39 -104.40 -50.59
CA ARG F 843 -85.42 -104.88 -49.21
C ARG F 843 -84.15 -104.52 -48.46
N ALA F 844 -83.00 -104.59 -49.13
CA ALA F 844 -81.72 -104.27 -48.51
C ALA F 844 -81.43 -102.78 -48.49
N SER F 845 -82.30 -101.95 -49.07
CA SER F 845 -82.09 -100.51 -49.11
C SER F 845 -83.10 -99.73 -48.28
N MET F 846 -84.25 -100.32 -47.96
CA MET F 846 -85.26 -99.64 -47.17
C MET F 846 -84.92 -99.72 -45.70
N HIS F 847 -84.83 -98.55 -45.05
CA HIS F 847 -84.55 -98.46 -43.63
C HIS F 847 -85.53 -97.49 -43.00
N MET F 848 -85.61 -97.54 -41.67
CA MET F 848 -86.38 -96.58 -40.89
C MET F 848 -85.38 -95.74 -40.09
N LEU F 849 -85.19 -94.50 -40.51
CA LEU F 849 -84.30 -93.60 -39.80
C LEU F 849 -85.04 -92.94 -38.66
N THR F 850 -84.45 -92.96 -37.47
CA THR F 850 -85.07 -92.47 -36.25
C THR F 850 -84.27 -91.30 -35.70
N SER F 851 -84.98 -90.28 -35.22
CA SER F 851 -84.35 -89.15 -34.56
C SER F 851 -85.38 -88.49 -33.66
N ASN F 852 -85.03 -87.33 -33.11
CA ASN F 852 -85.97 -86.55 -32.32
C ASN F 852 -86.82 -85.67 -33.22
N LEU F 853 -88.00 -85.31 -32.72
CA LEU F 853 -88.89 -84.45 -33.50
C LEU F 853 -88.34 -83.03 -33.59
N THR F 854 -87.91 -82.48 -32.45
CA THR F 854 -87.39 -81.12 -32.45
C THR F 854 -86.70 -80.85 -31.13
N PHE F 855 -85.64 -80.04 -31.19
CA PHE F 855 -85.03 -79.49 -29.99
C PHE F 855 -84.28 -78.23 -30.38
N THR F 856 -83.94 -77.43 -29.38
CA THR F 856 -83.18 -76.20 -29.57
C THR F 856 -81.83 -76.36 -28.88
N VAL F 857 -80.76 -76.07 -29.60
CA VAL F 857 -79.40 -76.18 -29.10
C VAL F 857 -78.93 -74.80 -28.67
N TYR F 858 -78.32 -74.72 -27.49
CA TYR F 858 -77.82 -73.47 -26.94
C TYR F 858 -76.31 -73.54 -26.80
N SER F 859 -75.66 -72.39 -26.99
CA SER F 859 -74.20 -72.28 -26.91
C SER F 859 -73.75 -71.52 -25.67
N ASP F 860 -74.32 -70.35 -25.41
CA ASP F 860 -73.95 -69.54 -24.26
C ASP F 860 -74.79 -69.97 -23.07
N LEU F 861 -74.20 -70.81 -22.21
CA LEU F 861 -74.91 -71.24 -21.01
C LEU F 861 -74.96 -70.14 -19.97
N LEU F 862 -73.89 -69.35 -19.84
CA LEU F 862 -73.84 -68.29 -18.85
C LEU F 862 -74.79 -67.14 -19.18
N ALA F 863 -75.31 -67.08 -20.41
CA ALA F 863 -76.35 -66.11 -20.72
C ALA F 863 -77.64 -66.39 -19.95
N PHE F 864 -77.82 -67.61 -19.46
CA PHE F 864 -78.98 -67.98 -18.67
C PHE F 864 -78.82 -67.63 -17.20
N VAL F 865 -77.69 -67.07 -16.80
CA VAL F 865 -77.40 -66.75 -15.41
C VAL F 865 -77.54 -65.25 -15.24
N SER F 866 -78.40 -64.84 -14.31
CA SER F 866 -78.47 -63.45 -13.88
C SER F 866 -77.44 -63.24 -12.79
N ALA F 867 -76.39 -62.48 -13.11
CA ALA F 867 -75.26 -62.30 -12.21
C ALA F 867 -75.22 -60.85 -11.74
N ASP F 868 -75.17 -60.66 -10.42
CA ASP F 868 -75.07 -59.36 -9.81
C ASP F 868 -73.95 -59.39 -8.78
N THR F 869 -73.54 -58.22 -8.32
CA THR F 869 -72.46 -58.10 -7.34
C THR F 869 -72.89 -57.16 -6.23
N VAL F 870 -72.39 -57.42 -5.02
CA VAL F 870 -72.63 -56.55 -3.88
C VAL F 870 -71.93 -55.22 -4.16
N GLU F 871 -72.28 -54.19 -3.40
CA GLU F 871 -71.55 -52.94 -3.51
C GLU F 871 -70.09 -53.16 -3.11
N PRO F 872 -69.12 -52.60 -3.84
CA PRO F 872 -67.72 -52.90 -3.52
C PRO F 872 -67.34 -52.53 -2.10
N ILE F 873 -68.01 -51.55 -1.50
CA ILE F 873 -67.73 -51.18 -0.11
C ILE F 873 -67.94 -52.38 0.81
N ASN F 874 -68.88 -53.26 0.47
CA ASN F 874 -69.22 -54.40 1.31
C ASN F 874 -68.64 -55.71 0.78
N ALA F 875 -67.76 -55.66 -0.21
CA ALA F 875 -67.13 -56.87 -0.72
C ALA F 875 -66.17 -57.43 0.34
N VAL F 876 -66.19 -58.75 0.48
CA VAL F 876 -65.41 -59.44 1.51
C VAL F 876 -64.50 -60.45 0.86
N ALA F 877 -63.48 -60.85 1.61
CA ALA F 877 -62.48 -61.81 1.15
C ALA F 877 -62.85 -63.21 1.64
N PHE F 878 -61.93 -64.17 1.45
CA PHE F 878 -62.22 -65.56 1.79
C PHE F 878 -62.51 -65.75 3.27
N ASP F 879 -62.04 -64.85 4.13
CA ASP F 879 -62.23 -64.96 5.57
C ASP F 879 -63.45 -64.18 6.05
N ASN F 880 -64.33 -63.75 5.14
CA ASN F 880 -65.57 -63.04 5.41
C ASN F 880 -65.34 -61.65 5.99
N MET F 881 -64.11 -61.18 6.05
CA MET F 881 -63.82 -59.79 6.38
C MET F 881 -63.75 -58.98 5.10
N ARG F 882 -64.03 -57.69 5.21
CA ARG F 882 -64.00 -56.82 4.04
C ARG F 882 -62.62 -56.80 3.42
N ILE F 883 -62.58 -56.74 2.09
CA ILE F 883 -61.30 -56.74 1.39
C ILE F 883 -60.45 -55.55 1.83
N MET F 884 -61.06 -54.37 1.87
CA MET F 884 -60.41 -53.15 2.31
C MET F 884 -61.13 -52.64 3.54
N ASN F 885 -60.37 -52.44 4.63
CA ASN F 885 -60.94 -52.08 5.92
C ASN F 885 -60.57 -50.68 6.38
N GLU F 886 -59.59 -50.03 5.74
CA GLU F 886 -59.18 -48.68 6.13
C GLU F 886 -60.17 -47.66 5.59
N LEU F 887 -61.32 -47.58 6.26
CA LEU F 887 -62.40 -46.71 5.85
C LEU F 887 -62.70 -45.67 6.93
N LYS G 84 39.41 -22.77 -41.12
CA LYS G 84 38.93 -24.12 -41.40
C LYS G 84 39.15 -24.47 -42.87
N THR G 85 38.82 -23.54 -43.76
CA THR G 85 39.10 -23.73 -45.17
C THR G 85 40.59 -23.67 -45.46
N LYS G 86 41.34 -22.88 -44.70
CA LYS G 86 42.79 -22.82 -44.88
C LYS G 86 43.42 -24.17 -44.62
N GLU G 87 42.98 -24.87 -43.57
CA GLU G 87 43.55 -26.18 -43.28
C GLU G 87 43.19 -27.19 -44.36
N GLU G 88 41.98 -27.11 -44.92
CA GLU G 88 41.62 -27.99 -46.02
C GLU G 88 42.48 -27.69 -47.25
N HIS G 89 42.77 -26.42 -47.51
CA HIS G 89 43.67 -26.07 -48.61
C HIS G 89 45.06 -26.64 -48.38
N GLN G 90 45.56 -26.53 -47.15
CA GLN G 90 46.88 -27.09 -46.85
C GLN G 90 46.89 -28.61 -47.01
N LYS G 91 45.81 -29.27 -46.58
CA LYS G 91 45.70 -30.71 -46.78
C LYS G 91 45.69 -31.05 -48.25
N GLU G 92 44.98 -30.28 -49.06
CA GLU G 92 45.00 -30.49 -50.50
C GLU G 92 46.40 -30.32 -51.06
N VAL G 93 47.15 -29.34 -50.55
CA VAL G 93 48.51 -29.11 -51.03
C VAL G 93 49.39 -30.32 -50.73
N GLN G 94 49.34 -30.81 -49.49
CA GLN G 94 50.17 -31.96 -49.12
C GLN G 94 49.77 -33.20 -49.89
N TYR G 95 48.46 -33.43 -50.04
CA TYR G 95 47.99 -34.59 -50.78
C TYR G 95 48.36 -34.50 -52.25
N GLU G 96 48.37 -33.30 -52.82
CA GLU G 96 48.82 -33.13 -54.19
C GLU G 96 50.32 -33.43 -54.30
N ILE G 97 51.10 -33.01 -53.31
CA ILE G 97 52.52 -33.32 -53.31
C ILE G 97 52.72 -34.83 -53.32
N LEU G 98 51.95 -35.55 -52.50
CA LEU G 98 52.06 -37.00 -52.48
C LEU G 98 51.57 -37.64 -53.78
N GLN G 99 50.47 -37.14 -54.33
CA GLN G 99 49.86 -37.73 -55.50
C GLN G 99 50.67 -37.47 -56.77
N LYS G 100 51.46 -36.40 -56.79
CA LYS G 100 52.29 -36.13 -57.97
C LYS G 100 53.34 -37.21 -58.19
N THR G 101 53.60 -38.05 -57.19
CA THR G 101 54.58 -39.12 -57.29
C THR G 101 53.97 -40.45 -57.70
N ILE G 102 52.66 -40.51 -57.93
CA ILE G 102 51.95 -41.73 -58.26
C ILE G 102 51.49 -41.63 -59.72
N PRO G 103 51.89 -42.58 -60.61
CA PRO G 103 51.49 -42.51 -62.03
C PRO G 103 50.09 -43.03 -62.30
N THR G 104 49.13 -42.61 -61.50
CA THR G 104 47.73 -42.97 -61.67
C THR G 104 47.01 -41.83 -62.37
N PHE G 105 46.29 -42.14 -63.44
CA PHE G 105 45.52 -41.11 -64.13
C PHE G 105 44.46 -40.54 -63.21
N GLU G 106 44.41 -39.22 -63.13
CA GLU G 106 43.62 -38.56 -62.09
C GLU G 106 42.13 -38.90 -62.18
N PRO G 107 41.49 -38.87 -63.34
CA PRO G 107 40.11 -39.35 -63.42
C PRO G 107 40.05 -40.86 -63.36
N LYS G 108 40.04 -41.39 -62.13
CA LYS G 108 40.12 -42.83 -61.90
C LYS G 108 39.26 -43.66 -62.86
N GLU G 109 38.07 -43.15 -63.18
CA GLU G 109 37.14 -43.94 -63.99
C GLU G 109 37.65 -44.14 -65.41
N SER G 110 38.52 -43.26 -65.89
CA SER G 110 39.11 -43.45 -67.21
C SER G 110 40.00 -44.68 -67.26
N ILE G 111 40.51 -45.11 -66.10
CA ILE G 111 41.36 -46.29 -66.05
C ILE G 111 40.59 -47.51 -66.54
N LEU G 112 39.27 -47.54 -66.32
CA LEU G 112 38.46 -48.65 -66.80
C LEU G 112 38.51 -48.73 -68.32
N LYS G 113 38.33 -47.60 -68.99
CA LYS G 113 38.41 -47.58 -70.45
C LYS G 113 39.79 -47.98 -70.93
N LYS G 114 40.84 -47.44 -70.29
CA LYS G 114 42.19 -47.79 -70.73
C LYS G 114 42.50 -49.26 -70.50
N LEU G 115 41.92 -49.87 -69.46
CA LEU G 115 42.13 -51.29 -69.23
C LEU G 115 41.37 -52.14 -70.23
N GLU G 116 40.10 -51.84 -70.48
CA GLU G 116 39.30 -52.63 -71.40
C GLU G 116 39.70 -52.44 -72.84
N ASP G 117 40.46 -51.40 -73.16
CA ASP G 117 40.98 -51.21 -74.52
C ASP G 117 42.19 -52.10 -74.80
N ILE G 118 42.79 -52.70 -73.78
CA ILE G 118 43.92 -53.60 -74.00
C ILE G 118 43.39 -54.87 -74.67
N LYS G 119 43.87 -55.13 -75.87
CA LYS G 119 43.42 -56.26 -76.67
C LYS G 119 44.44 -57.39 -76.60
N PRO G 120 44.07 -58.59 -77.05
CA PRO G 120 45.06 -59.65 -77.16
C PRO G 120 46.15 -59.27 -78.16
N GLU G 121 47.34 -59.83 -77.96
CA GLU G 121 48.44 -59.59 -78.88
C GLU G 121 48.00 -59.78 -80.32
N GLN G 122 48.13 -58.72 -81.11
CA GLN G 122 47.67 -58.77 -82.49
C GLN G 122 48.38 -59.88 -83.25
N VAL G 123 47.60 -60.70 -83.95
CA VAL G 123 48.13 -61.85 -84.67
C VAL G 123 48.63 -61.34 -86.03
N LYS G 124 49.94 -61.21 -86.16
CA LYS G 124 50.53 -60.76 -87.42
C LYS G 124 50.68 -61.93 -88.38
N LYS G 125 50.32 -61.68 -89.64
CA LYS G 125 50.47 -62.66 -90.70
C LYS G 125 51.43 -62.13 -91.75
N GLN G 126 52.15 -63.04 -92.39
CA GLN G 126 53.13 -62.68 -93.42
C GLN G 126 52.47 -62.71 -94.78
N THR G 127 52.66 -61.64 -95.55
CA THR G 127 52.15 -61.57 -96.92
C THR G 127 53.21 -61.84 -97.96
N LYS G 128 54.49 -61.66 -97.62
CA LYS G 128 55.58 -61.94 -98.54
C LYS G 128 56.78 -62.39 -97.73
N LEU G 129 57.67 -63.14 -98.38
CA LEU G 129 58.86 -63.61 -97.70
C LEU G 129 59.73 -62.44 -97.28
N PHE G 130 60.33 -62.55 -96.09
CA PHE G 130 61.25 -61.54 -95.60
C PHE G 130 62.56 -61.63 -96.37
N ARG G 131 62.97 -60.51 -96.97
CA ARG G 131 64.17 -60.45 -97.79
C ARG G 131 65.00 -59.24 -97.43
N ILE G 132 66.31 -59.46 -97.29
CA ILE G 132 67.27 -58.38 -97.18
C ILE G 132 68.10 -58.22 -98.45
N PHE G 133 68.27 -59.29 -99.23
CA PHE G 133 69.08 -59.28 -100.43
C PHE G 133 68.22 -59.61 -101.64
N GLU G 134 68.69 -59.20 -102.81
CA GLU G 134 68.10 -59.58 -104.09
C GLU G 134 69.22 -59.83 -105.08
N PRO G 135 68.98 -60.65 -106.10
CA PRO G 135 69.98 -60.80 -107.16
C PRO G 135 69.92 -59.65 -108.15
N ARG G 136 71.09 -59.15 -108.51
CA ARG G 136 71.22 -58.04 -109.44
C ARG G 136 72.32 -58.36 -110.45
N GLN G 137 72.09 -57.97 -111.70
CA GLN G 137 73.07 -58.16 -112.76
C GLN G 137 74.03 -56.98 -112.77
N LEU G 138 75.32 -57.26 -112.63
CA LEU G 138 76.34 -56.24 -112.59
C LEU G 138 77.38 -56.49 -113.67
N PRO G 139 77.94 -55.44 -114.28
CA PRO G 139 79.01 -55.65 -115.25
C PRO G 139 80.29 -56.13 -114.57
N VAL G 140 81.05 -56.92 -115.32
CA VAL G 140 82.32 -57.46 -114.84
C VAL G 140 83.40 -57.14 -115.86
N TYR G 141 84.64 -57.19 -115.41
CA TYR G 141 85.79 -56.76 -116.19
C TYR G 141 86.85 -57.84 -116.19
N ARG G 142 87.63 -57.88 -117.27
CA ARG G 142 88.70 -58.85 -117.39
C ARG G 142 89.92 -58.39 -116.58
N ALA G 143 90.95 -59.24 -116.54
CA ALA G 143 92.15 -58.91 -115.81
C ALA G 143 92.82 -57.66 -116.37
N ASN G 144 92.63 -57.38 -117.65
CA ASN G 144 93.21 -56.19 -118.26
C ASN G 144 92.36 -54.94 -118.05
N GLY G 145 91.21 -55.07 -117.39
CA GLY G 145 90.35 -53.93 -117.16
C GLY G 145 89.29 -53.69 -118.20
N GLU G 146 89.17 -54.56 -119.20
CA GLU G 146 88.16 -54.41 -120.22
C GLU G 146 86.82 -54.98 -119.74
N LYS G 147 85.74 -54.30 -120.11
CA LYS G 147 84.41 -54.73 -119.70
C LYS G 147 83.96 -55.94 -120.51
N GLU G 148 83.59 -57.00 -119.81
CA GLU G 148 83.14 -58.21 -120.48
C GLU G 148 81.77 -58.01 -121.13
N LEU G 149 81.45 -58.86 -122.09
CA LEU G 149 80.20 -58.76 -122.82
C LEU G 149 79.01 -59.30 -122.05
N ARG G 150 79.23 -59.99 -120.92
CA ARG G 150 78.16 -60.58 -120.14
C ARG G 150 78.23 -60.07 -118.71
N ASN G 151 77.06 -59.79 -118.14
CA ASN G 151 76.93 -59.43 -116.74
C ASN G 151 76.88 -60.67 -115.87
N ARG G 152 77.10 -60.49 -114.58
CA ARG G 152 77.03 -61.56 -113.61
C ARG G 152 76.00 -61.23 -112.53
N TRP G 153 75.42 -62.27 -111.95
CA TRP G 153 74.43 -62.12 -110.88
C TRP G 153 75.13 -62.08 -109.54
N TYR G 154 74.81 -61.07 -108.74
CA TYR G 154 75.38 -60.90 -107.41
C TYR G 154 74.28 -60.55 -106.43
N TRP G 155 74.51 -60.88 -105.16
CA TRP G 155 73.56 -60.53 -104.12
C TRP G 155 73.81 -59.11 -103.64
N LYS G 156 72.77 -58.26 -103.70
CA LYS G 156 72.88 -56.88 -103.26
C LYS G 156 71.73 -56.57 -102.31
N LEU G 157 72.00 -55.70 -101.35
CA LEU G 157 70.95 -55.28 -100.43
C LEU G 157 69.81 -54.60 -101.19
N LYS G 158 68.58 -54.99 -100.88
CA LYS G 158 67.43 -54.35 -101.51
C LYS G 158 67.37 -52.87 -101.15
N ARG G 159 67.61 -52.55 -99.88
CA ARG G 159 67.67 -51.18 -99.40
C ARG G 159 69.04 -50.97 -98.77
N ASP G 160 69.96 -50.37 -99.53
CA ASP G 160 71.31 -50.11 -99.04
C ASP G 160 71.31 -48.74 -98.34
N THR G 161 70.80 -48.75 -97.10
CA THR G 161 70.65 -47.53 -96.31
C THR G 161 71.49 -47.58 -95.05
N LEU G 162 72.65 -48.21 -95.11
CA LEU G 162 73.48 -48.30 -93.93
C LEU G 162 74.17 -46.96 -93.65
N PRO G 163 74.33 -46.57 -92.38
CA PRO G 163 74.96 -45.29 -92.08
C PRO G 163 76.48 -45.36 -92.02
N ASP G 164 77.12 -44.24 -91.72
CA ASP G 164 78.56 -44.15 -91.59
C ASP G 164 78.94 -44.05 -90.12
N GLY G 165 80.02 -44.72 -89.74
CA GLY G 165 80.41 -44.82 -88.36
C GLY G 165 79.97 -46.14 -87.76
N ASP G 166 80.87 -46.80 -87.02
CA ASP G 166 80.56 -48.12 -86.48
C ASP G 166 79.39 -48.06 -85.51
N TYR G 167 79.36 -47.03 -84.64
CA TYR G 167 78.26 -46.91 -83.70
C TYR G 167 76.94 -46.74 -84.44
N ASP G 168 76.94 -45.93 -85.50
CA ASP G 168 75.71 -45.75 -86.27
C ASP G 168 75.29 -47.04 -86.94
N VAL G 169 76.25 -47.83 -87.42
CA VAL G 169 75.91 -49.11 -88.04
C VAL G 169 75.27 -50.06 -87.01
N ARG G 170 75.83 -50.09 -85.81
CA ARG G 170 75.25 -50.96 -84.78
C ARG G 170 73.87 -50.47 -84.35
N GLU G 171 73.67 -49.16 -84.31
CA GLU G 171 72.34 -48.62 -84.05
C GLU G 171 71.37 -48.99 -85.16
N TYR G 172 71.84 -48.96 -86.41
CA TYR G 172 71.03 -49.39 -87.53
C TYR G 172 70.62 -50.84 -87.40
N PHE G 173 71.53 -51.68 -86.92
CA PHE G 173 71.20 -53.09 -86.74
C PHE G 173 70.26 -53.32 -85.56
N LEU G 174 70.35 -52.49 -84.52
CA LEU G 174 69.34 -52.53 -83.47
C LEU G 174 67.97 -52.15 -84.02
N ASN G 175 67.93 -51.13 -84.89
CA ASN G 175 66.69 -50.75 -85.52
C ASN G 175 66.14 -51.88 -86.39
N LEU G 176 67.03 -52.58 -87.10
CA LEU G 176 66.62 -53.74 -87.88
C LEU G 176 66.06 -54.83 -86.98
N TYR G 177 66.68 -55.04 -85.83
CA TYR G 177 66.16 -56.01 -84.86
C TYR G 177 64.76 -55.65 -84.40
N ASP G 178 64.54 -54.38 -84.08
CA ASP G 178 63.21 -53.94 -83.69
C ASP G 178 62.21 -54.12 -84.84
N GLN G 179 62.65 -53.82 -86.07
CA GLN G 179 61.77 -54.00 -87.22
C GLN G 179 61.35 -55.46 -87.37
N VAL G 180 62.32 -56.37 -87.29
CA VAL G 180 62.02 -57.79 -87.43
C VAL G 180 61.09 -58.24 -86.32
N LEU G 181 61.33 -57.77 -85.09
CA LEU G 181 60.48 -58.15 -83.97
C LEU G 181 59.04 -57.69 -84.21
N THR G 182 58.87 -56.44 -84.66
CA THR G 182 57.52 -55.91 -84.85
C THR G 182 56.80 -56.63 -85.98
N GLU G 183 57.52 -56.97 -87.06
CA GLU G 183 56.92 -57.60 -88.22
C GLU G 183 57.12 -59.11 -88.22
N MET G 184 57.48 -59.71 -87.08
CA MET G 184 57.63 -61.14 -87.00
C MET G 184 56.24 -61.79 -87.09
N PRO G 185 56.01 -62.70 -88.05
CA PRO G 185 54.68 -63.29 -88.17
C PRO G 185 54.38 -64.27 -87.05
N ASP G 186 53.14 -64.27 -86.59
CA ASP G 186 52.71 -65.27 -85.62
C ASP G 186 52.50 -66.62 -86.27
N TYR G 187 52.10 -66.63 -87.54
CA TYR G 187 51.93 -67.85 -88.30
C TYR G 187 52.08 -67.52 -89.78
N LEU G 188 52.29 -68.56 -90.58
CA LEU G 188 52.47 -68.41 -92.02
C LEU G 188 51.66 -69.46 -92.74
N LEU G 189 51.14 -69.08 -93.90
CA LEU G 189 50.48 -70.01 -94.82
C LEU G 189 51.04 -69.73 -96.21
N LEU G 190 51.87 -70.64 -96.70
CA LEU G 190 52.64 -70.37 -97.92
C LEU G 190 51.77 -70.32 -99.16
N LYS G 191 50.60 -70.96 -99.13
CA LYS G 191 49.74 -70.95 -100.32
C LYS G 191 49.26 -69.55 -100.66
N ASP G 192 49.13 -68.68 -99.66
CA ASP G 192 48.70 -67.31 -99.92
C ASP G 192 49.74 -66.57 -100.77
N MET G 193 51.01 -66.89 -100.59
CA MET G 193 52.09 -66.22 -101.32
C MET G 193 52.51 -66.99 -102.57
N ALA G 194 51.92 -68.15 -102.84
CA ALA G 194 52.31 -68.93 -104.01
C ALA G 194 51.79 -68.28 -105.29
N VAL G 195 52.65 -68.28 -106.31
CA VAL G 195 52.30 -67.72 -107.62
C VAL G 195 52.73 -68.71 -108.69
N GLU G 196 52.18 -68.53 -109.88
CA GLU G 196 52.50 -69.38 -111.01
C GLU G 196 53.96 -69.21 -111.41
N ASN G 197 54.61 -70.33 -111.70
CA ASN G 197 55.93 -70.32 -112.31
C ASN G 197 55.74 -70.29 -113.82
N LYS G 198 56.17 -69.19 -114.46
CA LYS G 198 55.87 -68.98 -115.87
C LYS G 198 56.49 -70.08 -116.73
N ASN G 199 57.70 -70.49 -116.40
CA ASN G 199 58.44 -71.46 -117.21
C ASN G 199 58.14 -72.90 -116.82
N SER G 200 57.27 -73.13 -115.84
CA SER G 200 56.96 -74.49 -115.43
C SER G 200 56.22 -75.23 -116.54
N ARG G 201 56.60 -76.49 -116.75
CA ARG G 201 55.95 -77.35 -117.73
C ARG G 201 54.84 -78.21 -117.12
N ASP G 202 54.66 -78.15 -115.80
CA ASP G 202 53.71 -79.02 -115.11
C ASP G 202 52.92 -78.24 -114.08
N ALA G 203 52.52 -77.02 -114.41
CA ALA G 203 51.69 -76.19 -113.53
C ALA G 203 52.36 -75.96 -112.19
N GLY G 204 53.68 -75.71 -112.22
CA GLY G 204 54.41 -75.47 -111.00
C GLY G 204 54.14 -74.08 -110.44
N LYS G 205 54.26 -73.96 -109.11
CA LYS G 205 54.09 -72.71 -108.41
C LYS G 205 55.29 -72.49 -107.50
N VAL G 206 55.54 -71.22 -107.17
CA VAL G 206 56.64 -70.85 -106.28
C VAL G 206 56.15 -69.79 -105.31
N VAL G 207 56.83 -69.70 -104.17
CA VAL G 207 56.67 -68.60 -103.22
C VAL G 207 58.00 -67.86 -103.18
N ASP G 208 58.00 -66.53 -103.35
CA ASP G 208 56.86 -65.64 -103.56
C ASP G 208 57.01 -65.00 -104.94
N SER G 209 56.23 -63.96 -105.23
CA SER G 209 56.33 -63.30 -106.52
C SER G 209 57.76 -62.89 -106.84
N GLU G 210 58.54 -62.52 -105.83
CA GLU G 210 59.95 -62.22 -106.05
C GLU G 210 60.70 -63.46 -106.52
N THR G 211 60.38 -64.63 -105.96
CA THR G 211 60.97 -65.86 -106.47
C THR G 211 60.63 -66.06 -107.94
N ALA G 212 59.39 -65.76 -108.31
CA ALA G 212 59.00 -65.89 -109.71
C ALA G 212 59.81 -64.96 -110.60
N ALA G 213 60.01 -63.72 -110.16
CA ALA G 213 60.81 -62.78 -110.95
C ALA G 213 62.24 -63.27 -111.10
N ILE G 214 62.84 -63.73 -109.99
CA ILE G 214 64.21 -64.24 -110.05
C ILE G 214 64.30 -65.44 -110.98
N CYS G 215 63.34 -66.36 -110.87
CA CYS G 215 63.37 -67.56 -111.70
C CYS G 215 63.22 -67.22 -113.17
N ASP G 216 62.35 -66.27 -113.49
CA ASP G 216 62.20 -65.86 -114.88
C ASP G 216 63.49 -65.23 -115.40
N ALA G 217 64.12 -64.38 -114.60
CA ALA G 217 65.37 -63.75 -115.02
C ALA G 217 66.46 -64.80 -115.25
N ILE G 218 66.56 -65.79 -114.37
CA ILE G 218 67.57 -66.82 -114.53
C ILE G 218 67.25 -67.70 -115.74
N PHE G 219 65.97 -68.00 -115.95
CA PHE G 219 65.57 -68.83 -117.08
C PHE G 219 65.90 -68.16 -118.40
N GLN G 220 65.69 -66.85 -118.50
CA GLN G 220 65.96 -66.15 -119.74
C GLN G 220 67.44 -65.84 -119.93
N ASP G 221 68.26 -65.96 -118.89
CA ASP G 221 69.67 -65.66 -119.01
C ASP G 221 70.37 -66.69 -119.89
N GLU G 222 71.29 -66.23 -120.73
CA GLU G 222 72.00 -67.11 -121.64
C GLU G 222 73.09 -67.91 -120.93
N GLU G 223 73.71 -67.35 -119.90
CA GLU G 223 74.81 -68.03 -119.22
C GLU G 223 74.35 -69.07 -118.22
N THR G 224 73.05 -69.19 -117.98
CA THR G 224 72.55 -70.19 -117.04
C THR G 224 72.84 -71.60 -117.53
N GLU G 225 73.17 -72.49 -116.59
CA GLU G 225 73.39 -73.88 -116.94
C GLU G 225 72.10 -74.50 -117.45
N GLY G 226 72.23 -75.39 -118.45
CA GLY G 226 71.06 -76.08 -118.96
C GLY G 226 70.37 -76.91 -117.90
N VAL G 227 71.15 -77.49 -116.98
CA VAL G 227 70.56 -78.27 -115.89
C VAL G 227 69.71 -77.38 -115.01
N VAL G 228 70.18 -76.15 -114.72
CA VAL G 228 69.42 -75.23 -113.88
C VAL G 228 68.15 -74.80 -114.60
N ARG G 229 68.24 -74.53 -115.90
CA ARG G 229 67.06 -74.16 -116.68
C ARG G 229 66.03 -75.27 -116.67
N ARG G 230 66.48 -76.52 -116.87
CA ARG G 230 65.56 -77.65 -116.83
C ARG G 230 64.94 -77.81 -115.45
N PHE G 231 65.72 -77.63 -114.39
CA PHE G 231 65.16 -77.75 -113.04
C PHE G 231 64.12 -76.67 -112.78
N ILE G 232 64.39 -75.43 -113.20
CA ILE G 232 63.40 -74.37 -113.05
C ILE G 232 62.13 -74.74 -113.80
N ALA G 233 62.28 -75.34 -114.99
CA ALA G 233 61.11 -75.76 -115.75
C ALA G 233 60.41 -76.96 -115.11
N GLU G 234 61.09 -77.72 -114.25
CA GLU G 234 60.54 -78.96 -113.70
C GLU G 234 60.24 -78.90 -112.21
N MET G 235 60.88 -78.01 -111.46
CA MET G 235 60.68 -77.98 -110.01
C MET G 235 59.20 -77.75 -109.69
N ARG G 236 58.71 -78.51 -108.71
CA ARG G 236 57.28 -78.58 -108.42
C ARG G 236 57.02 -78.34 -106.94
N GLN G 237 55.84 -77.80 -106.65
CA GLN G 237 55.32 -77.72 -105.30
C GLN G 237 54.54 -78.99 -104.98
N ARG G 238 54.48 -79.32 -103.69
CA ARG G 238 53.75 -80.50 -103.23
C ARG G 238 52.71 -80.07 -102.21
N VAL G 239 51.43 -80.19 -102.57
CA VAL G 239 50.32 -79.86 -101.70
C VAL G 239 49.67 -81.16 -101.26
N GLN G 240 49.73 -81.45 -99.96
CA GLN G 240 49.11 -82.62 -99.36
C GLN G 240 47.98 -82.12 -98.48
N ALA G 241 46.78 -82.05 -99.04
CA ALA G 241 45.64 -81.50 -98.31
C ALA G 241 45.23 -82.41 -97.17
N ASP G 242 45.23 -83.73 -97.39
CA ASP G 242 44.86 -84.65 -96.32
C ASP G 242 45.84 -84.56 -95.15
N ARG G 243 47.09 -84.22 -95.43
CA ARG G 243 48.08 -83.99 -94.39
C ARG G 243 48.13 -82.56 -93.91
N ASN G 244 47.45 -81.64 -94.59
CA ASN G 244 47.50 -80.21 -94.27
C ASN G 244 48.92 -79.69 -94.34
N VAL G 245 49.59 -79.97 -95.46
CA VAL G 245 50.97 -79.57 -95.66
C VAL G 245 51.13 -79.01 -97.07
N VAL G 246 52.00 -78.01 -97.22
CA VAL G 246 52.34 -77.45 -98.52
C VAL G 246 53.84 -77.21 -98.55
N ASN G 247 54.48 -77.61 -99.65
CA ASN G 247 55.88 -77.36 -99.91
C ASN G 247 55.99 -76.57 -101.20
N TYR G 248 56.69 -75.44 -101.15
CA TYR G 248 56.83 -74.57 -102.31
C TYR G 248 58.30 -74.26 -102.58
N PRO G 249 58.73 -74.29 -103.84
CA PRO G 249 60.09 -73.79 -104.15
C PRO G 249 60.21 -72.31 -103.90
N SER G 250 61.41 -71.90 -103.48
CA SER G 250 61.69 -70.51 -103.20
C SER G 250 63.15 -70.23 -103.51
N ILE G 251 63.42 -68.99 -103.94
CA ILE G 251 64.77 -68.49 -104.12
C ILE G 251 65.01 -67.45 -103.03
N LEU G 252 66.00 -67.71 -102.18
CA LEU G 252 66.27 -66.84 -101.04
C LEU G 252 67.77 -66.78 -100.80
N HIS G 253 68.25 -65.61 -100.42
CA HIS G 253 69.60 -65.50 -99.90
C HIS G 253 69.69 -66.25 -98.58
N PRO G 254 70.85 -66.84 -98.27
CA PRO G 254 70.93 -67.66 -97.04
C PRO G 254 70.45 -66.95 -95.78
N ILE G 255 70.72 -65.65 -95.64
CA ILE G 255 70.20 -64.91 -94.49
C ILE G 255 68.68 -64.81 -94.56
N ASP G 256 68.15 -64.49 -95.75
CA ASP G 256 66.70 -64.44 -95.93
C ASP G 256 66.07 -65.79 -95.66
N HIS G 257 66.70 -66.87 -96.17
CA HIS G 257 66.19 -68.19 -95.91
C HIS G 257 66.22 -68.51 -94.42
N ALA G 258 67.28 -68.10 -93.72
CA ALA G 258 67.35 -68.34 -92.29
C ALA G 258 66.19 -67.67 -91.57
N PHE G 259 65.93 -66.40 -91.90
CA PHE G 259 64.83 -65.69 -91.25
C PHE G 259 63.49 -66.35 -91.54
N ASN G 260 63.23 -66.65 -92.81
CA ASN G 260 61.93 -67.23 -93.16
C ASN G 260 61.78 -68.64 -92.60
N GLU G 261 62.87 -69.41 -92.56
CA GLU G 261 62.83 -70.74 -91.96
C GLU G 261 62.54 -70.65 -90.48
N TYR G 262 63.14 -69.68 -89.79
CA TYR G 262 62.81 -69.50 -88.37
C TYR G 262 61.35 -69.14 -88.20
N PHE G 263 60.82 -68.26 -89.06
CA PHE G 263 59.42 -67.91 -88.97
C PHE G 263 58.54 -69.13 -89.17
N LEU G 264 58.86 -69.97 -90.17
CA LEU G 264 58.04 -71.13 -90.47
C LEU G 264 58.13 -72.18 -89.36
N GLN G 265 59.32 -72.38 -88.81
CA GLN G 265 59.55 -73.47 -87.86
C GLN G 265 59.08 -73.15 -86.45
N HIS G 266 58.81 -71.90 -86.13
CA HIS G 266 58.52 -71.46 -84.78
C HIS G 266 57.26 -70.60 -84.74
N GLN G 267 56.21 -71.07 -85.39
CA GLN G 267 54.93 -70.36 -85.38
C GLN G 267 54.26 -70.49 -84.03
N LEU G 268 53.61 -69.41 -83.60
CA LEU G 268 52.99 -69.37 -82.27
C LEU G 268 51.67 -70.11 -82.20
N VAL G 269 51.02 -70.38 -83.33
CA VAL G 269 49.71 -71.00 -83.32
C VAL G 269 49.83 -72.46 -82.90
N GLU G 270 48.87 -72.93 -82.11
CA GLU G 270 48.80 -74.29 -81.64
C GLU G 270 47.39 -74.83 -81.88
N PRO G 271 47.24 -76.15 -81.97
CA PRO G 271 45.90 -76.71 -82.21
C PRO G 271 44.91 -76.32 -81.13
N LEU G 272 43.68 -76.07 -81.53
CA LEU G 272 42.60 -75.68 -80.63
C LEU G 272 41.49 -76.72 -80.69
N ASN G 273 41.02 -77.14 -79.52
CA ASN G 273 39.91 -78.08 -79.42
C ASN G 273 39.05 -77.69 -78.23
N ASN G 274 37.92 -78.39 -78.07
CA ASN G 274 37.01 -78.07 -76.99
C ASN G 274 37.63 -78.38 -75.63
N ASP G 275 38.58 -79.31 -75.57
CA ASP G 275 39.26 -79.59 -74.32
C ASP G 275 40.06 -78.37 -73.85
N ILE G 276 40.77 -77.73 -74.78
CA ILE G 276 41.56 -76.55 -74.43
C ILE G 276 40.65 -75.42 -73.96
N ILE G 277 39.53 -75.22 -74.65
CA ILE G 277 38.60 -74.16 -74.26
C ILE G 277 38.01 -74.45 -72.89
N PHE G 278 37.63 -75.71 -72.64
CA PHE G 278 37.08 -76.06 -71.34
C PHE G 278 38.10 -75.85 -70.23
N ASN G 279 39.35 -76.21 -70.47
CA ASN G 279 40.39 -75.98 -69.48
C ASN G 279 40.76 -74.49 -69.37
N TYR G 280 40.39 -73.69 -70.36
CA TYR G 280 40.64 -72.26 -70.28
C TYR G 280 39.74 -71.57 -69.27
N ILE G 281 38.57 -72.15 -69.01
CA ILE G 281 37.68 -71.61 -67.98
C ILE G 281 38.34 -71.80 -66.62
N PRO G 282 38.23 -70.85 -65.69
CA PRO G 282 38.76 -71.08 -64.34
C PRO G 282 38.14 -72.33 -63.72
N GLU G 283 38.99 -73.11 -63.04
CA GLU G 283 38.55 -74.40 -62.52
C GLU G 283 37.46 -74.24 -61.45
N ARG G 284 37.51 -73.15 -60.69
CA ARG G 284 36.51 -72.93 -59.66
C ARG G 284 35.16 -72.50 -60.24
N ILE G 285 35.11 -72.07 -61.49
CA ILE G 285 33.85 -71.77 -62.13
C ILE G 285 33.25 -73.01 -62.79
N ARG G 286 34.10 -73.89 -63.33
CA ARG G 286 33.62 -75.15 -63.88
C ARG G 286 33.02 -76.04 -62.80
N ASN G 287 33.40 -75.84 -61.54
CA ASN G 287 32.89 -76.64 -60.44
C ASN G 287 31.70 -76.01 -59.74
N ASP G 288 31.49 -74.71 -59.90
CA ASP G 288 30.36 -74.05 -59.26
C ASP G 288 29.06 -74.49 -59.90
N VAL G 289 28.17 -75.07 -59.11
CA VAL G 289 26.90 -75.57 -59.64
C VAL G 289 25.99 -74.43 -60.08
N ASN G 290 26.24 -73.20 -59.61
CA ASN G 290 25.40 -72.07 -60.01
C ASN G 290 25.58 -71.68 -61.46
N TYR G 291 26.64 -72.16 -62.12
CA TYR G 291 26.92 -71.85 -63.51
C TYR G 291 26.91 -73.14 -64.31
N ILE G 292 26.12 -73.16 -65.39
CA ILE G 292 26.01 -74.29 -66.28
C ILE G 292 26.74 -73.93 -67.57
N LEU G 293 27.80 -74.67 -67.87
CA LEU G 293 28.67 -74.40 -69.01
C LEU G 293 28.53 -75.55 -70.00
N ASN G 294 28.36 -75.20 -71.28
CA ASN G 294 28.19 -76.18 -72.34
C ASN G 294 29.07 -75.80 -73.53
N MET G 295 29.45 -76.81 -74.30
CA MET G 295 30.25 -76.64 -75.51
C MET G 295 29.34 -76.95 -76.69
N ASP G 296 28.61 -75.92 -77.16
CA ASP G 296 27.66 -76.06 -78.25
C ASP G 296 28.28 -75.74 -79.60
N ARG G 297 29.60 -75.75 -79.69
CA ARG G 297 30.31 -75.49 -80.93
C ARG G 297 31.24 -76.64 -81.24
N ASN G 298 31.45 -76.89 -82.53
CA ASN G 298 32.38 -77.90 -83.01
C ASN G 298 33.58 -77.21 -83.62
N LEU G 299 34.77 -77.62 -83.19
CA LEU G 299 36.00 -77.00 -83.66
C LEU G 299 36.70 -77.94 -84.64
N PRO G 300 36.96 -77.53 -85.88
CA PRO G 300 37.67 -78.41 -86.81
C PRO G 300 39.10 -78.63 -86.36
N SER G 301 39.69 -79.72 -86.87
CA SER G 301 41.09 -80.01 -86.56
C SER G 301 42.00 -78.89 -87.02
N THR G 302 41.56 -78.06 -87.97
CA THR G 302 42.33 -76.93 -88.45
C THR G 302 42.08 -75.67 -87.61
N ALA G 303 41.58 -75.83 -86.38
CA ALA G 303 41.38 -74.69 -85.49
C ALA G 303 42.67 -74.39 -84.73
N ARG G 304 43.04 -73.12 -84.68
CA ARG G 304 44.26 -72.67 -84.03
C ARG G 304 43.94 -71.57 -83.04
N TYR G 305 44.83 -71.42 -82.07
CA TYR G 305 44.77 -70.32 -81.13
C TYR G 305 46.18 -70.00 -80.65
N ILE G 306 46.35 -68.82 -80.08
CA ILE G 306 47.63 -68.37 -79.56
C ILE G 306 47.51 -68.27 -78.05
N ARG G 307 48.35 -69.01 -77.35
CA ARG G 307 48.28 -69.06 -75.90
C ARG G 307 48.81 -67.76 -75.30
N PRO G 308 48.09 -67.10 -74.42
CA PRO G 308 48.64 -65.89 -73.78
C PRO G 308 49.78 -66.24 -72.84
N ASN G 309 50.70 -65.30 -72.70
CA ASN G 309 51.83 -65.45 -71.79
C ASN G 309 51.39 -65.03 -70.40
N LEU G 310 51.19 -65.99 -69.51
CA LEU G 310 50.67 -65.75 -68.18
C LEU G 310 51.69 -66.12 -67.11
N LEU G 311 52.97 -65.82 -67.38
CA LEU G 311 53.98 -65.89 -66.35
C LEU G 311 53.63 -64.92 -65.23
N GLN G 312 53.90 -65.32 -63.99
CA GLN G 312 53.69 -64.40 -62.88
C GLN G 312 54.76 -63.32 -62.91
N ASP G 313 54.53 -62.28 -62.12
CA ASP G 313 55.35 -61.07 -62.18
C ASP G 313 56.83 -61.37 -62.04
N ARG G 314 57.61 -61.12 -63.10
CA ARG G 314 59.06 -61.26 -63.06
C ARG G 314 59.75 -60.02 -62.51
N LEU G 315 59.05 -58.88 -62.43
CA LEU G 315 59.61 -57.65 -61.90
C LEU G 315 59.28 -57.43 -60.43
N ASN G 316 58.36 -58.22 -59.87
CA ASN G 316 57.97 -58.10 -58.47
C ASN G 316 57.60 -56.66 -58.13
N LEU G 317 56.68 -56.11 -58.91
CA LEU G 317 56.30 -54.72 -58.73
C LEU G 317 55.64 -54.48 -57.37
N HIS G 318 55.16 -55.53 -56.72
CA HIS G 318 54.64 -55.39 -55.36
C HIS G 318 55.75 -55.11 -54.36
N ASP G 319 57.00 -55.31 -54.73
CA ASP G 319 58.14 -55.17 -53.82
C ASP G 319 59.00 -53.99 -54.29
N ASN G 320 59.01 -52.93 -53.49
CA ASN G 320 59.90 -51.78 -53.64
C ASN G 320 59.47 -50.84 -54.77
N PHE G 321 58.29 -51.02 -55.35
CA PHE G 321 57.72 -50.08 -56.32
C PHE G 321 56.40 -49.59 -55.72
N GLU G 322 56.49 -48.57 -54.86
CA GLU G 322 55.31 -48.12 -54.13
C GLU G 322 54.33 -47.41 -55.08
N SER G 323 54.84 -46.54 -55.95
CA SER G 323 53.96 -45.77 -56.82
C SER G 323 53.37 -46.65 -57.92
N LEU G 324 54.20 -47.48 -58.55
CA LEU G 324 53.69 -48.38 -59.58
C LEU G 324 52.68 -49.35 -59.00
N TRP G 325 52.93 -49.86 -57.79
CA TRP G 325 52.00 -50.77 -57.18
C TRP G 325 50.71 -50.06 -56.77
N ASP G 326 50.81 -48.80 -56.33
CA ASP G 326 49.61 -48.02 -56.07
C ASP G 326 48.77 -47.89 -57.34
N THR G 327 49.42 -47.60 -58.46
CA THR G 327 48.70 -47.47 -59.72
C THR G 327 48.07 -48.80 -60.13
N ILE G 328 48.82 -49.90 -59.97
CA ILE G 328 48.31 -51.21 -60.36
C ILE G 328 47.09 -51.57 -59.52
N THR G 329 47.17 -51.36 -58.20
CA THR G 329 46.05 -51.68 -57.33
C THR G 329 44.86 -50.79 -57.63
N THR G 330 45.10 -49.51 -57.93
CA THR G 330 43.99 -48.62 -58.28
C THR G 330 43.30 -49.09 -59.57
N SER G 331 44.09 -49.48 -60.56
CA SER G 331 43.50 -49.97 -61.81
C SER G 331 42.71 -51.26 -61.57
N ASN G 332 43.27 -52.16 -60.78
CA ASN G 332 42.56 -53.40 -60.46
C ASN G 332 41.26 -53.11 -59.71
N TYR G 333 41.31 -52.15 -58.78
CA TYR G 333 40.11 -51.78 -58.03
C TYR G 333 39.04 -51.20 -58.95
N ILE G 334 39.44 -50.33 -59.87
CA ILE G 334 38.48 -49.75 -60.81
C ILE G 334 37.89 -50.84 -61.69
N LEU G 335 38.71 -51.77 -62.15
CA LEU G 335 38.20 -52.87 -62.97
C LEU G 335 37.24 -53.75 -62.18
N ALA G 336 37.57 -54.04 -60.93
CA ALA G 336 36.73 -54.91 -60.11
C ALA G 336 35.39 -54.24 -59.80
N ARG G 337 35.39 -52.92 -59.57
CA ARG G 337 34.14 -52.23 -59.31
C ARG G 337 33.13 -52.43 -60.43
N SER G 338 33.62 -52.54 -61.67
CA SER G 338 32.74 -52.67 -62.82
C SER G 338 32.11 -54.04 -62.94
N VAL G 339 32.56 -55.02 -62.18
CA VAL G 339 32.08 -56.39 -62.31
C VAL G 339 31.34 -56.89 -61.07
N VAL G 340 31.42 -56.18 -59.95
CA VAL G 340 30.65 -56.57 -58.78
C VAL G 340 29.17 -56.35 -59.05
N PRO G 341 28.30 -57.34 -58.84
CA PRO G 341 26.89 -57.15 -59.19
C PRO G 341 26.22 -56.08 -58.35
N ASP G 342 25.19 -55.48 -58.93
CA ASP G 342 24.38 -54.50 -58.21
C ASP G 342 23.34 -55.20 -57.34
N LEU G 343 23.15 -54.70 -56.14
CA LEU G 343 22.20 -55.29 -55.22
C LEU G 343 20.77 -55.02 -55.66
N LYS G 344 19.86 -55.94 -55.32
CA LYS G 344 18.47 -55.86 -55.73
C LYS G 344 17.56 -56.02 -54.53
N GLU G 345 16.36 -55.42 -54.65
CA GLU G 345 15.30 -55.59 -53.66
C GLU G 345 15.77 -55.24 -52.26
N LEU G 346 16.45 -54.11 -52.13
CA LEU G 346 16.89 -53.64 -50.83
C LEU G 346 15.68 -53.20 -50.00
N VAL G 347 15.85 -53.25 -48.69
CA VAL G 347 14.80 -52.80 -47.79
C VAL G 347 14.47 -51.35 -48.09
N SER G 348 13.19 -51.01 -47.99
CA SER G 348 12.76 -49.65 -48.26
C SER G 348 13.51 -48.67 -47.37
N THR G 349 14.14 -47.67 -47.99
CA THR G 349 14.95 -46.73 -47.23
C THR G 349 14.09 -45.92 -46.27
N GLU G 350 12.88 -45.54 -46.69
CA GLU G 350 12.00 -44.78 -45.81
C GLU G 350 11.63 -45.58 -44.58
N ALA G 351 11.24 -46.85 -44.77
CA ALA G 351 10.83 -47.68 -43.64
C ALA G 351 11.99 -47.89 -42.67
N GLN G 352 13.18 -48.21 -43.20
CA GLN G 352 14.33 -48.43 -42.34
C GLN G 352 14.75 -47.16 -41.63
N ILE G 353 14.69 -46.02 -42.33
CA ILE G 353 15.07 -44.75 -41.70
C ILE G 353 14.12 -44.43 -40.56
N GLN G 354 12.82 -44.63 -40.77
CA GLN G 354 11.87 -44.37 -39.70
C GLN G 354 12.05 -45.34 -38.54
N LYS G 355 12.33 -46.62 -38.84
CA LYS G 355 12.61 -47.59 -37.78
C LYS G 355 13.81 -47.16 -36.95
N MET G 356 14.89 -46.76 -37.62
CA MET G 356 16.10 -46.37 -36.91
C MET G 356 15.88 -45.09 -36.11
N SER G 357 15.12 -44.14 -36.65
CA SER G 357 14.81 -42.92 -35.90
C SER G 357 13.99 -43.24 -34.66
N GLN G 358 13.00 -44.13 -34.79
CA GLN G 358 12.19 -44.48 -33.64
C GLN G 358 13.00 -45.20 -32.58
N ASP G 359 13.89 -46.10 -32.99
CA ASP G 359 14.69 -46.84 -32.01
C ASP G 359 15.73 -45.95 -31.35
N LEU G 360 16.42 -45.12 -32.13
CA LEU G 360 17.53 -44.35 -31.59
C LEU G 360 17.07 -43.17 -30.75
N GLN G 361 15.93 -42.57 -31.08
CA GLN G 361 15.37 -41.45 -30.32
C GLN G 361 16.40 -40.33 -30.19
N LEU G 362 17.02 -39.98 -31.31
CA LEU G 362 18.08 -38.97 -31.30
C LEU G 362 17.54 -37.58 -31.05
N GLU G 363 16.28 -37.33 -31.39
CA GLU G 363 15.69 -36.01 -31.17
C GLU G 363 15.64 -35.65 -29.70
N ALA G 364 15.59 -36.65 -28.82
CA ALA G 364 15.48 -36.43 -27.38
C ALA G 364 16.83 -36.48 -26.67
N LEU G 365 17.92 -36.32 -27.42
CA LEU G 365 19.27 -36.37 -26.87
C LEU G 365 19.92 -34.99 -26.97
N THR G 366 21.15 -34.90 -26.46
CA THR G 366 21.92 -33.67 -26.45
C THR G 366 23.03 -33.68 -27.49
N ILE G 367 22.82 -34.39 -28.59
CA ILE G 367 23.88 -34.59 -29.58
C ILE G 367 24.03 -33.34 -30.42
N GLN G 368 25.27 -32.88 -30.58
CA GLN G 368 25.55 -31.74 -31.45
C GLN G 368 25.46 -32.10 -32.93
N SER G 369 25.16 -33.36 -33.26
CA SER G 369 24.91 -33.80 -34.63
C SER G 369 23.58 -34.54 -34.61
N GLU G 370 22.49 -33.79 -34.74
CA GLU G 370 21.14 -34.35 -34.67
C GLU G 370 20.68 -34.94 -36.00
N THR G 371 20.99 -34.28 -37.11
CA THR G 371 20.53 -34.71 -38.42
C THR G 371 21.57 -35.51 -39.20
N GLN G 372 22.86 -35.27 -38.93
CA GLN G 372 23.91 -36.00 -39.63
C GLN G 372 24.02 -37.46 -39.19
N PHE G 373 23.29 -37.86 -38.14
CA PHE G 373 23.40 -39.23 -37.65
C PHE G 373 22.97 -40.23 -38.71
N LEU G 374 21.78 -40.05 -39.28
CA LEU G 374 21.24 -40.97 -40.27
C LEU G 374 21.50 -40.52 -41.70
N THR G 375 22.23 -39.44 -41.90
CA THR G 375 22.56 -39.00 -43.25
C THR G 375 23.52 -39.99 -43.90
N GLY G 376 23.33 -40.20 -45.21
CA GLY G 376 24.13 -41.15 -45.95
C GLY G 376 23.63 -42.57 -45.92
N ILE G 377 22.44 -42.82 -45.37
CA ILE G 377 21.84 -44.15 -45.34
C ILE G 377 20.86 -44.24 -46.49
N ASN G 378 21.28 -44.87 -47.58
CA ASN G 378 20.43 -45.00 -48.76
C ASN G 378 20.92 -46.17 -49.60
N SER G 379 20.12 -46.56 -50.59
CA SER G 379 20.44 -47.70 -51.43
C SER G 379 21.72 -47.45 -52.21
N GLN G 380 21.92 -46.21 -52.68
CA GLN G 380 23.13 -45.88 -53.42
C GLN G 380 24.38 -46.14 -52.57
N ALA G 381 24.33 -45.72 -51.30
CA ALA G 381 25.47 -45.95 -50.42
C ALA G 381 25.68 -47.43 -50.15
N ALA G 382 24.59 -48.21 -50.05
CA ALA G 382 24.73 -49.64 -49.84
C ALA G 382 25.41 -50.31 -51.03
N ASN G 383 24.98 -49.95 -52.25
CA ASN G 383 25.63 -50.50 -53.44
C ASN G 383 27.08 -50.07 -53.50
N ASP G 384 27.37 -48.82 -53.14
CA ASP G 384 28.74 -48.33 -53.12
C ASP G 384 29.58 -49.14 -52.15
N CYS G 385 29.04 -49.45 -50.97
CA CYS G 385 29.79 -50.24 -49.99
C CYS G 385 30.06 -51.65 -50.52
N PHE G 386 29.04 -52.29 -51.07
CA PHE G 386 29.22 -53.62 -51.65
C PHE G 386 30.36 -53.61 -52.66
N LYS G 387 30.28 -52.69 -53.63
CA LYS G 387 31.29 -52.61 -54.67
C LYS G 387 32.66 -52.30 -54.11
N THR G 388 32.73 -51.35 -53.18
CA THR G 388 34.02 -50.95 -52.62
C THR G 388 34.69 -52.11 -51.90
N LEU G 389 33.93 -52.82 -51.07
CA LEU G 389 34.51 -53.93 -50.33
C LEU G 389 35.01 -55.02 -51.27
N ILE G 390 34.15 -55.47 -52.19
CA ILE G 390 34.57 -56.58 -53.04
C ILE G 390 35.70 -56.17 -53.96
N ALA G 391 35.64 -54.97 -54.54
CA ALA G 391 36.71 -54.52 -55.42
C ALA G 391 38.02 -54.34 -54.68
N ALA G 392 37.98 -53.79 -53.46
CA ALA G 392 39.20 -53.60 -52.69
C ALA G 392 39.83 -54.94 -52.33
N MET G 393 39.01 -55.92 -51.93
CA MET G 393 39.57 -57.23 -51.63
C MET G 393 40.13 -57.89 -52.89
N LEU G 394 39.44 -57.75 -54.02
CA LEU G 394 39.92 -58.36 -55.25
C LEU G 394 41.25 -57.75 -55.70
N SER G 395 41.35 -56.43 -55.64
CA SER G 395 42.55 -55.73 -56.08
C SER G 395 43.61 -55.63 -55.01
N GLN G 396 43.31 -56.04 -53.78
CA GLN G 396 44.23 -55.93 -52.65
C GLN G 396 44.68 -54.49 -52.47
N ARG G 397 43.73 -53.57 -52.61
CA ARG G 397 43.98 -52.15 -52.40
C ARG G 397 43.64 -51.79 -50.97
N THR G 398 44.53 -51.06 -50.31
CA THR G 398 44.29 -50.68 -48.92
C THR G 398 43.09 -49.74 -48.83
N MET G 399 42.38 -49.84 -47.71
CA MET G 399 41.17 -49.08 -47.47
C MET G 399 41.36 -48.22 -46.22
N SER G 400 40.89 -46.98 -46.29
CA SER G 400 40.83 -46.09 -45.13
C SER G 400 39.39 -45.94 -44.69
N LEU G 401 39.17 -46.05 -43.38
CA LEU G 401 37.85 -45.94 -42.80
C LEU G 401 37.58 -44.48 -42.44
N ASP G 402 36.47 -43.96 -42.93
CA ASP G 402 36.03 -42.60 -42.65
C ASP G 402 34.75 -42.68 -41.82
N PHE G 403 34.79 -42.08 -40.62
CA PHE G 403 33.65 -42.14 -39.73
C PHE G 403 33.69 -40.97 -38.76
N VAL G 404 32.55 -40.70 -38.16
CA VAL G 404 32.41 -39.72 -37.09
C VAL G 404 32.20 -40.48 -35.80
N THR G 405 33.08 -40.24 -34.83
CA THR G 405 33.03 -41.02 -33.58
C THR G 405 31.70 -40.83 -32.87
N THR G 406 31.11 -39.65 -32.96
CA THR G 406 29.83 -39.42 -32.29
C THR G 406 28.73 -40.32 -32.85
N ASN G 407 28.87 -40.73 -34.11
CA ASN G 407 27.90 -41.63 -34.75
C ASN G 407 28.20 -43.05 -34.28
N TYR G 408 27.53 -43.47 -33.22
CA TYR G 408 27.75 -44.82 -32.70
C TYR G 408 27.10 -45.88 -33.57
N MET G 409 26.11 -45.53 -34.40
CA MET G 409 25.58 -46.49 -35.35
C MET G 409 26.62 -46.86 -36.40
N SER G 410 27.42 -45.89 -36.81
CA SER G 410 28.54 -46.18 -37.71
C SER G 410 29.53 -47.13 -37.07
N LEU G 411 29.80 -46.96 -35.78
CA LEU G 411 30.70 -47.86 -35.08
C LEU G 411 30.11 -49.26 -34.96
N ILE G 412 28.79 -49.34 -34.70
CA ILE G 412 28.14 -50.64 -34.62
C ILE G 412 28.23 -51.37 -35.95
N SER G 413 28.01 -50.66 -37.05
CA SER G 413 28.18 -51.26 -38.36
C SER G 413 29.65 -51.63 -38.62
N GLY G 414 30.57 -50.80 -38.15
CA GLY G 414 31.98 -51.12 -38.29
C GLY G 414 32.37 -52.37 -37.55
N MET G 415 31.63 -52.72 -36.50
CA MET G 415 31.87 -54.00 -35.83
C MET G 415 31.64 -55.15 -36.80
N TRP G 416 30.53 -55.11 -37.54
CA TRP G 416 30.30 -56.13 -38.57
C TRP G 416 31.37 -56.07 -39.65
N LEU G 417 31.75 -54.86 -40.05
CA LEU G 417 32.77 -54.71 -41.09
C LEU G 417 34.07 -55.37 -40.68
N LEU G 418 34.50 -55.14 -39.45
CA LEU G 418 35.73 -55.76 -38.96
C LEU G 418 35.55 -57.25 -38.74
N THR G 419 34.33 -57.69 -38.47
CA THR G 419 34.06 -59.12 -38.36
C THR G 419 34.29 -59.82 -39.69
N VAL G 420 33.77 -59.25 -40.77
CA VAL G 420 33.75 -59.97 -42.04
C VAL G 420 34.95 -59.64 -42.91
N VAL G 421 35.38 -58.39 -42.95
CA VAL G 421 36.49 -57.99 -43.82
C VAL G 421 37.81 -58.19 -43.08
N PRO G 422 38.81 -58.84 -43.67
CA PRO G 422 40.07 -59.03 -42.95
C PRO G 422 40.70 -57.71 -42.53
N ASN G 423 41.26 -57.70 -41.33
CA ASN G 423 41.76 -56.46 -40.74
C ASN G 423 42.98 -55.92 -41.47
N ASP G 424 43.70 -56.77 -42.19
CA ASP G 424 44.86 -56.32 -42.94
C ASP G 424 44.49 -55.60 -44.24
N MET G 425 43.20 -55.56 -44.58
CA MET G 425 42.75 -54.83 -45.76
C MET G 425 42.61 -53.33 -45.50
N PHE G 426 42.82 -52.88 -44.26
CA PHE G 426 42.71 -51.48 -43.90
C PHE G 426 44.07 -50.94 -43.49
N ILE G 427 44.30 -49.67 -43.80
CA ILE G 427 45.51 -49.00 -43.34
C ILE G 427 45.54 -49.06 -41.82
N ARG G 428 46.74 -49.28 -41.27
CA ARG G 428 46.89 -49.57 -39.85
C ARG G 428 46.24 -48.49 -39.00
N GLU G 429 46.45 -47.21 -39.34
CA GLU G 429 45.92 -46.14 -38.52
C GLU G 429 44.39 -46.13 -38.51
N SER G 430 43.78 -46.38 -39.67
CA SER G 430 42.32 -46.40 -39.73
C SER G 430 41.73 -47.55 -38.91
N LEU G 431 42.33 -48.74 -39.03
CA LEU G 431 41.87 -49.85 -38.23
C LEU G 431 42.02 -49.56 -36.74
N VAL G 432 43.15 -48.98 -36.35
CA VAL G 432 43.38 -48.65 -34.95
C VAL G 432 42.34 -47.63 -34.48
N ALA G 433 42.07 -46.61 -35.31
CA ALA G 433 41.13 -45.56 -34.91
C ALA G 433 39.72 -46.13 -34.75
N CYS G 434 39.29 -46.94 -35.72
CA CYS G 434 37.95 -47.52 -35.63
C CYS G 434 37.83 -48.45 -34.43
N GLN G 435 38.84 -49.28 -34.20
CA GLN G 435 38.80 -50.21 -33.08
C GLN G 435 38.82 -49.45 -31.75
N LEU G 436 39.62 -48.39 -31.66
CA LEU G 436 39.67 -47.61 -30.44
C LEU G 436 38.36 -46.87 -30.19
N ALA G 437 37.72 -46.37 -31.25
CA ALA G 437 36.41 -45.76 -31.09
C ALA G 437 35.39 -46.76 -30.60
N ILE G 438 35.40 -47.97 -31.18
CA ILE G 438 34.48 -49.00 -30.74
C ILE G 438 34.74 -49.37 -29.28
N ILE G 439 36.01 -49.47 -28.90
CA ILE G 439 36.36 -49.87 -27.54
C ILE G 439 35.94 -48.81 -26.54
N ASN G 440 36.29 -47.55 -26.80
CA ASN G 440 36.10 -46.49 -25.83
C ASN G 440 34.73 -45.84 -25.90
N THR G 441 33.90 -46.21 -26.87
CA THR G 441 32.53 -45.71 -26.95
C THR G 441 31.48 -46.75 -26.62
N ILE G 442 31.78 -48.04 -26.85
CA ILE G 442 30.77 -49.08 -26.73
C ILE G 442 31.21 -50.16 -25.73
N ILE G 443 32.32 -50.83 -26.03
CA ILE G 443 32.64 -52.08 -25.35
C ILE G 443 33.12 -51.82 -23.92
N TYR G 444 34.21 -51.09 -23.77
CA TYR G 444 34.70 -50.80 -22.42
C TYR G 444 33.67 -50.06 -21.58
N PRO G 445 33.00 -49.02 -22.07
CA PRO G 445 31.90 -48.43 -21.29
C PRO G 445 30.82 -49.43 -20.92
N ALA G 446 30.54 -50.41 -21.79
CA ALA G 446 29.50 -51.38 -21.49
C ALA G 446 29.85 -52.19 -20.25
N PHE G 447 31.11 -52.62 -20.12
CA PHE G 447 31.55 -53.45 -19.02
C PHE G 447 32.10 -52.65 -17.85
N GLY G 448 31.93 -51.33 -17.86
CA GLY G 448 32.44 -50.52 -16.77
C GLY G 448 33.94 -50.55 -16.64
N MET G 449 34.65 -50.62 -17.77
CA MET G 449 36.11 -50.64 -17.78
C MET G 449 36.65 -49.25 -18.07
N GLN G 450 37.80 -48.95 -17.47
CA GLN G 450 38.45 -47.68 -17.74
C GLN G 450 38.81 -47.60 -19.22
N ARG G 451 38.53 -46.45 -19.82
CA ARG G 451 38.75 -46.29 -21.25
C ARG G 451 40.20 -46.57 -21.60
N MET G 452 40.40 -47.36 -22.66
CA MET G 452 41.74 -47.77 -23.06
C MET G 452 42.59 -46.55 -23.38
N HIS G 453 43.79 -46.51 -22.80
CA HIS G 453 44.77 -45.48 -23.12
C HIS G 453 45.74 -46.04 -24.16
N TYR G 454 45.24 -46.17 -25.38
CA TYR G 454 46.03 -46.79 -26.44
C TYR G 454 47.16 -45.87 -26.88
N ARG G 455 48.32 -46.48 -27.14
CA ARG G 455 49.50 -45.78 -27.62
C ARG G 455 49.75 -46.17 -29.07
N ASN G 456 49.72 -45.20 -29.97
CA ASN G 456 49.91 -45.49 -31.38
C ASN G 456 51.30 -46.06 -31.63
N GLY G 457 51.40 -47.00 -32.56
CA GLY G 457 52.61 -47.75 -32.78
C GLY G 457 52.73 -49.00 -31.95
N ASP G 458 51.79 -49.24 -31.03
CA ASP G 458 51.79 -50.46 -30.26
C ASP G 458 51.65 -51.65 -31.20
N PRO G 459 52.47 -52.70 -31.06
CA PRO G 459 52.29 -53.87 -31.93
C PRO G 459 50.92 -54.51 -31.81
N GLN G 460 50.24 -54.33 -30.68
CA GLN G 460 48.88 -54.83 -30.51
C GLN G 460 47.87 -53.77 -30.89
N THR G 461 46.81 -54.19 -31.58
CA THR G 461 45.69 -53.32 -31.87
C THR G 461 44.84 -53.14 -30.62
N PRO G 462 43.97 -52.12 -30.59
CA PRO G 462 43.08 -51.99 -29.43
C PRO G 462 42.24 -53.22 -29.17
N PHE G 463 41.78 -53.90 -30.23
CA PHE G 463 41.02 -55.13 -30.05
C PHE G 463 41.88 -56.23 -29.48
N GLN G 464 43.17 -56.26 -29.85
CA GLN G 464 44.06 -57.29 -29.31
C GLN G 464 44.24 -57.12 -27.81
N ILE G 465 44.29 -55.88 -27.33
CA ILE G 465 44.35 -55.64 -25.89
C ILE G 465 43.01 -55.98 -25.25
N ALA G 466 41.91 -55.54 -25.87
CA ALA G 466 40.59 -55.75 -25.28
C ALA G 466 40.25 -57.23 -25.15
N GLU G 467 40.71 -58.06 -26.08
CA GLU G 467 40.43 -59.48 -26.01
C GLU G 467 41.01 -60.08 -24.74
N GLN G 468 42.23 -59.70 -24.38
CA GLN G 468 42.83 -60.21 -23.15
C GLN G 468 42.25 -59.53 -21.92
N GLN G 469 41.80 -58.28 -22.04
CA GLN G 469 41.31 -57.53 -20.90
C GLN G 469 39.81 -57.72 -20.63
N ILE G 470 39.08 -58.39 -21.50
CA ILE G 470 37.64 -58.58 -21.36
C ILE G 470 37.37 -60.05 -21.05
N GLN G 471 36.63 -60.29 -19.97
CA GLN G 471 36.38 -61.64 -19.50
C GLN G 471 35.16 -62.27 -20.16
N ASN G 472 34.21 -61.47 -20.63
CA ASN G 472 32.99 -62.01 -21.22
C ASN G 472 33.33 -62.89 -22.41
N PHE G 473 32.71 -64.08 -22.46
CA PHE G 473 33.07 -65.04 -23.50
C PHE G 473 32.53 -64.62 -24.86
N GLN G 474 31.33 -64.03 -24.91
CA GLN G 474 30.78 -63.61 -26.18
C GLN G 474 31.66 -62.55 -26.84
N VAL G 475 31.90 -61.46 -26.11
CA VAL G 475 32.69 -60.35 -26.66
C VAL G 475 34.13 -60.79 -26.88
N ALA G 476 34.67 -61.58 -25.96
CA ALA G 476 36.06 -62.03 -26.09
C ALA G 476 36.23 -62.93 -27.31
N ASN G 477 35.29 -63.83 -27.56
CA ASN G 477 35.37 -64.70 -28.72
C ASN G 477 35.24 -63.91 -30.01
N TRP G 478 34.31 -62.94 -30.04
CA TRP G 478 34.19 -62.09 -31.22
C TRP G 478 35.47 -61.30 -31.46
N LEU G 479 36.06 -60.76 -30.39
CA LEU G 479 37.29 -59.99 -30.53
C LEU G 479 38.43 -60.88 -31.02
N HIS G 480 38.49 -62.11 -30.51
CA HIS G 480 39.52 -63.05 -30.96
C HIS G 480 39.40 -63.29 -32.46
N PHE G 481 38.19 -63.57 -32.94
CA PHE G 481 38.00 -63.80 -34.36
C PHE G 481 38.40 -62.56 -35.16
N VAL G 482 37.95 -61.39 -34.72
CA VAL G 482 38.27 -60.16 -35.45
C VAL G 482 39.77 -59.96 -35.49
N ASN G 483 40.46 -60.31 -34.42
CA ASN G 483 41.91 -60.15 -34.37
C ASN G 483 42.61 -61.08 -35.33
N ASN G 484 42.09 -62.30 -35.51
CA ASN G 484 42.79 -63.32 -36.27
C ASN G 484 42.17 -63.60 -37.64
N ASN G 485 41.29 -62.73 -38.12
CA ASN G 485 40.64 -62.96 -39.41
C ASN G 485 41.39 -62.29 -40.55
N GLN G 486 42.69 -62.50 -40.64
CA GLN G 486 43.45 -61.98 -41.77
C GLN G 486 43.30 -62.91 -42.96
N PHE G 487 43.69 -62.42 -44.14
CA PHE G 487 43.64 -63.24 -45.34
C PHE G 487 44.60 -64.42 -45.23
N ARG G 488 44.16 -65.56 -45.75
CA ARG G 488 45.03 -66.72 -45.90
C ARG G 488 45.56 -66.76 -47.33
N GLN G 489 46.79 -67.23 -47.48
CA GLN G 489 47.46 -67.27 -48.78
C GLN G 489 47.42 -68.69 -49.31
N VAL G 490 46.90 -68.86 -50.52
CA VAL G 490 46.86 -70.18 -51.15
C VAL G 490 47.08 -70.02 -52.64
N VAL G 491 47.83 -70.94 -53.24
CA VAL G 491 48.14 -70.92 -54.66
C VAL G 491 47.21 -71.87 -55.37
N ILE G 492 46.36 -71.33 -56.25
CA ILE G 492 45.42 -72.12 -57.05
C ILE G 492 45.79 -71.92 -58.51
N ASP G 493 46.06 -73.01 -59.21
CA ASP G 493 46.41 -72.98 -60.63
C ASP G 493 47.58 -72.04 -60.89
N GLY G 494 48.54 -72.00 -59.96
CA GLY G 494 49.71 -71.17 -60.13
C GLY G 494 49.50 -69.70 -59.81
N VAL G 495 48.32 -69.31 -59.35
CA VAL G 495 48.01 -67.93 -59.00
C VAL G 495 47.86 -67.83 -57.49
N LEU G 496 48.57 -66.89 -56.89
CA LEU G 496 48.42 -66.61 -55.47
C LEU G 496 47.09 -65.93 -55.22
N ASN G 497 46.33 -66.44 -54.25
CA ASN G 497 45.01 -65.95 -53.93
C ASN G 497 44.92 -65.69 -52.44
N GLN G 498 44.22 -64.63 -52.10
CA GLN G 498 43.95 -64.26 -50.72
C GLN G 498 42.52 -64.71 -50.40
N VAL G 499 42.40 -65.69 -49.53
CA VAL G 499 41.12 -66.35 -49.26
C VAL G 499 40.71 -66.05 -47.83
N LEU G 500 39.42 -66.20 -47.58
CA LEU G 500 38.80 -65.83 -46.32
C LEU G 500 38.65 -67.03 -45.39
N ASN G 501 38.46 -66.73 -44.11
CA ASN G 501 38.13 -67.77 -43.14
C ASN G 501 36.85 -68.47 -43.53
N ASP G 502 36.80 -69.79 -43.32
CA ASP G 502 35.62 -70.55 -43.69
C ASP G 502 34.39 -70.08 -42.93
N ASN G 503 34.57 -69.48 -41.75
CA ASN G 503 33.44 -68.93 -41.01
C ASN G 503 32.86 -67.70 -41.69
N ILE G 504 33.70 -66.90 -42.35
CA ILE G 504 33.20 -65.79 -43.14
C ILE G 504 32.48 -66.32 -44.39
N ARG G 505 33.02 -67.37 -45.00
CA ARG G 505 32.46 -67.87 -46.24
C ARG G 505 31.02 -68.34 -46.05
N ASN G 506 30.75 -69.06 -44.97
CA ASN G 506 29.40 -69.51 -44.67
C ASN G 506 28.62 -68.52 -43.82
N GLY G 507 29.24 -67.43 -43.40
CA GLY G 507 28.55 -66.42 -42.62
C GLY G 507 28.28 -66.78 -41.18
N HIS G 508 28.87 -67.87 -40.68
CA HIS G 508 28.55 -68.33 -39.33
C HIS G 508 29.12 -67.39 -38.26
N VAL G 509 30.22 -66.69 -38.56
CA VAL G 509 30.81 -65.79 -37.57
C VAL G 509 29.87 -64.64 -37.27
N VAL G 510 28.90 -64.36 -38.15
CA VAL G 510 27.91 -63.34 -37.86
C VAL G 510 27.10 -63.72 -36.64
N ASN G 511 26.96 -65.02 -36.37
CA ASN G 511 26.29 -65.46 -35.16
C ASN G 511 27.05 -65.04 -33.91
N GLN G 512 28.38 -65.18 -33.94
CA GLN G 512 29.20 -64.71 -32.82
C GLN G 512 29.12 -63.21 -32.67
N LEU G 513 29.11 -62.48 -33.80
CA LEU G 513 28.94 -61.04 -33.74
C LEU G 513 27.61 -60.68 -33.09
N MET G 514 26.53 -61.39 -33.47
CA MET G 514 25.23 -61.16 -32.89
C MET G 514 25.24 -61.46 -31.39
N GLU G 515 25.94 -62.53 -31.00
CA GLU G 515 26.02 -62.90 -29.59
C GLU G 515 26.68 -61.79 -28.79
N ALA G 516 27.80 -61.26 -29.31
CA ALA G 516 28.48 -60.16 -28.64
C ALA G 516 27.60 -58.91 -28.60
N LEU G 517 26.88 -58.64 -29.68
CA LEU G 517 26.00 -57.48 -29.71
C LEU G 517 24.89 -57.60 -28.67
N MET G 518 24.29 -58.77 -28.55
CA MET G 518 23.26 -58.99 -27.54
C MET G 518 23.83 -58.82 -26.15
N GLN G 519 25.03 -59.35 -25.91
CA GLN G 519 25.66 -59.18 -24.61
C GLN G 519 25.86 -57.70 -24.29
N LEU G 520 26.37 -56.94 -25.26
CA LEU G 520 26.54 -55.51 -25.04
C LEU G 520 25.22 -54.81 -24.81
N SER G 521 24.16 -55.21 -25.51
CA SER G 521 22.85 -54.64 -25.30
C SER G 521 22.31 -54.93 -23.91
N ARG G 522 22.73 -56.04 -23.29
CA ARG G 522 22.31 -56.36 -21.94
C ARG G 522 23.20 -55.76 -20.87
N GLN G 523 24.27 -55.05 -21.25
CA GLN G 523 25.21 -54.54 -20.26
C GLN G 523 24.64 -53.31 -19.56
N GLN G 524 25.19 -53.03 -18.37
CA GLN G 524 24.69 -51.94 -17.53
C GLN G 524 25.14 -50.58 -18.03
N PHE G 525 26.35 -50.46 -18.58
CA PHE G 525 26.96 -49.16 -18.84
C PHE G 525 26.90 -48.36 -17.54
N PRO G 526 27.70 -48.72 -16.53
CA PRO G 526 27.50 -48.19 -15.17
C PRO G 526 27.26 -46.70 -15.06
N THR G 527 28.18 -45.88 -15.54
CA THR G 527 28.13 -44.44 -15.31
C THR G 527 27.53 -43.66 -16.47
N MET G 528 27.08 -44.33 -17.52
CA MET G 528 26.59 -43.62 -18.69
C MET G 528 25.20 -43.05 -18.42
N PRO G 529 24.89 -41.85 -18.91
CA PRO G 529 23.51 -41.36 -18.82
C PRO G 529 22.54 -42.32 -19.49
N VAL G 530 21.37 -42.47 -18.88
CA VAL G 530 20.47 -43.57 -19.25
C VAL G 530 19.85 -43.37 -20.62
N ASP G 531 19.58 -42.13 -21.03
CA ASP G 531 19.03 -41.92 -22.37
C ASP G 531 20.05 -42.29 -23.44
N TYR G 532 21.29 -41.84 -23.28
CA TYR G 532 22.35 -42.23 -24.21
C TYR G 532 22.58 -43.73 -24.19
N LYS G 533 22.56 -44.33 -23.00
CA LYS G 533 22.73 -45.78 -22.89
C LYS G 533 21.61 -46.51 -23.62
N ARG G 534 20.37 -46.05 -23.46
CA ARG G 534 19.26 -46.68 -24.16
C ARG G 534 19.41 -46.54 -25.66
N SER G 535 19.83 -45.37 -26.13
CA SER G 535 20.04 -45.19 -27.57
C SER G 535 21.11 -46.14 -28.10
N ILE G 536 22.22 -46.26 -27.37
CA ILE G 536 23.30 -47.15 -27.82
C ILE G 536 22.82 -48.59 -27.83
N GLN G 537 22.11 -49.02 -26.79
CA GLN G 537 21.63 -50.40 -26.73
C GLN G 537 20.61 -50.66 -27.82
N ARG G 538 19.78 -49.69 -28.15
CA ARG G 538 18.80 -49.87 -29.22
C ARG G 538 19.46 -49.90 -30.58
N GLY G 539 20.54 -49.15 -30.79
CA GLY G 539 21.30 -49.30 -32.02
C GLY G 539 21.99 -50.65 -32.13
N ILE G 540 22.57 -51.11 -31.02
CA ILE G 540 23.17 -52.44 -31.00
C ILE G 540 22.11 -53.48 -31.34
N LEU G 541 20.90 -53.33 -30.79
CA LEU G 541 19.81 -54.24 -31.12
C LEU G 541 19.36 -54.09 -32.56
N LEU G 542 19.43 -52.88 -33.11
CA LEU G 542 19.11 -52.68 -34.52
C LEU G 542 20.01 -53.55 -35.38
N LEU G 543 21.32 -53.51 -35.10
CA LEU G 543 22.22 -54.35 -35.88
C LEU G 543 22.05 -55.84 -35.56
N SER G 544 21.74 -56.16 -34.30
CA SER G 544 21.70 -57.56 -33.88
C SER G 544 20.44 -58.28 -34.35
N ASN G 545 19.32 -57.56 -34.49
CA ASN G 545 18.07 -58.15 -34.94
C ASN G 545 18.06 -58.43 -36.42
N ARG G 546 19.07 -57.99 -37.15
CA ARG G 546 19.26 -58.33 -38.56
C ARG G 546 20.24 -59.47 -38.71
N LEU G 547 20.20 -60.44 -37.80
CA LEU G 547 21.15 -61.55 -37.84
C LEU G 547 21.03 -62.32 -39.14
N GLY G 548 19.81 -62.69 -39.53
CA GLY G 548 19.65 -63.44 -40.76
C GLY G 548 20.09 -62.67 -41.98
N GLN G 549 19.73 -61.39 -42.04
CA GLN G 549 20.14 -60.55 -43.16
C GLN G 549 21.65 -60.41 -43.21
N LEU G 550 22.29 -60.28 -42.06
CA LEU G 550 23.75 -60.11 -42.05
C LEU G 550 24.47 -61.41 -42.40
N VAL G 551 23.91 -62.55 -41.99
CA VAL G 551 24.48 -63.83 -42.40
C VAL G 551 24.38 -63.97 -43.91
N ASP G 552 23.20 -63.66 -44.46
CA ASP G 552 23.02 -63.72 -45.91
C ASP G 552 23.97 -62.76 -46.62
N LEU G 553 24.14 -61.55 -46.08
CA LEU G 553 25.01 -60.56 -46.70
C LEU G 553 26.46 -61.01 -46.66
N THR G 554 26.91 -61.59 -45.55
CA THR G 554 28.28 -62.09 -45.46
C THR G 554 28.50 -63.21 -46.46
N ARG G 555 27.54 -64.14 -46.57
CA ARG G 555 27.68 -65.22 -47.54
C ARG G 555 27.70 -64.67 -48.96
N LEU G 556 26.87 -63.66 -49.25
CA LEU G 556 26.84 -63.05 -50.57
C LEU G 556 28.17 -62.38 -50.88
N LEU G 557 28.70 -61.62 -49.93
CA LEU G 557 30.00 -60.98 -50.10
C LEU G 557 31.08 -62.01 -50.38
N ALA G 558 31.14 -63.06 -49.56
CA ALA G 558 32.20 -64.06 -49.73
C ALA G 558 32.06 -64.79 -51.05
N TYR G 559 30.83 -65.15 -51.43
CA TYR G 559 30.63 -65.88 -52.68
C TYR G 559 31.02 -65.03 -53.88
N ASN G 560 30.58 -63.77 -53.89
CA ASN G 560 30.95 -62.89 -55.00
C ASN G 560 32.46 -62.70 -55.06
N TYR G 561 33.10 -62.53 -53.91
CA TYR G 561 34.54 -62.37 -53.88
C TYR G 561 35.24 -63.60 -54.45
N GLU G 562 34.82 -64.80 -54.03
CA GLU G 562 35.47 -66.02 -54.50
C GLU G 562 35.24 -66.21 -56.00
N THR G 563 34.01 -65.96 -56.47
CA THR G 563 33.72 -66.15 -57.88
C THR G 563 34.52 -65.19 -58.74
N LEU G 564 34.63 -63.93 -58.32
CA LEU G 564 35.40 -62.97 -59.10
C LEU G 564 36.90 -63.18 -58.94
N MET G 565 37.33 -63.77 -57.83
CA MET G 565 38.75 -64.09 -57.64
C MET G 565 39.17 -65.28 -58.47
N ALA G 566 38.22 -66.15 -58.81
CA ALA G 566 38.52 -67.22 -59.76
C ALA G 566 38.96 -66.67 -61.10
N CYS G 567 38.59 -65.42 -61.40
CA CYS G 567 38.90 -64.78 -62.67
C CYS G 567 40.19 -63.95 -62.64
N ILE G 568 40.94 -64.01 -61.55
CA ILE G 568 42.20 -63.28 -61.44
C ILE G 568 43.33 -64.19 -61.91
N THR G 569 44.23 -63.65 -62.72
CA THR G 569 45.34 -64.40 -63.28
C THR G 569 46.69 -64.00 -62.73
N MET G 570 46.81 -62.83 -62.11
CA MET G 570 48.05 -62.38 -61.50
C MET G 570 48.00 -62.57 -59.99
N ASN G 571 49.16 -62.82 -59.40
CA ASN G 571 49.24 -63.10 -57.97
C ASN G 571 48.62 -61.96 -57.17
N MET G 572 47.75 -62.32 -56.22
CA MET G 572 47.09 -61.33 -55.37
C MET G 572 48.02 -60.99 -54.22
N GLN G 573 48.98 -60.12 -54.51
CA GLN G 573 49.95 -59.69 -53.51
C GLN G 573 49.32 -58.68 -52.58
N HIS G 574 49.51 -58.87 -51.27
CA HIS G 574 49.00 -57.96 -50.26
C HIS G 574 50.10 -57.00 -49.86
N VAL G 575 49.93 -55.73 -50.25
CA VAL G 575 50.85 -54.66 -49.90
C VAL G 575 50.04 -53.47 -49.43
N GLN G 576 50.54 -52.78 -48.41
CA GLN G 576 49.90 -51.56 -47.93
C GLN G 576 50.25 -50.44 -48.91
N THR G 577 49.24 -49.97 -49.64
CA THR G 577 49.48 -49.03 -50.71
C THR G 577 49.64 -47.61 -50.17
N LEU G 578 50.24 -46.74 -51.00
CA LEU G 578 50.46 -45.36 -50.59
C LEU G 578 49.13 -44.65 -50.34
N THR G 579 48.22 -44.72 -51.30
CA THR G 579 46.89 -44.16 -51.16
C THR G 579 45.88 -45.27 -50.98
N THR G 580 44.85 -44.99 -50.21
CA THR G 580 43.80 -45.96 -49.89
C THR G 580 42.50 -45.58 -50.57
N GLU G 581 41.55 -46.50 -50.55
CA GLU G 581 40.18 -46.22 -50.96
C GLU G 581 39.36 -45.89 -49.73
N LYS G 582 38.89 -44.64 -49.66
CA LYS G 582 38.12 -44.20 -48.50
C LYS G 582 36.79 -44.94 -48.45
N LEU G 583 36.48 -45.52 -47.29
CA LEU G 583 35.23 -46.23 -47.07
C LEU G 583 34.46 -45.53 -45.97
N GLN G 584 33.27 -45.05 -46.30
CA GLN G 584 32.42 -44.40 -45.31
C GLN G 584 31.69 -45.46 -44.49
N LEU G 585 31.80 -45.36 -43.17
CA LEU G 585 31.05 -46.27 -42.31
C LEU G 585 29.56 -46.05 -42.42
N THR G 586 29.13 -44.88 -42.92
CA THR G 586 27.71 -44.69 -43.20
C THR G 586 27.27 -45.56 -44.37
N SER G 587 28.14 -45.78 -45.36
CA SER G 587 27.82 -46.71 -46.43
C SER G 587 27.78 -48.15 -45.90
N VAL G 588 28.64 -48.48 -44.94
CA VAL G 588 28.57 -49.78 -44.30
C VAL G 588 27.23 -49.93 -43.57
N THR G 589 26.79 -48.87 -42.89
CA THR G 589 25.48 -48.89 -42.25
C THR G 589 24.38 -49.07 -43.27
N SER G 590 24.48 -48.40 -44.42
CA SER G 590 23.52 -48.58 -45.49
C SER G 590 23.45 -50.05 -45.90
N LEU G 591 24.60 -50.66 -46.16
CA LEU G 591 24.62 -52.05 -46.59
C LEU G 591 24.05 -52.97 -45.50
N CYS G 592 24.39 -52.71 -44.24
CA CYS G 592 23.93 -53.59 -43.17
C CYS G 592 22.43 -53.47 -42.95
N MET G 593 21.88 -52.26 -43.05
CA MET G 593 20.49 -52.01 -42.68
C MET G 593 19.53 -52.10 -43.87
N LEU G 594 20.02 -52.08 -45.10
CA LEU G 594 19.15 -52.10 -46.27
C LEU G 594 19.27 -53.36 -47.11
N ILE G 595 20.22 -54.25 -46.80
CA ILE G 595 20.35 -55.46 -47.60
C ILE G 595 19.10 -56.32 -47.43
N GLY G 596 18.59 -56.80 -48.56
CA GLY G 596 17.46 -57.69 -48.57
C GLY G 596 17.87 -59.15 -48.63
N ASN G 597 16.97 -59.98 -49.17
CA ASN G 597 17.22 -61.41 -49.33
C ASN G 597 17.36 -61.82 -50.79
N ALA G 598 17.57 -60.86 -51.69
CA ALA G 598 17.70 -61.15 -53.12
C ALA G 598 19.17 -61.44 -53.42
N THR G 599 19.45 -62.67 -53.84
CA THR G 599 20.81 -63.05 -54.18
C THR G 599 21.19 -62.47 -55.53
N VAL G 600 22.37 -61.87 -55.59
CA VAL G 600 22.95 -61.37 -56.84
C VAL G 600 24.34 -61.97 -56.96
N ILE G 601 24.59 -62.65 -58.07
CA ILE G 601 25.90 -63.26 -58.33
C ILE G 601 26.41 -62.76 -59.68
N PRO G 602 27.72 -62.78 -59.89
CA PRO G 602 28.25 -62.32 -61.18
C PRO G 602 27.67 -63.12 -62.33
N SER G 603 27.29 -62.42 -63.39
CA SER G 603 26.77 -63.09 -64.57
C SER G 603 27.87 -63.90 -65.24
N PRO G 604 27.53 -65.00 -65.92
CA PRO G 604 28.58 -65.75 -66.63
C PRO G 604 29.33 -64.90 -67.64
N GLN G 605 28.63 -64.01 -68.34
CA GLN G 605 29.29 -63.10 -69.26
C GLN G 605 30.11 -62.05 -68.52
N THR G 606 29.63 -61.59 -67.36
CA THR G 606 30.44 -60.69 -66.56
C THR G 606 31.72 -61.38 -66.09
N LEU G 607 31.62 -62.63 -65.65
CA LEU G 607 32.81 -63.37 -65.25
C LEU G 607 33.77 -63.54 -66.42
N PHE G 608 33.24 -63.89 -67.59
CA PHE G 608 34.10 -64.07 -68.75
C PHE G 608 34.76 -62.76 -69.16
N HIS G 609 34.03 -61.65 -69.09
CA HIS G 609 34.60 -60.35 -69.41
C HIS G 609 35.71 -59.98 -68.44
N TYR G 610 35.47 -60.18 -67.14
CA TYR G 610 36.50 -59.88 -66.15
C TYR G 610 37.74 -60.74 -66.37
N TYR G 611 37.54 -62.03 -66.62
CA TYR G 611 38.65 -62.93 -66.85
C TYR G 611 39.41 -62.56 -68.12
N ASN G 612 38.69 -62.18 -69.17
CA ASN G 612 39.33 -61.76 -70.41
C ASN G 612 40.15 -60.50 -70.22
N VAL G 613 39.62 -59.53 -69.48
CA VAL G 613 40.38 -58.30 -69.22
C VAL G 613 41.62 -58.61 -68.41
N ASN G 614 41.50 -59.45 -67.38
CA ASN G 614 42.65 -59.82 -66.57
C ASN G 614 43.70 -60.54 -67.40
N VAL G 615 43.27 -61.49 -68.25
CA VAL G 615 44.20 -62.22 -69.08
C VAL G 615 44.86 -61.30 -70.09
N ASN G 616 44.10 -60.38 -70.68
CA ASN G 616 44.68 -59.43 -71.62
C ASN G 616 45.74 -58.57 -70.95
N PHE G 617 45.43 -58.06 -69.75
CA PHE G 617 46.39 -57.23 -69.05
C PHE G 617 47.64 -58.02 -68.70
N HIS G 618 47.47 -59.26 -68.21
CA HIS G 618 48.62 -60.07 -67.84
C HIS G 618 49.48 -60.40 -69.06
N SER G 619 48.84 -60.80 -70.16
CA SER G 619 49.57 -61.16 -71.37
C SER G 619 50.29 -59.94 -71.94
N ASN G 620 49.63 -58.79 -71.96
CA ASN G 620 50.27 -57.57 -72.43
C ASN G 620 51.44 -57.20 -71.55
N TYR G 621 51.29 -57.33 -70.23
CA TYR G 621 52.38 -57.04 -69.31
C TYR G 621 53.59 -57.93 -69.61
N ASN G 622 53.36 -59.23 -69.77
CA ASN G 622 54.46 -60.14 -70.07
C ASN G 622 55.09 -59.85 -71.41
N GLU G 623 54.27 -59.56 -72.43
CA GLU G 623 54.82 -59.28 -73.76
C GLU G 623 55.64 -58.00 -73.76
N ARG G 624 55.19 -56.98 -73.05
CA ARG G 624 55.95 -55.74 -73.00
C ARG G 624 57.22 -55.90 -72.17
N ILE G 625 57.19 -56.74 -71.12
CA ILE G 625 58.43 -57.07 -70.42
C ILE G 625 59.40 -57.74 -71.37
N ASN G 626 58.90 -58.68 -72.17
CA ASN G 626 59.77 -59.38 -73.12
C ASN G 626 60.36 -58.40 -74.12
N ASP G 627 59.55 -57.47 -74.64
CA ASP G 627 60.04 -56.49 -75.60
C ASP G 627 61.12 -55.60 -74.96
N ALA G 628 60.85 -55.10 -73.76
CA ALA G 628 61.82 -54.23 -73.10
C ALA G 628 63.12 -54.97 -72.82
N VAL G 629 63.02 -56.21 -72.32
CA VAL G 629 64.22 -56.98 -72.01
C VAL G 629 65.00 -57.28 -73.28
N ALA G 630 64.30 -57.65 -74.35
CA ALA G 630 64.97 -57.92 -75.62
C ALA G 630 65.70 -56.69 -76.13
N ILE G 631 65.06 -55.53 -76.09
CA ILE G 631 65.71 -54.33 -76.63
C ILE G 631 66.89 -53.93 -75.76
N ILE G 632 66.75 -54.03 -74.43
CA ILE G 632 67.84 -53.67 -73.55
C ILE G 632 69.02 -54.61 -73.76
N THR G 633 68.76 -55.91 -73.86
CA THR G 633 69.83 -56.87 -74.07
C THR G 633 70.49 -56.66 -75.43
N ALA G 634 69.70 -56.36 -76.46
CA ALA G 634 70.27 -56.12 -77.78
C ALA G 634 71.15 -54.87 -77.76
N ALA G 635 70.70 -53.81 -77.10
CA ALA G 635 71.51 -52.59 -77.02
C ALA G 635 72.81 -52.87 -76.27
N ASN G 636 72.75 -53.63 -75.19
CA ASN G 636 73.97 -53.94 -74.44
C ASN G 636 74.92 -54.81 -75.25
N ARG G 637 74.39 -55.84 -75.90
CA ARG G 637 75.23 -56.77 -76.66
C ARG G 637 75.68 -56.18 -77.99
N LEU G 638 74.96 -55.17 -78.50
CA LEU G 638 75.43 -54.42 -79.66
C LEU G 638 76.36 -53.28 -79.26
N ASN G 639 76.65 -53.12 -77.97
CA ASN G 639 77.59 -52.10 -77.51
C ASN G 639 77.11 -50.71 -77.88
N LEU G 640 75.83 -50.43 -77.59
CA LEU G 640 75.25 -49.11 -77.82
C LEU G 640 75.27 -48.36 -76.50
N TYR G 641 76.47 -47.89 -76.14
CA TYR G 641 76.69 -47.30 -74.82
C TYR G 641 76.03 -45.94 -74.66
N GLN G 642 75.73 -45.24 -75.75
CA GLN G 642 75.00 -43.99 -75.67
C GLN G 642 73.49 -44.19 -75.63
N LYS G 643 73.01 -45.42 -75.76
CA LYS G 643 71.59 -45.68 -75.66
C LYS G 643 71.12 -45.47 -74.22
N LYS G 644 69.98 -44.79 -74.08
CA LYS G 644 69.39 -44.52 -72.78
C LYS G 644 68.27 -45.53 -72.54
N MET G 645 68.49 -46.43 -71.57
CA MET G 645 67.45 -47.38 -71.22
C MET G 645 66.25 -46.71 -70.56
N LYS G 646 66.37 -45.45 -70.16
CA LYS G 646 65.23 -44.72 -69.62
C LYS G 646 64.11 -44.62 -70.64
N SER G 647 64.46 -44.38 -71.90
CA SER G 647 63.43 -44.33 -72.95
C SER G 647 62.76 -45.68 -73.12
N ILE G 648 63.54 -46.76 -73.04
CA ILE G 648 62.95 -48.09 -73.14
C ILE G 648 61.98 -48.34 -72.00
N VAL G 649 62.37 -47.98 -70.78
CA VAL G 649 61.49 -48.18 -69.63
C VAL G 649 60.24 -47.34 -69.75
N GLU G 650 60.38 -46.10 -70.23
CA GLU G 650 59.21 -45.24 -70.41
C GLU G 650 58.27 -45.81 -71.46
N ASP G 651 58.81 -46.33 -72.57
CA ASP G 651 57.96 -46.96 -73.58
C ASP G 651 57.26 -48.18 -73.01
N PHE G 652 57.96 -48.96 -72.20
CA PHE G 652 57.36 -50.13 -71.57
C PHE G 652 56.19 -49.72 -70.69
N LEU G 653 56.40 -48.74 -69.82
CA LEU G 653 55.33 -48.28 -68.93
C LEU G 653 54.18 -47.68 -69.72
N LYS G 654 54.47 -46.97 -70.81
CA LYS G 654 53.42 -46.42 -71.66
C LYS G 654 52.59 -47.53 -72.28
N ARG G 655 53.24 -48.58 -72.78
CA ARG G 655 52.49 -49.68 -73.38
C ARG G 655 51.75 -50.51 -72.35
N LEU G 656 52.09 -50.39 -71.07
CA LEU G 656 51.27 -51.01 -70.03
C LEU G 656 49.91 -50.34 -69.89
N GLN G 657 49.75 -49.13 -70.43
CA GLN G 657 48.50 -48.43 -70.67
C GLN G 657 47.86 -47.84 -69.41
N ILE G 658 48.38 -48.10 -68.22
CA ILE G 658 47.74 -47.67 -66.99
C ILE G 658 48.66 -46.78 -66.14
N PHE G 659 49.68 -46.20 -66.76
CA PHE G 659 50.66 -45.38 -66.05
C PHE G 659 50.77 -44.00 -66.68
N ASP G 660 50.62 -42.97 -65.85
CA ASP G 660 50.97 -41.61 -66.24
C ASP G 660 52.47 -41.48 -66.01
N ILE G 661 53.26 -41.68 -67.07
CA ILE G 661 54.70 -41.84 -66.92
C ILE G 661 55.35 -40.60 -66.33
N SER G 662 54.72 -39.44 -66.52
CA SER G 662 55.31 -38.20 -66.01
C SER G 662 55.44 -38.20 -64.50
N ARG G 663 54.63 -39.02 -63.81
CA ARG G 663 54.59 -39.05 -62.36
C ARG G 663 55.27 -40.28 -61.76
N VAL G 664 56.16 -40.93 -62.50
CA VAL G 664 56.90 -42.07 -62.02
C VAL G 664 58.19 -41.55 -61.37
N PRO G 665 58.44 -41.81 -60.09
CA PRO G 665 59.70 -41.34 -59.48
C PRO G 665 60.91 -41.93 -60.19
N ASP G 666 61.98 -41.14 -60.23
CA ASP G 666 63.18 -41.54 -60.96
C ASP G 666 63.85 -42.75 -60.32
N ASP G 667 63.85 -42.83 -58.99
CA ASP G 667 64.45 -43.98 -58.32
C ASP G 667 63.74 -45.27 -58.73
N GLN G 668 62.41 -45.23 -58.81
CA GLN G 668 61.67 -46.40 -59.28
C GLN G 668 61.92 -46.68 -60.75
N MET G 669 62.12 -45.64 -61.57
CA MET G 669 62.46 -45.86 -62.96
C MET G 669 63.78 -46.60 -63.10
N TYR G 670 64.79 -46.19 -62.34
CA TYR G 670 66.10 -46.84 -62.43
C TYR G 670 66.06 -48.23 -61.83
N ARG G 671 65.27 -48.42 -60.76
CA ARG G 671 65.08 -49.76 -60.21
C ARG G 671 64.43 -50.68 -61.21
N LEU G 672 63.43 -50.17 -61.94
CA LEU G 672 62.79 -50.94 -62.99
C LEU G 672 63.79 -51.28 -64.09
N ARG G 673 64.64 -50.33 -64.45
CA ARG G 673 65.68 -50.59 -65.45
C ARG G 673 66.58 -51.74 -65.01
N ASP G 674 67.04 -51.70 -63.76
CA ASP G 674 67.93 -52.73 -63.25
C ASP G 674 67.25 -54.10 -63.26
N ARG G 675 66.00 -54.15 -62.74
CA ARG G 675 65.31 -55.43 -62.68
C ARG G 675 65.04 -55.98 -64.06
N LEU G 676 64.73 -55.11 -65.02
CA LEU G 676 64.59 -55.56 -66.41
C LEU G 676 65.90 -56.09 -66.95
N ARG G 677 67.02 -55.42 -66.63
CA ARG G 677 68.32 -55.89 -67.09
C ARG G 677 68.60 -57.29 -66.57
N LEU G 678 68.20 -57.58 -65.33
CA LEU G 678 68.52 -58.87 -64.75
C LEU G 678 67.71 -60.03 -65.35
N LEU G 679 66.62 -59.75 -66.06
CA LEU G 679 65.79 -60.83 -66.56
C LEU G 679 66.41 -61.46 -67.82
N PRO G 680 66.22 -62.77 -68.02
CA PRO G 680 66.67 -63.37 -69.28
C PRO G 680 65.73 -63.04 -70.43
N VAL G 681 66.23 -63.21 -71.65
CA VAL G 681 65.51 -62.84 -72.85
C VAL G 681 64.66 -64.01 -73.32
N GLU G 682 63.49 -63.68 -73.88
CA GLU G 682 62.59 -64.70 -74.40
C GLU G 682 63.22 -65.42 -75.58
N ILE G 683 62.83 -66.68 -75.78
CA ILE G 683 63.54 -67.55 -76.71
C ILE G 683 63.41 -67.05 -78.15
N ARG G 684 62.20 -66.64 -78.55
CA ARG G 684 61.99 -66.22 -79.94
C ARG G 684 62.79 -64.96 -80.26
N ARG G 685 62.68 -63.95 -79.39
CA ARG G 685 63.42 -62.71 -79.61
C ARG G 685 64.91 -62.95 -79.53
N LEU G 686 65.36 -63.81 -78.61
CA LEU G 686 66.77 -64.10 -78.50
C LEU G 686 67.29 -64.78 -79.76
N ASP G 687 66.51 -65.71 -80.33
CA ASP G 687 66.93 -66.37 -81.56
C ASP G 687 67.00 -65.39 -82.72
N ILE G 688 66.02 -64.50 -82.84
CA ILE G 688 66.07 -63.50 -83.89
C ILE G 688 67.29 -62.60 -83.73
N PHE G 689 67.58 -62.21 -82.48
CA PHE G 689 68.76 -61.39 -82.24
C PHE G 689 70.04 -62.15 -82.58
N ASN G 690 70.09 -63.45 -82.28
CA ASN G 690 71.25 -64.24 -82.63
C ASN G 690 71.46 -64.25 -84.13
N LEU G 691 70.38 -64.44 -84.90
CA LEU G 691 70.48 -64.40 -86.35
C LEU G 691 71.03 -63.06 -86.82
N ILE G 692 70.45 -61.97 -86.33
CA ILE G 692 70.87 -60.64 -86.78
C ILE G 692 72.32 -60.39 -86.40
N LEU G 693 72.70 -60.75 -85.18
CA LEU G 693 74.07 -60.50 -84.73
C LEU G 693 75.08 -61.32 -85.54
N MET G 694 74.76 -62.58 -85.84
CA MET G 694 75.69 -63.39 -86.59
C MET G 694 75.77 -63.01 -88.05
N ASN G 695 74.75 -62.34 -88.59
CA ASN G 695 74.78 -61.88 -89.97
C ASN G 695 75.06 -60.39 -90.10
N MET G 696 75.33 -59.70 -88.98
CA MET G 696 75.68 -58.28 -89.02
C MET G 696 76.81 -58.00 -89.99
N GLU G 697 77.90 -58.75 -89.87
CA GLU G 697 79.08 -58.46 -90.67
C GLU G 697 78.80 -58.62 -92.15
N GLN G 698 78.12 -59.70 -92.53
CA GLN G 698 77.81 -59.91 -93.94
C GLN G 698 76.87 -58.84 -94.47
N ILE G 699 75.84 -58.48 -93.70
CA ILE G 699 74.91 -57.46 -94.16
C ILE G 699 75.63 -56.13 -94.33
N GLU G 700 76.49 -55.78 -93.37
CA GLU G 700 77.20 -54.51 -93.46
C GLU G 700 78.17 -54.49 -94.63
N ARG G 701 78.91 -55.58 -94.84
CA ARG G 701 79.88 -55.62 -95.92
C ARG G 701 79.21 -55.72 -97.28
N ALA G 702 77.95 -56.15 -97.33
CA ALA G 702 77.21 -56.11 -98.59
C ALA G 702 76.89 -54.69 -99.03
N SER G 703 76.97 -53.73 -98.12
CA SER G 703 76.61 -52.35 -98.46
C SER G 703 77.60 -51.77 -99.46
N ASP G 704 77.06 -50.96 -100.38
CA ASP G 704 77.88 -50.23 -101.34
C ASP G 704 78.12 -48.78 -100.93
N LYS G 705 77.53 -48.34 -99.82
CA LYS G 705 77.67 -46.96 -99.37
C LYS G 705 78.82 -46.74 -98.41
N ILE G 706 79.22 -47.77 -97.67
CA ILE G 706 80.30 -47.65 -96.70
C ILE G 706 81.34 -48.72 -96.97
N ALA G 707 82.57 -48.43 -96.53
CA ALA G 707 83.67 -49.38 -96.55
C ALA G 707 84.06 -49.72 -95.12
N GLN G 708 84.78 -50.83 -94.97
CA GLN G 708 85.16 -51.31 -93.65
C GLN G 708 86.43 -50.66 -93.11
N GLY G 709 87.15 -49.92 -93.93
CA GLY G 709 88.26 -49.15 -93.41
C GLY G 709 89.10 -48.57 -94.52
N VAL G 710 90.25 -48.03 -94.13
CA VAL G 710 91.22 -47.51 -95.10
C VAL G 710 92.63 -47.71 -94.58
N ILE G 711 93.45 -48.38 -95.38
CA ILE G 711 94.87 -48.57 -95.09
C ILE G 711 95.64 -47.43 -95.74
N ILE G 712 96.37 -46.66 -94.93
CA ILE G 712 97.27 -45.64 -95.41
C ILE G 712 98.68 -46.23 -95.30
N ALA G 713 99.22 -46.68 -96.41
CA ALA G 713 100.56 -47.25 -96.49
C ALA G 713 101.38 -46.38 -97.44
N TYR G 714 102.44 -45.77 -96.93
CA TYR G 714 103.19 -44.79 -97.71
C TYR G 714 104.19 -45.44 -98.65
N ARG G 715 104.01 -46.71 -98.97
CA ARG G 715 104.69 -47.39 -100.06
C ARG G 715 103.72 -47.55 -101.23
N ASP G 716 104.27 -47.56 -102.44
CA ASP G 716 103.43 -47.72 -103.63
C ASP G 716 102.99 -49.17 -103.76
N MET G 717 101.68 -49.40 -103.77
CA MET G 717 101.09 -50.72 -103.81
C MET G 717 100.28 -50.89 -105.09
N GLN G 718 100.53 -51.99 -105.80
CA GLN G 718 99.81 -52.26 -107.03
C GLN G 718 98.31 -52.29 -106.79
N LEU G 719 97.57 -51.63 -107.66
CA LEU G 719 96.12 -51.75 -107.63
C LEU G 719 95.72 -53.19 -107.91
N GLU G 720 94.86 -53.74 -107.07
CA GLU G 720 94.38 -55.10 -107.28
C GLU G 720 93.52 -55.16 -108.53
N ARG G 721 93.43 -56.35 -109.11
CA ARG G 721 92.66 -56.59 -110.31
C ARG G 721 91.45 -57.44 -109.93
N ASP G 722 90.27 -56.84 -109.98
CA ASP G 722 89.04 -57.47 -109.52
C ASP G 722 87.99 -57.45 -110.61
N GLU G 723 87.13 -58.47 -110.60
CA GLU G 723 86.10 -58.58 -111.63
C GLU G 723 85.07 -57.47 -111.53
N MET G 724 84.80 -56.98 -110.31
CA MET G 724 83.76 -55.99 -110.11
C MET G 724 84.19 -54.57 -110.48
N TYR G 725 85.49 -54.30 -110.53
CA TYR G 725 85.99 -52.94 -110.70
C TYR G 725 86.91 -52.76 -111.90
N GLY G 726 87.75 -53.75 -112.18
CA GLY G 726 88.90 -53.53 -113.05
C GLY G 726 90.14 -53.44 -112.20
N TYR G 727 90.77 -52.27 -112.17
CA TYR G 727 91.82 -51.98 -111.20
C TYR G 727 91.21 -51.22 -110.03
N VAL G 728 91.48 -51.67 -108.81
CA VAL G 728 90.89 -51.08 -107.61
C VAL G 728 91.90 -51.17 -106.48
N ASN G 729 92.00 -50.08 -105.72
CA ASN G 729 92.83 -50.04 -104.51
C ASN G 729 92.04 -50.62 -103.35
N ILE G 730 91.78 -51.92 -103.43
CA ILE G 730 90.98 -52.65 -102.46
C ILE G 730 91.89 -53.51 -101.61
N ALA G 731 91.64 -53.52 -100.30
CA ALA G 731 92.35 -54.37 -99.35
C ALA G 731 91.42 -55.49 -98.93
N ARG G 732 91.89 -56.73 -99.07
CA ARG G 732 91.10 -57.88 -98.63
C ARG G 732 91.09 -58.05 -97.12
N ASN G 733 92.14 -57.57 -96.45
CA ASN G 733 92.21 -57.62 -94.99
C ASN G 733 93.10 -56.47 -94.53
N LEU G 734 93.24 -56.34 -93.20
CA LEU G 734 94.05 -55.30 -92.60
C LEU G 734 95.36 -55.84 -92.04
N ASP G 735 95.75 -57.05 -92.44
CA ASP G 735 96.93 -57.68 -91.87
C ASP G 735 98.19 -56.91 -92.22
N GLY G 736 99.07 -56.75 -91.24
CA GLY G 736 100.34 -56.07 -91.45
C GLY G 736 100.33 -54.58 -91.20
N PHE G 737 99.28 -54.05 -90.57
CA PHE G 737 99.17 -52.62 -90.32
C PHE G 737 98.64 -52.40 -88.90
N GLN G 738 99.20 -51.40 -88.23
CA GLN G 738 98.62 -50.96 -86.97
C GLN G 738 97.24 -50.37 -87.21
N GLN G 739 96.28 -50.76 -86.38
CA GLN G 739 94.89 -50.39 -86.55
C GLN G 739 94.50 -49.34 -85.54
N ILE G 740 93.88 -48.26 -86.02
CA ILE G 740 93.29 -47.24 -85.17
C ILE G 740 91.79 -47.30 -85.36
N ASN G 741 91.06 -47.57 -84.28
CA ASN G 741 89.62 -47.64 -84.31
C ASN G 741 89.06 -46.22 -84.37
N LEU G 742 88.32 -45.92 -85.44
CA LEU G 742 87.80 -44.57 -85.62
C LEU G 742 86.75 -44.21 -84.58
N GLU G 743 85.98 -45.20 -84.12
CA GLU G 743 84.99 -44.93 -83.08
C GLU G 743 85.67 -44.51 -81.78
N GLU G 744 86.70 -45.24 -81.37
CA GLU G 744 87.41 -44.89 -80.15
C GLU G 744 88.07 -43.53 -80.28
N LEU G 745 88.65 -43.25 -81.45
CA LEU G 745 89.28 -41.95 -81.67
C LEU G 745 88.25 -40.83 -81.59
N MET G 746 87.08 -41.03 -82.20
CA MET G 746 86.03 -40.03 -82.13
C MET G 746 85.56 -39.80 -80.70
N ARG G 747 85.39 -40.89 -79.93
CA ARG G 747 84.85 -40.75 -78.59
C ARG G 747 85.86 -40.09 -77.66
N THR G 748 87.11 -40.56 -77.67
CA THR G 748 88.10 -40.03 -76.74
C THR G 748 88.40 -38.56 -77.02
N GLY G 749 88.51 -38.19 -78.30
CA GLY G 749 88.94 -36.86 -78.65
C GLY G 749 90.44 -36.65 -78.65
N ASP G 750 91.21 -37.67 -78.29
CA ASP G 750 92.67 -37.61 -78.29
C ASP G 750 93.16 -37.99 -79.69
N TYR G 751 93.62 -37.00 -80.44
CA TYR G 751 94.15 -37.21 -81.78
C TYR G 751 95.68 -37.17 -81.81
N ALA G 752 96.32 -37.30 -80.65
CA ALA G 752 97.78 -37.20 -80.59
C ALA G 752 98.44 -38.31 -81.40
N GLN G 753 97.97 -39.55 -81.24
CA GLN G 753 98.59 -40.67 -81.94
C GLN G 753 98.33 -40.60 -83.44
N ILE G 754 97.08 -40.36 -83.83
CA ILE G 754 96.76 -40.28 -85.26
C ILE G 754 97.48 -39.11 -85.89
N THR G 755 97.53 -37.97 -85.21
CA THR G 755 98.25 -36.81 -85.73
C THR G 755 99.74 -37.10 -85.89
N ASN G 756 100.33 -37.75 -84.87
CA ASN G 756 101.75 -38.07 -84.95
C ASN G 756 102.04 -39.02 -86.10
N MET G 757 101.16 -40.00 -86.31
CA MET G 757 101.38 -40.95 -87.40
C MET G 757 101.16 -40.31 -88.76
N LEU G 758 100.22 -39.37 -88.87
CA LEU G 758 99.97 -38.73 -90.15
C LEU G 758 101.07 -37.74 -90.51
N LEU G 759 101.59 -37.02 -89.52
CA LEU G 759 102.69 -36.09 -89.79
C LEU G 759 103.95 -36.83 -90.18
N ASN G 760 104.23 -37.95 -89.53
CA ASN G 760 105.45 -38.70 -89.73
C ASN G 760 105.32 -39.77 -90.80
N ASN G 761 104.17 -39.85 -91.47
CA ASN G 761 103.97 -40.80 -92.57
C ASN G 761 104.17 -42.24 -92.10
N GLN G 762 103.56 -42.56 -90.96
CA GLN G 762 103.64 -43.91 -90.41
C GLN G 762 102.50 -44.74 -90.96
N PRO G 763 102.75 -45.89 -91.60
CA PRO G 763 101.65 -46.69 -92.13
C PRO G 763 100.67 -47.08 -91.04
N VAL G 764 99.38 -47.01 -91.36
CA VAL G 764 98.32 -47.26 -90.39
C VAL G 764 97.10 -47.80 -91.13
N ALA G 765 96.12 -48.28 -90.38
CA ALA G 765 94.83 -48.70 -90.91
C ALA G 765 93.74 -48.09 -90.04
N LEU G 766 92.99 -47.14 -90.60
CA LEU G 766 91.86 -46.55 -89.90
C LEU G 766 90.65 -47.44 -90.11
N VAL G 767 90.12 -47.98 -89.01
CA VAL G 767 89.10 -49.01 -89.06
C VAL G 767 87.77 -48.41 -88.59
N GLY G 768 86.73 -48.60 -89.37
CA GLY G 768 85.41 -48.11 -89.05
C GLY G 768 84.61 -47.91 -90.32
N ALA G 769 83.28 -48.01 -90.18
CA ALA G 769 82.38 -47.82 -91.31
C ALA G 769 82.58 -46.45 -91.91
N LEU G 770 83.09 -46.39 -93.14
CA LEU G 770 83.51 -45.14 -93.75
C LEU G 770 82.82 -44.96 -95.10
N PRO G 771 82.28 -43.78 -95.40
CA PRO G 771 81.88 -43.50 -96.77
C PRO G 771 83.11 -43.28 -97.64
N PHE G 772 82.95 -43.54 -98.94
CA PHE G 772 84.08 -43.43 -99.86
C PHE G 772 83.58 -42.87 -101.19
N ILE G 773 84.53 -42.32 -101.95
CA ILE G 773 84.26 -41.77 -103.27
C ILE G 773 84.83 -42.73 -104.29
N THR G 774 84.00 -43.17 -105.23
CA THR G 774 84.44 -44.03 -106.33
C THR G 774 84.96 -43.14 -107.44
N ASP G 775 86.27 -43.11 -107.62
CA ASP G 775 86.92 -42.30 -108.65
C ASP G 775 87.34 -43.23 -109.79
N SER G 776 86.81 -42.98 -110.98
CA SER G 776 87.14 -43.78 -112.16
C SER G 776 88.19 -43.11 -113.02
N SER G 777 88.74 -41.97 -112.59
CA SER G 777 89.70 -41.22 -113.39
C SER G 777 91.11 -41.73 -113.16
N VAL G 778 91.81 -42.08 -114.24
CA VAL G 778 93.20 -42.49 -114.13
C VAL G 778 94.06 -41.31 -113.72
N ILE G 779 93.73 -40.11 -114.20
CA ILE G 779 94.50 -38.92 -113.82
C ILE G 779 94.40 -38.68 -112.32
N SER G 780 93.25 -38.97 -111.72
CA SER G 780 93.15 -38.88 -110.27
C SER G 780 94.12 -39.83 -109.58
N LEU G 781 94.29 -41.03 -110.13
CA LEU G 781 95.27 -41.96 -109.58
C LEU G 781 96.69 -41.43 -109.76
N VAL G 782 96.99 -40.87 -110.92
CA VAL G 782 98.33 -40.33 -111.15
C VAL G 782 98.58 -39.12 -110.27
N ALA G 783 97.54 -38.30 -110.06
CA ALA G 783 97.65 -37.16 -109.17
C ALA G 783 97.74 -37.55 -107.71
N LYS G 784 97.44 -38.81 -107.37
CA LYS G 784 97.57 -39.31 -106.00
C LYS G 784 96.60 -38.59 -105.06
N LEU G 785 95.36 -38.43 -105.51
CA LEU G 785 94.37 -37.73 -104.70
C LEU G 785 93.93 -38.57 -103.51
N ASP G 786 93.99 -39.90 -103.61
CA ASP G 786 93.56 -40.75 -102.52
C ASP G 786 94.36 -40.51 -101.25
N ALA G 787 95.58 -39.98 -101.37
CA ALA G 787 96.43 -39.71 -100.23
C ALA G 787 96.25 -38.31 -99.67
N THR G 788 95.34 -37.51 -100.23
CA THR G 788 95.16 -36.13 -99.84
C THR G 788 93.93 -35.91 -98.96
N VAL G 789 93.34 -36.97 -98.43
CA VAL G 789 92.03 -36.90 -97.78
C VAL G 789 92.13 -37.10 -96.28
N PHE G 790 93.33 -37.06 -95.70
CA PHE G 790 93.52 -37.37 -94.29
C PHE G 790 93.99 -36.19 -93.45
N ALA G 791 94.46 -35.11 -94.07
CA ALA G 791 94.92 -33.97 -93.28
C ALA G 791 93.77 -33.27 -92.55
N GLN G 792 92.55 -33.40 -93.07
CA GLN G 792 91.41 -32.78 -92.41
C GLN G 792 91.16 -33.40 -91.04
N ILE G 793 91.56 -34.67 -90.85
CA ILE G 793 91.46 -35.30 -89.55
C ILE G 793 92.30 -34.53 -88.54
N VAL G 794 93.53 -34.19 -88.92
CA VAL G 794 94.39 -33.41 -88.04
C VAL G 794 93.85 -32.00 -87.86
N LYS G 795 93.37 -31.39 -88.95
CA LYS G 795 92.93 -30.00 -88.88
C LYS G 795 91.74 -29.84 -87.95
N LEU G 796 90.68 -30.63 -88.17
CA LEU G 796 89.43 -30.46 -87.45
C LEU G 796 89.31 -31.37 -86.23
N ARG G 797 90.19 -32.35 -86.07
CA ARG G 797 90.06 -33.35 -85.02
C ARG G 797 88.70 -34.03 -85.10
N LYS G 798 88.29 -34.35 -86.31
CA LYS G 798 87.05 -35.07 -86.58
C LYS G 798 87.33 -36.18 -87.57
N VAL G 799 86.60 -37.29 -87.44
CA VAL G 799 86.71 -38.41 -88.35
C VAL G 799 85.40 -38.68 -89.09
N ASP G 800 84.36 -37.89 -88.81
CA ASP G 800 83.08 -38.08 -89.46
C ASP G 800 83.09 -37.62 -90.91
N THR G 801 84.03 -36.76 -91.30
CA THR G 801 84.13 -36.27 -92.67
C THR G 801 85.16 -37.02 -93.49
N LEU G 802 85.82 -38.03 -92.92
CA LEU G 802 86.80 -38.80 -93.66
C LEU G 802 86.12 -39.61 -94.75
N LYS G 803 86.51 -39.36 -96.00
CA LYS G 803 85.93 -40.03 -97.17
C LYS G 803 87.07 -40.51 -98.06
N PRO G 804 87.61 -41.70 -97.81
CA PRO G 804 88.70 -42.21 -98.65
C PRO G 804 88.27 -42.42 -100.09
N ILE G 805 89.24 -42.30 -101.00
CA ILE G 805 88.99 -42.45 -102.42
C ILE G 805 89.17 -43.92 -102.79
N LEU G 806 88.17 -44.49 -103.47
CA LEU G 806 88.26 -45.82 -104.03
C LEU G 806 88.38 -45.69 -105.54
N TYR G 807 89.46 -46.23 -106.09
CA TYR G 807 89.69 -46.16 -107.53
C TYR G 807 88.98 -47.31 -108.23
N LYS G 808 88.27 -46.99 -109.32
CA LYS G 808 87.59 -47.98 -110.15
C LYS G 808 88.02 -47.70 -111.58
N ILE G 809 89.17 -48.25 -111.96
CA ILE G 809 89.78 -47.97 -113.26
C ILE G 809 89.48 -49.15 -114.17
N ASN G 810 88.70 -48.89 -115.22
CA ASN G 810 88.34 -49.90 -116.19
C ASN G 810 88.11 -49.22 -117.53
N SER G 811 87.70 -50.00 -118.53
CA SER G 811 87.51 -49.45 -119.87
C SER G 811 86.45 -48.36 -119.91
N ASP G 812 85.56 -48.31 -118.90
CA ASP G 812 84.58 -47.23 -118.84
C ASP G 812 85.20 -45.90 -118.45
N SER G 813 86.42 -45.90 -117.92
CA SER G 813 87.09 -44.65 -117.57
C SER G 813 87.36 -43.83 -118.84
N ASN G 814 87.20 -42.51 -118.71
CA ASN G 814 87.45 -41.63 -119.85
C ASN G 814 88.90 -41.69 -120.29
N ASP G 815 89.81 -42.00 -119.38
CA ASP G 815 91.25 -41.99 -119.66
C ASP G 815 91.88 -43.37 -119.42
N PHE G 816 91.13 -44.44 -119.67
CA PHE G 816 91.70 -45.78 -119.55
C PHE G 816 92.80 -46.01 -120.58
N TYR G 817 92.86 -45.19 -121.63
CA TYR G 817 93.93 -45.32 -122.61
C TYR G 817 95.29 -45.14 -121.96
N LEU G 818 95.37 -44.37 -120.88
CA LEU G 818 96.65 -44.23 -120.18
C LEU G 818 97.09 -45.56 -119.59
N VAL G 819 96.16 -46.33 -119.04
CA VAL G 819 96.49 -47.66 -118.54
C VAL G 819 96.83 -48.59 -119.69
N ALA G 820 96.05 -48.54 -120.77
CA ALA G 820 96.18 -49.53 -121.83
C ALA G 820 97.42 -49.29 -122.69
N ASN G 821 97.72 -48.04 -123.03
CA ASN G 821 98.68 -47.69 -124.06
C ASN G 821 100.06 -47.32 -123.52
N TYR G 822 100.29 -47.51 -122.22
CA TYR G 822 101.59 -47.20 -121.63
C TYR G 822 102.03 -48.36 -120.74
N ASP G 823 103.34 -48.51 -120.60
CA ASP G 823 103.93 -49.61 -119.85
C ASP G 823 104.19 -49.12 -118.42
N TRP G 824 103.17 -49.27 -117.57
CA TRP G 824 103.29 -48.88 -116.18
C TRP G 824 102.32 -49.72 -115.34
N VAL G 825 102.56 -49.75 -114.05
CA VAL G 825 101.74 -50.47 -113.08
C VAL G 825 100.93 -49.44 -112.31
N PRO G 826 99.60 -49.42 -112.46
CA PRO G 826 98.80 -48.52 -111.61
C PRO G 826 98.91 -48.90 -110.14
N THR G 827 99.40 -47.97 -109.34
CA THR G 827 99.59 -48.16 -107.91
C THR G 827 99.03 -46.96 -107.15
N SER G 828 98.76 -47.18 -105.87
CA SER G 828 98.35 -46.10 -104.97
C SER G 828 98.92 -46.38 -103.59
N THR G 829 98.98 -45.34 -102.77
CA THR G 829 99.49 -45.45 -101.41
C THR G 829 98.40 -45.72 -100.39
N THR G 830 97.14 -45.81 -100.81
CA THR G 830 96.04 -46.09 -99.90
C THR G 830 95.15 -47.16 -100.50
N LYS G 831 94.61 -48.01 -99.63
CA LYS G 831 93.65 -49.03 -100.01
C LYS G 831 92.38 -48.85 -99.19
N VAL G 832 91.25 -49.19 -99.79
CA VAL G 832 89.96 -49.17 -99.11
C VAL G 832 89.63 -50.59 -98.68
N TYR G 833 89.50 -50.80 -97.37
CA TYR G 833 89.17 -52.09 -96.80
C TYR G 833 87.68 -52.31 -97.01
N LYS G 834 87.35 -53.13 -98.00
CA LYS G 834 85.98 -53.42 -98.42
C LYS G 834 85.92 -54.85 -98.95
N GLN G 835 84.71 -55.39 -99.00
CA GLN G 835 84.47 -56.74 -99.48
C GLN G 835 83.77 -56.71 -100.83
N ILE G 836 83.96 -57.77 -101.60
CA ILE G 836 83.30 -57.92 -102.90
C ILE G 836 81.93 -58.56 -102.67
N PRO G 837 80.96 -58.36 -103.56
CA PRO G 837 79.64 -58.96 -103.35
C PRO G 837 79.68 -60.47 -103.49
N GLN G 838 78.61 -61.10 -103.02
CA GLN G 838 78.48 -62.55 -103.08
C GLN G 838 77.80 -62.93 -104.40
N GLN G 839 78.44 -63.83 -105.15
CA GLN G 839 77.89 -64.30 -106.40
C GLN G 839 76.62 -65.11 -106.15
N PHE G 840 75.64 -64.93 -107.04
CA PHE G 840 74.40 -65.69 -106.93
C PHE G 840 74.63 -67.12 -107.40
N ASP G 841 74.42 -68.08 -106.50
CA ASP G 841 74.49 -69.50 -106.82
C ASP G 841 73.08 -70.05 -106.69
N PHE G 842 72.57 -70.66 -107.78
CA PHE G 842 71.22 -71.17 -107.76
C PHE G 842 71.05 -72.31 -106.76
N ARG G 843 72.02 -73.22 -106.71
CA ARG G 843 71.90 -74.36 -105.82
C ARG G 843 71.90 -73.93 -104.35
N ALA G 844 72.61 -72.85 -104.02
CA ALA G 844 72.68 -72.37 -102.66
C ALA G 844 71.49 -71.50 -102.27
N SER G 845 70.66 -71.11 -103.23
CA SER G 845 69.53 -70.22 -102.97
C SER G 845 68.18 -70.90 -103.15
N MET G 846 68.14 -72.07 -103.79
CA MET G 846 66.89 -72.78 -104.00
C MET G 846 66.56 -73.60 -102.76
N HIS G 847 65.37 -73.39 -102.22
CA HIS G 847 64.90 -74.11 -101.04
C HIS G 847 63.46 -74.52 -101.24
N MET G 848 63.01 -75.44 -100.40
CA MET G 848 61.61 -75.82 -100.34
C MET G 848 61.06 -75.40 -98.98
N LEU G 849 60.17 -74.41 -98.98
CA LEU G 849 59.56 -73.92 -97.77
C LEU G 849 58.29 -74.72 -97.49
N THR G 850 58.14 -75.16 -96.24
CA THR G 850 57.04 -76.01 -95.83
C THR G 850 56.17 -75.28 -94.82
N SER G 851 54.86 -75.43 -94.96
CA SER G 851 53.92 -74.86 -94.01
C SER G 851 52.64 -75.69 -94.04
N ASN G 852 51.64 -75.22 -93.31
CA ASN G 852 50.33 -75.83 -93.33
C ASN G 852 49.50 -75.27 -94.49
N LEU G 853 48.63 -76.12 -95.05
CA LEU G 853 47.80 -75.69 -96.16
C LEU G 853 46.87 -74.56 -95.74
N THR G 854 46.23 -74.69 -94.58
CA THR G 854 45.32 -73.66 -94.10
C THR G 854 44.90 -73.99 -92.67
N PHE G 855 44.50 -72.95 -91.95
CA PHE G 855 43.85 -73.11 -90.65
C PHE G 855 43.26 -71.77 -90.25
N THR G 856 42.40 -71.81 -89.24
CA THR G 856 41.76 -70.62 -88.70
C THR G 856 42.27 -70.38 -87.28
N VAL G 857 42.75 -69.17 -87.03
CA VAL G 857 43.26 -68.79 -85.72
C VAL G 857 42.17 -68.05 -84.98
N TYR G 858 41.86 -68.49 -83.76
CA TYR G 858 40.82 -67.92 -82.94
C TYR G 858 41.44 -67.19 -81.75
N SER G 859 40.73 -66.18 -81.26
CA SER G 859 41.21 -65.35 -80.16
C SER G 859 40.35 -65.45 -78.91
N ASP G 860 39.02 -65.47 -79.06
CA ASP G 860 38.10 -65.47 -77.92
C ASP G 860 37.64 -66.92 -77.70
N LEU G 861 38.38 -67.64 -76.87
CA LEU G 861 38.01 -69.02 -76.58
C LEU G 861 36.68 -69.09 -75.85
N LEU G 862 36.46 -68.18 -74.89
CA LEU G 862 35.23 -68.21 -74.11
C LEU G 862 33.99 -67.93 -74.95
N ALA G 863 34.17 -67.37 -76.15
CA ALA G 863 33.04 -67.21 -77.06
C ALA G 863 32.49 -68.54 -77.54
N PHE G 864 33.23 -69.63 -77.37
CA PHE G 864 32.78 -70.96 -77.71
C PHE G 864 32.05 -71.66 -76.56
N VAL G 865 31.86 -70.97 -75.44
CA VAL G 865 31.27 -71.55 -74.25
C VAL G 865 29.87 -70.96 -74.09
N SER G 866 28.86 -71.82 -74.09
CA SER G 866 27.50 -71.42 -73.77
C SER G 866 27.35 -71.45 -72.26
N ALA G 867 27.21 -70.28 -71.64
CA ALA G 867 27.20 -70.16 -70.19
C ALA G 867 25.84 -69.65 -69.73
N ASP G 868 25.27 -70.33 -68.74
CA ASP G 868 24.03 -69.93 -68.12
C ASP G 868 24.20 -70.00 -66.60
N THR G 869 23.22 -69.45 -65.89
CA THR G 869 23.25 -69.45 -64.44
C THR G 869 21.90 -69.90 -63.91
N VAL G 870 21.92 -70.56 -62.75
CA VAL G 870 20.69 -70.97 -62.09
C VAL G 870 19.93 -69.72 -61.65
N GLU G 871 18.67 -69.87 -61.29
CA GLU G 871 17.92 -68.73 -60.80
C GLU G 871 18.57 -68.21 -59.51
N PRO G 872 18.66 -66.90 -59.31
CA PRO G 872 19.35 -66.40 -58.10
C PRO G 872 18.73 -66.90 -56.82
N ILE G 873 17.43 -67.23 -56.83
CA ILE G 873 16.80 -67.80 -55.65
C ILE G 873 17.48 -69.10 -55.27
N ASN G 874 17.96 -69.86 -56.24
CA ASN G 874 18.52 -71.19 -56.02
C ASN G 874 20.03 -71.21 -55.96
N ALA G 875 20.69 -70.05 -56.02
CA ALA G 875 22.15 -70.03 -55.98
C ALA G 875 22.65 -70.51 -54.63
N VAL G 876 23.65 -71.39 -54.65
CA VAL G 876 24.20 -71.98 -53.43
C VAL G 876 25.62 -71.50 -53.24
N ALA G 877 26.11 -71.67 -52.01
CA ALA G 877 27.47 -71.31 -51.64
C ALA G 877 28.36 -72.55 -51.72
N PHE G 878 29.59 -72.42 -51.24
CA PHE G 878 30.55 -73.53 -51.33
C PHE G 878 30.08 -74.75 -50.55
N ASP G 879 29.21 -74.57 -49.55
CA ASP G 879 28.74 -75.66 -48.73
C ASP G 879 27.43 -76.27 -49.24
N ASN G 880 27.02 -75.91 -50.46
CA ASN G 880 25.85 -76.45 -51.15
C ASN G 880 24.54 -75.95 -50.57
N MET G 881 24.56 -75.08 -49.57
CA MET G 881 23.36 -74.40 -49.10
C MET G 881 23.17 -73.10 -49.84
N ARG G 882 21.95 -72.59 -49.81
CA ARG G 882 21.64 -71.36 -50.53
C ARG G 882 22.41 -70.19 -49.93
N ILE G 883 22.84 -69.26 -50.80
CA ILE G 883 23.61 -68.11 -50.35
C ILE G 883 22.80 -67.29 -49.35
N MET G 884 21.53 -67.04 -49.67
CA MET G 884 20.63 -66.30 -48.80
C MET G 884 19.44 -67.20 -48.48
N ASN G 885 19.12 -67.33 -47.19
CA ASN G 885 18.12 -68.27 -46.73
C ASN G 885 16.96 -67.62 -45.99
N GLU G 886 17.04 -66.31 -45.69
CA GLU G 886 15.95 -65.62 -45.01
C GLU G 886 14.83 -65.38 -46.02
N LEU G 887 14.04 -66.43 -46.25
CA LEU G 887 12.99 -66.39 -47.26
C LEU G 887 11.67 -66.87 -46.68
N LEU H 83 47.92 33.01 -4.69
CA LEU H 83 48.51 32.78 -3.37
C LEU H 83 50.03 32.90 -3.42
N LYS H 84 50.61 32.59 -4.57
CA LYS H 84 52.06 32.62 -4.75
C LYS H 84 52.54 33.85 -5.51
N THR H 85 51.64 34.64 -6.09
CA THR H 85 52.08 35.82 -6.83
C THR H 85 52.80 36.80 -5.91
N LYS H 86 52.25 37.04 -4.72
CA LYS H 86 52.94 37.90 -3.76
C LYS H 86 54.25 37.28 -3.30
N GLU H 87 54.25 35.97 -3.05
CA GLU H 87 55.49 35.32 -2.64
C GLU H 87 56.50 35.27 -3.78
N GLU H 88 56.03 35.11 -5.01
CA GLU H 88 56.93 35.18 -6.15
C GLU H 88 57.55 36.57 -6.25
N HIS H 89 56.75 37.62 -6.06
CA HIS H 89 57.28 38.98 -6.07
C HIS H 89 58.30 39.17 -4.97
N GLN H 90 58.03 38.65 -3.78
CA GLN H 90 58.98 38.75 -2.68
C GLN H 90 60.27 38.02 -3.01
N LYS H 91 60.17 36.84 -3.62
CA LYS H 91 61.37 36.10 -3.99
C LYS H 91 62.20 36.88 -4.98
N GLU H 92 61.56 37.45 -6.00
CA GLU H 92 62.30 38.26 -6.97
C GLU H 92 62.90 39.49 -6.31
N VAL H 93 62.20 40.09 -5.34
CA VAL H 93 62.72 41.28 -4.68
C VAL H 93 64.00 40.94 -3.90
N GLN H 94 63.96 39.86 -3.12
CA GLN H 94 65.14 39.48 -2.36
C GLN H 94 66.28 39.06 -3.28
N TYR H 95 65.97 38.32 -4.35
CA TYR H 95 67.01 37.91 -5.28
C TYR H 95 67.62 39.10 -6.00
N GLU H 96 66.83 40.12 -6.31
CA GLU H 96 67.38 41.32 -6.93
C GLU H 96 68.21 42.11 -5.92
N ILE H 97 67.80 42.12 -4.65
CA ILE H 97 68.64 42.74 -3.63
C ILE H 97 70.01 42.09 -3.60
N LEU H 98 70.04 40.76 -3.67
CA LEU H 98 71.33 40.06 -3.69
C LEU H 98 72.09 40.36 -4.99
N GLN H 99 71.40 40.31 -6.13
CA GLN H 99 72.06 40.44 -7.42
C GLN H 99 72.63 41.84 -7.63
N LYS H 100 72.03 42.86 -7.01
CA LYS H 100 72.53 44.22 -7.18
C LYS H 100 73.96 44.38 -6.68
N THR H 101 74.44 43.46 -5.85
CA THR H 101 75.80 43.49 -5.34
C THR H 101 76.77 42.63 -6.14
N ILE H 102 76.32 42.06 -7.26
CA ILE H 102 77.13 41.17 -8.08
C ILE H 102 77.38 41.87 -9.40
N PRO H 103 78.65 42.17 -9.76
CA PRO H 103 78.90 42.90 -11.01
C PRO H 103 78.88 42.03 -12.25
N THR H 104 77.86 41.18 -12.37
CA THR H 104 77.67 40.36 -13.56
C THR H 104 76.65 41.04 -14.47
N PHE H 105 76.99 41.12 -15.75
CA PHE H 105 76.07 41.72 -16.72
C PHE H 105 74.84 40.82 -16.83
N GLU H 106 73.66 41.43 -16.66
CA GLU H 106 72.45 40.65 -16.45
C GLU H 106 72.15 39.68 -17.59
N PRO H 107 72.27 40.05 -18.86
CA PRO H 107 72.15 39.04 -19.92
C PRO H 107 73.41 38.19 -19.98
N LYS H 108 73.43 37.14 -19.16
CA LYS H 108 74.62 36.31 -19.00
C LYS H 108 75.30 35.97 -20.32
N GLU H 109 74.52 35.54 -21.30
CA GLU H 109 75.10 35.06 -22.55
C GLU H 109 75.87 36.16 -23.27
N SER H 110 75.42 37.41 -23.15
CA SER H 110 76.14 38.51 -23.76
C SER H 110 77.59 38.56 -23.30
N ILE H 111 77.87 38.12 -22.07
CA ILE H 111 79.23 38.10 -21.55
C ILE H 111 80.16 37.42 -22.54
N LEU H 112 79.67 36.38 -23.21
CA LEU H 112 80.50 35.63 -24.14
C LEU H 112 81.18 36.58 -25.13
N LYS H 113 80.41 37.46 -25.76
CA LYS H 113 80.99 38.40 -26.70
C LYS H 113 82.08 39.22 -26.02
N LYS H 114 81.78 39.77 -24.85
CA LYS H 114 82.77 40.58 -24.14
C LYS H 114 84.01 39.78 -23.80
N LEU H 115 83.86 38.47 -23.59
CA LEU H 115 85.02 37.63 -23.31
C LEU H 115 85.81 37.35 -24.57
N GLU H 116 85.12 37.20 -25.71
CA GLU H 116 85.81 36.86 -26.95
C GLU H 116 86.33 38.10 -27.69
N ASP H 117 85.93 39.29 -27.27
CA ASP H 117 86.46 40.52 -27.84
C ASP H 117 87.82 40.89 -27.26
N ILE H 118 88.23 40.26 -26.16
CA ILE H 118 89.55 40.53 -25.60
C ILE H 118 90.60 39.98 -26.55
N LYS H 119 91.48 40.85 -27.02
CA LYS H 119 92.53 40.49 -27.95
C LYS H 119 93.87 40.43 -27.24
N PRO H 120 94.89 39.84 -27.86
CA PRO H 120 96.22 39.87 -27.25
C PRO H 120 96.70 41.30 -27.07
N GLU H 121 97.58 41.49 -26.08
CA GLU H 121 98.14 42.80 -25.83
C GLU H 121 98.64 43.42 -27.13
N GLN H 122 98.02 44.53 -27.51
CA GLN H 122 98.30 45.13 -28.81
C GLN H 122 99.76 45.53 -28.92
N VAL H 123 100.39 45.17 -30.03
CA VAL H 123 101.80 45.47 -30.24
C VAL H 123 101.94 46.90 -30.72
N LYS H 124 102.86 47.63 -30.10
CA LYS H 124 103.10 49.03 -30.42
C LYS H 124 104.46 49.16 -31.11
N LYS H 125 104.47 49.88 -32.23
CA LYS H 125 105.68 50.12 -33.00
C LYS H 125 105.97 51.61 -33.01
N GLN H 126 107.25 51.95 -32.83
CA GLN H 126 107.65 53.35 -32.71
C GLN H 126 107.80 53.97 -34.08
N THR H 127 107.06 55.04 -34.33
CA THR H 127 107.13 55.76 -35.60
C THR H 127 108.20 56.83 -35.61
N LYS H 128 108.49 57.44 -34.46
CA LYS H 128 109.56 58.40 -34.32
C LYS H 128 110.14 58.29 -32.92
N LEU H 129 111.36 58.82 -32.78
CA LEU H 129 112.01 58.78 -31.47
C LEU H 129 111.23 59.62 -30.46
N PHE H 130 111.14 59.11 -29.24
CA PHE H 130 110.54 59.87 -28.15
C PHE H 130 111.40 61.06 -27.82
N ARG H 131 110.80 62.25 -27.73
CA ARG H 131 111.53 63.48 -27.49
C ARG H 131 110.75 64.38 -26.55
N ILE H 132 111.45 64.95 -25.57
CA ILE H 132 110.90 66.00 -24.73
C ILE H 132 111.54 67.35 -25.00
N PHE H 133 112.79 67.37 -25.48
CA PHE H 133 113.52 68.60 -25.74
C PHE H 133 113.85 68.70 -27.23
N GLU H 134 114.14 69.93 -27.65
CA GLU H 134 114.63 70.23 -28.99
C GLU H 134 115.68 71.31 -28.88
N PRO H 135 116.64 71.36 -29.81
CA PRO H 135 117.55 72.51 -29.84
C PRO H 135 116.87 73.73 -30.45
N ARG H 136 117.08 74.87 -29.82
CA ARG H 136 116.48 76.13 -30.26
C ARG H 136 117.52 77.24 -30.13
N GLN H 137 117.58 78.10 -31.13
CA GLN H 137 118.49 79.23 -31.10
C GLN H 137 117.85 80.38 -30.32
N LEU H 138 118.57 80.91 -29.35
CA LEU H 138 118.08 81.99 -28.51
C LEU H 138 119.09 83.14 -28.53
N PRO H 139 118.62 84.38 -28.41
CA PRO H 139 119.55 85.51 -28.37
C PRO H 139 120.40 85.50 -27.12
N VAL H 140 121.62 86.01 -27.27
CA VAL H 140 122.58 86.11 -26.18
C VAL H 140 122.83 87.57 -25.89
N TYR H 141 123.27 87.85 -24.67
CA TYR H 141 123.53 89.21 -24.21
C TYR H 141 124.90 89.26 -23.54
N ARG H 142 125.54 90.41 -23.66
CA ARG H 142 126.87 90.61 -23.09
C ARG H 142 126.74 91.03 -21.62
N ALA H 143 127.88 91.11 -20.95
CA ALA H 143 127.89 91.47 -19.53
C ALA H 143 127.30 92.85 -19.31
N ASN H 144 127.38 93.73 -20.30
CA ASN H 144 126.78 95.05 -20.21
C ASN H 144 125.30 95.05 -20.57
N GLY H 145 124.74 93.90 -20.96
CA GLY H 145 123.36 93.81 -21.34
C GLY H 145 123.08 94.00 -22.81
N GLU H 146 124.11 94.26 -23.61
CA GLU H 146 123.92 94.45 -25.04
C GLU H 146 123.73 93.11 -25.72
N LYS H 147 122.77 93.04 -26.65
CA LYS H 147 122.52 91.80 -27.36
C LYS H 147 123.65 91.50 -28.33
N GLU H 148 124.12 90.25 -28.30
CA GLU H 148 125.20 89.83 -29.17
C GLU H 148 124.68 89.63 -30.60
N LEU H 149 125.61 89.56 -31.54
CA LEU H 149 125.28 89.33 -32.93
C LEU H 149 125.03 87.86 -33.24
N ARG H 150 125.20 86.98 -32.26
CA ARG H 150 125.08 85.54 -32.44
C ARG H 150 123.98 84.99 -31.55
N ASN H 151 123.25 84.01 -32.06
CA ASN H 151 122.32 83.22 -31.26
C ASN H 151 123.00 81.92 -30.84
N ARG H 152 122.62 81.43 -29.66
CA ARG H 152 123.20 80.22 -29.11
C ARG H 152 122.15 79.12 -29.06
N TRP H 153 122.57 77.88 -29.28
CA TRP H 153 121.68 76.75 -29.23
C TRP H 153 121.49 76.29 -27.79
N TYR H 154 120.23 76.11 -27.39
CA TYR H 154 119.88 75.65 -26.06
C TYR H 154 118.81 74.58 -26.15
N TRP H 155 118.75 73.72 -25.15
CA TRP H 155 117.73 72.68 -25.09
C TRP H 155 116.46 73.27 -24.48
N LYS H 156 115.36 73.18 -25.21
CA LYS H 156 114.08 73.71 -24.75
C LYS H 156 113.01 72.65 -24.92
N LEU H 157 112.06 72.62 -24.00
CA LEU H 157 110.97 71.66 -24.09
C LEU H 157 110.22 71.85 -25.41
N LYS H 158 109.95 70.75 -26.11
CA LYS H 158 109.15 70.82 -27.33
C LYS H 158 107.74 71.32 -27.01
N ARG H 159 107.16 70.83 -25.92
CA ARG H 159 105.84 71.25 -25.46
C ARG H 159 106.00 71.75 -24.03
N ASP H 160 106.07 73.07 -23.86
CA ASP H 160 106.17 73.70 -22.56
C ASP H 160 104.74 73.97 -22.07
N THR H 161 104.18 73.00 -21.36
CA THR H 161 102.81 73.07 -20.87
C THR H 161 102.73 72.70 -19.39
N LEU H 162 103.81 72.95 -18.64
CA LEU H 162 103.81 72.60 -17.24
C LEU H 162 102.92 73.56 -16.44
N PRO H 163 102.11 73.07 -15.52
CA PRO H 163 101.24 73.96 -14.74
C PRO H 163 101.97 74.56 -13.55
N ASP H 164 101.30 75.51 -12.91
CA ASP H 164 101.80 76.11 -11.69
C ASP H 164 101.28 75.33 -10.48
N GLY H 165 102.07 75.34 -9.41
CA GLY H 165 101.75 74.56 -8.24
C GLY H 165 102.48 73.24 -8.23
N ASP H 166 103.16 72.93 -7.12
CA ASP H 166 103.95 71.71 -7.06
C ASP H 166 103.08 70.47 -7.22
N TYR H 167 101.90 70.46 -6.59
CA TYR H 167 101.00 69.33 -6.75
C TYR H 167 100.57 69.19 -8.21
N ASP H 168 100.27 70.30 -8.88
CA ASP H 168 99.89 70.25 -10.28
C ASP H 168 101.05 69.77 -11.15
N VAL H 169 102.28 70.18 -10.82
CA VAL H 169 103.44 69.72 -11.58
C VAL H 169 103.62 68.20 -11.43
N ARG H 170 103.44 67.69 -10.21
CA ARG H 170 103.56 66.25 -10.01
C ARG H 170 102.42 65.50 -10.70
N GLU H 171 101.22 66.08 -10.73
CA GLU H 171 100.14 65.47 -11.52
C GLU H 171 100.50 65.46 -13.01
N TYR H 172 101.13 66.54 -13.48
CA TYR H 172 101.57 66.58 -14.87
C TYR H 172 102.58 65.48 -15.15
N PHE H 173 103.47 65.22 -14.19
CA PHE H 173 104.46 64.16 -14.41
C PHE H 173 103.83 62.77 -14.31
N LEU H 174 102.80 62.60 -13.49
CA LEU H 174 102.05 61.35 -13.52
C LEU H 174 101.36 61.15 -14.87
N ASN H 175 100.83 62.23 -15.42
CA ASN H 175 100.23 62.14 -16.75
C ASN H 175 101.28 61.81 -17.80
N LEU H 176 102.48 62.37 -17.66
CA LEU H 176 103.58 62.02 -18.56
C LEU H 176 103.94 60.55 -18.43
N TYR H 177 103.93 60.03 -17.20
CA TYR H 177 104.18 58.61 -16.98
C TYR H 177 103.13 57.76 -17.68
N ASP H 178 101.85 58.15 -17.57
CA ASP H 178 100.79 57.47 -18.30
C ASP H 178 101.04 57.50 -19.80
N GLN H 179 101.43 58.68 -20.31
CA GLN H 179 101.66 58.83 -21.74
C GLN H 179 102.77 57.91 -22.20
N VAL H 180 103.89 57.89 -21.47
CA VAL H 180 105.01 57.04 -21.86
C VAL H 180 104.62 55.57 -21.80
N LEU H 181 103.90 55.18 -20.75
CA LEU H 181 103.50 53.78 -20.62
C LEU H 181 102.60 53.36 -21.77
N THR H 182 101.62 54.20 -22.14
CA THR H 182 100.70 53.81 -23.20
C THR H 182 101.35 53.89 -24.58
N GLU H 183 102.32 54.78 -24.76
CA GLU H 183 103.00 54.94 -26.04
C GLU H 183 104.34 54.21 -26.10
N MET H 184 104.67 53.43 -25.07
CA MET H 184 105.93 52.69 -25.07
C MET H 184 105.86 51.56 -26.10
N PRO H 185 106.81 51.46 -27.02
CA PRO H 185 106.74 50.40 -28.04
C PRO H 185 107.16 49.05 -27.48
N ASP H 186 106.68 48.00 -28.15
CA ASP H 186 107.13 46.64 -27.85
C ASP H 186 108.38 46.26 -28.61
N TYR H 187 108.64 46.90 -29.75
CA TYR H 187 109.86 46.68 -30.50
C TYR H 187 110.11 47.92 -31.35
N LEU H 188 111.33 48.01 -31.86
CA LEU H 188 111.73 49.12 -32.72
C LEU H 188 112.59 48.60 -33.86
N LEU H 189 112.38 49.16 -35.05
CA LEU H 189 113.22 48.90 -36.21
C LEU H 189 113.67 50.25 -36.75
N LEU H 190 114.91 50.64 -36.42
CA LEU H 190 115.39 51.98 -36.72
C LEU H 190 115.46 52.26 -38.22
N LYS H 191 115.54 51.23 -39.05
CA LYS H 191 115.59 51.46 -40.49
C LYS H 191 114.35 52.18 -40.99
N ASP H 192 113.20 51.96 -40.34
CA ASP H 192 111.99 52.65 -40.73
C ASP H 192 112.10 54.15 -40.50
N MET H 193 112.75 54.56 -39.43
CA MET H 193 112.92 55.97 -39.09
C MET H 193 114.14 56.61 -39.76
N ALA H 194 114.95 55.83 -40.46
CA ALA H 194 116.16 56.38 -41.07
C ALA H 194 115.81 57.30 -42.22
N VAL H 195 116.53 58.42 -42.30
CA VAL H 195 116.37 59.39 -43.37
C VAL H 195 117.76 59.77 -43.88
N GLU H 196 117.78 60.36 -45.06
CA GLU H 196 119.03 60.80 -45.66
C GLU H 196 119.63 61.95 -44.85
N ASN H 197 120.94 61.91 -44.66
CA ASN H 197 121.70 63.02 -44.10
C ASN H 197 122.14 63.89 -45.28
N LYS H 198 121.51 65.06 -45.43
CA LYS H 198 121.71 65.86 -46.63
C LYS H 198 123.18 66.23 -46.83
N ASN H 199 123.89 66.46 -45.74
CA ASN H 199 125.28 66.89 -45.81
C ASN H 199 126.26 65.72 -45.84
N SER H 200 125.78 64.49 -45.83
CA SER H 200 126.65 63.34 -45.89
C SER H 200 127.32 63.26 -47.25
N ARG H 201 128.62 62.99 -47.26
CA ARG H 201 129.38 62.77 -48.47
C ARG H 201 129.55 61.29 -48.79
N ASP H 202 128.92 60.40 -48.01
CA ASP H 202 129.08 58.96 -48.18
C ASP H 202 127.74 58.24 -48.08
N ALA H 203 126.66 58.89 -48.54
CA ALA H 203 125.33 58.28 -48.53
C ALA H 203 124.91 57.91 -47.12
N GLY H 204 125.23 58.77 -46.15
CA GLY H 204 124.89 58.51 -44.78
C GLY H 204 123.42 58.77 -44.49
N LYS H 205 122.91 58.05 -43.48
CA LYS H 205 121.53 58.19 -43.03
C LYS H 205 121.54 58.41 -41.52
N VAL H 206 120.46 59.01 -41.03
CA VAL H 206 120.29 59.26 -39.61
C VAL H 206 118.85 58.93 -39.21
N VAL H 207 118.68 58.65 -37.91
CA VAL H 207 117.36 58.52 -37.31
C VAL H 207 117.24 59.61 -36.25
N ASP H 208 116.19 60.43 -36.29
CA ASP H 208 115.03 60.41 -37.21
C ASP H 208 115.03 61.73 -37.99
N SER H 209 113.94 62.02 -38.70
CA SER H 209 113.87 63.27 -39.47
C SER H 209 114.17 64.49 -38.61
N GLU H 210 113.79 64.46 -37.33
CA GLU H 210 114.16 65.55 -36.43
C GLU H 210 115.67 65.64 -36.29
N THR H 211 116.35 64.48 -36.18
CA THR H 211 117.80 64.50 -36.15
C THR H 211 118.37 65.09 -37.42
N ALA H 212 117.76 64.79 -38.57
CA ALA H 212 118.23 65.35 -39.83
C ALA H 212 118.11 66.87 -39.83
N ALA H 213 116.98 67.39 -39.34
CA ALA H 213 116.81 68.83 -39.27
C ALA H 213 117.84 69.46 -38.33
N ILE H 214 118.07 68.83 -37.17
CA ILE H 214 119.04 69.37 -36.22
C ILE H 214 120.44 69.37 -36.84
N CYS H 215 120.80 68.28 -37.51
CA CYS H 215 122.12 68.18 -38.11
C CYS H 215 122.30 69.22 -39.21
N ASP H 216 121.26 69.45 -40.01
CA ASP H 216 121.36 70.49 -41.04
C ASP H 216 121.52 71.86 -40.41
N ALA H 217 120.77 72.14 -39.34
CA ALA H 217 120.90 73.43 -38.67
C ALA H 217 122.30 73.62 -38.12
N ILE H 218 122.87 72.59 -37.51
CA ILE H 218 124.23 72.69 -36.99
C ILE H 218 125.23 72.87 -38.12
N PHE H 219 125.06 72.11 -39.21
CA PHE H 219 125.98 72.19 -40.33
C PHE H 219 126.01 73.59 -40.93
N GLN H 220 124.83 74.21 -41.09
CA GLN H 220 124.76 75.55 -41.67
C GLN H 220 125.17 76.64 -40.70
N ASP H 221 125.18 76.35 -39.39
CA ASP H 221 125.53 77.37 -38.42
C ASP H 221 126.99 77.82 -38.61
N GLU H 222 127.20 79.12 -38.54
CA GLU H 222 128.54 79.68 -38.75
C GLU H 222 129.44 79.54 -37.53
N GLU H 223 128.88 79.33 -36.35
CA GLU H 223 129.66 79.21 -35.12
C GLU H 223 129.99 77.77 -34.79
N THR H 224 129.62 76.82 -35.64
CA THR H 224 129.93 75.41 -35.39
C THR H 224 131.42 75.16 -35.62
N GLU H 225 131.98 74.28 -34.80
CA GLU H 225 133.37 73.88 -34.98
C GLU H 225 133.53 73.16 -36.31
N GLY H 226 134.69 73.36 -36.95
CA GLY H 226 134.97 72.65 -38.18
C GLY H 226 134.99 71.14 -37.99
N VAL H 227 135.44 70.68 -36.83
CA VAL H 227 135.47 69.25 -36.56
C VAL H 227 134.05 68.68 -36.51
N VAL H 228 133.12 69.42 -35.89
CA VAL H 228 131.74 68.95 -35.83
C VAL H 228 131.12 68.91 -37.22
N ARG H 229 131.40 69.93 -38.03
CA ARG H 229 130.89 69.97 -39.40
C ARG H 229 131.42 68.79 -40.21
N ARG H 230 132.72 68.52 -40.09
CA ARG H 230 133.30 67.39 -40.80
C ARG H 230 132.70 66.07 -40.33
N PHE H 231 132.48 65.93 -39.01
CA PHE H 231 131.88 64.71 -38.50
C PHE H 231 130.47 64.51 -39.04
N ILE H 232 129.67 65.58 -39.06
CA ILE H 232 128.33 65.48 -39.63
C ILE H 232 128.42 65.06 -41.09
N ALA H 233 129.41 65.58 -41.81
CA ALA H 233 129.59 65.18 -43.21
C ALA H 233 130.04 63.73 -43.34
N GLU H 234 130.70 63.20 -42.31
CA GLU H 234 131.33 61.88 -42.39
C GLU H 234 130.63 60.79 -41.61
N MET H 235 129.90 61.12 -40.54
CA MET H 235 129.30 60.09 -39.70
C MET H 235 128.39 59.19 -40.53
N ARG H 236 128.50 57.88 -40.29
CA ARG H 236 127.87 56.88 -41.13
C ARG H 236 127.05 55.91 -40.29
N GLN H 237 125.98 55.41 -40.88
CA GLN H 237 125.26 54.27 -40.33
C GLN H 237 125.97 52.97 -40.70
N ARG H 238 125.67 51.91 -39.96
CA ARG H 238 126.23 50.59 -40.24
C ARG H 238 125.08 49.59 -40.25
N VAL H 239 124.80 49.03 -41.43
CA VAL H 239 123.71 48.07 -41.61
C VAL H 239 124.35 46.73 -41.91
N GLN H 240 124.38 45.85 -40.91
CA GLN H 240 124.89 44.49 -41.07
C GLN H 240 123.68 43.57 -41.23
N ALA H 241 123.31 43.33 -42.49
CA ALA H 241 122.15 42.48 -42.77
C ALA H 241 122.44 41.03 -42.45
N ASP H 242 123.70 40.60 -42.57
CA ASP H 242 124.04 39.24 -42.21
C ASP H 242 123.81 38.99 -40.73
N ARG H 243 124.05 40.00 -39.89
CA ARG H 243 123.80 39.90 -38.46
C ARG H 243 122.42 40.38 -38.05
N ASN H 244 121.65 40.96 -38.97
CA ASN H 244 120.35 41.54 -38.63
C ASN H 244 120.51 42.66 -37.61
N VAL H 245 121.39 43.61 -37.92
CA VAL H 245 121.72 44.70 -37.01
C VAL H 245 121.79 45.99 -37.82
N VAL H 246 121.32 47.09 -37.22
CA VAL H 246 121.42 48.41 -37.82
C VAL H 246 121.84 49.39 -36.74
N ASN H 247 122.77 50.27 -37.08
CA ASN H 247 123.24 51.34 -36.20
C ASN H 247 123.12 52.66 -36.96
N TYR H 248 122.44 53.64 -36.34
CA TYR H 248 122.22 54.93 -36.97
C TYR H 248 122.64 56.06 -36.05
N PRO H 249 123.22 57.13 -36.58
CA PRO H 249 123.45 58.33 -35.76
C PRO H 249 122.13 58.99 -35.37
N SER H 250 122.14 59.60 -34.19
CA SER H 250 120.97 60.29 -33.67
C SER H 250 121.43 61.46 -32.80
N ILE H 251 120.68 62.55 -32.85
CA ILE H 251 120.89 63.69 -31.97
C ILE H 251 119.73 63.74 -30.99
N LEU H 252 120.03 63.56 -29.71
CA LEU H 252 119.00 63.47 -28.68
C LEU H 252 119.47 64.19 -27.43
N HIS H 253 118.51 64.72 -26.69
CA HIS H 253 118.79 65.18 -25.34
C HIS H 253 119.09 63.96 -24.46
N PRO H 254 119.93 64.11 -23.43
CA PRO H 254 120.25 62.95 -22.59
C PRO H 254 119.03 62.24 -22.04
N ILE H 255 117.98 62.97 -21.66
CA ILE H 255 116.75 62.33 -21.21
C ILE H 255 116.07 61.59 -22.36
N ASP H 256 116.00 62.24 -23.52
CA ASP H 256 115.41 61.59 -24.70
C ASP H 256 116.21 60.36 -25.07
N HIS H 257 117.54 60.46 -25.04
CA HIS H 257 118.37 59.31 -25.31
C HIS H 257 118.12 58.21 -24.30
N ALA H 258 117.95 58.56 -23.03
CA ALA H 258 117.69 57.55 -22.01
C ALA H 258 116.41 56.79 -22.31
N PHE H 259 115.34 57.52 -22.64
CA PHE H 259 114.07 56.88 -22.96
C PHE H 259 114.21 55.97 -24.18
N ASN H 260 114.81 56.49 -25.26
CA ASN H 260 114.88 55.71 -26.50
C ASN H 260 115.81 54.52 -26.33
N GLU H 261 116.90 54.69 -25.59
CA GLU H 261 117.80 53.57 -25.30
C GLU H 261 117.09 52.50 -24.48
N TYR H 262 116.29 52.91 -23.51
CA TYR H 262 115.53 51.92 -22.75
C TYR H 262 114.56 51.17 -23.65
N PHE H 263 113.90 51.88 -24.56
CA PHE H 263 113.00 51.23 -25.50
C PHE H 263 113.75 50.22 -26.37
N LEU H 264 114.93 50.61 -26.87
CA LEU H 264 115.68 49.73 -27.75
C LEU H 264 116.25 48.52 -27.01
N GLN H 265 116.65 48.70 -25.75
CA GLN H 265 117.34 47.66 -25.02
C GLN H 265 116.40 46.68 -24.32
N HIS H 266 115.11 46.98 -24.26
CA HIS H 266 114.15 46.19 -23.48
C HIS H 266 112.91 45.91 -24.30
N GLN H 267 113.11 45.48 -25.54
CA GLN H 267 111.98 45.14 -26.40
C GLN H 267 111.35 43.81 -25.96
N LEU H 268 110.05 43.71 -26.16
CA LEU H 268 109.29 42.55 -25.72
C LEU H 268 109.29 41.39 -26.72
N VAL H 269 109.79 41.61 -27.92
CA VAL H 269 109.76 40.57 -28.96
C VAL H 269 110.84 39.54 -28.65
N GLU H 270 110.46 38.26 -28.73
CA GLU H 270 111.37 37.15 -28.52
C GLU H 270 111.42 36.28 -29.77
N PRO H 271 112.51 35.56 -30.00
CA PRO H 271 112.57 34.68 -31.17
C PRO H 271 111.46 33.65 -31.15
N LEU H 272 110.88 33.40 -32.32
CA LEU H 272 109.78 32.46 -32.48
C LEU H 272 110.22 31.36 -33.43
N ASN H 273 110.10 30.11 -32.99
CA ASN H 273 110.42 28.96 -33.81
C ASN H 273 109.34 27.90 -33.61
N ASN H 274 109.48 26.76 -34.29
CA ASN H 274 108.46 25.73 -34.21
C ASN H 274 108.44 25.06 -32.85
N ASP H 275 109.59 24.99 -32.17
CA ASP H 275 109.62 24.40 -30.83
C ASP H 275 108.77 25.22 -29.86
N ILE H 276 108.85 26.55 -29.94
CA ILE H 276 108.08 27.40 -29.05
C ILE H 276 106.58 27.22 -29.31
N ILE H 277 106.18 27.15 -30.57
CA ILE H 277 104.76 26.96 -30.89
C ILE H 277 104.30 25.60 -30.39
N PHE H 278 105.11 24.56 -30.61
CA PHE H 278 104.73 23.23 -30.18
C PHE H 278 104.57 23.16 -28.66
N ASN H 279 105.49 23.79 -27.92
CA ASN H 279 105.36 23.84 -26.47
C ASN H 279 104.25 24.77 -26.01
N TYR H 280 103.80 25.68 -26.88
CA TYR H 280 102.68 26.55 -26.52
C TYR H 280 101.37 25.78 -26.49
N ILE H 281 101.28 24.68 -27.24
CA ILE H 281 100.08 23.84 -27.17
C ILE H 281 100.00 23.23 -25.78
N PRO H 282 98.81 23.09 -25.18
CA PRO H 282 98.73 22.38 -23.90
C PRO H 282 99.30 20.98 -24.01
N GLU H 283 100.05 20.57 -22.98
CA GLU H 283 100.79 19.32 -23.05
C GLU H 283 99.84 18.12 -23.15
N ARG H 284 98.74 18.14 -22.40
CA ARG H 284 97.83 17.01 -22.41
C ARG H 284 97.11 16.85 -23.75
N ILE H 285 96.99 17.93 -24.53
CA ILE H 285 96.48 17.80 -25.89
C ILE H 285 97.56 17.26 -26.81
N ARG H 286 98.83 17.60 -26.55
CA ARG H 286 99.92 17.07 -27.36
C ARG H 286 100.06 15.56 -27.18
N ASN H 287 99.81 15.08 -25.97
CA ASN H 287 99.91 13.65 -25.69
C ASN H 287 98.64 12.89 -26.03
N ASP H 288 97.56 13.58 -26.36
CA ASP H 288 96.31 12.89 -26.70
C ASP H 288 96.41 12.29 -28.10
N VAL H 289 96.08 11.00 -28.21
CA VAL H 289 96.14 10.32 -29.50
C VAL H 289 94.94 10.64 -30.38
N ASN H 290 93.89 11.23 -29.82
CA ASN H 290 92.73 11.60 -30.63
C ASN H 290 92.99 12.82 -31.49
N TYR H 291 93.99 13.62 -31.17
CA TYR H 291 94.32 14.82 -31.92
C TYR H 291 95.71 14.67 -32.53
N ILE H 292 95.79 14.89 -33.83
CA ILE H 292 97.04 14.85 -34.58
C ILE H 292 97.47 16.28 -34.85
N LEU H 293 98.67 16.63 -34.38
CA LEU H 293 99.20 17.98 -34.49
C LEU H 293 100.44 17.94 -35.37
N ASN H 294 100.50 18.85 -36.34
CA ASN H 294 101.60 18.90 -37.29
C ASN H 294 102.06 20.35 -37.45
N MET H 295 103.32 20.51 -37.83
CA MET H 295 103.92 21.80 -38.09
C MET H 295 104.21 21.86 -39.60
N ASP H 296 103.23 22.36 -40.36
CA ASP H 296 103.33 22.47 -41.81
C ASP H 296 103.76 23.87 -42.25
N ARG H 297 104.29 24.68 -41.33
CA ARG H 297 104.77 26.01 -41.64
C ARG H 297 106.25 26.09 -41.32
N ASN H 298 106.99 26.85 -42.14
CA ASN H 298 108.39 27.11 -41.89
C ASN H 298 108.53 28.53 -41.34
N LEU H 299 109.07 28.65 -40.15
CA LEU H 299 109.27 29.96 -39.53
C LEU H 299 110.67 30.47 -39.84
N PRO H 300 110.83 31.66 -40.40
CA PRO H 300 112.17 32.21 -40.58
C PRO H 300 112.82 32.54 -39.25
N SER H 301 114.14 32.70 -39.28
CA SER H 301 114.87 33.12 -38.09
C SER H 301 114.49 34.53 -37.65
N THR H 302 113.80 35.29 -38.49
CA THR H 302 113.35 36.63 -38.17
C THR H 302 111.96 36.65 -37.56
N ALA H 303 111.35 35.49 -37.32
CA ALA H 303 110.03 35.45 -36.69
C ALA H 303 110.15 35.84 -35.21
N ARG H 304 109.16 36.61 -34.74
CA ARG H 304 109.13 37.06 -33.36
C ARG H 304 107.72 36.90 -32.81
N TYR H 305 107.63 36.96 -31.48
CA TYR H 305 106.35 36.94 -30.80
C TYR H 305 106.52 37.56 -29.43
N ILE H 306 105.39 37.80 -28.77
CA ILE H 306 105.35 38.36 -27.42
C ILE H 306 104.71 37.32 -26.52
N ARG H 307 105.44 36.91 -25.50
CA ARG H 307 104.91 35.89 -24.59
C ARG H 307 103.75 36.47 -23.79
N PRO H 308 102.62 35.77 -23.69
CA PRO H 308 101.57 36.24 -22.78
C PRO H 308 102.03 36.19 -21.33
N ASN H 309 101.51 37.11 -20.54
CA ASN H 309 101.82 37.18 -19.12
C ASN H 309 100.81 36.30 -18.39
N LEU H 310 101.19 35.05 -18.13
CA LEU H 310 100.30 34.06 -17.53
C LEU H 310 100.64 33.83 -16.06
N LEU H 311 101.11 34.87 -15.38
CA LEU H 311 101.28 34.79 -13.93
C LEU H 311 99.94 34.49 -13.27
N GLN H 312 99.97 33.61 -12.28
CA GLN H 312 98.74 33.24 -11.59
C GLN H 312 98.27 34.40 -10.72
N ASP H 313 97.04 34.27 -10.22
CA ASP H 313 96.34 35.37 -9.57
C ASP H 313 97.16 35.97 -8.43
N ARG H 314 97.57 37.23 -8.60
CA ARG H 314 98.27 37.95 -7.53
C ARG H 314 97.29 38.60 -6.55
N LEU H 315 96.04 38.80 -6.95
CA LEU H 315 95.04 39.41 -6.09
C LEU H 315 94.23 38.39 -5.31
N ASN H 316 94.29 37.11 -5.69
CA ASN H 316 93.58 36.05 -5.00
C ASN H 316 92.08 36.36 -4.91
N LEU H 317 91.50 36.68 -6.07
CA LEU H 317 90.10 37.07 -6.10
C LEU H 317 89.18 35.95 -5.63
N HIS H 318 89.66 34.70 -5.61
CA HIS H 318 88.91 33.62 -5.00
C HIS H 318 88.87 33.73 -3.49
N ASP H 319 89.66 34.60 -2.88
CA ASP H 319 89.77 34.73 -1.43
C ASP H 319 89.19 36.07 -0.99
N ASN H 320 87.98 36.04 -0.45
CA ASN H 320 87.35 37.20 0.19
C ASN H 320 86.88 38.24 -0.83
N PHE H 321 86.57 37.82 -2.06
CA PHE H 321 85.90 38.66 -3.05
C PHE H 321 84.73 37.84 -3.57
N GLU H 322 83.61 37.89 -2.84
CA GLU H 322 82.47 37.04 -3.18
C GLU H 322 81.83 37.46 -4.50
N SER H 323 81.57 38.76 -4.66
CA SER H 323 80.88 39.24 -5.85
C SER H 323 81.77 39.15 -7.09
N LEU H 324 83.03 39.59 -6.96
CA LEU H 324 83.93 39.51 -8.10
C LEU H 324 84.17 38.07 -8.51
N TRP H 325 84.34 37.18 -7.54
CA TRP H 325 84.53 35.77 -7.87
C TRP H 325 83.29 35.17 -8.50
N ASP H 326 82.11 35.57 -8.03
CA ASP H 326 80.87 35.12 -8.65
C ASP H 326 80.82 35.54 -10.12
N THR H 327 81.19 36.79 -10.39
CA THR H 327 81.22 37.27 -11.78
C THR H 327 82.24 36.49 -12.61
N ILE H 328 83.42 36.25 -12.05
CA ILE H 328 84.45 35.51 -12.77
C ILE H 328 83.98 34.11 -13.12
N THR H 329 83.36 33.42 -12.15
CA THR H 329 82.89 32.06 -12.39
C THR H 329 81.73 32.05 -13.39
N THR H 330 80.86 33.06 -13.34
CA THR H 330 79.78 33.15 -14.32
C THR H 330 80.34 33.32 -15.74
N SER H 331 81.33 34.21 -15.88
CA SER H 331 81.93 34.43 -17.19
C SER H 331 82.61 33.17 -17.70
N ASN H 332 83.35 32.49 -16.82
CA ASN H 332 84.00 31.25 -17.22
C ASN H 332 82.98 30.17 -17.56
N TYR H 333 81.86 30.14 -16.84
CA TYR H 333 80.81 29.18 -17.13
C TYR H 333 80.22 29.41 -18.50
N ILE H 334 79.95 30.67 -18.86
CA ILE H 334 79.41 30.97 -20.18
C ILE H 334 80.43 30.59 -21.25
N LEU H 335 81.70 30.93 -21.03
CA LEU H 335 82.73 30.60 -22.00
C LEU H 335 82.84 29.09 -22.20
N ALA H 336 82.79 28.33 -21.11
CA ALA H 336 82.86 26.88 -21.20
C ALA H 336 81.63 26.31 -21.90
N ARG H 337 80.45 26.86 -21.62
CA ARG H 337 79.25 26.42 -22.32
C ARG H 337 79.42 26.60 -23.83
N SER H 338 80.06 27.70 -24.24
CA SER H 338 80.19 27.95 -25.67
C SER H 338 81.08 26.93 -26.37
N VAL H 339 81.87 26.14 -25.65
CA VAL H 339 82.85 25.25 -26.24
C VAL H 339 82.56 23.78 -25.97
N VAL H 340 81.57 23.45 -25.16
CA VAL H 340 81.25 22.03 -24.95
C VAL H 340 80.58 21.48 -26.20
N PRO H 341 80.99 20.30 -26.70
CA PRO H 341 80.40 19.80 -27.95
C PRO H 341 78.92 19.49 -27.80
N ASP H 342 78.22 19.49 -28.93
CA ASP H 342 76.82 19.11 -28.98
C ASP H 342 76.69 17.60 -29.16
N LEU H 343 75.79 16.99 -28.41
CA LEU H 343 75.58 15.56 -28.50
C LEU H 343 75.00 15.18 -29.86
N LYS H 344 75.27 13.95 -30.28
CA LYS H 344 74.87 13.46 -31.60
C LYS H 344 74.17 12.13 -31.47
N GLU H 345 73.27 11.86 -32.41
CA GLU H 345 72.63 10.55 -32.57
C GLU H 345 72.03 10.07 -31.25
N LEU H 346 71.27 10.95 -30.61
CA LEU H 346 70.62 10.60 -29.35
C LEU H 346 69.46 9.63 -29.62
N VAL H 347 69.05 8.92 -28.56
CA VAL H 347 67.93 8.02 -28.67
C VAL H 347 66.67 8.82 -29.00
N SER H 348 65.79 8.21 -29.81
CA SER H 348 64.55 8.87 -30.19
C SER H 348 63.74 9.22 -28.95
N THR H 349 63.28 10.47 -28.89
CA THR H 349 62.49 10.90 -27.73
C THR H 349 61.15 10.17 -27.69
N GLU H 350 60.55 9.93 -28.85
CA GLU H 350 59.27 9.22 -28.88
C GLU H 350 59.42 7.81 -28.31
N ALA H 351 60.41 7.07 -28.79
CA ALA H 351 60.59 5.68 -28.35
C ALA H 351 60.89 5.61 -26.86
N GLN H 352 61.82 6.44 -26.39
CA GLN H 352 62.19 6.41 -24.98
C GLN H 352 61.02 6.85 -24.09
N ILE H 353 60.27 7.87 -24.53
CA ILE H 353 59.14 8.34 -23.75
C ILE H 353 58.07 7.25 -23.64
N GLN H 354 57.78 6.58 -24.76
CA GLN H 354 56.81 5.50 -24.71
C GLN H 354 57.29 4.35 -23.83
N LYS H 355 58.58 4.03 -23.92
CA LYS H 355 59.14 2.98 -23.06
C LYS H 355 58.98 3.34 -21.60
N MET H 356 59.31 4.57 -21.24
CA MET H 356 59.21 5.00 -19.84
C MET H 356 57.76 5.01 -19.37
N SER H 357 56.85 5.48 -20.22
CA SER H 357 55.43 5.48 -19.86
C SER H 357 54.93 4.06 -19.62
N GLN H 358 55.31 3.12 -20.50
CA GLN H 358 54.89 1.74 -20.32
C GLN H 358 55.47 1.15 -19.04
N ASP H 359 56.75 1.40 -18.78
CA ASP H 359 57.42 0.76 -17.66
C ASP H 359 57.05 1.38 -16.32
N LEU H 360 56.58 2.62 -16.31
CA LEU H 360 56.21 3.28 -15.06
C LEU H 360 54.74 3.10 -14.71
N GLN H 361 53.87 2.94 -15.71
CA GLN H 361 52.44 2.77 -15.47
C GLN H 361 51.90 3.87 -14.56
N LEU H 362 52.15 5.11 -14.95
CA LEU H 362 51.83 6.24 -14.09
C LEU H 362 50.32 6.44 -13.95
N GLU H 363 49.57 6.12 -15.00
CA GLU H 363 48.13 6.36 -14.95
C GLU H 363 47.47 5.57 -13.83
N ALA H 364 47.89 4.32 -13.62
CA ALA H 364 47.27 3.50 -12.59
C ALA H 364 47.52 4.07 -11.19
N LEU H 365 48.62 4.81 -11.01
CA LEU H 365 48.92 5.40 -9.72
C LEU H 365 47.93 6.52 -9.41
N THR H 366 48.11 7.14 -8.25
CA THR H 366 47.29 8.24 -7.78
C THR H 366 48.14 9.49 -7.55
N ILE H 367 49.04 9.77 -8.47
CA ILE H 367 49.99 10.88 -8.32
C ILE H 367 49.32 12.17 -8.78
N GLN H 368 49.35 13.19 -7.92
CA GLN H 368 48.76 14.47 -8.28
C GLN H 368 49.45 15.08 -9.50
N SER H 369 50.74 14.80 -9.67
CA SER H 369 51.52 15.29 -10.81
C SER H 369 51.55 14.19 -11.87
N GLU H 370 50.55 14.20 -12.75
CA GLU H 370 50.46 13.22 -13.82
C GLU H 370 51.25 13.66 -15.05
N THR H 371 50.93 14.84 -15.59
CA THR H 371 51.62 15.33 -16.78
C THR H 371 53.08 15.66 -16.46
N GLN H 372 53.34 16.18 -15.27
CA GLN H 372 54.67 16.70 -14.94
C GLN H 372 55.74 15.62 -14.91
N PHE H 373 55.35 14.35 -14.79
CA PHE H 373 56.34 13.31 -14.51
C PHE H 373 57.35 13.18 -15.64
N LEU H 374 56.88 13.07 -16.89
CA LEU H 374 57.75 12.85 -18.04
C LEU H 374 58.02 14.12 -18.82
N THR H 375 57.56 15.27 -18.35
CA THR H 375 57.86 16.53 -19.02
C THR H 375 59.31 16.91 -18.79
N GLY H 376 59.87 17.66 -19.73
CA GLY H 376 61.26 18.05 -19.68
C GLY H 376 62.23 17.02 -20.21
N ILE H 377 61.75 15.90 -20.76
CA ILE H 377 62.60 14.87 -21.30
C ILE H 377 62.63 15.06 -22.82
N ASN H 378 63.72 15.64 -23.31
CA ASN H 378 63.91 15.87 -24.73
C ASN H 378 65.40 15.99 -25.00
N SER H 379 65.76 15.98 -26.29
CA SER H 379 67.16 16.07 -26.66
C SER H 379 67.76 17.41 -26.26
N GLN H 380 66.97 18.47 -26.34
CA GLN H 380 67.45 19.79 -25.94
C GLN H 380 67.85 19.80 -24.48
N ALA H 381 67.03 19.20 -23.62
CA ALA H 381 67.36 19.12 -22.20
C ALA H 381 68.63 18.30 -21.97
N ALA H 382 68.81 17.23 -22.74
CA ALA H 382 70.02 16.42 -22.59
C ALA H 382 71.27 17.21 -22.96
N ASN H 383 71.21 17.94 -24.07
CA ASN H 383 72.35 18.77 -24.47
C ASN H 383 72.60 19.86 -23.42
N ASP H 384 71.53 20.45 -22.91
CA ASP H 384 71.67 21.48 -21.87
C ASP H 384 72.34 20.91 -20.63
N CYS H 385 71.97 19.69 -20.23
CA CYS H 385 72.59 19.06 -19.07
C CYS H 385 74.07 18.81 -19.32
N PHE H 386 74.40 18.25 -20.49
CA PHE H 386 75.80 17.99 -20.81
C PHE H 386 76.62 19.28 -20.71
N LYS H 387 76.14 20.34 -21.37
CA LYS H 387 76.85 21.61 -21.36
C LYS H 387 76.94 22.18 -19.95
N THR H 388 75.84 22.12 -19.19
CA THR H 388 75.83 22.70 -17.86
C THR H 388 76.83 21.99 -16.95
N LEU H 389 76.83 20.66 -16.97
CA LEU H 389 77.74 19.92 -16.11
C LEU H 389 79.19 20.22 -16.47
N ILE H 390 79.54 20.11 -17.75
CA ILE H 390 80.94 20.28 -18.11
C ILE H 390 81.39 21.72 -17.87
N ALA H 391 80.55 22.69 -18.25
CA ALA H 391 80.91 24.09 -18.06
C ALA H 391 81.03 24.44 -16.59
N ALA H 392 80.12 23.95 -15.75
CA ALA H 392 80.18 24.24 -14.32
C ALA H 392 81.43 23.65 -13.70
N MET H 393 81.79 22.43 -14.09
CA MET H 393 83.02 21.85 -13.57
C MET H 393 84.24 22.62 -14.05
N LEU H 394 84.24 23.04 -15.31
CA LEU H 394 85.38 23.79 -15.84
C LEU H 394 85.53 25.13 -15.13
N SER H 395 84.43 25.84 -14.90
CA SER H 395 84.46 27.16 -14.28
C SER H 395 84.41 27.10 -12.76
N GLN H 396 84.19 25.93 -12.18
CA GLN H 396 84.04 25.80 -10.73
C GLN H 396 82.96 26.74 -10.21
N ARG H 397 81.87 26.83 -10.96
CA ARG H 397 80.70 27.59 -10.56
C ARG H 397 79.74 26.66 -9.83
N THR H 398 79.32 27.07 -8.64
CA THR H 398 78.44 26.22 -7.85
C THR H 398 77.12 26.00 -8.57
N MET H 399 76.58 24.79 -8.44
CA MET H 399 75.33 24.40 -9.06
C MET H 399 74.27 24.15 -7.99
N SER H 400 73.02 24.45 -8.34
CA SER H 400 71.88 24.13 -7.50
C SER H 400 71.03 23.10 -8.21
N LEU H 401 70.46 22.18 -7.43
CA LEU H 401 69.60 21.14 -7.95
C LEU H 401 68.15 21.57 -7.81
N ASP H 402 67.40 21.51 -8.90
CA ASP H 402 66.00 21.90 -8.93
C ASP H 402 65.20 20.69 -9.38
N PHE H 403 64.41 20.12 -8.46
CA PHE H 403 63.69 18.90 -8.74
C PHE H 403 62.39 18.87 -7.95
N VAL H 404 61.47 18.03 -8.39
CA VAL H 404 60.23 17.76 -7.68
C VAL H 404 60.40 16.44 -6.94
N THR H 405 60.16 16.46 -5.63
CA THR H 405 60.40 15.27 -4.82
C THR H 405 59.51 14.12 -5.25
N THR H 406 58.26 14.41 -5.65
CA THR H 406 57.36 13.35 -6.07
C THR H 406 57.82 12.67 -7.35
N ASN H 407 58.71 13.30 -8.12
CA ASN H 407 59.22 12.71 -9.36
C ASN H 407 60.43 11.85 -9.00
N TYR H 408 60.17 10.57 -8.72
CA TYR H 408 61.25 9.68 -8.32
C TYR H 408 62.16 9.31 -9.49
N MET H 409 61.72 9.49 -10.73
CA MET H 409 62.61 9.31 -11.86
C MET H 409 63.72 10.35 -11.85
N SER H 410 63.38 11.59 -11.49
CA SER H 410 64.40 12.62 -11.33
C SER H 410 65.39 12.25 -10.24
N LEU H 411 64.92 11.66 -9.15
CA LEU H 411 65.81 11.26 -8.08
C LEU H 411 66.70 10.10 -8.52
N ILE H 412 66.15 9.16 -9.28
CA ILE H 412 66.96 8.06 -9.79
C ILE H 412 68.07 8.59 -10.68
N SER H 413 67.74 9.56 -11.55
CA SER H 413 68.78 10.21 -12.35
C SER H 413 69.77 10.96 -11.47
N GLY H 414 69.28 11.60 -10.41
CA GLY H 414 70.17 12.30 -9.51
C GLY H 414 71.14 11.38 -8.82
N MET H 415 70.79 10.10 -8.66
CA MET H 415 71.74 9.14 -8.14
C MET H 415 72.97 9.04 -9.05
N TRP H 416 72.75 8.91 -10.36
CA TRP H 416 73.87 8.91 -11.30
C TRP H 416 74.61 10.24 -11.26
N LEU H 417 73.86 11.35 -11.18
CA LEU H 417 74.48 12.66 -11.13
C LEU H 417 75.44 12.76 -9.95
N LEU H 418 74.99 12.36 -8.76
CA LEU H 418 75.85 12.40 -7.59
C LEU H 418 76.98 11.40 -7.68
N THR H 419 76.78 10.30 -8.42
CA THR H 419 77.86 9.35 -8.63
C THR H 419 79.00 9.99 -9.44
N VAL H 420 78.66 10.68 -10.53
CA VAL H 420 79.69 11.11 -11.47
C VAL H 420 80.20 12.52 -11.16
N VAL H 421 79.33 13.45 -10.80
CA VAL H 421 79.74 14.83 -10.54
C VAL H 421 80.19 14.93 -9.09
N PRO H 422 81.38 15.48 -8.80
CA PRO H 422 81.80 15.60 -7.40
C PRO H 422 80.80 16.38 -6.57
N ASN H 423 80.57 15.93 -5.34
CA ASN H 423 79.51 16.49 -4.51
C ASN H 423 79.82 17.89 -4.02
N ASP H 424 81.06 18.36 -4.13
CA ASP H 424 81.39 19.73 -3.76
C ASP H 424 81.04 20.73 -4.86
N MET H 425 80.61 20.25 -6.03
CA MET H 425 80.19 21.14 -7.10
C MET H 425 78.78 21.69 -6.90
N PHE H 426 78.09 21.26 -5.85
CA PHE H 426 76.73 21.68 -5.58
C PHE H 426 76.67 22.45 -4.26
N ILE H 427 75.83 23.49 -4.22
CA ILE H 427 75.60 24.18 -2.96
C ILE H 427 75.09 23.19 -1.93
N ARG H 428 75.56 23.33 -0.69
CA ARG H 428 75.32 22.32 0.33
C ARG H 428 73.84 22.03 0.49
N GLU H 429 73.00 23.07 0.47
CA GLU H 429 71.57 22.87 0.68
C GLU H 429 70.96 22.00 -0.42
N SER H 430 71.34 22.24 -1.68
CA SER H 430 70.79 21.45 -2.77
C SER H 430 71.24 20.00 -2.70
N LEU H 431 72.52 19.78 -2.40
CA LEU H 431 73.01 18.41 -2.28
C LEU H 431 72.30 17.70 -1.13
N VAL H 432 72.11 18.38 -0.01
CA VAL H 432 71.42 17.79 1.13
C VAL H 432 69.98 17.46 0.76
N ALA H 433 69.31 18.37 0.05
CA ALA H 433 67.93 18.13 -0.34
C ALA H 433 67.82 16.93 -1.27
N CYS H 434 68.69 16.85 -2.27
CA CYS H 434 68.65 15.74 -3.21
C CYS H 434 68.93 14.42 -2.51
N GLN H 435 69.97 14.40 -1.67
CA GLN H 435 70.33 13.16 -0.98
C GLN H 435 69.22 12.74 -0.01
N LEU H 436 68.63 13.69 0.70
CA LEU H 436 67.56 13.37 1.64
C LEU H 436 66.32 12.86 0.90
N ALA H 437 66.01 13.46 -0.25
CA ALA H 437 64.89 12.97 -1.04
C ALA H 437 65.15 11.54 -1.51
N ILE H 438 66.36 11.27 -1.98
CA ILE H 438 66.70 9.91 -2.41
C ILE H 438 66.60 8.94 -1.24
N ILE H 439 67.12 9.33 -0.08
CA ILE H 439 67.13 8.44 1.08
C ILE H 439 65.71 8.15 1.55
N ASN H 440 64.89 9.19 1.71
CA ASN H 440 63.57 9.03 2.29
C ASN H 440 62.51 8.62 1.29
N THR H 441 62.82 8.62 0.00
CA THR H 441 61.87 8.19 -1.02
C THR H 441 62.21 6.84 -1.64
N ILE H 442 63.49 6.46 -1.66
CA ILE H 442 63.92 5.27 -2.38
C ILE H 442 64.66 4.30 -1.46
N ILE H 443 65.76 4.75 -0.87
CA ILE H 443 66.72 3.83 -0.27
C ILE H 443 66.22 3.30 1.08
N TYR H 444 66.00 4.19 2.05
CA TYR H 444 65.50 3.74 3.34
C TYR H 444 64.16 3.03 3.22
N PRO H 445 63.18 3.53 2.46
CA PRO H 445 61.96 2.74 2.23
C PRO H 445 62.23 1.37 1.63
N ALA H 446 63.23 1.26 0.75
CA ALA H 446 63.54 -0.03 0.14
C ALA H 446 63.96 -1.05 1.19
N PHE H 447 64.76 -0.63 2.17
CA PHE H 447 65.26 -1.52 3.20
C PHE H 447 64.39 -1.54 4.44
N GLY H 448 63.22 -0.92 4.39
CA GLY H 448 62.33 -0.91 5.54
C GLY H 448 62.90 -0.19 6.75
N MET H 449 63.67 0.86 6.53
CA MET H 449 64.27 1.64 7.60
C MET H 449 63.44 2.89 7.88
N GLN H 450 63.40 3.27 9.14
CA GLN H 450 62.70 4.50 9.51
C GLN H 450 63.29 5.67 8.75
N ARG H 451 62.41 6.51 8.19
CA ARG H 451 62.86 7.63 7.37
C ARG H 451 63.83 8.51 8.16
N MET H 452 64.92 8.87 7.51
CA MET H 452 65.96 9.65 8.18
C MET H 452 65.40 10.99 8.64
N HIS H 453 65.64 11.33 9.90
CA HIS H 453 65.29 12.64 10.43
C HIS H 453 66.52 13.55 10.39
N TYR H 454 66.89 13.93 9.17
CA TYR H 454 68.07 14.74 8.97
C TYR H 454 67.87 16.13 9.55
N ARG H 455 68.94 16.66 10.15
CA ARG H 455 68.94 17.98 10.76
C ARG H 455 69.95 18.84 10.03
N ASN H 456 69.49 19.96 9.47
CA ASN H 456 70.36 20.83 8.71
C ASN H 456 71.41 21.46 9.60
N GLY H 457 72.57 21.74 9.01
CA GLY H 457 73.74 22.13 9.76
C GLY H 457 74.57 20.98 10.24
N ASP H 458 74.12 19.74 10.02
CA ASP H 458 74.90 18.58 10.40
C ASP H 458 76.18 18.53 9.58
N PRO H 459 77.34 18.30 10.20
CA PRO H 459 78.56 18.14 9.39
C PRO H 459 78.51 16.95 8.45
N GLN H 460 77.63 15.99 8.69
CA GLN H 460 77.48 14.81 7.85
C GLN H 460 76.30 14.99 6.91
N THR H 461 76.51 14.68 5.63
CA THR H 461 75.42 14.69 4.67
C THR H 461 74.52 13.48 4.88
N PRO H 462 73.30 13.51 4.36
CA PRO H 462 72.41 12.35 4.55
C PRO H 462 73.00 11.06 4.02
N PHE H 463 73.72 11.11 2.90
CA PHE H 463 74.35 9.90 2.37
C PHE H 463 75.45 9.40 3.28
N GLN H 464 76.13 10.31 3.99
CA GLN H 464 77.17 9.88 4.93
C GLN H 464 76.57 9.12 6.10
N ILE H 465 75.42 9.57 6.60
CA ILE H 465 74.70 8.82 7.63
C ILE H 465 74.22 7.48 7.08
N ALA H 466 73.69 7.50 5.86
CA ALA H 466 73.14 6.29 5.27
C ALA H 466 74.23 5.22 5.09
N GLU H 467 75.41 5.64 4.66
CA GLU H 467 76.50 4.69 4.44
C GLU H 467 76.80 3.91 5.70
N GLN H 468 76.74 4.57 6.86
CA GLN H 468 76.96 3.87 8.12
C GLN H 468 75.73 3.05 8.52
N GLN H 469 74.53 3.55 8.23
CA GLN H 469 73.32 2.92 8.72
C GLN H 469 72.80 1.79 7.84
N ILE H 470 73.35 1.59 6.64
CA ILE H 470 72.89 0.55 5.72
C ILE H 470 73.95 -0.55 5.66
N GLN H 471 73.52 -1.78 5.94
CA GLN H 471 74.45 -2.91 5.95
C GLN H 471 74.68 -3.49 4.56
N ASN H 472 73.72 -3.35 3.65
CA ASN H 472 73.86 -3.92 2.32
C ASN H 472 75.12 -3.41 1.66
N PHE H 473 75.90 -4.32 1.08
CA PHE H 473 77.23 -3.96 0.58
C PHE H 473 77.16 -3.16 -0.71
N GLN H 474 76.25 -3.49 -1.62
CA GLN H 474 76.18 -2.76 -2.88
C GLN H 474 75.81 -1.30 -2.66
N VAL H 475 74.71 -1.07 -1.95
CA VAL H 475 74.27 0.29 -1.69
C VAL H 475 75.27 1.02 -0.80
N ALA H 476 75.84 0.32 0.18
CA ALA H 476 76.83 0.94 1.05
C ALA H 476 78.07 1.36 0.27
N ASN H 477 78.54 0.53 -0.65
CA ASN H 477 79.71 0.89 -1.45
C ASN H 477 79.41 2.06 -2.37
N TRP H 478 78.24 2.07 -2.99
CA TRP H 478 77.88 3.22 -3.83
C TRP H 478 77.80 4.49 -2.99
N LEU H 479 77.21 4.41 -1.80
CA LEU H 479 77.13 5.57 -0.93
C LEU H 479 78.51 6.03 -0.50
N HIS H 480 79.41 5.09 -0.22
CA HIS H 480 80.77 5.45 0.16
C HIS H 480 81.46 6.23 -0.96
N PHE H 481 81.36 5.72 -2.19
CA PHE H 481 81.95 6.44 -3.31
C PHE H 481 81.35 7.82 -3.45
N VAL H 482 80.02 7.91 -3.39
CA VAL H 482 79.37 9.21 -3.56
C VAL H 482 79.79 10.18 -2.47
N ASN H 483 80.02 9.66 -1.26
CA ASN H 483 80.45 10.50 -0.16
C ASN H 483 81.88 10.99 -0.36
N ASN H 484 82.72 10.19 -1.01
CA ASN H 484 84.14 10.50 -1.12
C ASN H 484 84.59 10.86 -2.53
N ASN H 485 83.66 11.15 -3.45
CA ASN H 485 84.04 11.47 -4.83
C ASN H 485 84.18 12.97 -5.05
N GLN H 486 84.92 13.64 -4.17
CA GLN H 486 85.18 15.05 -4.37
C GLN H 486 86.28 15.25 -5.41
N PHE H 487 86.43 16.50 -5.84
CA PHE H 487 87.53 16.84 -6.74
C PHE H 487 88.87 16.65 -6.03
N ARG H 488 89.86 16.21 -6.80
CA ARG H 488 91.24 16.19 -6.34
C ARG H 488 91.99 17.37 -6.96
N GLN H 489 92.91 17.95 -6.20
CA GLN H 489 93.64 19.13 -6.64
C GLN H 489 95.04 18.71 -7.07
N VAL H 490 95.42 19.08 -8.29
CA VAL H 490 96.75 18.77 -8.80
C VAL H 490 97.23 19.93 -9.67
N VAL H 491 98.51 20.26 -9.57
CA VAL H 491 99.09 21.36 -10.32
C VAL H 491 99.80 20.78 -11.54
N ILE H 492 99.29 21.12 -12.73
CA ILE H 492 99.86 20.68 -14.00
C ILE H 492 100.36 21.92 -14.73
N ASP H 493 101.64 21.91 -15.09
CA ASP H 493 102.26 23.02 -15.82
C ASP H 493 102.04 24.34 -15.11
N GLY H 494 102.08 24.31 -13.77
CA GLY H 494 101.92 25.52 -12.99
C GLY H 494 100.50 26.00 -12.84
N VAL H 495 99.52 25.22 -13.27
CA VAL H 495 98.11 25.59 -13.19
C VAL H 495 97.42 24.60 -12.25
N LEU H 496 96.73 25.13 -11.25
CA LEU H 496 95.92 24.29 -10.38
C LEU H 496 94.72 23.76 -11.15
N ASN H 497 94.45 22.47 -11.02
CA ASN H 497 93.39 21.79 -11.76
C ASN H 497 92.61 20.89 -10.81
N GLN H 498 91.31 20.84 -11.03
CA GLN H 498 90.39 19.98 -10.30
C GLN H 498 90.13 18.76 -11.18
N VAL H 499 90.57 17.59 -10.71
CA VAL H 499 90.55 16.37 -11.48
C VAL H 499 89.65 15.36 -10.78
N LEU H 500 89.17 14.39 -11.56
CA LEU H 500 88.20 13.42 -11.11
C LEU H 500 88.88 12.14 -10.65
N ASN H 501 88.14 11.35 -9.89
CA ASN H 501 88.58 10.01 -9.53
C ASN H 501 88.73 9.18 -10.80
N ASP H 502 89.74 8.32 -10.82
CA ASP H 502 89.99 7.50 -12.01
C ASP H 502 88.80 6.63 -12.36
N ASN H 503 87.98 6.26 -11.36
CA ASN H 503 86.80 5.45 -11.63
C ASN H 503 85.74 6.22 -12.39
N ILE H 504 85.67 7.54 -12.20
CA ILE H 504 84.78 8.36 -13.02
C ILE H 504 85.32 8.45 -14.44
N ARG H 505 86.64 8.60 -14.58
CA ARG H 505 87.23 8.79 -15.90
C ARG H 505 86.98 7.59 -16.80
N ASN H 506 87.14 6.38 -16.28
CA ASN H 506 86.91 5.17 -17.04
C ASN H 506 85.47 4.67 -16.93
N GLY H 507 84.63 5.33 -16.14
CA GLY H 507 83.25 4.97 -16.04
C GLY H 507 82.96 3.72 -15.26
N HIS H 508 83.94 3.19 -14.53
CA HIS H 508 83.73 1.92 -13.84
C HIS H 508 82.81 2.07 -12.63
N VAL H 509 82.73 3.26 -12.04
CA VAL H 509 81.87 3.45 -10.88
C VAL H 509 80.40 3.35 -11.27
N VAL H 510 80.10 3.52 -12.55
CA VAL H 510 78.73 3.32 -13.01
C VAL H 510 78.31 1.88 -12.79
N ASN H 511 79.27 0.95 -12.80
CA ASN H 511 78.96 -0.43 -12.46
C ASN H 511 78.49 -0.56 -11.02
N GLN H 512 79.15 0.14 -10.10
CA GLN H 512 78.71 0.11 -8.70
C GLN H 512 77.35 0.76 -8.54
N LEU H 513 77.12 1.85 -9.28
CA LEU H 513 75.79 2.48 -9.27
C LEU H 513 74.74 1.49 -9.76
N MET H 514 75.05 0.75 -10.82
CA MET H 514 74.15 -0.25 -11.35
C MET H 514 73.89 -1.36 -10.33
N GLU H 515 74.93 -1.77 -9.62
CA GLU H 515 74.78 -2.80 -8.60
C GLU H 515 73.83 -2.33 -7.51
N ALA H 516 74.01 -1.09 -7.05
CA ALA H 516 73.12 -0.54 -6.02
C ALA H 516 71.69 -0.44 -6.54
N LEU H 517 71.52 0.02 -7.78
CA LEU H 517 70.19 0.12 -8.35
C LEU H 517 69.52 -1.24 -8.48
N MET H 518 70.28 -2.26 -8.90
CA MET H 518 69.73 -3.60 -9.02
C MET H 518 69.31 -4.13 -7.65
N GLN H 519 70.13 -3.90 -6.63
CA GLN H 519 69.74 -4.29 -5.27
C GLN H 519 68.46 -3.59 -4.86
N LEU H 520 68.36 -2.28 -5.11
CA LEU H 520 67.16 -1.54 -4.75
C LEU H 520 65.93 -2.09 -5.47
N SER H 521 66.07 -2.43 -6.75
CA SER H 521 64.97 -3.03 -7.48
C SER H 521 64.59 -4.41 -6.94
N ARG H 522 65.55 -5.13 -6.35
CA ARG H 522 65.24 -6.40 -5.72
C ARG H 522 64.65 -6.26 -4.33
N GLN H 523 64.65 -5.07 -3.75
CA GLN H 523 64.16 -4.89 -2.39
C GLN H 523 62.64 -5.00 -2.34
N GLN H 524 62.12 -5.23 -1.13
CA GLN H 524 60.70 -5.49 -0.94
C GLN H 524 59.89 -4.23 -0.66
N PHE H 525 60.50 -3.17 -0.14
CA PHE H 525 59.77 -1.98 0.28
C PHE H 525 58.63 -2.43 1.19
N PRO H 526 58.93 -2.84 2.42
CA PRO H 526 57.93 -3.55 3.24
C PRO H 526 56.54 -2.92 3.26
N THR H 527 56.41 -1.66 3.68
CA THR H 527 55.11 -1.04 3.89
C THR H 527 54.62 -0.21 2.72
N MET H 528 55.35 -0.20 1.61
CA MET H 528 54.94 0.63 0.48
C MET H 528 53.78 -0.01 -0.27
N PRO H 529 52.82 0.77 -0.76
CA PRO H 529 51.81 0.22 -1.67
C PRO H 529 52.46 -0.43 -2.89
N VAL H 530 51.87 -1.54 -3.34
CA VAL H 530 52.55 -2.39 -4.31
C VAL H 530 52.62 -1.72 -5.68
N ASP H 531 51.60 -0.96 -6.07
CA ASP H 531 51.66 -0.30 -7.37
C ASP H 531 52.75 0.77 -7.41
N TYR H 532 52.83 1.60 -6.36
CA TYR H 532 53.91 2.57 -6.26
C TYR H 532 55.26 1.88 -6.16
N LYS H 533 55.33 0.78 -5.42
CA LYS H 533 56.57 0.01 -5.32
C LYS H 533 57.01 -0.48 -6.71
N ARG H 534 56.08 -1.03 -7.48
CA ARG H 534 56.42 -1.50 -8.82
C ARG H 534 56.87 -0.36 -9.70
N SER H 535 56.20 0.79 -9.62
CA SER H 535 56.60 1.93 -10.44
C SER H 535 58.01 2.38 -10.12
N ILE H 536 58.32 2.49 -8.82
CA ILE H 536 59.67 2.89 -8.42
C ILE H 536 60.69 1.86 -8.87
N GLN H 537 60.39 0.58 -8.68
CA GLN H 537 61.35 -0.47 -9.05
C GLN H 537 61.58 -0.48 -10.55
N ARG H 538 60.54 -0.25 -11.34
CA ARG H 538 60.69 -0.25 -12.78
C ARG H 538 61.40 1.00 -13.28
N GLY H 539 61.26 2.13 -12.58
CA GLY H 539 62.10 3.28 -12.90
C GLY H 539 63.56 3.03 -12.57
N ILE H 540 63.82 2.41 -11.42
CA ILE H 540 65.18 2.02 -11.07
C ILE H 540 65.76 1.12 -12.16
N LEU H 541 64.95 0.17 -12.64
CA LEU H 541 65.39 -0.69 -13.73
C LEU H 541 65.57 0.08 -15.02
N LEU H 542 64.73 1.09 -15.29
CA LEU H 542 64.93 1.93 -16.47
C LEU H 542 66.30 2.55 -16.46
N LEU H 543 66.73 3.08 -15.31
CA LEU H 543 68.07 3.66 -15.24
C LEU H 543 69.15 2.58 -15.28
N SER H 544 68.92 1.45 -14.63
CA SER H 544 69.98 0.44 -14.48
C SER H 544 70.22 -0.33 -15.77
N ASN H 545 69.19 -0.53 -16.58
CA ASN H 545 69.32 -1.26 -17.83
C ASN H 545 70.11 -0.48 -18.88
N ARG H 546 70.39 0.79 -18.63
CA ARG H 546 71.25 1.59 -19.49
C ARG H 546 72.67 1.64 -18.94
N LEU H 547 73.14 0.53 -18.37
CA LEU H 547 74.47 0.51 -17.77
C LEU H 547 75.54 0.86 -18.80
N GLY H 548 75.48 0.24 -19.97
CA GLY H 548 76.49 0.53 -20.98
C GLY H 548 76.43 1.96 -21.47
N GLN H 549 75.22 2.47 -21.70
CA GLN H 549 75.07 3.85 -22.14
C GLN H 549 75.56 4.82 -21.07
N LEU H 550 75.34 4.50 -19.79
CA LEU H 550 75.75 5.39 -18.72
C LEU H 550 77.26 5.34 -18.53
N VAL H 551 77.87 4.18 -18.69
CA VAL H 551 79.33 4.10 -18.65
C VAL H 551 79.91 4.93 -19.79
N ASP H 552 79.35 4.80 -20.99
CA ASP H 552 79.82 5.59 -22.12
C ASP H 552 79.64 7.08 -21.85
N LEU H 553 78.49 7.47 -21.30
CA LEU H 553 78.24 8.87 -21.00
C LEU H 553 79.21 9.40 -19.96
N THR H 554 79.49 8.63 -18.92
CA THR H 554 80.43 9.06 -17.90
C THR H 554 81.82 9.23 -18.49
N ARG H 555 82.25 8.28 -19.32
CA ARG H 555 83.56 8.39 -19.94
C ARG H 555 83.61 9.60 -20.88
N LEU H 556 82.55 9.83 -21.64
CA LEU H 556 82.51 10.97 -22.55
C LEU H 556 82.57 12.28 -21.79
N LEU H 557 81.79 12.38 -20.71
CA LEU H 557 81.79 13.60 -19.90
C LEU H 557 83.16 13.84 -19.29
N ALA H 558 83.78 12.79 -18.74
CA ALA H 558 85.09 12.95 -18.13
C ALA H 558 86.14 13.33 -19.17
N TYR H 559 86.11 12.70 -20.34
CA TYR H 559 87.08 13.02 -21.38
C TYR H 559 86.92 14.46 -21.85
N ASN H 560 85.69 14.89 -22.09
CA ASN H 560 85.47 16.27 -22.51
C ASN H 560 85.94 17.24 -21.44
N TYR H 561 85.66 16.93 -20.17
CA TYR H 561 86.11 17.78 -19.09
C TYR H 561 87.63 17.89 -19.06
N GLU H 562 88.33 16.76 -19.16
CA GLU H 562 89.79 16.80 -19.12
C GLU H 562 90.36 17.54 -20.32
N THR H 563 89.81 17.29 -21.51
CA THR H 563 90.34 17.92 -22.71
C THR H 563 90.15 19.43 -22.67
N LEU H 564 88.99 19.90 -22.20
CA LEU H 564 88.77 21.33 -22.11
C LEU H 564 89.52 21.95 -20.92
N MET H 565 89.77 21.16 -19.88
CA MET H 565 90.55 21.65 -18.75
C MET H 565 92.02 21.81 -19.12
N ALA H 566 92.48 21.05 -20.12
CA ALA H 566 93.83 21.25 -20.63
C ALA H 566 94.02 22.67 -21.16
N CYS H 567 92.94 23.33 -21.56
CA CYS H 567 92.99 24.66 -22.14
C CYS H 567 92.74 25.77 -21.13
N ILE H 568 92.80 25.46 -19.84
CA ILE H 568 92.62 26.45 -18.78
C ILE H 568 93.98 26.90 -18.29
N THR H 569 94.18 28.22 -18.19
CA THR H 569 95.45 28.80 -17.77
C THR H 569 95.42 29.31 -16.33
N MET H 570 94.29 29.83 -15.88
CA MET H 570 94.17 30.31 -14.51
C MET H 570 93.81 29.17 -13.57
N ASN H 571 94.26 29.28 -12.33
CA ASN H 571 94.06 28.22 -11.35
C ASN H 571 92.58 27.92 -11.18
N MET H 572 92.24 26.62 -11.19
CA MET H 572 90.86 26.17 -11.02
C MET H 572 90.50 26.21 -9.53
N GLN H 573 90.35 27.43 -9.03
CA GLN H 573 90.00 27.61 -7.63
C GLN H 573 88.55 27.23 -7.40
N HIS H 574 88.29 26.51 -6.31
CA HIS H 574 86.96 26.03 -5.97
C HIS H 574 86.43 26.83 -4.79
N VAL H 575 85.36 27.57 -5.01
CA VAL H 575 84.71 28.37 -3.97
C VAL H 575 83.21 28.26 -4.14
N GLN H 576 82.49 28.21 -3.03
CA GLN H 576 81.03 28.25 -3.07
C GLN H 576 80.58 29.67 -3.39
N THR H 577 79.96 29.85 -4.55
CA THR H 577 79.64 31.17 -5.06
C THR H 577 78.30 31.66 -4.53
N LEU H 578 78.10 32.98 -4.62
CA LEU H 578 76.86 33.59 -4.13
C LEU H 578 75.67 33.05 -4.91
N THR H 579 75.72 33.12 -6.23
CA THR H 579 74.69 32.59 -7.11
C THR H 579 75.18 31.29 -7.72
N THR H 580 74.23 30.43 -8.06
CA THR H 580 74.51 29.11 -8.59
C THR H 580 73.92 28.98 -9.99
N GLU H 581 74.22 27.85 -10.63
CA GLU H 581 73.57 27.47 -11.87
C GLU H 581 72.54 26.40 -11.55
N LYS H 582 71.29 26.65 -11.92
CA LYS H 582 70.20 25.73 -11.62
C LYS H 582 70.26 24.59 -12.63
N LEU H 583 70.49 23.37 -12.12
CA LEU H 583 70.51 22.17 -12.94
C LEU H 583 69.22 21.40 -12.65
N GLN H 584 68.34 21.33 -13.64
CA GLN H 584 67.11 20.54 -13.50
C GLN H 584 67.46 19.06 -13.51
N LEU H 585 66.94 18.32 -12.53
CA LEU H 585 67.12 16.88 -12.55
C LEU H 585 66.35 16.22 -13.69
N THR H 586 65.34 16.90 -14.23
CA THR H 586 64.69 16.42 -15.45
C THR H 586 65.65 16.46 -16.63
N SER H 587 66.52 17.47 -16.69
CA SER H 587 67.56 17.50 -17.71
C SER H 587 68.56 16.37 -17.51
N VAL H 588 68.85 16.04 -16.25
CA VAL H 588 69.71 14.90 -15.97
C VAL H 588 69.06 13.62 -16.45
N THR H 589 67.75 13.48 -16.23
CA THR H 589 67.03 12.32 -16.75
C THR H 589 67.09 12.29 -18.28
N SER H 590 66.95 13.45 -18.91
CA SER H 590 67.07 13.52 -20.36
C SER H 590 68.42 12.98 -20.82
N LEU H 591 69.50 13.47 -20.20
CA LEU H 591 70.83 13.05 -20.61
C LEU H 591 71.04 11.56 -20.36
N CYS H 592 70.52 11.05 -19.23
CA CYS H 592 70.74 9.65 -18.90
C CYS H 592 69.91 8.71 -19.76
N MET H 593 68.74 9.15 -20.22
CA MET H 593 67.84 8.29 -20.96
C MET H 593 67.96 8.43 -22.47
N LEU H 594 68.54 9.53 -22.97
CA LEU H 594 68.60 9.78 -24.40
C LEU H 594 70.00 9.67 -24.99
N ILE H 595 71.03 9.51 -24.17
CA ILE H 595 72.39 9.43 -24.69
C ILE H 595 72.56 8.15 -25.47
N GLY H 596 73.17 8.24 -26.65
CA GLY H 596 73.44 7.11 -27.51
C GLY H 596 74.87 6.62 -27.35
N ASN H 597 75.46 6.22 -28.47
CA ASN H 597 76.84 5.75 -28.51
C ASN H 597 77.67 6.53 -29.52
N ALA H 598 77.33 7.79 -29.76
CA ALA H 598 78.05 8.64 -30.68
C ALA H 598 79.02 9.50 -29.88
N THR H 599 80.31 9.24 -30.03
CA THR H 599 81.32 10.01 -29.33
C THR H 599 81.42 11.41 -29.93
N VAL H 600 81.36 12.42 -29.08
CA VAL H 600 81.55 13.81 -29.48
C VAL H 600 82.67 14.37 -28.60
N ILE H 601 83.73 14.84 -29.24
CA ILE H 601 84.87 15.40 -28.52
C ILE H 601 85.12 16.79 -29.07
N PRO H 602 85.74 17.67 -28.29
CA PRO H 602 85.99 19.04 -28.77
C PRO H 602 86.83 19.03 -30.03
N SER H 603 86.46 19.89 -30.98
CA SER H 603 87.24 20.03 -32.20
C SER H 603 88.60 20.64 -31.86
N PRO H 604 89.64 20.32 -32.62
CA PRO H 604 90.94 20.97 -32.36
C PRO H 604 90.86 22.47 -32.48
N GLN H 605 90.06 22.98 -33.42
CA GLN H 605 89.85 24.42 -33.52
C GLN H 605 89.07 24.94 -32.33
N THR H 606 88.09 24.18 -31.85
CA THR H 606 87.39 24.58 -30.63
C THR H 606 88.33 24.63 -29.44
N LEU H 607 89.20 23.63 -29.31
CA LEU H 607 90.17 23.64 -28.22
C LEU H 607 91.10 24.84 -28.33
N PHE H 608 91.58 25.13 -29.54
CA PHE H 608 92.48 26.26 -29.71
C PHE H 608 91.76 27.58 -29.42
N HIS H 609 90.50 27.70 -29.83
CA HIS H 609 89.74 28.91 -29.54
C HIS H 609 89.55 29.09 -28.04
N TYR H 610 89.20 28.01 -27.33
CA TYR H 610 89.03 28.10 -25.89
C TYR H 610 90.33 28.47 -25.20
N TYR H 611 91.43 27.83 -25.61
CA TYR H 611 92.74 28.14 -25.06
C TYR H 611 93.13 29.59 -25.32
N ASN H 612 92.84 30.08 -26.53
CA ASN H 612 93.19 31.45 -26.87
C ASN H 612 92.37 32.45 -26.07
N VAL H 613 91.08 32.19 -25.88
CA VAL H 613 90.27 33.08 -25.08
C VAL H 613 90.76 33.09 -23.64
N ASN H 614 91.08 31.91 -23.09
CA ASN H 614 91.59 31.85 -21.72
C ASN H 614 92.91 32.59 -21.60
N VAL H 615 93.82 32.41 -22.57
CA VAL H 615 95.11 33.07 -22.52
C VAL H 615 94.95 34.57 -22.65
N ASN H 616 94.06 35.03 -23.54
CA ASN H 616 93.84 36.45 -23.70
C ASN H 616 93.27 37.07 -22.42
N PHE H 617 92.31 36.39 -21.81
CA PHE H 617 91.76 36.91 -20.55
C PHE H 617 92.82 36.94 -19.46
N HIS H 618 93.63 35.88 -19.35
CA HIS H 618 94.68 35.86 -18.34
C HIS H 618 95.71 36.96 -18.56
N SER H 619 96.13 37.14 -19.81
CA SER H 619 97.11 38.16 -20.13
C SER H 619 96.56 39.55 -19.88
N ASN H 620 95.31 39.80 -20.27
CA ASN H 620 94.70 41.09 -19.99
C ASN H 620 94.59 41.32 -18.49
N TYR H 621 94.20 40.30 -17.74
CA TYR H 621 94.14 40.42 -16.29
C TYR H 621 95.49 40.83 -15.72
N ASN H 622 96.55 40.13 -16.10
CA ASN H 622 97.87 40.44 -15.56
C ASN H 622 98.34 41.82 -16.00
N GLU H 623 98.12 42.17 -17.26
CA GLU H 623 98.57 43.47 -17.76
C GLU H 623 97.84 44.62 -17.07
N ARG H 624 96.54 44.46 -16.84
CA ARG H 624 95.79 45.50 -16.16
C ARG H 624 96.14 45.57 -14.68
N ILE H 625 96.46 44.43 -14.06
CA ILE H 625 97.01 44.47 -12.71
C ILE H 625 98.29 45.27 -12.69
N ASN H 626 99.17 45.03 -13.66
CA ASN H 626 100.42 45.76 -13.72
C ASN H 626 100.19 47.25 -13.91
N ASP H 627 99.26 47.62 -14.80
CA ASP H 627 98.96 49.02 -15.02
C ASP H 627 98.42 49.68 -13.75
N ALA H 628 97.47 49.03 -13.09
CA ALA H 628 96.91 49.60 -11.86
C ALA H 628 97.98 49.74 -10.79
N VAL H 629 98.82 48.71 -10.61
CA VAL H 629 99.86 48.77 -9.60
C VAL H 629 100.84 49.89 -9.93
N ALA H 630 101.21 50.03 -11.19
CA ALA H 630 102.16 51.07 -11.59
C ALA H 630 101.60 52.45 -11.31
N ILE H 631 100.34 52.69 -11.65
CA ILE H 631 99.78 54.01 -11.45
C ILE H 631 99.60 54.30 -9.96
N ILE H 632 99.18 53.30 -9.18
CA ILE H 632 99.04 53.50 -7.75
C ILE H 632 100.37 53.84 -7.11
N THR H 633 101.41 53.07 -7.47
CA THR H 633 102.74 53.30 -6.92
C THR H 633 103.29 54.65 -7.34
N ALA H 634 103.08 55.04 -8.60
CA ALA H 634 103.56 56.34 -9.06
C ALA H 634 102.84 57.46 -8.33
N ALA H 635 101.53 57.33 -8.14
CA ALA H 635 100.79 58.35 -7.41
C ALA H 635 101.28 58.48 -5.98
N ASN H 636 101.58 57.35 -5.33
CA ASN H 636 102.10 57.40 -3.97
C ASN H 636 103.49 58.02 -3.93
N ARG H 637 104.38 57.58 -4.81
CA ARG H 637 105.75 58.10 -4.83
C ARG H 637 105.81 59.52 -5.36
N LEU H 638 104.80 59.96 -6.11
CA LEU H 638 104.69 61.37 -6.50
C LEU H 638 103.94 62.19 -5.46
N ASN H 639 103.55 61.59 -4.35
CA ASN H 639 102.88 62.30 -3.25
C ASN H 639 101.61 62.99 -3.74
N LEU H 640 100.83 62.27 -4.55
CA LEU H 640 99.54 62.77 -5.03
C LEU H 640 98.46 62.35 -4.03
N TYR H 641 98.53 62.97 -2.86
CA TYR H 641 97.66 62.58 -1.74
C TYR H 641 96.19 62.82 -2.03
N GLN H 642 95.85 63.63 -3.02
CA GLN H 642 94.46 63.85 -3.40
C GLN H 642 93.98 62.89 -4.48
N LYS H 643 94.87 62.04 -5.01
CA LYS H 643 94.45 61.07 -6.01
C LYS H 643 93.52 60.04 -5.38
N LYS H 644 92.48 59.68 -6.11
CA LYS H 644 91.51 58.67 -5.66
C LYS H 644 91.89 57.34 -6.29
N MET H 645 92.40 56.42 -5.46
CA MET H 645 92.67 55.06 -5.93
C MET H 645 91.40 54.35 -6.36
N LYS H 646 90.24 54.81 -5.89
CA LYS H 646 88.97 54.21 -6.31
C LYS H 646 88.79 54.32 -7.82
N SER H 647 89.16 55.46 -8.41
CA SER H 647 89.06 55.62 -9.85
C SER H 647 89.97 54.63 -10.58
N ILE H 648 91.18 54.43 -10.06
CA ILE H 648 92.10 53.50 -10.69
C ILE H 648 91.56 52.07 -10.62
N VAL H 649 91.01 51.70 -9.46
CA VAL H 649 90.44 50.36 -9.32
C VAL H 649 89.26 50.18 -10.25
N GLU H 650 88.41 51.21 -10.37
CA GLU H 650 87.27 51.13 -11.27
C GLU H 650 87.71 50.98 -12.72
N ASP H 651 88.74 51.73 -13.13
CA ASP H 651 89.24 51.62 -14.49
C ASP H 651 89.83 50.22 -14.73
N PHE H 652 90.53 49.69 -13.74
CA PHE H 652 91.08 48.35 -13.85
C PHE H 652 89.97 47.31 -14.05
N LEU H 653 88.93 47.39 -13.22
CA LEU H 653 87.82 46.45 -13.36
C LEU H 653 87.09 46.63 -14.69
N LYS H 654 86.93 47.87 -15.14
CA LYS H 654 86.29 48.10 -16.44
C LYS H 654 87.11 47.48 -17.56
N ARG H 655 88.43 47.62 -17.50
CA ARG H 655 89.29 47.05 -18.52
C ARG H 655 89.40 45.54 -18.41
N LEU H 656 88.97 44.95 -17.30
CA LEU H 656 88.82 43.49 -17.26
C LEU H 656 87.65 43.02 -18.12
N GLN H 657 86.72 43.91 -18.48
CA GLN H 657 85.69 43.71 -19.50
C GLN H 657 84.54 42.81 -19.06
N ILE H 658 84.59 42.19 -17.89
CA ILE H 658 83.55 41.26 -17.46
C ILE H 658 82.83 41.72 -16.21
N PHE H 659 83.17 42.90 -15.68
CA PHE H 659 82.56 43.42 -14.46
C PHE H 659 81.74 44.66 -14.76
N ASP H 660 80.52 44.70 -14.22
CA ASP H 660 79.71 45.91 -14.18
C ASP H 660 80.07 46.63 -12.89
N ILE H 661 80.94 47.63 -12.99
CA ILE H 661 81.56 48.22 -11.81
C ILE H 661 80.54 48.88 -10.90
N SER H 662 79.38 49.26 -11.43
CA SER H 662 78.36 49.89 -10.60
C SER H 662 77.83 48.97 -9.51
N ARG H 663 78.02 47.66 -9.65
CA ARG H 663 77.48 46.68 -8.70
C ARG H 663 78.56 46.06 -7.83
N VAL H 664 79.78 46.58 -7.85
CA VAL H 664 80.85 46.08 -6.99
C VAL H 664 80.66 46.67 -5.60
N PRO H 665 80.53 45.87 -4.54
CA PRO H 665 80.41 46.45 -3.20
C PRO H 665 81.63 47.29 -2.83
N ASP H 666 81.38 48.32 -2.03
CA ASP H 666 82.45 49.25 -1.66
C ASP H 666 83.55 48.53 -0.88
N ASP H 667 83.18 47.61 0.01
CA ASP H 667 84.18 46.92 0.81
C ASP H 667 85.10 46.10 -0.08
N GLN H 668 84.56 45.47 -1.11
CA GLN H 668 85.40 44.72 -2.03
C GLN H 668 86.26 45.66 -2.89
N MET H 669 85.75 46.84 -3.23
CA MET H 669 86.57 47.81 -3.95
C MET H 669 87.77 48.23 -3.11
N TYR H 670 87.54 48.53 -1.83
CA TYR H 670 88.65 48.94 -0.98
C TYR H 670 89.60 47.80 -0.69
N ARG H 671 89.08 46.57 -0.57
CA ARG H 671 89.95 45.41 -0.43
C ARG H 671 90.81 45.21 -1.66
N LEU H 672 90.23 45.42 -2.84
CA LEU H 672 91.00 45.34 -4.08
C LEU H 672 92.10 46.40 -4.11
N ARG H 673 91.77 47.62 -3.67
CA ARG H 673 92.78 48.67 -3.56
C ARG H 673 93.91 48.24 -2.61
N ASP H 674 93.54 47.69 -1.46
CA ASP H 674 94.54 47.28 -0.47
C ASP H 674 95.45 46.20 -1.04
N ARG H 675 94.88 45.22 -1.74
CA ARG H 675 95.69 44.14 -2.29
C ARG H 675 96.55 44.63 -3.46
N LEU H 676 96.05 45.58 -4.24
CA LEU H 676 96.84 46.14 -5.33
C LEU H 676 98.00 46.97 -4.79
N ARG H 677 97.82 47.62 -3.64
CA ARG H 677 98.89 48.42 -3.06
C ARG H 677 100.10 47.57 -2.69
N LEU H 678 99.88 46.32 -2.28
CA LEU H 678 100.96 45.49 -1.79
C LEU H 678 101.75 44.80 -2.90
N LEU H 679 101.25 44.79 -4.12
CA LEU H 679 101.97 44.09 -5.18
C LEU H 679 103.16 44.91 -5.66
N PRO H 680 104.32 44.28 -5.88
CA PRO H 680 105.45 45.03 -6.43
C PRO H 680 105.20 45.42 -7.88
N VAL H 681 105.85 46.50 -8.30
CA VAL H 681 105.65 47.05 -9.63
C VAL H 681 106.46 46.26 -10.64
N GLU H 682 105.92 46.12 -11.84
CA GLU H 682 106.58 45.38 -12.91
C GLU H 682 107.86 46.10 -13.33
N ILE H 683 108.84 45.32 -13.80
CA ILE H 683 110.18 45.86 -14.02
C ILE H 683 110.16 46.96 -15.09
N ARG H 684 109.43 46.74 -16.19
CA ARG H 684 109.41 47.71 -17.27
C ARG H 684 108.76 49.02 -16.81
N ARG H 685 107.57 48.91 -16.22
CA ARG H 685 106.88 50.11 -15.74
C ARG H 685 107.67 50.80 -14.65
N LEU H 686 108.28 50.03 -13.74
CA LEU H 686 109.05 50.62 -12.66
C LEU H 686 110.28 51.34 -13.18
N ASP H 687 110.95 50.75 -14.18
CA ASP H 687 112.11 51.40 -14.78
C ASP H 687 111.71 52.70 -15.47
N ILE H 688 110.59 52.69 -16.19
CA ILE H 688 110.11 53.92 -16.82
C ILE H 688 109.80 54.97 -15.76
N PHE H 689 109.18 54.56 -14.66
CA PHE H 689 108.88 55.50 -13.59
C PHE H 689 110.15 56.07 -12.98
N ASN H 690 111.16 55.23 -12.77
CA ASN H 690 112.43 55.72 -12.23
C ASN H 690 113.07 56.72 -13.18
N LEU H 691 113.01 56.43 -14.48
CA LEU H 691 113.56 57.36 -15.47
C LEU H 691 112.86 58.70 -15.41
N ILE H 692 111.53 58.69 -15.29
CA ILE H 692 110.79 59.95 -15.21
C ILE H 692 111.09 60.67 -13.90
N LEU H 693 111.20 59.92 -12.80
CA LEU H 693 111.37 60.54 -11.50
C LEU H 693 112.74 61.19 -11.36
N MET H 694 113.78 60.54 -11.89
CA MET H 694 115.12 61.11 -11.79
C MET H 694 115.30 62.35 -12.66
N ASN H 695 114.36 62.63 -13.57
CA ASN H 695 114.45 63.76 -14.47
C ASN H 695 113.30 64.73 -14.30
N MET H 696 112.40 64.48 -13.35
CA MET H 696 111.32 65.42 -13.06
C MET H 696 111.86 66.83 -12.85
N GLU H 697 112.87 66.96 -12.00
CA GLU H 697 113.38 68.27 -11.63
C GLU H 697 113.96 68.98 -12.85
N GLN H 698 114.75 68.27 -13.65
CA GLN H 698 115.35 68.87 -14.83
C GLN H 698 114.30 69.29 -15.85
N ILE H 699 113.29 68.45 -16.06
CA ILE H 699 112.23 68.81 -17.01
C ILE H 699 111.46 70.01 -16.51
N GLU H 700 111.13 70.05 -15.22
CA GLU H 700 110.40 71.18 -14.67
C GLU H 700 111.19 72.46 -14.80
N ARG H 701 112.48 72.43 -14.46
CA ARG H 701 113.28 73.64 -14.49
C ARG H 701 113.56 74.12 -15.89
N ALA H 702 113.35 73.28 -16.91
CA ALA H 702 113.47 73.70 -18.29
C ALA H 702 112.25 74.46 -18.79
N SER H 703 111.17 74.49 -18.02
CA SER H 703 109.95 75.16 -18.43
C SER H 703 110.13 76.68 -18.34
N ASP H 704 109.63 77.39 -19.34
CA ASP H 704 109.64 78.84 -19.33
C ASP H 704 108.38 79.43 -18.70
N LYS H 705 107.37 78.61 -18.41
CA LYS H 705 106.10 79.12 -17.89
C LYS H 705 106.03 79.10 -16.37
N ILE H 706 106.98 78.50 -15.68
CA ILE H 706 106.99 78.46 -14.22
C ILE H 706 108.39 78.70 -13.70
N ALA H 707 108.46 79.22 -12.47
CA ALA H 707 109.69 79.33 -11.72
C ALA H 707 109.57 78.48 -10.45
N GLN H 708 110.70 78.22 -9.82
CA GLN H 708 110.75 77.33 -8.68
C GLN H 708 110.51 78.04 -7.36
N GLY H 709 110.34 79.36 -7.37
CA GLY H 709 110.08 80.09 -6.14
C GLY H 709 110.47 81.54 -6.30
N VAL H 710 110.29 82.28 -5.21
CA VAL H 710 110.63 83.70 -5.17
C VAL H 710 111.20 84.02 -3.79
N ILE H 711 112.36 84.65 -3.78
CA ILE H 711 112.99 85.12 -2.55
C ILE H 711 112.62 86.58 -2.36
N ILE H 712 111.99 86.89 -1.23
CA ILE H 712 111.72 88.26 -0.81
C ILE H 712 112.79 88.61 0.20
N ALA H 713 113.82 89.32 -0.25
CA ALA H 713 114.91 89.81 0.59
C ALA H 713 114.84 91.33 0.57
N TYR H 714 114.35 91.90 1.66
CA TYR H 714 114.03 93.33 1.69
C TYR H 714 115.25 94.22 1.61
N ARG H 715 116.45 93.66 1.51
CA ARG H 715 117.64 94.42 1.18
C ARG H 715 117.79 94.53 -0.34
N ASP H 716 118.63 95.47 -0.77
CA ASP H 716 118.87 95.69 -2.19
C ASP H 716 119.93 94.72 -2.68
N MET H 717 119.54 93.86 -3.62
CA MET H 717 120.44 92.90 -4.25
C MET H 717 120.60 93.27 -5.71
N GLN H 718 121.85 93.40 -6.17
CA GLN H 718 122.10 93.75 -7.55
C GLN H 718 121.64 92.65 -8.49
N LEU H 719 121.05 93.04 -9.61
CA LEU H 719 120.61 92.07 -10.61
C LEU H 719 121.81 91.30 -11.16
N GLU H 720 121.64 90.00 -11.31
CA GLU H 720 122.69 89.16 -11.86
C GLU H 720 122.84 89.41 -13.36
N ARG H 721 124.04 89.13 -13.87
CA ARG H 721 124.35 89.29 -15.28
C ARG H 721 124.33 87.91 -15.93
N ASP H 722 123.35 87.67 -16.79
CA ASP H 722 123.15 86.37 -17.42
C ASP H 722 123.17 86.51 -18.92
N GLU H 723 123.77 85.51 -19.59
CA GLU H 723 123.80 85.51 -21.04
C GLU H 723 122.41 85.40 -21.66
N MET H 724 121.43 84.92 -20.89
CA MET H 724 120.09 84.67 -21.41
C MET H 724 119.15 85.86 -21.23
N TYR H 725 119.47 86.79 -20.34
CA TYR H 725 118.56 87.89 -20.03
C TYR H 725 119.21 89.25 -20.13
N GLY H 726 120.47 89.37 -19.74
CA GLY H 726 121.07 90.66 -19.46
C GLY H 726 121.13 90.85 -17.95
N TYR H 727 120.47 91.87 -17.43
CA TYR H 727 120.29 92.01 -15.99
C TYR H 727 119.00 91.31 -15.59
N VAL H 728 119.11 90.34 -14.68
CA VAL H 728 117.96 89.54 -14.27
C VAL H 728 118.02 89.34 -12.76
N ASN H 729 116.89 89.52 -12.09
CA ASN H 729 116.78 89.28 -10.65
C ASN H 729 116.55 87.79 -10.40
N ILE H 730 117.56 87.00 -10.75
CA ILE H 730 117.50 85.54 -10.72
C ILE H 730 118.30 85.04 -9.53
N ALA H 731 117.74 84.06 -8.82
CA ALA H 731 118.43 83.38 -7.73
C ALA H 731 118.86 82.00 -8.20
N ARG H 732 120.15 81.70 -8.03
CA ARG H 732 120.66 80.38 -8.41
C ARG H 732 120.22 79.32 -7.40
N ASN H 733 120.10 79.69 -6.14
CA ASN H 733 119.68 78.77 -5.08
C ASN H 733 118.87 79.55 -4.05
N LEU H 734 118.38 78.84 -3.03
CA LEU H 734 117.62 79.44 -1.95
C LEU H 734 118.41 79.49 -0.65
N ASP H 735 119.73 79.33 -0.72
CA ASP H 735 120.53 79.32 0.50
C ASP H 735 120.46 80.67 1.21
N GLY H 736 120.40 80.62 2.54
CA GLY H 736 120.41 81.81 3.35
C GLY H 736 119.05 82.41 3.65
N PHE H 737 117.97 81.73 3.29
CA PHE H 737 116.62 82.24 3.50
C PHE H 737 115.73 81.15 4.09
N GLN H 738 114.85 81.56 5.00
CA GLN H 738 113.84 80.64 5.51
C GLN H 738 112.84 80.33 4.41
N GLN H 739 112.57 79.05 4.21
CA GLN H 739 111.74 78.59 3.10
C GLN H 739 110.34 78.27 3.59
N ILE H 740 109.34 78.80 2.89
CA ILE H 740 107.94 78.50 3.13
C ILE H 740 107.42 77.75 1.91
N ASN H 741 106.97 76.52 2.14
CA ASN H 741 106.41 75.71 1.06
C ASN H 741 105.01 76.22 0.72
N LEU H 742 104.79 76.60 -0.54
CA LEU H 742 103.51 77.16 -0.93
C LEU H 742 102.43 76.09 -1.03
N GLU H 743 102.80 74.85 -1.36
CA GLU H 743 101.83 73.77 -1.39
C GLU H 743 101.29 73.50 0.01
N GLU H 744 102.18 73.41 1.00
CA GLU H 744 101.76 73.20 2.38
C GLU H 744 100.93 74.37 2.87
N LEU H 745 101.32 75.59 2.51
CA LEU H 745 100.55 76.77 2.92
C LEU H 745 99.16 76.74 2.32
N MET H 746 99.04 76.37 1.05
CA MET H 746 97.73 76.26 0.41
C MET H 746 96.89 75.19 1.08
N ARG H 747 97.50 74.05 1.41
CA ARG H 747 96.73 72.93 1.96
C ARG H 747 96.27 73.22 3.37
N THR H 748 97.13 73.80 4.20
CA THR H 748 96.74 74.07 5.59
C THR H 748 95.73 75.20 5.68
N GLY H 749 95.96 76.29 4.96
CA GLY H 749 95.15 77.47 5.09
C GLY H 749 95.54 78.39 6.23
N ASP H 750 96.59 78.05 6.99
CA ASP H 750 97.06 78.88 8.09
C ASP H 750 98.11 79.84 7.54
N TYR H 751 97.73 81.10 7.38
CA TYR H 751 98.62 82.13 6.84
C TYR H 751 99.18 83.03 7.93
N ALA H 752 99.20 82.55 9.17
CA ALA H 752 99.70 83.37 10.27
C ALA H 752 101.18 83.68 10.10
N GLN H 753 101.99 82.67 9.81
CA GLN H 753 103.43 82.88 9.69
C GLN H 753 103.75 83.76 8.49
N ILE H 754 103.16 83.46 7.34
CA ILE H 754 103.43 84.25 6.14
C ILE H 754 102.92 85.68 6.32
N THR H 755 101.74 85.84 6.93
CA THR H 755 101.23 87.19 7.17
C THR H 755 102.15 87.97 8.10
N ASN H 756 102.62 87.33 9.17
CA ASN H 756 103.52 88.00 10.09
C ASN H 756 104.83 88.39 9.41
N MET H 757 105.38 87.49 8.60
CA MET H 757 106.64 87.79 7.92
C MET H 757 106.47 88.91 6.90
N LEU H 758 105.39 88.87 6.11
CA LEU H 758 105.17 89.91 5.11
C LEU H 758 104.91 91.26 5.78
N LEU H 759 104.14 91.27 6.87
CA LEU H 759 103.86 92.52 7.57
C LEU H 759 105.12 93.09 8.19
N ASN H 760 105.97 92.24 8.76
CA ASN H 760 107.16 92.67 9.48
C ASN H 760 108.40 92.72 8.60
N ASN H 761 108.26 92.54 7.29
CA ASN H 761 109.37 92.66 6.35
C ASN H 761 110.50 91.69 6.71
N GLN H 762 110.14 90.47 7.06
CA GLN H 762 111.12 89.43 7.35
C GLN H 762 111.53 88.73 6.05
N PRO H 763 112.83 88.65 5.73
CA PRO H 763 113.22 87.96 4.50
C PRO H 763 112.73 86.52 4.49
N VAL H 764 112.26 86.07 3.33
CA VAL H 764 111.63 84.76 3.20
C VAL H 764 111.88 84.24 1.79
N ALA H 765 111.61 82.96 1.58
CA ALA H 765 111.69 82.34 0.27
C ALA H 765 110.45 81.47 0.08
N LEU H 766 109.54 81.92 -0.77
CA LEU H 766 108.34 81.15 -1.09
C LEU H 766 108.69 80.12 -2.17
N VAL H 767 108.58 78.84 -1.84
CA VAL H 767 109.03 77.76 -2.70
C VAL H 767 107.80 77.07 -3.28
N GLY H 768 107.84 76.80 -4.57
CA GLY H 768 106.78 76.12 -5.27
C GLY H 768 106.70 76.60 -6.71
N ALA H 769 106.21 75.72 -7.58
CA ALA H 769 106.08 76.06 -8.99
C ALA H 769 105.18 77.27 -9.14
N LEU H 770 105.75 78.38 -9.60
CA LEU H 770 105.06 79.65 -9.68
C LEU H 770 105.11 80.19 -11.09
N PRO H 771 104.03 80.79 -11.59
CA PRO H 771 104.12 81.56 -12.83
C PRO H 771 104.63 82.95 -12.53
N PHE H 772 105.34 83.53 -13.50
CA PHE H 772 106.01 84.80 -13.29
C PHE H 772 105.77 85.72 -14.47
N ILE H 773 105.90 87.02 -14.21
CA ILE H 773 105.80 88.05 -15.23
C ILE H 773 107.22 88.43 -15.65
N THR H 774 107.45 88.43 -16.96
CA THR H 774 108.73 88.88 -17.50
C THR H 774 108.60 90.36 -17.84
N ASP H 775 109.29 91.20 -17.08
CA ASP H 775 109.22 92.65 -17.24
C ASP H 775 110.55 93.14 -17.79
N SER H 776 110.51 93.70 -19.00
CA SER H 776 111.70 94.25 -19.64
C SER H 776 111.88 95.74 -19.37
N SER H 777 111.00 96.34 -18.56
CA SER H 777 111.05 97.78 -18.35
C SER H 777 112.04 98.13 -17.24
N VAL H 778 112.96 99.04 -17.53
CA VAL H 778 113.86 99.57 -16.51
C VAL H 778 113.07 100.42 -15.52
N ILE H 779 112.08 101.16 -16.02
CA ILE H 779 111.27 101.99 -15.14
C ILE H 779 110.52 101.13 -14.14
N SER H 780 110.10 99.95 -14.55
CA SER H 780 109.45 99.03 -13.61
C SER H 780 110.40 98.61 -12.50
N LEU H 781 111.66 98.34 -12.84
CA LEU H 781 112.64 98.01 -11.82
C LEU H 781 112.86 99.18 -10.87
N VAL H 782 112.95 100.41 -11.42
CA VAL H 782 113.17 101.57 -10.58
C VAL H 782 111.97 101.80 -9.66
N ALA H 783 110.76 101.52 -10.16
CA ALA H 783 109.57 101.69 -9.35
C ALA H 783 109.42 100.61 -8.29
N LYS H 784 110.19 99.52 -8.39
CA LYS H 784 110.19 98.46 -7.38
C LYS H 784 108.85 97.71 -7.38
N LEU H 785 108.32 97.43 -8.57
CA LEU H 785 107.03 96.75 -8.66
C LEU H 785 107.12 95.28 -8.27
N ASP H 786 108.30 94.67 -8.37
CA ASP H 786 108.43 93.27 -7.98
C ASP H 786 108.08 93.04 -6.51
N ALA H 787 108.19 94.07 -5.68
CA ALA H 787 107.86 93.98 -4.27
C ALA H 787 106.39 94.26 -3.98
N THR H 788 105.59 94.55 -5.01
CA THR H 788 104.19 94.92 -4.83
C THR H 788 103.24 93.78 -5.14
N VAL H 789 103.73 92.54 -5.17
CA VAL H 789 102.97 91.40 -5.66
C VAL H 789 102.59 90.43 -4.55
N PHE H 790 102.92 90.72 -3.29
CA PHE H 790 102.73 89.77 -2.20
C PHE H 790 101.61 90.15 -1.25
N ALA H 791 101.08 91.37 -1.33
CA ALA H 791 100.00 91.77 -0.43
C ALA H 791 98.73 90.98 -0.69
N GLN H 792 98.51 90.53 -1.92
CA GLN H 792 97.32 89.75 -2.22
C GLN H 792 97.34 88.41 -1.50
N ILE H 793 98.52 87.89 -1.15
CA ILE H 793 98.57 86.67 -0.34
C ILE H 793 97.91 86.91 1.00
N VAL H 794 98.23 88.03 1.65
CA VAL H 794 97.62 88.35 2.93
C VAL H 794 96.13 88.64 2.74
N LYS H 795 95.79 89.39 1.70
CA LYS H 795 94.40 89.79 1.53
C LYS H 795 93.49 88.58 1.29
N LEU H 796 93.84 87.73 0.32
CA LEU H 796 92.96 86.65 -0.11
C LEU H 796 93.23 85.34 0.60
N ARG H 797 94.34 85.22 1.33
CA ARG H 797 94.75 83.95 1.90
C ARG H 797 94.82 82.88 0.81
N LYS H 798 95.37 83.26 -0.33
CA LYS H 798 95.60 82.37 -1.46
C LYS H 798 97.04 82.51 -1.92
N VAL H 799 97.54 81.47 -2.58
CA VAL H 799 98.89 81.49 -3.14
C VAL H 799 98.85 81.19 -4.62
N ASP H 800 97.66 80.83 -5.14
CA ASP H 800 97.54 80.46 -6.54
C ASP H 800 97.64 81.66 -7.48
N THR H 801 97.41 82.87 -6.98
CA THR H 801 97.48 84.08 -7.79
C THR H 801 98.82 84.80 -7.66
N LEU H 802 99.79 84.19 -6.98
CA LEU H 802 101.09 84.82 -6.81
C LEU H 802 101.88 84.73 -8.11
N LYS H 803 102.23 85.89 -8.68
CA LYS H 803 102.94 85.98 -9.94
C LYS H 803 104.11 86.95 -9.77
N PRO H 804 105.27 86.47 -9.30
CA PRO H 804 106.40 87.38 -9.10
C PRO H 804 106.93 87.93 -10.42
N ILE H 805 107.56 89.10 -10.31
CA ILE H 805 108.13 89.80 -11.46
C ILE H 805 109.56 89.32 -11.67
N LEU H 806 109.87 88.93 -12.90
CA LEU H 806 111.23 88.56 -13.30
C LEU H 806 111.72 89.60 -14.30
N TYR H 807 112.62 90.47 -13.84
CA TYR H 807 113.14 91.52 -14.71
C TYR H 807 114.08 90.95 -15.76
N LYS H 808 113.92 91.40 -17.00
CA LYS H 808 114.79 91.02 -18.11
C LYS H 808 115.23 92.30 -18.80
N ILE H 809 116.29 92.91 -18.29
CA ILE H 809 116.76 94.22 -18.75
C ILE H 809 117.94 93.98 -19.67
N ASN H 810 117.81 94.43 -20.92
CA ASN H 810 118.87 94.30 -21.91
C ASN H 810 118.65 95.38 -22.96
N SER H 811 119.53 95.41 -23.96
CA SER H 811 119.47 96.47 -24.95
C SER H 811 118.16 96.48 -25.72
N ASP H 812 117.42 95.37 -25.72
CA ASP H 812 116.13 95.33 -26.37
C ASP H 812 115.04 96.01 -25.54
N SER H 813 115.33 96.38 -24.30
CA SER H 813 114.35 97.08 -23.48
C SER H 813 114.07 98.46 -24.05
N ASN H 814 112.85 98.93 -23.82
CA ASN H 814 112.43 100.24 -24.33
C ASN H 814 113.22 101.38 -23.69
N ASP H 815 113.80 101.17 -22.50
CA ASP H 815 114.46 102.23 -21.76
C ASP H 815 115.81 101.79 -21.22
N PHE H 816 116.51 100.93 -21.96
CA PHE H 816 117.82 100.47 -21.50
C PHE H 816 118.83 101.59 -21.37
N TYR H 817 118.57 102.73 -22.02
CA TYR H 817 119.50 103.86 -21.91
C TYR H 817 119.72 104.27 -20.46
N LEU H 818 118.69 104.15 -19.62
CA LEU H 818 118.84 104.48 -18.21
C LEU H 818 119.97 103.67 -17.58
N VAL H 819 120.05 102.39 -17.92
CA VAL H 819 121.18 101.59 -17.46
C VAL H 819 122.47 102.06 -18.11
N ALA H 820 122.44 102.34 -19.42
CA ALA H 820 123.66 102.61 -20.15
C ALA H 820 124.19 104.02 -19.90
N ASN H 821 123.31 105.01 -19.81
CA ASN H 821 123.70 106.41 -19.78
C ASN H 821 123.81 106.98 -18.38
N TYR H 822 123.59 106.17 -17.34
CA TYR H 822 123.68 106.64 -15.97
C TYR H 822 124.54 105.68 -15.16
N ASP H 823 125.07 106.19 -14.05
CA ASP H 823 125.96 105.43 -13.18
C ASP H 823 125.16 104.95 -11.98
N TRP H 824 124.81 103.66 -11.98
CA TRP H 824 124.06 103.06 -10.89
C TRP H 824 124.09 101.54 -11.07
N VAL H 825 123.77 100.83 -10.00
CA VAL H 825 123.74 99.38 -9.98
C VAL H 825 122.27 98.95 -9.95
N PRO H 826 121.73 98.41 -11.04
CA PRO H 826 120.33 97.92 -10.99
C PRO H 826 120.16 96.85 -9.92
N THR H 827 119.28 97.12 -8.96
CA THR H 827 119.02 96.23 -7.84
C THR H 827 117.52 96.06 -7.66
N SER H 828 117.16 94.97 -6.98
CA SER H 828 115.77 94.73 -6.61
C SER H 828 115.77 93.99 -5.29
N THR H 829 114.64 94.06 -4.59
CA THR H 829 114.48 93.40 -3.30
C THR H 829 113.89 92.00 -3.41
N THR H 830 113.63 91.52 -4.62
CA THR H 830 113.12 90.17 -4.82
C THR H 830 113.91 89.50 -5.92
N LYS H 831 114.06 88.18 -5.80
CA LYS H 831 114.70 87.36 -6.82
C LYS H 831 113.79 86.19 -7.15
N VAL H 832 113.93 85.67 -8.36
CA VAL H 832 113.13 84.54 -8.84
C VAL H 832 114.04 83.33 -8.97
N TYR H 833 113.63 82.23 -8.34
CA TYR H 833 114.38 80.98 -8.35
C TYR H 833 114.13 80.28 -9.68
N LYS H 834 115.07 80.40 -10.61
CA LYS H 834 114.95 79.81 -11.93
C LYS H 834 116.30 79.29 -12.39
N GLN H 835 116.26 78.34 -13.31
CA GLN H 835 117.45 77.73 -13.88
C GLN H 835 117.65 78.22 -15.30
N ILE H 836 118.92 78.21 -15.73
CA ILE H 836 119.28 78.66 -17.07
C ILE H 836 119.19 77.47 -18.02
N PRO H 837 118.68 77.64 -19.24
CA PRO H 837 118.57 76.48 -20.14
C PRO H 837 119.93 75.84 -20.41
N GLN H 838 119.92 74.52 -20.53
CA GLN H 838 121.14 73.78 -20.82
C GLN H 838 121.60 74.05 -22.23
N GLN H 839 122.88 74.39 -22.39
CA GLN H 839 123.44 74.61 -23.71
C GLN H 839 123.45 73.31 -24.50
N PHE H 840 123.26 73.43 -25.81
CA PHE H 840 123.36 72.29 -26.70
C PHE H 840 124.82 71.95 -26.93
N ASP H 841 125.19 70.70 -26.67
CA ASP H 841 126.53 70.18 -26.91
C ASP H 841 126.42 69.03 -27.89
N PHE H 842 127.10 69.15 -29.02
CA PHE H 842 126.99 68.12 -30.06
C PHE H 842 127.58 66.80 -29.56
N ARG H 843 128.72 66.85 -28.87
CA ARG H 843 129.34 65.62 -28.39
C ARG H 843 128.43 64.89 -27.40
N ALA H 844 127.75 65.64 -26.53
CA ALA H 844 126.87 65.04 -25.54
C ALA H 844 125.55 64.58 -26.12
N SER H 845 125.22 64.97 -27.35
CA SER H 845 123.93 64.65 -27.96
C SER H 845 124.02 63.62 -29.07
N MET H 846 125.20 63.44 -29.67
CA MET H 846 125.36 62.47 -30.74
C MET H 846 125.48 61.08 -30.15
N HIS H 847 124.58 60.19 -30.54
CA HIS H 847 124.59 58.80 -30.11
C HIS H 847 124.40 57.91 -31.32
N MET H 848 124.69 56.62 -31.14
CA MET H 848 124.45 55.60 -32.16
C MET H 848 123.37 54.67 -31.62
N LEU H 849 122.19 54.73 -32.23
CA LEU H 849 121.08 53.88 -31.85
C LEU H 849 121.17 52.57 -32.62
N THR H 850 121.06 51.46 -31.90
CA THR H 850 121.21 50.13 -32.46
C THR H 850 119.91 49.36 -32.33
N SER H 851 119.56 48.62 -33.37
CA SER H 851 118.37 47.78 -33.35
C SER H 851 118.57 46.65 -34.37
N ASN H 852 117.52 45.86 -34.57
CA ASN H 852 117.54 44.83 -35.60
C ASN H 852 117.17 45.43 -36.95
N LEU H 853 117.64 44.78 -38.01
CA LEU H 853 117.33 45.28 -39.35
C LEU H 853 115.86 45.06 -39.69
N THR H 854 115.32 43.89 -39.39
CA THR H 854 113.92 43.61 -39.67
C THR H 854 113.52 42.32 -39.00
N PHE H 855 112.26 42.24 -38.59
CA PHE H 855 111.65 40.99 -38.16
C PHE H 855 110.15 41.12 -38.22
N THR H 856 109.47 39.98 -38.21
CA THR H 856 108.01 39.91 -38.23
C THR H 856 107.52 39.39 -36.89
N VAL H 857 106.55 40.09 -36.31
CA VAL H 857 105.96 39.71 -35.03
C VAL H 857 104.64 39.00 -35.31
N TYR H 858 104.45 37.85 -34.68
CA TYR H 858 103.24 37.05 -34.84
C TYR H 858 102.50 37.00 -33.51
N SER H 859 101.17 36.86 -33.60
CA SER H 859 100.31 36.77 -32.42
C SER H 859 99.61 35.42 -32.32
N ASP H 860 99.04 34.93 -33.42
CA ASP H 860 98.29 33.67 -33.41
C ASP H 860 99.28 32.53 -33.62
N LEU H 861 99.87 32.06 -32.52
CA LEU H 861 100.82 30.96 -32.60
C LEU H 861 100.14 29.67 -33.05
N LEU H 862 98.93 29.41 -32.56
CA LEU H 862 98.23 28.19 -32.91
C LEU H 862 97.79 28.16 -34.37
N ALA H 863 97.83 29.30 -35.06
CA ALA H 863 97.57 29.29 -36.50
C ALA H 863 98.66 28.55 -37.27
N PHE H 864 99.83 28.38 -36.66
CA PHE H 864 100.91 27.62 -37.27
C PHE H 864 100.77 26.12 -37.05
N VAL H 865 99.77 25.67 -36.32
CA VAL H 865 99.57 24.26 -35.99
C VAL H 865 98.48 23.71 -36.88
N SER H 866 98.81 22.70 -37.67
CA SER H 866 97.82 21.94 -38.42
C SER H 866 97.23 20.89 -37.48
N ALA H 867 95.94 21.03 -37.18
CA ALA H 867 95.28 20.20 -36.18
C ALA H 867 94.20 19.37 -36.85
N ASP H 868 94.25 18.06 -36.63
CA ASP H 868 93.23 17.15 -37.12
C ASP H 868 92.80 16.25 -35.97
N THR H 869 91.67 15.57 -36.16
CA THR H 869 91.14 14.68 -35.14
C THR H 869 90.76 13.35 -35.78
N VAL H 870 90.97 12.27 -35.02
CA VAL H 870 90.56 10.96 -35.50
C VAL H 870 89.04 10.92 -35.66
N GLU H 871 88.56 9.93 -36.39
CA GLU H 871 87.13 9.76 -36.53
C GLU H 871 86.52 9.50 -35.16
N PRO H 872 85.38 10.11 -34.82
CA PRO H 872 84.88 9.97 -33.44
C PRO H 872 84.64 8.53 -33.02
N ILE H 873 84.34 7.64 -33.97
CA ILE H 873 84.14 6.24 -33.64
C ILE H 873 85.39 5.65 -32.99
N ASN H 874 86.57 6.13 -33.40
CA ASN H 874 87.84 5.57 -32.95
C ASN H 874 88.45 6.33 -31.77
N ALA H 875 87.77 7.35 -31.26
CA ALA H 875 88.34 8.13 -30.17
C ALA H 875 88.47 7.30 -28.91
N VAL H 876 89.60 7.44 -28.22
CA VAL H 876 89.91 6.68 -27.01
C VAL H 876 90.05 7.64 -25.84
N ALA H 877 89.98 7.07 -24.64
CA ALA H 877 90.12 7.81 -23.40
C ALA H 877 91.54 7.61 -22.85
N PHE H 878 91.76 8.09 -21.62
CA PHE H 878 93.09 8.04 -21.04
C PHE H 878 93.60 6.62 -20.91
N ASP H 879 92.70 5.65 -20.77
CA ASP H 879 93.07 4.25 -20.61
C ASP H 879 93.30 3.55 -21.95
N ASN H 880 93.38 4.30 -23.05
CA ASN H 880 93.65 3.80 -24.39
C ASN H 880 92.52 2.94 -24.95
N MET H 881 91.38 2.90 -24.28
CA MET H 881 90.19 2.23 -24.79
C MET H 881 89.21 3.26 -25.32
N ARG H 882 88.31 2.82 -26.19
CA ARG H 882 87.37 3.73 -26.81
C ARG H 882 86.49 4.41 -25.77
N ILE H 883 86.16 5.67 -26.01
CA ILE H 883 85.34 6.42 -25.08
C ILE H 883 83.98 5.76 -24.93
N MET H 884 83.36 5.37 -26.04
CA MET H 884 82.08 4.69 -26.04
C MET H 884 82.23 3.33 -26.71
N ASN H 885 81.77 2.28 -26.04
CA ASN H 885 81.98 0.91 -26.51
C ASN H 885 80.68 0.15 -26.77
N GLU H 886 79.52 0.76 -26.55
CA GLU H 886 78.24 0.09 -26.80
C GLU H 886 77.86 0.25 -28.27
N LEU H 887 78.67 -0.39 -29.11
CA LEU H 887 78.48 -0.32 -30.56
C LEU H 887 77.88 -1.61 -31.10
N HIS I 89 -5.62 52.46 36.72
CA HIS I 89 -6.74 53.19 37.31
C HIS I 89 -6.90 52.83 38.77
N GLN I 90 -6.76 51.54 39.09
CA GLN I 90 -6.86 51.11 40.48
C GLN I 90 -5.77 51.74 41.33
N LYS I 91 -4.53 51.71 40.85
CA LYS I 91 -3.41 52.28 41.59
C LYS I 91 -3.50 53.81 41.62
N GLU I 92 -3.92 54.41 40.50
CA GLU I 92 -3.98 55.85 40.41
C GLU I 92 -4.95 56.43 41.42
N VAL I 93 -6.06 55.74 41.67
CA VAL I 93 -7.07 56.27 42.60
C VAL I 93 -6.51 56.35 44.01
N GLN I 94 -5.86 55.28 44.47
CA GLN I 94 -5.29 55.30 45.82
C GLN I 94 -4.15 56.30 45.92
N TYR I 95 -3.32 56.40 44.89
CA TYR I 95 -2.23 57.37 44.93
C TYR I 95 -2.78 58.79 44.94
N GLU I 96 -3.89 59.03 44.23
CA GLU I 96 -4.55 60.33 44.27
C GLU I 96 -5.11 60.62 45.66
N ILE I 97 -5.69 59.61 46.30
CA ILE I 97 -6.21 59.79 47.66
C ILE I 97 -5.08 60.21 48.58
N LEU I 98 -3.92 59.57 48.47
CA LEU I 98 -2.80 59.94 49.32
C LEU I 98 -2.25 61.32 48.97
N GLN I 99 -2.15 61.63 47.67
CA GLN I 99 -1.56 62.89 47.26
C GLN I 99 -2.45 64.09 47.56
N LYS I 100 -3.77 63.86 47.70
CA LYS I 100 -4.66 64.95 48.06
C LYS I 100 -4.41 65.49 49.45
N THR I 101 -3.67 64.77 50.29
CA THR I 101 -3.34 65.20 51.64
C THR I 101 -1.96 65.82 51.75
N ILE I 102 -1.23 65.95 50.64
CA ILE I 102 0.12 66.50 50.62
C ILE I 102 0.07 67.86 49.93
N PRO I 103 0.43 68.97 50.62
CA PRO I 103 0.34 70.31 50.02
C PRO I 103 1.49 70.65 49.08
N THR I 104 1.79 69.74 48.16
CA THR I 104 2.85 69.93 47.18
C THR I 104 2.22 70.25 45.84
N PHE I 105 2.67 71.33 45.20
CA PHE I 105 2.15 71.69 43.90
C PHE I 105 2.46 70.59 42.89
N GLU I 106 1.42 70.15 42.17
CA GLU I 106 1.54 68.94 41.37
C GLU I 106 2.65 69.01 40.33
N PRO I 107 2.80 70.09 39.56
CA PRO I 107 3.97 70.20 38.69
C PRO I 107 5.22 70.52 39.49
N LYS I 108 5.88 69.46 39.98
CA LYS I 108 6.99 69.64 40.93
C LYS I 108 7.99 70.66 40.43
N GLU I 109 8.33 70.61 39.13
CA GLU I 109 9.36 71.49 38.60
C GLU I 109 8.95 72.96 38.72
N SER I 110 7.64 73.23 38.85
CA SER I 110 7.19 74.59 39.05
C SER I 110 7.56 75.12 40.42
N ILE I 111 7.91 74.23 41.36
CA ILE I 111 8.30 74.65 42.70
C ILE I 111 9.58 75.47 42.65
N LEU I 112 10.42 75.21 41.64
CA LEU I 112 11.70 75.89 41.55
C LEU I 112 11.52 77.40 41.38
N LYS I 113 10.57 77.80 40.53
CA LYS I 113 10.32 79.22 40.33
C LYS I 113 9.84 79.88 41.61
N LYS I 114 8.94 79.21 42.34
CA LYS I 114 8.43 79.77 43.59
C LYS I 114 9.55 79.90 44.62
N LEU I 115 10.42 78.90 44.70
CA LEU I 115 11.53 78.97 45.65
C LEU I 115 12.49 80.10 45.30
N GLU I 116 12.82 80.25 44.01
CA GLU I 116 13.75 81.28 43.59
C GLU I 116 13.14 82.67 43.58
N ASP I 117 11.82 82.78 43.59
CA ASP I 117 11.16 84.08 43.66
C ASP I 117 11.23 84.68 45.05
N ILE I 118 11.48 83.88 46.08
CA ILE I 118 11.64 84.42 47.43
C ILE I 118 12.89 85.31 47.44
N LYS I 119 12.70 86.57 47.76
CA LYS I 119 13.76 87.55 47.87
C LYS I 119 14.11 87.78 49.33
N PRO I 120 15.24 88.43 49.61
CA PRO I 120 15.53 88.82 50.99
C PRO I 120 14.40 89.68 51.55
N GLU I 121 14.34 89.75 52.87
CA GLU I 121 13.27 90.50 53.52
C GLU I 121 13.26 91.94 53.02
N GLN I 122 12.09 92.40 52.59
CA GLN I 122 12.00 93.73 51.99
C GLN I 122 12.44 94.79 52.98
N VAL I 123 13.30 95.70 52.51
CA VAL I 123 13.87 96.74 53.35
C VAL I 123 12.98 97.98 53.26
N LYS I 124 12.51 98.44 54.41
CA LYS I 124 11.59 99.56 54.49
C LYS I 124 12.33 100.79 55.00
N LYS I 125 12.18 101.89 54.28
CA LYS I 125 12.73 103.18 54.68
C LYS I 125 11.58 104.14 54.96
N GLN I 126 11.62 104.80 56.10
CA GLN I 126 10.55 105.71 56.50
C GLN I 126 10.68 107.03 55.76
N THR I 127 9.55 107.54 55.29
CA THR I 127 9.51 108.80 54.55
C THR I 127 9.00 109.97 55.40
N LYS I 128 8.16 109.69 56.39
CA LYS I 128 7.67 110.71 57.30
C LYS I 128 7.54 110.11 58.68
N LEU I 129 7.53 110.98 59.69
CA LEU I 129 7.38 110.52 61.07
C LEU I 129 6.01 109.88 61.28
N PHE I 130 6.00 108.78 62.02
CA PHE I 130 4.75 108.11 62.35
C PHE I 130 3.94 108.98 63.30
N ARG I 131 2.69 109.25 62.94
CA ARG I 131 1.84 110.14 63.72
C ARG I 131 0.43 109.55 63.82
N ILE I 132 -0.04 109.37 65.05
CA ILE I 132 -1.43 109.06 65.30
C ILE I 132 -2.22 110.30 65.72
N PHE I 133 -1.55 111.36 66.15
CA PHE I 133 -2.18 112.56 66.66
C PHE I 133 -1.69 113.78 65.88
N GLU I 134 -2.50 114.82 65.90
CA GLU I 134 -2.15 116.12 65.34
C GLU I 134 -2.69 117.21 66.26
N PRO I 135 -2.03 118.36 66.32
CA PRO I 135 -2.62 119.49 67.03
C PRO I 135 -3.74 120.12 66.22
N ARG I 136 -4.76 120.60 66.93
CA ARG I 136 -5.92 121.21 66.30
C ARG I 136 -6.46 122.30 67.21
N GLN I 137 -6.84 123.41 66.62
CA GLN I 137 -7.44 124.51 67.37
C GLN I 137 -8.94 124.29 67.48
N LEU I 138 -9.44 124.31 68.71
CA LEU I 138 -10.83 124.05 69.00
C LEU I 138 -11.40 125.21 69.83
N PRO I 139 -12.68 125.53 69.64
CA PRO I 139 -13.28 126.57 70.47
C PRO I 139 -13.42 126.13 71.91
N VAL I 140 -13.33 127.10 72.82
CA VAL I 140 -13.51 126.87 74.24
C VAL I 140 -14.57 127.83 74.73
N TYR I 141 -15.10 127.53 75.92
CA TYR I 141 -16.25 128.23 76.47
C TYR I 141 -15.98 128.61 77.91
N ARG I 142 -16.54 129.73 78.33
CA ARG I 142 -16.42 130.17 79.71
C ARG I 142 -17.27 129.28 80.61
N ALA I 143 -17.14 129.49 81.92
CA ALA I 143 -17.91 128.69 82.87
C ALA I 143 -19.40 128.86 82.66
N ASN I 144 -19.84 129.99 82.12
CA ASN I 144 -21.25 130.24 81.89
C ASN I 144 -21.72 129.78 80.51
N GLY I 145 -20.85 129.12 79.74
CA GLY I 145 -21.22 128.61 78.44
C GLY I 145 -20.98 129.54 77.29
N GLU I 146 -20.52 130.76 77.53
CA GLU I 146 -20.21 131.71 76.46
C GLU I 146 -18.93 131.30 75.76
N LYS I 147 -18.96 131.28 74.43
CA LYS I 147 -17.77 130.92 73.67
C LYS I 147 -16.73 132.02 73.79
N GLU I 148 -15.48 131.63 74.07
CA GLU I 148 -14.41 132.58 74.26
C GLU I 148 -13.91 133.09 72.91
N LEU I 149 -13.10 134.14 72.96
CA LEU I 149 -12.55 134.77 71.77
C LEU I 149 -11.27 134.08 71.31
N ARG I 150 -10.82 133.04 71.99
CA ARG I 150 -9.59 132.34 71.66
C ARG I 150 -9.90 130.85 71.44
N ASN I 151 -9.20 130.26 70.48
CA ASN I 151 -9.23 128.83 70.26
C ASN I 151 -7.99 128.21 70.90
N ARG I 152 -8.17 127.04 71.52
CA ARG I 152 -7.08 126.37 72.23
C ARG I 152 -6.60 125.16 71.44
N TRP I 153 -5.33 124.84 71.59
CA TRP I 153 -4.71 123.73 70.87
C TRP I 153 -4.90 122.44 71.66
N TYR I 154 -5.35 121.39 70.97
CA TYR I 154 -5.56 120.08 71.58
C TYR I 154 -5.08 119.00 70.64
N TRP I 155 -4.74 117.85 71.20
CA TRP I 155 -4.29 116.70 70.44
C TRP I 155 -5.51 115.90 69.98
N LYS I 156 -5.61 115.65 68.68
CA LYS I 156 -6.73 114.93 68.10
C LYS I 156 -6.21 113.84 67.18
N LEU I 157 -6.96 112.76 67.06
CA LEU I 157 -6.58 111.68 66.16
C LEU I 157 -6.56 112.20 64.73
N LYS I 158 -5.45 111.91 64.02
CA LYS I 158 -5.36 112.27 62.61
C LYS I 158 -6.43 111.54 61.79
N ARG I 159 -6.60 110.25 62.06
CA ARG I 159 -7.64 109.43 61.45
C ARG I 159 -8.53 108.94 62.59
N ASP I 160 -9.70 109.58 62.74
CA ASP I 160 -10.66 109.22 63.79
C ASP I 160 -11.67 108.27 63.16
N THR I 161 -11.36 106.99 63.18
CA THR I 161 -12.17 105.96 62.54
C THR I 161 -12.40 104.78 63.46
N LEU I 162 -12.40 105.01 64.77
CA LEU I 162 -12.56 103.91 65.71
C LEU I 162 -14.00 103.39 65.66
N PRO I 163 -14.20 102.07 65.66
CA PRO I 163 -15.56 101.53 65.60
C PRO I 163 -16.24 101.58 66.96
N ASP I 164 -17.46 101.08 67.01
CA ASP I 164 -18.24 101.00 68.23
C ASP I 164 -18.36 99.56 68.68
N GLY I 165 -18.36 99.36 69.99
CA GLY I 165 -18.29 98.04 70.57
C GLY I 165 -16.88 97.73 71.02
N ASP I 166 -16.73 97.16 72.22
CA ASP I 166 -15.39 96.91 72.75
C ASP I 166 -14.63 95.92 71.88
N TYR I 167 -15.30 94.86 71.43
CA TYR I 167 -14.61 93.87 70.61
C TYR I 167 -14.14 94.49 69.30
N ASP I 168 -14.97 95.34 68.68
CA ASP I 168 -14.56 95.99 67.46
C ASP I 168 -13.41 96.96 67.70
N VAL I 169 -13.38 97.62 68.85
CA VAL I 169 -12.27 98.50 69.17
C VAL I 169 -10.97 97.71 69.31
N ARG I 170 -11.03 96.57 69.99
CA ARG I 170 -9.82 95.74 70.11
C ARG I 170 -9.40 95.16 68.77
N GLU I 171 -10.36 94.83 67.90
CA GLU I 171 -10.03 94.43 66.54
C GLU I 171 -9.35 95.58 65.79
N TYR I 172 -9.84 96.80 65.97
CA TYR I 172 -9.21 97.96 65.36
C TYR I 172 -7.76 98.09 65.83
N PHE I 173 -7.51 97.84 67.11
CA PHE I 173 -6.15 97.97 67.61
C PHE I 173 -5.26 96.83 67.14
N LEU I 174 -5.81 95.63 66.95
CA LEU I 174 -5.04 94.57 66.32
C LEU I 174 -4.69 94.93 64.88
N ASN I 175 -5.64 95.51 64.16
CA ASN I 175 -5.35 95.97 62.80
C ASN I 175 -4.29 97.05 62.80
N LEU I 176 -4.33 97.95 63.79
CA LEU I 176 -3.29 98.97 63.92
C LEU I 176 -1.93 98.32 64.20
N TYR I 177 -1.91 97.28 65.03
CA TYR I 177 -0.67 96.57 65.30
C TYR I 177 -0.09 95.97 64.03
N ASP I 178 -0.95 95.33 63.23
CA ASP I 178 -0.48 94.77 61.95
C ASP I 178 0.01 95.88 61.02
N GLN I 179 -0.70 97.02 61.00
CA GLN I 179 -0.28 98.15 60.17
C GLN I 179 1.11 98.61 60.57
N VAL I 180 1.34 98.78 61.88
CA VAL I 180 2.65 99.25 62.34
C VAL I 180 3.72 98.23 62.01
N LEU I 181 3.43 96.94 62.20
CA LEU I 181 4.42 95.92 61.89
C LEU I 181 4.79 95.95 60.40
N THR I 182 3.80 96.08 59.52
CA THR I 182 4.10 96.11 58.10
C THR I 182 4.83 97.38 57.70
N GLU I 183 4.41 98.52 58.22
CA GLU I 183 4.98 99.81 57.86
C GLU I 183 6.20 100.18 58.69
N MET I 184 6.53 99.39 59.70
CA MET I 184 7.68 99.71 60.55
C MET I 184 8.96 99.71 59.72
N PRO I 185 9.79 100.74 59.80
CA PRO I 185 10.99 100.78 58.97
C PRO I 185 12.13 99.95 59.54
N ASP I 186 13.07 99.61 58.67
CA ASP I 186 14.29 98.93 59.09
C ASP I 186 15.39 99.92 59.45
N TYR I 187 15.36 101.12 58.89
CA TYR I 187 16.31 102.18 59.25
C TYR I 187 15.68 103.52 58.92
N LEU I 188 16.25 104.57 59.50
CA LEU I 188 15.79 105.93 59.28
C LEU I 188 16.99 106.83 59.00
N LEU I 189 16.78 107.81 58.13
CA LEU I 189 17.74 108.89 57.89
C LEU I 189 16.96 110.19 57.96
N LEU I 190 17.04 110.86 59.10
CA LEU I 190 16.20 112.03 59.35
C LEU I 190 16.50 113.17 58.38
N LYS I 191 17.70 113.20 57.81
CA LYS I 191 18.03 114.27 56.87
C LYS I 191 17.14 114.22 55.64
N ASP I 192 16.67 113.02 55.27
CA ASP I 192 15.77 112.92 54.13
C ASP I 192 14.41 113.54 54.44
N MET I 193 14.04 113.60 55.72
CA MET I 193 12.77 114.15 56.15
C MET I 193 12.88 115.58 56.65
N ALA I 194 14.07 116.17 56.68
CA ALA I 194 14.27 117.49 57.22
C ALA I 194 13.78 118.55 56.24
N VAL I 195 13.16 119.61 56.78
CA VAL I 195 12.63 120.71 56.00
C VAL I 195 13.03 122.02 56.65
N GLU I 196 12.97 123.08 55.87
CA GLU I 196 13.32 124.40 56.37
C GLU I 196 12.32 124.86 57.42
N ASN I 197 12.84 125.46 58.48
CA ASN I 197 12.03 126.11 59.50
C ASN I 197 11.91 127.59 59.11
N LYS I 198 10.75 127.97 58.57
CA LYS I 198 10.61 129.29 57.97
C LYS I 198 10.85 130.40 58.98
N ASN I 199 10.57 130.16 60.25
CA ASN I 199 10.70 131.16 61.30
C ASN I 199 12.07 131.13 61.98
N SER I 200 13.00 130.34 61.46
CA SER I 200 14.32 130.23 62.06
C SER I 200 15.19 131.42 61.70
N ARG I 201 15.96 131.90 62.67
CA ARG I 201 16.91 132.99 62.46
C ARG I 201 18.32 132.49 62.18
N ASP I 202 18.53 131.17 62.15
CA ASP I 202 19.87 130.59 61.98
C ASP I 202 19.81 129.42 60.99
N ALA I 203 18.95 129.53 59.98
CA ALA I 203 18.83 128.49 58.95
C ALA I 203 18.49 127.14 59.57
N GLY I 204 17.59 127.14 60.54
CA GLY I 204 17.20 125.90 61.20
C GLY I 204 16.32 125.03 60.33
N LYS I 205 16.38 123.73 60.59
CA LYS I 205 15.58 122.74 59.89
C LYS I 205 14.93 121.83 60.92
N VAL I 206 13.77 121.27 60.57
CA VAL I 206 13.02 120.39 61.44
C VAL I 206 12.58 119.16 60.65
N VAL I 207 12.32 118.09 61.39
CA VAL I 207 11.70 116.89 60.86
C VAL I 207 10.36 116.71 61.57
N ASP I 208 9.25 116.57 60.83
CA ASP I 208 9.12 116.53 59.36
C ASP I 208 8.24 117.72 58.94
N SER I 209 7.79 117.71 57.68
CA SER I 209 6.97 118.82 57.19
C SER I 209 5.77 119.08 58.10
N GLU I 210 5.20 118.04 58.70
CA GLU I 210 4.14 118.23 59.67
C GLU I 210 4.64 119.03 60.87
N THR I 211 5.84 118.74 61.33
CA THR I 211 6.43 119.54 62.41
C THR I 211 6.58 120.99 61.98
N ALA I 212 6.98 121.22 60.73
CA ALA I 212 7.12 122.58 60.25
C ALA I 212 5.78 123.31 60.27
N ALA I 213 4.72 122.63 59.84
CA ALA I 213 3.39 123.24 59.88
C ALA I 213 2.99 123.56 61.31
N ILE I 214 3.21 122.64 62.24
CA ILE I 214 2.85 122.88 63.63
C ILE I 214 3.65 124.05 64.19
N CYS I 215 4.94 124.11 63.89
CA CYS I 215 5.78 125.18 64.39
C CYS I 215 5.33 126.53 63.84
N ASP I 216 4.96 126.58 62.56
CA ASP I 216 4.46 127.83 62.00
C ASP I 216 3.16 128.24 62.68
N ALA I 217 2.26 127.28 62.91
CA ALA I 217 1.00 127.59 63.56
C ALA I 217 1.22 128.14 64.97
N ILE I 218 2.13 127.52 65.72
CA ILE I 218 2.41 128.00 67.07
C ILE I 218 3.09 129.36 67.03
N PHE I 219 3.98 129.58 66.07
CA PHE I 219 4.67 130.85 65.95
C PHE I 219 3.69 131.99 65.68
N GLN I 220 2.75 131.78 64.76
CA GLN I 220 1.80 132.83 64.41
C GLN I 220 0.67 132.99 65.42
N ASP I 221 0.52 132.07 66.37
CA ASP I 221 -0.54 132.17 67.35
C ASP I 221 -0.25 133.30 68.33
N GLU I 222 -1.26 134.11 68.62
CA GLU I 222 -1.09 135.25 69.51
C GLU I 222 -1.02 134.83 70.98
N GLU I 223 -1.54 133.66 71.34
CA GLU I 223 -1.53 133.20 72.71
C GLU I 223 -0.28 132.41 73.06
N THR I 224 0.66 132.29 72.12
CA THR I 224 1.91 131.59 72.39
C THR I 224 2.80 132.42 73.30
N GLU I 225 3.56 131.74 74.15
CA GLU I 225 4.50 132.43 75.03
C GLU I 225 5.63 133.06 74.21
N GLY I 226 6.21 134.12 74.77
CA GLY I 226 7.37 134.72 74.15
C GLY I 226 8.57 133.79 74.13
N VAL I 227 8.76 133.04 75.22
CA VAL I 227 9.88 132.10 75.29
C VAL I 227 9.71 131.02 74.22
N VAL I 228 8.50 130.50 74.06
CA VAL I 228 8.27 129.44 73.08
C VAL I 228 8.51 129.97 71.67
N ARG I 229 8.03 131.18 71.39
CA ARG I 229 8.24 131.75 70.07
C ARG I 229 9.72 131.97 69.79
N ARG I 230 10.46 132.51 70.76
CA ARG I 230 11.88 132.72 70.56
C ARG I 230 12.62 131.39 70.39
N PHE I 231 12.22 130.37 71.14
CA PHE I 231 12.86 129.06 70.99
C PHE I 231 12.60 128.48 69.61
N ILE I 232 11.36 128.59 69.12
CA ILE I 232 11.08 128.15 67.76
C ILE I 232 11.94 128.90 66.76
N ALA I 233 12.11 130.20 66.96
CA ALA I 233 12.95 130.99 66.06
C ALA I 233 14.41 130.60 66.17
N GLU I 234 14.83 130.05 67.32
CA GLU I 234 16.24 129.80 67.59
C GLU I 234 16.63 128.33 67.67
N MET I 235 15.68 127.42 67.87
CA MET I 235 16.01 126.01 67.97
C MET I 235 16.71 125.54 66.69
N ARG I 236 17.75 124.72 66.87
CA ARG I 236 18.65 124.36 65.78
C ARG I 236 18.79 122.86 65.69
N GLN I 237 19.09 122.39 64.49
CA GLN I 237 19.56 121.03 64.26
C GLN I 237 21.07 120.99 64.44
N ARG I 238 21.60 119.78 64.62
CA ARG I 238 23.05 119.58 64.73
C ARG I 238 23.44 118.41 63.83
N VAL I 239 24.22 118.71 62.80
CA VAL I 239 24.73 117.70 61.87
C VAL I 239 26.22 117.55 62.11
N GLN I 240 26.65 116.34 62.46
CA GLN I 240 28.05 116.00 62.67
C GLN I 240 28.40 114.94 61.62
N ALA I 241 28.89 115.41 60.48
CA ALA I 241 29.24 114.49 59.39
C ALA I 241 30.40 113.59 59.79
N ASP I 242 31.36 114.12 60.55
CA ASP I 242 32.50 113.32 60.97
C ASP I 242 32.06 112.12 61.79
N ARG I 243 31.09 112.32 62.68
CA ARG I 243 30.54 111.23 63.47
C ARG I 243 29.42 110.48 62.75
N ASN I 244 28.95 110.99 61.62
CA ASN I 244 27.80 110.43 60.91
C ASN I 244 26.57 110.43 61.84
N VAL I 245 26.22 111.62 62.31
CA VAL I 245 25.12 111.80 63.23
C VAL I 245 24.35 113.07 62.84
N VAL I 246 23.04 113.04 63.04
CA VAL I 246 22.19 114.21 62.84
C VAL I 246 21.14 114.23 63.94
N ASN I 247 20.88 115.44 64.47
CA ASN I 247 19.83 115.68 65.44
C ASN I 247 18.93 116.78 64.88
N TYR I 248 17.62 116.54 64.90
CA TYR I 248 16.66 117.50 64.39
C TYR I 248 15.55 117.75 65.40
N PRO I 249 15.05 118.99 65.51
CA PRO I 249 13.85 119.22 66.33
C PRO I 249 12.62 118.62 65.67
N SER I 250 11.72 118.13 66.51
CA SER I 250 10.47 117.53 66.05
C SER I 250 9.38 117.84 67.06
N ILE I 251 8.16 117.99 66.56
CA ILE I 251 6.97 118.14 67.39
C ILE I 251 6.17 116.86 67.23
N LEU I 252 6.04 116.10 68.32
CA LEU I 252 5.37 114.80 68.28
C LEU I 252 4.55 114.62 69.54
N HIS I 253 3.39 114.00 69.39
CA HIS I 253 2.62 113.56 70.53
C HIS I 253 3.42 112.48 71.27
N PRO I 254 3.28 112.38 72.60
CA PRO I 254 4.10 111.39 73.33
C PRO I 254 4.00 109.98 72.78
N ILE I 255 2.83 109.54 72.34
CA ILE I 255 2.71 108.23 71.71
C ILE I 255 3.44 108.21 70.37
N ASP I 256 3.26 109.26 69.57
CA ASP I 256 3.97 109.35 68.30
C ASP I 256 5.47 109.39 68.52
N HIS I 257 5.91 110.16 69.51
CA HIS I 257 7.33 110.18 69.84
C HIS I 257 7.81 108.81 70.28
N ALA I 258 7.01 108.09 71.07
CA ALA I 258 7.40 106.76 71.50
C ALA I 258 7.63 105.84 70.31
N PHE I 259 6.69 105.84 69.36
CA PHE I 259 6.82 104.99 68.19
C PHE I 259 8.04 105.37 67.36
N ASN I 260 8.19 106.65 67.05
CA ASN I 260 9.30 107.09 66.20
C ASN I 260 10.64 106.87 66.90
N GLU I 261 10.70 107.10 68.20
CA GLU I 261 11.92 106.89 68.96
C GLU I 261 12.28 105.41 69.01
N TYR I 262 11.28 104.54 69.14
CA TYR I 262 11.58 103.11 69.06
C TYR I 262 12.12 102.74 67.69
N PHE I 263 11.54 103.29 66.64
CA PHE I 263 12.06 103.01 65.30
C PHE I 263 13.50 103.48 65.17
N LEU I 264 13.81 104.67 65.67
CA LEU I 264 15.16 105.21 65.58
C LEU I 264 16.15 104.38 66.39
N GLN I 265 15.78 103.98 67.60
CA GLN I 265 16.69 103.32 68.52
C GLN I 265 16.89 101.84 68.21
N HIS I 266 16.05 101.25 67.36
CA HIS I 266 16.03 99.80 67.15
C HIS I 266 16.02 99.48 65.66
N GLN I 267 16.91 100.12 64.91
CA GLN I 267 17.05 99.84 63.50
C GLN I 267 17.77 98.51 63.29
N LEU I 268 17.46 97.86 62.16
CA LEU I 268 17.97 96.52 61.88
C LEU I 268 19.28 96.53 61.10
N VAL I 269 19.76 97.69 60.67
CA VAL I 269 20.98 97.76 59.89
C VAL I 269 22.18 97.65 60.81
N GLU I 270 23.20 96.91 60.37
CA GLU I 270 24.44 96.74 61.09
C GLU I 270 25.59 97.08 60.15
N PRO I 271 26.74 97.48 60.70
CA PRO I 271 27.89 97.80 59.84
C PRO I 271 28.31 96.61 59.00
N LEU I 272 28.72 96.88 57.77
CA LEU I 272 29.14 95.87 56.82
C LEU I 272 30.60 96.12 56.43
N ASN I 273 31.39 95.06 56.44
CA ASN I 273 32.80 95.14 56.06
C ASN I 273 33.22 93.83 55.44
N ASN I 274 34.42 93.82 54.87
CA ASN I 274 34.88 92.64 54.14
C ASN I 274 35.00 91.42 55.04
N ASP I 275 35.29 91.62 56.33
CA ASP I 275 35.33 90.49 57.25
C ASP I 275 33.96 89.84 57.38
N ILE I 276 32.90 90.64 57.49
CA ILE I 276 31.56 90.10 57.63
C ILE I 276 31.18 89.32 56.37
N ILE I 277 31.48 89.87 55.20
CA ILE I 277 31.14 89.18 53.96
C ILE I 277 31.95 87.90 53.82
N PHE I 278 33.23 87.94 54.18
CA PHE I 278 34.07 86.75 54.08
C PHE I 278 33.57 85.65 54.99
N ASN I 279 33.18 85.98 56.22
CA ASN I 279 32.62 84.99 57.12
C ASN I 279 31.21 84.59 56.72
N TYR I 280 30.52 85.39 55.92
CA TYR I 280 29.21 85.01 55.42
C TYR I 280 29.32 83.87 54.42
N ILE I 281 30.47 83.71 53.79
CA ILE I 281 30.70 82.56 52.91
C ILE I 281 30.73 81.29 53.76
N PRO I 282 30.17 80.17 53.31
CA PRO I 282 30.28 78.93 54.10
C PRO I 282 31.74 78.57 54.37
N GLU I 283 32.00 78.12 55.59
CA GLU I 283 33.37 77.88 56.02
C GLU I 283 34.02 76.77 55.21
N ARG I 284 33.25 75.76 54.82
CA ARG I 284 33.80 74.65 54.06
C ARG I 284 34.11 75.04 52.62
N ILE I 285 33.46 76.07 52.08
CA ILE I 285 33.82 76.55 50.75
C ILE I 285 35.06 77.42 50.81
N ARG I 286 35.27 78.15 51.91
CA ARG I 286 36.48 78.95 52.06
C ARG I 286 37.72 78.08 52.16
N ASN I 287 37.60 76.89 52.72
CA ASN I 287 38.73 76.00 52.91
C ASN I 287 38.95 75.06 51.72
N ASP I 288 38.08 75.10 50.71
CA ASP I 288 38.23 74.25 49.55
C ASP I 288 39.21 74.90 48.58
N VAL I 289 40.26 74.16 48.20
CA VAL I 289 41.27 74.70 47.32
C VAL I 289 40.77 74.80 45.88
N ASN I 290 39.69 74.09 45.54
CA ASN I 290 39.15 74.16 44.20
C ASN I 290 38.49 75.50 43.91
N TYR I 291 38.19 76.28 44.96
CA TYR I 291 37.54 77.57 44.81
C TYR I 291 38.45 78.65 45.36
N ILE I 292 38.69 79.69 44.57
CA ILE I 292 39.53 80.81 44.95
C ILE I 292 38.61 82.01 45.16
N LEU I 293 38.61 82.54 46.38
CA LEU I 293 37.74 83.64 46.77
C LEU I 293 38.58 84.87 47.06
N ASN I 294 38.17 86.00 46.48
CA ASN I 294 38.88 87.26 46.66
C ASN I 294 37.88 88.36 46.97
N MET I 295 38.36 89.38 47.68
CA MET I 295 37.55 90.56 48.02
C MET I 295 38.17 91.75 47.28
N ASP I 296 37.73 91.93 46.03
CA ASP I 296 38.24 92.99 45.16
C ASP I 296 37.34 94.22 45.18
N ARG I 297 36.64 94.44 46.27
CA ARG I 297 35.76 95.59 46.42
C ARG I 297 36.07 96.28 47.75
N ASN I 298 35.96 97.61 47.76
CA ASN I 298 36.20 98.40 48.95
C ASN I 298 34.85 98.78 49.55
N LEU I 299 34.63 98.40 50.81
CA LEU I 299 33.40 98.70 51.50
C LEU I 299 33.59 99.90 52.40
N PRO I 300 32.92 101.03 52.16
CA PRO I 300 33.08 102.18 53.06
C PRO I 300 32.51 101.89 54.44
N SER I 301 32.97 102.67 55.42
CA SER I 301 32.47 102.52 56.78
C SER I 301 30.98 102.84 56.88
N THR I 302 30.41 103.49 55.88
CA THR I 302 28.98 103.75 55.83
C THR I 302 28.19 102.58 55.24
N ALA I 303 28.84 101.50 54.86
CA ALA I 303 28.14 100.33 54.35
C ALA I 303 27.35 99.66 55.47
N ARG I 304 26.14 99.23 55.15
CA ARG I 304 25.26 98.58 56.11
C ARG I 304 24.62 97.35 55.49
N TYR I 305 24.17 96.45 56.35
CA TYR I 305 23.43 95.28 55.88
C TYR I 305 22.49 94.81 56.99
N ILE I 306 21.50 94.02 56.59
CA ILE I 306 20.53 93.43 57.52
C ILE I 306 20.78 91.94 57.57
N ARG I 307 21.06 91.44 58.76
CA ARG I 307 21.42 90.03 58.92
C ARG I 307 20.18 89.16 58.78
N PRO I 308 20.20 88.13 57.93
CA PRO I 308 19.06 87.21 57.88
C PRO I 308 18.90 86.43 59.17
N ASN I 309 17.66 86.06 59.46
CA ASN I 309 17.32 85.31 60.68
C ASN I 309 17.40 83.83 60.34
N LEU I 310 18.58 83.25 60.51
CA LEU I 310 18.81 81.82 60.28
C LEU I 310 18.64 81.01 61.56
N LEU I 311 17.52 81.22 62.24
CA LEU I 311 17.18 80.40 63.39
C LEU I 311 16.71 79.03 62.91
N GLN I 312 17.10 77.99 63.62
CA GLN I 312 16.67 76.65 63.25
C GLN I 312 15.19 76.46 63.57
N ASP I 313 14.63 75.38 63.03
CA ASP I 313 13.18 75.19 63.05
C ASP I 313 12.64 75.20 64.47
N ARG I 314 11.87 76.23 64.79
CA ARG I 314 11.17 76.31 66.07
C ARG I 314 9.90 75.49 66.09
N LEU I 315 9.34 75.14 64.93
CA LEU I 315 8.14 74.34 64.84
C LEU I 315 8.42 72.86 64.72
N ASN I 316 9.67 72.47 64.44
CA ASN I 316 10.06 71.08 64.31
C ASN I 316 9.17 70.35 63.30
N LEU I 317 9.04 70.94 62.11
CA LEU I 317 8.17 70.38 61.10
C LEU I 317 8.57 68.97 60.69
N HIS I 318 9.82 68.59 60.92
CA HIS I 318 10.24 67.21 60.70
C HIS I 318 9.59 66.23 61.67
N ASP I 319 8.99 66.72 62.75
CA ASP I 319 8.37 65.87 63.77
C ASP I 319 6.85 66.06 63.73
N ASN I 320 6.15 65.03 63.27
CA ASN I 320 4.69 64.95 63.35
C ASN I 320 3.98 65.86 62.37
N PHE I 321 4.64 66.26 61.28
CA PHE I 321 3.99 66.95 60.15
C PHE I 321 4.41 66.18 58.90
N GLU I 322 3.70 65.10 58.61
CA GLU I 322 4.10 64.23 57.50
C GLU I 322 3.90 64.93 56.16
N SER I 323 2.77 65.59 55.97
CA SER I 323 2.48 66.22 54.69
C SER I 323 3.33 67.46 54.48
N LEU I 324 3.43 68.31 55.51
CA LEU I 324 4.27 69.50 55.38
C LEU I 324 5.72 69.12 55.16
N TRP I 325 6.20 68.10 55.87
CA TRP I 325 7.59 67.68 55.69
C TRP I 325 7.80 67.07 54.32
N ASP I 326 6.82 66.31 53.82
CA ASP I 326 6.91 65.80 52.45
C ASP I 326 7.03 66.93 51.45
N THR I 327 6.21 67.98 51.62
CA THR I 327 6.28 69.13 50.72
C THR I 327 7.62 69.84 50.83
N ILE I 328 8.13 70.02 52.05
CA ILE I 328 9.40 70.70 52.24
C ILE I 328 10.54 69.93 51.58
N THR I 329 10.55 68.61 51.79
CA THR I 329 11.59 67.79 51.18
C THR I 329 11.48 67.78 49.66
N THR I 330 10.26 67.78 49.13
CA THR I 330 10.10 67.84 47.68
C THR I 330 10.63 69.15 47.12
N SER I 331 10.32 70.27 47.79
CA SER I 331 10.83 71.55 47.33
C SER I 331 12.35 71.61 47.40
N ASN I 332 12.93 71.12 48.50
CA ASN I 332 14.38 71.08 48.63
C ASN I 332 14.99 70.19 47.55
N TYR I 333 14.32 69.08 47.24
CA TYR I 333 14.81 68.18 46.21
C TYR I 333 14.85 68.85 44.84
N ILE I 334 13.78 69.58 44.50
CA ILE I 334 13.76 70.28 43.23
C ILE I 334 14.85 71.34 43.18
N LEU I 335 15.01 72.09 44.27
CA LEU I 335 16.03 73.13 44.30
C LEU I 335 17.43 72.53 44.16
N ALA I 336 17.69 71.41 44.85
CA ALA I 336 18.97 70.75 44.73
C ALA I 336 19.21 70.22 43.32
N ARG I 337 18.18 69.61 42.72
CA ARG I 337 18.30 69.16 41.34
C ARG I 337 18.71 70.30 40.43
N SER I 338 18.18 71.49 40.67
CA SER I 338 18.50 72.62 39.80
C SER I 338 19.97 73.01 39.85
N VAL I 339 20.72 72.58 40.86
CA VAL I 339 22.09 73.04 41.08
C VAL I 339 23.12 71.94 40.94
N VAL I 340 22.71 70.68 40.80
CA VAL I 340 23.71 69.61 40.62
C VAL I 340 24.31 69.73 39.22
N PRO I 341 25.63 69.68 39.07
CA PRO I 341 26.22 69.88 37.74
C PRO I 341 25.87 68.77 36.77
N ASP I 342 25.97 69.09 35.48
CA ASP I 342 25.75 68.12 34.42
C ASP I 342 27.04 67.39 34.10
N LEU I 343 26.94 66.07 33.94
CA LEU I 343 28.10 65.26 33.62
C LEU I 343 28.59 65.57 32.20
N LYS I 344 29.91 65.56 32.04
CA LYS I 344 30.56 65.90 30.78
C LYS I 344 31.38 64.73 30.28
N GLU I 345 31.53 64.67 28.95
CA GLU I 345 32.44 63.73 28.30
C GLU I 345 32.14 62.29 28.72
N LEU I 346 30.85 61.93 28.68
CA LEU I 346 30.46 60.58 29.06
C LEU I 346 30.92 59.58 28.00
N VAL I 347 31.05 58.33 28.42
CA VAL I 347 31.42 57.28 27.49
C VAL I 347 30.38 57.19 26.38
N SER I 348 30.84 56.89 25.17
CA SER I 348 29.93 56.76 24.04
C SER I 348 28.88 55.70 24.32
N THR I 349 27.60 56.09 24.23
CA THR I 349 26.53 55.16 24.52
C THR I 349 26.52 54.00 23.55
N GLU I 350 26.83 54.27 22.27
CA GLU I 350 26.86 53.21 21.27
C GLU I 350 27.91 52.15 21.62
N ALA I 351 29.13 52.59 21.89
CA ALA I 351 30.21 51.65 22.18
C ALA I 351 29.92 50.85 23.43
N GLN I 352 29.47 51.53 24.49
CA GLN I 352 29.17 50.83 25.74
C GLN I 352 28.02 49.86 25.58
N ILE I 353 26.97 50.26 24.86
CA ILE I 353 25.82 49.37 24.67
C ILE I 353 26.23 48.14 23.87
N GLN I 354 27.03 48.32 22.82
CA GLN I 354 27.47 47.17 22.04
C GLN I 354 28.37 46.26 22.87
N LYS I 355 29.25 46.85 23.69
CA LYS I 355 30.09 46.06 24.56
C LYS I 355 29.25 45.24 25.53
N MET I 356 28.24 45.86 26.15
CA MET I 356 27.38 45.17 27.10
C MET I 356 26.60 44.06 26.41
N SER I 357 26.08 44.32 25.22
CA SER I 357 25.35 43.29 24.48
C SER I 357 26.25 42.12 24.13
N GLN I 358 27.47 42.41 23.69
CA GLN I 358 28.41 41.35 23.33
C GLN I 358 28.81 40.53 24.56
N ASP I 359 28.94 41.18 25.71
CA ASP I 359 29.33 40.46 26.92
C ASP I 359 28.18 39.66 27.51
N LEU I 360 26.96 40.17 27.44
CA LEU I 360 25.83 39.49 28.06
C LEU I 360 25.30 38.35 27.19
N GLN I 361 25.40 38.47 25.87
CA GLN I 361 24.96 37.42 24.95
C GLN I 361 23.49 37.05 25.23
N LEU I 362 22.65 38.06 25.36
CA LEU I 362 21.26 37.82 25.74
C LEU I 362 20.50 37.09 24.66
N GLU I 363 20.86 37.29 23.39
CA GLU I 363 20.16 36.60 22.30
C GLU I 363 20.34 35.10 22.42
N ALA I 364 21.53 34.64 22.80
CA ALA I 364 21.78 33.22 22.98
C ALA I 364 21.03 32.65 24.19
N LEU I 365 20.49 33.50 25.05
CA LEU I 365 19.73 33.05 26.21
C LEU I 365 18.26 32.86 25.82
N THR I 366 17.45 32.50 26.81
CA THR I 366 16.01 32.27 26.64
C THR I 366 15.22 33.19 27.56
N ILE I 367 15.61 34.45 27.60
CA ILE I 367 14.99 35.43 28.49
C ILE I 367 13.86 36.13 27.75
N GLN I 368 12.70 36.24 28.40
CA GLN I 368 11.56 36.89 27.78
C GLN I 368 11.84 38.35 27.45
N SER I 369 12.75 38.99 28.19
CA SER I 369 13.10 40.39 28.00
C SER I 369 14.50 40.46 27.38
N GLU I 370 14.55 40.42 26.05
CA GLU I 370 15.81 40.53 25.32
C GLU I 370 16.11 42.00 24.96
N THR I 371 15.15 42.67 24.33
CA THR I 371 15.37 44.07 23.95
C THR I 371 15.29 44.99 25.16
N GLN I 372 14.37 44.70 26.10
CA GLN I 372 14.17 45.56 27.26
C GLN I 372 15.34 45.53 28.23
N PHE I 373 16.27 44.59 28.08
CA PHE I 373 17.34 44.44 29.07
C PHE I 373 18.19 45.70 29.15
N LEU I 374 18.57 46.27 28.00
CA LEU I 374 19.46 47.41 27.96
C LEU I 374 18.73 48.72 27.68
N THR I 375 17.41 48.73 27.70
CA THR I 375 16.67 49.97 27.57
C THR I 375 16.90 50.86 28.79
N GLY I 376 16.90 52.17 28.56
CA GLY I 376 17.15 53.13 29.61
C GLY I 376 18.60 53.43 29.88
N ILE I 377 19.53 52.91 29.09
CA ILE I 377 20.94 53.16 29.25
C ILE I 377 21.32 54.25 28.25
N ASN I 378 21.48 55.47 28.74
CA ASN I 378 21.85 56.60 27.90
C ASN I 378 22.42 57.70 28.78
N SER I 379 23.00 58.70 28.14
CA SER I 379 23.60 59.81 28.88
C SER I 379 22.55 60.58 29.67
N GLN I 380 21.35 60.72 29.11
CA GLN I 380 20.28 61.40 29.82
C GLN I 380 19.94 60.68 31.12
N ALA I 381 19.86 59.36 31.07
CA ALA I 381 19.58 58.59 32.28
C ALA I 381 20.71 58.71 33.29
N ALA I 382 21.96 58.75 32.82
CA ALA I 382 23.10 58.92 33.73
C ALA I 382 23.03 60.26 34.44
N ASN I 383 22.75 61.33 33.69
CA ASN I 383 22.61 62.64 34.31
C ASN I 383 21.44 62.66 35.28
N ASP I 384 20.34 62.02 34.91
CA ASP I 384 19.18 61.96 35.80
C ASP I 384 19.53 61.25 37.10
N CYS I 385 20.28 60.15 37.02
CA CYS I 385 20.68 59.44 38.22
C CYS I 385 21.59 60.30 39.09
N PHE I 386 22.58 60.93 38.48
CA PHE I 386 23.50 61.78 39.23
C PHE I 386 22.73 62.86 39.99
N LYS I 387 21.88 63.60 39.27
CA LYS I 387 21.10 64.67 39.89
C LYS I 387 20.18 64.11 40.97
N THR I 388 19.50 63.01 40.69
CA THR I 388 18.54 62.47 41.64
C THR I 388 19.25 62.06 42.93
N LEU I 389 20.36 61.34 42.82
CA LEU I 389 21.06 60.90 44.02
C LEU I 389 21.52 62.08 44.84
N ILE I 390 22.23 63.02 44.22
CA ILE I 390 22.79 64.13 45.00
C ILE I 390 21.68 64.98 45.59
N ALA I 391 20.65 65.27 44.80
CA ALA I 391 19.56 66.12 45.28
C ALA I 391 18.77 65.45 46.39
N ALA I 392 18.54 64.13 46.28
CA ALA I 392 17.81 63.42 47.32
C ALA I 392 18.61 63.40 48.61
N MET I 393 19.93 63.18 48.52
CA MET I 393 20.75 63.24 49.72
C MET I 393 20.72 64.64 50.33
N LEU I 394 20.82 65.67 49.49
CA LEU I 394 20.82 67.04 50.00
C LEU I 394 19.51 67.38 50.69
N SER I 395 18.39 67.03 50.07
CA SER I 395 17.08 67.33 50.62
C SER I 395 16.61 66.31 51.64
N GLN I 396 17.32 65.21 51.80
CA GLN I 396 16.91 64.14 52.72
C GLN I 396 15.50 63.67 52.40
N ARG I 397 15.22 63.49 51.11
CA ARG I 397 13.95 62.98 50.64
C ARG I 397 14.09 61.49 50.34
N THR I 398 13.17 60.70 50.87
CA THR I 398 13.26 59.25 50.70
C THR I 398 13.15 58.88 49.23
N MET I 399 13.90 57.86 48.83
CA MET I 399 13.92 57.37 47.46
C MET I 399 13.35 55.95 47.41
N SER I 400 12.70 55.63 46.31
CA SER I 400 12.20 54.28 46.06
C SER I 400 12.89 53.73 44.82
N LEU I 401 13.27 52.45 44.90
CA LEU I 401 13.98 51.78 43.82
C LEU I 401 12.98 51.09 42.91
N ASP I 402 13.01 51.44 41.63
CA ASP I 402 12.17 50.83 40.61
C ASP I 402 13.06 50.01 39.69
N PHE I 403 12.85 48.70 39.69
CA PHE I 403 13.70 47.81 38.91
C PHE I 403 12.92 46.57 38.51
N VAL I 404 13.43 45.88 37.50
CA VAL I 404 12.89 44.60 37.05
C VAL I 404 13.86 43.52 37.53
N THR I 405 13.35 42.56 38.29
CA THR I 405 14.22 41.56 38.90
C THR I 405 14.92 40.72 37.85
N THR I 406 14.24 40.43 36.74
CA THR I 406 14.86 39.64 35.68
C THR I 406 16.06 40.33 35.07
N ASN I 407 16.17 41.65 35.23
CA ASN I 407 17.32 42.40 34.72
C ASN I 407 18.40 42.38 35.80
N TYR I 408 19.31 41.43 35.69
CA TYR I 408 20.38 41.30 36.68
C TYR I 408 21.46 42.36 36.52
N MET I 409 21.53 43.02 35.35
CA MET I 409 22.44 44.16 35.21
C MET I 409 22.01 45.29 36.12
N SER I 410 20.70 45.54 36.21
CA SER I 410 20.18 46.54 37.13
C SER I 410 20.54 46.20 38.56
N LEU I 411 20.47 44.91 38.92
CA LEU I 411 20.83 44.51 40.28
C LEU I 411 22.32 44.67 40.53
N ILE I 412 23.15 44.37 39.53
CA ILE I 412 24.59 44.54 39.69
C ILE I 412 24.92 46.02 39.90
N SER I 413 24.23 46.91 39.20
CA SER I 413 24.42 48.33 39.42
C SER I 413 23.85 48.76 40.78
N GLY I 414 22.76 48.13 41.20
CA GLY I 414 22.20 48.42 42.51
C GLY I 414 23.14 48.03 43.63
N MET I 415 24.02 47.06 43.38
CA MET I 415 25.07 46.74 44.35
C MET I 415 25.96 47.96 44.59
N TRP I 416 26.41 48.62 43.52
CA TRP I 416 27.17 49.84 43.68
C TRP I 416 26.35 50.92 44.36
N LEU I 417 25.08 51.04 43.97
CA LEU I 417 24.21 52.05 44.56
C LEU I 417 24.13 51.87 46.08
N LEU I 418 23.87 50.65 46.53
CA LEU I 418 23.79 50.38 47.96
C LEU I 418 25.14 50.53 48.63
N THR I 419 26.23 50.33 47.89
CA THR I 419 27.55 50.57 48.45
C THR I 419 27.76 52.04 48.77
N VAL I 420 27.40 52.93 47.83
CA VAL I 420 27.79 54.33 47.95
C VAL I 420 26.70 55.16 48.62
N VAL I 421 25.44 54.82 48.35
CA VAL I 421 24.32 55.59 48.90
C VAL I 421 23.92 54.99 50.25
N PRO I 422 23.80 55.78 51.32
CA PRO I 422 23.39 55.22 52.61
C PRO I 422 22.04 54.52 52.51
N ASN I 423 21.94 53.37 53.19
CA ASN I 423 20.75 52.54 53.07
C ASN I 423 19.52 53.18 53.69
N ASP I 424 19.70 54.19 54.55
CA ASP I 424 18.57 54.87 55.15
C ASP I 424 17.99 55.96 54.25
N MET I 425 18.57 56.18 53.07
CA MET I 425 18.02 57.11 52.11
C MET I 425 16.94 56.50 51.23
N PHE I 426 16.63 55.22 51.43
CA PHE I 426 15.62 54.53 50.66
C PHE I 426 14.50 54.08 51.60
N ILE I 427 13.27 54.07 51.07
CA ILE I 427 12.15 53.53 51.83
C ILE I 427 12.44 52.06 52.12
N ARG I 428 12.06 51.62 53.32
CA ARG I 428 12.47 50.30 53.79
C ARG I 428 12.05 49.20 52.82
N GLU I 429 10.84 49.30 52.27
CA GLU I 429 10.36 48.26 51.38
C GLU I 429 11.20 48.17 50.12
N SER I 430 11.58 49.31 49.55
CA SER I 430 12.41 49.29 48.34
C SER I 430 13.79 48.72 48.63
N LEU I 431 14.40 49.11 49.74
CA LEU I 431 15.70 48.56 50.08
C LEU I 431 15.62 47.06 50.28
N VAL I 432 14.59 46.60 50.98
CA VAL I 432 14.42 45.17 51.22
C VAL I 432 14.24 44.44 49.90
N ALA I 433 13.42 45.00 49.00
CA ALA I 433 13.18 44.34 47.72
C ALA I 433 14.46 44.24 46.91
N CYS I 434 15.21 45.35 46.80
CA CYS I 434 16.44 45.33 46.03
C CYS I 434 17.45 44.36 46.63
N GLN I 435 17.63 44.39 47.95
CA GLN I 435 18.59 43.50 48.59
C GLN I 435 18.18 42.05 48.44
N LEU I 436 16.89 41.75 48.58
CA LEU I 436 16.42 40.38 48.44
C LEU I 436 16.61 39.89 47.00
N ALA I 437 16.35 40.75 46.02
CA ALA I 437 16.60 40.37 44.64
C ALA I 437 18.08 40.09 44.41
N ILE I 438 18.95 40.94 44.96
CA ILE I 438 20.39 40.71 44.80
C ILE I 438 20.80 39.40 45.46
N ILE I 439 20.27 39.13 46.65
CA ILE I 439 20.64 37.92 47.39
C ILE I 439 20.16 36.67 46.66
N ASN I 440 18.89 36.65 46.25
CA ASN I 440 18.27 35.47 45.68
C ASN I 440 18.47 35.34 44.19
N THR I 441 19.14 36.29 43.55
CA THR I 441 19.45 36.21 42.13
C THR I 441 20.93 36.07 41.84
N ILE I 442 21.80 36.60 42.70
CA ILE I 442 23.23 36.68 42.41
C ILE I 442 24.04 36.02 43.51
N ILE I 443 23.87 36.47 44.75
CA ILE I 443 24.85 36.17 45.80
C ILE I 443 24.65 34.75 46.33
N TYR I 444 23.48 34.47 46.89
CA TYR I 444 23.24 33.11 47.38
C TYR I 444 23.32 32.07 46.28
N PRO I 445 22.75 32.28 45.09
CA PRO I 445 22.98 31.31 44.00
C PRO I 445 24.44 31.12 43.67
N ALA I 446 25.26 32.17 43.80
CA ALA I 446 26.68 32.04 43.51
C ALA I 446 27.36 31.05 44.45
N PHE I 447 27.00 31.09 45.73
CA PHE I 447 27.63 30.25 46.74
C PHE I 447 26.87 28.95 46.97
N GLY I 448 25.83 28.68 46.19
CA GLY I 448 25.06 27.47 46.37
C GLY I 448 24.22 27.44 47.62
N MET I 449 24.02 28.58 48.27
CA MET I 449 23.22 28.62 49.48
C MET I 449 21.73 28.55 49.14
N GLN I 450 20.96 28.02 50.08
CA GLN I 450 19.52 27.99 49.92
C GLN I 450 18.97 29.41 49.84
N ARG I 451 18.07 29.64 48.89
CA ARG I 451 17.52 30.97 48.71
C ARG I 451 16.87 31.48 49.99
N MET I 452 17.16 32.72 50.33
CA MET I 452 16.71 33.29 51.60
C MET I 452 15.20 33.41 51.60
N HIS I 453 14.57 32.86 52.64
CA HIS I 453 13.13 33.02 52.86
C HIS I 453 12.93 34.21 53.78
N TYR I 454 13.06 35.40 53.21
CA TYR I 454 12.96 36.61 53.99
C TYR I 454 11.52 36.88 54.41
N ARG I 455 11.37 37.40 55.62
CA ARG I 455 10.08 37.75 56.21
C ARG I 455 10.01 39.25 56.38
N ASN I 456 9.01 39.87 55.75
CA ASN I 456 8.89 41.33 55.82
C ASN I 456 8.59 41.76 57.26
N GLY I 457 9.06 42.96 57.60
CA GLY I 457 8.99 43.44 58.96
C GLY I 457 10.10 42.95 59.85
N ASP I 458 10.99 42.10 59.34
CA ASP I 458 12.12 41.64 60.13
C ASP I 458 13.00 42.83 60.52
N PRO I 459 13.49 42.88 61.76
CA PRO I 459 14.43 43.96 62.11
C PRO I 459 15.70 43.94 61.30
N GLN I 460 16.05 42.81 60.71
CA GLN I 460 17.25 42.67 59.89
C GLN I 460 16.88 42.72 58.41
N THR I 461 17.61 43.52 57.64
CA THR I 461 17.44 43.52 56.20
C THR I 461 18.03 42.24 55.63
N PRO I 462 17.68 41.88 54.39
CA PRO I 462 18.26 40.67 53.79
C PRO I 462 19.78 40.67 53.78
N PHE I 463 20.39 41.83 53.53
CA PHE I 463 21.85 41.91 53.54
C PHE I 463 22.41 41.65 54.93
N GLN I 464 21.70 42.08 55.98
CA GLN I 464 22.18 41.83 57.33
C GLN I 464 22.19 40.35 57.65
N ILE I 465 21.19 39.61 57.17
CA ILE I 465 21.19 38.16 57.35
C ILE I 465 22.28 37.51 56.50
N ALA I 466 22.44 37.98 55.26
CA ALA I 466 23.44 37.40 54.37
C ALA I 466 24.84 37.59 54.91
N GLU I 467 25.11 38.73 55.54
CA GLU I 467 26.42 38.98 56.12
C GLU I 467 26.78 37.90 57.12
N GLN I 468 25.81 37.48 57.94
CA GLN I 468 26.07 36.42 58.90
C GLN I 468 26.15 35.05 58.22
N GLN I 469 25.29 34.80 57.23
CA GLN I 469 25.22 33.47 56.63
C GLN I 469 26.31 33.21 55.59
N ILE I 470 26.95 34.26 55.06
CA ILE I 470 27.98 34.10 54.04
C ILE I 470 29.34 34.13 54.71
N GLN I 471 30.18 33.15 54.38
CA GLN I 471 31.48 33.00 55.02
C GLN I 471 32.62 33.63 54.24
N ASN I 472 32.49 33.77 52.92
CA ASN I 472 33.53 34.39 52.12
C ASN I 472 33.80 35.81 52.61
N PHE I 473 35.08 36.16 52.73
CA PHE I 473 35.44 37.42 53.39
C PHE I 473 35.16 38.61 52.49
N GLN I 474 35.36 38.48 51.18
CA GLN I 474 35.14 39.62 50.29
C GLN I 474 33.67 40.03 50.30
N VAL I 475 32.77 39.08 50.04
CA VAL I 475 31.36 39.39 49.98
C VAL I 475 30.83 39.75 51.36
N ALA I 476 31.30 39.06 52.39
CA ALA I 476 30.84 39.36 53.75
C ALA I 476 31.26 40.75 54.18
N ASN I 477 32.50 41.16 53.85
CA ASN I 477 32.96 42.49 54.22
C ASN I 477 32.20 43.57 53.46
N TRP I 478 31.95 43.34 52.16
CA TRP I 478 31.15 44.31 51.41
C TRP I 478 29.74 44.41 51.99
N LEU I 479 29.16 43.27 52.37
CA LEU I 479 27.83 43.27 52.98
C LEU I 479 27.84 44.02 54.30
N HIS I 480 28.89 43.83 55.09
CA HIS I 480 29.01 44.54 56.36
C HIS I 480 29.01 46.05 56.12
N PHE I 481 29.83 46.51 55.18
CA PHE I 481 29.87 47.94 54.89
C PHE I 481 28.51 48.44 54.44
N VAL I 482 27.86 47.71 53.53
CA VAL I 482 26.56 48.15 53.02
C VAL I 482 25.55 48.20 54.15
N ASN I 483 25.65 47.28 55.10
CA ASN I 483 24.72 47.28 56.23
C ASN I 483 24.94 48.47 57.14
N ASN I 484 26.20 48.88 57.33
CA ASN I 484 26.54 49.90 58.32
C ASN I 484 26.84 51.26 57.72
N ASN I 485 26.54 51.49 56.44
CA ASN I 485 26.87 52.76 55.79
C ASN I 485 25.71 53.75 55.86
N GLN I 486 25.15 53.96 57.05
CA GLN I 486 24.12 54.96 57.19
C GLN I 486 24.76 56.34 57.34
N PHE I 487 23.94 57.38 57.20
CA PHE I 487 24.43 58.73 57.36
C PHE I 487 24.89 58.96 58.80
N ARG I 488 25.92 59.79 58.94
CA ARG I 488 26.37 60.25 60.25
C ARG I 488 25.89 61.68 60.45
N GLN I 489 25.53 62.01 61.69
CA GLN I 489 24.98 63.32 62.01
C GLN I 489 26.06 64.16 62.67
N VAL I 490 26.32 65.34 62.11
CA VAL I 490 27.31 66.24 62.68
C VAL I 490 26.79 67.67 62.56
N VAL I 491 26.98 68.47 63.61
CA VAL I 491 26.56 69.86 63.60
C VAL I 491 27.77 70.71 63.19
N ILE I 492 27.65 71.38 62.05
CA ILE I 492 28.71 72.23 61.52
C ILE I 492 28.15 73.64 61.38
N ASP I 493 28.82 74.60 62.01
CA ASP I 493 28.40 76.00 61.96
C ASP I 493 26.93 76.15 62.34
N GLY I 494 26.52 75.39 63.34
CA GLY I 494 25.15 75.49 63.85
C GLY I 494 24.10 74.80 63.01
N VAL I 495 24.49 74.10 61.95
CA VAL I 495 23.55 73.41 61.07
C VAL I 495 23.81 71.92 61.15
N LEU I 496 22.75 71.16 61.38
CA LEU I 496 22.85 69.71 61.35
C LEU I 496 23.08 69.24 59.91
N ASN I 497 24.05 68.35 59.72
CA ASN I 497 24.43 67.86 58.42
C ASN I 497 24.52 66.34 58.46
N GLN I 498 24.09 65.72 57.38
CA GLN I 498 24.18 64.27 57.19
C GLN I 498 25.39 64.01 56.30
N VAL I 499 26.41 63.37 56.86
CA VAL I 499 27.70 63.22 56.22
C VAL I 499 27.96 61.73 55.99
N LEU I 500 28.86 61.46 55.05
CA LEU I 500 29.16 60.11 54.60
C LEU I 500 30.37 59.55 55.31
N ASN I 501 30.50 58.23 55.26
CA ASN I 501 31.71 57.57 55.71
C ASN I 501 32.89 58.01 54.85
N ASP I 502 34.06 58.15 55.47
CA ASP I 502 35.23 58.61 54.72
C ASP I 502 35.61 57.63 53.62
N ASN I 503 35.20 56.37 53.73
CA ASN I 503 35.48 55.42 52.65
C ASN I 503 34.69 55.74 51.40
N ILE I 504 33.44 56.20 51.56
CA ILE I 504 32.68 56.66 50.41
C ILE I 504 33.27 57.94 49.86
N ARG I 505 33.70 58.84 50.75
CA ARG I 505 34.20 60.14 50.30
C ARG I 505 35.44 60.00 49.43
N ASN I 506 36.37 59.13 49.83
CA ASN I 506 37.58 58.90 49.06
C ASN I 506 37.41 57.79 48.02
N GLY I 507 36.24 57.16 47.96
CA GLY I 507 35.98 56.15 46.94
C GLY I 507 36.64 54.81 47.18
N HIS I 508 37.19 54.57 48.37
CA HIS I 508 37.95 53.36 48.60
C HIS I 508 37.03 52.15 48.72
N VAL I 509 35.80 52.34 49.21
CA VAL I 509 34.90 51.21 49.41
C VAL I 509 34.54 50.56 48.08
N VAL I 510 34.70 51.29 46.98
CA VAL I 510 34.44 50.70 45.67
C VAL I 510 35.41 49.56 45.41
N ASN I 511 36.60 49.62 46.02
CA ASN I 511 37.54 48.51 45.91
C ASN I 511 36.99 47.25 46.59
N GLN I 512 36.37 47.41 47.76
CA GLN I 512 35.76 46.27 48.42
C GLN I 512 34.59 45.72 47.61
N LEU I 513 33.80 46.62 47.03
CA LEU I 513 32.72 46.19 46.15
C LEU I 513 33.29 45.38 44.99
N MET I 514 34.36 45.87 44.39
CA MET I 514 35.02 45.18 43.28
C MET I 514 35.49 43.80 43.68
N GLU I 515 36.14 43.70 44.85
CA GLU I 515 36.63 42.41 45.32
C GLU I 515 35.47 41.44 45.52
N ALA I 516 34.39 41.92 46.13
CA ALA I 516 33.23 41.07 46.35
C ALA I 516 32.67 40.54 45.03
N LEU I 517 32.44 41.43 44.07
CA LEU I 517 31.77 40.97 42.86
C LEU I 517 32.74 40.24 41.93
N MET I 518 34.04 40.45 42.10
CA MET I 518 35.02 39.61 41.39
C MET I 518 35.01 38.20 41.94
N GLN I 519 34.93 38.06 43.26
CA GLN I 519 34.74 36.74 43.85
C GLN I 519 33.45 36.11 43.35
N LEU I 520 32.37 36.91 43.25
CA LEU I 520 31.13 36.39 42.72
C LEU I 520 31.28 35.90 41.28
N SER I 521 32.02 36.65 40.45
CA SER I 521 32.31 36.20 39.09
C SER I 521 33.14 34.93 39.07
N ARG I 522 33.93 34.66 40.10
CA ARG I 522 34.67 33.42 40.18
C ARG I 522 33.86 32.24 40.70
N GLN I 523 32.62 32.46 41.14
CA GLN I 523 31.86 31.40 41.80
C GLN I 523 31.29 30.40 40.79
N GLN I 524 31.00 29.20 41.28
CA GLN I 524 30.54 28.12 40.42
C GLN I 524 29.08 28.29 40.02
N PHE I 525 28.25 28.87 40.89
CA PHE I 525 26.81 28.85 40.70
C PHE I 525 26.37 27.41 40.49
N PRO I 526 26.40 26.57 41.54
CA PRO I 526 26.30 25.12 41.37
C PRO I 526 25.20 24.63 40.44
N THR I 527 23.94 24.96 40.72
CA THR I 527 22.82 24.38 40.00
C THR I 527 22.31 25.24 38.85
N MET I 528 22.94 26.37 38.58
CA MET I 528 22.41 27.28 37.58
C MET I 528 22.73 26.78 36.17
N PRO I 529 21.84 27.00 35.20
CA PRO I 529 22.20 26.73 33.80
C PRO I 529 23.43 27.53 33.39
N VAL I 530 24.29 26.90 32.60
CA VAL I 530 25.62 27.45 32.36
C VAL I 530 25.57 28.71 31.51
N ASP I 531 24.65 28.79 30.54
CA ASP I 531 24.58 30.00 29.72
C ASP I 531 24.13 31.20 30.54
N TYR I 532 23.10 31.02 31.38
CA TYR I 532 22.66 32.10 32.25
C TYR I 532 23.75 32.47 33.26
N LYS I 533 24.46 31.46 33.77
CA LYS I 533 25.57 31.72 34.67
C LYS I 533 26.65 32.54 33.98
N ARG I 534 27.00 32.19 32.74
CA ARG I 534 28.00 32.96 32.00
C ARG I 534 27.54 34.40 31.80
N SER I 535 26.27 34.58 31.45
CA SER I 535 25.75 35.93 31.24
C SER I 535 25.84 36.74 32.53
N ILE I 536 25.45 36.15 33.65
CA ILE I 536 25.51 36.88 34.92
C ILE I 536 26.95 37.20 35.30
N GLN I 537 27.86 36.25 35.11
CA GLN I 537 29.26 36.47 35.46
C GLN I 537 29.87 37.57 34.61
N ARG I 538 29.55 37.58 33.31
CA ARG I 538 30.06 38.63 32.44
C ARG I 538 29.42 39.98 32.76
N GLY I 539 28.15 39.99 33.16
CA GLY I 539 27.56 41.23 33.62
C GLY I 539 28.20 41.76 34.89
N ILE I 540 28.56 40.85 35.80
CA ILE I 540 29.29 41.24 36.99
C ILE I 540 30.65 41.81 36.61
N LEU I 541 31.33 41.16 35.66
CA LEU I 541 32.63 41.66 35.21
C LEU I 541 32.53 43.00 34.52
N LEU I 542 31.39 43.28 33.87
CA LEU I 542 31.22 44.59 33.25
C LEU I 542 31.38 45.70 34.27
N LEU I 543 30.76 45.54 35.44
CA LEU I 543 30.90 46.52 36.51
C LEU I 543 32.26 46.41 37.20
N SER I 544 32.79 45.19 37.31
CA SER I 544 34.08 45.00 37.98
C SER I 544 35.20 45.72 37.23
N ASN I 545 35.22 45.60 35.91
CA ASN I 545 36.30 46.15 35.10
C ASN I 545 36.24 47.66 35.01
N ARG I 546 35.18 48.29 35.51
CA ARG I 546 35.09 49.74 35.62
C ARG I 546 35.43 50.21 37.02
N LEU I 547 36.38 49.57 37.68
CA LEU I 547 36.71 49.91 39.05
C LEU I 547 37.21 51.34 39.16
N GLY I 548 38.12 51.75 38.27
CA GLY I 548 38.63 53.11 38.32
C GLY I 548 37.54 54.13 38.07
N GLN I 549 36.69 53.87 37.06
CA GLN I 549 35.60 54.78 36.77
C GLN I 549 34.63 54.88 37.94
N LEU I 550 34.36 53.76 38.60
CA LEU I 550 33.42 53.78 39.72
C LEU I 550 34.02 54.47 40.93
N VAL I 551 35.31 54.30 41.17
CA VAL I 551 35.97 55.02 42.25
C VAL I 551 35.90 56.53 41.98
N ASP I 552 36.19 56.93 40.74
CA ASP I 552 36.12 58.34 40.39
C ASP I 552 34.71 58.87 40.53
N LEU I 553 33.72 58.07 40.11
CA LEU I 553 32.32 58.49 40.22
C LEU I 553 31.91 58.64 41.67
N THR I 554 32.31 57.71 42.53
CA THR I 554 31.98 57.81 43.94
C THR I 554 32.60 59.06 44.56
N ARG I 555 33.87 59.32 44.24
CA ARG I 555 34.53 60.51 44.76
C ARG I 555 33.85 61.78 44.25
N LEU I 556 33.47 61.79 42.97
CA LEU I 556 32.80 62.96 42.40
C LEU I 556 31.46 63.19 43.07
N LEU I 557 30.68 62.12 43.25
CA LEU I 557 29.37 62.23 43.89
C LEU I 557 29.51 62.74 45.32
N ALA I 558 30.47 62.18 46.06
CA ALA I 558 30.67 62.61 47.44
C ALA I 558 31.12 64.06 47.51
N TYR I 559 32.03 64.47 46.62
CA TYR I 559 32.51 65.84 46.64
C TYR I 559 31.40 66.82 46.31
N ASN I 560 30.60 66.51 45.29
CA ASN I 560 29.48 67.39 44.95
C ASN I 560 28.50 67.46 46.10
N TYR I 561 28.23 66.32 46.74
CA TYR I 561 27.33 66.32 47.89
C TYR I 561 27.85 67.23 49.00
N GLU I 562 29.13 67.11 49.34
CA GLU I 562 29.69 67.95 50.40
C GLU I 562 29.67 69.42 50.03
N THR I 563 30.06 69.74 48.79
CA THR I 563 30.14 71.15 48.39
C THR I 563 28.76 71.79 48.40
N LEU I 564 27.73 71.07 47.91
CA LEU I 564 26.39 71.64 47.94
C LEU I 564 25.79 71.61 49.33
N MET I 565 26.22 70.67 50.18
CA MET I 565 25.75 70.64 51.56
C MET I 565 26.30 71.81 52.36
N ALA I 566 27.48 72.30 51.99
CA ALA I 566 28.02 73.48 52.64
C ALA I 566 27.07 74.68 52.52
N CYS I 567 26.23 74.69 51.48
CA CYS I 567 25.32 75.80 51.22
C CYS I 567 23.95 75.62 51.86
N ILE I 568 23.75 74.56 52.63
CA ILE I 568 22.48 74.31 53.30
C ILE I 568 22.49 75.03 54.65
N THR I 569 21.41 75.74 54.95
CA THR I 569 21.29 76.54 56.16
C THR I 569 20.34 75.94 57.19
N MET I 570 19.37 75.15 56.78
CA MET I 570 18.43 74.52 57.69
C MET I 570 18.89 73.09 58.00
N ASN I 571 18.57 72.64 59.21
CA ASN I 571 19.03 71.33 59.67
C ASN I 571 18.59 70.24 58.71
N MET I 572 19.54 69.38 58.34
CA MET I 572 19.26 68.26 57.43
C MET I 572 18.66 67.14 58.26
N GLN I 573 17.35 67.21 58.47
CA GLN I 573 16.63 66.22 59.24
C GLN I 573 16.30 65.01 58.36
N HIS I 574 16.53 63.81 58.88
CA HIS I 574 16.28 62.58 58.16
C HIS I 574 14.97 61.97 58.65
N VAL I 575 13.93 62.08 57.84
CA VAL I 575 12.61 61.52 58.14
C VAL I 575 12.12 60.78 56.91
N GLN I 576 11.63 59.57 57.09
CA GLN I 576 11.02 58.81 56.00
C GLN I 576 9.76 59.53 55.53
N THR I 577 9.79 60.07 54.31
CA THR I 577 8.70 60.90 53.83
C THR I 577 7.57 60.05 53.29
N LEU I 578 6.39 60.67 53.18
CA LEU I 578 5.22 59.97 52.67
C LEU I 578 5.47 59.45 51.26
N THR I 579 5.66 60.35 50.31
CA THR I 579 6.00 60.01 48.94
C THR I 579 7.51 59.98 48.78
N THR I 580 7.96 59.27 47.75
CA THR I 580 9.37 59.07 47.50
C THR I 580 9.70 59.48 46.07
N GLU I 581 10.99 59.71 45.82
CA GLU I 581 11.48 59.94 44.47
C GLU I 581 11.89 58.61 43.88
N LYS I 582 11.24 58.22 42.78
CA LYS I 582 11.56 56.96 42.13
C LYS I 582 12.94 57.02 41.51
N LEU I 583 13.69 55.93 41.66
CA LEU I 583 15.04 55.82 41.11
C LEU I 583 15.11 54.54 40.29
N GLN I 584 15.10 54.68 38.97
CA GLN I 584 15.26 53.51 38.11
C GLN I 584 16.68 52.98 38.22
N LEU I 585 16.79 51.66 38.44
CA LEU I 585 18.11 51.06 38.47
C LEU I 585 18.75 51.03 37.09
N THR I 586 17.98 51.21 36.03
CA THR I 586 18.57 51.39 34.70
C THR I 586 19.30 52.72 34.61
N SER I 587 18.81 53.76 35.28
CA SER I 587 19.55 55.01 35.35
C SER I 587 20.83 54.83 36.14
N VAL I 588 20.79 54.01 37.19
CA VAL I 588 22.01 53.69 37.93
C VAL I 588 23.00 52.97 37.02
N THR I 589 22.50 52.03 36.21
CA THR I 589 23.37 51.33 35.28
C THR I 589 23.97 52.30 34.27
N SER I 590 23.17 53.25 33.79
CA SER I 590 23.66 54.25 32.85
C SER I 590 24.79 55.06 33.49
N LEU I 591 24.57 55.54 34.72
CA LEU I 591 25.60 56.31 35.40
C LEU I 591 26.86 55.50 35.62
N CYS I 592 26.70 54.23 36.00
CA CYS I 592 27.87 53.40 36.28
C CYS I 592 28.65 53.04 35.02
N MET I 593 27.95 52.82 33.91
CA MET I 593 28.58 52.32 32.70
C MET I 593 29.01 53.42 31.74
N LEU I 594 28.51 54.65 31.91
CA LEU I 594 28.81 55.73 30.98
C LEU I 594 29.61 56.87 31.60
N ILE I 595 29.89 56.83 32.90
CA ILE I 595 30.68 57.89 33.51
C ILE I 595 32.11 57.79 33.02
N GLY I 596 32.67 58.93 32.62
CA GLY I 596 34.03 58.99 32.13
C GLY I 596 35.01 59.42 33.20
N ASN I 597 35.87 60.39 32.88
CA ASN I 597 36.85 60.92 33.82
C ASN I 597 36.86 62.44 33.83
N ALA I 598 35.78 63.08 33.40
CA ALA I 598 35.69 64.54 33.37
C ALA I 598 35.09 65.01 34.68
N THR I 599 35.93 65.59 35.54
CA THR I 599 35.45 66.14 36.79
C THR I 599 34.49 67.30 36.52
N VAL I 600 33.34 67.29 37.19
CA VAL I 600 32.39 68.39 37.14
C VAL I 600 32.03 68.73 38.58
N ILE I 601 32.34 69.96 38.98
CA ILE I 601 32.04 70.43 40.33
C ILE I 601 31.14 71.65 40.19
N PRO I 602 30.36 71.97 41.23
CA PRO I 602 29.48 73.13 41.12
C PRO I 602 30.29 74.40 40.90
N SER I 603 29.75 75.27 40.05
CA SER I 603 30.39 76.55 39.81
C SER I 603 30.30 77.42 41.06
N PRO I 604 31.26 78.32 41.27
CA PRO I 604 31.14 79.22 42.44
C PRO I 604 29.88 80.04 42.40
N GLN I 605 29.44 80.45 41.22
CA GLN I 605 28.17 81.16 41.11
C GLN I 605 27.00 80.24 41.41
N THR I 606 27.07 78.98 41.01
CA THR I 606 26.03 78.03 41.35
C THR I 606 25.96 77.82 42.86
N LEU I 607 27.12 77.68 43.51
CA LEU I 607 27.13 77.54 44.97
C LEU I 607 26.57 78.78 45.64
N PHE I 608 26.95 79.97 45.17
CA PHE I 608 26.44 81.19 45.77
C PHE I 608 24.94 81.32 45.57
N HIS I 609 24.44 80.96 44.39
CA HIS I 609 23.00 81.02 44.14
C HIS I 609 22.25 80.03 45.01
N TYR I 610 22.76 78.81 45.15
CA TYR I 610 22.12 77.82 46.01
C TYR I 610 22.09 78.31 47.45
N TYR I 611 23.22 78.85 47.93
CA TYR I 611 23.27 79.40 49.28
C TYR I 611 22.30 80.55 49.46
N ASN I 612 22.20 81.42 48.45
CA ASN I 612 21.30 82.57 48.56
C ASN I 612 19.84 82.12 48.61
N VAL I 613 19.47 81.15 47.78
CA VAL I 613 18.10 80.66 47.80
C VAL I 613 17.79 79.99 49.13
N ASN I 614 18.73 79.18 49.63
CA ASN I 614 18.52 78.54 50.93
C ASN I 614 18.39 79.57 52.03
N VAL I 615 19.24 80.59 52.03
CA VAL I 615 19.18 81.63 53.06
C VAL I 615 17.87 82.40 52.95
N ASN I 616 17.44 82.71 51.73
CA ASN I 616 16.20 83.43 51.56
C ASN I 616 15.02 82.62 52.08
N PHE I 617 14.98 81.32 51.76
CA PHE I 617 13.90 80.49 52.26
C PHE I 617 13.93 80.40 53.78
N HIS I 618 15.12 80.23 54.35
CA HIS I 618 15.24 80.10 55.80
C HIS I 618 14.80 81.37 56.51
N SER I 619 15.28 82.53 56.03
CA SER I 619 14.94 83.80 56.67
C SER I 619 13.47 84.14 56.47
N ASN I 620 12.91 83.83 55.30
CA ASN I 620 11.48 84.01 55.10
C ASN I 620 10.69 83.13 56.04
N TYR I 621 11.11 81.88 56.21
CA TYR I 621 10.44 80.98 57.14
C TYR I 621 10.43 81.56 58.54
N ASN I 622 11.59 82.04 59.00
CA ASN I 622 11.68 82.59 60.35
C ASN I 622 10.86 83.86 60.50
N GLU I 623 10.90 84.74 59.49
CA GLU I 623 10.14 85.99 59.58
C GLU I 623 8.64 85.73 59.56
N ARG I 624 8.19 84.77 58.76
CA ARG I 624 6.77 84.44 58.74
C ARG I 624 6.34 83.77 60.04
N ILE I 625 7.21 82.94 60.63
CA ILE I 625 6.91 82.40 61.95
C ILE I 625 6.75 83.53 62.94
N ASN I 626 7.66 84.50 62.91
CA ASN I 626 7.61 85.61 63.85
C ASN I 626 6.33 86.42 63.67
N ASP I 627 5.96 86.70 62.41
CA ASP I 627 4.74 87.46 62.16
C ASP I 627 3.50 86.70 62.62
N ALA I 628 3.43 85.40 62.33
CA ALA I 628 2.28 84.61 62.75
C ALA I 628 2.18 84.57 64.26
N VAL I 629 3.31 84.32 64.94
CA VAL I 629 3.30 84.26 66.40
C VAL I 629 2.91 85.61 66.98
N ALA I 630 3.40 86.70 66.39
CA ALA I 630 3.05 88.02 66.88
C ALA I 630 1.55 88.26 66.78
N ILE I 631 0.97 87.94 65.62
CA ILE I 631 -0.47 88.17 65.45
C ILE I 631 -1.27 87.28 66.40
N ILE I 632 -0.87 86.03 66.55
CA ILE I 632 -1.60 85.11 67.44
C ILE I 632 -1.54 85.62 68.88
N THR I 633 -0.35 86.01 69.34
CA THR I 633 -0.21 86.49 70.70
C THR I 633 -0.96 87.79 70.91
N ALA I 634 -0.94 88.68 69.91
CA ALA I 634 -1.68 89.94 70.02
C ALA I 634 -3.18 89.67 70.12
N ALA I 635 -3.69 88.74 69.31
CA ALA I 635 -5.11 88.41 69.37
C ALA I 635 -5.46 87.82 70.73
N ASN I 636 -4.61 86.95 71.26
CA ASN I 636 -4.89 86.37 72.57
C ASN I 636 -4.85 87.44 73.66
N ARG I 637 -3.88 88.35 73.61
CA ARG I 637 -3.75 89.37 74.64
C ARG I 637 -4.73 90.52 74.45
N LEU I 638 -5.30 90.67 73.26
CA LEU I 638 -6.39 91.62 73.05
C LEU I 638 -7.75 90.99 73.25
N ASN I 639 -7.80 89.73 73.69
CA ASN I 639 -9.06 89.07 74.00
C ASN I 639 -9.95 88.99 72.74
N LEU I 640 -9.34 88.67 71.61
CA LEU I 640 -10.08 88.52 70.35
C LEU I 640 -10.47 87.06 70.20
N TYR I 641 -11.45 86.66 71.00
CA TYR I 641 -11.88 85.27 71.08
C TYR I 641 -12.57 84.79 69.82
N GLN I 642 -13.23 85.68 69.07
CA GLN I 642 -13.83 85.27 67.81
C GLN I 642 -12.81 85.21 66.68
N LYS I 643 -11.58 85.64 66.91
CA LYS I 643 -10.54 85.52 65.90
C LYS I 643 -10.20 84.05 65.68
N LYS I 644 -10.11 83.65 64.42
CA LYS I 644 -9.76 82.28 64.06
C LYS I 644 -8.27 82.23 63.75
N MET I 645 -7.53 81.47 64.55
CA MET I 645 -6.10 81.30 64.31
C MET I 645 -5.83 80.45 63.08
N LYS I 646 -6.83 79.71 62.60
CA LYS I 646 -6.66 78.91 61.40
C LYS I 646 -6.37 79.80 60.19
N SER I 647 -7.02 80.97 60.12
CA SER I 647 -6.72 81.90 59.04
C SER I 647 -5.29 82.40 59.13
N ILE I 648 -4.80 82.65 60.35
CA ILE I 648 -3.42 83.08 60.52
C ILE I 648 -2.46 81.99 60.04
N VAL I 649 -2.75 80.74 60.39
CA VAL I 649 -1.88 79.65 59.96
C VAL I 649 -1.93 79.48 58.45
N GLU I 650 -3.11 79.66 57.85
CA GLU I 650 -3.22 79.59 56.40
C GLU I 650 -2.39 80.69 55.73
N ASP I 651 -2.45 81.91 56.26
CA ASP I 651 -1.63 82.99 55.71
C ASP I 651 -0.14 82.67 55.88
N PHE I 652 0.23 82.11 57.02
CA PHE I 652 1.62 81.74 57.26
C PHE I 652 2.11 80.72 56.23
N LEU I 653 1.34 79.66 56.02
CA LEU I 653 1.72 78.64 55.06
C LEU I 653 1.74 79.20 53.64
N LYS I 654 0.79 80.09 53.32
CA LYS I 654 0.76 80.68 51.99
C LYS I 654 1.99 81.55 51.75
N ARG I 655 2.41 82.30 52.77
CA ARG I 655 3.60 83.11 52.64
C ARG I 655 4.88 82.30 52.70
N LEU I 656 4.82 81.03 53.12
CA LEU I 656 5.98 80.16 52.95
C LEU I 656 6.23 79.80 51.49
N GLN I 657 5.26 80.02 50.61
CA GLN I 657 5.36 80.01 49.15
C GLN I 657 5.44 78.61 48.54
N ILE I 658 5.53 77.54 49.34
CA ILE I 658 5.74 76.21 48.79
C ILE I 658 4.64 75.24 49.21
N PHE I 659 3.49 75.75 49.65
CA PHE I 659 2.40 74.91 50.13
C PHE I 659 1.13 75.23 49.37
N ASP I 660 0.47 74.19 48.86
CA ASP I 660 -0.90 74.28 48.39
C ASP I 660 -1.80 74.08 49.59
N ILE I 661 -2.24 75.19 50.20
CA ILE I 661 -2.90 75.12 51.50
C ILE I 661 -4.19 74.32 51.46
N SER I 662 -4.77 74.14 50.28
CA SER I 662 -6.01 73.36 50.17
C SER I 662 -5.80 71.88 50.44
N ARG I 663 -4.54 71.41 50.50
CA ARG I 663 -4.24 70.00 50.71
C ARG I 663 -3.55 69.75 52.04
N VAL I 664 -3.59 70.70 52.96
CA VAL I 664 -3.01 70.51 54.29
C VAL I 664 -4.05 69.82 55.17
N PRO I 665 -3.76 68.67 55.77
CA PRO I 665 -4.75 68.02 56.64
C PRO I 665 -5.09 68.90 57.84
N ASP I 666 -6.35 68.77 58.30
CA ASP I 666 -6.83 69.61 59.39
C ASP I 666 -6.05 69.35 60.68
N ASP I 667 -5.73 68.09 60.97
CA ASP I 667 -5.00 67.79 62.19
C ASP I 667 -3.64 68.45 62.19
N GLN I 668 -2.97 68.46 61.04
CA GLN I 668 -1.68 69.13 60.95
C GLN I 668 -1.83 70.65 61.04
N MET I 669 -2.91 71.21 60.50
CA MET I 669 -3.17 72.64 60.65
C MET I 669 -3.32 73.01 62.11
N TYR I 670 -4.12 72.24 62.85
CA TYR I 670 -4.33 72.54 64.27
C TYR I 670 -3.07 72.28 65.08
N ARG I 671 -2.28 71.27 64.72
CA ARG I 671 -1.00 71.05 65.38
C ARG I 671 -0.05 72.22 65.14
N LEU I 672 -0.05 72.75 63.92
CA LEU I 672 0.76 73.93 63.63
C LEU I 672 0.32 75.11 64.47
N ARG I 673 -1.00 75.30 64.61
CA ARG I 673 -1.50 76.36 65.47
C ARG I 673 -1.03 76.16 66.91
N ASP I 674 -1.14 74.93 67.42
CA ASP I 674 -0.77 74.65 68.80
C ASP I 674 0.71 74.90 69.03
N ARG I 675 1.56 74.50 68.08
CA ARG I 675 3.00 74.71 68.24
C ARG I 675 3.34 76.19 68.12
N LEU I 676 2.66 76.92 67.23
CA LEU I 676 2.91 78.35 67.11
C LEU I 676 2.54 79.09 68.39
N ARG I 677 1.44 78.69 69.03
CA ARG I 677 1.02 79.35 70.26
C ARG I 677 2.07 79.23 71.36
N LEU I 678 2.89 78.18 71.32
CA LEU I 678 3.88 77.95 72.37
C LEU I 678 5.16 78.75 72.18
N LEU I 679 5.37 79.35 71.02
CA LEU I 679 6.62 80.05 70.80
C LEU I 679 6.58 81.44 71.44
N PRO I 680 7.71 81.96 71.92
CA PRO I 680 7.74 83.34 72.41
C PRO I 680 7.83 84.35 71.28
N VAL I 681 7.25 85.52 71.52
CA VAL I 681 7.17 86.55 70.50
C VAL I 681 8.54 87.21 70.33
N GLU I 682 8.82 87.64 69.09
CA GLU I 682 10.08 88.31 68.80
C GLU I 682 10.15 89.65 69.51
N ILE I 683 11.38 90.10 69.80
CA ILE I 683 11.56 91.26 70.67
C ILE I 683 10.99 92.52 70.02
N ARG I 684 11.25 92.72 68.73
CA ARG I 684 10.80 93.94 68.06
C ARG I 684 9.27 94.00 68.00
N ARG I 685 8.65 92.91 67.55
CA ARG I 685 7.21 92.86 67.44
C ARG I 685 6.56 92.93 68.83
N LEU I 686 7.15 92.27 69.83
CA LEU I 686 6.61 92.33 71.17
C LEU I 686 6.70 93.75 71.74
N ASP I 687 7.81 94.44 71.49
CA ASP I 687 7.94 95.82 71.96
C ASP I 687 6.90 96.72 71.31
N ILE I 688 6.68 96.55 70.00
CA ILE I 688 5.65 97.34 69.33
C ILE I 688 4.28 97.03 69.90
N PHE I 689 4.01 95.75 70.18
CA PHE I 689 2.73 95.39 70.77
C PHE I 689 2.56 96.01 72.15
N ASN I 690 3.62 96.02 72.96
CA ASN I 690 3.54 96.64 74.28
C ASN I 690 3.27 98.13 74.15
N LEU I 691 3.93 98.78 73.19
CA LEU I 691 3.70 100.20 72.96
C LEU I 691 2.25 100.47 72.59
N ILE I 692 1.68 99.62 71.73
CA ILE I 692 0.28 99.81 71.34
C ILE I 692 -0.65 99.52 72.50
N LEU I 693 -0.35 98.46 73.27
CA LEU I 693 -1.26 98.02 74.33
C LEU I 693 -1.31 99.04 75.47
N MET I 694 -0.17 99.62 75.82
CA MET I 694 -0.15 100.61 76.90
C MET I 694 -0.83 101.92 76.51
N ASN I 695 -1.16 102.11 75.23
CA ASN I 695 -1.78 103.32 74.74
C ASN I 695 -3.14 103.09 74.10
N MET I 696 -3.62 101.85 74.06
CA MET I 696 -4.97 101.59 73.56
C MET I 696 -5.98 102.48 74.25
N GLU I 697 -5.93 102.55 75.58
CA GLU I 697 -6.94 103.29 76.32
C GLU I 697 -6.90 104.77 75.96
N GLN I 698 -5.71 105.35 75.89
CA GLN I 698 -5.58 106.76 75.54
C GLN I 698 -6.07 107.02 74.12
N ILE I 699 -5.68 106.18 73.17
CA ILE I 699 -6.07 106.40 71.78
C ILE I 699 -7.57 106.26 71.63
N GLU I 700 -8.17 105.27 72.29
CA GLU I 700 -9.61 105.08 72.24
C GLU I 700 -10.34 106.26 72.84
N ARG I 701 -9.85 106.76 73.98
CA ARG I 701 -10.53 107.89 74.63
C ARG I 701 -10.31 109.19 73.87
N ALA I 702 -9.30 109.26 73.01
CA ALA I 702 -9.11 110.43 72.18
C ALA I 702 -10.12 110.52 71.04
N SER I 703 -10.79 109.42 70.73
CA SER I 703 -11.73 109.41 69.62
C SER I 703 -12.95 110.26 69.95
N ASP I 704 -13.40 111.03 68.98
CA ASP I 704 -14.62 111.84 69.10
C ASP I 704 -15.85 111.11 68.58
N LYS I 705 -15.70 109.90 68.06
CA LYS I 705 -16.83 109.16 67.52
C LYS I 705 -17.50 108.26 68.55
N ILE I 706 -16.78 107.83 69.59
CA ILE I 706 -17.30 106.89 70.56
C ILE I 706 -17.11 107.44 71.97
N ALA I 707 -17.93 106.93 72.88
CA ALA I 707 -17.79 107.16 74.30
C ALA I 707 -17.52 105.84 75.00
N GLN I 708 -17.06 105.91 76.24
CA GLN I 708 -16.67 104.74 76.99
C GLN I 708 -17.82 104.14 77.80
N GLY I 709 -19.01 104.72 77.72
CA GLY I 709 -20.14 104.20 78.44
C GLY I 709 -21.17 105.28 78.70
N VAL I 710 -22.24 104.88 79.36
CA VAL I 710 -23.32 105.79 79.71
C VAL I 710 -23.86 105.39 81.09
N ILE I 711 -23.92 106.36 82.00
CA ILE I 711 -24.49 106.17 83.32
C ILE I 711 -25.94 106.61 83.27
N ILE I 712 -26.86 105.70 83.62
CA ILE I 712 -28.27 106.00 83.77
C ILE I 712 -28.51 106.12 85.27
N ALA I 713 -28.62 107.35 85.75
CA ALA I 713 -28.90 107.64 87.16
C ALA I 713 -30.21 108.42 87.19
N TYR I 714 -31.26 107.81 87.72
CA TYR I 714 -32.59 108.39 87.60
C TYR I 714 -32.81 109.57 88.54
N ARG I 715 -31.77 110.04 89.21
CA ARG I 715 -31.78 111.32 89.91
C ARG I 715 -31.23 112.41 89.00
N ASP I 716 -31.70 113.63 89.21
CA ASP I 716 -31.22 114.76 88.43
C ASP I 716 -29.81 115.14 88.88
N MET I 717 -28.90 115.25 87.91
CA MET I 717 -27.51 115.61 88.16
C MET I 717 -27.17 116.85 87.36
N GLN I 718 -26.53 117.82 88.02
CA GLN I 718 -26.15 119.05 87.35
C GLN I 718 -25.20 118.76 86.20
N LEU I 719 -25.46 119.38 85.05
CA LEU I 719 -24.54 119.28 83.93
C LEU I 719 -23.20 119.90 84.31
N GLU I 720 -22.13 119.18 84.00
CA GLU I 720 -20.78 119.67 84.30
C GLU I 720 -20.43 120.82 83.39
N ARG I 721 -19.61 121.73 83.90
CA ARG I 721 -19.13 122.89 83.16
C ARG I 721 -17.73 122.58 82.66
N ASP I 722 -17.60 122.35 81.36
CA ASP I 722 -16.34 121.96 80.74
C ASP I 722 -15.96 122.97 79.67
N GLU I 723 -14.66 123.22 79.54
CA GLU I 723 -14.19 124.20 78.58
C GLU I 723 -14.50 123.78 77.14
N MET I 724 -14.58 122.47 76.89
CA MET I 724 -14.75 121.97 75.53
C MET I 724 -16.19 121.97 75.06
N TYR I 725 -17.16 122.05 75.97
CA TYR I 725 -18.56 121.90 75.62
C TYR I 725 -19.43 123.05 76.09
N GLY I 726 -19.13 123.63 77.25
CA GLY I 726 -20.08 124.46 77.96
C GLY I 726 -20.72 123.64 79.06
N TYR I 727 -22.03 123.42 78.99
CA TYR I 727 -22.70 122.49 79.87
C TYR I 727 -22.78 121.14 79.17
N VAL I 728 -22.27 120.10 79.82
CA VAL I 728 -22.22 118.76 79.25
C VAL I 728 -22.54 117.75 80.33
N ASN I 729 -23.36 116.76 79.98
CA ASN I 729 -23.67 115.64 80.89
C ASN I 729 -22.56 114.59 80.79
N ILE I 730 -21.37 114.98 81.20
CA ILE I 730 -20.17 114.16 81.06
C ILE I 730 -19.83 113.56 82.41
N ALA I 731 -19.52 112.26 82.41
CA ALA I 731 -19.07 111.56 83.59
C ALA I 731 -17.56 111.40 83.52
N ARG I 732 -16.87 111.85 84.56
CA ARG I 732 -15.42 111.70 84.60
C ARG I 732 -15.02 110.26 84.91
N ASN I 733 -15.88 109.54 85.64
CA ASN I 733 -15.64 108.14 85.97
C ASN I 733 -16.97 107.48 86.26
N LEU I 734 -16.95 106.16 86.42
CA LEU I 734 -18.14 105.37 86.69
C LEU I 734 -18.29 105.06 88.18
N ASP I 735 -17.58 105.77 89.05
CA ASP I 735 -17.62 105.49 90.47
C ASP I 735 -19.04 105.68 91.02
N GLY I 736 -19.51 104.70 91.78
CA GLY I 736 -20.77 104.79 92.47
C GLY I 736 -21.95 104.13 91.80
N PHE I 737 -21.74 103.42 90.69
CA PHE I 737 -22.81 102.76 89.97
C PHE I 737 -22.41 101.33 89.65
N GLN I 738 -23.39 100.44 89.62
CA GLN I 738 -23.16 99.08 89.17
C GLN I 738 -22.89 99.09 87.67
N GLN I 739 -21.84 98.39 87.25
CA GLN I 739 -21.40 98.39 85.86
C GLN I 739 -21.90 97.13 85.17
N ILE I 740 -22.49 97.31 84.00
CA ILE I 740 -22.89 96.21 83.12
C ILE I 740 -22.05 96.32 81.86
N ASN I 741 -21.28 95.28 81.57
CA ASN I 741 -20.45 95.24 80.37
C ASN I 741 -21.33 94.94 79.17
N LEU I 742 -21.38 95.89 78.23
CA LEU I 742 -22.24 95.71 77.06
C LEU I 742 -21.72 94.61 76.16
N GLU I 743 -20.42 94.37 76.14
CA GLU I 743 -19.88 93.29 75.32
C GLU I 743 -20.34 91.93 75.85
N GLU I 744 -20.22 91.73 77.16
CA GLU I 744 -20.67 90.46 77.74
C GLU I 744 -22.17 90.28 77.59
N LEU I 745 -22.93 91.36 77.77
CA LEU I 745 -24.37 91.28 77.57
C LEU I 745 -24.71 90.91 76.13
N MET I 746 -24.01 91.51 75.16
CA MET I 746 -24.23 91.19 73.76
C MET I 746 -23.90 89.73 73.48
N ARG I 747 -22.80 89.24 74.03
CA ARG I 747 -22.38 87.87 73.75
C ARG I 747 -23.32 86.86 74.38
N THR I 748 -23.67 87.05 75.66
CA THR I 748 -24.51 86.08 76.35
C THR I 748 -25.92 86.03 75.77
N GLY I 749 -26.49 87.19 75.45
CA GLY I 749 -27.88 87.25 75.07
C GLY I 749 -28.85 87.22 76.22
N ASP I 750 -28.37 87.31 77.46
CA ASP I 750 -29.21 87.31 78.64
C ASP I 750 -29.45 88.75 79.05
N TYR I 751 -30.66 89.24 78.81
CA TYR I 751 -31.06 90.61 79.15
C TYR I 751 -31.97 90.67 80.36
N ALA I 752 -31.95 89.62 81.21
CA ALA I 752 -32.80 89.61 82.38
C ALA I 752 -32.41 90.70 83.36
N GLN I 753 -31.12 90.83 83.67
CA GLN I 753 -30.68 91.80 84.67
C GLN I 753 -30.84 93.22 84.15
N ILE I 754 -30.40 93.47 82.90
CA ILE I 754 -30.54 94.80 82.33
C ILE I 754 -32.01 95.18 82.21
N THR I 755 -32.86 94.25 81.78
CA THR I 755 -34.28 94.54 81.66
C THR I 755 -34.90 94.84 83.02
N ASN I 756 -34.54 94.05 84.03
CA ASN I 756 -35.07 94.29 85.37
C ASN I 756 -34.63 95.64 85.90
N MET I 757 -33.37 96.02 85.67
CA MET I 757 -32.89 97.30 86.15
C MET I 757 -33.55 98.46 85.41
N LEU I 758 -33.75 98.31 84.09
CA LEU I 758 -34.36 99.39 83.32
C LEU I 758 -35.83 99.56 83.66
N LEU I 759 -36.55 98.45 83.84
CA LEU I 759 -37.96 98.54 84.18
C LEU I 759 -38.16 99.14 85.57
N ASN I 760 -37.33 98.75 86.52
CA ASN I 760 -37.46 99.19 87.91
C ASN I 760 -36.68 100.46 88.20
N ASN I 761 -36.07 101.07 87.18
CA ASN I 761 -35.38 102.35 87.32
C ASN I 761 -34.24 102.26 88.32
N GLN I 762 -33.43 101.21 88.19
CA GLN I 762 -32.28 101.01 89.06
C GLN I 762 -31.07 101.72 88.45
N PRO I 763 -30.41 102.63 89.16
CA PRO I 763 -29.24 103.30 88.57
C PRO I 763 -28.19 102.29 88.15
N VAL I 764 -27.59 102.52 86.98
CA VAL I 764 -26.67 101.57 86.37
C VAL I 764 -25.69 102.34 85.50
N ALA I 765 -24.61 101.66 85.10
CA ALA I 765 -23.64 102.21 84.16
C ALA I 765 -23.35 101.16 83.10
N LEU I 766 -23.76 101.43 81.87
CA LEU I 766 -23.43 100.56 80.74
C LEU I 766 -22.04 100.92 80.25
N VAL I 767 -21.16 99.92 80.16
CA VAL I 767 -19.75 100.14 79.85
C VAL I 767 -19.45 99.50 78.50
N GLY I 768 -18.84 100.29 77.63
CA GLY I 768 -18.41 99.81 76.33
C GLY I 768 -18.32 100.93 75.34
N ALA I 769 -17.56 100.70 74.27
CA ALA I 769 -17.45 101.67 73.20
C ALA I 769 -18.80 101.90 72.55
N LEU I 770 -19.33 103.11 72.70
CA LEU I 770 -20.67 103.43 72.25
C LEU I 770 -20.64 104.66 71.35
N PRO I 771 -21.42 104.67 70.27
CA PRO I 771 -21.65 105.93 69.56
C PRO I 771 -22.64 106.78 70.34
N PHE I 772 -22.53 108.10 70.19
CA PHE I 772 -23.38 109.02 70.92
C PHE I 772 -23.85 110.13 70.00
N ILE I 773 -25.00 110.69 70.33
CA ILE I 773 -25.58 111.82 69.60
C ILE I 773 -25.25 113.08 70.38
N THR I 774 -24.65 114.06 69.69
CA THR I 774 -24.36 115.35 70.29
C THR I 774 -25.57 116.25 70.11
N ASP I 775 -26.18 116.65 71.22
CA ASP I 775 -27.37 117.49 71.22
C ASP I 775 -27.00 118.86 71.75
N SER I 776 -27.20 119.89 70.94
CA SER I 776 -26.92 121.27 71.33
C SER I 776 -28.18 122.04 71.71
N SER I 777 -29.32 121.37 71.80
CA SER I 777 -30.60 122.02 72.05
C SER I 777 -30.92 121.99 73.54
N VAL I 778 -31.18 123.17 74.10
CA VAL I 778 -31.67 123.24 75.47
C VAL I 778 -33.05 122.62 75.57
N ILE I 779 -33.87 122.78 74.53
CA ILE I 779 -35.20 122.19 74.52
C ILE I 779 -35.10 120.67 74.61
N SER I 780 -34.08 120.09 73.98
CA SER I 780 -33.88 118.64 74.10
C SER I 780 -33.58 118.25 75.54
N LEU I 781 -32.76 119.04 76.23
CA LEU I 781 -32.47 118.75 77.63
C LEU I 781 -33.72 118.87 78.49
N VAL I 782 -34.53 119.91 78.26
CA VAL I 782 -35.75 120.09 79.04
C VAL I 782 -36.72 118.96 78.78
N ALA I 783 -36.77 118.47 77.54
CA ALA I 783 -37.65 117.36 77.19
C ALA I 783 -37.14 116.03 77.71
N LYS I 784 -35.90 115.98 78.21
CA LYS I 784 -35.34 114.76 78.80
C LYS I 784 -35.24 113.63 77.77
N LEU I 785 -34.77 113.97 76.57
CA LEU I 785 -34.69 112.99 75.50
C LEU I 785 -33.59 111.96 75.77
N ASP I 786 -32.53 112.35 76.49
CA ASP I 786 -31.45 111.43 76.77
C ASP I 786 -31.91 110.22 77.56
N ALA I 787 -33.01 110.33 78.31
CA ALA I 787 -33.55 109.24 79.09
C ALA I 787 -34.46 108.33 78.28
N THR I 788 -34.62 108.58 76.98
CA THR I 788 -35.56 107.83 76.14
C THR I 788 -34.85 106.94 75.14
N VAL I 789 -33.59 106.58 75.38
CA VAL I 789 -32.76 105.88 74.40
C VAL I 789 -32.45 104.46 74.82
N PHE I 790 -32.99 103.97 75.94
CA PHE I 790 -32.63 102.66 76.46
C PHE I 790 -33.73 101.62 76.33
N ALA I 791 -34.97 102.03 76.10
CA ALA I 791 -36.06 101.05 75.96
C ALA I 791 -35.87 100.17 74.74
N GLN I 792 -35.10 100.61 73.75
CA GLN I 792 -34.81 99.77 72.59
C GLN I 792 -34.02 98.53 73.01
N ILE I 793 -33.22 98.63 74.08
CA ILE I 793 -32.49 97.47 74.57
C ILE I 793 -33.47 96.39 75.00
N VAL I 794 -34.52 96.76 75.73
CA VAL I 794 -35.52 95.80 76.14
C VAL I 794 -36.31 95.29 74.94
N LYS I 795 -36.69 96.19 74.04
CA LYS I 795 -37.52 95.80 72.91
C LYS I 795 -36.81 94.80 72.02
N LEU I 796 -35.59 95.12 71.59
CA LEU I 796 -34.87 94.32 70.60
C LEU I 796 -33.90 93.33 71.22
N ARG I 797 -33.60 93.45 72.51
CA ARG I 797 -32.58 92.63 73.15
C ARG I 797 -31.25 92.78 72.42
N LYS I 798 -30.96 93.99 71.98
CA LYS I 798 -29.72 94.34 71.29
C LYS I 798 -29.13 95.57 71.94
N VAL I 799 -27.80 95.69 71.88
CA VAL I 799 -27.08 96.83 72.41
C VAL I 799 -26.26 97.54 71.34
N ASP I 800 -26.37 97.10 70.08
CA ASP I 800 -25.62 97.74 69.01
C ASP I 800 -26.20 99.08 68.62
N THR I 801 -27.52 99.25 68.73
CA THR I 801 -28.19 100.48 68.36
C THR I 801 -28.24 101.49 69.50
N LEU I 802 -27.69 101.16 70.67
CA LEU I 802 -27.67 102.10 71.78
C LEU I 802 -26.83 103.31 71.42
N LYS I 803 -27.46 104.48 71.37
CA LYS I 803 -26.80 105.74 71.02
C LYS I 803 -27.19 106.79 72.06
N PRO I 804 -26.50 106.85 73.19
CA PRO I 804 -26.86 107.83 74.22
C PRO I 804 -26.66 109.27 73.74
N ILE I 805 -27.42 110.17 74.34
CA ILE I 805 -27.38 111.58 74.01
C ILE I 805 -26.32 112.27 74.86
N LEU I 806 -25.45 113.04 74.22
CA LEU I 806 -24.47 113.87 74.90
C LEU I 806 -24.85 115.33 74.66
N TYR I 807 -25.26 116.01 75.71
CA TYR I 807 -25.66 117.41 75.59
C TYR I 807 -24.43 118.30 75.52
N LYS I 808 -24.44 119.23 74.57
CA LYS I 808 -23.36 120.22 74.42
C LYS I 808 -24.04 121.59 74.33
N ILE I 809 -24.31 122.18 75.49
CA ILE I 809 -25.08 123.41 75.59
C ILE I 809 -24.10 124.56 75.79
N ASN I 810 -24.07 125.49 74.84
CA ASN I 810 -23.22 126.67 74.92
C ASN I 810 -23.90 127.79 74.13
N SER I 811 -23.22 128.93 74.05
CA SER I 811 -23.81 130.09 73.39
C SER I 811 -24.12 129.83 71.93
N ASP I 812 -23.49 128.84 71.31
CA ASP I 812 -23.80 128.50 69.93
C ASP I 812 -25.15 127.83 69.78
N SER I 813 -25.78 127.41 70.87
CA SER I 813 -27.09 126.78 70.81
C SER I 813 -28.15 127.80 70.43
N ASN I 814 -29.11 127.36 69.61
CA ASN I 814 -30.17 128.24 69.15
C ASN I 814 -31.11 128.65 70.28
N ASP I 815 -31.08 127.95 71.42
CA ASP I 815 -31.95 128.24 72.55
C ASP I 815 -31.17 128.48 73.84
N PHE I 816 -29.92 128.91 73.72
CA PHE I 816 -29.10 129.13 74.91
C PHE I 816 -29.69 130.19 75.84
N TYR I 817 -30.52 131.09 75.32
CA TYR I 817 -31.11 132.12 76.17
C TYR I 817 -31.86 131.50 77.35
N LEU I 818 -32.45 130.32 77.16
CA LEU I 818 -33.14 129.66 78.26
C LEU I 818 -32.21 129.45 79.44
N VAL I 819 -30.97 129.02 79.17
CA VAL I 819 -29.99 128.92 80.25
C VAL I 819 -29.61 130.31 80.76
N ALA I 820 -29.42 131.26 79.84
CA ALA I 820 -28.87 132.56 80.21
C ALA I 820 -29.90 133.46 80.89
N ASN I 821 -31.15 133.44 80.44
CA ASN I 821 -32.15 134.42 80.86
C ASN I 821 -33.07 133.90 81.96
N TYR I 822 -32.82 132.72 82.50
CA TYR I 822 -33.67 132.14 83.52
C TYR I 822 -32.83 131.60 84.67
N ASP I 823 -33.45 131.51 85.83
CA ASP I 823 -32.80 131.03 87.05
C ASP I 823 -33.15 129.56 87.23
N TRP I 824 -32.26 128.69 86.77
CA TRP I 824 -32.45 127.26 86.91
C TRP I 824 -31.10 126.58 86.73
N VAL I 825 -31.04 125.32 87.14
CA VAL I 825 -29.83 124.51 87.06
C VAL I 825 -30.05 123.45 85.97
N PRO I 826 -29.38 123.53 84.83
CA PRO I 826 -29.51 122.45 83.84
C PRO I 826 -28.99 121.13 84.39
N THR I 827 -29.87 120.13 84.38
CA THR I 827 -29.55 118.79 84.87
C THR I 827 -30.02 117.76 83.87
N SER I 828 -29.59 116.52 84.08
CA SER I 828 -30.06 115.39 83.30
C SER I 828 -29.95 114.14 84.15
N THR I 829 -30.68 113.11 83.76
CA THR I 829 -30.68 111.83 84.45
C THR I 829 -29.67 110.85 83.88
N THR I 830 -28.89 111.26 82.88
CA THR I 830 -27.89 110.39 82.29
C THR I 830 -26.60 111.18 82.07
N LYS I 831 -25.48 110.46 82.12
CA LYS I 831 -24.17 111.01 81.81
C LYS I 831 -23.49 110.12 80.78
N VAL I 832 -22.61 110.73 79.99
CA VAL I 832 -21.84 110.00 78.98
C VAL I 832 -20.40 109.93 79.46
N TYR I 833 -19.89 108.72 79.63
CA TYR I 833 -18.53 108.50 80.12
C TYR I 833 -17.57 108.80 78.97
N LYS I 834 -17.01 110.01 78.98
CA LYS I 834 -16.07 110.42 77.96
C LYS I 834 -14.98 111.27 78.59
N GLN I 835 -13.81 111.25 77.97
CA GLN I 835 -12.70 112.08 78.38
C GLN I 835 -12.63 113.33 77.52
N ILE I 836 -11.79 114.28 77.94
CA ILE I 836 -11.62 115.53 77.20
C ILE I 836 -10.25 115.49 76.52
N PRO I 837 -10.06 116.18 75.40
CA PRO I 837 -8.78 116.08 74.69
C PRO I 837 -7.63 116.60 75.52
N GLN I 838 -6.46 116.01 75.32
CA GLN I 838 -5.25 116.48 75.97
C GLN I 838 -4.83 117.82 75.39
N GLN I 839 -4.54 118.78 76.26
CA GLN I 839 -4.06 120.08 75.80
C GLN I 839 -2.68 119.93 75.17
N PHE I 840 -2.45 120.67 74.10
CA PHE I 840 -1.14 120.68 73.45
C PHE I 840 -0.17 121.50 74.29
N ASP I 841 0.99 120.91 74.59
CA ASP I 841 2.05 121.59 75.31
C ASP I 841 3.32 121.53 74.46
N PHE I 842 3.90 122.71 74.19
CA PHE I 842 5.10 122.75 73.37
C PHE I 842 6.26 122.04 74.05
N ARG I 843 6.44 122.27 75.35
CA ARG I 843 7.56 121.67 76.06
C ARG I 843 7.48 120.16 76.05
N ALA I 844 6.28 119.61 76.23
CA ALA I 844 6.10 118.16 76.27
C ALA I 844 6.15 117.53 74.89
N SER I 845 6.02 118.33 73.82
CA SER I 845 5.98 117.81 72.46
C SER I 845 7.26 118.05 71.68
N MET I 846 8.13 118.93 72.14
CA MET I 846 9.38 119.21 71.44
C MET I 846 10.42 118.16 71.81
N HIS I 847 10.96 117.49 70.80
CA HIS I 847 11.97 116.47 70.98
C HIS I 847 13.09 116.69 69.98
N MET I 848 14.23 116.06 70.25
CA MET I 848 15.36 116.06 69.33
C MET I 848 15.54 114.62 68.86
N LEU I 849 15.16 114.35 67.61
CA LEU I 849 15.31 113.04 67.03
C LEU I 849 16.69 112.90 66.42
N THR I 850 17.38 111.81 66.75
CA THR I 850 18.75 111.57 66.32
C THR I 850 18.81 110.34 65.44
N SER I 851 19.66 110.41 64.42
CA SER I 851 19.94 109.27 63.56
C SER I 851 21.30 109.46 62.94
N ASN I 852 21.64 108.61 61.97
CA ASN I 852 22.86 108.75 61.21
C ASN I 852 22.66 109.71 60.04
N LEU I 853 23.75 110.33 59.61
CA LEU I 853 23.66 111.29 58.51
C LEU I 853 23.36 110.57 57.19
N THR I 854 24.06 109.47 56.91
CA THR I 854 23.84 108.75 55.66
C THR I 854 24.58 107.43 55.71
N PHE I 855 23.96 106.40 55.14
CA PHE I 855 24.63 105.12 54.94
C PHE I 855 23.95 104.39 53.79
N THR I 856 24.65 103.38 53.27
CA THR I 856 24.14 102.55 52.17
C THR I 856 23.92 101.14 52.69
N VAL I 857 22.73 100.61 52.43
CA VAL I 857 22.37 99.25 52.83
C VAL I 857 22.53 98.34 51.64
N TYR I 858 23.24 97.22 51.83
CA TYR I 858 23.48 96.24 50.78
C TYR I 858 22.78 94.94 51.12
N SER I 859 22.21 94.30 50.09
CA SER I 859 21.46 93.06 50.25
C SER I 859 22.25 91.84 49.83
N ASP I 860 22.84 91.86 48.63
CA ASP I 860 23.58 90.71 48.11
C ASP I 860 25.03 90.83 48.56
N LEU I 861 25.38 90.11 49.62
CA LEU I 861 26.74 90.16 50.13
C LEU I 861 27.70 89.42 49.22
N LEU I 862 27.27 88.27 48.67
CA LEU I 862 28.16 87.47 47.85
C LEU I 862 28.48 88.13 46.51
N ALA I 863 27.78 89.21 46.14
CA ALA I 863 28.17 89.98 44.98
C ALA I 863 29.51 90.67 45.20
N PHE I 864 29.92 90.89 46.45
CA PHE I 864 31.20 91.48 46.76
C PHE I 864 32.35 90.50 46.66
N VAL I 865 32.07 89.21 46.46
CA VAL I 865 33.09 88.17 46.43
C VAL I 865 33.38 87.82 44.98
N SER I 866 34.66 87.91 44.60
CA SER I 866 35.13 87.43 43.32
C SER I 866 35.51 85.96 43.48
N ALA I 867 34.71 85.07 42.92
CA ALA I 867 34.86 83.63 43.12
C ALA I 867 35.24 82.99 41.79
N ASP I 868 36.43 82.39 41.75
CA ASP I 868 36.92 81.64 40.60
C ASP I 868 37.10 80.18 41.00
N THR I 869 37.29 79.33 40.01
CA THR I 869 37.48 77.91 40.24
C THR I 869 38.69 77.42 39.44
N VAL I 870 39.35 76.40 39.97
CA VAL I 870 40.48 75.78 39.29
C VAL I 870 39.96 75.03 38.09
N GLU I 871 40.87 74.60 37.21
CA GLU I 871 40.46 73.75 36.10
C GLU I 871 39.93 72.42 36.64
N PRO I 872 38.88 71.86 36.05
CA PRO I 872 38.32 70.61 36.59
C PRO I 872 39.32 69.47 36.64
N ILE I 873 40.28 69.44 35.71
CA ILE I 873 41.28 68.39 35.71
C ILE I 873 42.10 68.41 36.99
N ASN I 874 42.30 69.58 37.58
CA ASN I 874 43.11 69.75 38.77
C ASN I 874 42.28 69.77 40.05
N ALA I 875 40.97 69.58 39.97
CA ALA I 875 40.12 69.63 41.15
C ALA I 875 40.43 68.45 42.07
N VAL I 876 40.57 68.74 43.36
CA VAL I 876 40.94 67.73 44.34
C VAL I 876 39.78 67.52 45.31
N ALA I 877 39.82 66.39 46.00
CA ALA I 877 38.83 66.03 46.99
C ALA I 877 39.34 66.40 48.39
N PHE I 878 38.62 65.94 49.42
CA PHE I 878 38.98 66.30 50.79
C PHE I 878 40.36 65.77 51.16
N ASP I 879 40.80 64.68 50.55
CA ASP I 879 42.08 64.06 50.87
C ASP I 879 43.22 64.65 50.05
N ASN I 880 43.02 65.78 49.39
CA ASN I 880 44.00 66.53 48.62
C ASN I 880 44.39 65.81 47.33
N MET I 881 43.75 64.70 46.98
CA MET I 881 43.98 64.03 45.72
C MET I 881 42.90 64.41 44.72
N ARG I 882 43.22 64.27 43.44
CA ARG I 882 42.29 64.65 42.39
C ARG I 882 41.00 63.84 42.51
N ILE I 883 39.87 64.51 42.27
CA ILE I 883 38.57 63.85 42.39
C ILE I 883 38.50 62.65 41.46
N MET I 884 38.91 62.84 40.21
CA MET I 884 38.98 61.77 39.22
C MET I 884 40.42 61.61 38.79
N ASN I 885 40.99 60.44 39.06
CA ASN I 885 42.39 60.17 38.78
C ASN I 885 42.61 59.16 37.66
N GLU I 886 41.55 58.58 37.12
CA GLU I 886 41.67 57.55 36.08
C GLU I 886 41.86 58.22 34.72
N LEU I 887 42.96 58.95 34.60
CA LEU I 887 43.26 59.73 33.40
C LEU I 887 44.29 59.04 32.52
N ASN J 72 -76.10 7.57 -3.52
CA ASN J 72 -74.66 7.45 -3.65
C ASN J 72 -73.97 7.63 -2.29
N LYS J 73 -74.43 8.62 -1.52
CA LYS J 73 -73.82 8.88 -0.23
C LYS J 73 -74.09 7.75 0.77
N GLU J 74 -75.15 6.97 0.53
CA GLU J 74 -75.46 5.86 1.43
C GLU J 74 -74.41 4.77 1.36
N GLU J 75 -73.75 4.62 0.19
CA GLU J 75 -72.63 3.68 0.11
C GLU J 75 -71.51 4.11 1.05
N SER J 76 -71.19 5.40 1.07
CA SER J 76 -70.20 5.90 2.02
C SER J 76 -70.68 5.74 3.46
N LYS J 77 -71.97 5.91 3.71
CA LYS J 77 -72.51 5.67 5.05
C LYS J 77 -72.25 4.23 5.49
N GLN J 78 -72.58 3.27 4.62
CA GLN J 78 -72.35 1.87 4.94
C GLN J 78 -70.87 1.58 5.13
N LEU J 79 -70.01 2.18 4.29
CA LEU J 79 -68.58 2.00 4.43
C LEU J 79 -68.10 2.50 5.78
N LEU J 80 -68.55 3.69 6.18
CA LEU J 80 -68.15 4.26 7.46
C LEU J 80 -68.61 3.39 8.63
N GLU J 81 -69.86 2.93 8.57
CA GLU J 81 -70.37 2.10 9.66
C GLU J 81 -69.62 0.78 9.74
N VAL J 82 -69.31 0.18 8.59
CA VAL J 82 -68.54 -1.07 8.58
C VAL J 82 -67.15 -0.83 9.14
N LEU J 83 -66.51 0.27 8.76
CA LEU J 83 -65.18 0.58 9.27
C LEU J 83 -65.20 0.74 10.79
N LYS J 84 -66.22 1.42 11.32
CA LYS J 84 -66.31 1.58 12.77
C LYS J 84 -66.52 0.24 13.47
N THR J 85 -67.25 -0.69 12.85
CA THR J 85 -67.50 -2.00 13.42
C THR J 85 -66.63 -3.09 12.79
N LYS J 86 -65.60 -2.71 12.05
CA LYS J 86 -64.78 -3.70 11.35
C LYS J 86 -64.03 -4.58 12.34
N GLU J 87 -63.91 -5.86 11.98
CA GLU J 87 -63.20 -6.81 12.84
C GLU J 87 -61.74 -6.42 13.02
N GLU J 88 -61.08 -6.00 11.93
CA GLU J 88 -59.65 -5.82 11.92
C GLU J 88 -59.18 -4.57 12.65
N HIS J 89 -60.09 -3.66 13.01
CA HIS J 89 -59.71 -2.42 13.67
C HIS J 89 -60.12 -2.34 15.13
N GLN J 90 -60.92 -3.29 15.61
CA GLN J 90 -61.42 -3.25 16.98
C GLN J 90 -60.40 -3.82 17.95
N LYS J 91 -60.39 -3.27 19.16
CA LYS J 91 -59.58 -3.72 20.28
C LYS J 91 -60.49 -4.42 21.29
N GLU J 92 -59.86 -5.04 22.29
CA GLU J 92 -60.61 -5.78 23.30
C GLU J 92 -61.64 -4.88 23.99
N VAL J 93 -62.68 -5.51 24.52
CA VAL J 93 -63.88 -4.81 24.98
C VAL J 93 -64.31 -5.25 26.38
N GLN J 94 -63.39 -5.75 27.19
CA GLN J 94 -63.77 -6.29 28.50
C GLN J 94 -64.26 -5.18 29.44
N TYR J 95 -63.60 -4.02 29.42
CA TYR J 95 -63.98 -2.95 30.33
C TYR J 95 -65.39 -2.46 30.06
N GLU J 96 -65.78 -2.40 28.78
CA GLU J 96 -67.15 -2.04 28.44
C GLU J 96 -68.13 -3.08 28.98
N ILE J 97 -67.75 -4.36 28.91
CA ILE J 97 -68.60 -5.41 29.45
C ILE J 97 -68.82 -5.22 30.94
N LEU J 98 -67.75 -4.88 31.67
CA LEU J 98 -67.90 -4.63 33.10
C LEU J 98 -68.72 -3.38 33.37
N GLN J 99 -68.50 -2.31 32.59
CA GLN J 99 -69.17 -1.04 32.87
C GLN J 99 -70.65 -1.10 32.54
N LYS J 100 -71.05 -1.96 31.61
CA LYS J 100 -72.47 -2.07 31.29
C LYS J 100 -73.29 -2.58 32.46
N THR J 101 -72.66 -3.15 33.49
CA THR J 101 -73.35 -3.64 34.67
C THR J 101 -73.38 -2.62 35.80
N ILE J 102 -72.88 -1.41 35.57
CA ILE J 102 -72.83 -0.36 36.60
C ILE J 102 -73.78 0.75 36.15
N PRO J 103 -74.78 1.13 36.98
CA PRO J 103 -75.74 2.18 36.59
C PRO J 103 -75.21 3.60 36.79
N THR J 104 -73.98 3.84 36.36
CA THR J 104 -73.35 5.15 36.44
C THR J 104 -73.46 5.84 35.09
N PHE J 105 -73.93 7.08 35.09
CA PHE J 105 -74.05 7.82 33.84
C PHE J 105 -72.66 8.07 33.26
N GLU J 106 -72.48 7.71 31.99
CA GLU J 106 -71.14 7.67 31.42
C GLU J 106 -70.42 9.01 31.48
N PRO J 107 -71.03 10.14 31.16
CA PRO J 107 -70.36 11.42 31.39
C PRO J 107 -70.29 11.73 32.89
N LYS J 108 -69.29 11.15 33.56
CA LYS J 108 -69.16 11.23 35.02
C LYS J 108 -69.47 12.63 35.56
N GLU J 109 -68.84 13.65 34.98
CA GLU J 109 -69.03 15.01 35.47
C GLU J 109 -70.50 15.44 35.40
N SER J 110 -71.24 14.92 34.41
CA SER J 110 -72.64 15.28 34.28
C SER J 110 -73.46 14.83 35.49
N ILE J 111 -72.92 13.93 36.30
CA ILE J 111 -73.61 13.52 37.52
C ILE J 111 -73.75 14.71 38.46
N LEU J 112 -72.76 15.61 38.49
CA LEU J 112 -72.77 16.70 39.45
C LEU J 112 -74.08 17.48 39.40
N LYS J 113 -74.47 17.92 38.20
CA LYS J 113 -75.72 18.64 38.05
C LYS J 113 -76.88 17.82 38.61
N LYS J 114 -76.95 16.54 38.24
CA LYS J 114 -78.04 15.69 38.74
C LYS J 114 -78.08 15.65 40.25
N LEU J 115 -76.91 15.74 40.90
CA LEU J 115 -76.90 15.76 42.36
C LEU J 115 -77.36 17.10 42.90
N GLU J 116 -76.97 18.19 42.25
CA GLU J 116 -77.30 19.52 42.75
C GLU J 116 -78.71 19.96 42.41
N ASP J 117 -79.37 19.28 41.48
CA ASP J 117 -80.76 19.58 41.15
C ASP J 117 -81.74 18.99 42.16
N ILE J 118 -81.29 18.08 43.02
CA ILE J 118 -82.17 17.48 44.02
C ILE J 118 -82.52 18.57 45.03
N LYS J 119 -83.77 19.02 45.01
CA LYS J 119 -84.25 20.03 45.94
C LYS J 119 -84.74 19.37 47.22
N PRO J 120 -84.87 20.14 48.30
CA PRO J 120 -85.44 19.58 49.53
C PRO J 120 -86.83 19.01 49.28
N GLU J 121 -87.33 18.27 50.26
CA GLU J 121 -88.67 17.71 50.17
C GLU J 121 -89.68 18.83 49.94
N GLN J 122 -90.34 18.80 48.79
CA GLN J 122 -91.26 19.88 48.43
C GLN J 122 -92.38 19.98 49.44
N VAL J 123 -92.73 21.21 49.79
CA VAL J 123 -93.74 21.47 50.82
C VAL J 123 -95.09 21.60 50.14
N LYS J 124 -96.02 20.71 50.48
CA LYS J 124 -97.35 20.69 49.89
C LYS J 124 -98.33 21.37 50.84
N LYS J 125 -99.10 22.31 50.30
CA LYS J 125 -100.14 22.99 51.04
C LYS J 125 -101.50 22.67 50.42
N GLN J 126 -102.53 22.64 51.27
CA GLN J 126 -103.86 22.23 50.87
C GLN J 126 -104.70 23.46 50.54
N THR J 127 -105.34 23.45 49.37
CA THR J 127 -106.20 24.54 48.96
C THR J 127 -107.67 24.30 49.31
N LYS J 128 -108.07 23.04 49.43
CA LYS J 128 -109.43 22.72 49.82
C LYS J 128 -109.43 21.39 50.58
N LEU J 129 -110.47 21.18 51.38
CA LEU J 129 -110.59 19.95 52.12
C LEU J 129 -110.72 18.76 51.18
N PHE J 130 -110.03 17.68 51.51
CA PHE J 130 -110.13 16.45 50.73
C PHE J 130 -111.51 15.84 50.90
N ARG J 131 -112.15 15.50 49.79
CA ARG J 131 -113.50 14.95 49.80
C ARG J 131 -113.57 13.76 48.85
N ILE J 132 -114.30 12.73 49.26
CA ILE J 132 -114.61 11.59 48.41
C ILE J 132 -116.11 11.58 48.17
N PHE J 133 -116.87 12.14 49.10
CA PHE J 133 -118.32 12.12 49.07
C PHE J 133 -118.87 13.54 49.02
N GLU J 134 -120.09 13.66 48.50
CA GLU J 134 -120.85 14.89 48.49
C GLU J 134 -122.30 14.57 48.81
N PRO J 135 -123.03 15.49 49.42
CA PRO J 135 -124.48 15.29 49.56
C PRO J 135 -125.20 15.53 48.24
N ARG J 136 -126.24 14.75 48.01
CA ARG J 136 -126.99 14.82 46.76
C ARG J 136 -128.46 14.53 47.06
N GLN J 137 -129.35 15.27 46.42
CA GLN J 137 -130.78 15.07 46.57
C GLN J 137 -131.24 14.02 45.57
N LEU J 138 -131.86 12.96 46.07
CA LEU J 138 -132.31 11.85 45.26
C LEU J 138 -133.79 11.60 45.50
N PRO J 139 -134.52 11.17 44.48
CA PRO J 139 -135.95 10.88 44.67
C PRO J 139 -136.17 9.67 45.57
N VAL J 140 -137.28 9.70 46.29
CA VAL J 140 -137.68 8.60 47.17
C VAL J 140 -139.07 8.15 46.76
N TYR J 141 -139.39 6.92 47.14
CA TYR J 141 -140.63 6.28 46.71
C TYR J 141 -141.34 5.70 47.92
N ARG J 142 -142.68 5.68 47.84
CA ARG J 142 -143.48 5.07 48.89
C ARG J 142 -143.39 3.55 48.81
N ALA J 143 -143.90 2.88 49.84
CA ALA J 143 -143.85 1.43 49.89
C ALA J 143 -144.57 0.82 48.69
N ASN J 144 -145.53 1.53 48.11
CA ASN J 144 -146.25 1.04 46.94
C ASN J 144 -145.54 1.36 45.63
N GLY J 145 -144.38 2.01 45.68
CA GLY J 145 -143.62 2.32 44.49
C GLY J 145 -143.93 3.67 43.87
N GLU J 146 -144.67 4.53 44.55
CA GLU J 146 -145.00 5.85 44.04
C GLU J 146 -143.95 6.86 44.51
N LYS J 147 -143.45 7.68 43.58
CA LYS J 147 -142.45 8.66 43.91
C LYS J 147 -143.04 9.74 44.82
N GLU J 148 -142.32 10.07 45.89
CA GLU J 148 -142.77 11.08 46.83
C GLU J 148 -142.45 12.47 46.30
N LEU J 149 -143.06 13.47 46.93
CA LEU J 149 -142.91 14.86 46.52
C LEU J 149 -141.65 15.52 47.06
N ARG J 150 -140.87 14.81 47.88
CA ARG J 150 -139.67 15.34 48.49
C ARG J 150 -138.47 14.49 48.09
N ASN J 151 -137.35 15.16 47.84
CA ASN J 151 -136.08 14.48 47.64
C ASN J 151 -135.33 14.40 48.96
N ARG J 152 -134.55 13.34 49.12
CA ARG J 152 -133.79 13.11 50.34
C ARG J 152 -132.29 13.27 50.06
N TRP J 153 -131.57 13.73 51.07
CA TRP J 153 -130.13 13.93 50.95
C TRP J 153 -129.39 12.64 51.27
N TYR J 154 -128.46 12.26 50.38
CA TYR J 154 -127.67 11.05 50.55
C TYR J 154 -126.22 11.36 50.20
N TRP J 155 -125.32 10.56 50.77
CA TRP J 155 -123.90 10.70 50.47
C TRP J 155 -123.56 9.90 49.23
N LYS J 156 -123.00 10.57 48.22
CA LYS J 156 -122.64 9.93 46.97
C LYS J 156 -121.19 10.25 46.64
N LEU J 157 -120.51 9.30 46.02
CA LEU J 157 -119.14 9.53 45.59
C LEU J 157 -119.08 10.69 44.62
N LYS J 158 -118.17 11.63 44.86
CA LYS J 158 -118.00 12.76 43.95
C LYS J 158 -117.55 12.28 42.59
N ARG J 159 -116.58 11.37 42.56
CA ARG J 159 -116.04 10.79 41.32
C ARG J 159 -116.30 9.29 41.39
N ASP J 160 -117.49 8.89 40.93
CA ASP J 160 -117.86 7.47 40.90
C ASP J 160 -117.23 6.85 39.66
N THR J 161 -116.03 6.30 39.84
CA THR J 161 -115.25 5.73 38.74
C THR J 161 -114.62 4.40 39.15
N LEU J 162 -115.26 3.66 40.05
CA LEU J 162 -114.73 2.38 40.45
C LEU J 162 -114.90 1.36 39.32
N PRO J 163 -113.91 0.51 39.08
CA PRO J 163 -114.01 -0.46 37.99
C PRO J 163 -114.76 -1.71 38.44
N ASP J 164 -114.94 -2.62 37.49
CA ASP J 164 -115.57 -3.91 37.74
C ASP J 164 -114.49 -4.99 37.88
N GLY J 165 -114.78 -5.97 38.72
CA GLY J 165 -113.79 -6.98 39.08
C GLY J 165 -113.12 -6.63 40.39
N ASP J 166 -113.06 -7.60 41.31
CA ASP J 166 -112.53 -7.32 42.64
C ASP J 166 -111.07 -6.88 42.58
N TYR J 167 -110.27 -7.56 41.76
CA TYR J 167 -108.87 -7.18 41.63
C TYR J 167 -108.75 -5.76 41.09
N ASP J 168 -109.60 -5.41 40.12
CA ASP J 168 -109.57 -4.05 39.59
C ASP J 168 -109.96 -3.04 40.66
N VAL J 169 -110.90 -3.38 41.53
CA VAL J 169 -111.30 -2.48 42.60
C VAL J 169 -110.14 -2.27 43.58
N ARG J 170 -109.45 -3.34 43.94
CA ARG J 170 -108.30 -3.20 44.84
C ARG J 170 -107.18 -2.40 44.19
N GLU J 171 -106.98 -2.57 42.88
CA GLU J 171 -106.02 -1.74 42.17
C GLU J 171 -106.45 -0.27 42.19
N TYR J 172 -107.76 -0.03 42.05
CA TYR J 172 -108.28 1.33 42.14
C TYR J 172 -107.97 1.93 43.50
N PHE J 173 -108.09 1.13 44.57
CA PHE J 173 -107.81 1.64 45.90
C PHE J 173 -106.32 1.83 46.14
N LEU J 174 -105.47 1.02 45.53
CA LEU J 174 -104.03 1.29 45.55
C LEU J 174 -103.72 2.62 44.86
N ASN J 175 -104.37 2.87 43.72
CA ASN J 175 -104.20 4.14 43.04
C ASN J 175 -104.70 5.30 43.89
N LEU J 176 -105.81 5.10 44.61
CA LEU J 176 -106.30 6.12 45.52
C LEU J 176 -105.30 6.39 46.65
N TYR J 177 -104.68 5.33 47.16
CA TYR J 177 -103.65 5.49 48.19
C TYR J 177 -102.49 6.31 47.67
N ASP J 178 -102.03 6.01 46.45
CA ASP J 178 -100.95 6.79 45.86
C ASP J 178 -101.37 8.25 45.65
N GLN J 179 -102.61 8.46 45.20
CA GLN J 179 -103.12 9.82 45.01
C GLN J 179 -103.11 10.59 46.33
N VAL J 180 -103.61 9.97 47.39
CA VAL J 180 -103.67 10.63 48.69
C VAL J 180 -102.27 10.95 49.18
N LEU J 181 -101.33 10.02 49.02
CA LEU J 181 -99.95 10.27 49.45
C LEU J 181 -99.34 11.43 48.67
N THR J 182 -99.53 11.46 47.35
CA THR J 182 -98.95 12.54 46.56
C THR J 182 -99.55 13.88 46.91
N GLU J 183 -100.87 13.92 47.15
CA GLU J 183 -101.58 15.15 47.48
C GLU J 183 -101.67 15.39 48.98
N MET J 184 -100.98 14.60 49.79
CA MET J 184 -101.03 14.77 51.24
C MET J 184 -100.35 16.08 51.61
N PRO J 185 -101.01 17.01 52.29
CA PRO J 185 -100.36 18.27 52.64
C PRO J 185 -99.32 18.09 53.73
N ASP J 186 -98.35 19.00 53.74
CA ASP J 186 -97.38 19.06 54.84
C ASP J 186 -97.86 19.94 55.98
N TYR J 187 -98.74 20.91 55.70
CA TYR J 187 -99.32 21.74 56.74
C TYR J 187 -100.61 22.33 56.20
N LEU J 188 -101.44 22.84 57.10
CA LEU J 188 -102.71 23.43 56.74
C LEU J 188 -102.91 24.73 57.49
N LEU J 189 -103.48 25.72 56.80
CA LEU J 189 -103.94 26.97 57.41
C LEU J 189 -105.38 27.15 56.94
N LEU J 190 -106.34 26.78 57.80
CA LEU J 190 -107.73 26.74 57.38
C LEU J 190 -108.26 28.11 57.01
N LYS J 191 -107.69 29.18 57.56
CA LYS J 191 -108.14 30.52 57.22
C LYS J 191 -107.99 30.80 55.74
N ASP J 192 -107.02 30.14 55.09
CA ASP J 192 -106.85 30.34 53.65
C ASP J 192 -108.05 29.82 52.87
N MET J 193 -108.75 28.81 53.40
CA MET J 193 -109.89 28.23 52.71
C MET J 193 -111.21 28.62 53.35
N ALA J 194 -111.21 29.56 54.30
CA ALA J 194 -112.44 29.99 54.94
C ALA J 194 -113.21 30.95 54.03
N VAL J 195 -114.53 30.80 54.03
CA VAL J 195 -115.41 31.61 53.19
C VAL J 195 -116.60 32.05 54.03
N GLU J 196 -117.27 33.11 53.56
CA GLU J 196 -118.41 33.65 54.27
C GLU J 196 -119.57 32.66 54.27
N ASN J 197 -120.25 32.56 55.41
CA ASN J 197 -121.49 31.80 55.52
C ASN J 197 -122.64 32.75 55.16
N LYS J 198 -123.32 32.48 54.05
CA LYS J 198 -124.32 33.41 53.54
C LYS J 198 -125.45 33.61 54.54
N ASN J 199 -125.86 32.54 55.22
CA ASN J 199 -127.00 32.59 56.13
C ASN J 199 -126.60 32.92 57.56
N SER J 200 -125.34 33.21 57.81
CA SER J 200 -124.90 33.55 59.16
C SER J 200 -125.42 34.92 59.57
N ARG J 201 -125.77 35.03 60.86
CA ARG J 201 -126.20 36.29 61.45
C ARG J 201 -125.13 36.91 62.35
N ASP J 202 -123.96 36.29 62.47
CA ASP J 202 -122.88 36.77 63.33
C ASP J 202 -121.57 36.84 62.57
N ALA J 203 -121.65 37.17 61.28
CA ALA J 203 -120.46 37.27 60.43
C ALA J 203 -119.68 35.95 60.42
N GLY J 204 -120.40 34.84 60.36
CA GLY J 204 -119.76 33.54 60.44
C GLY J 204 -119.06 33.14 59.16
N LYS J 205 -118.04 32.31 59.31
CA LYS J 205 -117.28 31.74 58.21
C LYS J 205 -117.25 30.24 58.37
N VAL J 206 -117.03 29.54 57.25
CA VAL J 206 -116.90 28.09 57.25
C VAL J 206 -115.75 27.71 56.33
N VAL J 207 -115.27 26.48 56.50
CA VAL J 207 -114.33 25.86 55.57
C VAL J 207 -114.98 24.58 55.06
N ASP J 208 -115.04 24.38 53.73
CA ASP J 208 -114.54 25.24 52.65
C ASP J 208 -115.73 25.68 51.80
N SER J 209 -115.46 26.22 50.61
CA SER J 209 -116.54 26.65 49.73
C SER J 209 -117.57 25.55 49.50
N GLU J 210 -117.13 24.30 49.45
CA GLU J 210 -118.07 23.19 49.35
C GLU J 210 -118.95 23.10 50.59
N THR J 211 -118.37 23.34 51.77
CA THR J 211 -119.18 23.40 52.98
C THR J 211 -120.21 24.51 52.89
N ALA J 212 -119.81 25.66 52.32
CA ALA J 212 -120.77 26.75 52.16
C ALA J 212 -121.91 26.35 51.24
N ALA J 213 -121.60 25.67 50.14
CA ALA J 213 -122.66 25.21 49.24
C ALA J 213 -123.60 24.24 49.94
N ILE J 214 -123.04 23.28 50.69
CA ILE J 214 -123.88 22.33 51.41
C ILE J 214 -124.75 23.05 52.43
N CYS J 215 -124.17 24.00 53.15
CA CYS J 215 -124.93 24.73 54.17
C CYS J 215 -126.06 25.52 53.55
N ASP J 216 -125.79 26.18 52.42
CA ASP J 216 -126.86 26.91 51.74
C ASP J 216 -127.97 25.96 51.28
N ALA J 217 -127.59 24.81 50.71
CA ALA J 217 -128.60 23.87 50.26
C ALA J 217 -129.45 23.36 51.42
N ILE J 218 -128.83 23.05 52.55
CA ILE J 218 -129.57 22.57 53.71
C ILE J 218 -130.45 23.68 54.28
N PHE J 219 -129.94 24.91 54.30
CA PHE J 219 -130.70 26.03 54.82
C PHE J 219 -131.96 26.28 54.01
N GLN J 220 -131.85 26.22 52.67
CA GLN J 220 -133.01 26.48 51.83
C GLN J 220 -134.01 25.33 51.83
N ASP J 221 -133.56 24.11 52.10
CA ASP J 221 -134.45 22.96 52.05
C ASP J 221 -135.57 23.11 53.07
N GLU J 222 -136.79 22.77 52.63
CA GLU J 222 -137.95 22.86 53.52
C GLU J 222 -138.01 21.72 54.50
N GLU J 223 -137.41 20.57 54.16
CA GLU J 223 -137.43 19.42 55.06
C GLU J 223 -136.43 19.55 56.21
N THR J 224 -135.56 20.56 56.18
CA THR J 224 -134.59 20.73 57.25
C THR J 224 -135.30 21.04 58.57
N GLU J 225 -134.75 20.51 59.65
CA GLU J 225 -135.27 20.81 60.98
C GLU J 225 -135.02 22.28 61.32
N GLY J 226 -135.95 22.87 62.08
CA GLY J 226 -135.78 24.24 62.50
C GLY J 226 -134.54 24.45 63.34
N VAL J 227 -134.19 23.45 64.16
CA VAL J 227 -133.00 23.56 64.99
C VAL J 227 -131.75 23.60 64.11
N VAL J 228 -131.70 22.77 63.07
CA VAL J 228 -130.56 22.78 62.17
C VAL J 228 -130.45 24.11 61.44
N ARG J 229 -131.59 24.64 60.98
CA ARG J 229 -131.60 25.93 60.32
C ARG J 229 -131.08 27.03 61.25
N ARG J 230 -131.53 27.00 62.50
CA ARG J 230 -131.07 27.98 63.48
C ARG J 230 -129.58 27.85 63.75
N PHE J 231 -129.07 26.61 63.78
CA PHE J 231 -127.66 26.39 64.05
C PHE J 231 -126.78 26.85 62.89
N ILE J 232 -127.21 26.58 61.66
CA ILE J 232 -126.42 27.02 60.50
C ILE J 232 -126.26 28.53 60.51
N ALA J 233 -127.31 29.25 60.88
CA ALA J 233 -127.26 30.70 60.96
C ALA J 233 -126.51 31.21 62.18
N GLU J 234 -126.20 30.34 63.15
CA GLU J 234 -125.58 30.75 64.40
C GLU J 234 -124.22 30.13 64.66
N MET J 235 -123.86 29.04 63.97
CA MET J 235 -122.55 28.45 64.18
C MET J 235 -121.46 29.43 63.79
N ARG J 236 -120.43 29.51 64.62
CA ARG J 236 -119.40 30.54 64.50
C ARG J 236 -118.02 29.91 64.45
N GLN J 237 -117.12 30.58 63.74
CA GLN J 237 -115.70 30.29 63.83
C GLN J 237 -115.12 30.96 65.07
N ARG J 238 -113.90 30.56 65.44
CA ARG J 238 -113.19 31.19 66.55
C ARG J 238 -111.75 31.39 66.13
N VAL J 239 -111.33 32.65 65.99
CA VAL J 239 -109.98 33.00 65.61
C VAL J 239 -109.30 33.59 66.85
N GLN J 240 -108.34 32.87 67.39
CA GLN J 240 -107.54 33.30 68.54
C GLN J 240 -106.16 33.66 67.99
N ALA J 241 -106.00 34.91 67.56
CA ALA J 241 -104.72 35.33 67.00
C ALA J 241 -103.62 35.35 68.06
N ASP J 242 -103.98 35.63 69.31
CA ASP J 242 -102.98 35.62 70.38
C ASP J 242 -102.38 34.23 70.54
N ARG J 243 -103.22 33.20 70.49
CA ARG J 243 -102.75 31.82 70.59
C ARG J 243 -102.37 31.23 69.23
N ASN J 244 -102.59 31.94 68.14
CA ASN J 244 -102.32 31.44 66.79
C ASN J 244 -103.13 30.17 66.53
N VAL J 245 -104.46 30.29 66.66
CA VAL J 245 -105.37 29.17 66.50
C VAL J 245 -106.60 29.64 65.76
N VAL J 246 -107.16 28.76 64.93
CA VAL J 246 -108.40 29.03 64.22
C VAL J 246 -109.25 27.78 64.24
N ASN J 247 -110.55 27.97 64.48
CA ASN J 247 -111.55 26.91 64.46
C ASN J 247 -112.64 27.30 63.48
N TYR J 248 -112.95 26.41 62.53
CA TYR J 248 -113.97 26.69 61.52
C TYR J 248 -114.97 25.55 61.43
N PRO J 249 -116.26 25.83 61.26
CA PRO J 249 -117.21 24.76 60.98
C PRO J 249 -116.98 24.15 59.60
N SER J 250 -117.26 22.86 59.49
CA SER J 250 -117.12 22.14 58.23
C SER J 250 -118.17 21.06 58.15
N ILE J 251 -118.67 20.83 56.95
CA ILE J 251 -119.57 19.71 56.65
C ILE J 251 -118.74 18.69 55.88
N LEU J 252 -118.54 17.52 56.46
CA LEU J 252 -117.70 16.49 55.87
C LEU J 252 -118.33 15.13 56.10
N HIS J 253 -118.20 14.25 55.11
CA HIS J 253 -118.53 12.86 55.31
C HIS J 253 -117.51 12.26 56.29
N PRO J 254 -117.91 11.29 57.12
CA PRO J 254 -116.99 10.80 58.16
C PRO J 254 -115.63 10.35 57.62
N ILE J 255 -115.58 9.73 56.44
CA ILE J 255 -114.31 9.38 55.83
C ILE J 255 -113.53 10.63 55.45
N ASP J 256 -114.21 11.61 54.84
CA ASP J 256 -113.55 12.87 54.50
C ASP J 256 -113.06 13.58 55.75
N HIS J 257 -113.88 13.59 56.81
CA HIS J 257 -113.45 14.18 58.06
C HIS J 257 -112.25 13.44 58.62
N ALA J 258 -112.22 12.12 58.50
CA ALA J 258 -111.08 11.35 58.99
C ALA J 258 -109.80 11.76 58.27
N PHE J 259 -109.87 11.87 56.94
CA PHE J 259 -108.69 12.26 56.17
C PHE J 259 -108.23 13.66 56.54
N ASN J 260 -109.17 14.62 56.59
CA ASN J 260 -108.79 16.00 56.89
C ASN J 260 -108.28 16.13 58.32
N GLU J 261 -108.89 15.43 59.26
CA GLU J 261 -108.42 15.46 60.64
C GLU J 261 -107.02 14.87 60.75
N TYR J 262 -106.75 13.78 60.03
CA TYR J 262 -105.39 13.25 60.05
C TYR J 262 -104.40 14.26 59.49
N PHE J 263 -104.77 14.91 58.38
CA PHE J 263 -103.89 15.93 57.82
C PHE J 263 -103.63 17.05 58.82
N LEU J 264 -104.67 17.47 59.54
CA LEU J 264 -104.54 18.59 60.46
C LEU J 264 -103.73 18.21 61.69
N GLN J 265 -103.92 16.99 62.21
CA GLN J 265 -103.30 16.58 63.45
C GLN J 265 -101.87 16.09 63.29
N HIS J 266 -101.41 15.87 62.06
CA HIS J 266 -100.11 15.24 61.80
C HIS J 266 -99.34 16.03 60.76
N GLN J 267 -99.27 17.35 60.95
CA GLN J 267 -98.51 18.21 60.05
C GLN J 267 -97.01 18.09 60.33
N LEU J 268 -96.23 18.21 59.27
CA LEU J 268 -94.79 18.00 59.33
C LEU J 268 -94.01 19.24 59.78
N VAL J 269 -94.65 20.40 59.85
CA VAL J 269 -93.96 21.63 60.22
C VAL J 269 -93.77 21.67 61.73
N GLU J 270 -92.59 22.10 62.16
CA GLU J 270 -92.24 22.24 63.56
C GLU J 270 -91.64 23.62 63.78
N PRO J 271 -91.70 24.14 65.01
CA PRO J 271 -91.20 25.50 65.26
C PRO J 271 -89.73 25.63 64.89
N LEU J 272 -89.37 26.79 64.34
CA LEU J 272 -88.02 27.09 63.93
C LEU J 272 -87.51 28.27 64.75
N ASN J 273 -86.31 28.13 65.30
CA ASN J 273 -85.68 29.18 66.07
C ASN J 273 -84.18 29.15 65.82
N ASN J 274 -83.47 30.12 66.38
CA ASN J 274 -82.03 30.22 66.13
C ASN J 274 -81.28 29.03 66.72
N ASP J 275 -81.77 28.45 67.82
CA ASP J 275 -81.11 27.29 68.39
C ASP J 275 -81.12 26.11 67.43
N ILE J 276 -82.27 25.87 66.79
CA ILE J 276 -82.37 24.77 65.83
C ILE J 276 -81.42 25.01 64.66
N ILE J 277 -81.35 26.24 64.16
CA ILE J 277 -80.49 26.54 63.03
C ILE J 277 -79.03 26.38 63.43
N PHE J 278 -78.67 26.82 64.63
CA PHE J 278 -77.29 26.68 65.09
C PHE J 278 -76.90 25.23 65.23
N ASN J 279 -77.78 24.41 65.82
CA ASN J 279 -77.50 22.99 65.93
C ASN J 279 -77.57 22.28 64.58
N TYR J 280 -78.17 22.91 63.58
CA TYR J 280 -78.17 22.35 62.23
C TYR J 280 -76.76 22.36 61.64
N ILE J 281 -75.96 23.36 61.98
CA ILE J 281 -74.58 23.40 61.49
C ILE J 281 -73.81 22.22 62.08
N PRO J 282 -72.96 21.54 61.32
CA PRO J 282 -72.19 20.43 61.90
C PRO J 282 -71.36 20.90 63.09
N GLU J 283 -71.27 20.02 64.10
CA GLU J 283 -70.61 20.41 65.34
C GLU J 283 -69.14 20.74 65.11
N ARG J 284 -68.47 19.98 64.25
CA ARG J 284 -67.05 20.23 64.00
C ARG J 284 -66.80 21.54 63.28
N ILE J 285 -67.79 22.07 62.56
CA ILE J 285 -67.65 23.38 61.93
C ILE J 285 -67.94 24.48 62.95
N ARG J 286 -68.86 24.23 63.87
CA ARG J 286 -69.16 25.22 64.90
C ARG J 286 -67.97 25.40 65.84
N ASN J 287 -67.23 24.33 66.11
CA ASN J 287 -66.07 24.38 66.99
C ASN J 287 -64.78 24.75 66.27
N ASP J 288 -64.82 24.84 64.94
CA ASP J 288 -63.65 25.27 64.19
C ASP J 288 -63.48 26.77 64.32
N VAL J 289 -62.28 27.20 64.74
CA VAL J 289 -62.04 28.63 64.94
C VAL J 289 -61.76 29.37 63.65
N ASN J 290 -61.52 28.66 62.55
CA ASN J 290 -61.29 29.32 61.28
C ASN J 290 -62.57 29.88 60.69
N TYR J 291 -63.73 29.44 61.17
CA TYR J 291 -65.02 29.90 60.67
C TYR J 291 -65.76 30.61 61.80
N ILE J 292 -66.27 31.80 61.49
CA ILE J 292 -67.04 32.60 62.42
C ILE J 292 -68.49 32.58 61.98
N LEU J 293 -69.35 32.01 62.81
CA LEU J 293 -70.76 31.85 62.51
C LEU J 293 -71.56 32.81 63.38
N ASN J 294 -72.48 33.55 62.77
CA ASN J 294 -73.30 34.53 63.47
C ASN J 294 -74.76 34.35 63.10
N MET J 295 -75.64 34.58 64.07
CA MET J 295 -77.08 34.56 63.84
C MET J 295 -77.56 36.01 63.84
N ASP J 296 -77.44 36.66 62.68
CA ASP J 296 -77.85 38.05 62.52
C ASP J 296 -79.27 38.17 61.95
N ARG J 297 -80.06 37.11 62.05
CA ARG J 297 -81.45 37.11 61.61
C ARG J 297 -82.34 36.78 62.79
N ASN J 298 -83.52 37.39 62.81
CA ASN J 298 -84.51 37.16 63.85
C ASN J 298 -85.66 36.36 63.26
N LEU J 299 -86.06 35.32 63.97
CA LEU J 299 -87.15 34.45 63.56
C LEU J 299 -88.34 34.62 64.49
N PRO J 300 -89.52 34.97 63.98
CA PRO J 300 -90.69 35.04 64.87
C PRO J 300 -91.11 33.67 65.34
N SER J 301 -91.93 33.66 66.39
CA SER J 301 -92.45 32.39 66.89
C SER J 301 -93.32 31.69 65.87
N THR J 302 -93.75 32.39 64.82
CA THR J 302 -94.50 31.80 63.74
C THR J 302 -93.61 31.14 62.69
N ALA J 303 -92.30 31.18 62.87
CA ALA J 303 -91.40 30.49 61.96
C ALA J 303 -91.58 28.98 62.07
N ARG J 304 -91.54 28.30 60.93
CA ARG J 304 -91.71 26.85 60.87
C ARG J 304 -90.67 26.26 59.93
N TYR J 305 -90.42 24.97 60.09
CA TYR J 305 -89.54 24.26 59.18
C TYR J 305 -89.87 22.77 59.23
N ILE J 306 -89.41 22.05 58.21
CA ILE J 306 -89.63 20.61 58.11
C ILE J 306 -88.27 19.92 58.21
N ARG J 307 -88.15 18.99 59.16
CA ARG J 307 -86.88 18.32 59.39
C ARG J 307 -86.58 17.37 58.24
N PRO J 308 -85.35 17.37 57.69
CA PRO J 308 -84.98 16.32 56.74
C PRO J 308 -84.94 14.96 57.40
N ASN J 309 -85.23 13.92 56.62
CA ASN J 309 -85.21 12.54 57.12
C ASN J 309 -83.81 11.99 56.91
N LEU J 310 -82.93 12.27 57.85
CA LEU J 310 -81.53 11.79 57.80
C LEU J 310 -81.38 10.48 58.55
N LEU J 311 -82.24 9.52 58.23
CA LEU J 311 -82.09 8.17 58.73
C LEU J 311 -80.97 7.46 57.98
N GLN J 312 -80.14 6.72 58.70
CA GLN J 312 -79.03 6.04 58.05
C GLN J 312 -79.54 4.88 57.20
N ASP J 313 -78.72 4.49 56.22
CA ASP J 313 -79.11 3.54 55.18
C ASP J 313 -79.77 2.30 55.75
N ARG J 314 -81.06 2.10 55.45
CA ARG J 314 -81.79 0.93 55.86
C ARG J 314 -81.66 -0.24 54.89
N LEU J 315 -81.10 0.01 53.70
CA LEU J 315 -80.92 -1.03 52.70
C LEU J 315 -79.51 -1.59 52.68
N ASN J 316 -78.57 -0.97 53.40
CA ASN J 316 -77.18 -1.42 53.45
C ASN J 316 -76.62 -1.63 52.05
N LEU J 317 -76.79 -0.61 51.21
CA LEU J 317 -76.35 -0.72 49.83
C LEU J 317 -74.85 -0.95 49.72
N HIS J 318 -74.09 -0.62 50.75
CA HIS J 318 -72.67 -0.95 50.80
C HIS J 318 -72.43 -2.45 50.93
N ASP J 319 -73.45 -3.24 51.24
CA ASP J 319 -73.33 -4.69 51.42
C ASP J 319 -74.14 -5.39 50.35
N ASN J 320 -73.45 -6.04 49.41
CA ASN J 320 -74.04 -6.92 48.41
C ASN J 320 -74.74 -6.17 47.29
N PHE J 321 -74.45 -4.88 47.10
CA PHE J 321 -74.89 -4.13 45.92
C PHE J 321 -73.65 -3.48 45.34
N GLU J 322 -72.91 -4.24 44.54
CA GLU J 322 -71.63 -3.76 44.04
C GLU J 322 -71.82 -2.66 43.01
N SER J 323 -72.76 -2.84 42.09
CA SER J 323 -72.98 -1.86 41.03
C SER J 323 -73.60 -0.58 41.59
N LEU J 324 -74.64 -0.72 42.42
CA LEU J 324 -75.26 0.45 43.02
C LEU J 324 -74.27 1.20 43.90
N TRP J 325 -73.46 0.48 44.66
CA TRP J 325 -72.49 1.15 45.52
C TRP J 325 -71.40 1.82 44.70
N ASP J 326 -70.99 1.19 43.59
CA ASP J 326 -70.05 1.84 42.68
C ASP J 326 -70.62 3.16 42.17
N THR J 327 -71.90 3.16 41.78
CA THR J 327 -72.53 4.38 41.30
C THR J 327 -72.61 5.43 42.41
N ILE J 328 -72.98 5.02 43.62
CA ILE J 328 -73.10 5.96 44.73
C ILE J 328 -71.74 6.58 45.04
N THR J 329 -70.69 5.76 45.08
CA THR J 329 -69.35 6.28 45.36
C THR J 329 -68.87 7.19 44.25
N THR J 330 -69.18 6.88 43.00
CA THR J 330 -68.79 7.76 41.91
C THR J 330 -69.49 9.12 42.02
N SER J 331 -70.80 9.11 42.32
CA SER J 331 -71.51 10.36 42.48
C SER J 331 -70.95 11.17 43.63
N ASN J 332 -70.69 10.52 44.76
CA ASN J 332 -70.11 11.22 45.91
C ASN J 332 -68.73 11.76 45.57
N TYR J 333 -67.95 11.00 44.79
CA TYR J 333 -66.61 11.45 44.43
C TYR J 333 -66.67 12.69 43.55
N ILE J 334 -67.59 12.72 42.59
CA ILE J 334 -67.76 13.91 41.76
C ILE J 334 -68.19 15.10 42.61
N LEU J 335 -69.15 14.88 43.51
CA LEU J 335 -69.62 15.97 44.37
C LEU J 335 -68.48 16.51 45.24
N ALA J 336 -67.67 15.61 45.79
CA ALA J 336 -66.54 16.04 46.61
C ALA J 336 -65.51 16.79 45.77
N ARG J 337 -65.23 16.30 44.57
CA ARG J 337 -64.33 17.02 43.67
C ARG J 337 -64.80 18.45 43.46
N SER J 338 -66.11 18.64 43.34
CA SER J 338 -66.63 19.99 43.08
C SER J 338 -66.40 20.94 44.24
N VAL J 339 -66.04 20.46 45.43
CA VAL J 339 -65.96 21.31 46.61
C VAL J 339 -64.55 21.41 47.19
N VAL J 340 -63.60 20.60 46.73
CA VAL J 340 -62.24 20.72 47.25
C VAL J 340 -61.64 22.05 46.79
N PRO J 341 -61.00 22.83 47.67
CA PRO J 341 -60.47 24.13 47.23
C PRO J 341 -59.33 23.97 46.24
N ASP J 342 -59.15 25.00 45.42
CA ASP J 342 -58.04 25.04 44.48
C ASP J 342 -56.80 25.58 45.15
N LEU J 343 -55.66 24.95 44.88
CA LEU J 343 -54.40 25.40 45.46
C LEU J 343 -53.99 26.74 44.87
N LYS J 344 -53.27 27.53 45.67
CA LYS J 344 -52.87 28.88 45.29
C LYS J 344 -51.38 29.06 45.52
N GLU J 345 -50.78 29.92 44.71
CA GLU J 345 -49.37 30.31 44.85
C GLU J 345 -48.47 29.08 44.91
N LEU J 346 -48.64 28.18 43.96
CA LEU J 346 -47.76 27.03 43.87
C LEU J 346 -46.36 27.49 43.46
N VAL J 347 -45.38 26.63 43.74
CA VAL J 347 -44.01 26.92 43.32
C VAL J 347 -43.99 27.12 41.82
N SER J 348 -43.19 28.09 41.36
CA SER J 348 -43.05 28.31 39.94
C SER J 348 -42.58 27.03 39.25
N THR J 349 -43.31 26.62 38.22
CA THR J 349 -43.03 25.31 37.63
C THR J 349 -41.71 25.31 36.87
N GLU J 350 -41.31 26.43 36.29
CA GLU J 350 -40.01 26.48 35.63
C GLU J 350 -38.89 26.29 36.64
N ALA J 351 -38.99 26.92 37.81
CA ALA J 351 -37.95 26.76 38.83
C ALA J 351 -37.85 25.33 39.31
N GLN J 352 -39.00 24.70 39.59
CA GLN J 352 -38.97 23.33 40.08
C GLN J 352 -38.51 22.36 39.01
N ILE J 353 -38.91 22.58 37.75
CA ILE J 353 -38.44 21.72 36.67
C ILE J 353 -36.94 21.86 36.51
N GLN J 354 -36.43 23.09 36.59
CA GLN J 354 -34.98 23.31 36.50
C GLN J 354 -34.26 22.55 37.61
N LYS J 355 -34.74 22.70 38.85
CA LYS J 355 -34.11 22.02 39.98
C LYS J 355 -34.12 20.51 39.79
N MET J 356 -35.29 19.95 39.49
CA MET J 356 -35.42 18.50 39.37
C MET J 356 -34.63 17.96 38.18
N SER J 357 -34.54 18.71 37.09
CA SER J 357 -33.75 18.27 35.95
C SER J 357 -32.26 18.31 36.25
N GLN J 358 -31.80 19.36 36.94
CA GLN J 358 -30.40 19.42 37.31
C GLN J 358 -30.02 18.28 38.24
N ASP J 359 -30.90 17.97 39.20
CA ASP J 359 -30.57 16.93 40.17
C ASP J 359 -30.72 15.53 39.58
N LEU J 360 -31.77 15.28 38.80
CA LEU J 360 -32.00 13.94 38.26
C LEU J 360 -31.06 13.61 37.13
N GLN J 361 -30.82 14.56 36.22
CA GLN J 361 -29.95 14.35 35.06
C GLN J 361 -30.39 13.15 34.23
N LEU J 362 -31.69 13.12 33.91
CA LEU J 362 -32.24 12.02 33.13
C LEU J 362 -31.66 11.99 31.73
N GLU J 363 -31.28 13.15 31.18
CA GLU J 363 -30.73 13.17 29.83
C GLU J 363 -29.44 12.36 29.73
N ALA J 364 -28.56 12.50 30.73
CA ALA J 364 -27.29 11.78 30.70
C ALA J 364 -27.50 10.28 30.89
N LEU J 365 -28.48 9.90 31.71
CA LEU J 365 -28.71 8.48 31.95
C LEU J 365 -29.30 7.78 30.73
N THR J 366 -30.08 8.50 29.93
CA THR J 366 -30.78 7.88 28.82
C THR J 366 -29.80 7.36 27.77
N ILE J 367 -30.18 6.26 27.12
CA ILE J 367 -29.44 5.78 25.98
C ILE J 367 -29.59 6.77 24.82
N GLN J 368 -28.57 6.84 23.99
CA GLN J 368 -28.57 7.85 22.93
C GLN J 368 -29.72 7.67 21.95
N SER J 369 -30.33 6.49 21.91
CA SER J 369 -31.46 6.24 21.02
C SER J 369 -32.81 6.53 21.65
N GLU J 370 -32.85 6.92 22.92
CA GLU J 370 -34.10 7.18 23.63
C GLU J 370 -34.13 8.62 24.12
N THR J 371 -35.33 9.07 24.45
CA THR J 371 -35.56 10.40 25.00
C THR J 371 -36.12 10.25 26.41
N GLN J 372 -35.56 11.01 27.35
CA GLN J 372 -36.06 11.03 28.72
C GLN J 372 -36.01 12.45 29.26
N PHE J 373 -37.07 12.84 29.95
CA PHE J 373 -37.19 14.19 30.49
C PHE J 373 -38.28 14.17 31.55
N LEU J 374 -38.34 15.24 32.32
CA LEU J 374 -39.35 15.36 33.36
C LEU J 374 -40.73 15.53 32.74
N THR J 375 -41.73 14.85 33.31
CA THR J 375 -43.10 14.92 32.83
C THR J 375 -44.06 15.08 34.01
N GLY J 376 -45.21 15.69 33.73
CA GLY J 376 -46.26 15.78 34.72
C GLY J 376 -45.88 16.56 35.96
N ILE J 377 -45.21 17.70 35.79
CA ILE J 377 -44.78 18.52 36.91
C ILE J 377 -45.43 19.89 36.79
N ASN J 378 -46.64 19.93 36.26
CA ASN J 378 -47.37 21.18 36.09
C ASN J 378 -48.37 21.40 37.22
N SER J 379 -48.90 22.63 37.30
CA SER J 379 -49.83 22.98 38.35
C SER J 379 -51.17 22.26 38.19
N GLN J 380 -51.59 22.01 36.95
CA GLN J 380 -52.85 21.31 36.73
C GLN J 380 -52.81 19.93 37.38
N ALA J 381 -51.70 19.22 37.24
CA ALA J 381 -51.58 17.90 37.85
C ALA J 381 -51.62 17.99 39.36
N ALA J 382 -50.99 19.02 39.94
CA ALA J 382 -51.01 19.18 41.40
C ALA J 382 -52.43 19.41 41.90
N ASN J 383 -53.17 20.30 41.23
CA ASN J 383 -54.55 20.55 41.62
C ASN J 383 -55.40 19.30 41.46
N ASP J 384 -55.19 18.56 40.37
CA ASP J 384 -55.94 17.33 40.15
C ASP J 384 -55.64 16.31 41.25
N CYS J 385 -54.38 16.19 41.66
CA CYS J 385 -54.03 15.27 42.73
C CYS J 385 -54.71 15.67 44.04
N PHE J 386 -54.64 16.95 44.39
CA PHE J 386 -55.27 17.41 45.62
C PHE J 386 -56.77 17.07 45.61
N LYS J 387 -57.44 17.44 44.54
CA LYS J 387 -58.88 17.17 44.45
C LYS J 387 -59.16 15.68 44.48
N THR J 388 -58.39 14.89 43.74
CA THR J 388 -58.64 13.46 43.67
C THR J 388 -58.48 12.80 45.02
N LEU J 389 -57.40 13.14 45.74
CA LEU J 389 -57.17 12.54 47.05
C LEU J 389 -58.30 12.87 48.00
N ILE J 390 -58.62 14.17 48.14
CA ILE J 390 -59.64 14.54 49.11
C ILE J 390 -60.99 13.97 48.73
N ALA J 391 -61.34 14.03 47.45
CA ALA J 391 -62.65 13.55 47.00
C ALA J 391 -62.77 12.04 47.17
N ALA J 392 -61.72 11.30 46.84
CA ALA J 392 -61.74 9.85 47.00
C ALA J 392 -61.90 9.47 48.47
N MET J 393 -61.16 10.15 49.36
CA MET J 393 -61.29 9.85 50.78
C MET J 393 -62.69 10.20 51.28
N LEU J 394 -63.23 11.33 50.84
CA LEU J 394 -64.56 11.74 51.29
C LEU J 394 -65.62 10.75 50.83
N SER J 395 -65.57 10.33 49.57
CA SER J 395 -66.55 9.43 49.00
C SER J 395 -66.24 7.97 49.25
N GLN J 396 -65.08 7.66 49.82
CA GLN J 396 -64.66 6.29 50.07
C GLN J 396 -64.67 5.47 48.78
N ARG J 397 -64.26 6.12 47.70
CA ARG J 397 -64.15 5.46 46.40
C ARG J 397 -62.73 4.92 46.25
N THR J 398 -62.63 3.66 45.85
CA THR J 398 -61.32 3.04 45.70
C THR J 398 -60.53 3.73 44.60
N MET J 399 -59.22 3.81 44.81
CA MET J 399 -58.31 4.44 43.86
C MET J 399 -57.35 3.40 43.30
N SER J 400 -56.94 3.62 42.05
CA SER J 400 -55.90 2.82 41.43
C SER J 400 -54.72 3.71 41.09
N LEU J 401 -53.52 3.14 41.16
CA LEU J 401 -52.28 3.87 40.93
C LEU J 401 -51.76 3.54 39.54
N ASP J 402 -51.54 4.57 38.74
CA ASP J 402 -50.95 4.44 37.42
C ASP J 402 -49.58 5.11 37.45
N PHE J 403 -48.54 4.35 37.11
CA PHE J 403 -47.18 4.88 37.12
C PHE J 403 -46.33 4.10 36.14
N VAL J 404 -45.20 4.69 35.78
CA VAL J 404 -44.19 4.04 34.96
C VAL J 404 -43.04 3.69 35.87
N THR J 405 -42.74 2.39 35.97
CA THR J 405 -41.76 1.93 36.96
C THR J 405 -40.40 2.58 36.75
N THR J 406 -40.02 2.79 35.50
CA THR J 406 -38.73 3.42 35.21
C THR J 406 -38.64 4.83 35.76
N ASN J 407 -39.78 5.49 35.96
CA ASN J 407 -39.82 6.84 36.53
C ASN J 407 -39.80 6.72 38.06
N TYR J 408 -38.59 6.60 38.60
CA TYR J 408 -38.43 6.44 40.04
C TYR J 408 -38.81 7.70 40.81
N MET J 409 -38.90 8.85 40.15
CA MET J 409 -39.43 10.03 40.82
C MET J 409 -40.88 9.83 41.21
N SER J 410 -41.66 9.20 40.34
CA SER J 410 -43.03 8.87 40.67
C SER J 410 -43.10 7.93 41.86
N LEU J 411 -42.16 6.98 41.94
CA LEU J 411 -42.15 6.06 43.08
C LEU J 411 -41.76 6.77 44.37
N ILE J 412 -40.80 7.69 44.29
CA ILE J 412 -40.40 8.45 45.47
C ILE J 412 -41.58 9.29 45.98
N SER J 413 -42.34 9.87 45.06
CA SER J 413 -43.53 10.61 45.47
C SER J 413 -44.63 9.68 45.99
N GLY J 414 -44.73 8.48 45.40
CA GLY J 414 -45.68 7.51 45.90
C GLY J 414 -45.35 7.07 47.31
N MET J 415 -44.09 7.17 47.71
CA MET J 415 -43.75 6.92 49.11
C MET J 415 -44.50 7.88 50.03
N TRP J 416 -44.47 9.18 49.70
CA TRP J 416 -45.24 10.15 50.47
C TRP J 416 -46.74 9.85 50.39
N LEU J 417 -47.21 9.50 49.19
CA LEU J 417 -48.62 9.19 49.01
C LEU J 417 -49.07 8.07 49.95
N LEU J 418 -48.33 6.97 49.96
CA LEU J 418 -48.64 5.87 50.86
C LEU J 418 -48.47 6.26 52.32
N THR J 419 -47.55 7.20 52.60
CA THR J 419 -47.38 7.66 53.98
C THR J 419 -48.63 8.37 54.48
N VAL J 420 -49.24 9.22 53.65
CA VAL J 420 -50.32 10.09 54.14
C VAL J 420 -51.69 9.51 53.80
N VAL J 421 -51.80 8.79 52.70
CA VAL J 421 -53.09 8.24 52.26
C VAL J 421 -53.23 6.83 52.82
N PRO J 422 -54.34 6.50 53.49
CA PRO J 422 -54.48 5.14 54.03
C PRO J 422 -54.39 4.08 52.95
N ASN J 423 -53.73 2.97 53.29
CA ASN J 423 -53.46 1.93 52.32
C ASN J 423 -54.73 1.23 51.84
N ASP J 424 -55.82 1.32 52.60
CA ASP J 424 -57.07 0.70 52.20
C ASP J 424 -57.89 1.56 51.25
N MET J 425 -57.41 2.75 50.91
CA MET J 425 -58.05 3.59 49.91
C MET J 425 -57.66 3.22 48.49
N PHE J 426 -56.80 2.22 48.31
CA PHE J 426 -56.34 1.79 47.01
C PHE J 426 -56.74 0.34 46.77
N ILE J 427 -57.03 0.02 45.51
CA ILE J 427 -57.27 -1.37 45.14
C ILE J 427 -56.02 -2.17 45.45
N ARG J 428 -56.22 -3.38 45.98
CA ARG J 428 -55.11 -4.17 46.50
C ARG J 428 -54.00 -4.34 45.47
N GLU J 429 -54.36 -4.59 44.22
CA GLU J 429 -53.35 -4.82 43.20
C GLU J 429 -52.50 -3.57 42.98
N SER J 430 -53.12 -2.40 42.96
CA SER J 430 -52.36 -1.16 42.75
C SER J 430 -51.42 -0.89 43.92
N LEU J 431 -51.90 -1.08 45.15
CA LEU J 431 -51.03 -0.90 46.30
C LEU J 431 -49.87 -1.87 46.26
N VAL J 432 -50.13 -3.13 45.93
CA VAL J 432 -49.07 -4.12 45.87
C VAL J 432 -48.06 -3.75 44.78
N ALA J 433 -48.54 -3.31 43.62
CA ALA J 433 -47.65 -2.95 42.53
C ALA J 433 -46.77 -1.77 42.91
N CYS J 434 -47.36 -0.73 43.49
CA CYS J 434 -46.58 0.44 43.88
C CYS J 434 -45.56 0.09 44.95
N GLN J 435 -45.98 -0.68 45.96
CA GLN J 435 -45.06 -1.06 47.02
C GLN J 435 -43.93 -1.94 46.50
N LEU J 436 -44.25 -2.88 45.61
CA LEU J 436 -43.22 -3.75 45.06
C LEU J 436 -42.26 -2.98 44.18
N ALA J 437 -42.76 -2.00 43.41
CA ALA J 437 -41.87 -1.16 42.64
C ALA J 437 -40.93 -0.37 43.54
N ILE J 438 -41.47 0.19 44.63
CA ILE J 438 -40.63 0.94 45.56
C ILE J 438 -39.59 0.03 46.19
N ILE J 439 -40.00 -1.18 46.58
CA ILE J 439 -39.10 -2.10 47.27
C ILE J 439 -38.00 -2.56 46.34
N ASN J 440 -38.35 -2.97 45.12
CA ASN J 440 -37.41 -3.59 44.21
C ASN J 440 -36.67 -2.60 43.33
N THR J 441 -36.99 -1.31 43.41
CA THR J 441 -36.26 -0.28 42.69
C THR J 441 -35.44 0.63 43.58
N ILE J 442 -35.85 0.81 44.83
CA ILE J 442 -35.24 1.83 45.69
C ILE J 442 -34.70 1.21 46.97
N ILE J 443 -35.57 0.58 47.76
CA ILE J 443 -35.24 0.27 49.15
C ILE J 443 -34.30 -0.93 49.24
N TYR J 444 -34.74 -2.08 48.75
CA TYR J 444 -33.87 -3.27 48.79
C TYR J 444 -32.58 -3.05 48.04
N PRO J 445 -32.58 -2.49 46.82
CA PRO J 445 -31.29 -2.14 46.20
C PRO J 445 -30.45 -1.20 47.05
N ALA J 446 -31.09 -0.26 47.75
CA ALA J 446 -30.34 0.65 48.62
C ALA J 446 -29.61 -0.11 49.71
N PHE J 447 -30.29 -1.08 50.32
CA PHE J 447 -29.72 -1.84 51.43
C PHE J 447 -29.00 -3.10 50.98
N GLY J 448 -28.84 -3.30 49.66
CA GLY J 448 -28.16 -4.47 49.16
C GLY J 448 -28.90 -5.76 49.34
N MET J 449 -30.21 -5.71 49.58
CA MET J 449 -30.99 -6.92 49.77
C MET J 449 -31.37 -7.53 48.44
N GLN J 450 -31.60 -8.84 48.46
CA GLN J 450 -32.08 -9.52 47.26
C GLN J 450 -33.51 -9.09 46.97
N ARG J 451 -33.80 -8.87 45.68
CA ARG J 451 -35.09 -8.36 45.29
C ARG J 451 -36.22 -9.26 45.78
N MET J 452 -37.27 -8.64 46.31
CA MET J 452 -38.37 -9.38 46.91
C MET J 452 -39.14 -10.14 45.85
N HIS J 453 -39.17 -11.47 45.96
CA HIS J 453 -40.00 -12.31 45.08
C HIS J 453 -41.39 -12.38 45.69
N TYR J 454 -42.16 -11.31 45.47
CA TYR J 454 -43.49 -11.23 46.05
C TYR J 454 -44.44 -12.20 45.35
N ARG J 455 -45.40 -12.71 46.12
CA ARG J 455 -46.40 -13.63 45.63
C ARG J 455 -47.76 -12.98 45.74
N ASN J 456 -48.46 -12.85 44.62
CA ASN J 456 -49.79 -12.26 44.65
C ASN J 456 -50.75 -13.15 45.44
N GLY J 457 -51.69 -12.51 46.12
CA GLY J 457 -52.56 -13.21 47.04
C GLY J 457 -51.95 -13.44 48.40
N ASP J 458 -50.72 -12.99 48.62
CA ASP J 458 -50.11 -13.11 49.94
C ASP J 458 -50.87 -12.25 50.94
N PRO J 459 -51.16 -12.76 52.15
CA PRO J 459 -51.81 -11.90 53.14
C PRO J 459 -50.99 -10.69 53.53
N GLN J 460 -49.68 -10.71 53.30
CA GLN J 460 -48.80 -9.60 53.62
C GLN J 460 -48.46 -8.83 52.35
N THR J 461 -48.55 -7.50 52.43
CA THR J 461 -48.12 -6.65 51.33
C THR J 461 -46.60 -6.60 51.27
N PRO J 462 -46.04 -6.15 50.15
CA PRO J 462 -44.58 -6.05 50.07
C PRO J 462 -43.96 -5.21 51.17
N PHE J 463 -44.62 -4.12 51.57
CA PHE J 463 -44.12 -3.31 52.66
C PHE J 463 -44.19 -4.04 53.99
N GLN J 464 -45.21 -4.88 54.18
CA GLN J 464 -45.31 -5.64 55.41
C GLN J 464 -44.18 -6.66 55.52
N ILE J 465 -43.81 -7.28 54.39
CA ILE J 465 -42.65 -8.17 54.39
C ILE J 465 -41.38 -7.37 54.64
N ALA J 466 -41.26 -6.19 54.01
CA ALA J 466 -40.05 -5.39 54.14
C ALA J 466 -39.84 -4.93 55.58
N GLU J 467 -40.93 -4.58 56.27
CA GLU J 467 -40.80 -4.09 57.63
C GLU J 467 -40.15 -5.13 58.54
N GLN J 468 -40.36 -6.42 58.25
CA GLN J 468 -39.77 -7.49 59.05
C GLN J 468 -38.37 -7.87 58.61
N GLN J 469 -37.91 -7.38 57.46
CA GLN J 469 -36.63 -7.79 56.89
C GLN J 469 -35.59 -6.69 56.83
N ILE J 470 -35.97 -5.44 57.06
CA ILE J 470 -35.04 -4.32 57.03
C ILE J 470 -34.71 -3.95 58.47
N GLN J 471 -33.44 -4.06 58.85
CA GLN J 471 -33.01 -3.78 60.20
C GLN J 471 -32.89 -2.29 60.49
N ASN J 472 -32.79 -1.45 59.46
CA ASN J 472 -32.67 -0.02 59.67
C ASN J 472 -33.90 0.51 60.40
N PHE J 473 -33.65 1.32 61.43
CA PHE J 473 -34.75 1.84 62.24
C PHE J 473 -35.58 2.86 61.48
N GLN J 474 -34.94 3.74 60.72
CA GLN J 474 -35.68 4.79 60.02
C GLN J 474 -36.65 4.20 59.01
N VAL J 475 -36.12 3.36 58.11
CA VAL J 475 -36.95 2.80 57.06
C VAL J 475 -37.96 1.83 57.64
N ALA J 476 -37.57 1.05 58.64
CA ALA J 476 -38.49 0.09 59.24
C ALA J 476 -39.63 0.81 59.94
N ASN J 477 -39.33 1.89 60.66
CA ASN J 477 -40.38 2.65 61.34
C ASN J 477 -41.33 3.30 60.35
N TRP J 478 -40.79 3.88 59.27
CA TRP J 478 -41.66 4.43 58.24
C TRP J 478 -42.53 3.35 57.62
N LEU J 479 -41.95 2.18 57.35
CA LEU J 479 -42.71 1.08 56.77
C LEU J 479 -43.80 0.61 57.72
N HIS J 480 -43.49 0.57 59.01
CA HIS J 480 -44.50 0.18 60.00
C HIS J 480 -45.68 1.13 59.97
N PHE J 481 -45.40 2.43 59.97
CA PHE J 481 -46.49 3.40 59.92
C PHE J 481 -47.30 3.21 58.64
N VAL J 482 -46.63 3.06 57.50
CA VAL J 482 -47.34 2.90 56.23
C VAL J 482 -48.21 1.66 56.27
N ASN J 483 -47.72 0.60 56.91
CA ASN J 483 -48.48 -0.64 56.99
C ASN J 483 -49.71 -0.50 57.85
N ASN J 484 -49.65 0.33 58.90
CA ASN J 484 -50.73 0.41 59.87
C ASN J 484 -51.53 1.70 59.79
N ASN J 485 -51.37 2.48 58.72
CA ASN J 485 -52.09 3.75 58.60
C ASN J 485 -53.40 3.60 57.84
N GLN J 486 -54.23 2.64 58.25
CA GLN J 486 -55.56 2.53 57.66
C GLN J 486 -56.52 3.50 58.35
N PHE J 487 -57.69 3.68 57.74
CA PHE J 487 -58.71 4.54 58.32
C PHE J 487 -59.21 3.96 59.64
N ARG J 488 -59.45 4.85 60.60
CA ARG J 488 -60.12 4.49 61.83
C ARG J 488 -61.60 4.86 61.72
N GLN J 489 -62.45 4.10 62.40
CA GLN J 489 -63.89 4.28 62.32
C GLN J 489 -64.38 4.93 63.60
N VAL J 490 -65.18 5.99 63.45
CA VAL J 490 -65.75 6.67 64.62
C VAL J 490 -67.09 7.27 64.24
N VAL J 491 -68.04 7.21 65.16
CA VAL J 491 -69.39 7.74 64.91
C VAL J 491 -69.48 9.12 65.54
N ILE J 492 -69.75 10.13 64.72
CA ILE J 492 -69.94 11.51 65.17
C ILE J 492 -71.34 11.92 64.76
N ASP J 493 -72.14 12.38 65.72
CA ASP J 493 -73.50 12.84 65.47
C ASP J 493 -74.34 11.77 64.79
N GLY J 494 -74.05 10.50 65.08
CA GLY J 494 -74.77 9.41 64.48
C GLY J 494 -74.34 9.03 63.08
N VAL J 495 -73.29 9.65 62.56
CA VAL J 495 -72.78 9.38 61.22
C VAL J 495 -71.43 8.67 61.37
N LEU J 496 -71.28 7.55 60.67
CA LEU J 496 -70.00 6.86 60.63
C LEU J 496 -69.00 7.69 59.83
N ASN J 497 -67.78 7.78 60.34
CA ASN J 497 -66.75 8.62 59.76
C ASN J 497 -65.45 7.83 59.72
N GLN J 498 -64.73 8.00 58.62
CA GLN J 498 -63.41 7.41 58.41
C GLN J 498 -62.38 8.50 58.70
N VAL J 499 -61.69 8.38 59.83
CA VAL J 499 -60.78 9.40 60.31
C VAL J 499 -59.35 8.89 60.18
N LEU J 500 -58.41 9.83 60.24
CA LEU J 500 -57.00 9.54 60.00
C LEU J 500 -56.24 9.43 61.32
N ASN J 501 -55.06 8.82 61.24
CA ASN J 501 -54.13 8.83 62.35
C ASN J 501 -53.78 10.27 62.71
N ASP J 502 -53.67 10.54 64.00
CA ASP J 502 -53.37 11.90 64.45
C ASP J 502 -52.01 12.37 63.95
N ASN J 503 -51.12 11.45 63.60
CA ASN J 503 -49.83 11.84 63.03
C ASN J 503 -50.00 12.39 61.63
N ILE J 504 -50.99 11.90 60.88
CA ILE J 504 -51.29 12.48 59.57
C ILE J 504 -51.90 13.86 59.74
N ARG J 505 -52.81 14.01 60.72
CA ARG J 505 -53.53 15.26 60.86
C ARG J 505 -52.60 16.42 61.18
N ASN J 506 -51.63 16.20 62.06
CA ASN J 506 -50.64 17.22 62.37
C ASN J 506 -49.43 17.17 61.45
N GLY J 507 -49.37 16.21 60.54
CA GLY J 507 -48.30 16.14 59.56
C GLY J 507 -46.98 15.67 60.09
N HIS J 508 -46.91 15.21 61.34
CA HIS J 508 -45.63 14.82 61.93
C HIS J 508 -45.06 13.57 61.28
N VAL J 509 -45.90 12.66 60.80
CA VAL J 509 -45.40 11.43 60.19
C VAL J 509 -44.48 11.74 59.02
N VAL J 510 -44.69 12.87 58.33
CA VAL J 510 -43.83 13.22 57.21
C VAL J 510 -42.37 13.25 57.67
N ASN J 511 -42.12 13.76 58.88
CA ASN J 511 -40.77 13.75 59.41
C ASN J 511 -40.17 12.35 59.33
N GLN J 512 -40.90 11.34 59.80
CA GLN J 512 -40.39 9.98 59.71
C GLN J 512 -40.09 9.61 58.27
N LEU J 513 -41.02 9.93 57.35
CA LEU J 513 -40.72 9.71 55.94
C LEU J 513 -39.43 10.39 55.55
N MET J 514 -39.29 11.68 55.87
CA MET J 514 -38.05 12.38 55.60
C MET J 514 -36.88 11.60 56.18
N GLU J 515 -37.00 11.19 57.44
CA GLU J 515 -35.92 10.43 58.07
C GLU J 515 -35.55 9.23 57.21
N ALA J 516 -36.54 8.41 56.85
CA ALA J 516 -36.26 7.25 56.03
C ALA J 516 -35.63 7.68 54.71
N LEU J 517 -36.18 8.72 54.08
CA LEU J 517 -35.64 9.17 52.82
C LEU J 517 -34.18 9.55 52.97
N MET J 518 -33.84 10.27 54.04
CA MET J 518 -32.45 10.65 54.24
C MET J 518 -31.58 9.41 54.34
N GLN J 519 -32.04 8.40 55.07
CA GLN J 519 -31.28 7.18 55.18
C GLN J 519 -31.09 6.53 53.82
N LEU J 520 -32.12 6.61 52.96
CA LEU J 520 -31.99 6.02 51.64
C LEU J 520 -31.01 6.80 50.78
N SER J 521 -30.84 8.08 51.06
CA SER J 521 -29.90 8.88 50.28
C SER J 521 -28.46 8.59 50.67
N ARG J 522 -28.24 8.05 51.87
CA ARG J 522 -26.91 7.73 52.36
C ARG J 522 -26.50 6.31 52.07
N GLN J 523 -27.36 5.50 51.44
CA GLN J 523 -27.06 4.11 51.19
C GLN J 523 -26.14 3.96 49.99
N GLN J 524 -25.40 2.85 49.97
CA GLN J 524 -24.39 2.64 48.95
C GLN J 524 -24.96 2.10 47.65
N PHE J 525 -26.12 1.44 47.69
CA PHE J 525 -26.64 0.75 46.52
C PHE J 525 -25.54 -0.13 45.94
N PRO J 526 -25.18 -1.23 46.61
CA PRO J 526 -23.93 -1.93 46.30
C PRO J 526 -23.62 -2.16 44.83
N THR J 527 -24.51 -2.83 44.09
CA THR J 527 -24.22 -3.23 42.72
C THR J 527 -24.80 -2.28 41.69
N MET J 528 -25.42 -1.18 42.10
CA MET J 528 -26.05 -0.27 41.15
C MET J 528 -25.00 0.56 40.43
N PRO J 529 -25.14 0.76 39.12
CA PRO J 529 -24.25 1.73 38.44
C PRO J 529 -24.35 3.11 39.08
N VAL J 530 -23.19 3.77 39.17
CA VAL J 530 -23.08 4.94 40.03
C VAL J 530 -23.90 6.12 39.50
N ASP J 531 -24.04 6.27 38.19
CA ASP J 531 -24.83 7.38 37.66
C ASP J 531 -26.30 7.21 38.02
N TYR J 532 -26.84 6.00 37.83
CA TYR J 532 -28.22 5.73 38.21
C TYR J 532 -28.41 5.88 39.72
N LYS J 533 -27.42 5.43 40.50
CA LYS J 533 -27.46 5.60 41.94
C LYS J 533 -27.52 7.07 42.31
N ARG J 534 -26.69 7.90 41.68
CA ARG J 534 -26.70 9.33 41.95
C ARG J 534 -28.05 9.93 41.61
N SER J 535 -28.62 9.55 40.48
CA SER J 535 -29.92 10.10 40.10
C SER J 535 -31.00 9.72 41.10
N ILE J 536 -31.03 8.45 41.53
CA ILE J 536 -32.04 8.03 42.49
C ILE J 536 -31.86 8.74 43.81
N GLN J 537 -30.60 8.85 44.29
CA GLN J 537 -30.36 9.51 45.57
C GLN J 537 -30.73 10.99 45.50
N ARG J 538 -30.45 11.64 44.37
CA ARG J 538 -30.81 13.04 44.23
C ARG J 538 -32.31 13.23 44.13
N GLY J 539 -33.05 12.28 43.54
CA GLY J 539 -34.50 12.35 43.61
C GLY J 539 -35.03 12.15 45.02
N ILE J 540 -34.46 11.19 45.74
CA ILE J 540 -34.84 10.99 47.14
C ILE J 540 -34.61 12.27 47.93
N LEU J 541 -33.50 12.95 47.67
CA LEU J 541 -33.24 14.21 48.35
C LEU J 541 -34.16 15.32 47.86
N LEU J 542 -34.55 15.30 46.58
CA LEU J 542 -35.52 16.27 46.09
C LEU J 542 -36.80 16.20 46.91
N LEU J 543 -37.27 14.98 47.19
CA LEU J 543 -38.46 14.86 48.04
C LEU J 543 -38.14 15.18 49.50
N SER J 544 -36.97 14.74 49.99
CA SER J 544 -36.66 14.87 51.40
C SER J 544 -36.46 16.33 51.81
N ASN J 545 -35.85 17.13 50.94
CA ASN J 545 -35.55 18.52 51.25
C ASN J 545 -36.79 19.40 51.26
N ARG J 546 -37.94 18.88 50.83
CA ARG J 546 -39.21 19.57 50.92
C ARG J 546 -39.97 19.15 52.16
N LEU J 547 -39.25 18.91 53.27
CA LEU J 547 -39.90 18.42 54.49
C LEU J 547 -40.93 19.39 55.00
N GLY J 548 -40.59 20.67 55.09
CA GLY J 548 -41.54 21.65 55.60
C GLY J 548 -42.76 21.77 54.72
N GLN J 549 -42.54 21.82 53.40
CA GLN J 549 -43.65 21.92 52.47
C GLN J 549 -44.53 20.68 52.54
N LEU J 550 -43.94 19.50 52.72
CA LEU J 550 -44.72 18.28 52.78
C LEU J 550 -45.49 18.18 54.08
N VAL J 551 -44.92 18.66 55.18
CA VAL J 551 -45.67 18.72 56.43
C VAL J 551 -46.86 19.65 56.29
N ASP J 552 -46.63 20.82 55.68
CA ASP J 552 -47.72 21.76 55.44
C ASP J 552 -48.79 21.15 54.54
N LEU J 553 -48.37 20.45 53.49
CA LEU J 553 -49.31 19.82 52.56
C LEU J 553 -50.13 18.76 53.27
N THR J 554 -49.49 17.93 54.08
CA THR J 554 -50.21 16.88 54.81
C THR J 554 -51.22 17.50 55.76
N ARG J 555 -50.82 18.54 56.49
CA ARG J 555 -51.74 19.20 57.41
C ARG J 555 -52.90 19.83 56.65
N LEU J 556 -52.62 20.47 55.52
CA LEU J 556 -53.67 21.09 54.72
C LEU J 556 -54.64 20.05 54.19
N LEU J 557 -54.12 18.94 53.67
CA LEU J 557 -54.97 17.89 53.13
C LEU J 557 -55.83 17.29 54.23
N ALA J 558 -55.25 17.01 55.40
CA ALA J 558 -56.01 16.44 56.50
C ALA J 558 -57.08 17.42 56.99
N TYR J 559 -56.73 18.70 57.10
CA TYR J 559 -57.71 19.68 57.56
C TYR J 559 -58.86 19.80 56.59
N ASN J 560 -58.57 19.87 55.30
CA ASN J 560 -59.62 19.97 54.30
C ASN J 560 -60.50 18.72 54.33
N TYR J 561 -59.89 17.55 54.48
CA TYR J 561 -60.65 16.32 54.57
C TYR J 561 -61.59 16.34 55.77
N GLU J 562 -61.09 16.75 56.94
CA GLU J 562 -61.94 16.77 58.12
C GLU J 562 -63.07 17.79 57.98
N THR J 563 -62.76 18.97 57.45
CA THR J 563 -63.77 20.02 57.33
C THR J 563 -64.86 19.62 56.36
N LEU J 564 -64.49 19.01 55.23
CA LEU J 564 -65.50 18.56 54.28
C LEU J 564 -66.22 17.31 54.76
N MET J 565 -65.57 16.52 55.62
CA MET J 565 -66.19 15.33 56.18
C MET J 565 -67.23 15.69 57.23
N ALA J 566 -67.05 16.84 57.88
CA ALA J 566 -68.07 17.32 58.80
C ALA J 566 -69.41 17.54 58.10
N CYS J 567 -69.40 17.71 56.78
CA CYS J 567 -70.61 17.96 56.01
C CYS J 567 -71.24 16.69 55.46
N ILE J 568 -70.64 15.53 55.70
CA ILE J 568 -71.20 14.27 55.24
C ILE J 568 -72.27 13.82 56.22
N THR J 569 -73.43 13.42 55.71
CA THR J 569 -74.55 12.99 56.53
C THR J 569 -74.84 11.49 56.44
N MET J 570 -74.33 10.81 55.44
CA MET J 570 -74.49 9.37 55.30
C MET J 570 -73.23 8.67 55.76
N ASN J 571 -73.40 7.46 56.29
CA ASN J 571 -72.28 6.70 56.84
C ASN J 571 -71.19 6.53 55.80
N MET J 572 -69.95 6.81 56.20
CA MET J 572 -68.79 6.66 55.32
C MET J 572 -68.37 5.20 55.34
N GLN J 573 -69.11 4.39 54.60
CA GLN J 573 -68.84 2.96 54.52
C GLN J 573 -67.67 2.73 53.56
N HIS J 574 -66.67 1.99 54.03
CA HIS J 574 -65.50 1.67 53.22
C HIS J 574 -65.71 0.32 52.54
N VAL J 575 -65.79 0.34 51.21
CA VAL J 575 -65.92 -0.87 50.40
C VAL J 575 -64.93 -0.76 49.25
N GLN J 576 -64.53 -1.91 48.72
CA GLN J 576 -63.69 -1.96 47.53
C GLN J 576 -64.62 -1.97 46.32
N THR J 577 -64.66 -0.84 45.61
CA THR J 577 -65.63 -0.65 44.55
C THR J 577 -65.20 -1.39 43.29
N LEU J 578 -66.18 -1.60 42.41
CA LEU J 578 -65.92 -2.32 41.17
C LEU J 578 -64.88 -1.59 40.32
N THR J 579 -65.11 -0.31 40.07
CA THR J 579 -64.19 0.52 39.31
C THR J 579 -63.59 1.55 40.25
N THR J 580 -62.33 1.89 40.02
CA THR J 580 -61.59 2.80 40.87
C THR J 580 -61.40 4.13 40.17
N GLU J 581 -60.86 5.09 40.90
CA GLU J 581 -60.41 6.36 40.34
C GLU J 581 -58.91 6.28 40.11
N LYS J 582 -58.51 6.33 38.85
CA LYS J 582 -57.10 6.27 38.52
C LYS J 582 -56.38 7.51 39.02
N LEU J 583 -55.23 7.31 39.65
CA LEU J 583 -54.39 8.39 40.14
C LEU J 583 -53.01 8.26 39.53
N GLN J 584 -52.57 9.31 38.86
CA GLN J 584 -51.23 9.33 38.28
C GLN J 584 -50.22 9.70 39.36
N LEU J 585 -49.16 8.92 39.48
CA LEU J 585 -48.12 9.25 40.44
C LEU J 585 -47.33 10.48 39.99
N THR J 586 -47.37 10.83 38.71
CA THR J 586 -46.80 12.10 38.28
C THR J 586 -47.59 13.27 38.84
N SER J 587 -48.91 13.12 38.98
CA SER J 587 -49.69 14.15 39.66
C SER J 587 -49.31 14.26 41.12
N VAL J 588 -49.00 13.12 41.76
CA VAL J 588 -48.51 13.16 43.13
C VAL J 588 -47.18 13.89 43.18
N THR J 589 -46.30 13.65 42.21
CA THR J 589 -45.04 14.37 42.15
C THR J 589 -45.29 15.87 42.00
N SER J 590 -46.23 16.24 41.14
CA SER J 590 -46.55 17.65 40.95
C SER J 590 -47.03 18.28 42.26
N LEU J 591 -47.92 17.59 42.96
CA LEU J 591 -48.42 18.12 44.23
C LEU J 591 -47.30 18.24 45.26
N CYS J 592 -46.41 17.24 45.31
CA CYS J 592 -45.35 17.26 46.31
C CYS J 592 -44.33 18.34 46.01
N MET J 593 -43.99 18.55 44.74
CA MET J 593 -42.91 19.46 44.36
C MET J 593 -43.37 20.88 44.08
N LEU J 594 -44.68 21.11 43.93
CA LEU J 594 -45.19 22.44 43.60
C LEU J 594 -45.96 23.12 44.73
N ILE J 595 -46.36 22.38 45.77
CA ILE J 595 -47.11 22.99 46.85
C ILE J 595 -46.25 24.04 47.53
N GLY J 596 -46.84 25.20 47.78
CA GLY J 596 -46.14 26.28 48.45
C GLY J 596 -46.47 26.35 49.92
N ASN J 597 -46.80 27.55 50.41
CA ASN J 597 -47.23 27.74 51.79
C ASN J 597 -48.52 28.55 51.87
N ALA J 598 -49.32 28.55 50.81
CA ALA J 598 -50.59 29.26 50.81
C ALA J 598 -51.70 28.32 51.28
N THR J 599 -52.29 28.63 52.42
CA THR J 599 -53.36 27.81 52.97
C THR J 599 -54.64 28.06 52.18
N VAL J 600 -55.31 26.99 51.80
CA VAL J 600 -56.61 27.06 51.13
C VAL J 600 -57.56 26.14 51.87
N ILE J 601 -58.60 26.71 52.47
CA ILE J 601 -59.60 25.93 53.19
C ILE J 601 -60.94 26.16 52.51
N PRO J 602 -61.90 25.26 52.70
CA PRO J 602 -63.20 25.44 52.05
C PRO J 602 -63.87 26.72 52.53
N SER J 603 -64.53 27.40 51.60
CA SER J 603 -65.28 28.60 51.96
C SER J 603 -66.50 28.19 52.79
N PRO J 604 -66.95 29.06 53.71
CA PRO J 604 -68.15 28.71 54.47
C PRO J 604 -69.36 28.47 53.59
N GLN J 605 -69.50 29.23 52.50
CA GLN J 605 -70.58 28.98 51.57
C GLN J 605 -70.37 27.67 50.82
N THR J 606 -69.12 27.34 50.51
CA THR J 606 -68.83 26.04 49.91
C THR J 606 -69.19 24.90 50.87
N LEU J 607 -68.85 25.05 52.15
CA LEU J 607 -69.20 24.03 53.13
C LEU J 607 -70.70 23.89 53.25
N PHE J 608 -71.42 25.02 53.30
CA PHE J 608 -72.87 24.96 53.41
C PHE J 608 -73.50 24.34 52.17
N HIS J 609 -72.96 24.65 50.99
CA HIS J 609 -73.47 24.05 49.77
C HIS J 609 -73.26 22.54 49.78
N TYR J 610 -72.07 22.10 50.17
CA TYR J 610 -71.79 20.67 50.24
C TYR J 610 -72.71 19.98 51.23
N TYR J 611 -72.87 20.57 52.41
CA TYR J 611 -73.73 19.99 53.43
C TYR J 611 -75.18 19.94 52.96
N ASN J 612 -75.64 21.00 52.30
CA ASN J 612 -77.02 21.02 51.80
C ASN J 612 -77.23 19.97 50.73
N VAL J 613 -76.27 19.80 49.82
CA VAL J 613 -76.42 18.78 48.79
C VAL J 613 -76.45 17.40 49.42
N ASN J 614 -75.57 17.15 50.39
CA ASN J 614 -75.57 15.86 51.08
C ASN J 614 -76.89 15.63 51.81
N VAL J 615 -77.40 16.64 52.49
CA VAL J 615 -78.67 16.51 53.21
C VAL J 615 -79.80 16.27 52.24
N ASN J 616 -79.82 16.98 51.12
CA ASN J 616 -80.88 16.78 50.14
C ASN J 616 -80.84 15.37 49.58
N PHE J 617 -79.65 14.87 49.24
CA PHE J 617 -79.55 13.51 48.73
C PHE J 617 -80.00 12.50 49.79
N HIS J 618 -79.58 12.68 51.04
CA HIS J 618 -79.94 11.74 52.09
C HIS J 618 -81.44 11.74 52.33
N SER J 619 -82.05 12.93 52.40
CA SER J 619 -83.48 13.04 52.63
C SER J 619 -84.26 12.46 51.46
N ASN J 620 -83.81 12.73 50.23
CA ASN J 620 -84.48 12.14 49.08
C ASN J 620 -84.37 10.63 49.10
N TYR J 621 -83.20 10.11 49.46
CA TYR J 621 -83.03 8.67 49.55
C TYR J 621 -84.01 8.06 50.55
N ASN J 622 -84.11 8.67 51.73
CA ASN J 622 -85.00 8.16 52.76
C ASN J 622 -86.47 8.27 52.33
N GLU J 623 -86.85 9.40 51.72
CA GLU J 623 -88.24 9.59 51.33
C GLU J 623 -88.64 8.66 50.20
N ARG J 624 -87.74 8.41 49.26
CA ARG J 624 -88.04 7.46 48.19
C ARG J 624 -88.08 6.03 48.73
N ILE J 625 -87.23 5.70 49.70
CA ILE J 625 -87.37 4.41 50.36
C ILE J 625 -88.74 4.29 51.00
N ASN J 626 -89.18 5.35 51.68
CA ASN J 626 -90.48 5.32 52.33
C ASN J 626 -91.60 5.14 51.32
N ASP J 627 -91.54 5.87 50.21
CA ASP J 627 -92.57 5.76 49.18
C ASP J 627 -92.61 4.36 48.59
N ALA J 628 -91.43 3.81 48.26
CA ALA J 628 -91.37 2.47 47.70
C ALA J 628 -91.90 1.43 48.67
N VAL J 629 -91.49 1.51 49.94
CA VAL J 629 -91.93 0.56 50.94
C VAL J 629 -93.43 0.67 51.15
N ALA J 630 -93.96 1.89 51.19
CA ALA J 630 -95.39 2.07 51.36
C ALA J 630 -96.16 1.45 50.21
N ILE J 631 -95.73 1.70 48.98
CA ILE J 631 -96.44 1.15 47.83
C ILE J 631 -96.36 -0.37 47.82
N ILE J 632 -95.18 -0.93 48.11
CA ILE J 632 -95.02 -2.37 48.10
C ILE J 632 -95.90 -3.01 49.16
N THR J 633 -95.89 -2.44 50.37
CA THR J 633 -96.69 -3.00 51.46
C THR J 633 -98.18 -2.87 51.16
N ALA J 634 -98.59 -1.75 50.57
CA ALA J 634 -99.99 -1.58 50.22
C ALA J 634 -100.42 -2.60 49.17
N ALA J 635 -99.56 -2.83 48.17
CA ALA J 635 -99.88 -3.84 47.16
C ALA J 635 -100.00 -5.22 47.77
N ASN J 636 -99.09 -5.56 48.69
CA ASN J 636 -99.17 -6.88 49.33
C ASN J 636 -100.40 -7.00 50.20
N ARG J 637 -100.72 -5.96 50.97
CA ARG J 637 -101.88 -6.01 51.87
C ARG J 637 -103.19 -5.87 51.10
N LEU J 638 -103.18 -5.27 49.91
CA LEU J 638 -104.34 -5.24 49.05
C LEU J 638 -104.44 -6.48 48.19
N ASN J 639 -103.51 -7.42 48.33
CA ASN J 639 -103.54 -8.69 47.61
C ASN J 639 -103.52 -8.45 46.10
N LEU J 640 -102.61 -7.58 45.66
CA LEU J 640 -102.40 -7.34 44.23
C LEU J 640 -101.30 -8.26 43.73
N TYR J 641 -101.67 -9.53 43.62
CA TYR J 641 -100.72 -10.59 43.31
C TYR J 641 -100.13 -10.46 41.91
N GLN J 642 -100.77 -9.73 41.01
CA GLN J 642 -100.21 -9.48 39.68
C GLN J 642 -99.33 -8.25 39.62
N LYS J 643 -99.27 -7.46 40.70
CA LYS J 643 -98.41 -6.29 40.71
C LYS J 643 -96.96 -6.71 40.64
N LYS J 644 -96.19 -6.02 39.79
CA LYS J 644 -94.77 -6.29 39.61
C LYS J 644 -93.97 -5.28 40.43
N MET J 645 -93.30 -5.75 41.48
CA MET J 645 -92.51 -4.87 42.31
C MET J 645 -91.29 -4.32 41.57
N LYS J 646 -90.92 -4.92 40.45
CA LYS J 646 -89.78 -4.42 39.70
C LYS J 646 -90.02 -3.00 39.20
N SER J 647 -91.27 -2.70 38.82
CA SER J 647 -91.60 -1.33 38.43
C SER J 647 -91.42 -0.36 39.59
N ILE J 648 -91.82 -0.78 40.79
CA ILE J 648 -91.66 0.08 41.96
C ILE J 648 -90.20 0.33 42.25
N VAL J 649 -89.38 -0.72 42.17
CA VAL J 649 -87.95 -0.55 42.43
C VAL J 649 -87.31 0.31 41.35
N GLU J 650 -87.74 0.16 40.09
CA GLU J 650 -87.21 0.98 39.02
C GLU J 650 -87.56 2.45 39.23
N ASP J 651 -88.80 2.73 39.64
CA ASP J 651 -89.18 4.11 39.93
C ASP J 651 -88.39 4.67 41.09
N PHE J 652 -88.15 3.84 42.12
CA PHE J 652 -87.36 4.26 43.27
C PHE J 652 -85.95 4.64 42.84
N LEU J 653 -85.31 3.78 42.03
CA LEU J 653 -83.96 4.06 41.56
C LEU J 653 -83.93 5.29 40.66
N LYS J 654 -84.95 5.45 39.80
CA LYS J 654 -85.01 6.63 38.95
C LYS J 654 -85.13 7.90 39.77
N ARG J 655 -85.94 7.87 40.83
CA ARG J 655 -86.10 9.02 41.69
C ARG J 655 -84.91 9.27 42.60
N LEU J 656 -84.00 8.30 42.75
CA LEU J 656 -82.74 8.60 43.41
C LEU J 656 -81.84 9.51 42.57
N GLN J 657 -82.11 9.62 41.28
CA GLN J 657 -81.57 10.62 40.35
C GLN J 657 -80.14 10.32 39.91
N ILE J 658 -79.45 9.32 40.46
CA ILE J 658 -78.04 9.08 40.16
C ILE J 658 -77.81 7.75 39.47
N PHE J 659 -78.85 6.93 39.28
CA PHE J 659 -78.70 5.61 38.69
C PHE J 659 -79.32 5.59 37.30
N ASP J 660 -78.58 5.00 36.35
CA ASP J 660 -79.14 4.63 35.06
C ASP J 660 -79.74 3.23 35.19
N ILE J 661 -81.06 3.16 35.27
CA ILE J 661 -81.71 1.91 35.66
C ILE J 661 -81.45 0.81 34.63
N SER J 662 -81.22 1.16 33.38
CA SER J 662 -81.03 0.16 32.35
C SER J 662 -79.79 -0.70 32.60
N ARG J 663 -78.83 -0.20 33.38
CA ARG J 663 -77.59 -0.90 33.65
C ARG J 663 -77.55 -1.54 35.03
N VAL J 664 -78.68 -1.63 35.72
CA VAL J 664 -78.74 -2.27 37.03
C VAL J 664 -78.88 -3.77 36.82
N PRO J 665 -77.99 -4.60 37.37
CA PRO J 665 -78.17 -6.05 37.23
C PRO J 665 -79.46 -6.53 37.88
N ASP J 666 -80.03 -7.60 37.30
CA ASP J 666 -81.31 -8.10 37.78
C ASP J 666 -81.22 -8.66 39.19
N ASP J 667 -80.11 -9.34 39.51
CA ASP J 667 -79.97 -9.91 40.85
C ASP J 667 -80.01 -8.81 41.90
N GLN J 668 -79.35 -7.69 41.63
CA GLN J 668 -79.41 -6.57 42.57
C GLN J 668 -80.79 -5.95 42.62
N MET J 669 -81.51 -5.94 41.49
CA MET J 669 -82.89 -5.45 41.51
C MET J 669 -83.76 -6.29 42.44
N TYR J 670 -83.66 -7.60 42.33
CA TYR J 670 -84.48 -8.48 43.17
C TYR J 670 -84.03 -8.45 44.62
N ARG J 671 -82.73 -8.31 44.87
CA ARG J 671 -82.23 -8.15 46.23
C ARG J 671 -82.76 -6.86 46.84
N LEU J 672 -82.80 -5.79 46.05
CA LEU J 672 -83.38 -4.54 46.51
C LEU J 672 -84.85 -4.70 46.82
N ARG J 673 -85.57 -5.45 45.98
CA ARG J 673 -86.98 -5.74 46.27
C ARG J 673 -87.12 -6.44 47.61
N ASP J 674 -86.31 -7.46 47.85
CA ASP J 674 -86.37 -8.20 49.11
C ASP J 674 -86.12 -7.28 50.29
N ARG J 675 -85.03 -6.52 50.23
CA ARG J 675 -84.69 -5.66 51.36
C ARG J 675 -85.74 -4.58 51.59
N LEU J 676 -86.32 -4.04 50.52
CA LEU J 676 -87.40 -3.08 50.68
C LEU J 676 -88.62 -3.72 51.32
N ARG J 677 -88.91 -4.98 50.96
CA ARG J 677 -90.02 -5.68 51.58
C ARG J 677 -89.80 -5.85 53.08
N LEU J 678 -88.56 -6.14 53.48
CA LEU J 678 -88.29 -6.36 54.89
C LEU J 678 -88.51 -5.12 55.74
N LEU J 679 -88.50 -3.92 55.16
CA LEU J 679 -88.54 -2.71 55.97
C LEU J 679 -89.97 -2.43 56.45
N PRO J 680 -90.12 -1.79 57.62
CA PRO J 680 -91.46 -1.38 58.06
C PRO J 680 -91.87 -0.04 57.43
N VAL J 681 -93.18 0.17 57.38
CA VAL J 681 -93.75 1.32 56.69
C VAL J 681 -93.71 2.53 57.61
N GLU J 682 -93.49 3.71 57.02
CA GLU J 682 -93.45 4.94 57.78
C GLU J 682 -94.81 5.25 58.37
N ILE J 683 -94.81 5.93 59.53
CA ILE J 683 -96.01 6.05 60.34
C ILE J 683 -97.11 6.79 59.58
N ARG J 684 -96.77 7.89 58.92
CA ARG J 684 -97.77 8.70 58.23
C ARG J 684 -98.40 7.92 57.08
N ARG J 685 -97.55 7.34 56.22
CA ARG J 685 -98.05 6.55 55.11
C ARG J 685 -98.83 5.34 55.58
N LEU J 686 -98.36 4.69 56.65
CA LEU J 686 -99.04 3.52 57.18
C LEU J 686 -100.43 3.89 57.71
N ASP J 687 -100.53 5.03 58.40
CA ASP J 687 -101.83 5.45 58.92
C ASP J 687 -102.79 5.82 57.79
N ILE J 688 -102.29 6.48 56.76
CA ILE J 688 -103.14 6.77 55.60
C ILE J 688 -103.62 5.48 54.96
N PHE J 689 -102.72 4.50 54.84
CA PHE J 689 -103.13 3.21 54.29
C PHE J 689 -104.17 2.53 55.16
N ASN J 690 -104.01 2.61 56.48
CA ASN J 690 -105.01 2.03 57.38
C ASN J 690 -106.37 2.68 57.17
N LEU J 691 -106.39 4.01 57.03
CA LEU J 691 -107.64 4.71 56.79
C LEU J 691 -108.29 4.22 55.50
N ILE J 692 -107.53 4.16 54.42
CA ILE J 692 -108.08 3.73 53.14
C ILE J 692 -108.54 2.28 53.22
N LEU J 693 -107.75 1.42 53.88
CA LEU J 693 -108.10 0.00 53.98
C LEU J 693 -109.39 -0.20 54.75
N MET J 694 -109.56 0.52 55.87
CA MET J 694 -110.78 0.34 56.66
C MET J 694 -111.99 0.96 55.98
N ASN J 695 -111.80 1.99 55.16
CA ASN J 695 -112.91 2.62 54.47
C ASN J 695 -113.15 2.07 53.06
N MET J 696 -112.34 1.10 52.63
CA MET J 696 -112.48 0.50 51.31
C MET J 696 -113.89 -0.01 51.06
N GLU J 697 -114.41 -0.83 51.98
CA GLU J 697 -115.70 -1.48 51.76
C GLU J 697 -116.82 -0.45 51.64
N GLN J 698 -116.81 0.55 52.51
CA GLN J 698 -117.84 1.59 52.45
C GLN J 698 -117.73 2.39 51.15
N ILE J 699 -116.50 2.73 50.74
CA ILE J 699 -116.35 3.50 49.51
C ILE J 699 -116.80 2.71 48.30
N GLU J 700 -116.43 1.42 48.24
CA GLU J 700 -116.83 0.59 47.11
C GLU J 700 -118.34 0.40 47.06
N ARG J 701 -118.96 0.17 48.21
CA ARG J 701 -120.41 -0.04 48.22
C ARG J 701 -121.18 1.24 47.95
N ALA J 702 -120.53 2.40 47.97
CA ALA J 702 -121.19 3.64 47.59
C ALA J 702 -121.23 3.85 46.08
N SER J 703 -120.50 3.05 45.31
CA SER J 703 -120.49 3.21 43.86
C SER J 703 -121.83 2.81 43.27
N ASP J 704 -122.30 3.59 42.31
CA ASP J 704 -123.51 3.28 41.56
C ASP J 704 -123.24 2.46 40.31
N LYS J 705 -121.98 2.22 39.97
CA LYS J 705 -121.63 1.50 38.75
C LYS J 705 -121.45 0.01 38.98
N ILE J 706 -121.03 -0.41 40.18
CA ILE J 706 -120.75 -1.80 40.46
C ILE J 706 -121.62 -2.27 41.61
N ALA J 707 -121.95 -3.56 41.59
CA ALA J 707 -122.59 -4.25 42.69
C ALA J 707 -121.62 -5.28 43.26
N GLN J 708 -121.94 -5.76 44.46
CA GLN J 708 -121.05 -6.66 45.19
C GLN J 708 -121.29 -8.12 44.86
N GLY J 709 -122.25 -8.43 44.01
CA GLY J 709 -122.51 -9.81 43.63
C GLY J 709 -123.93 -9.98 43.14
N VAL J 710 -124.25 -11.22 42.83
CA VAL J 710 -125.58 -11.59 42.34
C VAL J 710 -125.93 -12.97 42.87
N ILE J 711 -127.10 -13.09 43.49
CA ILE J 711 -127.63 -14.36 43.94
C ILE J 711 -128.57 -14.88 42.87
N ILE J 712 -128.33 -16.12 42.42
CA ILE J 712 -129.26 -16.85 41.57
C ILE J 712 -129.95 -17.86 42.49
N ALA J 713 -131.21 -17.60 42.81
CA ALA J 713 -132.05 -18.49 43.59
C ALA J 713 -133.24 -18.86 42.72
N TYR J 714 -133.26 -20.09 42.24
CA TYR J 714 -134.22 -20.48 41.23
C TYR J 714 -135.64 -20.60 41.76
N ARG J 715 -135.87 -20.22 43.01
CA ARG J 715 -137.21 -20.04 43.55
C ARG J 715 -137.67 -18.60 43.30
N ASP J 716 -138.95 -18.34 43.58
CA ASP J 716 -139.51 -17.00 43.42
C ASP J 716 -139.34 -16.22 44.71
N MET J 717 -138.69 -15.06 44.63
CA MET J 717 -138.47 -14.19 45.77
C MET J 717 -139.13 -12.85 45.51
N GLN J 718 -139.87 -12.36 46.49
CA GLN J 718 -140.55 -11.08 46.35
C GLN J 718 -139.54 -9.95 46.23
N LEU J 719 -139.81 -9.02 45.31
CA LEU J 719 -138.98 -7.83 45.21
C LEU J 719 -139.07 -7.03 46.49
N GLU J 720 -137.91 -6.61 47.00
CA GLU J 720 -137.88 -5.78 48.19
C GLU J 720 -138.44 -4.39 47.89
N ARG J 721 -138.94 -3.74 48.93
CA ARG J 721 -139.48 -2.39 48.81
C ARG J 721 -138.49 -1.43 49.46
N ASP J 722 -137.86 -0.60 48.64
CA ASP J 722 -136.83 0.32 49.08
C ASP J 722 -137.20 1.74 48.70
N GLU J 723 -136.86 2.69 49.58
CA GLU J 723 -137.15 4.09 49.30
C GLU J 723 -136.40 4.60 48.08
N MET J 724 -135.26 4.00 47.75
CA MET J 724 -134.42 4.49 46.66
C MET J 724 -134.81 3.95 45.29
N TYR J 725 -135.63 2.92 45.24
CA TYR J 725 -135.97 2.27 43.96
C TYR J 725 -137.46 2.11 43.74
N GLY J 726 -138.22 1.85 44.79
CA GLY J 726 -139.55 1.30 44.65
C GLY J 726 -139.49 -0.19 44.93
N TYR J 727 -139.76 -1.02 43.92
CA TYR J 727 -139.52 -2.45 44.00
C TYR J 727 -138.17 -2.76 43.37
N VAL J 728 -137.33 -3.48 44.10
CA VAL J 728 -135.97 -3.77 43.68
C VAL J 728 -135.61 -5.19 44.09
N ASN J 729 -134.97 -5.92 43.17
CA ASN J 729 -134.46 -7.26 43.47
C ASN J 729 -133.08 -7.14 44.11
N ILE J 730 -133.06 -6.58 45.31
CA ILE J 730 -131.84 -6.26 46.03
C ILE J 730 -131.68 -7.26 47.16
N ALA J 731 -130.46 -7.77 47.33
CA ALA J 731 -130.11 -8.66 48.42
C ALA J 731 -129.32 -7.88 49.46
N ARG J 732 -129.79 -7.93 50.72
CA ARG J 732 -129.09 -7.21 51.79
C ARG J 732 -127.81 -7.93 52.18
N ASN J 733 -127.81 -9.25 52.13
CA ASN J 733 -126.65 -10.06 52.45
C ASN J 733 -126.66 -11.28 51.54
N LEU J 734 -125.61 -12.11 51.66
CA LEU J 734 -125.48 -13.33 50.88
C LEU J 734 -125.82 -14.57 51.70
N ASP J 735 -126.42 -14.41 52.88
CA ASP J 735 -126.64 -15.53 53.78
C ASP J 735 -127.57 -16.55 53.14
N GLY J 736 -127.27 -17.83 53.34
CA GLY J 736 -128.10 -18.90 52.86
C GLY J 736 -127.79 -19.40 51.47
N PHE J 737 -126.64 -19.02 50.91
CA PHE J 737 -126.28 -19.39 49.56
C PHE J 737 -124.81 -19.77 49.49
N GLN J 738 -124.49 -20.77 48.68
CA GLN J 738 -123.09 -21.07 48.38
C GLN J 738 -122.51 -19.93 47.56
N GLN J 739 -121.32 -19.48 47.94
CA GLN J 739 -120.66 -18.36 47.28
C GLN J 739 -119.54 -18.86 46.39
N ILE J 740 -119.58 -18.45 45.13
CA ILE J 740 -118.48 -18.65 44.19
C ILE J 740 -117.81 -17.30 43.97
N ASN J 741 -116.53 -17.22 44.28
CA ASN J 741 -115.77 -15.99 44.08
C ASN J 741 -115.45 -15.83 42.61
N LEU J 742 -115.88 -14.72 42.02
CA LEU J 742 -115.67 -14.52 40.58
C LEU J 742 -114.22 -14.27 40.25
N GLU J 743 -113.47 -13.65 41.17
CA GLU J 743 -112.05 -13.43 40.92
C GLU J 743 -111.29 -14.73 40.87
N GLU J 744 -111.55 -15.63 41.82
CA GLU J 744 -110.91 -16.94 41.80
C GLU J 744 -111.31 -17.72 40.55
N LEU J 745 -112.57 -17.64 40.15
CA LEU J 745 -113.01 -18.33 38.95
C LEU J 745 -112.30 -17.79 37.72
N MET J 746 -112.13 -16.47 37.64
CA MET J 746 -111.40 -15.89 36.52
C MET J 746 -109.95 -16.35 36.51
N ARG J 747 -109.29 -16.35 37.67
CA ARG J 747 -107.87 -16.68 37.72
C ARG J 747 -107.63 -18.15 37.40
N THR J 748 -108.38 -19.04 38.05
CA THR J 748 -108.16 -20.47 37.84
C THR J 748 -108.54 -20.89 36.42
N GLY J 749 -109.65 -20.38 35.91
CA GLY J 749 -110.17 -20.80 34.63
C GLY J 749 -110.96 -22.09 34.66
N ASP J 750 -111.16 -22.67 35.84
CA ASP J 750 -111.94 -23.91 35.99
C ASP J 750 -113.39 -23.54 36.23
N TYR J 751 -114.23 -23.77 35.21
CA TYR J 751 -115.64 -23.45 35.28
C TYR J 751 -116.52 -24.68 35.47
N ALA J 752 -115.93 -25.80 35.90
CA ALA J 752 -116.70 -27.03 36.06
C ALA J 752 -117.77 -26.89 37.13
N GLN J 753 -117.43 -26.30 38.27
CA GLN J 753 -118.39 -26.19 39.37
C GLN J 753 -119.50 -25.21 39.02
N ILE J 754 -119.14 -24.02 38.53
CA ILE J 754 -120.15 -23.04 38.16
C ILE J 754 -120.99 -23.56 37.00
N THR J 755 -120.36 -24.24 36.05
CA THR J 755 -121.12 -24.81 34.93
C THR J 755 -122.12 -25.85 35.42
N ASN J 756 -121.69 -26.72 36.35
CA ASN J 756 -122.59 -27.72 36.90
C ASN J 756 -123.75 -27.06 37.63
N MET J 757 -123.47 -26.03 38.42
CA MET J 757 -124.53 -25.38 39.18
C MET J 757 -125.49 -24.62 38.28
N LEU J 758 -124.99 -24.04 37.17
CA LEU J 758 -125.87 -23.33 36.25
C LEU J 758 -126.71 -24.30 35.42
N LEU J 759 -126.14 -25.43 35.02
CA LEU J 759 -126.90 -26.41 34.24
C LEU J 759 -127.96 -27.10 35.10
N ASN J 760 -127.64 -27.37 36.36
CA ASN J 760 -128.53 -28.09 37.26
C ASN J 760 -129.41 -27.17 38.09
N ASN J 761 -129.39 -25.86 37.83
CA ASN J 761 -130.26 -24.91 38.50
C ASN J 761 -130.03 -24.92 40.02
N GLN J 762 -128.77 -24.99 40.41
CA GLN J 762 -128.42 -25.01 41.82
C GLN J 762 -128.25 -23.58 42.34
N PRO J 763 -128.97 -23.18 43.39
CA PRO J 763 -128.83 -21.80 43.87
C PRO J 763 -127.40 -21.49 44.27
N VAL J 764 -126.95 -20.27 43.96
CA VAL J 764 -125.57 -19.89 44.22
C VAL J 764 -125.45 -18.38 44.14
N ALA J 765 -124.49 -17.83 44.89
CA ALA J 765 -124.19 -16.41 44.87
C ALA J 765 -122.83 -16.20 44.23
N LEU J 766 -122.79 -15.48 43.12
CA LEU J 766 -121.54 -15.08 42.49
C LEU J 766 -121.08 -13.78 43.13
N VAL J 767 -119.85 -13.78 43.65
CA VAL J 767 -119.35 -12.69 44.48
C VAL J 767 -118.24 -11.97 43.72
N GLY J 768 -118.37 -10.65 43.62
CA GLY J 768 -117.36 -9.84 42.98
C GLY J 768 -117.94 -8.54 42.48
N ALA J 769 -117.06 -7.58 42.25
CA ALA J 769 -117.48 -6.27 41.74
C ALA J 769 -118.01 -6.44 40.33
N LEU J 770 -119.32 -6.29 40.16
CA LEU J 770 -120.01 -6.59 38.93
C LEU J 770 -120.73 -5.35 38.40
N PRO J 771 -120.63 -5.04 37.11
CA PRO J 771 -121.54 -4.04 36.54
C PRO J 771 -122.92 -4.63 36.35
N PHE J 772 -123.93 -3.79 36.52
CA PHE J 772 -125.31 -4.25 36.45
C PHE J 772 -126.12 -3.30 35.58
N ILE J 773 -127.17 -3.86 34.99
CA ILE J 773 -128.12 -3.09 34.18
C ILE J 773 -129.31 -2.73 35.05
N THR J 774 -129.69 -1.46 35.05
CA THR J 774 -130.87 -0.99 35.75
C THR J 774 -132.05 -1.05 34.78
N ASP J 775 -132.97 -1.97 35.03
CA ASP J 775 -134.14 -2.17 34.17
C ASP J 775 -135.37 -1.66 34.91
N SER J 776 -136.04 -0.68 34.32
CA SER J 776 -137.26 -0.10 34.90
C SER J 776 -138.52 -0.73 34.34
N SER J 777 -138.42 -1.69 33.42
CA SER J 777 -139.57 -2.23 32.73
C SER J 777 -140.20 -3.36 33.56
N VAL J 778 -141.50 -3.23 33.85
CA VAL J 778 -142.22 -4.30 34.50
C VAL J 778 -142.33 -5.51 33.59
N ILE J 779 -142.47 -5.27 32.28
CA ILE J 779 -142.56 -6.37 31.33
C ILE J 779 -141.25 -7.15 31.29
N SER J 780 -140.12 -6.49 31.53
CA SER J 780 -138.86 -7.20 31.65
C SER J 780 -138.88 -8.15 32.84
N LEU J 781 -139.42 -7.69 33.97
CA LEU J 781 -139.53 -8.56 35.13
C LEU J 781 -140.46 -9.73 34.84
N VAL J 782 -141.57 -9.48 34.16
CA VAL J 782 -142.50 -10.55 33.82
C VAL J 782 -141.82 -11.57 32.90
N ALA J 783 -141.05 -11.08 31.93
CA ALA J 783 -140.32 -11.95 31.01
C ALA J 783 -139.18 -12.70 31.67
N LYS J 784 -138.77 -12.30 32.88
CA LYS J 784 -137.72 -12.99 33.62
C LYS J 784 -136.37 -12.87 32.91
N LEU J 785 -136.05 -11.65 32.48
CA LEU J 785 -134.82 -11.43 31.74
C LEU J 785 -133.59 -11.47 32.65
N ASP J 786 -133.77 -11.14 33.93
CA ASP J 786 -132.64 -11.18 34.86
C ASP J 786 -132.02 -12.57 34.95
N ALA J 787 -132.78 -13.61 34.65
CA ALA J 787 -132.29 -14.98 34.72
C ALA J 787 -131.66 -15.44 33.42
N THR J 788 -131.55 -14.58 32.41
CA THR J 788 -131.02 -14.95 31.11
C THR J 788 -129.60 -14.44 30.88
N VAL J 789 -128.90 -14.07 31.95
CA VAL J 789 -127.62 -13.37 31.84
C VAL J 789 -126.44 -14.21 32.27
N PHE J 790 -126.65 -15.51 32.57
CA PHE J 790 -125.59 -16.36 33.06
C PHE J 790 -125.18 -17.45 32.06
N ALA J 791 -125.90 -17.61 30.96
CA ALA J 791 -125.52 -18.64 29.99
C ALA J 791 -124.22 -18.31 29.28
N GLN J 792 -123.93 -17.01 29.11
CA GLN J 792 -122.68 -16.63 28.45
C GLN J 792 -121.48 -17.00 29.29
N ILE J 793 -121.65 -17.12 30.61
CA ILE J 793 -120.56 -17.60 31.45
C ILE J 793 -120.16 -19.00 31.04
N VAL J 794 -121.14 -19.89 30.89
CA VAL J 794 -120.87 -21.25 30.46
C VAL J 794 -120.32 -21.26 29.04
N LYS J 795 -120.91 -20.44 28.15
CA LYS J 795 -120.51 -20.46 26.75
C LYS J 795 -119.06 -20.03 26.57
N LEU J 796 -118.70 -18.88 27.13
CA LEU J 796 -117.40 -18.28 26.89
C LEU J 796 -116.36 -18.63 27.95
N ARG J 797 -116.77 -19.23 29.07
CA ARG J 797 -115.88 -19.47 30.19
C ARG J 797 -115.18 -18.17 30.60
N LYS J 798 -115.98 -17.12 30.71
CA LYS J 798 -115.52 -15.79 31.10
C LYS J 798 -116.51 -15.22 32.10
N VAL J 799 -116.02 -14.31 32.94
CA VAL J 799 -116.87 -13.63 33.91
C VAL J 799 -116.83 -12.12 33.77
N ASP J 800 -115.99 -11.58 32.89
CA ASP J 800 -115.91 -10.14 32.73
C ASP J 800 -117.17 -9.57 32.06
N THR J 801 -117.88 -10.38 31.28
CA THR J 801 -119.06 -9.93 30.57
C THR J 801 -120.35 -10.14 31.36
N LEU J 802 -120.28 -10.64 32.58
CA LEU J 802 -121.47 -10.88 33.38
C LEU J 802 -122.03 -9.55 33.86
N LYS J 803 -123.28 -9.25 33.46
CA LYS J 803 -123.94 -7.99 33.80
C LYS J 803 -125.33 -8.31 34.33
N PRO J 804 -125.45 -8.58 35.64
CA PRO J 804 -126.78 -8.89 36.19
C PRO J 804 -127.74 -7.72 36.07
N ILE J 805 -129.03 -8.07 35.98
CA ILE J 805 -130.10 -7.09 35.87
C ILE J 805 -130.56 -6.69 37.27
N LEU J 806 -130.61 -5.39 37.54
CA LEU J 806 -131.19 -4.85 38.76
C LEU J 806 -132.50 -4.16 38.39
N TYR J 807 -133.60 -4.65 38.95
CA TYR J 807 -134.91 -4.07 38.66
C TYR J 807 -135.16 -2.85 39.51
N LYS J 808 -135.69 -1.80 38.91
CA LYS J 808 -136.06 -0.57 39.59
C LYS J 808 -137.47 -0.22 39.12
N ILE J 809 -138.48 -0.76 39.80
CA ILE J 809 -139.87 -0.60 39.42
C ILE J 809 -140.50 0.44 40.35
N ASN J 810 -141.02 1.50 39.77
CA ASN J 810 -141.67 2.56 40.52
C ASN J 810 -142.62 3.29 39.58
N SER J 811 -143.19 4.40 40.05
CA SER J 811 -144.16 5.13 39.24
C SER J 811 -143.55 5.71 37.98
N ASP J 812 -142.22 5.81 37.90
CA ASP J 812 -141.56 6.32 36.70
C ASP J 812 -141.49 5.28 35.60
N SER J 813 -141.72 4.00 35.90
CA SER J 813 -141.74 2.97 34.89
C SER J 813 -142.91 3.18 33.94
N ASN J 814 -142.68 2.91 32.65
CA ASN J 814 -143.73 3.12 31.67
C ASN J 814 -144.91 2.19 31.89
N ASP J 815 -144.67 1.02 32.48
CA ASP J 815 -145.69 0.00 32.66
C ASP J 815 -145.94 -0.28 34.15
N PHE J 816 -145.80 0.75 34.99
CA PHE J 816 -146.10 0.58 36.41
C PHE J 816 -147.58 0.28 36.65
N TYR J 817 -148.44 0.58 35.67
CA TYR J 817 -149.85 0.26 35.82
C TYR J 817 -150.07 -1.23 36.01
N LEU J 818 -149.16 -2.06 35.49
CA LEU J 818 -149.28 -3.50 35.71
C LEU J 818 -149.11 -3.83 37.18
N VAL J 819 -148.16 -3.18 37.86
CA VAL J 819 -147.98 -3.38 39.29
C VAL J 819 -149.18 -2.82 40.06
N ALA J 820 -149.65 -1.63 39.67
CA ALA J 820 -150.63 -0.93 40.47
C ALA J 820 -152.04 -1.51 40.32
N ASN J 821 -152.41 -1.93 39.11
CA ASN J 821 -153.79 -2.24 38.77
C ASN J 821 -154.11 -3.73 38.78
N TYR J 822 -153.15 -4.59 39.10
CA TYR J 822 -153.36 -6.03 39.11
C TYR J 822 -152.94 -6.59 40.47
N ASP J 823 -153.56 -7.70 40.83
CA ASP J 823 -153.29 -8.38 42.11
C ASP J 823 -152.25 -9.45 41.84
N TRP J 824 -150.98 -9.09 42.05
CA TRP J 824 -149.88 -10.02 41.89
C TRP J 824 -148.70 -9.51 42.72
N VAL J 825 -147.79 -10.42 43.02
CA VAL J 825 -146.60 -10.13 43.80
C VAL J 825 -145.41 -10.09 42.83
N PRO J 826 -144.83 -8.93 42.55
CA PRO J 826 -143.61 -8.91 41.72
C PRO J 826 -142.49 -9.70 42.37
N THR J 827 -142.03 -10.73 41.68
CA THR J 827 -140.96 -11.59 42.15
C THR J 827 -139.89 -11.71 41.08
N SER J 828 -138.71 -12.16 41.51
CA SER J 828 -137.62 -12.45 40.59
C SER J 828 -136.81 -13.61 41.15
N THR J 829 -136.17 -14.34 40.25
CA THR J 829 -135.34 -15.48 40.64
C THR J 829 -133.90 -15.08 40.93
N THR J 830 -133.54 -13.81 40.74
CA THR J 830 -132.18 -13.35 40.99
C THR J 830 -132.25 -12.05 41.79
N LYS J 831 -131.20 -11.82 42.58
CA LYS J 831 -131.06 -10.61 43.36
C LYS J 831 -129.68 -10.04 43.18
N VAL J 832 -129.56 -8.72 43.27
CA VAL J 832 -128.29 -8.02 43.14
C VAL J 832 -127.86 -7.59 44.53
N TYR J 833 -126.66 -8.02 44.93
CA TYR J 833 -126.10 -7.73 46.24
C TYR J 833 -125.53 -6.33 46.21
N LYS J 834 -126.30 -5.37 46.72
CA LYS J 834 -125.90 -3.97 46.71
C LYS J 834 -126.39 -3.29 47.98
N GLN J 835 -125.67 -2.26 48.39
CA GLN J 835 -126.01 -1.50 49.59
C GLN J 835 -126.79 -0.25 49.21
N ILE J 836 -127.52 0.27 50.20
CA ILE J 836 -128.34 1.46 50.02
C ILE J 836 -127.48 2.67 50.38
N PRO J 837 -127.60 3.80 49.68
CA PRO J 837 -126.77 4.97 50.03
C PRO J 837 -127.02 5.42 51.47
N GLN J 838 -125.97 5.94 52.09
CA GLN J 838 -126.06 6.46 53.44
C GLN J 838 -126.74 7.82 53.43
N GLN J 839 -127.72 7.99 54.30
CA GLN J 839 -128.41 9.27 54.41
C GLN J 839 -127.47 10.34 54.95
N PHE J 840 -127.74 11.58 54.57
CA PHE J 840 -127.01 12.73 55.08
C PHE J 840 -127.61 13.14 56.43
N ASP J 841 -126.81 13.07 57.48
CA ASP J 841 -127.19 13.53 58.81
C ASP J 841 -126.34 14.76 59.13
N PHE J 842 -126.99 15.88 59.42
CA PHE J 842 -126.26 17.11 59.69
C PHE J 842 -125.39 16.97 60.93
N ARG J 843 -125.93 16.37 61.99
CA ARG J 843 -125.18 16.25 63.23
C ARG J 843 -123.92 15.41 63.04
N ALA J 844 -124.03 14.31 62.28
CA ALA J 844 -122.88 13.45 62.04
C ALA J 844 -121.86 14.07 61.09
N SER J 845 -122.23 15.14 60.39
CA SER J 845 -121.37 15.73 59.37
C SER J 845 -120.76 17.07 59.78
N MET J 846 -121.27 17.71 60.82
CA MET J 846 -120.74 19.00 61.26
C MET J 846 -119.58 18.77 62.21
N HIS J 847 -118.43 19.37 61.87
CA HIS J 847 -117.22 19.28 62.69
C HIS J 847 -116.61 20.65 62.81
N MET J 848 -115.72 20.80 63.78
CA MET J 848 -114.92 22.01 63.95
C MET J 848 -113.48 21.65 63.61
N LEU J 849 -112.99 22.17 62.49
CA LEU J 849 -111.62 21.94 62.07
C LEU J 849 -110.73 23.01 62.69
N THR J 850 -109.64 22.57 63.30
CA THR J 850 -108.72 23.44 64.04
C THR J 850 -107.36 23.45 63.37
N SER J 851 -106.76 24.63 63.27
CA SER J 851 -105.42 24.76 62.74
C SER J 851 -104.78 26.00 63.35
N ASN J 852 -103.60 26.36 62.85
CA ASN J 852 -102.94 27.59 63.24
C ASN J 852 -103.44 28.74 62.37
N LEU J 853 -103.46 29.94 62.94
CA LEU J 853 -103.90 31.11 62.18
C LEU J 853 -102.97 31.37 61.00
N THR J 854 -101.67 31.31 61.24
CA THR J 854 -100.71 31.56 60.17
C THR J 854 -99.31 31.22 60.67
N PHE J 855 -98.45 30.80 59.73
CA PHE J 855 -97.03 30.66 59.99
C PHE J 855 -96.31 30.65 58.65
N THR J 856 -94.99 30.85 58.72
CA THR J 856 -94.13 30.84 57.54
C THR J 856 -93.16 29.67 57.66
N VAL J 857 -93.12 28.84 56.64
CA VAL J 857 -92.20 27.71 56.59
C VAL J 857 -90.95 28.11 55.84
N TYR J 858 -89.81 27.60 56.30
CA TYR J 858 -88.51 27.91 55.72
C TYR J 858 -87.81 26.62 55.33
N SER J 859 -86.99 26.70 54.29
CA SER J 859 -86.25 25.55 53.77
C SER J 859 -84.74 25.67 53.96
N ASP J 860 -84.14 26.76 53.47
CA ASP J 860 -82.69 26.93 53.57
C ASP J 860 -82.37 27.53 54.92
N LEU J 861 -82.19 26.66 55.92
CA LEU J 861 -81.88 27.14 57.26
C LEU J 861 -80.52 27.82 57.31
N LEU J 862 -79.54 27.31 56.58
CA LEU J 862 -78.20 27.89 56.61
C LEU J 862 -78.15 29.27 55.98
N ALA J 863 -79.21 29.68 55.27
CA ALA J 863 -79.30 31.06 54.82
C ALA J 863 -79.46 32.04 55.97
N PHE J 864 -79.86 31.56 57.15
CA PHE J 864 -79.95 32.39 58.33
C PHE J 864 -78.62 32.53 59.06
N VAL J 865 -77.57 31.89 58.57
CA VAL J 865 -76.26 31.91 59.21
C VAL J 865 -75.35 32.84 58.42
N SER J 866 -74.85 33.87 59.08
CA SER J 866 -73.80 34.72 58.51
C SER J 866 -72.47 34.04 58.79
N ALA J 867 -71.84 33.51 57.76
CA ALA J 867 -70.62 32.73 57.88
C ALA J 867 -69.45 33.50 57.29
N ASP J 868 -68.40 33.68 58.08
CA ASP J 868 -67.17 34.32 57.65
C ASP J 868 -66.00 33.39 57.93
N THR J 869 -64.86 33.70 57.37
CA THR J 869 -63.65 32.90 57.55
C THR J 869 -62.50 33.81 57.94
N VAL J 870 -61.55 33.24 58.69
CA VAL J 870 -60.34 33.97 59.06
C VAL J 870 -59.47 34.10 57.81
N GLU J 871 -58.44 34.92 57.88
CA GLU J 871 -57.49 34.99 56.79
C GLU J 871 -56.78 33.65 56.65
N PRO J 872 -56.60 33.14 55.42
CA PRO J 872 -55.98 31.81 55.29
C PRO J 872 -54.61 31.73 55.93
N ILE J 873 -53.86 32.82 55.96
CA ILE J 873 -52.56 32.83 56.63
C ILE J 873 -52.70 32.47 58.09
N ASN J 874 -53.83 32.83 58.72
CA ASN J 874 -54.05 32.61 60.13
C ASN J 874 -54.85 31.35 60.43
N ALA J 875 -55.23 30.58 59.41
CA ALA J 875 -56.01 29.37 59.63
C ALA J 875 -55.18 28.35 60.38
N VAL J 876 -55.76 27.76 61.42
CA VAL J 876 -55.07 26.78 62.25
C VAL J 876 -55.77 25.43 62.12
N ALA J 877 -55.07 24.39 62.54
CA ALA J 877 -55.56 23.02 62.50
C ALA J 877 -56.09 22.62 63.87
N PHE J 878 -56.44 21.34 64.02
CA PHE J 878 -57.05 20.88 65.26
C PHE J 878 -56.14 21.10 66.46
N ASP J 879 -54.83 21.15 66.25
CA ASP J 879 -53.88 21.39 67.33
C ASP J 879 -53.67 22.87 67.61
N ASN J 880 -54.48 23.74 67.02
CA ASN J 880 -54.44 25.18 67.25
C ASN J 880 -53.16 25.83 66.75
N MET J 881 -52.43 25.15 65.87
CA MET J 881 -51.28 25.70 65.19
C MET J 881 -51.65 25.95 63.73
N ARG J 882 -50.91 26.87 63.10
CA ARG J 882 -51.20 27.23 61.71
C ARG J 882 -51.10 25.99 60.82
N ILE J 883 -52.03 25.89 59.87
CA ILE J 883 -52.06 24.74 58.97
C ILE J 883 -50.76 24.65 58.19
N MET J 884 -50.29 25.77 57.68
CA MET J 884 -49.01 25.84 56.98
C MET J 884 -48.09 26.78 57.74
N ASN J 885 -46.91 26.30 58.11
CA ASN J 885 -45.99 27.04 58.96
C ASN J 885 -44.70 27.46 58.27
N GLU J 886 -44.45 27.02 57.04
CA GLU J 886 -43.23 27.37 56.32
C GLU J 886 -43.35 28.75 55.68
N LEU J 887 -43.51 29.75 56.54
CA LEU J 887 -43.67 31.14 56.10
C LEU J 887 -42.38 31.90 56.30
N GLY K 2 -28.85 1.00 -26.17
CA GLY K 2 -28.39 1.14 -27.55
C GLY K 2 -29.52 1.39 -28.52
N LYS K 3 -30.53 2.15 -28.07
CA LYS K 3 -31.69 2.48 -28.88
C LYS K 3 -31.84 3.97 -29.14
N TYR K 4 -31.02 4.81 -28.51
CA TYR K 4 -31.25 6.25 -28.56
C TYR K 4 -31.07 6.81 -29.96
N ASN K 5 -30.07 6.34 -30.70
CA ASN K 5 -29.79 6.91 -32.02
C ASN K 5 -30.90 6.59 -33.01
N LEU K 6 -31.44 5.36 -32.96
CA LEU K 6 -32.54 5.01 -33.85
C LEU K 6 -33.77 5.88 -33.57
N ILE K 7 -34.10 6.04 -32.28
CA ILE K 7 -35.24 6.87 -31.91
C ILE K 7 -34.98 8.31 -32.33
N LEU K 8 -33.75 8.78 -32.21
CA LEU K 8 -33.42 10.14 -32.63
C LEU K 8 -33.64 10.31 -34.13
N SER K 9 -33.18 9.34 -34.93
CA SER K 9 -33.36 9.44 -36.37
C SER K 9 -34.84 9.43 -36.73
N GLU K 10 -35.61 8.55 -36.10
CA GLU K 10 -37.04 8.49 -36.38
C GLU K 10 -37.74 9.79 -35.96
N TYR K 11 -37.33 10.36 -34.84
CA TYR K 11 -37.92 11.62 -34.40
C TYR K 11 -37.58 12.76 -35.36
N LEU K 12 -36.35 12.77 -35.88
CA LEU K 12 -35.98 13.79 -36.85
C LEU K 12 -36.79 13.65 -38.12
N SER K 13 -37.02 12.42 -38.57
CA SER K 13 -37.89 12.21 -39.71
C SER K 13 -39.32 12.66 -39.41
N PHE K 14 -39.79 12.41 -38.18
CA PHE K 14 -41.16 12.76 -37.82
C PHE K 14 -41.37 14.26 -37.79
N ILE K 15 -40.47 14.99 -37.11
CA ILE K 15 -40.67 16.42 -36.91
C ILE K 15 -40.26 17.24 -38.13
N TYR K 16 -39.50 16.65 -39.04
CA TYR K 16 -39.04 17.30 -40.26
C TYR K 16 -39.45 16.49 -41.47
N ASN K 17 -40.74 16.12 -41.51
CA ASN K 17 -41.30 15.30 -42.57
C ASN K 17 -41.36 16.02 -43.93
N SER K 18 -40.88 17.26 -44.02
CA SER K 18 -40.82 17.94 -45.31
C SER K 18 -39.83 17.25 -46.24
N GLN K 19 -40.08 17.37 -47.54
CA GLN K 19 -39.24 16.73 -48.54
C GLN K 19 -37.88 17.39 -48.68
N SER K 20 -37.71 18.61 -48.19
CA SER K 20 -36.42 19.28 -48.20
C SER K 20 -35.58 18.97 -46.96
N ALA K 21 -36.07 18.11 -46.07
CA ALA K 21 -35.37 17.81 -44.83
C ALA K 21 -34.26 16.79 -45.09
N VAL K 22 -33.07 17.06 -44.57
CA VAL K 22 -31.91 16.20 -44.74
C VAL K 22 -31.31 15.93 -43.37
N GLN K 23 -31.01 14.66 -43.09
CA GLN K 23 -30.24 14.28 -41.92
C GLN K 23 -28.85 13.86 -42.37
N ILE K 24 -27.83 14.55 -41.88
CA ILE K 24 -26.44 14.21 -42.17
C ILE K 24 -25.85 13.57 -40.91
N PRO K 25 -25.59 12.26 -40.91
CA PRO K 25 -24.99 11.64 -39.71
C PRO K 25 -23.47 11.78 -39.74
N ILE K 26 -22.92 12.26 -38.63
CA ILE K 26 -21.48 12.40 -38.46
C ILE K 26 -20.98 11.23 -37.63
N TYR K 27 -19.80 10.73 -37.95
CA TYR K 27 -19.21 9.60 -37.25
C TYR K 27 -17.80 9.95 -36.80
N TYR K 28 -17.29 9.17 -35.86
CA TYR K 28 -15.93 9.27 -35.39
C TYR K 28 -15.40 7.87 -35.12
N SER K 29 -14.07 7.75 -35.08
CA SER K 29 -13.44 6.48 -34.80
C SER K 29 -12.06 6.73 -34.19
N SER K 30 -11.63 5.83 -33.31
CA SER K 30 -10.27 5.86 -32.80
C SER K 30 -9.27 5.30 -33.78
N ASN K 31 -9.71 4.49 -34.74
CA ASN K 31 -8.81 3.90 -35.72
C ASN K 31 -8.50 4.91 -36.82
N SER K 32 -7.21 5.15 -37.05
CA SER K 32 -6.80 6.13 -38.04
C SER K 32 -7.31 5.76 -39.44
N GLU K 33 -7.20 4.48 -39.79
CA GLU K 33 -7.69 4.05 -41.10
C GLU K 33 -9.17 4.31 -41.26
N LEU K 34 -9.96 3.99 -40.23
CA LEU K 34 -11.39 4.25 -40.29
C LEU K 34 -11.70 5.72 -40.07
N GLU K 35 -10.87 6.44 -39.31
CA GLU K 35 -11.11 7.86 -39.13
C GLU K 35 -10.93 8.64 -40.42
N ASN K 36 -9.98 8.21 -41.26
CA ASN K 36 -9.83 8.85 -42.57
C ASN K 36 -11.08 8.68 -43.40
N ARG K 37 -11.65 7.48 -43.40
CA ARG K 37 -12.90 7.25 -44.12
C ARG K 37 -14.03 8.08 -43.52
N CYS K 38 -14.05 8.21 -42.20
CA CYS K 38 -15.07 9.06 -41.56
C CYS K 38 -14.96 10.49 -42.02
N ILE K 39 -13.72 11.02 -42.07
CA ILE K 39 -13.53 12.41 -42.50
C ILE K 39 -13.95 12.58 -43.96
N GLU K 40 -13.55 11.65 -44.82
CA GLU K 40 -13.95 11.74 -46.22
C GLU K 40 -15.46 11.65 -46.37
N PHE K 41 -16.10 10.76 -45.61
CA PHE K 41 -17.55 10.61 -45.67
C PHE K 41 -18.25 11.90 -45.23
N HIS K 42 -17.76 12.52 -44.15
CA HIS K 42 -18.36 13.78 -43.70
C HIS K 42 -18.17 14.88 -44.73
N SER K 43 -16.98 14.95 -45.33
CA SER K 43 -16.73 15.97 -46.35
C SER K 43 -17.65 15.77 -47.54
N LYS K 44 -17.82 14.53 -47.99
CA LYS K 44 -18.68 14.26 -49.12
C LYS K 44 -20.14 14.56 -48.79
N CYS K 45 -20.57 14.25 -47.57
CA CYS K 45 -21.94 14.58 -47.17
C CYS K 45 -22.16 16.10 -47.19
N LEU K 46 -21.19 16.85 -46.64
CA LEU K 46 -21.31 18.30 -46.65
C LEU K 46 -21.37 18.83 -48.08
N GLU K 47 -20.50 18.32 -48.95
CA GLU K 47 -20.49 18.78 -50.33
C GLU K 47 -21.81 18.47 -51.04
N ASN K 48 -22.33 17.26 -50.83
CA ASN K 48 -23.58 16.89 -51.48
C ASN K 48 -24.73 17.75 -50.98
N SER K 49 -24.80 17.99 -49.68
CA SER K 49 -25.84 18.87 -49.16
C SER K 49 -25.69 20.29 -49.71
N LYS K 50 -24.45 20.77 -49.82
CA LYS K 50 -24.22 22.09 -50.39
C LYS K 50 -24.71 22.15 -51.83
N ASN K 51 -24.49 21.09 -52.60
CA ASN K 51 -25.01 20.97 -53.96
C ASN K 51 -26.43 20.41 -53.99
N GLY K 52 -26.99 20.05 -52.85
CA GLY K 52 -28.35 19.54 -52.80
C GLY K 52 -28.55 18.20 -53.48
N LEU K 53 -27.64 17.26 -53.25
CA LEU K 53 -27.71 15.92 -53.84
C LEU K 53 -28.02 14.89 -52.77
N SER K 54 -28.74 13.83 -53.17
CA SER K 54 -29.09 12.78 -52.23
C SER K 54 -27.82 12.08 -51.71
N LEU K 55 -27.91 11.61 -50.47
CA LEU K 55 -26.78 10.99 -49.78
C LEU K 55 -26.92 9.48 -49.65
N LYS K 56 -27.92 8.88 -50.31
CA LYS K 56 -28.14 7.44 -50.13
C LYS K 56 -26.96 6.64 -50.64
N LYS K 57 -26.39 7.03 -51.78
CA LYS K 57 -25.27 6.27 -52.34
C LYS K 57 -24.05 6.34 -51.42
N LEU K 58 -23.86 7.46 -50.73
CA LEU K 58 -22.72 7.57 -49.82
C LEU K 58 -22.79 6.55 -48.69
N PHE K 59 -24.01 6.21 -48.24
CA PHE K 59 -24.15 5.17 -47.23
C PHE K 59 -23.71 3.80 -47.76
N VAL K 60 -23.67 3.63 -49.08
CA VAL K 60 -23.14 2.39 -49.65
C VAL K 60 -21.64 2.50 -49.86
N GLU K 61 -21.17 3.67 -50.28
CA GLU K 61 -19.73 3.86 -50.49
C GLU K 61 -18.95 3.70 -49.20
N TYR K 62 -19.48 4.24 -48.10
CA TYR K 62 -18.82 4.18 -46.79
C TYR K 62 -19.63 3.35 -45.80
N SER K 63 -20.14 2.20 -46.26
CA SER K 63 -20.91 1.33 -45.39
C SER K 63 -20.09 0.81 -44.21
N ASP K 64 -18.76 0.83 -44.33
CA ASP K 64 -17.92 0.44 -43.20
C ASP K 64 -17.94 1.49 -42.10
N VAL K 65 -17.96 2.77 -42.47
CA VAL K 65 -18.00 3.84 -41.48
C VAL K 65 -19.29 3.75 -40.67
N ILE K 66 -20.42 3.60 -41.36
CA ILE K 66 -21.70 3.46 -40.67
C ILE K 66 -21.78 2.19 -39.85
N GLU K 67 -20.87 1.23 -40.09
CA GLU K 67 -20.83 -0.02 -39.35
C GLU K 67 -19.82 0.02 -38.20
N ASN K 68 -18.57 0.33 -38.52
CA ASN K 68 -17.48 0.21 -37.54
C ASN K 68 -17.23 1.48 -36.75
N ALA K 69 -17.56 2.64 -37.31
CA ALA K 69 -17.38 3.89 -36.58
C ALA K 69 -18.58 4.13 -35.66
N THR K 70 -18.41 5.08 -34.74
CA THR K 70 -19.43 5.42 -33.77
C THR K 70 -20.08 6.75 -34.15
N LEU K 71 -21.41 6.77 -34.17
CA LEU K 71 -22.12 8.00 -34.48
C LEU K 71 -21.83 9.06 -33.43
N LEU K 72 -21.49 10.26 -33.89
CA LEU K 72 -21.15 11.38 -33.03
C LEU K 72 -22.27 12.39 -32.89
N SER K 73 -23.03 12.61 -33.96
CA SER K 73 -24.13 13.57 -33.94
C SER K 73 -24.84 13.46 -35.29
N ILE K 74 -26.00 14.12 -35.38
CA ILE K 74 -26.75 14.22 -36.63
C ILE K 74 -27.00 15.70 -36.91
N LEU K 75 -26.67 16.14 -38.11
CA LEU K 75 -26.99 17.48 -38.57
C LEU K 75 -28.29 17.43 -39.36
N SER K 76 -29.27 18.22 -38.93
CA SER K 76 -30.58 18.29 -39.58
C SER K 76 -30.73 19.64 -40.26
N TYR K 77 -31.11 19.61 -41.53
CA TYR K 77 -31.43 20.81 -42.30
C TYR K 77 -32.91 20.77 -42.65
N SER K 78 -33.67 21.69 -42.08
CA SER K 78 -35.10 21.79 -42.34
C SER K 78 -35.46 23.23 -42.70
N TYR K 79 -36.46 23.38 -43.58
CA TYR K 79 -36.81 24.70 -44.09
C TYR K 79 -38.32 24.91 -44.15
N ASP K 80 -39.10 24.13 -43.41
CA ASP K 80 -40.55 24.26 -43.36
C ASP K 80 -41.03 24.13 -41.92
N LYS K 81 -40.34 24.79 -41.00
CA LYS K 81 -40.62 24.63 -39.57
C LYS K 81 -41.83 25.43 -39.11
N TYR K 82 -42.32 26.37 -39.91
CA TYR K 82 -43.41 27.23 -39.46
C TYR K 82 -44.72 26.46 -39.41
N ASN K 83 -45.44 26.58 -38.30
CA ASN K 83 -46.77 26.01 -38.13
C ASN K 83 -46.77 24.49 -38.24
N ALA K 84 -45.62 23.86 -37.96
CA ALA K 84 -45.53 22.41 -38.06
C ALA K 84 -46.29 21.73 -36.91
N VAL K 85 -46.11 22.22 -35.69
CA VAL K 85 -46.71 21.55 -34.55
C VAL K 85 -48.23 21.64 -34.60
N GLU K 86 -48.78 22.78 -35.02
CA GLU K 86 -50.23 22.88 -35.15
C GLU K 86 -50.76 22.00 -36.27
N ARG K 87 -50.00 21.90 -37.36
CA ARG K 87 -50.38 21.00 -38.45
C ARG K 87 -50.46 19.56 -37.96
N LYS K 88 -49.51 19.16 -37.11
CA LYS K 88 -49.57 17.83 -36.54
C LYS K 88 -50.70 17.70 -35.52
N LEU K 89 -50.99 18.79 -34.80
CA LEU K 89 -51.92 18.72 -33.68
C LEU K 89 -53.37 18.63 -34.15
N VAL K 90 -53.71 19.27 -35.26
CA VAL K 90 -55.11 19.28 -35.70
C VAL K 90 -55.67 17.88 -35.83
N LYS K 91 -54.80 16.90 -36.11
CA LYS K 91 -55.25 15.51 -36.21
C LYS K 91 -55.81 15.01 -34.88
N TYR K 92 -55.17 15.38 -33.77
CA TYR K 92 -55.52 14.86 -32.46
C TYR K 92 -56.53 15.73 -31.72
N ALA K 93 -57.01 16.80 -32.33
CA ALA K 93 -57.97 17.71 -31.69
C ALA K 93 -59.42 17.33 -31.99
N LYS K 94 -59.69 16.04 -32.18
CA LYS K 94 -61.03 15.61 -32.58
C LYS K 94 -62.04 15.69 -31.44
N GLY K 95 -61.59 15.73 -30.19
CA GLY K 95 -62.49 15.69 -29.05
C GLY K 95 -63.07 17.04 -28.73
N LYS K 96 -63.89 17.05 -27.68
CA LYS K 96 -64.50 18.29 -27.20
C LYS K 96 -63.52 19.04 -26.32
N PRO K 97 -63.18 20.30 -26.63
CA PRO K 97 -62.25 21.02 -25.77
C PRO K 97 -62.83 21.29 -24.39
N LEU K 98 -61.94 21.36 -23.40
CA LEU K 98 -62.36 21.59 -22.02
C LEU K 98 -62.72 23.06 -21.81
N GLU K 99 -63.76 23.28 -21.00
CA GLU K 99 -64.19 24.61 -20.62
C GLU K 99 -63.96 24.80 -19.14
N ALA K 100 -63.23 25.86 -18.78
CA ALA K 100 -62.86 26.07 -17.39
C ALA K 100 -64.07 26.53 -16.57
N ASP K 101 -64.15 26.02 -15.35
CA ASP K 101 -65.14 26.48 -14.38
C ASP K 101 -64.53 27.65 -13.62
N LEU K 102 -65.05 28.85 -13.87
CA LEU K 102 -64.47 30.08 -13.33
C LEU K 102 -65.04 30.43 -11.96
N THR K 103 -65.56 29.46 -11.22
CA THR K 103 -66.05 29.67 -9.86
C THR K 103 -65.57 28.52 -8.97
N VAL K 104 -64.31 28.15 -9.12
CA VAL K 104 -63.74 27.02 -8.40
C VAL K 104 -62.68 27.48 -7.40
N ASN K 105 -61.93 28.53 -7.72
CA ASN K 105 -60.85 29.01 -6.88
C ASN K 105 -61.30 30.24 -6.09
N GLU K 106 -60.84 30.34 -4.84
CA GLU K 106 -61.21 31.47 -4.01
C GLU K 106 -60.70 32.78 -4.60
N LEU K 107 -59.47 32.79 -5.09
CA LEU K 107 -58.90 33.98 -5.71
C LEU K 107 -59.26 34.04 -7.18
N ASP K 108 -59.60 35.24 -7.65
CA ASP K 108 -60.07 35.39 -9.03
C ASP K 108 -58.99 35.01 -10.03
N TYR K 109 -57.76 35.44 -9.80
CA TYR K 109 -56.70 35.21 -10.78
C TYR K 109 -56.24 33.76 -10.84
N GLU K 110 -56.68 32.91 -9.91
CA GLU K 110 -56.36 31.50 -9.95
C GLU K 110 -57.35 30.69 -10.79
N ASN K 111 -58.37 31.33 -11.36
CA ASN K 111 -59.31 30.65 -12.23
C ASN K 111 -58.80 30.71 -13.66
N ASN K 112 -58.78 29.56 -14.34
CA ASN K 112 -58.20 29.45 -15.68
C ASN K 112 -59.14 30.09 -16.68
N LYS K 113 -59.13 31.41 -16.70
CA LYS K 113 -59.89 32.20 -17.66
C LYS K 113 -58.92 32.84 -18.65
N ILE K 114 -59.48 33.52 -19.65
CA ILE K 114 -58.66 34.13 -20.68
C ILE K 114 -57.73 35.16 -20.05
N THR K 115 -56.53 35.30 -20.62
CA THR K 115 -55.53 36.20 -20.05
C THR K 115 -56.02 37.64 -20.03
N SER K 116 -56.68 38.07 -21.10
CA SER K 116 -57.22 39.43 -21.15
C SER K 116 -58.18 39.68 -20.00
N GLU K 117 -58.96 38.67 -19.62
CA GLU K 117 -59.88 38.82 -18.48
C GLU K 117 -59.14 39.03 -17.17
N LEU K 118 -57.88 38.60 -17.08
CA LEU K 118 -57.08 38.79 -15.87
C LEU K 118 -56.11 39.95 -15.98
N PHE K 119 -55.57 40.20 -17.17
CA PHE K 119 -54.61 41.28 -17.41
C PHE K 119 -55.12 42.08 -18.61
N PRO K 120 -55.95 43.09 -18.39
CA PRO K 120 -56.54 43.81 -19.54
C PRO K 120 -55.51 44.42 -20.47
N THR K 121 -54.37 44.87 -19.95
CA THR K 121 -53.33 45.51 -20.75
C THR K 121 -52.03 44.74 -20.62
N ALA K 122 -51.17 44.91 -21.62
CA ALA K 122 -49.89 44.21 -21.64
C ALA K 122 -49.02 44.62 -20.45
N GLU K 123 -49.20 45.84 -19.94
CA GLU K 123 -48.39 46.29 -18.81
C GLU K 123 -48.77 45.56 -17.54
N GLU K 124 -50.04 45.19 -17.39
CA GLU K 124 -50.48 44.45 -16.22
C GLU K 124 -50.04 42.98 -16.25
N TYR K 125 -49.65 42.49 -17.42
CA TYR K 125 -49.42 41.06 -17.59
C TYR K 125 -48.18 40.60 -16.84
N THR K 126 -48.24 39.37 -16.34
CA THR K 126 -47.07 38.70 -15.76
C THR K 126 -47.28 37.20 -15.90
N ASP K 127 -46.26 36.52 -16.41
CA ASP K 127 -46.30 35.07 -16.51
C ASP K 127 -45.79 34.39 -15.24
N LEU K 128 -45.43 35.16 -14.22
CA LEU K 128 -44.87 34.56 -13.01
C LEU K 128 -45.86 33.62 -12.33
N LEU K 129 -47.16 33.86 -12.48
CA LEU K 129 -48.16 33.01 -11.87
C LEU K 129 -48.42 31.75 -12.68
N MET K 130 -47.85 31.63 -13.88
CA MET K 130 -48.05 30.47 -14.73
C MET K 130 -46.77 29.92 -15.34
N ASP K 131 -45.64 30.58 -15.18
CA ASP K 131 -44.46 30.23 -15.94
C ASP K 131 -44.04 28.80 -15.62
N PRO K 132 -43.91 27.93 -16.62
CA PRO K 132 -43.35 26.59 -16.35
C PRO K 132 -41.93 26.66 -15.83
N ALA K 133 -41.21 27.76 -16.07
CA ALA K 133 -39.88 27.98 -15.51
C ALA K 133 -38.91 26.89 -15.93
N ILE K 134 -39.12 26.32 -17.11
CA ILE K 134 -38.31 25.24 -17.64
C ILE K 134 -37.92 25.60 -19.06
N LEU K 135 -36.68 25.28 -19.45
CA LEU K 135 -36.18 25.65 -20.76
C LEU K 135 -36.59 24.62 -21.81
N THR K 136 -37.88 24.31 -21.87
CA THR K 136 -38.43 23.51 -22.94
C THR K 136 -39.87 23.96 -23.15
N SER K 137 -40.29 23.96 -24.42
CA SER K 137 -41.55 24.58 -24.81
C SER K 137 -42.71 23.60 -24.72
N LEU K 138 -43.92 24.16 -24.69
CA LEU K 138 -45.12 23.34 -24.82
C LEU K 138 -45.20 22.71 -26.20
N SER K 139 -44.73 23.44 -27.23
CA SER K 139 -44.69 22.87 -28.57
C SER K 139 -43.82 21.63 -28.60
N SER K 140 -42.68 21.66 -27.90
CA SER K 140 -41.82 20.49 -27.83
C SER K 140 -42.52 19.33 -27.13
N ASN K 141 -43.26 19.61 -26.06
CA ASN K 141 -43.99 18.54 -25.36
C ASN K 141 -45.04 17.92 -26.27
N LEU K 142 -45.78 18.76 -27.01
CA LEU K 142 -46.77 18.25 -27.94
C LEU K 142 -46.11 17.43 -29.04
N ASN K 143 -44.97 17.91 -29.55
CA ASN K 143 -44.24 17.15 -30.57
C ASN K 143 -43.80 15.80 -30.05
N ALA K 144 -43.31 15.75 -28.81
CA ALA K 144 -42.88 14.49 -28.23
C ALA K 144 -44.06 13.53 -28.07
N VAL K 145 -45.19 14.03 -27.56
CA VAL K 145 -46.35 13.16 -27.39
C VAL K 145 -46.84 12.64 -28.74
N MET K 146 -46.89 13.51 -29.74
CA MET K 146 -47.35 13.10 -31.05
C MET K 146 -46.38 12.12 -31.72
N PHE K 147 -45.08 12.31 -31.50
CA PHE K 147 -44.10 11.34 -31.99
C PHE K 147 -44.30 9.99 -31.34
N TRP K 148 -44.54 9.96 -30.02
CA TRP K 148 -44.81 8.70 -29.36
C TRP K 148 -46.06 8.05 -29.91
N LEU K 149 -47.12 8.83 -30.13
CA LEU K 149 -48.35 8.28 -30.67
C LEU K 149 -48.13 7.70 -32.07
N GLU K 150 -47.37 8.40 -32.91
CA GLU K 150 -47.08 7.89 -34.25
C GLU K 150 -46.27 6.60 -34.17
N LYS K 151 -45.27 6.55 -33.28
CA LYS K 151 -44.42 5.39 -33.19
C LYS K 151 -45.19 4.16 -32.73
N HIS K 152 -46.08 4.32 -31.75
CA HIS K 152 -46.82 3.22 -31.16
C HIS K 152 -48.24 3.11 -31.69
N GLU K 153 -48.50 3.67 -32.88
CA GLU K 153 -49.85 3.67 -33.42
C GLU K 153 -50.34 2.26 -33.68
N ASN K 154 -49.47 1.39 -34.20
CA ASN K 154 -49.84 0.04 -34.61
C ASN K 154 -49.37 -1.02 -33.62
N ASP K 155 -49.41 -0.71 -32.33
CA ASP K 155 -49.05 -1.69 -31.31
C ASP K 155 -50.19 -2.70 -31.11
N VAL K 156 -49.88 -3.78 -30.42
CA VAL K 156 -50.82 -4.87 -30.17
C VAL K 156 -50.76 -5.26 -28.70
N ALA K 157 -51.83 -5.92 -28.24
CA ALA K 157 -51.89 -6.44 -26.88
C ALA K 157 -51.95 -5.29 -25.87
N GLU K 158 -51.29 -5.47 -24.72
CA GLU K 158 -51.32 -4.42 -23.69
C GLU K 158 -50.69 -3.12 -24.18
N LYS K 159 -49.72 -3.22 -25.09
CA LYS K 159 -49.15 -2.02 -25.68
C LYS K 159 -50.22 -1.20 -26.38
N LEU K 160 -51.13 -1.88 -27.09
CA LEU K 160 -52.23 -1.18 -27.75
C LEU K 160 -53.16 -0.52 -26.73
N LYS K 161 -53.40 -1.18 -25.60
CA LYS K 161 -54.23 -0.57 -24.56
C LYS K 161 -53.57 0.67 -23.99
N ILE K 162 -52.26 0.61 -23.76
CA ILE K 162 -51.53 1.79 -23.29
C ILE K 162 -51.66 2.92 -24.31
N TYR K 163 -51.48 2.58 -25.59
CA TYR K 163 -51.60 3.59 -26.64
C TYR K 163 -52.99 4.20 -26.64
N LYS K 164 -54.03 3.39 -26.49
CA LYS K 164 -55.39 3.91 -26.54
C LYS K 164 -55.66 4.83 -25.36
N ARG K 165 -55.23 4.45 -24.16
CA ARG K 165 -55.42 5.31 -22.99
C ARG K 165 -54.71 6.65 -23.17
N ARG K 166 -53.44 6.60 -23.60
CA ARG K 166 -52.71 7.83 -23.80
C ARG K 166 -53.30 8.65 -24.94
N LEU K 167 -53.85 7.99 -25.96
CA LEU K 167 -54.48 8.72 -27.05
C LEU K 167 -55.72 9.46 -26.57
N ASP K 168 -56.50 8.83 -25.68
CA ASP K 168 -57.68 9.52 -25.14
C ASP K 168 -57.26 10.74 -24.31
N LEU K 169 -56.28 10.57 -23.43
CA LEU K 169 -55.84 11.69 -22.61
C LEU K 169 -55.26 12.81 -23.48
N PHE K 170 -54.44 12.47 -24.47
CA PHE K 170 -53.88 13.48 -25.33
C PHE K 170 -54.94 14.07 -26.25
N THR K 171 -56.02 13.33 -26.54
CA THR K 171 -57.12 13.93 -27.27
C THR K 171 -57.75 15.04 -26.46
N ILE K 172 -57.97 14.80 -25.17
CA ILE K 172 -58.43 15.87 -24.27
C ILE K 172 -57.50 17.07 -24.39
N VAL K 173 -56.21 16.84 -24.12
CA VAL K 173 -55.26 17.94 -24.06
C VAL K 173 -55.18 18.67 -25.39
N ALA K 174 -55.12 17.92 -26.49
CA ALA K 174 -54.90 18.51 -27.81
C ALA K 174 -56.13 19.26 -28.29
N SER K 175 -57.33 18.75 -28.03
CA SER K 175 -58.53 19.51 -28.36
C SER K 175 -58.54 20.83 -27.60
N THR K 176 -58.23 20.78 -26.30
CA THR K 176 -58.24 22.02 -25.52
C THR K 176 -57.22 23.02 -26.06
N VAL K 177 -56.01 22.55 -26.36
CA VAL K 177 -54.97 23.46 -26.84
C VAL K 177 -55.30 23.98 -28.23
N ASN K 178 -55.87 23.13 -29.09
CA ASN K 178 -56.17 23.52 -30.45
C ASN K 178 -57.33 24.51 -30.52
N LYS K 179 -58.24 24.47 -29.54
CA LYS K 179 -59.31 25.46 -29.52
C LYS K 179 -58.76 26.88 -29.53
N TYR K 180 -57.60 27.09 -28.90
CA TYR K 180 -57.01 28.42 -28.79
C TYR K 180 -55.72 28.57 -29.57
N GLY K 181 -55.16 27.49 -30.10
CA GLY K 181 -53.88 27.56 -30.78
C GLY K 181 -52.72 27.38 -29.83
N VAL K 182 -51.66 26.78 -30.35
CA VAL K 182 -50.47 26.50 -29.54
C VAL K 182 -49.73 27.81 -29.30
N PRO K 183 -49.59 28.28 -28.07
CA PRO K 183 -48.82 29.51 -27.85
C PRO K 183 -47.35 29.29 -28.16
N ARG K 184 -46.71 30.35 -28.64
CA ARG K 184 -45.32 30.31 -29.06
C ARG K 184 -44.43 30.97 -28.02
N HIS K 185 -43.42 30.24 -27.58
CA HIS K 185 -42.43 30.74 -26.64
C HIS K 185 -41.40 31.61 -27.34
N ASN K 186 -40.66 32.38 -26.56
CA ASN K 186 -39.58 33.20 -27.06
C ASN K 186 -38.25 32.47 -26.85
N ALA K 187 -37.14 33.17 -27.10
CA ALA K 187 -35.82 32.55 -26.91
C ALA K 187 -35.60 32.13 -25.47
N LYS K 188 -36.18 32.85 -24.52
CA LYS K 188 -36.05 32.54 -23.10
C LYS K 188 -37.07 31.51 -22.64
N TYR K 189 -37.84 30.93 -23.56
CA TYR K 189 -38.88 29.96 -23.23
C TYR K 189 -39.91 30.55 -22.28
N ARG K 190 -40.21 31.83 -22.48
CA ARG K 190 -41.25 32.53 -21.76
C ARG K 190 -42.40 32.84 -22.70
N TYR K 191 -43.60 32.94 -22.15
CA TYR K 191 -44.82 33.13 -22.93
C TYR K 191 -45.31 34.56 -22.72
N GLU K 192 -45.25 35.36 -23.78
CA GLU K 192 -45.52 36.78 -23.71
C GLU K 192 -47.02 37.05 -23.70
N TYR K 193 -47.38 38.29 -23.36
CA TYR K 193 -48.78 38.69 -23.40
C TYR K 193 -49.34 38.63 -24.82
N GLU K 194 -48.54 39.06 -25.80
CA GLU K 194 -49.03 39.13 -27.17
C GLU K 194 -49.49 37.78 -27.68
N VAL K 195 -48.84 36.70 -27.23
CA VAL K 195 -49.20 35.35 -27.67
C VAL K 195 -50.11 34.64 -26.67
N MET K 196 -50.51 35.33 -25.59
CA MET K 196 -51.34 34.72 -24.56
C MET K 196 -52.63 35.49 -24.29
N LYS K 197 -52.89 36.60 -24.99
CA LYS K 197 -54.05 37.43 -24.65
C LYS K 197 -55.34 36.61 -24.67
N ASP K 198 -55.59 35.90 -25.76
CA ASP K 198 -56.87 35.24 -26.00
C ASP K 198 -56.83 33.75 -25.68
N LYS K 199 -55.89 33.33 -24.83
CA LYS K 199 -55.81 31.96 -24.37
C LYS K 199 -56.10 31.88 -22.88
N PRO K 200 -56.54 30.74 -22.37
CA PRO K 200 -56.64 30.58 -20.91
C PRO K 200 -55.28 30.79 -20.26
N TYR K 201 -55.29 31.44 -19.10
CA TYR K 201 -54.04 31.87 -18.50
C TYR K 201 -53.15 30.69 -18.13
N TYR K 202 -53.75 29.61 -17.63
CA TYR K 202 -53.00 28.43 -17.20
C TYR K 202 -52.97 27.34 -18.27
N LEU K 203 -53.23 27.70 -19.53
CA LEU K 203 -53.24 26.70 -20.59
C LEU K 203 -51.89 26.01 -20.73
N VAL K 204 -50.81 26.78 -20.73
CA VAL K 204 -49.49 26.21 -21.02
C VAL K 204 -49.04 25.30 -19.88
N THR K 205 -49.13 25.78 -18.64
CA THR K 205 -48.67 24.98 -17.51
C THR K 205 -49.58 23.78 -17.29
N TRP K 206 -50.89 23.95 -17.46
CA TRP K 206 -51.79 22.81 -17.37
C TRP K 206 -51.48 21.79 -18.45
N ALA K 207 -51.18 22.25 -19.66
CA ALA K 207 -50.86 21.34 -20.74
C ALA K 207 -49.58 20.58 -20.47
N ASN K 208 -48.57 21.25 -19.91
CA ASN K 208 -47.34 20.56 -19.56
C ASN K 208 -47.60 19.48 -18.51
N SER K 209 -48.33 19.84 -17.45
CA SER K 209 -48.63 18.86 -16.40
C SER K 209 -49.43 17.70 -16.97
N SER K 210 -50.40 17.99 -17.84
CA SER K 210 -51.24 16.94 -18.41
C SER K 210 -50.45 16.05 -19.34
N ILE K 211 -49.51 16.62 -20.11
CA ILE K 211 -48.67 15.80 -20.97
C ILE K 211 -47.82 14.86 -20.12
N GLU K 212 -47.23 15.38 -19.04
CA GLU K 212 -46.47 14.52 -18.14
C GLU K 212 -47.34 13.39 -17.59
N MET K 213 -48.54 13.74 -17.13
CA MET K 213 -49.42 12.74 -16.54
C MET K 213 -49.82 11.68 -17.56
N LEU K 214 -50.19 12.09 -18.78
CA LEU K 214 -50.64 11.13 -19.78
C LEU K 214 -49.51 10.26 -20.28
N MET K 215 -48.30 10.80 -20.36
CA MET K 215 -47.14 9.98 -20.71
C MET K 215 -46.67 9.14 -19.54
N SER K 216 -47.23 9.35 -18.35
CA SER K 216 -46.95 8.51 -17.19
C SER K 216 -48.02 7.45 -16.95
N VAL K 217 -48.91 7.22 -17.92
CA VAL K 217 -50.02 6.28 -17.77
C VAL K 217 -49.67 4.97 -18.45
N PHE K 218 -49.85 3.87 -17.73
CA PHE K 218 -49.63 2.52 -18.26
C PHE K 218 -50.82 1.60 -18.05
N SER K 219 -51.47 1.66 -16.90
CA SER K 219 -52.56 0.76 -16.55
C SER K 219 -53.90 1.49 -16.60
N HIS K 220 -54.97 0.73 -16.40
CA HIS K 220 -56.30 1.31 -16.37
C HIS K 220 -56.47 2.25 -15.18
N GLU K 221 -55.92 1.88 -14.03
CA GLU K 221 -55.97 2.75 -12.86
C GLU K 221 -55.19 4.03 -13.12
N ASP K 222 -54.01 3.90 -13.74
CA ASP K 222 -53.26 5.07 -14.19
C ASP K 222 -54.13 5.96 -15.06
N TYR K 223 -54.84 5.37 -16.02
CA TYR K 223 -55.65 6.15 -16.94
C TYR K 223 -56.77 6.88 -16.19
N LEU K 224 -57.43 6.20 -15.27
CA LEU K 224 -58.51 6.84 -14.51
C LEU K 224 -57.99 8.01 -13.70
N ILE K 225 -56.88 7.80 -12.97
CA ILE K 225 -56.31 8.88 -12.17
C ILE K 225 -55.91 10.05 -13.06
N ALA K 226 -55.23 9.74 -14.17
CA ALA K 226 -54.75 10.81 -15.06
C ALA K 226 -55.90 11.57 -15.67
N ARG K 227 -56.95 10.88 -16.12
CA ARG K 227 -58.09 11.56 -16.70
C ARG K 227 -58.74 12.48 -15.68
N GLU K 228 -59.00 11.96 -14.48
CA GLU K 228 -59.61 12.78 -13.43
C GLU K 228 -58.78 14.02 -13.16
N LEU K 229 -57.49 13.84 -12.91
CA LEU K 229 -56.64 14.96 -12.54
C LEU K 229 -56.48 15.95 -13.70
N ILE K 230 -56.33 15.46 -14.93
CA ILE K 230 -56.15 16.34 -16.07
C ILE K 230 -57.40 17.18 -16.29
N VAL K 231 -58.58 16.56 -16.20
CA VAL K 231 -59.81 17.31 -16.45
C VAL K 231 -60.06 18.30 -15.32
N LEU K 232 -59.76 17.91 -14.07
CA LEU K 232 -60.05 18.82 -12.95
C LEU K 232 -59.05 19.95 -12.83
N SER K 233 -57.77 19.71 -13.14
CA SER K 233 -56.75 20.74 -12.96
C SER K 233 -56.86 21.84 -14.00
N TYR K 234 -57.64 21.64 -15.07
CA TYR K 234 -57.89 22.73 -15.99
C TYR K 234 -58.62 23.87 -15.30
N SER K 235 -59.58 23.55 -14.44
CA SER K 235 -60.33 24.52 -13.67
C SER K 235 -59.76 24.75 -12.28
N ASN K 236 -59.37 23.69 -11.59
CA ASN K 236 -58.85 23.79 -10.24
C ASN K 236 -57.34 24.01 -10.29
N ARG K 237 -56.89 25.12 -9.70
CA ARG K 237 -55.48 25.46 -9.67
C ARG K 237 -54.93 25.61 -8.27
N SER K 238 -55.77 25.49 -7.24
CA SER K 238 -55.37 25.80 -5.87
C SER K 238 -55.44 24.60 -4.93
N THR K 239 -56.58 23.91 -4.88
CA THR K 239 -56.84 22.95 -3.82
C THR K 239 -56.90 21.50 -4.29
N LEU K 240 -56.60 21.22 -5.57
CA LEU K 240 -56.76 19.86 -6.07
C LEU K 240 -55.73 18.92 -5.46
N ALA K 241 -54.46 19.30 -5.47
CA ALA K 241 -53.41 18.43 -4.93
C ALA K 241 -53.60 18.20 -3.44
N LYS K 242 -53.93 19.25 -2.69
CA LYS K 242 -54.19 19.09 -1.27
C LYS K 242 -55.39 18.18 -1.04
N LEU K 243 -56.43 18.33 -1.87
CA LEU K 243 -57.60 17.48 -1.74
C LEU K 243 -57.26 16.02 -1.95
N VAL K 244 -56.43 15.72 -2.95
CA VAL K 244 -56.15 14.32 -3.26
C VAL K 244 -55.15 13.73 -2.27
N SER K 245 -54.23 14.54 -1.74
CA SER K 245 -53.21 14.01 -0.83
C SER K 245 -53.68 13.93 0.62
N SER K 246 -54.83 14.52 0.95
CA SER K 246 -55.29 14.54 2.33
C SER K 246 -55.52 13.14 2.91
N PRO K 247 -56.21 12.23 2.23
CA PRO K 247 -56.53 10.93 2.89
C PRO K 247 -55.32 10.15 3.34
N MET K 248 -54.18 10.29 2.67
CA MET K 248 -53.01 9.47 3.00
C MET K 248 -52.63 9.58 4.47
N SER K 249 -52.73 10.78 5.04
CA SER K 249 -52.33 10.99 6.42
C SER K 249 -53.11 10.11 7.38
N ILE K 250 -54.28 9.61 6.97
CA ILE K 250 -55.07 8.71 7.79
C ILE K 250 -54.87 7.27 7.32
N LEU K 251 -54.63 7.09 6.02
CA LEU K 251 -54.54 5.74 5.48
C LEU K 251 -53.39 4.97 6.10
N VAL K 252 -52.26 5.63 6.33
CA VAL K 252 -51.10 4.99 6.95
C VAL K 252 -51.47 4.39 8.31
N ALA K 253 -52.50 4.91 8.95
CA ALA K 253 -52.92 4.45 10.27
C ALA K 253 -53.91 3.30 10.22
N LEU K 254 -54.29 2.83 9.03
CA LEU K 254 -55.30 1.78 8.90
C LEU K 254 -54.70 0.43 8.49
N VAL K 255 -53.39 0.33 8.33
CA VAL K 255 -52.74 -0.88 7.85
C VAL K 255 -51.96 -1.49 9.01
N ASP K 256 -52.25 -2.75 9.32
CA ASP K 256 -51.52 -3.47 10.35
C ASP K 256 -50.10 -3.75 9.90
N ILE K 257 -49.19 -3.82 10.87
CA ILE K 257 -47.81 -4.19 10.62
C ILE K 257 -47.68 -5.70 10.76
N ASN K 258 -47.18 -6.36 9.71
CA ASN K 258 -46.80 -7.76 9.76
C ASN K 258 -45.32 -7.80 9.38
N GLY K 259 -44.46 -7.60 10.38
CA GLY K 259 -43.06 -7.41 10.13
C GLY K 259 -42.77 -6.01 9.62
N THR K 260 -41.59 -5.48 9.94
CA THR K 260 -41.26 -4.11 9.55
C THR K 260 -39.74 -3.96 9.57
N PHE K 261 -39.29 -2.78 9.15
CA PHE K 261 -37.90 -2.40 9.21
C PHE K 261 -37.66 -1.52 10.44
N ILE K 262 -36.41 -1.47 10.87
CA ILE K 262 -36.01 -0.63 11.99
C ILE K 262 -34.67 0.00 11.64
N THR K 263 -34.62 1.33 11.63
CA THR K 263 -33.39 2.03 11.31
C THR K 263 -32.37 1.82 12.42
N ASN K 264 -31.11 1.59 12.03
CA ASN K 264 -30.01 1.49 12.98
C ASN K 264 -29.05 2.65 12.87
N GLU K 265 -28.44 2.88 11.71
CA GLU K 265 -27.53 4.01 11.53
C GLU K 265 -27.62 4.48 10.08
N GLU K 266 -28.54 5.42 9.84
CA GLU K 266 -28.57 6.34 8.71
C GLU K 266 -28.92 5.74 7.36
N LEU K 267 -28.69 4.46 7.17
CA LEU K 267 -29.39 3.70 6.15
C LEU K 267 -29.53 2.24 6.53
N GLU K 268 -29.07 1.83 7.71
CA GLU K 268 -28.96 0.43 8.06
C GLU K 268 -30.25 -0.02 8.73
N LEU K 269 -30.84 -1.10 8.22
CA LEU K 269 -32.11 -1.60 8.68
C LEU K 269 -31.93 -2.99 9.27
N GLU K 270 -32.40 -3.16 10.51
CA GLU K 270 -32.62 -4.49 11.07
C GLU K 270 -34.11 -4.78 11.01
N PHE K 271 -34.48 -5.98 10.62
CA PHE K 271 -35.86 -6.31 10.32
C PHE K 271 -36.50 -7.05 11.49
N SER K 272 -37.74 -6.69 11.78
CA SER K 272 -38.51 -7.30 12.86
C SER K 272 -39.66 -8.08 12.26
N ASN K 273 -39.99 -9.20 12.88
CA ASN K 273 -41.19 -9.97 12.57
C ASN K 273 -42.35 -9.56 13.46
N LYS K 274 -42.21 -8.46 14.18
CA LYS K 274 -43.23 -7.98 15.10
C LYS K 274 -44.54 -7.73 14.36
N TYR K 275 -45.65 -8.08 15.02
CA TYR K 275 -46.99 -7.86 14.51
C TYR K 275 -47.69 -6.79 15.35
N VAL K 276 -48.21 -5.76 14.69
CA VAL K 276 -48.93 -4.68 15.36
C VAL K 276 -50.26 -4.48 14.67
N ARG K 277 -51.33 -4.47 15.44
CA ARG K 277 -52.67 -4.22 14.92
C ARG K 277 -52.92 -2.72 14.86
N ALA K 278 -53.68 -2.28 13.86
CA ALA K 278 -53.98 -0.86 13.68
C ALA K 278 -55.20 -0.50 14.51
N ILE K 279 -55.02 0.43 15.45
CA ILE K 279 -56.09 0.87 16.32
C ILE K 279 -56.56 2.23 15.81
N VAL K 280 -57.80 2.29 15.35
CA VAL K 280 -58.35 3.47 14.70
C VAL K 280 -59.65 3.84 15.39
N PRO K 281 -59.77 5.02 15.99
CA PRO K 281 -61.05 5.44 16.57
C PRO K 281 -62.03 5.89 15.49
N ASP K 282 -63.29 6.01 15.92
CA ASP K 282 -64.35 6.39 14.99
C ASP K 282 -64.18 7.81 14.46
N GLN K 283 -63.56 8.69 15.24
CA GLN K 283 -63.37 10.06 14.79
C GLN K 283 -62.45 10.11 13.58
N THR K 284 -61.41 9.27 13.55
CA THR K 284 -60.53 9.20 12.39
C THR K 284 -61.29 8.73 11.16
N PHE K 285 -62.18 7.76 11.32
CA PHE K 285 -62.99 7.31 10.19
C PHE K 285 -63.93 8.41 9.71
N ASP K 286 -64.48 9.19 10.64
CA ASP K 286 -65.29 10.34 10.25
C ASP K 286 -64.48 11.36 9.48
N GLU K 287 -63.23 11.60 9.90
CA GLU K 287 -62.38 12.54 9.18
C GLU K 287 -62.06 12.02 7.77
N LEU K 288 -61.82 10.72 7.64
CA LEU K 288 -61.58 10.14 6.32
C LEU K 288 -62.84 10.26 5.44
N LYS K 289 -64.01 10.03 6.03
CA LYS K 289 -65.25 10.22 5.30
C LYS K 289 -65.40 11.65 4.83
N GLN K 290 -65.06 12.61 5.69
CA GLN K 290 -65.11 14.01 5.31
C GLN K 290 -64.14 14.31 4.18
N MET K 291 -62.94 13.72 4.22
CA MET K 291 -61.98 13.92 3.15
C MET K 291 -62.50 13.40 1.82
N LEU K 292 -63.13 12.21 1.84
CA LEU K 292 -63.69 11.68 0.60
C LEU K 292 -64.87 12.53 0.12
N ASP K 293 -65.65 13.07 1.06
CA ASP K 293 -66.73 13.98 0.68
C ASP K 293 -66.18 15.24 0.03
N ASN K 294 -65.08 15.77 0.56
CA ASN K 294 -64.43 16.92 -0.06
C ASN K 294 -63.93 16.58 -1.46
N MET K 295 -63.36 15.37 -1.62
CA MET K 295 -62.95 14.93 -2.95
C MET K 295 -64.13 14.96 -3.92
N ARG K 296 -65.26 14.38 -3.51
CA ARG K 296 -66.41 14.31 -4.39
C ARG K 296 -67.02 15.69 -4.65
N LYS K 297 -66.96 16.59 -3.67
CA LYS K 297 -67.47 17.94 -3.86
C LYS K 297 -66.63 18.71 -4.88
N ALA K 298 -65.40 18.29 -5.13
CA ALA K 298 -64.55 18.92 -6.12
C ALA K 298 -64.65 18.26 -7.50
N GLY K 299 -65.52 17.27 -7.66
CA GLY K 299 -65.71 16.61 -8.93
C GLY K 299 -64.96 15.31 -9.11
N LEU K 300 -64.36 14.77 -8.05
CA LEU K 300 -63.64 13.51 -8.14
C LEU K 300 -64.59 12.34 -7.94
N THR K 301 -64.51 11.35 -8.81
CA THR K 301 -65.29 10.13 -8.70
C THR K 301 -64.43 8.88 -8.64
N ASP K 302 -63.39 8.81 -9.47
CA ASP K 302 -62.57 7.60 -9.53
C ASP K 302 -61.64 7.46 -8.33
N ILE K 303 -60.98 8.55 -7.93
CA ILE K 303 -60.03 8.47 -6.82
C ILE K 303 -60.73 8.13 -5.51
N PRO K 304 -61.80 8.82 -5.09
CA PRO K 304 -62.50 8.39 -3.87
C PRO K 304 -63.06 7.00 -3.97
N LYS K 305 -63.51 6.56 -5.15
CA LYS K 305 -63.99 5.20 -5.31
C LYS K 305 -62.87 4.20 -5.09
N MET K 306 -61.68 4.49 -5.61
CA MET K 306 -60.52 3.63 -5.37
C MET K 306 -60.20 3.55 -3.89
N ILE K 307 -60.22 4.69 -3.20
CA ILE K 307 -59.91 4.69 -1.78
C ILE K 307 -60.95 3.89 -1.01
N GLN K 308 -62.23 4.05 -1.36
CA GLN K 308 -63.28 3.28 -0.70
C GLN K 308 -63.11 1.78 -0.94
N ASP K 309 -62.75 1.40 -2.16
CA ASP K 309 -62.53 -0.01 -2.45
C ASP K 309 -61.38 -0.56 -1.63
N TRP K 310 -60.29 0.22 -1.50
CA TRP K 310 -59.18 -0.22 -0.67
C TRP K 310 -59.59 -0.32 0.79
N LEU K 311 -60.52 0.53 1.23
CA LEU K 311 -60.93 0.54 2.62
C LEU K 311 -61.71 -0.71 3.02
N VAL K 312 -62.08 -1.57 2.08
CA VAL K 312 -62.78 -2.79 2.44
C VAL K 312 -61.89 -3.71 3.25
N ASP K 313 -60.63 -3.86 2.84
CA ASP K 313 -59.66 -4.70 3.54
C ASP K 313 -58.56 -3.95 4.26
N CYS K 314 -58.19 -2.75 3.78
CA CYS K 314 -57.09 -1.99 4.36
C CYS K 314 -55.81 -2.83 4.38
N SER K 315 -55.54 -3.50 3.28
CA SER K 315 -54.39 -4.39 3.18
C SER K 315 -53.19 -3.65 2.59
N ILE K 316 -51.99 -4.09 2.98
CA ILE K 316 -50.77 -3.49 2.45
C ILE K 316 -50.48 -3.97 1.04
N GLU K 317 -51.07 -5.10 0.61
CA GLU K 317 -50.82 -5.59 -0.73
C GLU K 317 -51.44 -4.69 -1.78
N LYS K 318 -52.63 -4.16 -1.50
CA LYS K 318 -53.30 -3.22 -2.40
C LYS K 318 -53.00 -1.76 -2.07
N PHE K 319 -52.24 -1.50 -1.01
CA PHE K 319 -51.83 -0.14 -0.70
C PHE K 319 -51.02 0.53 -1.80
N PRO K 320 -50.26 -0.19 -2.65
CA PRO K 320 -49.61 0.50 -3.77
C PRO K 320 -50.53 1.41 -4.58
N LEU K 321 -51.83 1.10 -4.69
CA LEU K 321 -52.73 2.02 -5.37
C LEU K 321 -52.91 3.31 -4.59
N MET K 322 -52.98 3.22 -3.26
CA MET K 322 -53.04 4.43 -2.44
C MET K 322 -51.76 5.25 -2.60
N ALA K 323 -50.61 4.58 -2.59
CA ALA K 323 -49.35 5.29 -2.82
C ALA K 323 -49.32 5.91 -4.20
N LYS K 324 -49.89 5.23 -5.19
CA LYS K 324 -49.97 5.76 -6.54
C LYS K 324 -50.79 7.04 -6.58
N ILE K 325 -51.96 7.03 -5.93
CA ILE K 325 -52.78 8.24 -5.89
C ILE K 325 -52.04 9.37 -5.19
N TYR K 326 -51.37 9.04 -4.07
CA TYR K 326 -50.63 10.06 -3.35
C TYR K 326 -49.55 10.68 -4.22
N SER K 327 -48.77 9.86 -4.92
CA SER K 327 -47.72 10.39 -5.79
C SER K 327 -48.31 11.19 -6.94
N TRP K 328 -49.39 10.70 -7.54
CA TRP K 328 -49.99 11.37 -8.69
C TRP K 328 -50.55 12.73 -8.31
N SER K 329 -50.99 12.89 -7.05
CA SER K 329 -51.57 14.17 -6.64
C SER K 329 -50.61 15.33 -6.85
N PHE K 330 -49.31 15.09 -6.70
CA PHE K 330 -48.32 16.17 -6.75
C PHE K 330 -47.95 16.59 -8.16
N HIS K 331 -48.44 15.89 -9.19
CA HIS K 331 -48.06 16.17 -10.56
C HIS K 331 -49.05 17.07 -11.28
N VAL K 332 -49.98 17.69 -10.55
CA VAL K 332 -50.92 18.64 -11.15
C VAL K 332 -50.29 20.01 -11.21
N GLY K 333 -48.99 20.11 -10.92
CA GLY K 333 -48.24 21.33 -11.10
C GLY K 333 -48.08 22.11 -9.81
N PHE K 334 -47.41 23.24 -9.94
CA PHE K 334 -47.19 24.15 -8.82
C PHE K 334 -48.34 25.15 -8.72
N ARG K 335 -48.41 25.82 -7.58
CA ARG K 335 -49.42 26.84 -7.31
C ARG K 335 -48.67 28.15 -7.06
N LYS K 336 -48.39 28.87 -8.14
CA LYS K 336 -47.57 30.08 -8.08
C LYS K 336 -48.47 31.31 -7.90
N GLN K 337 -49.18 31.33 -6.78
CA GLN K 337 -50.04 32.46 -6.49
C GLN K 337 -49.18 33.70 -6.20
N LYS K 338 -49.86 34.85 -6.10
CA LYS K 338 -49.17 36.10 -5.86
C LYS K 338 -48.47 36.07 -4.51
N MET K 339 -47.34 36.76 -4.43
CA MET K 339 -46.59 36.82 -3.17
C MET K 339 -47.45 37.41 -2.06
N LEU K 340 -48.31 38.38 -2.39
CA LEU K 340 -49.13 38.99 -1.36
C LEU K 340 -50.07 37.96 -0.73
N ASP K 341 -50.79 37.21 -1.55
CA ASP K 341 -51.74 36.24 -1.01
C ASP K 341 -51.03 35.13 -0.24
N ALA K 342 -49.94 34.60 -0.81
CA ALA K 342 -49.21 33.52 -0.14
C ALA K 342 -48.65 33.99 1.19
N ALA K 343 -48.05 35.19 1.21
CA ALA K 343 -47.53 35.72 2.46
C ALA K 343 -48.65 35.93 3.48
N LEU K 344 -49.71 36.63 3.08
CA LEU K 344 -50.82 36.87 3.99
C LEU K 344 -51.37 35.57 4.57
N ASP K 345 -51.40 34.52 3.76
CA ASP K 345 -51.75 33.20 4.29
C ASP K 345 -50.72 32.74 5.31
N GLN K 346 -49.44 32.95 5.03
CA GLN K 346 -48.40 32.56 5.96
C GLN K 346 -48.50 33.36 7.25
N LEU K 347 -48.53 34.69 7.15
CA LEU K 347 -48.60 35.53 8.35
C LEU K 347 -50.04 35.90 8.70
N LYS K 348 -50.90 34.88 8.76
CA LYS K 348 -52.26 35.03 9.28
C LYS K 348 -52.24 34.53 10.72
N THR K 349 -52.15 35.45 11.66
CA THR K 349 -51.95 35.12 13.06
C THR K 349 -53.11 35.64 13.90
N GLU K 350 -53.47 34.89 14.93
CA GLU K 350 -54.41 35.31 15.95
C GLU K 350 -53.69 35.19 17.29
N TYR K 351 -52.93 36.23 17.64
CA TYR K 351 -52.20 36.21 18.90
C TYR K 351 -53.12 36.62 20.04
N THR K 352 -52.91 36.00 21.20
CA THR K 352 -53.77 36.23 22.35
C THR K 352 -52.93 36.36 23.60
N GLU K 353 -53.42 37.15 24.54
CA GLU K 353 -52.87 37.20 25.90
C GLU K 353 -53.41 36.08 26.78
N ASP K 354 -54.31 35.26 26.26
CA ASP K 354 -54.99 34.22 27.04
C ASP K 354 -54.25 32.89 27.00
N VAL K 355 -52.95 32.91 26.81
CA VAL K 355 -52.16 31.69 26.71
C VAL K 355 -51.75 31.23 28.11
N ASP K 356 -51.35 29.97 28.20
CA ASP K 356 -50.89 29.40 29.47
C ASP K 356 -49.50 29.95 29.76
N ASP K 357 -49.41 30.84 30.75
CA ASP K 357 -48.13 31.44 31.10
C ASP K 357 -47.13 30.39 31.56
N GLU K 358 -47.59 29.42 32.36
CA GLU K 358 -46.72 28.38 32.86
C GLU K 358 -46.06 27.62 31.72
N MET K 359 -46.86 27.21 30.73
CA MET K 359 -46.32 26.47 29.59
C MET K 359 -45.30 27.30 28.82
N TYR K 360 -45.59 28.57 28.61
CA TYR K 360 -44.67 29.40 27.84
C TYR K 360 -43.36 29.62 28.58
N ARG K 361 -43.43 29.82 29.90
CA ARG K 361 -42.20 29.96 30.68
C ARG K 361 -41.38 28.68 30.65
N GLU K 362 -42.03 27.52 30.77
CA GLU K 362 -41.29 26.27 30.68
C GLU K 362 -40.67 26.08 29.30
N TYR K 363 -41.40 26.43 28.25
CA TYR K 363 -40.89 26.30 26.89
C TYR K 363 -39.70 27.21 26.66
N THR K 364 -39.77 28.45 27.16
CA THR K 364 -38.64 29.36 27.08
C THR K 364 -37.43 28.83 27.84
N MET K 365 -37.68 28.29 29.03
CA MET K 365 -36.59 27.71 29.82
C MET K 365 -35.94 26.54 29.09
N LEU K 366 -36.75 25.70 28.45
CA LEU K 366 -36.20 24.58 27.70
C LEU K 366 -35.38 25.06 26.51
N ILE K 367 -35.82 26.11 25.84
CA ILE K 367 -35.03 26.67 24.74
C ILE K 367 -33.69 27.17 25.27
N ARG K 368 -33.71 27.89 26.39
CA ARG K 368 -32.47 28.38 26.99
C ARG K 368 -31.55 27.21 27.33
N ASP K 369 -32.10 26.17 27.93
CA ASP K 369 -31.30 25.02 28.32
C ASP K 369 -30.69 24.34 27.11
N GLU K 370 -31.45 24.20 26.02
CA GLU K 370 -30.92 23.59 24.81
C GLU K 370 -29.79 24.43 24.21
N VAL K 371 -29.96 25.75 24.18
CA VAL K 371 -28.90 26.61 23.65
C VAL K 371 -27.63 26.45 24.49
N VAL K 372 -27.79 26.47 25.81
CA VAL K 372 -26.63 26.33 26.70
C VAL K 372 -25.97 24.97 26.49
N LYS K 373 -26.77 23.90 26.38
CA LYS K 373 -26.19 22.58 26.15
C LYS K 373 -25.41 22.55 24.85
N MET K 374 -25.96 23.17 23.80
CA MET K 374 -25.29 23.16 22.51
C MET K 374 -23.96 23.90 22.55
N LEU K 375 -23.91 25.04 23.25
CA LEU K 375 -22.77 25.94 23.13
C LEU K 375 -21.87 25.99 24.36
N GLU K 376 -22.11 25.16 25.39
CA GLU K 376 -21.32 25.27 26.62
C GLU K 376 -19.86 24.93 26.38
N GLU K 377 -19.58 23.74 25.85
CA GLU K 377 -18.20 23.29 25.73
C GLU K 377 -17.38 24.19 24.82
N PRO K 378 -17.81 24.53 23.60
CA PRO K 378 -17.02 25.47 22.80
C PRO K 378 -16.84 26.83 23.46
N VAL K 379 -17.87 27.32 24.17
CA VAL K 379 -17.75 28.62 24.82
C VAL K 379 -16.80 28.53 26.01
N LYS K 380 -16.88 27.45 26.79
CA LYS K 380 -16.04 27.32 27.97
C LYS K 380 -14.57 27.17 27.59
N HIS K 381 -14.29 26.45 26.50
CA HIS K 381 -12.93 26.10 26.11
C HIS K 381 -12.35 27.03 25.07
N ASP K 382 -12.99 28.16 24.79
CA ASP K 382 -12.47 29.16 23.86
C ASP K 382 -12.21 28.53 22.48
N ASP K 383 -13.29 28.02 21.88
CA ASP K 383 -13.18 27.42 20.56
C ASP K 383 -12.70 28.46 19.55
N HIS K 384 -11.83 28.04 18.65
CA HIS K 384 -11.24 28.97 17.69
C HIS K 384 -12.29 29.57 16.77
N LEU K 385 -13.34 28.81 16.43
CA LEU K 385 -14.35 29.31 15.53
C LEU K 385 -15.10 30.49 16.15
N LEU K 386 -15.40 30.40 17.44
CA LEU K 386 -16.08 31.51 18.12
C LEU K 386 -15.13 32.69 18.34
N GLN K 387 -13.82 32.43 18.40
CA GLN K 387 -12.87 33.52 18.50
C GLN K 387 -12.73 34.25 17.16
N ASP K 388 -12.82 33.52 16.06
CA ASP K 388 -12.67 34.08 14.72
C ASP K 388 -13.99 33.95 13.97
N SER K 389 -15.09 34.31 14.63
CA SER K 389 -16.41 34.14 14.03
C SER K 389 -16.55 34.95 12.74
N GLU K 390 -16.05 36.18 12.74
CA GLU K 390 -16.15 36.99 11.53
C GLU K 390 -15.36 36.37 10.38
N LEU K 391 -14.15 35.89 10.66
CA LEU K 391 -13.35 35.25 9.62
C LEU K 391 -14.02 33.97 9.13
N ALA K 392 -14.60 33.20 10.05
CA ALA K 392 -15.31 31.99 9.65
C ALA K 392 -16.48 32.32 8.74
N GLY K 393 -17.25 33.35 9.09
CA GLY K 393 -18.35 33.76 8.23
C GLY K 393 -17.88 34.23 6.87
N LEU K 394 -16.78 34.99 6.83
CA LEU K 394 -16.23 35.42 5.56
C LEU K 394 -15.82 34.23 4.71
N LEU K 395 -15.18 33.24 5.32
CA LEU K 395 -14.74 32.07 4.56
C LEU K 395 -15.91 31.22 4.10
N SER K 396 -17.02 31.21 4.86
CA SER K 396 -18.16 30.38 4.55
C SER K 396 -19.26 31.12 3.81
N MET K 397 -19.05 32.40 3.46
CA MET K 397 -20.08 33.17 2.77
C MET K 397 -20.70 32.42 1.59
N SER K 398 -19.94 31.57 0.92
CA SER K 398 -20.47 30.85 -0.23
C SER K 398 -21.65 29.97 0.14
N SER K 399 -21.75 29.54 1.40
CA SER K 399 -22.86 28.71 1.84
C SER K 399 -24.04 29.51 2.37
N ALA K 400 -23.98 30.84 2.29
CA ALA K 400 -25.06 31.67 2.79
C ALA K 400 -26.21 31.73 1.78
N SER K 401 -27.37 32.14 2.27
CA SER K 401 -28.52 32.34 1.40
C SER K 401 -28.31 33.58 0.53
N ASN K 402 -29.10 33.67 -0.54
CA ASN K 402 -29.02 34.81 -1.42
C ASN K 402 -29.52 36.06 -0.72
N GLY K 403 -28.82 37.17 -0.92
CA GLY K 403 -29.28 38.46 -0.47
C GLY K 403 -30.22 39.07 -1.49
N GLU K 404 -30.58 40.34 -1.24
CA GLU K 404 -31.34 41.09 -2.22
C GLU K 404 -30.37 41.73 -3.21
N SER K 405 -30.78 41.80 -4.46
CA SER K 405 -29.90 42.30 -5.51
C SER K 405 -29.44 43.71 -5.21
N ARG K 406 -28.13 43.94 -5.35
CA ARG K 406 -27.54 45.26 -5.18
C ARG K 406 -26.64 45.54 -6.37
N GLN K 407 -26.52 46.83 -6.69
CA GLN K 407 -25.67 47.26 -7.80
C GLN K 407 -24.22 47.30 -7.31
N LEU K 408 -23.43 46.34 -7.74
CA LEU K 408 -22.02 46.27 -7.42
C LEU K 408 -21.20 46.69 -8.64
N LYS K 409 -20.02 47.25 -8.39
CA LYS K 409 -19.09 47.59 -9.45
C LYS K 409 -17.73 46.99 -9.15
N PHE K 410 -17.17 46.30 -10.14
CA PHE K 410 -15.83 45.72 -10.05
C PHE K 410 -15.03 46.27 -11.23
N GLY K 411 -13.95 46.98 -10.91
CA GLY K 411 -13.20 47.64 -11.97
C GLY K 411 -14.11 48.60 -12.71
N ARG K 412 -14.21 48.42 -14.02
CA ARG K 412 -15.08 49.23 -14.87
C ARG K 412 -16.38 48.53 -15.22
N LYS K 413 -16.66 47.38 -14.64
CA LYS K 413 -17.87 46.62 -14.93
C LYS K 413 -18.89 46.78 -13.80
N THR K 414 -20.16 46.76 -14.17
CA THR K 414 -21.28 46.85 -13.24
C THR K 414 -22.07 45.56 -13.28
N ILE K 415 -22.36 45.00 -12.11
CA ILE K 415 -23.09 43.75 -11.99
C ILE K 415 -24.17 43.93 -10.93
N PHE K 416 -25.12 43.00 -10.91
CA PHE K 416 -26.27 43.04 -10.03
C PHE K 416 -26.39 41.75 -9.24
N SER K 417 -25.28 41.34 -8.63
CA SER K 417 -25.22 40.09 -7.88
C SER K 417 -26.12 40.15 -6.65
N THR K 418 -26.68 38.98 -6.31
CA THR K 418 -27.33 38.77 -5.02
C THR K 418 -26.44 38.00 -4.04
N LYS K 419 -25.22 37.66 -4.45
CA LYS K 419 -24.33 36.87 -3.60
C LYS K 419 -23.77 37.75 -2.50
N LYS K 420 -23.83 37.23 -1.26
CA LYS K 420 -23.43 38.03 -0.10
C LYS K 420 -21.92 38.24 -0.06
N ASN K 421 -21.13 37.32 -0.60
CA ASN K 421 -19.68 37.53 -0.62
C ASN K 421 -19.31 38.72 -1.48
N MET K 422 -19.97 38.88 -2.63
CA MET K 422 -19.72 40.03 -3.48
C MET K 422 -20.21 41.31 -2.83
N HIS K 423 -21.32 41.24 -2.09
CA HIS K 423 -21.75 42.39 -1.30
C HIS K 423 -20.70 42.78 -0.28
N VAL K 424 -20.09 41.79 0.38
CA VAL K 424 -19.04 42.07 1.35
C VAL K 424 -17.85 42.71 0.67
N MET K 425 -17.48 42.20 -0.51
CA MET K 425 -16.40 42.83 -1.28
C MET K 425 -16.69 44.30 -1.55
N ASP K 426 -17.90 44.57 -2.07
CA ASP K 426 -18.25 45.94 -2.43
C ASP K 426 -18.25 46.84 -1.19
N ASP K 427 -18.80 46.36 -0.08
CA ASP K 427 -18.83 47.19 1.13
C ASP K 427 -17.44 47.43 1.68
N MET K 428 -16.57 46.43 1.62
CA MET K 428 -15.18 46.62 2.04
C MET K 428 -14.51 47.68 1.19
N ALA K 429 -14.73 47.65 -0.12
CA ALA K 429 -14.08 48.62 -1.01
C ALA K 429 -14.57 50.05 -0.76
N ASN K 430 -15.79 50.22 -0.25
CA ASN K 430 -16.39 51.54 -0.08
C ASN K 430 -16.50 51.94 1.39
N GLY K 431 -15.82 51.24 2.28
CA GLY K 431 -15.85 51.60 3.69
C GLY K 431 -17.21 51.43 4.34
N ARG K 432 -17.96 50.40 3.95
CA ARG K 432 -19.28 50.12 4.51
C ARG K 432 -19.32 48.78 5.23
N TYR K 433 -18.18 48.12 5.41
CA TYR K 433 -18.12 46.79 6.03
C TYR K 433 -18.03 46.96 7.54
N THR K 434 -19.15 46.72 8.22
CA THR K 434 -19.25 46.89 9.68
C THR K 434 -19.92 45.65 10.26
N PRO K 435 -19.18 44.55 10.43
CA PRO K 435 -19.76 43.37 11.06
C PRO K 435 -20.27 43.63 12.47
N GLY K 436 -19.61 44.53 13.20
CA GLY K 436 -20.00 44.80 14.58
C GLY K 436 -21.38 45.42 14.74
N ILE K 437 -21.98 45.88 13.65
CA ILE K 437 -23.30 46.51 13.68
C ILE K 437 -24.25 45.62 12.90
N ILE K 438 -25.32 45.18 13.56
CA ILE K 438 -26.38 44.41 12.92
C ILE K 438 -27.44 45.39 12.44
N PRO K 439 -27.67 45.53 11.14
CA PRO K 439 -28.68 46.48 10.67
C PRO K 439 -30.07 46.10 11.19
N PRO K 440 -30.89 47.08 11.56
CA PRO K 440 -32.25 46.74 11.99
C PRO K 440 -33.09 46.24 10.82
N VAL K 441 -34.10 45.44 11.16
CA VAL K 441 -34.99 44.84 10.18
C VAL K 441 -36.41 45.30 10.46
N ASN K 442 -36.54 46.47 11.08
CA ASN K 442 -37.83 46.98 11.51
C ASN K 442 -38.50 47.77 10.38
N VAL K 443 -39.54 48.54 10.72
CA VAL K 443 -40.31 49.26 9.71
C VAL K 443 -39.44 50.19 8.88
N ASP K 444 -38.29 50.62 9.40
CA ASP K 444 -37.40 51.48 8.62
C ASP K 444 -36.67 50.69 7.52
N LYS K 445 -36.28 49.45 7.80
CA LYS K 445 -35.60 48.60 6.81
C LYS K 445 -36.27 47.23 6.83
N PRO K 446 -37.50 47.14 6.34
CA PRO K 446 -38.23 45.86 6.38
C PRO K 446 -37.58 44.80 5.51
N ILE K 447 -37.83 43.55 5.90
CA ILE K 447 -37.15 42.40 5.27
C ILE K 447 -37.82 42.10 3.93
N PRO K 448 -37.07 42.02 2.83
CA PRO K 448 -37.63 41.44 1.61
C PRO K 448 -37.84 39.94 1.75
N LEU K 449 -38.83 39.43 1.02
CA LEU K 449 -39.28 38.05 1.15
C LEU K 449 -39.12 37.31 -0.16
N GLY K 450 -38.46 36.15 -0.11
CA GLY K 450 -38.58 35.15 -1.15
C GLY K 450 -39.62 34.12 -0.79
N ARG K 451 -39.82 33.17 -1.69
CA ARG K 451 -40.83 32.14 -1.49
C ARG K 451 -40.29 30.78 -1.87
N ARG K 452 -40.68 29.77 -1.10
CA ARG K 452 -40.45 28.37 -1.42
C ARG K 452 -41.80 27.73 -1.70
N ASP K 453 -41.94 27.15 -2.89
CA ASP K 453 -43.18 26.52 -3.32
C ASP K 453 -42.95 25.04 -3.56
N VAL K 454 -43.85 24.22 -3.05
CA VAL K 454 -43.81 22.78 -3.26
C VAL K 454 -45.21 22.35 -3.65
N PRO K 455 -45.39 21.45 -4.64
CA PRO K 455 -46.75 21.05 -5.00
C PRO K 455 -47.49 20.45 -3.82
N GLY K 456 -48.77 20.78 -3.72
CA GLY K 456 -49.59 20.33 -2.60
C GLY K 456 -49.42 21.15 -1.34
N ARG K 457 -48.18 21.41 -0.92
CA ARG K 457 -47.92 22.16 0.28
C ARG K 457 -48.12 23.65 0.06
N ARG K 458 -48.42 24.36 1.15
CA ARG K 458 -48.54 25.80 1.09
C ARG K 458 -47.16 26.45 0.91
N THR K 459 -47.17 27.66 0.34
CA THR K 459 -45.94 28.38 0.12
C THR K 459 -45.35 28.86 1.44
N ARG K 460 -44.02 28.86 1.51
CA ARG K 460 -43.29 29.33 2.68
C ARG K 460 -42.56 30.62 2.35
N ILE K 461 -42.53 31.55 3.28
CA ILE K 461 -41.80 32.80 3.10
C ILE K 461 -40.36 32.59 3.54
N ILE K 462 -39.45 33.33 2.93
CA ILE K 462 -38.02 33.24 3.21
C ILE K 462 -37.52 34.65 3.45
N PHE K 463 -36.86 34.87 4.58
CA PHE K 463 -36.20 36.15 4.81
C PHE K 463 -35.07 36.34 3.83
N ILE K 464 -34.87 37.58 3.38
CA ILE K 464 -33.66 37.97 2.65
C ILE K 464 -32.98 39.01 3.51
N LEU K 465 -32.00 38.59 4.30
CA LEU K 465 -31.36 39.42 5.30
C LEU K 465 -30.05 39.97 4.77
N PRO K 466 -29.55 41.06 5.35
CA PRO K 466 -28.19 41.51 5.03
C PRO K 466 -27.16 40.49 5.50
N TYR K 467 -25.97 40.57 4.89
CA TYR K 467 -24.94 39.57 5.17
C TYR K 467 -24.43 39.64 6.59
N GLU K 468 -24.66 40.75 7.30
CA GLU K 468 -24.20 40.86 8.68
C GLU K 468 -24.86 39.81 9.56
N TYR K 469 -26.12 39.46 9.30
CA TYR K 469 -26.78 38.43 10.07
C TYR K 469 -26.08 37.09 9.91
N PHE K 470 -25.72 36.73 8.68
CA PHE K 470 -24.99 35.49 8.45
C PHE K 470 -23.63 35.54 9.13
N ILE K 471 -22.92 36.66 9.02
CA ILE K 471 -21.61 36.77 9.65
C ILE K 471 -21.74 36.58 11.16
N ALA K 472 -22.77 37.16 11.76
CA ALA K 472 -22.93 37.08 13.20
C ALA K 472 -23.35 35.69 13.65
N GLN K 473 -24.14 34.98 12.84
CA GLN K 473 -24.74 33.72 13.26
C GLN K 473 -23.97 32.47 12.83
N HIS K 474 -23.03 32.60 11.90
CA HIS K 474 -22.48 31.40 11.26
C HIS K 474 -21.78 30.48 12.26
N ALA K 475 -20.85 31.02 13.04
CA ALA K 475 -20.05 30.17 13.92
C ALA K 475 -20.90 29.55 15.02
N VAL K 476 -21.80 30.33 15.63
CA VAL K 476 -22.66 29.80 16.68
C VAL K 476 -23.54 28.70 16.12
N VAL K 477 -24.12 28.92 14.93
CA VAL K 477 -24.97 27.90 14.35
C VAL K 477 -24.17 26.66 13.96
N GLU K 478 -22.91 26.85 13.56
CA GLU K 478 -22.07 25.69 13.25
C GLU K 478 -21.80 24.86 14.49
N LYS K 479 -21.55 25.51 15.63
CA LYS K 479 -21.45 24.76 16.89
C LYS K 479 -22.76 24.06 17.21
N MET K 480 -23.88 24.72 16.98
CA MET K 480 -25.19 24.09 17.20
C MET K 480 -25.34 22.85 16.35
N LEU K 481 -24.93 22.92 15.07
CA LEU K 481 -25.02 21.76 14.19
C LEU K 481 -24.09 20.65 14.64
N ILE K 482 -22.90 21.01 15.12
CA ILE K 482 -22.01 19.99 15.66
C ILE K 482 -22.70 19.24 16.80
N TYR K 483 -23.35 19.98 17.69
CA TYR K 483 -24.05 19.32 18.79
C TYR K 483 -25.21 18.47 18.27
N ALA K 484 -25.98 19.00 17.32
CA ALA K 484 -27.18 18.33 16.86
C ALA K 484 -26.87 17.10 16.01
N LYS K 485 -25.67 17.00 15.45
CA LYS K 485 -25.34 15.83 14.64
C LYS K 485 -25.29 14.56 15.46
N HIS K 486 -24.96 14.65 16.75
CA HIS K 486 -24.88 13.49 17.62
C HIS K 486 -26.07 13.38 18.56
N THR K 487 -27.10 14.19 18.37
CA THR K 487 -28.31 14.15 19.19
C THR K 487 -29.41 13.50 18.35
N ARG K 488 -29.90 12.34 18.80
CA ARG K 488 -30.82 11.56 18.01
C ARG K 488 -32.15 12.27 17.80
N GLU K 489 -32.55 13.14 18.73
CA GLU K 489 -33.83 13.82 18.62
C GLU K 489 -33.92 14.67 17.36
N TYR K 490 -32.79 15.26 16.94
CA TYR K 490 -32.77 16.15 15.77
C TYR K 490 -32.59 15.28 14.53
N ALA K 491 -33.73 14.82 13.99
CA ALA K 491 -33.70 13.94 12.83
C ALA K 491 -33.08 14.63 11.61
N GLU K 492 -33.26 15.95 11.49
CA GLU K 492 -32.72 16.67 10.34
C GLU K 492 -31.21 16.67 10.35
N PHE K 493 -30.59 16.71 11.54
CA PHE K 493 -29.15 16.85 11.66
C PHE K 493 -28.44 15.59 12.12
N TYR K 494 -29.11 14.69 12.82
CA TYR K 494 -28.43 13.54 13.40
C TYR K 494 -27.83 12.67 12.31
N SER K 495 -26.55 12.34 12.47
CA SER K 495 -25.83 11.48 11.55
C SER K 495 -24.49 11.12 12.17
N GLN K 496 -24.05 9.88 11.97
CA GLN K 496 -22.75 9.50 12.51
C GLN K 496 -21.61 10.12 11.71
N SER K 497 -21.68 10.09 10.38
CA SER K 497 -20.68 10.76 9.55
C SER K 497 -21.27 11.86 8.68
N ASN K 498 -22.10 11.53 7.69
CA ASN K 498 -22.73 12.54 6.84
C ASN K 498 -24.17 12.24 6.44
N GLN K 499 -24.60 10.98 6.46
CA GLN K 499 -25.90 10.59 5.94
C GLN K 499 -26.94 10.64 7.05
N LEU K 500 -28.13 11.14 6.71
CA LEU K 500 -29.22 11.24 7.66
C LEU K 500 -30.00 9.93 7.73
N LEU K 501 -30.83 9.81 8.77
CA LEU K 501 -31.73 8.66 8.90
C LEU K 501 -32.87 8.86 7.89
N SER K 502 -32.56 8.58 6.63
CA SER K 502 -33.50 8.87 5.55
C SER K 502 -34.73 7.99 5.59
N TYR K 503 -34.64 6.80 6.18
CA TYR K 503 -35.80 5.96 6.40
C TYR K 503 -36.53 6.30 7.69
N GLY K 504 -35.97 7.17 8.52
CA GLY K 504 -36.57 7.54 9.78
C GLY K 504 -36.35 6.48 10.84
N ASP K 505 -36.61 6.87 12.09
CA ASP K 505 -36.61 5.94 13.23
C ASP K 505 -37.92 6.14 13.98
N VAL K 506 -38.94 5.39 13.55
CA VAL K 506 -40.23 5.37 14.23
C VAL K 506 -40.76 3.97 14.45
N THR K 507 -40.34 2.99 13.66
CA THR K 507 -40.88 1.64 13.71
C THR K 507 -40.24 0.78 14.79
N ARG K 508 -39.17 1.23 15.42
CA ARG K 508 -38.53 0.43 16.46
C ARG K 508 -39.48 0.22 17.64
N PHE K 509 -40.16 1.27 18.07
CA PHE K 509 -40.98 1.23 19.27
C PHE K 509 -42.47 1.11 18.96
N LEU K 510 -42.83 0.92 17.71
CA LEU K 510 -44.22 0.63 17.39
C LEU K 510 -44.59 -0.74 17.97
N SER K 511 -45.66 -0.76 18.76
CA SER K 511 -46.09 -1.98 19.42
C SER K 511 -47.59 -1.87 19.70
N ASN K 512 -48.12 -2.90 20.36
CA ASN K 512 -49.52 -2.90 20.72
C ASN K 512 -49.79 -2.20 22.04
N ASN K 513 -48.75 -1.84 22.79
CA ASN K 513 -48.85 -0.97 23.94
C ASN K 513 -48.28 0.41 23.67
N SER K 514 -48.02 0.73 22.40
CA SER K 514 -47.42 2.00 22.00
C SER K 514 -48.26 2.67 20.94
N MET K 515 -48.23 3.99 20.95
CA MET K 515 -48.85 4.79 19.89
C MET K 515 -47.88 5.88 19.47
N VAL K 516 -47.91 6.22 18.18
CA VAL K 516 -47.07 7.28 17.63
C VAL K 516 -47.95 8.48 17.33
N LEU K 517 -47.59 9.62 17.91
CA LEU K 517 -48.23 10.90 17.63
C LEU K 517 -47.35 11.65 16.65
N TYR K 518 -47.93 12.03 15.51
CA TYR K 518 -47.22 12.81 14.51
C TYR K 518 -48.04 14.04 14.17
N THR K 519 -47.33 15.15 13.94
CA THR K 519 -47.94 16.45 13.72
C THR K 519 -47.16 17.19 12.64
N ASP K 520 -47.90 17.78 11.70
CA ASP K 520 -47.30 18.69 10.72
C ASP K 520 -47.11 20.05 11.36
N VAL K 521 -45.90 20.59 11.24
CA VAL K 521 -45.55 21.84 11.89
C VAL K 521 -45.01 22.84 10.87
N SER K 522 -45.27 22.58 9.58
CA SER K 522 -44.81 23.49 8.54
C SER K 522 -45.50 24.84 8.59
N GLN K 523 -46.67 24.92 9.22
CA GLN K 523 -47.43 26.16 9.29
C GLN K 523 -47.13 26.95 10.56
N TRP K 524 -46.18 26.51 11.37
CA TRP K 524 -45.82 27.21 12.61
C TRP K 524 -44.67 28.18 12.37
N ASP K 525 -44.79 29.05 11.37
CA ASP K 525 -43.78 30.08 11.15
C ASP K 525 -44.13 31.37 11.86
N SER K 526 -45.41 31.74 11.84
CA SER K 526 -45.89 32.94 12.50
C SER K 526 -46.68 32.63 13.78
N SER K 527 -46.53 31.42 14.30
CA SER K 527 -47.21 31.06 15.54
C SER K 527 -46.67 31.90 16.70
N GLN K 528 -47.51 32.04 17.72
CA GLN K 528 -47.16 32.87 18.87
C GLN K 528 -45.94 32.34 19.62
N HIS K 529 -45.62 31.05 19.50
CA HIS K 529 -44.46 30.52 20.20
C HIS K 529 -43.16 30.80 19.47
N ASN K 530 -43.22 31.22 18.21
CA ASN K 530 -42.05 31.68 17.48
C ASN K 530 -41.83 33.18 17.62
N THR K 531 -42.66 33.85 18.41
CA THR K 531 -42.53 35.25 18.71
C THR K 531 -41.63 35.40 19.93
N GLN K 532 -41.68 36.54 20.62
CA GLN K 532 -40.83 36.90 21.75
C GLN K 532 -40.38 35.74 22.63
N PRO K 533 -41.25 34.79 23.01
CA PRO K 533 -40.75 33.67 23.85
C PRO K 533 -39.57 32.94 23.25
N PHE K 534 -39.61 32.61 21.96
CA PHE K 534 -38.54 31.84 21.33
C PHE K 534 -37.24 32.64 21.27
N ARG K 535 -37.31 33.87 20.76
CA ARG K 535 -36.12 34.70 20.65
C ARG K 535 -35.53 34.99 22.03
N LYS K 536 -36.39 35.23 23.02
CA LYS K 536 -35.91 35.56 24.35
C LYS K 536 -35.34 34.35 25.05
N GLY K 537 -35.85 33.14 24.76
CA GLY K 537 -35.17 31.95 25.23
C GLY K 537 -33.77 31.82 24.68
N ILE K 538 -33.61 32.07 23.38
CA ILE K 538 -32.27 32.04 22.79
C ILE K 538 -31.38 33.11 23.43
N ILE K 539 -31.95 34.30 23.66
CA ILE K 539 -31.18 35.39 24.25
C ILE K 539 -30.75 35.04 25.66
N MET K 540 -31.63 34.41 26.44
CA MET K 540 -31.26 33.99 27.79
C MET K 540 -30.17 32.94 27.75
N GLY K 541 -30.24 32.02 26.80
CA GLY K 541 -29.16 31.06 26.65
C GLY K 541 -27.84 31.75 26.36
N LEU K 542 -27.86 32.75 25.47
CA LEU K 542 -26.63 33.48 25.16
C LEU K 542 -26.13 34.25 26.38
N ASP K 543 -27.04 34.83 27.16
CA ASP K 543 -26.63 35.55 28.36
C ASP K 543 -25.97 34.61 29.36
N MET K 544 -26.51 33.40 29.52
CA MET K 544 -25.88 32.41 30.37
C MET K 544 -24.50 32.04 29.84
N LEU K 545 -24.38 31.85 28.52
CA LEU K 545 -23.10 31.46 27.93
C LEU K 545 -22.05 32.56 28.08
N ALA K 546 -22.49 33.82 28.11
CA ALA K 546 -21.54 34.93 28.25
C ALA K 546 -20.78 34.86 29.57
N ASN K 547 -21.38 34.28 30.60
CA ASN K 547 -20.73 34.17 31.90
C ASN K 547 -19.80 32.97 32.01
N MET K 548 -19.74 32.13 30.99
CA MET K 548 -18.92 30.92 31.02
C MET K 548 -17.60 31.08 30.29
N THR K 549 -17.25 32.30 29.86
CA THR K 549 -16.07 32.52 29.05
C THR K 549 -15.37 33.78 29.51
N ASN K 550 -14.04 33.80 29.36
CA ASN K 550 -13.21 34.95 29.67
C ASN K 550 -12.62 35.60 28.42
N ASP K 551 -12.88 35.04 27.24
CA ASP K 551 -12.34 35.59 26.00
C ASP K 551 -13.26 36.70 25.49
N ALA K 552 -12.68 37.87 25.24
CA ALA K 552 -13.47 38.99 24.75
C ALA K 552 -14.03 38.72 23.37
N ARG K 553 -13.32 37.93 22.54
CA ARG K 553 -13.79 37.67 21.19
C ARG K 553 -15.00 36.74 21.20
N VAL K 554 -15.00 35.72 22.05
CA VAL K 554 -16.17 34.86 22.19
C VAL K 554 -17.35 35.67 22.72
N ILE K 555 -17.09 36.57 23.66
CA ILE K 555 -18.16 37.40 24.21
C ILE K 555 -18.72 38.31 23.12
N GLN K 556 -17.86 38.85 22.26
CA GLN K 556 -18.34 39.70 21.17
C GLN K 556 -19.16 38.90 20.17
N THR K 557 -18.73 37.67 19.87
CA THR K 557 -19.52 36.79 19.00
C THR K 557 -20.91 36.55 19.58
N LEU K 558 -20.97 36.23 20.88
CA LEU K 558 -22.25 35.98 21.52
C LEU K 558 -23.10 37.25 21.54
N ASN K 559 -22.46 38.40 21.75
CA ASN K 559 -23.19 39.66 21.74
C ASN K 559 -23.80 39.94 20.37
N LEU K 560 -23.04 39.66 19.31
CA LEU K 560 -23.57 39.90 17.96
C LEU K 560 -24.72 38.95 17.65
N TYR K 561 -24.62 37.69 18.08
CA TYR K 561 -25.74 36.78 17.89
C TYR K 561 -26.96 37.25 18.67
N LYS K 562 -26.76 37.70 19.91
CA LYS K 562 -27.87 38.22 20.70
C LYS K 562 -28.49 39.43 20.04
N GLN K 563 -27.67 40.30 19.45
CA GLN K 563 -28.19 41.48 18.77
C GLN K 563 -29.00 41.08 17.54
N THR K 564 -28.56 40.06 16.80
CA THR K 564 -29.36 39.56 15.70
C THR K 564 -30.72 39.09 16.18
N GLN K 565 -30.75 38.34 17.28
CA GLN K 565 -32.04 37.88 17.81
C GLN K 565 -32.91 39.05 18.25
N ILE K 566 -32.32 40.04 18.92
CA ILE K 566 -33.08 41.19 19.39
C ILE K 566 -33.68 41.94 18.21
N ASN K 567 -32.89 42.14 17.16
CA ASN K 567 -33.39 42.83 15.97
C ASN K 567 -34.52 42.02 15.32
N LEU K 568 -34.34 40.70 15.21
CA LEU K 568 -35.36 39.88 14.57
C LEU K 568 -36.61 39.75 15.41
N MET K 569 -36.55 40.09 16.70
CA MET K 569 -37.76 40.08 17.51
C MET K 569 -38.75 41.13 17.02
N ASP K 570 -38.27 42.31 16.66
CA ASP K 570 -39.10 43.39 16.13
C ASP K 570 -38.68 43.63 14.68
N SER K 571 -39.27 42.86 13.77
CA SER K 571 -38.92 42.92 12.37
C SER K 571 -40.18 43.13 11.53
N TYR K 572 -39.98 43.75 10.37
CA TYR K 572 -41.03 43.93 9.38
C TYR K 572 -40.62 43.23 8.09
N VAL K 573 -41.61 42.92 7.27
CA VAL K 573 -41.39 42.28 5.98
C VAL K 573 -41.97 43.17 4.89
N GLN K 574 -41.32 43.14 3.73
CA GLN K 574 -41.76 43.85 2.54
C GLN K 574 -42.49 42.88 1.63
N ILE K 575 -43.65 43.30 1.12
CA ILE K 575 -44.37 42.55 0.09
C ILE K 575 -44.84 43.52 -0.97
N PRO K 576 -44.43 43.38 -2.23
CA PRO K 576 -45.01 44.22 -3.29
C PRO K 576 -46.47 43.88 -3.54
N ASP K 577 -47.21 44.89 -4.00
CA ASP K 577 -48.61 44.72 -4.39
C ASP K 577 -48.88 45.82 -5.43
N GLY K 578 -48.83 45.46 -6.70
CA GLY K 578 -48.95 46.45 -7.74
C GLY K 578 -47.89 47.52 -7.61
N ASN K 579 -48.31 48.74 -7.27
CA ASN K 579 -47.42 49.88 -7.15
C ASN K 579 -47.20 50.30 -5.69
N VAL K 580 -47.65 49.49 -4.74
CA VAL K 580 -47.54 49.81 -3.31
C VAL K 580 -46.83 48.66 -2.62
N ILE K 581 -45.83 48.98 -1.81
CA ILE K 581 -45.10 48.00 -1.02
C ILE K 581 -45.69 48.00 0.38
N LYS K 582 -46.21 46.85 0.80
CA LYS K 582 -46.74 46.68 2.14
C LYS K 582 -45.61 46.33 3.09
N LYS K 583 -45.46 47.12 4.15
CA LYS K 583 -44.56 46.83 5.26
C LYS K 583 -45.40 46.23 6.38
N ILE K 584 -45.21 44.94 6.64
CA ILE K 584 -46.05 44.20 7.58
C ILE K 584 -45.20 43.77 8.76
N GLN K 585 -45.66 44.11 9.97
CA GLN K 585 -44.95 43.72 11.18
C GLN K 585 -44.87 42.20 11.27
N TYR K 586 -43.67 41.69 11.53
CA TYR K 586 -43.46 40.24 11.59
C TYR K 586 -42.31 39.98 12.55
N GLY K 587 -42.63 39.64 13.79
CA GLY K 587 -41.62 39.34 14.78
C GLY K 587 -41.52 37.85 15.03
N ALA K 588 -41.73 37.05 13.99
CA ALA K 588 -41.76 35.60 14.09
C ALA K 588 -40.65 35.00 13.23
N VAL K 589 -40.66 33.69 13.09
CA VAL K 589 -39.57 32.93 12.49
C VAL K 589 -39.87 32.68 11.02
N ALA K 590 -38.81 32.64 10.22
CA ALA K 590 -38.92 32.24 8.82
C ALA K 590 -37.55 31.78 8.34
N SER K 591 -37.56 31.00 7.27
CA SER K 591 -36.30 30.56 6.66
C SER K 591 -35.61 31.74 5.99
N GLY K 592 -34.38 31.51 5.56
CA GLY K 592 -33.52 32.57 5.09
C GLY K 592 -32.57 33.11 6.13
N GLU K 593 -32.66 32.61 7.37
CA GLU K 593 -31.73 32.94 8.43
C GLU K 593 -30.87 31.72 8.72
N LYS K 594 -29.65 31.98 9.18
CA LYS K 594 -28.69 30.90 9.37
C LYS K 594 -29.19 29.88 10.38
N GLN K 595 -29.78 30.35 11.49
CA GLN K 595 -30.17 29.49 12.59
C GLN K 595 -31.55 28.85 12.41
N THR K 596 -32.24 29.11 11.30
CA THR K 596 -33.64 28.75 11.21
C THR K 596 -33.86 27.26 11.44
N LYS K 597 -33.09 26.42 10.75
CA LYS K 597 -33.33 24.98 10.83
C LYS K 597 -33.10 24.46 12.24
N ALA K 598 -31.92 24.74 12.79
CA ALA K 598 -31.59 24.25 14.13
C ALA K 598 -32.46 24.90 15.19
N ALA K 599 -32.73 26.20 15.05
CA ALA K 599 -33.57 26.88 16.02
C ALA K 599 -34.99 26.33 16.00
N ASN K 600 -35.52 26.04 14.81
CA ASN K 600 -36.84 25.44 14.71
C ASN K 600 -36.85 24.06 15.36
N SER K 601 -35.79 23.27 15.14
CA SER K 601 -35.72 21.97 15.80
C SER K 601 -35.72 22.13 17.32
N ILE K 602 -34.94 23.08 17.84
CA ILE K 602 -34.88 23.29 19.27
C ILE K 602 -36.24 23.68 19.82
N ALA K 603 -36.89 24.65 19.16
CA ALA K 603 -38.17 25.14 19.63
C ALA K 603 -39.22 24.04 19.58
N ASN K 604 -39.23 23.25 18.51
CA ASN K 604 -40.19 22.17 18.40
C ASN K 604 -39.97 21.11 19.47
N LEU K 605 -38.71 20.78 19.76
CA LEU K 605 -38.44 19.82 20.83
C LEU K 605 -38.93 20.34 22.17
N ALA K 606 -38.67 21.62 22.47
CA ALA K 606 -39.14 22.19 23.72
C ALA K 606 -40.66 22.18 23.80
N LEU K 607 -41.32 22.55 22.70
CA LEU K 607 -42.78 22.61 22.69
C LEU K 607 -43.40 21.24 22.89
N ILE K 608 -42.87 20.23 22.20
CA ILE K 608 -43.42 18.88 22.33
C ILE K 608 -43.13 18.33 23.72
N LYS K 609 -41.97 18.65 24.32
CA LYS K 609 -41.73 18.22 25.68
C LYS K 609 -42.74 18.83 26.64
N THR K 610 -43.04 20.12 26.48
CA THR K 610 -44.04 20.76 27.32
C THR K 610 -45.42 20.11 27.15
N VAL K 611 -45.80 19.87 25.90
CA VAL K 611 -47.11 19.29 25.62
C VAL K 611 -47.21 17.88 26.21
N LEU K 612 -46.16 17.07 26.05
CA LEU K 612 -46.18 15.73 26.59
C LEU K 612 -46.22 15.75 28.12
N SER K 613 -45.52 16.72 28.73
CA SER K 613 -45.60 16.89 30.17
C SER K 613 -47.04 17.12 30.61
N ARG K 614 -47.77 17.96 29.88
CA ARG K 614 -49.17 18.17 30.23
C ARG K 614 -50.02 16.94 29.97
N ILE K 615 -49.75 16.22 28.86
CA ILE K 615 -50.54 15.04 28.52
C ILE K 615 -50.33 13.93 29.53
N SER K 616 -49.19 13.91 30.23
CA SER K 616 -49.00 12.90 31.27
C SER K 616 -49.97 13.04 32.43
N ASN K 617 -50.69 14.15 32.52
CA ASN K 617 -51.63 14.36 33.62
C ASN K 617 -52.72 13.30 33.62
N LYS K 618 -53.23 12.94 32.44
CA LYS K 618 -54.37 12.06 32.32
C LYS K 618 -54.00 10.63 31.93
N TYR K 619 -52.74 10.37 31.60
CA TYR K 619 -52.32 9.05 31.17
C TYR K 619 -50.90 8.79 31.64
N SER K 620 -50.63 7.53 31.96
CA SER K 620 -49.29 7.09 32.33
C SER K 620 -48.63 6.45 31.12
N PHE K 621 -47.49 7.00 30.71
CA PHE K 621 -46.79 6.47 29.55
C PHE K 621 -45.33 6.87 29.66
N ALA K 622 -44.49 6.11 28.98
CA ALA K 622 -43.08 6.44 28.80
C ALA K 622 -42.88 6.94 27.38
N THR K 623 -42.29 8.13 27.25
CA THR K 623 -41.96 8.66 25.93
C THR K 623 -40.70 7.95 25.45
N LYS K 624 -40.86 7.09 24.44
CA LYS K 624 -39.73 6.31 23.96
C LYS K 624 -38.78 7.19 23.14
N ILE K 625 -39.30 7.87 22.13
CA ILE K 625 -38.49 8.74 21.29
C ILE K 625 -39.32 9.96 20.90
N ILE K 626 -38.62 11.07 20.71
CA ILE K 626 -39.18 12.29 20.12
C ILE K 626 -38.26 12.69 18.98
N ARG K 627 -38.84 12.94 17.80
CA ARG K 627 -38.09 13.32 16.63
C ARG K 627 -38.71 14.58 16.03
N VAL K 628 -37.86 15.55 15.74
CA VAL K 628 -38.29 16.82 15.12
C VAL K 628 -37.61 16.88 13.77
N ASP K 629 -38.31 16.41 12.74
CA ASP K 629 -37.77 16.31 11.39
C ASP K 629 -38.40 17.43 10.55
N GLY K 630 -37.78 18.60 10.58
CA GLY K 630 -38.18 19.69 9.71
C GLY K 630 -39.63 20.08 9.83
N ASP K 631 -40.42 19.73 8.82
CA ASP K 631 -41.82 20.11 8.75
C ASP K 631 -42.73 19.19 9.55
N ASP K 632 -42.19 18.17 10.21
CA ASP K 632 -42.99 17.24 10.99
C ASP K 632 -42.32 16.96 12.32
N ASN K 633 -43.14 16.58 13.30
CA ASN K 633 -42.67 16.06 14.57
C ASN K 633 -43.38 14.74 14.84
N TYR K 634 -42.70 13.82 15.48
CA TYR K 634 -43.38 12.60 15.92
C TYR K 634 -42.72 12.04 17.18
N ALA K 635 -43.57 11.62 18.10
CA ALA K 635 -43.15 11.03 19.36
C ALA K 635 -43.87 9.71 19.57
N VAL K 636 -43.14 8.73 20.10
CA VAL K 636 -43.70 7.41 20.38
C VAL K 636 -43.91 7.31 21.89
N LEU K 637 -45.15 7.03 22.29
CA LEU K 637 -45.54 6.91 23.69
C LEU K 637 -45.89 5.46 23.97
N GLN K 638 -45.32 4.92 25.05
CA GLN K 638 -45.54 3.54 25.45
C GLN K 638 -46.35 3.50 26.74
N PHE K 639 -47.35 2.62 26.77
CA PHE K 639 -48.28 2.51 27.88
C PHE K 639 -48.12 1.15 28.57
N ASN K 640 -48.63 1.07 29.79
CA ASN K 640 -48.60 -0.17 30.57
C ASN K 640 -49.69 -1.16 30.15
N THR K 641 -50.61 -0.75 29.29
CA THR K 641 -51.66 -1.61 28.76
C THR K 641 -51.58 -1.59 27.25
N GLU K 642 -52.32 -2.49 26.61
CA GLU K 642 -52.43 -2.46 25.16
C GLU K 642 -53.31 -1.29 24.74
N VAL K 643 -52.93 -0.64 23.63
CA VAL K 643 -53.60 0.59 23.22
C VAL K 643 -54.99 0.28 22.70
N THR K 644 -55.97 1.05 23.17
CA THR K 644 -57.35 0.93 22.75
C THR K 644 -57.75 2.13 21.90
N LYS K 645 -58.94 2.03 21.30
CA LYS K 645 -59.47 3.13 20.49
C LYS K 645 -59.64 4.38 21.35
N GLN K 646 -60.20 4.22 22.54
CA GLN K 646 -60.44 5.36 23.41
C GLN K 646 -59.13 6.00 23.83
N MET K 647 -58.10 5.20 24.09
CA MET K 647 -56.80 5.77 24.44
C MET K 647 -56.25 6.62 23.30
N VAL K 648 -56.35 6.13 22.07
CA VAL K 648 -55.83 6.88 20.92
C VAL K 648 -56.60 8.19 20.77
N GLN K 649 -57.93 8.13 20.85
CA GLN K 649 -58.74 9.33 20.69
C GLN K 649 -58.45 10.33 21.80
N ASP K 650 -58.33 9.85 23.04
CA ASP K 650 -58.06 10.74 24.16
C ASP K 650 -56.69 11.39 24.03
N VAL K 651 -55.68 10.62 23.61
CA VAL K 651 -54.35 11.20 23.46
C VAL K 651 -54.36 12.25 22.37
N SER K 652 -55.02 11.97 21.25
CA SER K 652 -55.10 12.96 20.17
C SER K 652 -55.78 14.23 20.64
N ASN K 653 -56.93 14.10 21.31
CA ASN K 653 -57.66 15.28 21.78
C ASN K 653 -56.85 16.05 22.81
N ASP K 654 -56.19 15.35 23.73
CA ASP K 654 -55.39 16.02 24.76
C ASP K 654 -54.22 16.76 24.13
N VAL K 655 -53.55 16.15 23.15
CA VAL K 655 -52.44 16.83 22.49
C VAL K 655 -52.94 18.08 21.79
N ARG K 656 -54.06 17.98 21.08
CA ARG K 656 -54.59 19.14 20.38
C ARG K 656 -54.94 20.26 21.36
N GLU K 657 -55.61 19.91 22.46
CA GLU K 657 -56.03 20.92 23.42
C GLU K 657 -54.85 21.55 24.14
N THR K 658 -53.83 20.74 24.45
CA THR K 658 -52.65 21.26 25.11
C THR K 658 -51.85 22.18 24.20
N TYR K 659 -51.77 21.84 22.90
CA TYR K 659 -51.14 22.74 21.96
C TYR K 659 -51.94 24.04 21.83
N ALA K 660 -53.28 23.93 21.82
CA ALA K 660 -54.12 25.11 21.76
C ALA K 660 -53.94 25.99 22.99
N ARG K 661 -53.64 25.39 24.15
CA ARG K 661 -53.40 26.18 25.35
C ARG K 661 -52.30 27.20 25.13
N MET K 662 -51.33 26.89 24.26
CA MET K 662 -50.26 27.81 23.91
C MET K 662 -50.55 28.58 22.62
N ASN K 663 -51.79 28.52 22.13
CA ASN K 663 -52.23 29.21 20.93
C ASN K 663 -51.67 28.58 19.66
N THR K 664 -51.23 27.33 19.73
CA THR K 664 -50.69 26.62 18.58
C THR K 664 -51.79 25.75 17.98
N LYS K 665 -52.05 25.94 16.69
CA LYS K 665 -53.06 25.17 15.98
C LYS K 665 -52.39 23.93 15.40
N VAL K 666 -52.74 22.76 15.94
CA VAL K 666 -52.12 21.50 15.54
C VAL K 666 -53.21 20.51 15.19
N LYS K 667 -52.96 19.73 14.15
CA LYS K 667 -53.76 18.56 13.81
C LYS K 667 -52.94 17.36 14.26
N ALA K 668 -53.20 16.91 15.49
CA ALA K 668 -52.41 15.86 16.12
C ALA K 668 -52.93 14.50 15.66
N LEU K 669 -52.15 13.81 14.84
CA LEU K 669 -52.55 12.52 14.29
C LEU K 669 -51.89 11.42 15.10
N VAL K 670 -52.70 10.57 15.72
CA VAL K 670 -52.21 9.47 16.55
C VAL K 670 -52.53 8.17 15.83
N SER K 671 -51.51 7.32 15.69
CA SER K 671 -51.66 6.01 15.08
C SER K 671 -50.94 4.99 15.96
N THR K 672 -51.02 3.73 15.57
CA THR K 672 -50.23 2.68 16.20
C THR K 672 -49.33 1.96 15.21
N VAL K 673 -49.47 2.22 13.91
CA VAL K 673 -48.82 1.41 12.89
C VAL K 673 -48.05 2.22 11.86
N GLY K 674 -48.33 3.50 11.66
CA GLY K 674 -47.64 4.26 10.65
C GLY K 674 -47.87 5.73 10.80
N ILE K 675 -46.98 6.50 10.17
CA ILE K 675 -47.03 7.96 10.20
C ILE K 675 -46.93 8.47 8.77
N GLU K 676 -47.25 9.75 8.59
CA GLU K 676 -47.14 10.41 7.29
C GLU K 676 -46.52 11.78 7.52
N ILE K 677 -45.26 11.93 7.12
CA ILE K 677 -44.56 13.21 7.23
C ILE K 677 -44.21 13.71 5.84
N ALA K 678 -43.58 14.88 5.77
CA ALA K 678 -43.36 15.53 4.48
C ALA K 678 -42.46 14.70 3.58
N LYS K 679 -41.41 14.11 4.13
CA LYS K 679 -40.37 13.49 3.32
C LYS K 679 -40.48 11.97 3.25
N ARG K 680 -41.48 11.37 3.88
CA ARG K 680 -41.73 9.93 3.75
C ARG K 680 -43.02 9.62 4.49
N TYR K 681 -43.52 8.40 4.28
CA TYR K 681 -44.60 7.89 5.11
C TYR K 681 -44.48 6.39 5.21
N ILE K 682 -44.81 5.86 6.40
CA ILE K 682 -44.71 4.43 6.68
C ILE K 682 -46.12 3.88 6.80
N ALA K 683 -46.38 2.78 6.10
CA ALA K 683 -47.65 2.08 6.17
C ALA K 683 -47.38 0.58 6.16
N GLY K 684 -47.99 -0.13 7.11
CA GLY K 684 -47.87 -1.59 7.15
C GLY K 684 -46.44 -2.06 7.29
N GLY K 685 -45.62 -1.32 8.03
CA GLY K 685 -44.22 -1.69 8.18
C GLY K 685 -43.37 -1.43 6.96
N LYS K 686 -43.92 -0.76 5.95
CA LYS K 686 -43.20 -0.45 4.72
C LYS K 686 -43.05 1.05 4.62
N ILE K 687 -42.04 1.50 3.87
CA ILE K 687 -41.73 2.92 3.73
C ILE K 687 -41.99 3.34 2.30
N PHE K 688 -42.56 4.53 2.13
CA PHE K 688 -42.89 5.09 0.84
C PHE K 688 -42.41 6.53 0.78
N PHE K 689 -41.92 6.92 -0.40
CA PHE K 689 -41.50 8.29 -0.67
C PHE K 689 -42.33 8.82 -1.81
N ARG K 690 -42.88 10.02 -1.64
CA ARG K 690 -43.71 10.60 -2.69
C ARG K 690 -42.88 10.82 -3.94
N ALA K 691 -43.47 10.49 -5.08
CA ALA K 691 -42.82 10.57 -6.39
C ALA K 691 -43.29 11.80 -7.16
N GLY K 692 -43.46 12.91 -6.46
CA GLY K 692 -44.11 14.08 -7.02
C GLY K 692 -43.21 15.08 -7.71
N ILE K 693 -41.98 14.70 -8.06
CA ILE K 693 -41.11 15.63 -8.78
C ILE K 693 -41.71 15.90 -10.14
N ASN K 694 -42.00 17.17 -10.41
CA ASN K 694 -42.56 17.56 -11.69
C ASN K 694 -41.46 17.67 -12.73
N LEU K 695 -41.72 17.18 -13.93
CA LEU K 695 -40.74 17.12 -15.00
C LEU K 695 -40.83 18.30 -15.96
N LEU K 696 -42.03 18.59 -16.47
CA LEU K 696 -42.22 19.65 -17.44
C LEU K 696 -42.59 20.98 -16.80
N ASN K 697 -42.62 21.06 -15.47
CA ASN K 697 -42.84 22.31 -14.76
C ASN K 697 -41.78 22.43 -13.67
N ASN K 698 -41.38 23.67 -13.39
CA ASN K 698 -40.36 23.95 -12.38
C ASN K 698 -40.89 24.98 -11.39
N GLU K 699 -40.38 24.92 -10.17
CA GLU K 699 -40.79 25.89 -9.15
C GLU K 699 -40.38 27.30 -9.53
N LYS K 700 -39.15 27.48 -10.00
CA LYS K 700 -38.65 28.79 -10.37
C LYS K 700 -37.57 28.63 -11.43
N LYS K 701 -37.32 29.72 -12.15
CA LYS K 701 -36.33 29.71 -13.21
C LYS K 701 -34.94 29.41 -12.64
N GLY K 702 -34.32 28.34 -13.13
CA GLY K 702 -32.99 28.00 -12.70
C GLY K 702 -31.92 28.81 -13.39
N GLN K 703 -30.71 28.74 -12.85
CA GLN K 703 -29.55 29.43 -13.39
C GLN K 703 -28.64 28.48 -14.15
N SER K 704 -29.24 27.53 -14.86
CA SER K 704 -28.52 26.51 -15.60
C SER K 704 -28.85 26.64 -17.09
N THR K 705 -28.24 25.76 -17.89
CA THR K 705 -28.45 25.71 -19.32
C THR K 705 -29.47 24.63 -19.67
N GLN K 706 -29.97 24.69 -20.90
CA GLN K 706 -30.91 23.69 -21.37
C GLN K 706 -30.29 22.29 -21.37
N TRP K 707 -28.98 22.20 -21.59
CA TRP K 707 -28.27 20.93 -21.48
C TRP K 707 -28.34 20.39 -20.05
N ASP K 708 -27.96 21.22 -19.09
CA ASP K 708 -28.01 20.81 -17.69
C ASP K 708 -29.45 20.56 -17.25
N GLN K 709 -30.41 21.29 -17.83
CA GLN K 709 -31.81 21.05 -17.48
C GLN K 709 -32.32 19.74 -18.05
N ALA K 710 -31.80 19.32 -19.21
CA ALA K 710 -32.11 17.98 -19.70
C ALA K 710 -31.52 16.93 -18.78
N ALA K 711 -30.29 17.15 -18.31
CA ALA K 711 -29.70 16.23 -17.35
C ALA K 711 -30.53 16.15 -16.08
N VAL K 712 -30.98 17.29 -15.58
CA VAL K 712 -31.81 17.33 -14.38
C VAL K 712 -33.15 16.66 -14.63
N LEU K 713 -33.69 16.82 -15.84
CA LEU K 713 -34.94 16.17 -16.19
C LEU K 713 -34.80 14.65 -16.13
N TYR K 714 -33.71 14.12 -16.69
CA TYR K 714 -33.49 12.68 -16.62
C TYR K 714 -33.27 12.23 -15.18
N SER K 715 -32.55 13.02 -14.39
CA SER K 715 -32.33 12.68 -12.99
C SER K 715 -33.64 12.63 -12.22
N ASN K 716 -34.52 13.61 -12.44
CA ASN K 716 -35.81 13.63 -11.80
C ASN K 716 -36.66 12.45 -12.25
N TYR K 717 -36.59 12.11 -13.54
CA TYR K 717 -37.32 10.94 -14.02
C TYR K 717 -36.85 9.67 -13.33
N ILE K 718 -35.53 9.53 -13.15
CA ILE K 718 -34.99 8.35 -12.47
C ILE K 718 -35.49 8.30 -11.03
N VAL K 719 -35.44 9.44 -10.34
CA VAL K 719 -35.87 9.46 -8.94
C VAL K 719 -37.36 9.13 -8.84
N ASN K 720 -38.17 9.68 -9.75
CA ASN K 720 -39.59 9.36 -9.74
C ASN K 720 -39.84 7.89 -10.01
N ARG K 721 -39.10 7.32 -10.96
CA ARG K 721 -39.26 5.89 -11.25
C ARG K 721 -38.92 5.04 -10.05
N LEU K 722 -37.83 5.37 -9.36
CA LEU K 722 -37.47 4.60 -8.18
C LEU K 722 -38.53 4.69 -7.10
N ARG K 723 -39.27 5.80 -7.04
CA ARG K 723 -40.30 6.02 -6.04
C ARG K 723 -41.68 5.55 -6.48
N GLY K 724 -41.80 4.97 -7.67
CA GLY K 724 -43.05 4.37 -8.10
C GLY K 724 -43.84 5.14 -9.13
N PHE K 725 -43.34 6.28 -9.61
CA PHE K 725 -44.01 7.05 -10.65
C PHE K 725 -43.19 6.93 -11.93
N GLU K 726 -43.60 6.01 -12.79
CA GLU K 726 -42.89 5.76 -14.04
C GLU K 726 -43.49 6.61 -15.16
N THR K 727 -42.66 7.49 -15.72
CA THR K 727 -42.95 8.15 -16.98
C THR K 727 -42.26 7.36 -18.08
N ASP K 728 -42.88 7.33 -19.26
CA ASP K 728 -42.33 6.55 -20.36
C ASP K 728 -40.92 7.02 -20.69
N ARG K 729 -40.00 6.07 -20.78
CA ARG K 729 -38.60 6.42 -21.04
C ARG K 729 -38.43 7.00 -22.43
N GLU K 730 -39.24 6.56 -23.40
CA GLU K 730 -39.14 7.09 -24.75
C GLU K 730 -39.49 8.57 -24.78
N PHE K 731 -40.51 8.96 -24.01
CA PHE K 731 -40.85 10.39 -23.91
C PHE K 731 -39.68 11.18 -23.32
N ILE K 732 -39.04 10.63 -22.30
CA ILE K 732 -37.92 11.32 -21.66
C ILE K 732 -36.77 11.45 -22.63
N LEU K 733 -36.50 10.42 -23.42
CA LEU K 733 -35.44 10.51 -24.42
C LEU K 733 -35.79 11.50 -25.51
N THR K 734 -37.05 11.59 -25.90
CA THR K 734 -37.46 12.60 -26.86
C THR K 734 -37.23 14.01 -26.31
N LYS K 735 -37.57 14.22 -25.04
CA LYS K 735 -37.28 15.51 -24.42
C LYS K 735 -35.79 15.77 -24.35
N ILE K 736 -35.00 14.72 -24.09
CA ILE K 736 -33.55 14.88 -24.01
C ILE K 736 -32.99 15.33 -25.35
N MET K 737 -33.43 14.69 -26.43
CA MET K 737 -32.93 15.08 -27.74
C MET K 737 -33.43 16.46 -28.13
N GLN K 738 -34.64 16.83 -27.72
CA GLN K 738 -35.11 18.19 -27.97
C GLN K 738 -34.27 19.22 -27.24
N MET K 739 -33.89 18.94 -25.99
CA MET K 739 -33.22 19.91 -25.15
C MET K 739 -31.72 19.97 -25.36
N THR K 740 -31.10 18.88 -25.81
CA THR K 740 -29.65 18.88 -26.06
C THR K 740 -29.30 19.33 -27.46
N SER K 741 -30.27 19.49 -28.35
CA SER K 741 -30.00 19.98 -29.69
C SER K 741 -29.66 21.45 -29.66
N VAL K 742 -28.77 21.87 -30.56
CA VAL K 742 -28.33 23.25 -30.65
C VAL K 742 -28.44 23.70 -32.09
N ALA K 743 -28.86 24.95 -32.28
CA ALA K 743 -29.06 25.51 -33.61
C ALA K 743 -27.75 26.11 -34.10
N ILE K 744 -27.13 25.46 -35.07
CA ILE K 744 -25.97 26.07 -35.73
C ILE K 744 -26.42 27.25 -36.57
N THR K 745 -27.59 27.15 -37.19
CA THR K 745 -28.18 28.23 -37.97
C THR K 745 -29.70 28.09 -37.86
N GLY K 746 -30.41 29.08 -38.38
CA GLY K 746 -31.86 29.02 -38.39
C GLY K 746 -32.41 27.83 -39.17
N SER K 747 -31.59 27.24 -40.04
CA SER K 747 -31.99 26.07 -40.81
C SER K 747 -31.23 24.81 -40.43
N LEU K 748 -30.07 24.93 -39.79
CA LEU K 748 -29.23 23.79 -39.42
C LEU K 748 -29.25 23.61 -37.92
N ARG K 749 -29.53 22.38 -37.47
CA ARG K 749 -29.56 22.04 -36.05
C ARG K 749 -28.74 20.78 -35.81
N LEU K 750 -27.95 20.78 -34.75
CA LEU K 750 -27.10 19.64 -34.40
C LEU K 750 -27.73 18.88 -33.24
N PHE K 751 -27.90 17.57 -33.43
CA PHE K 751 -28.42 16.68 -32.39
C PHE K 751 -27.31 15.76 -31.92
N PRO K 752 -26.84 15.88 -30.68
CA PRO K 752 -25.81 14.95 -30.20
C PRO K 752 -26.32 13.52 -30.19
N SER K 753 -25.39 12.59 -30.40
CA SER K 753 -25.72 11.18 -30.46
C SER K 753 -25.73 10.57 -29.06
N GLU K 754 -26.01 9.27 -29.00
CA GLU K 754 -26.09 8.57 -27.71
C GLU K 754 -24.74 8.57 -26.99
N ARG K 755 -23.66 8.34 -27.73
CA ARG K 755 -22.34 8.29 -27.10
C ARG K 755 -22.00 9.62 -26.44
N VAL K 756 -22.34 10.72 -27.09
CA VAL K 756 -22.04 12.04 -26.54
C VAL K 756 -22.79 12.25 -25.22
N LEU K 757 -24.07 11.88 -25.21
CA LEU K 757 -24.93 12.24 -24.09
C LEU K 757 -24.80 11.28 -22.91
N THR K 758 -24.46 10.02 -23.17
CA THR K 758 -24.38 9.01 -22.13
C THR K 758 -22.96 8.77 -21.64
N THR K 759 -21.97 9.47 -22.18
CA THR K 759 -20.59 9.29 -21.75
C THR K 759 -20.34 10.03 -20.45
N ASN K 760 -19.52 9.42 -19.59
CA ASN K 760 -19.18 10.03 -18.30
C ASN K 760 -18.28 11.23 -18.54
N SER K 761 -18.80 12.43 -18.34
CA SER K 761 -18.06 13.66 -18.56
C SER K 761 -18.89 14.80 -17.99
N THR K 762 -18.40 16.03 -18.17
CA THR K 762 -19.18 17.20 -17.81
C THR K 762 -20.43 17.34 -18.63
N PHE K 763 -20.48 16.72 -19.82
CA PHE K 763 -21.61 16.84 -20.73
C PHE K 763 -22.62 15.71 -20.57
N LYS K 764 -22.42 14.83 -19.59
CA LYS K 764 -23.31 13.69 -19.43
C LYS K 764 -24.72 14.17 -19.12
N VAL K 765 -25.70 13.50 -19.72
CA VAL K 765 -27.11 13.83 -19.53
C VAL K 765 -27.90 12.67 -18.96
N PHE K 766 -27.69 11.47 -19.47
CA PHE K 766 -28.47 10.31 -19.04
C PHE K 766 -27.62 9.05 -19.23
N ASP K 767 -28.26 7.89 -19.04
CA ASP K 767 -27.62 6.60 -19.24
C ASP K 767 -28.43 5.80 -20.24
N SER K 768 -27.74 4.97 -21.04
CA SER K 768 -28.43 4.18 -22.05
C SER K 768 -29.40 3.19 -21.43
N GLU K 769 -29.11 2.72 -20.22
CA GLU K 769 -29.98 1.83 -19.47
C GLU K 769 -30.35 2.49 -18.15
N ASP K 770 -31.62 2.40 -17.79
CA ASP K 770 -32.08 2.97 -16.53
C ASP K 770 -31.38 2.30 -15.37
N PHE K 771 -30.86 3.11 -14.44
CA PHE K 771 -30.30 2.69 -13.16
C PHE K 771 -28.90 2.09 -13.29
N ILE K 772 -28.28 2.11 -14.48
CA ILE K 772 -26.97 1.54 -14.70
C ILE K 772 -26.01 2.66 -15.10
N ILE K 773 -24.92 2.81 -14.34
CA ILE K 773 -23.92 3.80 -14.67
C ILE K 773 -23.26 3.43 -15.99
N GLU K 774 -22.98 4.44 -16.81
CA GLU K 774 -22.40 4.24 -18.12
C GLU K 774 -20.89 4.16 -18.05
N TYR K 775 -20.33 3.09 -18.60
CA TYR K 775 -18.91 2.99 -18.83
C TYR K 775 -18.68 2.00 -19.96
N GLY K 776 -17.53 2.11 -20.61
CA GLY K 776 -17.23 1.22 -21.71
C GLY K 776 -15.75 1.07 -21.97
N THR K 777 -15.34 -0.15 -22.30
CA THR K 777 -13.94 -0.48 -22.47
C THR K 777 -13.48 -0.41 -23.92
N THR K 778 -14.39 -0.14 -24.86
CA THR K 778 -14.01 -0.09 -26.26
C THR K 778 -13.17 1.16 -26.53
N ASP K 779 -12.43 1.11 -27.63
CA ASP K 779 -11.51 2.21 -27.95
C ASP K 779 -12.26 3.50 -28.23
N ASP K 780 -13.43 3.43 -28.87
CA ASP K 780 -14.16 4.65 -29.19
C ASP K 780 -14.66 5.36 -27.94
N GLU K 781 -15.11 4.61 -26.93
CA GLU K 781 -15.59 5.23 -25.71
C GLU K 781 -14.45 5.91 -24.96
N VAL K 782 -13.29 5.26 -24.86
CA VAL K 782 -12.13 5.90 -24.24
C VAL K 782 -11.74 7.14 -25.02
N TYR K 783 -11.75 7.03 -26.35
CA TYR K 783 -11.36 8.14 -27.21
C TYR K 783 -12.25 9.35 -27.00
N ILE K 784 -13.57 9.14 -26.99
CA ILE K 784 -14.50 10.24 -26.83
C ILE K 784 -14.45 10.79 -25.41
N GLN K 785 -14.20 9.94 -24.41
CA GLN K 785 -14.06 10.46 -23.05
C GLN K 785 -12.84 11.36 -22.93
N ARG K 786 -11.72 10.97 -23.55
CA ARG K 786 -10.55 11.85 -23.57
C ARG K 786 -10.87 13.16 -24.27
N ALA K 787 -11.55 13.08 -25.43
CA ALA K 787 -11.87 14.28 -26.18
C ALA K 787 -12.73 15.24 -25.36
N PHE K 788 -13.73 14.70 -24.67
CA PHE K 788 -14.60 15.54 -23.84
C PHE K 788 -13.85 16.10 -22.64
N MET K 789 -12.95 15.32 -22.05
CA MET K 789 -12.14 15.84 -20.95
C MET K 789 -11.30 17.02 -21.41
N SER K 790 -10.83 16.98 -22.66
CA SER K 790 -10.06 18.11 -23.18
C SER K 790 -10.85 19.41 -23.19
N LEU K 791 -12.17 19.34 -23.22
CA LEU K 791 -13.02 20.53 -23.29
C LEU K 791 -13.50 21.02 -21.93
N SER K 792 -13.18 20.29 -20.85
CA SER K 792 -13.73 20.64 -19.54
C SER K 792 -13.21 21.98 -19.07
N SER K 793 -11.93 22.27 -19.28
CA SER K 793 -11.31 23.47 -18.74
C SER K 793 -11.70 24.68 -19.58
N GLN K 794 -12.46 25.59 -18.99
CA GLN K 794 -12.83 26.85 -19.64
C GLN K 794 -12.69 27.98 -18.65
N LYS K 795 -12.44 29.18 -19.17
CA LYS K 795 -12.33 30.38 -18.36
C LYS K 795 -13.64 31.17 -18.42
N SER K 796 -13.77 32.11 -17.49
CA SER K 796 -14.88 33.05 -17.48
C SER K 796 -14.32 34.46 -17.56
N GLY K 797 -14.77 35.23 -18.54
CA GLY K 797 -14.35 36.61 -18.63
C GLY K 797 -14.80 37.44 -17.45
N ILE K 798 -16.02 37.21 -16.97
CA ILE K 798 -16.52 37.94 -15.81
C ILE K 798 -15.65 37.66 -14.60
N ALA K 799 -15.30 36.39 -14.39
CA ALA K 799 -14.45 36.03 -13.26
C ALA K 799 -13.08 36.70 -13.38
N ASP K 800 -12.51 36.72 -14.58
CA ASP K 800 -11.22 37.36 -14.79
C ASP K 800 -11.28 38.84 -14.47
N GLU K 801 -12.31 39.54 -14.97
CA GLU K 801 -12.41 40.97 -14.71
C GLU K 801 -12.62 41.24 -13.22
N ILE K 802 -13.45 40.43 -12.55
CA ILE K 802 -13.67 40.62 -11.13
C ILE K 802 -12.38 40.39 -10.35
N ALA K 803 -11.64 39.33 -10.71
CA ALA K 803 -10.41 39.02 -9.98
C ALA K 803 -9.34 40.06 -10.23
N ALA K 804 -9.36 40.71 -11.39
CA ALA K 804 -8.38 41.76 -11.69
C ALA K 804 -8.76 43.11 -11.12
N SER K 805 -9.97 43.26 -10.59
CA SER K 805 -10.44 44.54 -10.08
C SER K 805 -9.78 44.88 -8.75
N SER K 806 -9.72 46.18 -8.45
CA SER K 806 -9.17 46.62 -7.18
C SER K 806 -10.08 46.23 -6.01
N THR K 807 -11.38 46.08 -6.26
CA THR K 807 -12.29 45.64 -5.21
C THR K 807 -11.94 44.23 -4.75
N PHE K 808 -11.78 43.31 -5.70
CA PHE K 808 -11.44 41.93 -5.34
C PHE K 808 -10.07 41.86 -4.67
N LYS K 809 -9.11 42.63 -5.18
CA LYS K 809 -7.77 42.63 -4.58
C LYS K 809 -7.80 43.18 -3.17
N ASN K 810 -8.60 44.23 -2.92
CA ASN K 810 -8.74 44.75 -1.57
C ASN K 810 -9.38 43.72 -0.66
N TYR K 811 -10.40 43.02 -1.16
CA TYR K 811 -11.03 41.96 -0.36
C TYR K 811 -10.03 40.88 -0.02
N VAL K 812 -9.20 40.48 -0.99
CA VAL K 812 -8.20 39.45 -0.74
C VAL K 812 -7.18 39.93 0.27
N SER K 813 -6.79 41.20 0.19
CA SER K 813 -5.84 41.75 1.15
C SER K 813 -6.42 41.73 2.56
N ARG K 814 -7.69 42.13 2.70
CA ARG K 814 -8.32 42.12 4.03
C ARG K 814 -8.47 40.69 4.55
N LEU K 815 -8.83 39.76 3.67
CA LEU K 815 -8.91 38.36 4.08
C LEU K 815 -7.55 37.85 4.53
N SER K 816 -6.49 38.23 3.82
CA SER K 816 -5.15 37.78 4.18
C SER K 816 -4.71 38.35 5.52
N GLU K 817 -4.96 39.65 5.75
CA GLU K 817 -4.57 40.23 7.02
C GLU K 817 -5.39 39.65 8.17
N GLN K 818 -6.66 39.34 7.93
CA GLN K 818 -7.43 38.58 8.92
C GLN K 818 -6.90 37.17 9.10
N LEU K 819 -6.17 36.64 8.11
CA LEU K 819 -5.57 35.32 8.18
C LEU K 819 -4.13 35.35 8.68
N LEU K 820 -3.65 36.51 9.12
CA LEU K 820 -2.30 36.65 9.69
C LEU K 820 -1.23 36.43 8.62
N PHE K 821 -1.41 37.08 7.47
CA PHE K 821 -0.39 37.15 6.43
C PHE K 821 -0.24 38.60 6.01
N SER K 822 1.00 39.04 5.81
CA SER K 822 1.31 40.44 5.52
C SER K 822 2.16 40.50 4.26
N LYS K 823 1.53 40.86 3.13
CA LYS K 823 2.24 41.01 1.85
C LYS K 823 3.08 39.78 1.55
N ASN K 824 2.50 38.60 1.78
CA ASN K 824 3.25 37.36 1.58
C ASN K 824 3.67 37.20 0.13
N ASN K 825 2.85 37.66 -0.80
CA ASN K 825 3.09 37.63 -2.25
C ASN K 825 2.93 36.24 -2.85
N ILE K 826 2.87 35.19 -2.03
CA ILE K 826 2.66 33.83 -2.52
C ILE K 826 1.39 33.28 -1.89
N VAL K 827 1.25 33.45 -0.58
CA VAL K 827 0.01 33.06 0.09
C VAL K 827 -1.16 33.87 -0.44
N SER K 828 -0.94 35.17 -0.65
CA SER K 828 -2.02 36.04 -1.13
C SER K 828 -2.53 35.59 -2.48
N ARG K 829 -1.63 35.15 -3.37
CA ARG K 829 -2.06 34.71 -4.69
C ARG K 829 -2.90 33.43 -4.60
N GLY K 830 -2.51 32.51 -3.73
CA GLY K 830 -3.33 31.32 -3.54
C GLY K 830 -4.68 31.64 -2.95
N ILE K 831 -4.72 32.57 -1.99
CA ILE K 831 -6.00 33.00 -1.43
C ILE K 831 -6.86 33.65 -2.50
N ALA K 832 -6.23 34.43 -3.39
CA ALA K 832 -6.97 35.04 -4.49
C ALA K 832 -7.54 33.98 -5.40
N LEU K 833 -6.77 32.94 -5.69
CA LEU K 833 -7.29 31.84 -6.51
C LEU K 833 -8.48 31.17 -5.84
N THR K 834 -8.39 30.93 -4.53
CA THR K 834 -9.48 30.30 -3.82
C THR K 834 -10.74 31.16 -3.84
N GLU K 835 -10.58 32.47 -3.65
CA GLU K 835 -11.73 33.36 -3.68
C GLU K 835 -12.32 33.48 -5.08
N LYS K 836 -11.47 33.47 -6.11
CA LYS K 836 -11.98 33.47 -7.47
C LYS K 836 -12.77 32.19 -7.75
N ALA K 837 -12.31 31.06 -7.22
CA ALA K 837 -13.08 29.83 -7.33
C ALA K 837 -14.41 29.96 -6.59
N LYS K 838 -14.40 30.52 -5.40
CA LYS K 838 -15.63 30.72 -4.64
C LYS K 838 -16.60 31.67 -5.34
N LEU K 839 -16.09 32.51 -6.23
CA LEU K 839 -16.97 33.34 -7.06
C LEU K 839 -17.82 32.53 -8.02
N ASN K 840 -17.51 31.24 -8.21
CA ASN K 840 -18.24 30.42 -9.17
C ASN K 840 -19.72 30.30 -8.81
N SER K 841 -20.10 30.55 -7.56
CA SER K 841 -21.50 30.49 -7.18
C SER K 841 -22.34 31.57 -7.86
N TYR K 842 -21.69 32.62 -8.38
CA TYR K 842 -22.40 33.68 -9.08
C TYR K 842 -22.90 33.15 -10.42
N ALA K 843 -24.21 33.30 -10.67
CA ALA K 843 -24.81 32.63 -11.82
C ALA K 843 -24.22 33.04 -13.16
N PRO K 844 -23.99 34.32 -13.45
CA PRO K 844 -23.37 34.66 -14.74
C PRO K 844 -22.03 33.98 -14.98
N ILE K 845 -21.19 33.84 -13.96
CA ILE K 845 -19.87 33.23 -14.16
C ILE K 845 -20.02 31.76 -14.51
N SER K 846 -20.81 31.03 -13.73
CA SER K 846 -20.99 29.61 -13.97
C SER K 846 -21.67 29.37 -15.32
N LEU K 847 -22.65 30.22 -15.66
CA LEU K 847 -23.31 30.09 -16.95
C LEU K 847 -22.35 30.37 -18.09
N GLU K 848 -21.47 31.36 -17.94
CA GLU K 848 -20.49 31.65 -18.97
C GLU K 848 -19.56 30.44 -19.18
N LYS K 849 -19.09 29.85 -18.07
CA LYS K 849 -18.24 28.67 -18.20
C LYS K 849 -18.99 27.52 -18.87
N ARG K 850 -20.24 27.31 -18.46
CA ARG K 850 -21.03 26.21 -19.03
C ARG K 850 -21.24 26.40 -20.52
N ARG K 851 -21.58 27.63 -20.93
CA ARG K 851 -21.81 27.89 -22.34
C ARG K 851 -20.52 27.80 -23.14
N ALA K 852 -19.39 28.20 -22.56
CA ALA K 852 -18.12 28.00 -23.24
C ALA K 852 -17.85 26.52 -23.47
N GLN K 853 -18.09 25.70 -22.44
CA GLN K 853 -17.91 24.26 -22.58
C GLN K 853 -18.82 23.69 -23.65
N ILE K 854 -20.09 24.11 -23.66
CA ILE K 854 -21.04 23.60 -24.64
C ILE K 854 -20.65 24.02 -26.05
N SER K 855 -20.19 25.27 -26.21
CA SER K 855 -19.78 25.73 -27.54
C SER K 855 -18.57 24.96 -28.04
N ALA K 856 -17.59 24.70 -27.17
CA ALA K 856 -16.45 23.90 -27.57
C ALA K 856 -16.89 22.49 -27.96
N LEU K 857 -17.80 21.91 -27.18
CA LEU K 857 -18.34 20.59 -27.52
C LEU K 857 -19.03 20.62 -28.88
N LEU K 858 -19.78 21.68 -29.16
CA LEU K 858 -20.49 21.77 -30.44
C LEU K 858 -19.51 21.86 -31.61
N THR K 859 -18.47 22.68 -31.48
CA THR K 859 -17.46 22.74 -32.52
C THR K 859 -16.84 21.37 -32.74
N MET K 860 -16.54 20.66 -31.66
CA MET K 860 -16.00 19.30 -31.80
C MET K 860 -16.99 18.37 -32.49
N LEU K 861 -18.28 18.51 -32.15
CA LEU K 861 -19.28 17.56 -32.64
C LEU K 861 -19.60 17.78 -34.11
N GLN K 862 -19.45 19.01 -34.61
CA GLN K 862 -19.73 19.26 -36.02
C GLN K 862 -18.75 18.55 -36.95
N LYS K 863 -17.60 18.12 -36.44
CA LYS K 863 -16.58 17.43 -37.21
C LYS K 863 -16.26 16.08 -36.58
N PRO K 864 -15.76 15.12 -37.36
CA PRO K 864 -15.20 13.92 -36.73
C PRO K 864 -14.08 14.28 -35.78
N VAL K 865 -14.03 13.59 -34.65
CA VAL K 865 -13.16 13.99 -33.54
C VAL K 865 -11.72 13.63 -33.88
N THR K 866 -10.95 14.63 -34.30
CA THR K 866 -9.51 14.47 -34.53
C THR K 866 -8.73 15.00 -33.34
N PHE K 867 -8.90 14.30 -32.21
CA PHE K 867 -8.20 14.64 -30.97
C PHE K 867 -7.63 13.38 -30.35
N LYS K 868 -6.38 13.46 -29.92
CA LYS K 868 -5.72 12.34 -29.27
C LYS K 868 -4.89 12.87 -28.10
N SER K 869 -4.92 12.15 -26.98
CA SER K 869 -4.16 12.52 -25.80
C SER K 869 -3.82 11.27 -25.01
N SER K 870 -2.80 11.39 -24.17
CA SER K 870 -2.41 10.34 -23.24
C SER K 870 -3.08 10.48 -21.89
N LYS K 871 -3.96 11.47 -21.72
CA LYS K 871 -4.63 11.67 -20.45
C LYS K 871 -5.45 10.44 -20.08
N ILE K 872 -5.41 10.08 -18.79
CA ILE K 872 -6.03 8.86 -18.29
C ILE K 872 -7.42 9.20 -17.79
N THR K 873 -8.42 8.51 -18.33
CA THR K 873 -9.79 8.60 -17.87
C THR K 873 -10.20 7.30 -17.20
N ILE K 874 -11.39 7.29 -16.63
CA ILE K 874 -11.87 6.10 -15.93
C ILE K 874 -12.07 4.95 -16.92
N ASN K 875 -12.55 5.26 -18.12
CA ASN K 875 -12.71 4.22 -19.13
C ASN K 875 -11.37 3.58 -19.48
N ASP K 876 -10.28 4.34 -19.39
CA ASP K 876 -8.96 3.75 -19.61
C ASP K 876 -8.64 2.69 -18.57
N ILE K 877 -8.92 2.99 -17.30
CA ILE K 877 -8.69 2.03 -16.23
C ILE K 877 -9.54 0.78 -16.44
N LEU K 878 -10.82 0.99 -16.75
CA LEU K 878 -11.70 -0.16 -16.92
C LEU K 878 -11.32 -0.98 -18.14
N ARG K 879 -10.85 -0.33 -19.22
CA ARG K 879 -10.35 -1.07 -20.37
C ARG K 879 -9.12 -1.88 -20.01
N ASP K 880 -8.24 -1.31 -19.19
CA ASP K 880 -7.06 -2.04 -18.76
C ASP K 880 -7.43 -3.30 -17.99
N ILE K 881 -8.42 -3.19 -17.09
CA ILE K 881 -8.74 -4.32 -16.22
C ILE K 881 -9.79 -5.27 -16.78
N LYS K 882 -10.49 -4.89 -17.85
CA LYS K 882 -11.56 -5.74 -18.38
C LYS K 882 -11.07 -7.06 -18.93
N PRO K 883 -10.00 -7.14 -19.72
CA PRO K 883 -9.65 -8.41 -20.38
C PRO K 883 -9.36 -9.55 -19.42
N PHE K 884 -9.06 -9.25 -18.16
CA PHE K 884 -8.68 -10.27 -17.19
C PHE K 884 -9.84 -10.76 -16.34
N PHE K 885 -11.07 -10.43 -16.70
CA PHE K 885 -12.26 -10.84 -15.98
C PHE K 885 -12.99 -11.94 -16.75
N THR K 886 -13.25 -13.06 -16.08
CA THR K 886 -14.01 -14.16 -16.65
C THR K 886 -15.38 -14.22 -15.97
N VAL K 887 -16.41 -14.47 -16.75
CA VAL K 887 -17.80 -14.39 -16.32
C VAL K 887 -18.40 -15.79 -16.37
N ASN K 888 -19.07 -16.18 -15.30
CA ASN K 888 -19.81 -17.44 -15.23
C ASN K 888 -21.21 -17.14 -14.73
N GLU K 889 -22.15 -18.03 -15.05
CA GLU K 889 -23.50 -17.90 -14.54
C GLU K 889 -23.55 -18.36 -13.09
N ALA K 890 -24.27 -17.61 -12.25
CA ALA K 890 -24.39 -17.91 -10.83
C ALA K 890 -25.84 -17.71 -10.42
N HIS K 891 -26.14 -18.09 -9.18
CA HIS K 891 -27.48 -17.97 -8.64
C HIS K 891 -27.41 -17.43 -7.21
N LEU K 892 -28.21 -16.41 -6.93
CA LEU K 892 -28.39 -15.91 -5.57
C LEU K 892 -29.82 -16.14 -5.13
N PRO K 893 -30.07 -16.78 -3.98
CA PRO K 893 -31.45 -16.89 -3.50
C PRO K 893 -31.96 -15.56 -2.97
N ILE K 894 -33.28 -15.44 -2.93
CA ILE K 894 -33.93 -14.29 -2.33
C ILE K 894 -33.96 -14.52 -0.83
N GLN K 895 -33.25 -13.67 -0.08
CA GLN K 895 -33.14 -13.86 1.37
C GLN K 895 -33.22 -12.54 2.13
N TYR K 896 -33.74 -11.48 1.51
CA TYR K 896 -33.83 -10.17 2.14
C TYR K 896 -35.24 -9.63 1.96
N GLN K 897 -35.72 -8.92 2.96
CA GLN K 897 -37.10 -8.45 2.96
C GLN K 897 -37.29 -7.30 1.99
N LYS K 898 -38.51 -7.19 1.46
CA LYS K 898 -38.92 -6.06 0.64
C LYS K 898 -39.54 -5.01 1.57
N PHE K 899 -38.86 -3.88 1.71
CA PHE K 899 -39.32 -2.80 2.58
C PHE K 899 -39.75 -1.56 1.83
N MET K 900 -39.53 -1.50 0.52
CA MET K 900 -39.96 -0.38 -0.33
C MET K 900 -40.81 -0.97 -1.45
N PRO K 901 -42.12 -1.17 -1.23
CA PRO K 901 -42.93 -1.87 -2.22
C PRO K 901 -43.01 -1.18 -3.58
N THR K 902 -42.75 0.11 -3.65
CA THR K 902 -42.87 0.84 -4.91
C THR K 902 -41.58 0.88 -5.71
N LEU K 903 -40.54 0.16 -5.27
CA LEU K 903 -39.33 0.06 -6.07
C LEU K 903 -39.60 -0.71 -7.36
N PRO K 904 -38.91 -0.37 -8.44
CA PRO K 904 -39.02 -1.18 -9.67
C PRO K 904 -38.58 -2.61 -9.41
N ASP K 905 -39.18 -3.54 -10.16
CA ASP K 905 -39.04 -4.96 -9.86
C ASP K 905 -37.59 -5.41 -9.92
N ASN K 906 -36.81 -4.88 -10.87
CA ASN K 906 -35.41 -5.29 -10.97
C ASN K 906 -34.58 -4.74 -9.82
N VAL K 907 -34.79 -3.47 -9.45
CA VAL K 907 -34.10 -2.91 -8.29
C VAL K 907 -34.51 -3.68 -7.03
N GLN K 908 -35.80 -3.99 -6.90
CA GLN K 908 -36.27 -4.77 -5.77
C GLN K 908 -35.61 -6.14 -5.74
N TYR K 909 -35.39 -6.74 -6.93
CA TYR K 909 -34.71 -8.02 -7.00
C TYR K 909 -33.28 -7.90 -6.48
N ILE K 910 -32.57 -6.85 -6.88
CA ILE K 910 -31.22 -6.63 -6.36
C ILE K 910 -31.25 -6.54 -4.84
N ILE K 911 -32.19 -5.77 -4.30
CA ILE K 911 -32.24 -5.60 -2.85
C ILE K 911 -32.56 -6.92 -2.16
N GLN K 912 -33.51 -7.69 -2.70
CA GLN K 912 -33.87 -8.97 -2.10
C GLN K 912 -32.72 -9.96 -2.15
N CYS K 913 -31.82 -9.82 -3.13
CA CYS K 913 -30.76 -10.81 -3.29
C CYS K 913 -29.49 -10.45 -2.52
N ILE K 914 -29.06 -9.19 -2.56
CA ILE K 914 -27.85 -8.78 -1.86
C ILE K 914 -28.13 -7.90 -0.65
N GLY K 915 -29.36 -7.42 -0.47
CA GLY K 915 -29.70 -6.62 0.68
C GLY K 915 -29.54 -5.13 0.44
N SER K 916 -30.01 -4.36 1.41
CA SER K 916 -29.96 -2.92 1.36
C SER K 916 -28.66 -2.40 1.97
N ARG K 917 -28.32 -1.16 1.63
CA ARG K 917 -27.08 -0.55 2.09
C ARG K 917 -26.99 -0.56 3.60
N THR K 918 -25.82 -0.89 4.13
CA THR K 918 -25.61 -0.90 5.58
C THR K 918 -25.04 0.44 6.04
N TYR K 919 -23.84 0.78 5.58
CA TYR K 919 -23.24 2.08 5.86
C TYR K 919 -22.57 2.59 4.60
N GLN K 920 -22.47 3.91 4.52
CA GLN K 920 -22.12 4.60 3.28
C GLN K 920 -20.75 5.24 3.41
N ILE K 921 -19.89 5.01 2.43
CA ILE K 921 -18.64 5.74 2.30
C ILE K 921 -18.95 7.08 1.65
N GLU K 922 -18.63 8.17 2.34
CA GLU K 922 -19.03 9.48 1.87
C GLU K 922 -18.33 9.82 0.56
N ASP K 923 -19.06 10.52 -0.30
CA ASP K 923 -18.63 10.78 -1.67
C ASP K 923 -17.71 11.99 -1.80
N ASP K 924 -17.57 12.78 -0.74
CA ASP K 924 -16.74 13.99 -0.76
C ASP K 924 -15.45 13.82 0.04
N GLY K 925 -15.12 12.60 0.45
CA GLY K 925 -13.95 12.40 1.29
C GLY K 925 -14.07 13.08 2.63
N SER K 926 -15.27 13.11 3.19
CA SER K 926 -15.49 13.87 4.43
C SER K 926 -14.69 13.30 5.58
N LYS K 927 -14.55 11.98 5.65
CA LYS K 927 -13.85 11.33 6.75
C LYS K 927 -12.37 11.09 6.44
N SER K 928 -11.78 11.93 5.60
CA SER K 928 -10.33 11.97 5.44
C SER K 928 -9.76 13.03 6.37
N ALA K 929 -8.46 12.88 6.69
CA ALA K 929 -7.83 13.84 7.59
C ALA K 929 -7.82 15.24 6.99
N ILE K 930 -7.56 15.35 5.68
CA ILE K 930 -7.51 16.66 5.04
C ILE K 930 -8.89 17.31 5.06
N SER K 931 -9.93 16.54 4.77
CA SER K 931 -11.28 17.11 4.74
C SER K 931 -11.73 17.52 6.14
N ARG K 932 -11.40 16.72 7.15
CA ARG K 932 -11.72 17.11 8.53
C ARG K 932 -10.95 18.35 8.94
N LEU K 933 -9.70 18.48 8.50
CA LEU K 933 -8.94 19.70 8.79
C LEU K 933 -9.57 20.91 8.12
N ILE K 934 -10.03 20.75 6.87
CA ILE K 934 -10.67 21.86 6.18
C ILE K 934 -11.97 22.24 6.87
N SER K 935 -12.78 21.24 7.26
CA SER K 935 -14.04 21.51 7.91
C SER K 935 -13.87 22.17 9.27
N LYS K 936 -12.67 22.06 9.86
CA LYS K 936 -12.42 22.66 11.17
C LYS K 936 -12.46 24.18 11.14
N TYR K 937 -12.40 24.80 9.95
CA TYR K 937 -12.30 26.24 9.86
C TYR K 937 -13.34 26.84 8.92
N SER K 938 -13.72 26.08 7.89
CA SER K 938 -14.67 26.58 6.89
C SER K 938 -15.65 25.48 6.54
N VAL K 939 -16.89 25.89 6.24
CA VAL K 939 -17.88 24.96 5.71
C VAL K 939 -17.79 24.83 4.20
N TYR K 940 -16.89 25.58 3.56
CA TYR K 940 -16.66 25.42 2.13
C TYR K 940 -16.11 24.03 1.85
N LYS K 941 -16.72 23.34 0.90
CA LYS K 941 -16.34 21.98 0.56
C LYS K 941 -15.64 21.96 -0.78
N PRO K 942 -14.31 21.81 -0.83
CA PRO K 942 -13.67 21.61 -2.14
C PRO K 942 -14.20 20.36 -2.81
N SER K 943 -14.30 20.42 -4.14
CA SER K 943 -14.77 19.26 -4.88
C SER K 943 -13.79 18.11 -4.73
N ILE K 944 -14.32 16.88 -4.75
CA ILE K 944 -13.46 15.72 -4.54
C ILE K 944 -12.42 15.62 -5.64
N GLU K 945 -12.71 16.15 -6.82
CA GLU K 945 -11.72 16.16 -7.89
C GLU K 945 -10.54 17.07 -7.52
N GLU K 946 -10.83 18.23 -6.95
CA GLU K 946 -9.77 19.14 -6.52
C GLU K 946 -8.91 18.51 -5.45
N LEU K 947 -9.53 17.84 -4.47
CA LEU K 947 -8.77 17.16 -3.44
C LEU K 947 -7.95 16.01 -4.02
N TYR K 948 -8.51 15.30 -5.00
CA TYR K 948 -7.79 14.21 -5.64
C TYR K 948 -6.56 14.73 -6.36
N LYS K 949 -6.68 15.86 -7.06
CA LYS K 949 -5.51 16.47 -7.67
C LYS K 949 -4.51 16.95 -6.63
N VAL K 950 -4.99 17.55 -5.55
CA VAL K 950 -4.11 18.16 -4.56
C VAL K 950 -3.29 17.10 -3.83
N ILE K 951 -3.92 15.99 -3.46
CA ILE K 951 -3.29 15.03 -2.57
C ILE K 951 -2.07 14.37 -3.21
N SER K 952 -1.90 14.50 -4.52
CA SER K 952 -0.75 13.94 -5.23
C SER K 952 0.28 14.98 -5.62
N LEU K 953 0.17 16.21 -5.11
CA LEU K 953 1.12 17.26 -5.43
C LEU K 953 2.30 17.21 -4.46
N HIS K 954 3.18 18.20 -4.54
CA HIS K 954 4.29 18.29 -3.61
C HIS K 954 3.78 18.73 -2.22
N GLU K 955 4.63 18.54 -1.22
CA GLU K 955 4.26 18.91 0.14
C GLU K 955 3.98 20.41 0.25
N ASN K 956 4.83 21.23 -0.36
CA ASN K 956 4.63 22.68 -0.29
C ASN K 956 3.37 23.09 -1.06
N GLU K 957 3.07 22.41 -2.16
CA GLU K 957 1.85 22.72 -2.90
C GLU K 957 0.61 22.42 -2.06
N ILE K 958 0.60 21.27 -1.38
CA ILE K 958 -0.52 20.94 -0.50
C ILE K 958 -0.63 21.96 0.63
N GLN K 959 0.51 22.34 1.20
CA GLN K 959 0.50 23.34 2.28
C GLN K 959 -0.09 24.66 1.79
N LEU K 960 0.33 25.11 0.61
CA LEU K 960 -0.17 26.36 0.07
C LEU K 960 -1.67 26.29 -0.21
N TYR K 961 -2.13 25.16 -0.76
CA TYR K 961 -3.55 24.99 -1.01
C TYR K 961 -4.35 25.05 0.30
N LEU K 962 -3.86 24.37 1.34
CA LEU K 962 -4.56 24.39 2.62
C LEU K 962 -4.59 25.78 3.21
N ILE K 963 -3.48 26.51 3.11
CA ILE K 963 -3.44 27.88 3.62
C ILE K 963 -4.42 28.75 2.84
N SER K 964 -4.52 28.54 1.53
CA SER K 964 -5.46 29.29 0.73
C SER K 964 -6.89 29.03 1.17
N LEU K 965 -7.21 27.78 1.50
CA LEU K 965 -8.56 27.47 1.94
C LEU K 965 -8.92 28.15 3.26
N GLY K 966 -7.93 28.61 4.02
CA GLY K 966 -8.16 29.27 5.29
C GLY K 966 -7.66 28.53 6.50
N ILE K 967 -6.95 27.42 6.32
CA ILE K 967 -6.36 26.71 7.45
C ILE K 967 -5.09 27.45 7.90
N PRO K 968 -4.89 27.67 9.20
CA PRO K 968 -3.69 28.40 9.62
C PRO K 968 -2.42 27.65 9.25
N LYS K 969 -1.34 28.42 9.07
CA LYS K 969 -0.09 27.83 8.60
C LYS K 969 0.39 26.73 9.53
N ILE K 970 0.23 26.91 10.84
CA ILE K 970 0.72 25.90 11.77
C ILE K 970 0.00 24.57 11.55
N ASP K 971 -1.32 24.61 11.38
CA ASP K 971 -2.07 23.37 11.18
C ASP K 971 -1.75 22.73 9.83
N ALA K 972 -1.61 23.55 8.78
CA ALA K 972 -1.26 23.00 7.47
C ALA K 972 0.12 22.36 7.50
N ASP K 973 1.08 23.01 8.15
CA ASP K 973 2.42 22.43 8.27
C ASP K 973 2.40 21.18 9.14
N THR K 974 1.55 21.14 10.15
CA THR K 974 1.40 19.92 10.94
C THR K 974 0.86 18.78 10.07
N TYR K 975 -0.15 19.07 9.26
CA TYR K 975 -0.70 18.05 8.39
C TYR K 975 0.34 17.54 7.40
N VAL K 976 1.12 18.46 6.82
CA VAL K 976 2.07 18.06 5.78
C VAL K 976 3.26 17.32 6.39
N GLY K 977 3.86 17.89 7.43
CA GLY K 977 5.00 17.26 8.05
C GLY K 977 4.68 15.92 8.67
N SER K 978 3.43 15.72 9.08
CA SER K 978 2.99 14.43 9.57
C SER K 978 2.95 13.37 8.47
N LYS K 979 3.03 13.78 7.20
CA LYS K 979 2.91 12.86 6.07
C LYS K 979 1.54 12.19 6.05
N ILE K 980 0.54 12.86 6.63
CA ILE K 980 -0.80 12.28 6.70
C ILE K 980 -1.40 12.15 5.31
N TYR K 981 -0.99 13.00 4.37
CA TYR K 981 -1.51 12.89 3.02
C TYR K 981 -1.25 11.52 2.42
N SER K 982 -0.20 10.83 2.87
CA SER K 982 0.08 9.49 2.37
C SER K 982 -1.06 8.53 2.67
N GLN K 983 -1.62 8.58 3.87
CA GLN K 983 -2.79 7.78 4.19
C GLN K 983 -4.07 8.40 3.64
N ASP K 984 -4.12 9.72 3.52
CA ASP K 984 -5.33 10.40 3.09
C ASP K 984 -5.62 10.17 1.62
N LYS K 985 -4.58 9.96 0.81
CA LYS K 985 -4.79 9.81 -0.63
C LYS K 985 -5.67 8.61 -0.94
N TYR K 986 -5.65 7.57 -0.09
CA TYR K 986 -6.47 6.40 -0.36
C TYR K 986 -7.94 6.69 -0.12
N ARG K 987 -8.26 7.38 0.97
CA ARG K 987 -9.64 7.82 1.18
C ARG K 987 -10.09 8.75 0.08
N ILE K 988 -9.20 9.66 -0.35
CA ILE K 988 -9.55 10.59 -1.41
C ILE K 988 -9.83 9.85 -2.71
N LEU K 989 -9.00 8.85 -3.04
CA LEU K 989 -9.23 8.07 -4.25
C LEU K 989 -10.53 7.28 -4.16
N GLU K 990 -10.82 6.70 -2.99
CA GLU K 990 -12.07 6.00 -2.80
C GLU K 990 -13.25 6.92 -3.07
N SER K 991 -13.24 8.11 -2.46
CA SER K 991 -14.34 9.06 -2.67
C SER K 991 -14.41 9.52 -4.11
N TYR K 992 -13.27 9.75 -4.74
CA TYR K 992 -13.24 10.20 -6.14
C TYR K 992 -13.87 9.17 -7.06
N VAL K 993 -13.48 7.91 -6.91
CA VAL K 993 -14.02 6.85 -7.76
C VAL K 993 -15.51 6.64 -7.47
N TYR K 994 -15.89 6.67 -6.18
CA TYR K 994 -17.30 6.51 -5.85
C TYR K 994 -18.14 7.64 -6.41
N ASN K 995 -17.58 8.85 -6.49
CA ASN K 995 -18.28 9.96 -7.12
C ASN K 995 -18.39 9.75 -8.63
N LEU K 996 -17.32 9.27 -9.26
CA LEU K 996 -17.34 9.08 -10.71
C LEU K 996 -18.37 8.04 -11.11
N LEU K 997 -18.50 6.97 -10.34
CA LEU K 997 -19.36 5.85 -10.69
C LEU K 997 -20.73 5.90 -10.01
N SER K 998 -21.06 7.01 -9.36
CA SER K 998 -22.40 7.22 -8.79
C SER K 998 -22.77 6.11 -7.80
N ILE K 999 -21.82 5.70 -6.97
CA ILE K 999 -22.09 4.65 -6.00
C ILE K 999 -23.09 5.12 -4.95
N ASN K 1000 -23.17 6.44 -4.71
CA ASN K 1000 -24.05 7.01 -3.71
C ASN K 1000 -25.25 7.72 -4.31
N TYR K 1001 -25.62 7.38 -5.54
CA TYR K 1001 -26.72 8.04 -6.23
C TYR K 1001 -27.51 7.01 -7.00
N GLY K 1002 -28.74 7.38 -7.35
CA GLY K 1002 -29.61 6.47 -8.07
C GLY K 1002 -29.96 5.27 -7.22
N CYS K 1003 -30.14 4.13 -7.89
CA CYS K 1003 -30.45 2.89 -7.18
C CYS K 1003 -29.26 2.33 -6.44
N TYR K 1004 -28.04 2.68 -6.83
CA TYR K 1004 -26.85 2.15 -6.17
C TYR K 1004 -26.84 2.50 -4.69
N GLN K 1005 -27.33 3.69 -4.33
CA GLN K 1005 -27.35 4.08 -2.92
C GLN K 1005 -28.21 3.14 -2.09
N LEU K 1006 -29.16 2.43 -2.70
CA LEU K 1006 -30.00 1.51 -1.97
C LEU K 1006 -29.36 0.12 -1.82
N PHE K 1007 -28.29 -0.15 -2.55
CA PHE K 1007 -27.67 -1.47 -2.54
C PHE K 1007 -26.54 -1.54 -1.52
N ASP K 1008 -26.22 -2.76 -1.11
CA ASP K 1008 -25.10 -3.03 -0.22
C ASP K 1008 -23.94 -3.55 -1.07
N PHE K 1009 -22.94 -2.69 -1.29
CA PHE K 1009 -21.77 -3.10 -2.04
C PHE K 1009 -20.80 -3.92 -1.20
N ASN K 1010 -21.01 -4.00 0.12
CA ASN K 1010 -20.23 -4.87 0.99
C ASN K 1010 -21.00 -6.13 1.37
N SER K 1011 -22.04 -6.46 0.60
CA SER K 1011 -22.88 -7.59 0.94
C SER K 1011 -22.07 -8.88 0.89
N PRO K 1012 -22.22 -9.79 1.87
CA PRO K 1012 -21.57 -11.09 1.74
C PRO K 1012 -22.05 -11.87 0.53
N ASP K 1013 -23.33 -11.72 0.16
CA ASP K 1013 -23.83 -12.41 -1.02
C ASP K 1013 -23.17 -11.90 -2.29
N LEU K 1014 -22.97 -10.59 -2.38
CA LEU K 1014 -22.32 -10.01 -3.56
C LEU K 1014 -20.86 -10.46 -3.64
N GLU K 1015 -20.12 -10.33 -2.54
CA GLU K 1015 -18.72 -10.73 -2.54
C GLU K 1015 -18.55 -12.23 -2.71
N LYS K 1016 -19.59 -13.01 -2.43
CA LYS K 1016 -19.56 -14.43 -2.75
C LYS K 1016 -19.55 -14.68 -4.25
N LEU K 1017 -20.00 -13.70 -5.05
CA LEU K 1017 -19.97 -13.82 -6.50
C LEU K 1017 -18.69 -13.30 -7.12
N ILE K 1018 -17.92 -12.50 -6.38
CA ILE K 1018 -16.66 -11.93 -6.87
C ILE K 1018 -15.53 -12.75 -6.30
N ARG K 1019 -14.61 -13.20 -7.17
CA ARG K 1019 -13.47 -14.01 -6.78
C ARG K 1019 -12.22 -13.35 -7.37
N ILE K 1020 -11.64 -12.43 -6.61
CA ILE K 1020 -10.41 -11.76 -7.01
C ILE K 1020 -9.32 -12.19 -6.03
N PRO K 1021 -8.42 -13.10 -6.43
CA PRO K 1021 -7.32 -13.47 -5.53
C PRO K 1021 -6.53 -12.25 -5.09
N PHE K 1022 -6.28 -12.17 -3.79
CA PHE K 1022 -5.73 -10.95 -3.21
C PHE K 1022 -4.23 -10.87 -3.44
N LYS K 1023 -3.77 -9.69 -3.87
CA LYS K 1023 -2.36 -9.39 -3.99
C LYS K 1023 -2.12 -8.06 -3.31
N GLY K 1024 -1.33 -8.08 -2.23
CA GLY K 1024 -1.26 -6.94 -1.34
C GLY K 1024 -0.32 -5.84 -1.79
N LYS K 1025 -0.37 -4.75 -1.03
CA LYS K 1025 0.52 -3.59 -1.12
C LYS K 1025 0.23 -2.69 -2.33
N ILE K 1026 -0.86 -2.93 -3.05
CA ILE K 1026 -1.34 -1.98 -4.07
C ILE K 1026 -2.83 -1.79 -3.82
N PRO K 1027 -3.21 -1.12 -2.73
CA PRO K 1027 -4.64 -1.04 -2.39
C PRO K 1027 -5.50 -0.36 -3.44
N ALA K 1028 -4.97 0.59 -4.19
CA ALA K 1028 -5.78 1.27 -5.19
C ALA K 1028 -6.24 0.30 -6.28
N VAL K 1029 -5.32 -0.56 -6.75
CA VAL K 1029 -5.67 -1.50 -7.82
C VAL K 1029 -6.67 -2.54 -7.31
N THR K 1030 -6.45 -3.06 -6.10
CA THR K 1030 -7.41 -4.00 -5.53
C THR K 1030 -8.78 -3.35 -5.38
N PHE K 1031 -8.80 -2.10 -4.90
CA PHE K 1031 -10.06 -1.39 -4.70
C PHE K 1031 -10.80 -1.23 -6.02
N ILE K 1032 -10.10 -0.79 -7.06
CA ILE K 1032 -10.78 -0.55 -8.33
C ILE K 1032 -11.23 -1.87 -8.94
N LEU K 1033 -10.42 -2.93 -8.82
CA LEU K 1033 -10.83 -4.23 -9.34
C LEU K 1033 -12.10 -4.72 -8.66
N HIS K 1034 -12.14 -4.63 -7.33
CA HIS K 1034 -13.31 -5.12 -6.61
C HIS K 1034 -14.55 -4.27 -6.91
N LEU K 1035 -14.39 -2.95 -6.96
CA LEU K 1035 -15.52 -2.08 -7.26
C LEU K 1035 -16.04 -2.34 -8.68
N TYR K 1036 -15.13 -2.53 -9.63
CA TYR K 1036 -15.53 -2.83 -10.99
C TYR K 1036 -16.28 -4.16 -11.06
N ALA K 1037 -15.78 -5.18 -10.35
CA ALA K 1037 -16.47 -6.47 -10.36
C ALA K 1037 -17.87 -6.34 -9.76
N LYS K 1038 -17.99 -5.61 -8.66
CA LYS K 1038 -19.30 -5.42 -8.05
C LYS K 1038 -20.24 -4.68 -8.99
N LEU K 1039 -19.75 -3.63 -9.65
CA LEU K 1039 -20.58 -2.90 -10.60
C LEU K 1039 -21.01 -3.79 -11.76
N GLU K 1040 -20.10 -4.61 -12.29
CA GLU K 1040 -20.45 -5.49 -13.39
C GLU K 1040 -21.54 -6.47 -12.98
N VAL K 1041 -21.38 -7.09 -11.80
CA VAL K 1041 -22.37 -8.07 -11.34
C VAL K 1041 -23.72 -7.39 -11.12
N ILE K 1042 -23.71 -6.24 -10.44
CA ILE K 1042 -24.97 -5.57 -10.12
C ILE K 1042 -25.67 -5.10 -11.39
N ASN K 1043 -24.91 -4.54 -12.33
CA ASN K 1043 -25.51 -4.06 -13.58
C ASN K 1043 -26.05 -5.21 -14.41
N HIS K 1044 -25.34 -6.34 -14.44
CA HIS K 1044 -25.87 -7.51 -15.12
C HIS K 1044 -27.19 -7.94 -14.50
N ALA K 1045 -27.27 -7.95 -13.17
CA ALA K 1045 -28.51 -8.35 -12.53
C ALA K 1045 -29.63 -7.34 -12.80
N ILE K 1046 -29.28 -6.05 -12.84
CA ILE K 1046 -30.28 -5.01 -13.12
C ILE K 1046 -30.84 -5.20 -14.53
N LYS K 1047 -29.97 -5.45 -15.50
CA LYS K 1047 -30.42 -5.53 -16.89
C LYS K 1047 -31.13 -6.85 -17.17
N ASN K 1048 -30.66 -7.94 -16.57
CA ASN K 1048 -31.11 -9.28 -16.93
C ASN K 1048 -31.92 -9.97 -15.84
N GLY K 1049 -31.83 -9.53 -14.59
CA GLY K 1049 -32.54 -10.21 -13.53
C GLY K 1049 -31.93 -11.52 -13.12
N SER K 1050 -30.72 -11.83 -13.56
CA SER K 1050 -29.99 -13.03 -13.20
C SER K 1050 -28.61 -12.62 -12.69
N TRP K 1051 -27.84 -13.60 -12.24
CA TRP K 1051 -26.59 -13.33 -11.56
C TRP K 1051 -25.41 -13.99 -12.27
N ILE K 1052 -24.27 -13.31 -12.19
CA ILE K 1052 -23.02 -13.80 -12.75
C ILE K 1052 -21.94 -13.71 -11.69
N SER K 1053 -21.10 -14.74 -11.62
CA SER K 1053 -19.89 -14.70 -10.83
C SER K 1053 -18.75 -14.22 -11.71
N LEU K 1054 -17.87 -13.40 -11.12
CA LEU K 1054 -16.71 -12.86 -11.80
C LEU K 1054 -15.45 -13.40 -11.16
N PHE K 1055 -14.46 -13.69 -12.01
CA PHE K 1055 -13.16 -14.14 -11.54
C PHE K 1055 -12.07 -13.35 -12.25
N CYS K 1056 -11.13 -12.80 -11.48
CA CYS K 1056 -10.05 -12.02 -12.06
C CYS K 1056 -8.76 -12.34 -11.32
N ASN K 1057 -7.87 -13.08 -11.98
CA ASN K 1057 -6.51 -13.29 -11.49
C ASN K 1057 -5.63 -12.29 -12.21
N TYR K 1058 -5.61 -11.07 -11.68
CA TYR K 1058 -4.91 -9.97 -12.32
C TYR K 1058 -3.41 -10.15 -12.15
N PRO K 1059 -2.62 -10.18 -13.23
CA PRO K 1059 -1.17 -10.36 -13.07
C PRO K 1059 -0.53 -9.22 -12.28
N LYS K 1060 0.55 -9.55 -11.57
CA LYS K 1060 1.22 -8.56 -10.75
C LYS K 1060 1.80 -7.43 -11.60
N SER K 1061 2.35 -7.76 -12.77
CA SER K 1061 2.87 -6.72 -13.66
C SER K 1061 1.75 -5.78 -14.09
N GLU K 1062 0.58 -6.33 -14.41
CA GLU K 1062 -0.57 -5.49 -14.74
C GLU K 1062 -0.96 -4.63 -13.57
N MET K 1063 -0.93 -5.18 -12.35
CA MET K 1063 -1.23 -4.39 -11.17
C MET K 1063 -0.27 -3.22 -11.03
N ILE K 1064 1.02 -3.47 -11.25
CA ILE K 1064 2.01 -2.39 -11.09
C ILE K 1064 1.83 -1.34 -12.17
N LYS K 1065 1.50 -1.77 -13.39
CA LYS K 1065 1.25 -0.80 -14.46
C LYS K 1065 0.02 0.06 -14.14
N LEU K 1066 -1.05 -0.57 -13.66
CA LEU K 1066 -2.27 0.17 -13.36
C LEU K 1066 -2.10 1.06 -12.13
N TRP K 1067 -1.17 0.70 -11.24
CA TRP K 1067 -0.93 1.48 -10.03
C TRP K 1067 -0.49 2.89 -10.38
N LYS K 1068 0.35 3.04 -11.41
CA LYS K 1068 0.79 4.37 -11.82
C LYS K 1068 -0.38 5.20 -12.33
N LYS K 1069 -1.28 4.58 -13.09
CA LYS K 1069 -2.41 5.29 -13.66
C LYS K 1069 -3.49 5.61 -12.64
N MET K 1070 -3.59 4.83 -11.55
CA MET K 1070 -4.69 5.02 -10.61
C MET K 1070 -4.62 6.36 -9.88
N TRP K 1071 -3.49 7.06 -9.92
CA TRP K 1071 -3.36 8.35 -9.26
C TRP K 1071 -3.27 9.51 -10.26
N ASN K 1072 -3.50 9.25 -11.54
CA ASN K 1072 -3.48 10.27 -12.57
C ASN K 1072 -4.78 10.28 -13.36
N ILE K 1073 -5.89 9.92 -12.72
CA ILE K 1073 -7.17 9.85 -13.40
C ILE K 1073 -7.69 11.27 -13.63
N THR K 1074 -8.01 11.56 -14.89
CA THR K 1074 -8.58 12.86 -15.29
C THR K 1074 -9.98 12.56 -15.83
N SER K 1075 -10.96 12.54 -14.93
CA SER K 1075 -12.33 12.24 -15.29
C SER K 1075 -13.28 13.14 -14.52
N LEU K 1076 -14.43 13.41 -15.13
CA LEU K 1076 -15.47 14.20 -14.51
C LEU K 1076 -16.82 13.56 -14.81
N ARG K 1077 -17.78 13.81 -13.93
CA ARG K 1077 -19.17 13.45 -14.15
C ARG K 1077 -20.03 14.64 -13.80
N SER K 1078 -20.99 14.96 -14.65
CA SER K 1078 -21.80 16.14 -14.44
C SER K 1078 -22.57 16.02 -13.12
N PRO K 1079 -22.48 17.00 -12.22
CA PRO K 1079 -23.32 16.95 -11.01
C PRO K 1079 -24.80 16.97 -11.31
N TYR K 1080 -25.20 17.47 -12.48
CA TYR K 1080 -26.61 17.49 -12.86
C TYR K 1080 -27.18 16.10 -13.09
N THR K 1081 -26.33 15.09 -13.24
CA THR K 1081 -26.78 13.71 -13.38
C THR K 1081 -26.93 13.00 -12.05
N ASN K 1082 -26.72 13.70 -10.93
CA ASN K 1082 -26.86 13.10 -9.62
C ASN K 1082 -28.34 12.89 -9.31
N ALA K 1083 -28.76 11.64 -9.27
CA ALA K 1083 -30.14 11.27 -8.95
C ALA K 1083 -30.17 10.87 -7.48
N ASN K 1084 -30.56 11.82 -6.63
CA ASN K 1084 -30.63 11.58 -5.19
C ASN K 1084 -32.01 10.99 -4.87
N PHE K 1085 -32.04 9.72 -4.48
CA PHE K 1085 -33.30 9.06 -4.19
C PHE K 1085 -34.03 9.75 -3.05
N PHE K 1086 -33.31 10.36 -2.12
CA PHE K 1086 -33.90 11.06 -0.99
C PHE K 1086 -33.82 12.57 -1.21
N GLN K 1087 -34.94 13.24 -1.07
CA GLN K 1087 -34.99 14.70 -1.24
C GLN K 1087 -36.35 15.24 -0.83
#